data_2Q42
#
_entry.id   2Q42
#
_cell.length_a   68.494
_cell.length_b   58.782
_cell.length_c   69.049
_cell.angle_alpha   90.000
_cell.angle_beta   109.220
_cell.angle_gamma   90.000
#
_symmetry.space_group_name_H-M   'P 1 21 1'
#
loop_
_entity.id
_entity.type
_entity.pdbx_description
1 polymer 'Putative hydroxyacylglutathione hydrolase 2'
2 non-polymer 'ZINC ION'
3 non-polymer 'FE (III) ION'
4 non-polymer 'ACETIC ACID'
5 non-polymer DI(HYDROXYETHYL)ETHER
6 water water
#
_entity_poly.entity_id   1
_entity_poly.type   'polypeptide(L)'
_entity_poly.pdbx_seq_one_letter_code
;MQIELVPCLKDNYAYILHDEDTGTVGVVDPSEAEPIIDSLKRSGRNLTYILNTHHHYDHTGGNLELKDRYGAKVIGSAMD
KDRIPGIDMALKDGDKWMFAGHEVHVMDTPGHTKGHISLYFPGSRAIFTGDTMFSLSCGKLFEGTPKQMLASLQKITSLP
DDTSIYCGHEYTLSNSKFALSLEPNNEVLQSYAAHVAELRSKKLPTIPTTVKMEKACNPFLRSSNTDIRRALRIPEAADE
AEALGIIRKAKDDF
;
_entity_poly.pdbx_strand_id   A,B
#
loop_
_chem_comp.id
_chem_comp.type
_chem_comp.name
_chem_comp.formula
ACY non-polymer 'ACETIC ACID' 'C2 H4 O2'
FE non-polymer 'FE (III) ION' 'Fe 3'
PEG non-polymer DI(HYDROXYETHYL)ETHER 'C4 H10 O3'
ZN non-polymer 'ZINC ION' 'Zn 2'
#
# COMPACT_ATOMS: atom_id res chain seq x y z
N MET A 1 3.42 31.63 0.39
CA MET A 1 2.75 30.63 -0.51
C MET A 1 1.86 29.63 0.26
N GLN A 2 0.58 29.64 -0.01
CA GLN A 2 -0.30 28.70 0.66
C GLN A 2 0.03 27.30 0.10
N ILE A 3 -0.15 26.25 0.92
CA ILE A 3 0.12 24.85 0.50
C ILE A 3 -1.09 23.99 0.92
N GLU A 4 -1.97 23.70 -0.01
CA GLU A 4 -3.16 22.93 0.34
C GLU A 4 -3.09 21.45 -0.05
N LEU A 5 -3.26 20.54 0.96
CA LEU A 5 -3.25 19.10 0.69
C LEU A 5 -4.52 18.74 -0.04
N VAL A 6 -4.38 17.69 -0.85
CA VAL A 6 -5.46 17.14 -1.62
C VAL A 6 -5.43 15.61 -1.54
N PRO A 7 -6.03 15.05 -0.47
CA PRO A 7 -6.08 13.60 -0.30
C PRO A 7 -6.75 12.78 -1.43
N CYS A 8 -6.03 12.52 -2.52
CA CYS A 8 -6.68 11.80 -3.58
C CYS A 8 -6.65 10.40 -3.15
N LEU A 9 -7.22 9.58 -4.03
CA LEU A 9 -7.34 8.13 -3.88
C LEU A 9 -7.65 7.84 -2.43
N LYS A 10 -6.99 6.84 -1.89
CA LYS A 10 -7.21 6.36 -0.54
C LYS A 10 -6.24 6.99 0.42
N ASP A 11 -5.00 7.20 -0.02
CA ASP A 11 -3.98 7.74 0.88
C ASP A 11 -2.94 8.47 0.10
N ASN A 12 -3.38 9.18 -0.95
CA ASN A 12 -2.41 9.94 -1.75
C ASN A 12 -2.53 11.39 -1.36
N TYR A 13 -1.39 12.11 -1.30
CA TYR A 13 -1.46 13.53 -1.12
C TYR A 13 -0.94 14.27 -2.34
N ALA A 14 -1.80 15.08 -2.97
CA ALA A 14 -1.36 16.01 -4.02
C ALA A 14 -1.28 17.36 -3.24
N TYR A 15 -0.59 18.38 -3.77
CA TYR A 15 -0.48 19.66 -3.06
C TYR A 15 -0.78 20.83 -3.98
N ILE A 16 -1.69 21.72 -3.59
CA ILE A 16 -1.98 22.88 -4.44
C ILE A 16 -1.22 24.04 -3.81
N LEU A 17 -0.37 24.67 -4.63
CA LEU A 17 0.47 25.77 -4.21
C LEU A 17 -0.17 27.09 -4.63
N HIS A 18 -0.38 27.99 -3.67
CA HIS A 18 -1.04 29.26 -4.03
C HIS A 18 -0.03 30.38 -3.91
N ASP A 19 0.15 31.16 -4.98
CA ASP A 19 1.07 32.33 -4.97
C ASP A 19 0.29 33.62 -4.54
N GLU A 20 0.31 33.91 -3.24
CA GLU A 20 -0.45 35.03 -2.72
C GLU A 20 -0.16 36.35 -3.42
N ASP A 21 1.11 36.55 -3.82
CA ASP A 21 1.51 37.77 -4.51
C ASP A 21 0.54 37.90 -5.69
N THR A 22 0.42 36.86 -6.52
CA THR A 22 -0.55 36.99 -7.60
C THR A 22 -1.59 35.90 -7.72
N GLY A 23 -1.80 35.40 -8.93
CA GLY A 23 -2.78 34.37 -9.07
C GLY A 23 -2.15 33.05 -9.47
N THR A 24 -0.82 32.94 -9.36
CA THR A 24 -0.07 31.73 -9.71
C THR A 24 -0.45 30.55 -8.81
N VAL A 25 -0.77 29.43 -9.43
CA VAL A 25 -1.18 28.26 -8.67
C VAL A 25 -0.70 27.03 -9.43
N GLY A 26 -0.20 26.05 -8.72
CA GLY A 26 0.20 24.83 -9.40
C GLY A 26 -0.27 23.66 -8.55
N VAL A 27 0.03 22.44 -9.00
CA VAL A 27 -0.30 21.25 -8.23
C VAL A 27 0.83 20.21 -8.31
N VAL A 28 1.21 19.70 -7.14
CA VAL A 28 2.25 18.70 -7.05
C VAL A 28 1.61 17.30 -7.04
N ASP A 29 2.02 16.44 -7.96
CA ASP A 29 1.54 15.03 -7.97
C ASP A 29 0.01 14.83 -7.98
N PRO A 30 -0.71 15.41 -8.97
CA PRO A 30 -2.17 15.28 -9.11
C PRO A 30 -2.51 13.81 -9.49
N SER A 31 -2.84 12.98 -8.48
CA SER A 31 -3.19 11.56 -8.68
C SER A 31 -4.25 11.36 -9.70
N GLU A 32 -5.13 12.35 -9.77
CA GLU A 32 -6.25 12.30 -10.70
C GLU A 32 -6.81 13.75 -10.69
N ALA A 33 -7.46 14.14 -11.79
CA ALA A 33 -7.97 15.51 -11.93
C ALA A 33 -9.06 15.92 -10.99
N GLU A 34 -10.06 15.03 -10.84
CA GLU A 34 -11.23 15.35 -10.02
C GLU A 34 -11.02 16.09 -8.70
N PRO A 35 -10.12 15.60 -7.83
CA PRO A 35 -9.85 16.26 -6.55
C PRO A 35 -9.27 17.67 -6.80
N ILE A 36 -8.43 17.82 -7.83
CA ILE A 36 -7.83 19.15 -8.11
C ILE A 36 -8.87 20.07 -8.74
N ILE A 37 -9.73 19.48 -9.52
CA ILE A 37 -10.82 20.23 -10.14
C ILE A 37 -11.72 20.80 -9.08
N ASP A 38 -12.04 20.00 -8.05
CA ASP A 38 -12.93 20.46 -6.98
C ASP A 38 -12.42 21.66 -6.23
N SER A 39 -11.17 21.58 -5.77
CA SER A 39 -10.54 22.68 -5.04
C SER A 39 -10.43 23.97 -5.87
N LEU A 40 -9.88 23.88 -7.08
CA LEU A 40 -9.75 25.07 -7.93
C LEU A 40 -11.13 25.74 -8.18
N LYS A 41 -12.14 24.89 -8.37
CA LYS A 41 -13.48 25.38 -8.64
C LYS A 41 -13.87 26.30 -7.49
N ARG A 42 -13.33 26.01 -6.30
CA ARG A 42 -13.62 26.79 -5.12
C ARG A 42 -12.74 28.02 -5.06
N SER A 43 -11.44 27.82 -5.17
CA SER A 43 -10.53 28.94 -5.11
C SER A 43 -10.90 30.03 -6.11
N GLY A 44 -11.60 29.65 -7.16
CA GLY A 44 -11.97 30.62 -8.17
C GLY A 44 -10.85 30.90 -9.16
N ARG A 45 -9.74 30.16 -9.05
CA ARG A 45 -8.62 30.38 -9.96
C ARG A 45 -8.42 29.18 -10.88
N ASN A 46 -7.52 29.33 -11.85
CA ASN A 46 -7.21 28.28 -12.80
C ASN A 46 -5.86 27.69 -12.45
N LEU A 47 -5.51 26.60 -13.12
CA LEU A 47 -4.20 25.92 -12.88
C LEU A 47 -3.12 26.35 -13.89
N THR A 48 -1.97 26.84 -13.41
CA THR A 48 -0.88 27.26 -14.30
C THR A 48 0.11 26.12 -14.62
N TYR A 49 0.38 25.30 -13.61
CA TYR A 49 1.36 24.23 -13.72
C TYR A 49 0.90 22.84 -13.24
N ILE A 50 1.82 21.91 -13.21
CA ILE A 50 1.67 20.54 -12.72
C ILE A 50 3.10 20.06 -12.64
N LEU A 51 3.54 19.85 -11.38
CA LEU A 51 4.90 19.41 -11.05
C LEU A 51 4.76 18.01 -10.51
N ASN A 52 5.54 17.08 -11.08
CA ASN A 52 5.48 15.70 -10.63
C ASN A 52 6.80 15.30 -9.99
N THR A 53 6.70 14.54 -8.91
CA THR A 53 7.92 14.08 -8.24
C THR A 53 8.48 12.82 -8.92
N HIS A 54 7.59 12.00 -9.44
CA HIS A 54 8.02 10.77 -10.11
C HIS A 54 6.88 10.25 -11.02
N HIS A 55 7.15 9.22 -11.82
CA HIS A 55 6.22 8.78 -12.86
C HIS A 55 5.01 7.92 -12.52
N HIS A 56 5.04 7.31 -11.33
CA HIS A 56 4.00 6.37 -10.93
C HIS A 56 2.62 6.98 -11.14
N TYR A 57 1.71 6.13 -11.58
CA TYR A 57 0.38 6.56 -11.93
C TYR A 57 -0.32 7.35 -10.81
N ASP A 58 -0.08 6.98 -9.57
CA ASP A 58 -0.72 7.70 -8.46
C ASP A 58 -0.18 9.12 -8.22
N HIS A 59 0.81 9.54 -9.03
CA HIS A 59 1.35 10.92 -8.92
C HIS A 59 1.19 11.69 -10.23
N THR A 60 0.92 10.97 -11.33
CA THR A 60 0.81 11.59 -12.67
C THR A 60 -0.59 11.33 -13.28
N GLY A 61 -1.46 10.67 -12.52
CA GLY A 61 -2.78 10.28 -12.99
C GLY A 61 -3.52 11.37 -13.71
N GLY A 62 -3.89 12.44 -12.97
CA GLY A 62 -4.64 13.56 -13.52
C GLY A 62 -3.90 14.55 -14.40
N ASN A 63 -2.66 14.22 -14.72
CA ASN A 63 -1.83 15.11 -15.51
C ASN A 63 -2.45 15.58 -16.86
N LEU A 64 -2.64 14.61 -17.77
CA LEU A 64 -3.05 15.00 -19.14
C LEU A 64 -4.35 15.73 -19.14
N GLU A 65 -5.25 15.34 -18.24
CA GLU A 65 -6.55 15.96 -18.16
C GLU A 65 -6.43 17.38 -17.62
N LEU A 66 -5.67 17.58 -16.55
CA LEU A 66 -5.56 18.93 -16.00
C LEU A 66 -4.87 19.89 -16.98
N LYS A 67 -3.82 19.43 -17.65
CA LYS A 67 -3.09 20.25 -18.59
C LYS A 67 -4.01 20.74 -19.71
N ASP A 68 -4.66 19.81 -20.41
CA ASP A 68 -5.54 20.19 -21.50
C ASP A 68 -6.73 20.99 -20.99
N ARG A 69 -7.22 20.66 -19.80
CA ARG A 69 -8.37 21.35 -19.21
C ARG A 69 -8.04 22.55 -18.35
N TYR A 70 -6.90 23.19 -18.63
CA TYR A 70 -6.48 24.40 -17.93
C TYR A 70 -5.42 25.23 -18.66
N GLY A 71 -4.71 24.59 -19.57
CA GLY A 71 -3.59 25.21 -20.28
C GLY A 71 -2.38 25.21 -19.35
N ALA A 72 -2.41 24.40 -18.28
CA ALA A 72 -1.26 24.36 -17.37
C ALA A 72 -0.01 23.77 -18.02
N LYS A 73 1.16 24.13 -17.50
CA LYS A 73 2.43 23.59 -18.01
C LYS A 73 2.94 22.52 -17.00
N VAL A 74 3.34 21.34 -17.49
CA VAL A 74 3.83 20.25 -16.64
C VAL A 74 5.34 20.40 -16.44
N ILE A 75 5.74 20.42 -15.18
CA ILE A 75 7.16 20.59 -14.82
C ILE A 75 7.61 19.30 -14.12
N GLY A 76 8.77 18.76 -14.51
CA GLY A 76 9.18 17.54 -13.84
C GLY A 76 10.56 17.05 -14.31
N SER A 77 11.07 15.99 -13.70
CA SER A 77 12.37 15.45 -14.03
C SER A 77 12.70 15.35 -15.54
N ALA A 78 14.02 15.38 -15.81
CA ALA A 78 14.54 15.21 -17.15
C ALA A 78 14.76 13.69 -17.41
N MET A 79 15.17 12.94 -16.38
CA MET A 79 15.36 11.50 -16.55
C MET A 79 14.10 10.80 -17.07
N ASP A 80 12.93 11.23 -16.56
CA ASP A 80 11.67 10.62 -16.95
C ASP A 80 10.97 11.41 -18.02
N LYS A 81 11.77 12.10 -18.84
CA LYS A 81 11.28 12.95 -19.94
C LYS A 81 10.24 12.23 -20.78
N ASP A 82 10.35 10.91 -20.94
CA ASP A 82 9.34 10.24 -21.76
C ASP A 82 8.31 9.50 -20.89
N ARG A 83 8.47 9.56 -19.56
CA ARG A 83 7.55 8.90 -18.64
C ARG A 83 6.62 9.87 -17.89
N ILE A 84 6.90 11.17 -17.91
CA ILE A 84 6.08 12.17 -17.20
C ILE A 84 5.07 12.68 -18.24
N PRO A 85 3.83 12.28 -18.11
CA PRO A 85 2.83 12.73 -19.07
C PRO A 85 2.77 14.21 -19.34
N GLY A 86 2.87 14.56 -20.64
CA GLY A 86 2.75 15.97 -21.01
C GLY A 86 3.81 16.94 -20.53
N ILE A 87 4.96 16.42 -20.09
CA ILE A 87 6.05 17.24 -19.55
C ILE A 87 6.50 18.32 -20.53
N ASP A 88 6.56 19.56 -20.01
CA ASP A 88 6.95 20.72 -20.81
C ASP A 88 8.36 21.18 -20.42
N MET A 89 8.67 21.07 -19.15
CA MET A 89 9.99 21.46 -18.65
C MET A 89 10.63 20.28 -17.92
N ALA A 90 11.78 19.83 -18.44
CA ALA A 90 12.52 18.71 -17.87
C ALA A 90 13.72 19.24 -17.07
N LEU A 91 13.54 19.28 -15.74
CA LEU A 91 14.54 19.83 -14.82
C LEU A 91 15.55 18.82 -14.35
N LYS A 92 16.74 19.33 -14.12
CA LYS A 92 17.92 18.58 -13.73
C LYS A 92 18.30 18.82 -12.30
N ASP A 93 19.18 17.98 -11.76
CA ASP A 93 19.65 18.17 -10.40
C ASP A 93 20.33 19.54 -10.20
N GLY A 94 19.92 20.25 -9.16
CA GLY A 94 20.49 21.54 -8.85
C GLY A 94 19.86 22.66 -9.68
N ASP A 95 18.98 22.31 -10.60
CA ASP A 95 18.31 23.35 -11.37
C ASP A 95 17.47 24.17 -10.45
N LYS A 96 17.39 25.48 -10.75
CA LYS A 96 16.52 26.39 -10.04
C LYS A 96 15.39 26.63 -11.06
N TRP A 97 14.16 26.70 -10.55
CA TRP A 97 12.96 26.94 -11.39
C TRP A 97 12.10 27.94 -10.61
N MET A 98 11.59 28.98 -11.30
CA MET A 98 10.80 30.00 -10.57
C MET A 98 9.28 29.78 -10.68
N PHE A 99 8.64 29.62 -9.54
CA PHE A 99 7.17 29.47 -9.44
C PHE A 99 6.72 30.89 -9.11
N ALA A 100 6.42 31.71 -10.13
CA ALA A 100 6.02 33.10 -9.88
C ALA A 100 7.12 33.81 -9.06
N GLY A 101 8.38 33.69 -9.40
CA GLY A 101 9.31 34.46 -8.54
C GLY A 101 9.69 33.78 -7.22
N HIS A 102 9.12 32.61 -6.97
CA HIS A 102 9.42 31.78 -5.76
C HIS A 102 10.42 30.71 -6.28
N GLU A 103 11.62 30.73 -5.73
CA GLU A 103 12.65 29.77 -6.15
C GLU A 103 12.30 28.36 -5.68
N VAL A 104 12.55 27.43 -6.57
CA VAL A 104 12.38 25.99 -6.29
C VAL A 104 13.70 25.31 -6.64
N HIS A 105 14.23 24.50 -5.71
CA HIS A 105 15.44 23.73 -5.97
C HIS A 105 14.98 22.33 -6.52
N VAL A 106 15.72 21.82 -7.51
CA VAL A 106 15.32 20.54 -8.06
C VAL A 106 16.40 19.56 -7.72
N MET A 107 16.16 18.71 -6.70
CA MET A 107 17.12 17.70 -6.24
C MET A 107 16.77 16.32 -6.75
N ASP A 108 17.69 15.64 -7.48
CA ASP A 108 17.37 14.26 -7.87
C ASP A 108 17.37 13.46 -6.56
N THR A 109 16.44 12.52 -6.40
CA THR A 109 16.34 11.69 -5.19
C THR A 109 15.98 10.25 -5.52
N PRO A 110 16.86 9.57 -6.31
CA PRO A 110 16.66 8.19 -6.69
C PRO A 110 16.49 7.21 -5.51
N GLY A 111 15.79 6.10 -5.74
CA GLY A 111 15.63 5.10 -4.70
C GLY A 111 14.34 4.37 -5.00
N HIS A 112 13.22 5.07 -4.74
CA HIS A 112 11.90 4.51 -5.01
C HIS A 112 11.85 4.29 -6.55
N THR A 113 12.22 5.31 -7.33
CA THR A 113 12.35 5.13 -8.79
C THR A 113 13.65 5.83 -9.17
N LYS A 114 14.05 5.61 -10.44
CA LYS A 114 15.22 6.26 -10.97
C LYS A 114 14.59 7.45 -11.66
N GLY A 115 15.00 8.65 -11.25
CA GLY A 115 14.47 9.83 -11.89
C GLY A 115 13.66 10.66 -10.89
N HIS A 116 13.31 10.04 -9.77
CA HIS A 116 12.54 10.75 -8.73
C HIS A 116 13.26 12.01 -8.33
N ILE A 117 12.52 13.12 -8.22
CA ILE A 117 13.11 14.36 -7.73
C ILE A 117 12.31 14.83 -6.51
N SER A 118 12.90 15.71 -5.69
CA SER A 118 12.16 16.33 -4.58
C SER A 118 12.28 17.83 -4.88
N LEU A 119 11.27 18.61 -4.41
CA LEU A 119 11.23 20.03 -4.72
C LEU A 119 11.25 20.85 -3.43
N TYR A 120 12.33 21.63 -3.24
CA TYR A 120 12.54 22.42 -2.06
C TYR A 120 12.32 23.91 -2.34
N PHE A 121 11.37 24.49 -1.62
CA PHE A 121 11.07 25.93 -1.78
C PHE A 121 11.73 26.56 -0.55
N PRO A 122 12.97 27.06 -0.71
CA PRO A 122 13.66 27.67 0.44
C PRO A 122 12.89 28.79 1.11
N GLY A 123 12.21 29.60 0.29
CA GLY A 123 11.47 30.74 0.81
C GLY A 123 10.31 30.35 1.69
N SER A 124 9.83 29.12 1.52
CA SER A 124 8.71 28.63 2.29
C SER A 124 9.15 27.57 3.29
N ARG A 125 10.44 27.32 3.39
CA ARG A 125 11.03 26.28 4.26
C ARG A 125 10.22 24.99 4.10
N ALA A 126 9.99 24.62 2.85
CA ALA A 126 9.19 23.44 2.53
C ALA A 126 9.82 22.61 1.41
N ILE A 127 9.74 21.27 1.56
CA ILE A 127 10.25 20.40 0.50
C ILE A 127 9.21 19.29 0.23
N PHE A 128 8.89 19.13 -1.07
CA PHE A 128 7.96 18.05 -1.51
C PHE A 128 8.82 16.84 -1.84
N THR A 129 8.70 15.77 -1.04
CA THR A 129 9.57 14.61 -1.19
C THR A 129 8.93 13.42 -1.96
N GLY A 130 7.71 13.61 -2.41
CA GLY A 130 7.05 12.52 -3.17
C GLY A 130 7.12 11.21 -2.38
N ASP A 131 7.62 10.16 -3.05
CA ASP A 131 7.71 8.87 -2.40
C ASP A 131 9.15 8.45 -2.05
N THR A 132 10.00 9.46 -1.78
CA THR A 132 11.38 9.19 -1.38
C THR A 132 11.34 9.12 0.16
N MET A 133 10.86 10.20 0.81
CA MET A 133 10.77 10.17 2.29
C MET A 133 9.34 10.43 2.77
N PHE A 134 8.80 9.51 3.62
CA PHE A 134 7.50 9.74 4.27
C PHE A 134 7.81 10.06 5.73
N SER A 135 6.73 10.06 6.58
CA SER A 135 6.98 10.28 7.98
C SER A 135 7.17 8.89 8.55
N LEU A 136 8.39 8.67 9.03
CA LEU A 136 8.81 7.42 9.65
C LEU A 136 9.06 6.25 8.72
N SER A 137 9.38 6.56 7.48
CA SER A 137 9.74 5.53 6.50
C SER A 137 10.28 6.22 5.24
N CYS A 138 10.69 5.39 4.23
CA CYS A 138 11.14 5.93 2.94
C CYS A 138 10.28 5.19 1.92
N GLY A 139 10.40 5.48 0.60
CA GLY A 139 9.62 4.77 -0.39
C GLY A 139 10.12 3.35 -0.59
N LYS A 140 9.30 2.53 -1.22
CA LYS A 140 9.73 1.15 -1.58
C LYS A 140 10.77 1.28 -2.70
N LEU A 141 11.77 0.39 -2.69
CA LEU A 141 12.85 0.52 -3.67
C LEU A 141 12.53 -0.27 -4.94
N PHE A 142 11.61 0.25 -5.72
CA PHE A 142 11.19 -0.43 -6.95
C PHE A 142 12.32 -0.44 -7.95
N GLU A 143 12.95 0.70 -8.20
CA GLU A 143 14.02 0.76 -9.20
C GLU A 143 15.42 1.01 -8.64
N GLY A 144 15.54 1.92 -7.68
CA GLY A 144 16.85 2.27 -7.15
C GLY A 144 17.41 1.24 -6.20
N THR A 145 18.52 1.60 -5.58
CA THR A 145 19.22 0.73 -4.67
C THR A 145 19.20 1.31 -3.29
N PRO A 146 19.53 0.46 -2.31
CA PRO A 146 19.60 0.89 -0.92
C PRO A 146 20.59 2.03 -0.85
N LYS A 147 21.67 1.99 -1.66
CA LYS A 147 22.64 3.08 -1.56
C LYS A 147 22.11 4.39 -2.12
N GLN A 148 21.35 4.28 -3.21
CA GLN A 148 20.77 5.45 -3.81
C GLN A 148 19.72 6.06 -2.90
N MET A 149 18.88 5.22 -2.31
CA MET A 149 17.89 5.78 -1.38
C MET A 149 18.61 6.48 -0.22
N LEU A 150 19.64 5.87 0.39
CA LEU A 150 20.30 6.55 1.50
C LEU A 150 20.84 7.93 1.09
N ALA A 151 21.44 8.01 -0.11
CA ALA A 151 22.01 9.27 -0.54
C ALA A 151 20.92 10.32 -0.69
N SER A 152 19.77 9.90 -1.25
CA SER A 152 18.65 10.82 -1.46
C SER A 152 18.09 11.31 -0.14
N LEU A 153 18.02 10.41 0.85
CA LEU A 153 17.51 10.79 2.16
C LEU A 153 18.44 11.78 2.81
N GLN A 154 19.76 11.57 2.63
CA GLN A 154 20.74 12.51 3.19
C GLN A 154 20.64 13.91 2.53
N LYS A 155 20.30 14.00 1.24
CA LYS A 155 20.15 15.31 0.65
C LYS A 155 19.02 16.05 1.35
N ILE A 156 17.89 15.35 1.57
CA ILE A 156 16.73 15.96 2.23
C ILE A 156 17.14 16.31 3.65
N THR A 157 17.85 15.41 4.34
CA THR A 157 18.24 15.73 5.71
C THR A 157 19.43 16.71 5.82
N SER A 158 19.87 17.28 4.72
CA SER A 158 20.98 18.29 4.72
C SER A 158 20.37 19.70 4.72
N LEU A 159 19.03 19.74 4.80
CA LEU A 159 18.27 20.99 4.87
C LEU A 159 18.02 21.38 6.36
N PRO A 160 17.64 22.65 6.61
CA PRO A 160 17.41 23.10 7.98
C PRO A 160 16.38 22.25 8.70
N ASP A 161 16.48 22.20 10.03
CA ASP A 161 15.61 21.37 10.83
C ASP A 161 14.18 21.81 10.77
N ASP A 162 13.98 23.08 10.52
CA ASP A 162 12.63 23.59 10.50
C ASP A 162 11.90 23.32 9.18
N THR A 163 12.63 22.74 8.22
CA THR A 163 12.10 22.42 6.92
C THR A 163 10.97 21.40 7.09
N SER A 164 9.79 21.81 6.68
CA SER A 164 8.62 20.93 6.73
C SER A 164 8.67 20.00 5.52
N ILE A 165 8.31 18.73 5.79
CA ILE A 165 8.27 17.65 4.79
C ILE A 165 6.83 17.22 4.55
N TYR A 166 6.42 17.28 3.27
CA TYR A 166 5.04 16.96 2.95
C TYR A 166 4.96 15.56 2.40
N CYS A 167 5.18 14.55 3.27
CA CYS A 167 5.23 13.11 2.73
C CYS A 167 4.22 12.92 1.51
N GLY A 168 4.58 12.19 0.48
CA GLY A 168 3.71 11.90 -0.66
C GLY A 168 2.51 11.01 -0.32
N HIS A 169 2.52 10.36 0.84
CA HIS A 169 1.40 9.47 1.23
C HIS A 169 1.17 9.50 2.73
N GLU A 170 -0.09 9.24 3.09
CA GLU A 170 -0.54 9.18 4.49
C GLU A 170 -0.21 7.74 4.95
N TYR A 171 1.06 7.50 5.36
CA TYR A 171 1.49 6.18 5.82
C TYR A 171 1.99 6.22 7.25
N THR A 172 1.86 7.40 7.87
CA THR A 172 2.49 7.61 9.16
C THR A 172 2.10 6.69 10.30
N LEU A 173 0.82 6.36 10.37
CA LEU A 173 0.38 5.52 11.46
C LEU A 173 1.01 4.11 11.34
N SER A 174 0.87 3.45 10.17
CA SER A 174 1.46 2.15 9.93
C SER A 174 2.97 2.22 10.14
N ASN A 175 3.61 3.25 9.60
CA ASN A 175 5.06 3.43 9.73
C ASN A 175 5.45 3.48 11.19
N SER A 176 4.59 4.07 12.02
CA SER A 176 4.92 4.16 13.44
C SER A 176 4.90 2.78 14.12
N LYS A 177 3.99 1.89 13.69
CA LYS A 177 3.96 0.57 14.29
C LYS A 177 5.32 -0.13 14.06
N PHE A 178 5.74 -0.17 12.82
CA PHE A 178 7.01 -0.82 12.51
C PHE A 178 8.16 -0.06 13.25
N ALA A 179 8.12 1.27 13.26
CA ALA A 179 9.18 2.05 13.92
C ALA A 179 9.25 1.73 15.43
N LEU A 180 8.11 1.57 16.09
CA LEU A 180 8.08 1.29 17.53
C LEU A 180 8.51 -0.15 17.80
N SER A 181 8.34 -1.02 16.81
CA SER A 181 8.76 -2.43 16.99
C SER A 181 10.28 -2.56 16.89
N LEU A 182 10.95 -1.47 16.51
CA LEU A 182 12.42 -1.49 16.39
C LEU A 182 13.12 -0.60 17.41
N GLU A 183 12.52 0.54 17.76
CA GLU A 183 13.20 1.49 18.68
C GLU A 183 12.21 1.96 19.72
N PRO A 184 11.62 1.04 20.47
CA PRO A 184 10.61 1.41 21.47
C PRO A 184 11.15 2.21 22.64
N ASN A 185 12.46 2.41 22.69
CA ASN A 185 13.01 3.19 23.81
C ASN A 185 13.26 4.65 23.49
N ASN A 186 13.00 5.05 22.23
CA ASN A 186 13.24 6.47 21.88
C ASN A 186 11.91 7.13 22.17
N GLU A 187 11.84 7.95 23.23
CA GLU A 187 10.54 8.56 23.61
C GLU A 187 10.07 9.62 22.65
N VAL A 188 10.97 10.23 21.88
CA VAL A 188 10.53 11.20 20.92
C VAL A 188 9.67 10.43 19.96
N LEU A 189 10.09 9.23 19.57
CA LEU A 189 9.27 8.41 18.64
C LEU A 189 7.95 7.97 19.34
N GLN A 190 8.02 7.48 20.60
CA GLN A 190 6.80 7.09 21.29
C GLN A 190 5.87 8.28 21.39
N SER A 191 6.47 9.44 21.66
CA SER A 191 5.68 10.66 21.79
C SER A 191 5.01 11.05 20.50
N TYR A 192 5.78 11.10 19.41
CA TYR A 192 5.21 11.51 18.14
C TYR A 192 4.18 10.50 17.62
N ALA A 193 4.43 9.21 17.84
CA ALA A 193 3.53 8.17 17.40
C ALA A 193 2.15 8.38 18.07
N ALA A 194 2.14 8.68 19.37
CA ALA A 194 0.84 8.88 20.01
C ALA A 194 0.06 10.01 19.36
N HIS A 195 0.76 11.10 19.07
CA HIS A 195 0.08 12.23 18.45
C HIS A 195 -0.47 11.85 17.08
N VAL A 196 0.28 10.99 16.37
CA VAL A 196 -0.13 10.50 15.04
C VAL A 196 -1.44 9.69 15.16
N ALA A 197 -1.53 8.83 16.15
CA ALA A 197 -2.73 8.05 16.35
C ALA A 197 -3.93 8.98 16.64
N GLU A 198 -3.71 10.03 17.43
CA GLU A 198 -4.79 10.97 17.73
C GLU A 198 -5.32 11.61 16.46
N LEU A 199 -4.42 12.17 15.64
CA LEU A 199 -4.78 12.87 14.37
C LEU A 199 -5.58 11.87 13.49
N ARG A 200 -5.00 10.70 13.27
CA ARG A 200 -5.66 9.70 12.43
C ARG A 200 -6.95 9.17 13.02
N SER A 201 -7.07 9.23 14.35
CA SER A 201 -8.32 8.77 14.94
C SER A 201 -9.46 9.71 14.56
N LYS A 202 -9.15 11.00 14.33
CA LYS A 202 -10.15 11.99 13.90
C LYS A 202 -9.99 12.44 12.43
N LYS A 203 -9.38 11.55 11.65
CA LYS A 203 -9.25 11.73 10.21
C LYS A 203 -8.49 12.99 9.79
N LEU A 204 -7.47 13.32 10.54
CA LEU A 204 -6.64 14.47 10.18
C LEU A 204 -5.28 13.97 9.63
N PRO A 205 -4.63 14.81 8.82
CA PRO A 205 -3.33 14.47 8.25
C PRO A 205 -2.23 14.54 9.26
N THR A 206 -1.15 13.77 9.00
CA THR A 206 0.04 13.84 9.84
C THR A 206 1.13 14.56 9.04
N ILE A 207 0.72 15.18 7.92
CA ILE A 207 1.69 15.86 7.02
C ILE A 207 1.23 17.32 6.97
N PRO A 208 2.16 18.27 6.92
CA PRO A 208 3.60 18.07 6.88
C PRO A 208 4.21 17.65 8.19
N THR A 209 5.33 16.91 8.06
CA THR A 209 6.17 16.60 9.19
C THR A 209 7.35 17.61 9.05
N THR A 210 8.52 17.34 9.66
CA THR A 210 9.67 18.26 9.55
C THR A 210 10.96 17.47 9.60
N VAL A 211 12.04 18.03 9.07
CA VAL A 211 13.34 17.41 9.11
C VAL A 211 13.69 17.08 10.56
N LYS A 212 13.42 18.03 11.47
CA LYS A 212 13.75 17.84 12.89
C LYS A 212 13.16 16.54 13.36
N MET A 213 11.87 16.41 13.19
CA MET A 213 11.20 15.19 13.66
C MET A 213 11.67 13.92 13.02
N GLU A 214 11.78 13.91 11.70
CA GLU A 214 12.16 12.65 11.06
C GLU A 214 13.56 12.25 11.52
N LYS A 215 14.44 13.24 11.78
CA LYS A 215 15.78 12.86 12.26
C LYS A 215 15.62 12.22 13.63
N ALA A 216 14.63 12.71 14.40
CA ALA A 216 14.45 12.17 15.75
C ALA A 216 13.59 10.94 15.80
N CYS A 217 12.99 10.50 14.67
CA CYS A 217 12.11 9.33 14.77
C CYS A 217 12.08 8.30 13.65
N ASN A 218 12.52 8.70 12.44
CA ASN A 218 12.38 7.82 11.27
C ASN A 218 13.49 6.76 11.31
N PRO A 219 13.12 5.47 11.38
CA PRO A 219 14.21 4.47 11.46
C PRO A 219 15.16 4.49 10.28
N PHE A 220 14.69 4.89 9.11
CA PHE A 220 15.61 4.89 7.97
C PHE A 220 16.65 5.99 8.12
N LEU A 221 16.45 6.93 9.05
CA LEU A 221 17.42 7.98 9.27
C LEU A 221 18.19 7.73 10.57
N ARG A 222 17.95 6.58 11.23
CA ARG A 222 18.57 6.31 12.53
C ARG A 222 19.17 4.90 12.60
N SER A 223 19.53 4.38 11.46
CA SER A 223 20.01 3.01 11.33
C SER A 223 21.31 2.63 12.05
N SER A 224 21.98 3.61 12.64
CA SER A 224 23.19 3.35 13.40
C SER A 224 22.82 3.15 14.91
N ASN A 225 21.56 3.45 15.27
CA ASN A 225 21.11 3.28 16.62
C ASN A 225 21.33 1.80 16.96
N THR A 226 21.92 1.57 18.13
CA THR A 226 22.24 0.24 18.59
C THR A 226 21.02 -0.64 18.81
N ASP A 227 19.98 -0.07 19.39
CA ASP A 227 18.79 -0.87 19.66
C ASP A 227 18.08 -1.26 18.41
N ILE A 228 18.12 -0.36 17.43
CA ILE A 228 17.51 -0.61 16.15
C ILE A 228 18.31 -1.70 15.44
N ARG A 229 19.66 -1.65 15.50
CA ARG A 229 20.44 -2.68 14.80
C ARG A 229 20.29 -4.10 15.40
N ARG A 230 20.33 -4.17 16.71
CA ARG A 230 20.14 -5.44 17.36
C ARG A 230 18.71 -5.97 17.12
N ALA A 231 17.71 -5.09 17.11
CA ALA A 231 16.33 -5.55 16.87
C ALA A 231 16.18 -6.21 15.51
N LEU A 232 17.16 -5.95 14.60
CA LEU A 232 17.12 -6.52 13.23
C LEU A 232 18.36 -7.31 12.84
N ARG A 233 19.11 -7.79 13.83
CA ARG A 233 20.35 -8.54 13.57
C ARG A 233 21.20 -7.88 12.52
N ILE A 234 21.37 -6.57 12.72
CA ILE A 234 22.21 -5.78 11.84
C ILE A 234 23.61 -5.80 12.47
N PRO A 235 24.53 -6.51 11.83
CA PRO A 235 25.87 -6.56 12.39
C PRO A 235 26.47 -5.17 12.55
N GLU A 236 27.36 -5.02 13.51
CA GLU A 236 28.01 -3.73 13.68
C GLU A 236 28.80 -3.36 12.44
N ALA A 237 29.38 -4.35 11.77
CA ALA A 237 30.19 -4.02 10.60
C ALA A 237 29.42 -3.42 9.47
N ALA A 238 28.10 -3.41 9.58
CA ALA A 238 27.34 -2.82 8.50
C ALA A 238 27.46 -1.30 8.52
N ASP A 239 27.52 -0.70 7.34
CA ASP A 239 27.63 0.76 7.23
C ASP A 239 26.20 1.31 7.13
N GLU A 240 26.08 2.63 6.96
CA GLU A 240 24.81 3.33 6.87
C GLU A 240 23.83 2.71 5.89
N ALA A 241 24.27 2.61 4.61
CA ALA A 241 23.47 2.09 3.49
C ALA A 241 23.05 0.70 3.83
N GLU A 242 24.04 -0.16 4.07
CA GLU A 242 23.71 -1.53 4.42
C GLU A 242 22.66 -1.61 5.55
N ALA A 243 22.78 -0.78 6.57
CA ALA A 243 21.76 -0.90 7.61
C ALA A 243 20.37 -0.50 7.12
N LEU A 244 20.32 0.46 6.21
CA LEU A 244 19.03 0.95 5.69
C LEU A 244 18.34 -0.14 4.85
N GLY A 245 19.09 -0.78 3.97
CA GLY A 245 18.53 -1.86 3.14
C GLY A 245 17.98 -3.04 3.99
N ILE A 246 18.57 -3.31 5.15
CA ILE A 246 18.09 -4.40 6.03
C ILE A 246 16.74 -3.98 6.61
N ILE A 247 16.65 -2.71 7.02
CA ILE A 247 15.40 -2.23 7.58
C ILE A 247 14.30 -2.21 6.51
N ARG A 248 14.65 -1.77 5.30
CA ARG A 248 13.68 -1.66 4.22
C ARG A 248 13.14 -3.03 3.91
N LYS A 249 13.99 -4.03 4.00
CA LYS A 249 13.54 -5.40 3.73
C LYS A 249 12.56 -5.92 4.77
N ALA A 250 12.87 -5.64 6.03
CA ALA A 250 12.00 -6.09 7.10
C ALA A 250 10.65 -5.35 7.05
N LYS A 251 10.69 -4.03 6.98
CA LYS A 251 9.44 -3.28 6.94
C LYS A 251 8.54 -3.84 5.84
N ASP A 252 9.12 -4.13 4.66
CA ASP A 252 8.35 -4.67 3.56
C ASP A 252 7.62 -5.95 3.98
N ASP A 253 8.28 -6.81 4.76
CA ASP A 253 7.69 -8.10 5.12
C ASP A 253 7.13 -8.13 6.58
N PHE A 254 6.88 -6.93 7.13
CA PHE A 254 6.39 -6.78 8.52
C PHE A 254 4.85 -7.03 8.57
N MET B 1 -24.04 -19.94 7.11
CA MET B 1 -23.02 -19.14 7.90
C MET B 1 -22.97 -17.70 7.32
N GLN B 2 -22.96 -16.72 8.20
CA GLN B 2 -22.92 -15.35 7.79
C GLN B 2 -21.44 -14.97 7.72
N ILE B 3 -21.11 -14.08 6.79
CA ILE B 3 -19.73 -13.56 6.59
C ILE B 3 -19.77 -12.02 6.74
N GLU B 4 -19.48 -11.60 7.97
CA GLU B 4 -19.50 -10.18 8.34
C GLU B 4 -18.23 -9.50 7.88
N LEU B 5 -18.33 -8.53 6.94
CA LEU B 5 -17.17 -7.84 6.45
C LEU B 5 -16.91 -6.67 7.43
N VAL B 6 -15.68 -6.60 7.96
CA VAL B 6 -15.24 -5.57 8.91
C VAL B 6 -13.98 -4.89 8.41
N PRO B 7 -14.11 -3.62 7.97
CA PRO B 7 -12.94 -2.91 7.47
C PRO B 7 -12.13 -2.53 8.70
N CYS B 8 -10.80 -2.66 8.58
CA CYS B 8 -9.84 -2.33 9.62
C CYS B 8 -8.77 -1.41 9.09
N LEU B 9 -8.25 -0.54 9.97
CA LEU B 9 -7.20 0.40 9.57
C LEU B 9 -7.55 1.16 8.23
N LYS B 10 -6.62 1.12 7.29
CA LYS B 10 -6.74 1.89 6.05
C LYS B 10 -7.51 1.13 4.99
N ASP B 11 -7.07 -0.10 4.74
CA ASP B 11 -7.71 -0.88 3.72
C ASP B 11 -7.65 -2.40 3.92
N ASN B 12 -7.41 -2.84 5.17
CA ASN B 12 -7.44 -4.27 5.43
C ASN B 12 -8.92 -4.70 5.47
N TYR B 13 -9.12 -6.01 5.39
CA TYR B 13 -10.39 -6.72 5.52
C TYR B 13 -10.34 -7.84 6.56
N ALA B 14 -11.08 -7.64 7.66
CA ALA B 14 -11.29 -8.70 8.67
C ALA B 14 -12.70 -9.28 8.36
N TYR B 15 -12.97 -10.51 8.78
CA TYR B 15 -14.26 -11.10 8.50
C TYR B 15 -14.74 -11.77 9.76
N ILE B 16 -15.96 -11.44 10.14
CA ILE B 16 -16.55 -12.06 11.32
C ILE B 16 -17.40 -13.20 10.81
N LEU B 17 -17.11 -14.42 11.28
CA LEU B 17 -17.83 -15.63 10.82
C LEU B 17 -18.86 -16.05 11.88
N HIS B 18 -20.08 -16.41 11.46
CA HIS B 18 -21.12 -16.77 12.43
C HIS B 18 -21.92 -17.93 11.95
N ASP B 19 -21.96 -18.96 12.78
CA ASP B 19 -22.73 -20.14 12.45
C ASP B 19 -24.09 -19.88 13.05
N GLU B 20 -25.09 -19.94 12.19
CA GLU B 20 -26.42 -19.61 12.62
C GLU B 20 -27.04 -20.70 13.48
N ASP B 21 -26.56 -21.94 13.30
CA ASP B 21 -27.06 -23.10 14.07
C ASP B 21 -26.55 -23.12 15.50
N THR B 22 -25.40 -22.54 15.75
CA THR B 22 -24.88 -22.61 17.11
C THR B 22 -24.47 -21.26 17.71
N GLY B 23 -24.35 -20.22 16.91
CA GLY B 23 -23.90 -19.01 17.59
C GLY B 23 -22.38 -18.96 17.74
N THR B 24 -21.68 -19.94 17.19
CA THR B 24 -20.20 -19.92 17.23
C THR B 24 -19.73 -18.74 16.35
N VAL B 25 -18.72 -18.01 16.75
CA VAL B 25 -18.24 -16.89 15.90
C VAL B 25 -16.73 -16.96 15.77
N GLY B 26 -16.21 -16.48 14.63
CA GLY B 26 -14.76 -16.43 14.43
C GLY B 26 -14.46 -15.06 13.83
N VAL B 27 -13.17 -14.72 13.59
CA VAL B 27 -12.75 -13.45 12.95
C VAL B 27 -11.52 -13.56 11.98
N VAL B 28 -11.78 -14.01 10.77
CA VAL B 28 -10.67 -14.16 9.81
C VAL B 28 -9.93 -12.90 9.66
N ASP B 29 -8.70 -12.88 10.20
CA ASP B 29 -7.78 -11.75 10.09
C ASP B 29 -8.24 -10.53 10.81
N PRO B 30 -8.14 -10.51 12.12
CA PRO B 30 -8.54 -9.36 12.95
C PRO B 30 -7.43 -8.33 13.10
N SER B 31 -7.27 -7.49 12.08
CA SER B 31 -6.25 -6.45 12.05
C SER B 31 -6.19 -5.51 13.24
N GLU B 32 -7.19 -5.66 14.10
CA GLU B 32 -7.38 -4.87 15.31
C GLU B 32 -8.61 -5.44 16.03
N ALA B 33 -8.55 -5.36 17.37
CA ALA B 33 -9.64 -5.81 18.24
C ALA B 33 -10.92 -4.97 18.17
N GLU B 34 -10.82 -3.73 18.63
CA GLU B 34 -11.98 -2.81 18.69
C GLU B 34 -13.14 -3.01 17.71
N PRO B 35 -12.83 -3.08 16.39
CA PRO B 35 -13.93 -3.25 15.42
C PRO B 35 -14.63 -4.59 15.48
N ILE B 36 -13.96 -5.61 16.02
CA ILE B 36 -14.59 -6.93 16.14
C ILE B 36 -15.27 -7.10 17.57
N ILE B 37 -15.55 -5.97 18.23
CA ILE B 37 -16.07 -6.01 19.62
C ILE B 37 -17.53 -5.63 19.86
N ASP B 38 -17.86 -4.44 19.46
CA ASP B 38 -19.21 -4.05 19.74
C ASP B 38 -20.16 -4.91 18.89
N SER B 39 -19.59 -5.58 17.90
CA SER B 39 -20.32 -6.41 16.97
C SER B 39 -20.71 -7.74 17.59
N LEU B 40 -19.80 -8.35 18.36
CA LEU B 40 -20.07 -9.62 19.03
C LEU B 40 -21.36 -9.54 19.90
N LYS B 41 -21.80 -8.32 20.15
CA LYS B 41 -23.00 -8.09 20.96
C LYS B 41 -24.28 -8.39 20.20
N ARG B 42 -24.89 -9.52 20.54
CA ARG B 42 -26.15 -9.92 19.90
C ARG B 42 -26.96 -10.83 20.82
N SER B 43 -26.38 -11.99 21.14
CA SER B 43 -27.00 -12.96 22.03
C SER B 43 -25.95 -13.88 22.68
N GLY B 44 -25.09 -13.28 23.50
CA GLY B 44 -24.05 -14.04 24.17
C GLY B 44 -23.03 -14.60 23.18
N ARG B 45 -23.28 -14.32 21.90
CA ARG B 45 -22.40 -14.77 20.80
C ARG B 45 -21.05 -14.07 20.84
N ASN B 46 -20.25 -14.38 21.87
CA ASN B 46 -18.91 -13.81 22.02
C ASN B 46 -18.07 -14.25 20.83
N LEU B 47 -16.76 -14.44 21.01
CA LEU B 47 -15.87 -14.80 19.91
C LEU B 47 -15.31 -16.17 20.16
N THR B 48 -15.58 -17.14 19.27
CA THR B 48 -15.03 -18.47 19.49
C THR B 48 -13.60 -18.54 19.02
N TYR B 49 -13.45 -18.49 17.69
CA TYR B 49 -12.16 -18.68 17.02
C TYR B 49 -11.61 -17.41 16.37
N ILE B 50 -10.31 -17.41 16.17
CA ILE B 50 -9.52 -16.37 15.48
C ILE B 50 -8.74 -17.18 14.47
N LEU B 51 -8.87 -16.80 13.17
CA LEU B 51 -8.15 -17.53 12.09
C LEU B 51 -7.35 -16.50 11.30
N ASN B 52 -6.04 -16.71 11.18
CA ASN B 52 -5.21 -15.76 10.48
C ASN B 52 -4.63 -16.34 9.19
N THR B 53 -5.08 -15.80 8.05
CA THR B 53 -4.60 -16.23 6.77
C THR B 53 -3.06 -16.14 6.77
N HIS B 54 -2.52 -15.11 7.43
CA HIS B 54 -1.07 -15.04 7.45
C HIS B 54 -0.57 -14.34 8.69
N HIS B 55 0.75 -14.14 8.81
CA HIS B 55 1.38 -13.60 10.05
C HIS B 55 1.63 -12.10 10.12
N HIS B 56 1.33 -11.39 9.04
CA HIS B 56 1.66 -9.97 8.99
C HIS B 56 0.85 -9.17 9.98
N TYR B 57 1.53 -8.14 10.51
CA TYR B 57 0.97 -7.29 11.53
C TYR B 57 -0.48 -6.89 11.27
N ASP B 58 -0.80 -6.52 10.01
CA ASP B 58 -2.17 -6.14 9.67
C ASP B 58 -3.13 -7.34 9.61
N HIS B 59 -2.61 -8.57 9.71
CA HIS B 59 -3.48 -9.72 9.75
C HIS B 59 -3.45 -10.45 11.06
N THR B 60 -2.74 -9.91 12.07
CA THR B 60 -2.63 -10.59 13.35
C THR B 60 -2.61 -9.57 14.48
N GLY B 61 -2.67 -8.29 14.12
CA GLY B 61 -2.56 -7.25 15.14
C GLY B 61 -3.36 -7.49 16.40
N GLY B 62 -4.65 -7.68 16.19
CA GLY B 62 -5.55 -7.85 17.32
C GLY B 62 -5.58 -9.25 17.91
N ASN B 63 -4.64 -10.12 17.53
CA ASN B 63 -4.65 -11.52 17.97
C ASN B 63 -4.61 -11.79 19.46
N LEU B 64 -3.53 -11.32 20.06
CA LEU B 64 -3.32 -11.65 21.46
C LEU B 64 -4.36 -11.04 22.36
N GLU B 65 -4.85 -9.88 21.98
CA GLU B 65 -5.84 -9.20 22.80
C GLU B 65 -7.16 -9.94 22.74
N LEU B 66 -7.55 -10.32 21.52
CA LEU B 66 -8.80 -11.01 21.33
C LEU B 66 -8.74 -12.44 21.89
N LYS B 67 -7.56 -13.06 21.89
CA LYS B 67 -7.47 -14.42 22.36
C LYS B 67 -7.77 -14.46 23.87
N ASP B 68 -7.09 -13.58 24.59
CA ASP B 68 -7.25 -13.53 26.04
C ASP B 68 -8.53 -12.83 26.45
N ARG B 69 -8.87 -11.72 25.76
CA ARG B 69 -10.05 -10.99 26.12
C ARG B 69 -11.30 -11.84 25.96
N TYR B 70 -11.24 -12.90 25.16
CA TYR B 70 -12.44 -13.71 24.95
C TYR B 70 -12.24 -15.20 25.18
N GLY B 71 -11.01 -15.61 25.44
CA GLY B 71 -10.79 -17.05 25.56
C GLY B 71 -10.99 -17.75 24.21
N ALA B 72 -10.60 -17.11 23.10
CA ALA B 72 -10.75 -17.67 21.72
C ALA B 72 -9.51 -18.54 21.35
N LYS B 73 -9.67 -19.55 20.47
CA LYS B 73 -8.59 -20.41 20.06
C LYS B 73 -8.11 -19.86 18.72
N VAL B 74 -6.81 -19.68 18.60
CA VAL B 74 -6.16 -19.18 17.37
C VAL B 74 -5.78 -20.34 16.45
N ILE B 75 -6.30 -20.26 15.23
CA ILE B 75 -6.10 -21.27 14.21
C ILE B 75 -5.17 -20.70 13.11
N GLY B 76 -4.04 -21.38 12.86
CA GLY B 76 -3.15 -20.88 11.86
C GLY B 76 -2.36 -21.95 11.10
N SER B 77 -1.32 -21.52 10.43
CA SER B 77 -0.50 -22.42 9.63
C SER B 77 0.62 -23.17 10.40
N ALA B 78 0.63 -24.48 10.27
CA ALA B 78 1.69 -25.29 10.87
C ALA B 78 3.04 -24.91 10.22
N MET B 79 3.02 -24.22 9.09
CA MET B 79 4.27 -23.77 8.47
C MET B 79 4.71 -22.42 9.17
N ASP B 80 3.84 -21.79 9.96
CA ASP B 80 4.13 -20.50 10.65
C ASP B 80 3.92 -20.58 12.15
N LYS B 81 4.29 -21.72 12.72
CA LYS B 81 4.10 -21.94 14.13
C LYS B 81 4.81 -20.93 15.01
N ASP B 82 5.91 -20.36 14.54
CA ASP B 82 6.64 -19.42 15.37
C ASP B 82 6.21 -17.98 15.15
N ARG B 83 5.48 -17.75 14.03
CA ARG B 83 5.07 -16.36 13.69
C ARG B 83 3.61 -16.00 13.83
N ILE B 84 2.80 -16.94 14.30
CA ILE B 84 1.40 -16.68 14.48
C ILE B 84 1.17 -16.50 15.99
N PRO B 85 1.02 -15.23 16.43
CA PRO B 85 0.80 -14.96 17.85
C PRO B 85 -0.41 -15.63 18.49
N GLY B 86 -0.13 -16.35 19.57
CA GLY B 86 -1.20 -16.97 20.34
C GLY B 86 -1.70 -18.26 19.71
N ILE B 87 -1.08 -18.70 18.62
CA ILE B 87 -1.54 -19.90 17.95
C ILE B 87 -1.76 -21.09 18.91
N ASP B 88 -2.97 -21.66 18.80
CA ASP B 88 -3.32 -22.78 19.63
C ASP B 88 -3.47 -24.10 18.83
N MET B 89 -3.65 -23.94 17.50
CA MET B 89 -3.89 -25.02 16.56
C MET B 89 -3.20 -24.73 15.23
N ALA B 90 -2.31 -25.64 14.82
CA ALA B 90 -1.54 -25.46 13.61
C ALA B 90 -1.99 -26.41 12.52
N LEU B 91 -2.49 -25.84 11.41
CA LEU B 91 -3.05 -26.67 10.35
C LEU B 91 -2.15 -26.86 9.14
N LYS B 92 -2.22 -28.06 8.55
CA LYS B 92 -1.37 -28.35 7.42
C LYS B 92 -2.13 -28.30 6.14
N ASP B 93 -1.38 -28.24 5.03
CA ASP B 93 -2.01 -28.26 3.73
C ASP B 93 -2.98 -29.45 3.58
N GLY B 94 -4.18 -29.15 3.10
CA GLY B 94 -5.20 -30.17 2.93
C GLY B 94 -5.88 -30.63 4.22
N ASP B 95 -5.50 -30.11 5.39
CA ASP B 95 -6.22 -30.51 6.61
C ASP B 95 -7.69 -30.05 6.51
N LYS B 96 -8.56 -30.76 7.23
CA LYS B 96 -9.95 -30.42 7.35
C LYS B 96 -10.07 -29.86 8.76
N TRP B 97 -10.86 -28.81 8.94
CA TRP B 97 -11.06 -28.21 10.24
C TRP B 97 -12.54 -27.87 10.35
N MET B 98 -13.15 -28.21 11.48
CA MET B 98 -14.58 -27.98 11.66
C MET B 98 -14.94 -26.70 12.39
N PHE B 99 -15.68 -25.85 11.67
CA PHE B 99 -16.21 -24.61 12.25
C PHE B 99 -17.67 -24.93 12.61
N ALA B 100 -17.93 -25.32 13.87
CA ALA B 100 -19.28 -25.68 14.30
C ALA B 100 -19.88 -26.70 13.34
N GLY B 101 -19.16 -27.76 13.04
CA GLY B 101 -19.76 -28.73 12.15
C GLY B 101 -19.72 -28.48 10.66
N HIS B 102 -19.10 -27.38 10.25
CA HIS B 102 -18.97 -27.11 8.81
C HIS B 102 -17.50 -27.22 8.48
N GLU B 103 -17.19 -28.00 7.46
CA GLU B 103 -15.85 -28.27 7.07
C GLU B 103 -15.11 -27.12 6.39
N VAL B 104 -13.94 -26.83 6.92
CA VAL B 104 -13.07 -25.84 6.32
C VAL B 104 -11.91 -26.63 5.68
N HIS B 105 -11.56 -26.27 4.45
CA HIS B 105 -10.45 -26.91 3.75
C HIS B 105 -9.28 -25.93 3.66
N VAL B 106 -8.14 -26.39 4.15
CA VAL B 106 -6.93 -25.58 4.20
C VAL B 106 -6.08 -25.72 2.92
N MET B 107 -5.66 -24.59 2.36
CA MET B 107 -4.85 -24.65 1.14
C MET B 107 -3.70 -23.68 1.27
N ASP B 108 -2.56 -24.20 1.70
CA ASP B 108 -1.36 -23.39 1.80
C ASP B 108 -1.17 -22.70 0.44
N THR B 109 -1.07 -21.37 0.47
CA THR B 109 -0.85 -20.57 -0.75
C THR B 109 0.45 -19.70 -0.68
N PRO B 110 1.61 -20.34 -0.77
CA PRO B 110 2.87 -19.58 -0.74
C PRO B 110 2.86 -18.47 -1.78
N GLY B 111 3.43 -17.32 -1.45
CA GLY B 111 3.53 -16.23 -2.41
C GLY B 111 3.96 -15.02 -1.61
N HIS B 112 2.95 -14.32 -1.14
CA HIS B 112 3.11 -13.11 -0.30
C HIS B 112 4.06 -13.61 0.81
N THR B 113 3.65 -14.62 1.60
CA THR B 113 4.61 -15.18 2.53
C THR B 113 4.74 -16.63 2.15
N LYS B 114 5.67 -17.36 2.78
CA LYS B 114 5.84 -18.79 2.52
C LYS B 114 4.92 -19.65 3.39
N GLY B 115 4.35 -19.01 4.42
CA GLY B 115 3.40 -19.60 5.35
C GLY B 115 1.90 -19.25 5.14
N HIS B 116 1.55 -18.56 4.08
CA HIS B 116 0.15 -18.19 3.81
C HIS B 116 -0.84 -19.35 3.69
N ILE B 117 -1.99 -19.25 4.33
CA ILE B 117 -2.94 -20.35 4.22
C ILE B 117 -4.32 -19.81 4.03
N SER B 118 -4.86 -20.03 2.82
CA SER B 118 -6.21 -19.65 2.50
C SER B 118 -7.09 -20.72 3.17
N LEU B 119 -8.36 -20.40 3.33
CA LEU B 119 -9.28 -21.28 4.04
C LEU B 119 -10.53 -21.37 3.20
N TYR B 120 -10.83 -22.58 2.73
CA TYR B 120 -12.00 -22.90 1.88
C TYR B 120 -13.21 -23.37 2.72
N PHE B 121 -14.36 -22.73 2.51
CA PHE B 121 -15.65 -23.04 3.21
C PHE B 121 -16.63 -23.44 2.09
N PRO B 122 -16.58 -24.73 1.67
CA PRO B 122 -17.44 -25.19 0.59
C PRO B 122 -18.93 -25.03 0.97
N GLY B 123 -19.19 -25.15 2.27
CA GLY B 123 -20.56 -25.02 2.79
C GLY B 123 -21.21 -23.67 2.54
N SER B 124 -20.36 -22.66 2.29
CA SER B 124 -20.84 -21.32 2.09
C SER B 124 -20.33 -20.74 0.77
N ARG B 125 -19.77 -21.63 -0.06
CA ARG B 125 -19.20 -21.29 -1.35
C ARG B 125 -18.30 -20.07 -1.16
N ALA B 126 -17.06 -20.24 -0.74
CA ALA B 126 -16.21 -19.05 -0.55
C ALA B 126 -14.88 -19.48 -0.09
N ILE B 127 -13.87 -18.62 -0.34
CA ILE B 127 -12.55 -18.90 0.13
C ILE B 127 -11.80 -17.58 0.52
N PHE B 128 -11.45 -17.49 1.80
CA PHE B 128 -10.70 -16.30 2.33
C PHE B 128 -9.30 -16.53 1.87
N THR B 129 -8.82 -15.59 1.01
CA THR B 129 -7.52 -15.71 0.37
C THR B 129 -6.47 -14.74 0.91
N GLY B 130 -6.79 -14.02 2.00
CA GLY B 130 -5.85 -13.06 2.56
C GLY B 130 -5.21 -12.19 1.47
N ASP B 131 -3.85 -12.15 1.52
CA ASP B 131 -3.10 -11.38 0.55
C ASP B 131 -2.58 -12.23 -0.62
N THR B 132 -3.15 -13.46 -0.75
CA THR B 132 -2.80 -14.28 -1.88
C THR B 132 -3.54 -13.73 -3.09
N MET B 133 -4.87 -13.76 -3.06
CA MET B 133 -5.56 -13.22 -4.23
C MET B 133 -6.49 -12.13 -3.78
N PHE B 134 -6.33 -10.91 -4.34
CA PHE B 134 -7.23 -9.76 -4.02
C PHE B 134 -8.24 -9.68 -5.17
N SER B 135 -8.79 -8.49 -5.38
CA SER B 135 -9.59 -8.24 -6.59
C SER B 135 -8.74 -7.56 -7.63
N LEU B 136 -8.41 -8.33 -8.65
CA LEU B 136 -7.57 -7.89 -9.76
C LEU B 136 -6.06 -7.80 -9.48
N SER B 137 -5.56 -8.59 -8.47
CA SER B 137 -4.10 -8.61 -8.23
C SER B 137 -3.69 -9.77 -7.34
N CYS B 138 -2.44 -9.72 -6.89
CA CYS B 138 -1.89 -10.69 -5.95
C CYS B 138 -1.08 -9.99 -4.89
N GLY B 139 -0.70 -10.73 -3.86
CA GLY B 139 0.12 -10.10 -2.85
C GLY B 139 1.55 -9.84 -3.35
N LYS B 140 2.11 -8.66 -3.13
CA LYS B 140 3.53 -8.55 -3.49
C LYS B 140 4.21 -9.78 -2.90
N LEU B 141 5.29 -10.26 -3.62
CA LEU B 141 6.02 -11.48 -3.27
C LEU B 141 7.16 -11.16 -2.31
N PHE B 142 6.79 -10.93 -1.04
CA PHE B 142 7.83 -10.57 -0.09
C PHE B 142 8.74 -11.75 0.26
N GLU B 143 8.17 -12.97 0.35
CA GLU B 143 8.97 -14.12 0.70
C GLU B 143 9.05 -15.17 -0.39
N GLY B 144 7.94 -15.42 -1.10
CA GLY B 144 7.93 -16.51 -2.09
C GLY B 144 8.35 -16.07 -3.44
N THR B 145 8.33 -17.05 -4.36
CA THR B 145 8.71 -16.82 -5.72
C THR B 145 7.48 -16.74 -6.63
N PRO B 146 7.68 -16.32 -7.88
CA PRO B 146 6.58 -16.24 -8.85
C PRO B 146 6.02 -17.62 -9.09
N LYS B 147 6.88 -18.64 -9.19
CA LYS B 147 6.43 -20.00 -9.42
C LYS B 147 5.53 -20.46 -8.28
N GLN B 148 5.86 -20.05 -7.06
CA GLN B 148 5.05 -20.41 -5.91
C GLN B 148 3.66 -19.75 -6.00
N MET B 149 3.63 -18.46 -6.31
CA MET B 149 2.33 -17.76 -6.41
C MET B 149 1.43 -18.40 -7.49
N LEU B 150 2.05 -18.72 -8.62
CA LEU B 150 1.29 -19.28 -9.73
C LEU B 150 0.55 -20.53 -9.25
N ALA B 151 1.27 -21.41 -8.57
CA ALA B 151 0.61 -22.62 -8.11
C ALA B 151 -0.50 -22.27 -7.14
N SER B 152 -0.21 -21.36 -6.21
CA SER B 152 -1.22 -20.95 -5.22
C SER B 152 -2.43 -20.34 -5.92
N LEU B 153 -2.21 -19.48 -6.92
CA LEU B 153 -3.33 -18.89 -7.63
C LEU B 153 -4.09 -20.01 -8.37
N GLN B 154 -3.35 -20.97 -8.91
CA GLN B 154 -3.95 -22.11 -9.61
C GLN B 154 -4.84 -22.93 -8.66
N LYS B 155 -4.44 -23.03 -7.41
CA LYS B 155 -5.28 -23.76 -6.45
C LYS B 155 -6.66 -23.09 -6.28
N ILE B 156 -6.65 -21.78 -6.11
CA ILE B 156 -7.90 -21.05 -5.93
C ILE B 156 -8.73 -21.09 -7.24
N THR B 157 -8.02 -21.07 -8.39
CA THR B 157 -8.75 -21.05 -9.64
C THR B 157 -9.29 -22.42 -9.97
N SER B 158 -8.84 -23.43 -9.26
CA SER B 158 -9.40 -24.77 -9.51
C SER B 158 -10.71 -25.01 -8.75
N LEU B 159 -11.20 -23.98 -8.05
CA LEU B 159 -12.48 -24.04 -7.32
C LEU B 159 -13.67 -23.59 -8.21
N PRO B 160 -14.89 -23.96 -7.84
CA PRO B 160 -16.01 -23.54 -8.72
C PRO B 160 -16.11 -22.05 -9.02
N ASP B 161 -16.43 -21.74 -10.27
CA ASP B 161 -16.52 -20.34 -10.64
C ASP B 161 -17.40 -19.46 -9.74
N ASP B 162 -18.42 -20.04 -9.08
CA ASP B 162 -19.32 -19.28 -8.24
C ASP B 162 -18.81 -19.20 -6.79
N THR B 163 -17.52 -19.45 -6.60
CA THR B 163 -16.96 -19.37 -5.29
C THR B 163 -16.63 -17.88 -4.95
N SER B 164 -17.17 -17.37 -3.85
CA SER B 164 -16.88 -16.00 -3.43
C SER B 164 -15.45 -15.95 -2.90
N ILE B 165 -14.72 -14.88 -3.28
CA ILE B 165 -13.36 -14.69 -2.83
C ILE B 165 -13.32 -13.51 -1.87
N TYR B 166 -12.90 -13.80 -0.63
CA TYR B 166 -12.83 -12.77 0.42
C TYR B 166 -11.34 -12.60 0.72
N CYS B 167 -10.73 -11.51 0.18
CA CYS B 167 -9.30 -11.22 0.32
C CYS B 167 -8.92 -10.27 1.47
N GLY B 168 -7.63 -10.04 1.66
CA GLY B 168 -7.18 -9.18 2.78
C GLY B 168 -7.12 -7.67 2.60
N HIS B 169 -7.54 -7.13 1.44
CA HIS B 169 -7.48 -5.68 1.34
C HIS B 169 -8.48 -5.04 0.36
N GLU B 170 -8.65 -3.75 0.54
CA GLU B 170 -9.51 -2.93 -0.31
C GLU B 170 -8.59 -2.35 -1.42
N TYR B 171 -8.13 -3.19 -2.36
CA TYR B 171 -7.31 -2.69 -3.47
C TYR B 171 -8.00 -2.89 -4.85
N THR B 172 -9.30 -3.10 -4.90
CA THR B 172 -9.94 -3.32 -6.23
C THR B 172 -9.84 -2.17 -7.27
N LEU B 173 -9.89 -0.91 -6.80
CA LEU B 173 -9.81 0.20 -7.74
C LEU B 173 -8.40 0.32 -8.36
N SER B 174 -7.39 0.56 -7.53
CA SER B 174 -5.99 0.67 -8.02
C SER B 174 -5.56 -0.55 -8.86
N ASN B 175 -5.77 -1.76 -8.31
CA ASN B 175 -5.43 -2.97 -9.03
C ASN B 175 -6.05 -2.92 -10.46
N SER B 176 -7.29 -2.39 -10.57
CA SER B 176 -8.00 -2.31 -11.86
C SER B 176 -7.32 -1.34 -12.82
N LYS B 177 -6.62 -0.31 -12.30
CA LYS B 177 -5.99 0.65 -13.21
C LYS B 177 -4.82 -0.03 -13.95
N PHE B 178 -4.06 -0.82 -13.22
CA PHE B 178 -2.95 -1.52 -13.82
C PHE B 178 -3.47 -2.56 -14.79
N ALA B 179 -4.58 -3.23 -14.47
CA ALA B 179 -5.08 -4.27 -15.35
C ALA B 179 -5.55 -3.65 -16.69
N LEU B 180 -6.23 -2.52 -16.63
CA LEU B 180 -6.73 -1.87 -17.84
C LEU B 180 -5.59 -1.31 -18.68
N SER B 181 -4.47 -1.07 -18.02
CA SER B 181 -3.29 -0.56 -18.72
C SER B 181 -2.63 -1.68 -19.55
N LEU B 182 -2.93 -2.93 -19.21
CA LEU B 182 -2.35 -4.08 -19.93
C LEU B 182 -3.32 -4.71 -20.89
N GLU B 183 -4.59 -4.70 -20.50
CA GLU B 183 -5.58 -5.38 -21.32
C GLU B 183 -6.86 -4.51 -21.47
N PRO B 184 -6.71 -3.35 -22.13
CA PRO B 184 -7.82 -2.45 -22.32
C PRO B 184 -9.04 -2.98 -23.10
N ASN B 185 -8.77 -3.90 -24.01
CA ASN B 185 -9.86 -4.48 -24.78
C ASN B 185 -10.51 -5.70 -24.14
N ASN B 186 -10.33 -5.89 -22.81
CA ASN B 186 -11.00 -7.01 -22.12
C ASN B 186 -12.39 -6.44 -21.70
N GLU B 187 -13.45 -6.90 -22.39
CA GLU B 187 -14.80 -6.39 -22.12
C GLU B 187 -15.29 -6.61 -20.72
N VAL B 188 -15.12 -7.83 -20.22
CA VAL B 188 -15.62 -8.09 -18.87
C VAL B 188 -14.85 -7.21 -17.87
N LEU B 189 -13.55 -7.13 -18.04
CA LEU B 189 -12.72 -6.33 -17.11
C LEU B 189 -13.13 -4.86 -17.25
N GLN B 190 -13.58 -4.47 -18.44
CA GLN B 190 -14.03 -3.09 -18.59
C GLN B 190 -15.35 -2.92 -17.79
N SER B 191 -16.32 -3.82 -17.93
CA SER B 191 -17.59 -3.59 -17.20
C SER B 191 -17.34 -3.71 -15.67
N TYR B 192 -16.53 -4.67 -15.28
CA TYR B 192 -16.25 -4.80 -13.86
C TYR B 192 -15.50 -3.58 -13.29
N ALA B 193 -14.56 -3.02 -14.03
CA ALA B 193 -13.84 -1.87 -13.51
C ALA B 193 -14.82 -0.75 -13.23
N ALA B 194 -15.72 -0.49 -14.19
CA ALA B 194 -16.67 0.59 -13.98
C ALA B 194 -17.53 0.39 -12.73
N HIS B 195 -17.90 -0.87 -12.48
CA HIS B 195 -18.72 -1.26 -11.31
C HIS B 195 -17.90 -1.03 -10.03
N VAL B 196 -16.63 -1.41 -10.12
CA VAL B 196 -15.69 -1.22 -9.00
C VAL B 196 -15.52 0.27 -8.64
N ALA B 197 -15.23 1.12 -9.62
CA ALA B 197 -15.04 2.56 -9.32
C ALA B 197 -16.36 3.18 -8.86
N GLU B 198 -17.48 2.71 -9.38
CA GLU B 198 -18.79 3.27 -8.95
C GLU B 198 -19.06 2.83 -7.51
N LEU B 199 -18.48 1.70 -7.09
CA LEU B 199 -18.70 1.21 -5.72
C LEU B 199 -17.83 2.05 -4.81
N ARG B 200 -16.56 2.24 -5.18
CA ARG B 200 -15.67 3.02 -4.32
C ARG B 200 -16.12 4.49 -4.24
N SER B 201 -16.80 4.99 -5.27
CA SER B 201 -17.30 6.39 -5.19
C SER B 201 -18.35 6.50 -4.08
N LYS B 202 -19.01 5.38 -3.79
CA LYS B 202 -20.02 5.34 -2.73
C LYS B 202 -19.48 4.78 -1.41
N LYS B 203 -18.15 4.68 -1.33
CA LYS B 203 -17.49 4.14 -0.14
C LYS B 203 -17.94 2.75 0.26
N LEU B 204 -18.24 1.91 -0.74
CA LEU B 204 -18.72 0.55 -0.46
C LEU B 204 -17.60 -0.47 -0.76
N PRO B 205 -17.75 -1.71 -0.23
CA PRO B 205 -16.77 -2.78 -0.47
C PRO B 205 -16.80 -3.31 -1.86
N THR B 206 -15.61 -3.59 -2.35
CA THR B 206 -15.51 -4.17 -3.66
C THR B 206 -15.24 -5.64 -3.54
N ILE B 207 -15.31 -6.15 -2.30
CA ILE B 207 -15.00 -7.53 -1.95
C ILE B 207 -16.26 -8.03 -1.24
N PRO B 208 -16.66 -9.30 -1.43
CA PRO B 208 -16.02 -10.35 -2.25
C PRO B 208 -16.15 -10.19 -3.76
N THR B 209 -15.25 -10.91 -4.44
CA THR B 209 -15.27 -11.07 -5.89
C THR B 209 -15.57 -12.59 -6.10
N THR B 210 -15.43 -13.08 -7.33
CA THR B 210 -15.67 -14.50 -7.58
C THR B 210 -14.56 -15.13 -8.43
N VAL B 211 -14.37 -16.44 -8.27
CA VAL B 211 -13.37 -17.15 -9.11
C VAL B 211 -13.63 -16.87 -10.59
N LYS B 212 -14.90 -16.84 -11.00
CA LYS B 212 -15.18 -16.62 -12.40
C LYS B 212 -14.79 -15.19 -12.84
N MET B 213 -15.09 -14.20 -12.02
CA MET B 213 -14.75 -12.83 -12.34
C MET B 213 -13.23 -12.65 -12.44
N GLU B 214 -12.49 -13.23 -11.47
CA GLU B 214 -11.03 -13.05 -11.47
C GLU B 214 -10.40 -13.78 -12.65
N LYS B 215 -10.94 -14.96 -13.00
CA LYS B 215 -10.39 -15.66 -14.17
C LYS B 215 -10.58 -14.77 -15.42
N ALA B 216 -11.68 -14.02 -15.46
CA ALA B 216 -11.98 -13.19 -16.62
C ALA B 216 -11.24 -11.82 -16.65
N CYS B 217 -10.83 -11.35 -15.49
CA CYS B 217 -10.25 -10.03 -15.39
C CYS B 217 -8.88 -9.80 -14.77
N ASN B 218 -8.50 -10.65 -13.82
CA ASN B 218 -7.25 -10.52 -13.04
C ASN B 218 -6.07 -10.85 -13.97
N PRO B 219 -5.16 -9.89 -14.19
CA PRO B 219 -4.06 -10.18 -15.10
C PRO B 219 -3.19 -11.32 -14.62
N PHE B 220 -3.10 -11.52 -13.27
CA PHE B 220 -2.23 -12.56 -12.77
C PHE B 220 -2.72 -13.98 -13.07
N LEU B 221 -4.02 -14.10 -13.43
CA LEU B 221 -4.58 -15.40 -13.80
C LEU B 221 -4.64 -15.51 -15.34
N ARG B 222 -4.13 -14.49 -16.02
CA ARG B 222 -4.19 -14.42 -17.50
C ARG B 222 -2.82 -14.17 -18.09
N SER B 223 -1.83 -14.79 -17.46
CA SER B 223 -0.44 -14.53 -17.81
C SER B 223 0.05 -15.12 -19.13
N SER B 224 -0.84 -15.27 -20.10
CA SER B 224 -0.51 -15.83 -21.40
C SER B 224 -1.21 -14.98 -22.45
N ASN B 225 -2.21 -14.19 -22.01
CA ASN B 225 -3.01 -13.31 -22.86
C ASN B 225 -2.18 -12.56 -23.89
N THR B 226 -2.72 -12.46 -25.09
CA THR B 226 -2.02 -11.75 -26.14
C THR B 226 -1.64 -10.31 -25.78
N ASP B 227 -2.63 -9.50 -25.47
CA ASP B 227 -2.36 -8.09 -25.17
C ASP B 227 -1.40 -7.92 -23.99
N ILE B 228 -1.63 -8.72 -22.95
CA ILE B 228 -0.80 -8.69 -21.74
C ILE B 228 0.64 -8.99 -22.04
N ARG B 229 0.91 -10.08 -22.77
CA ARG B 229 2.28 -10.39 -23.12
C ARG B 229 2.87 -9.36 -24.08
N ARG B 230 2.03 -8.75 -24.92
CA ARG B 230 2.53 -7.76 -25.84
C ARG B 230 2.94 -6.50 -25.06
N ALA B 231 2.04 -6.00 -24.23
CA ALA B 231 2.25 -4.78 -23.46
C ALA B 231 3.48 -4.85 -22.56
N LEU B 232 3.81 -6.05 -22.08
CA LEU B 232 4.93 -6.18 -21.16
C LEU B 232 6.20 -6.84 -21.76
N ARG B 233 6.18 -7.03 -23.08
CA ARG B 233 7.27 -7.62 -23.84
C ARG B 233 7.63 -8.98 -23.23
N ILE B 234 6.60 -9.76 -22.91
CA ILE B 234 6.86 -11.08 -22.39
C ILE B 234 7.02 -12.05 -23.56
N PRO B 235 8.09 -12.85 -23.58
CA PRO B 235 8.34 -13.81 -24.67
C PRO B 235 7.14 -14.71 -24.86
N GLU B 236 6.71 -14.86 -26.12
CA GLU B 236 5.51 -15.69 -26.37
C GLU B 236 5.66 -17.10 -25.84
N ALA B 237 6.90 -17.61 -25.68
CA ALA B 237 7.09 -19.00 -25.24
C ALA B 237 7.48 -19.15 -23.76
N ALA B 238 7.68 -18.02 -23.09
CA ALA B 238 8.03 -18.02 -21.69
C ALA B 238 6.92 -18.70 -20.88
N ASP B 239 7.31 -19.45 -19.85
CA ASP B 239 6.28 -20.14 -19.06
C ASP B 239 5.47 -19.12 -18.24
N GLU B 240 4.38 -19.57 -17.66
CA GLU B 240 3.51 -18.60 -16.95
C GLU B 240 4.11 -18.10 -15.64
N ALA B 241 5.02 -18.84 -15.02
CA ALA B 241 5.65 -18.33 -13.79
C ALA B 241 6.56 -17.18 -14.18
N GLU B 242 7.31 -17.30 -15.27
CA GLU B 242 8.19 -16.19 -15.66
C GLU B 242 7.32 -14.96 -16.01
N ALA B 243 6.25 -15.23 -16.75
CA ALA B 243 5.32 -14.19 -17.17
C ALA B 243 4.73 -13.49 -15.88
N LEU B 244 4.22 -14.27 -14.93
CA LEU B 244 3.65 -13.69 -13.71
C LEU B 244 4.71 -12.85 -13.00
N GLY B 245 5.96 -13.35 -12.99
CA GLY B 245 7.03 -12.63 -12.34
C GLY B 245 7.21 -11.25 -12.95
N ILE B 246 7.13 -11.15 -14.28
CA ILE B 246 7.33 -9.88 -14.94
C ILE B 246 6.08 -8.99 -14.70
N ILE B 247 4.88 -9.59 -14.75
CA ILE B 247 3.65 -8.82 -14.54
C ILE B 247 3.74 -8.24 -13.10
N ARG B 248 4.26 -9.04 -12.17
CA ARG B 248 4.32 -8.59 -10.79
C ARG B 248 5.30 -7.42 -10.76
N LYS B 249 6.57 -7.71 -10.94
CA LYS B 249 7.55 -6.59 -10.84
C LYS B 249 7.06 -5.34 -11.62
N ALA B 250 6.30 -5.58 -12.71
CA ALA B 250 5.71 -4.51 -13.48
C ALA B 250 4.61 -3.79 -12.70
N LYS B 251 3.82 -4.54 -11.91
CA LYS B 251 2.72 -3.85 -11.18
C LYS B 251 3.27 -3.03 -10.02
N ASP B 252 4.29 -3.56 -9.39
CA ASP B 252 4.88 -2.86 -8.27
C ASP B 252 5.34 -1.45 -8.68
N ASP B 253 5.94 -1.34 -9.88
CA ASP B 253 6.49 -0.07 -10.38
C ASP B 253 5.56 0.77 -11.27
N PHE B 254 4.27 0.47 -11.19
CA PHE B 254 3.30 1.22 -12.02
C PHE B 254 2.89 2.54 -11.36
ZN ZN C . 5.59 5.98 -6.25
FE FE D . 2.96 7.21 -4.60
C ACY E . 6.20 2.30 2.53
O ACY E . 6.39 1.18 2.86
OXT ACY E . 5.89 2.56 1.26
CH3 ACY E . 6.33 3.41 3.54
C1 PEG F . -5.16 18.92 16.59
O1 PEG F . -5.18 17.52 17.11
C2 PEG F . -6.45 19.34 15.80
O2 PEG F . -7.59 19.32 16.63
C3 PEG F . -8.74 19.74 15.87
C4 PEG F . -10.01 19.69 16.73
O4 PEG F . -10.32 18.31 17.01
ZN ZN G . -0.15 -10.11 4.33
FE FE H . -1.98 -7.49 4.28
C ACY I . -0.70 -5.13 -5.21
O ACY I . -0.93 -5.55 -6.33
OXT ACY I . 0.52 -4.65 -4.91
CH3 ACY I . -1.78 -5.16 -4.16
N MET A 1 3.72 31.69 0.33
CA MET A 1 2.96 30.64 -0.43
C MET A 1 1.96 29.84 0.44
N GLN A 2 0.77 29.58 -0.09
CA GLN A 2 -0.21 28.79 0.65
C GLN A 2 -0.17 27.36 0.11
N ILE A 3 0.20 26.40 0.96
CA ILE A 3 0.28 24.99 0.51
C ILE A 3 -1.01 24.36 1.02
N GLU A 4 -1.75 23.71 0.14
CA GLU A 4 -2.99 23.04 0.54
C GLU A 4 -2.98 21.56 0.16
N LEU A 5 -3.06 20.67 1.18
CA LEU A 5 -3.07 19.24 0.90
C LEU A 5 -4.40 18.90 0.32
N VAL A 6 -4.38 18.04 -0.69
CA VAL A 6 -5.59 17.57 -1.35
C VAL A 6 -5.59 16.05 -1.34
N PRO A 7 -6.55 15.46 -0.59
CA PRO A 7 -6.62 13.99 -0.54
C PRO A 7 -7.01 13.45 -1.91
N CYS A 8 -6.30 12.39 -2.30
CA CYS A 8 -6.54 11.75 -3.55
C CYS A 8 -6.41 10.24 -3.39
N LEU A 9 -7.20 9.53 -4.18
CA LEU A 9 -7.20 8.07 -4.14
C LEU A 9 -7.34 7.63 -2.69
N LYS A 10 -6.62 6.58 -2.31
CA LYS A 10 -6.71 6.04 -0.95
C LYS A 10 -5.95 6.81 0.12
N ASP A 11 -4.68 7.04 -0.16
CA ASP A 11 -3.83 7.71 0.81
C ASP A 11 -2.82 8.59 0.18
N ASN A 12 -3.19 9.20 -0.95
CA ASN A 12 -2.24 10.11 -1.56
C ASN A 12 -2.58 11.55 -1.24
N TYR A 13 -1.55 12.41 -1.24
CA TYR A 13 -1.81 13.83 -1.11
C TYR A 13 -1.27 14.52 -2.31
N ALA A 14 -2.05 15.50 -2.81
CA ALA A 14 -1.61 16.42 -3.88
C ALA A 14 -1.33 17.69 -3.07
N TYR A 15 -0.60 18.64 -3.65
CA TYR A 15 -0.34 19.85 -2.91
C TYR A 15 -0.61 21.01 -3.84
N ILE A 16 -1.74 21.69 -3.65
CA ILE A 16 -2.01 22.86 -4.51
C ILE A 16 -1.26 24.02 -3.85
N LEU A 17 -0.35 24.62 -4.62
CA LEU A 17 0.47 25.72 -4.16
C LEU A 17 -0.18 27.05 -4.57
N HIS A 18 -0.44 27.93 -3.59
CA HIS A 18 -1.08 29.21 -3.97
C HIS A 18 -0.09 30.34 -3.76
N ASP A 19 0.33 31.03 -4.82
CA ASP A 19 1.23 32.17 -4.60
C ASP A 19 0.33 33.29 -4.00
N GLU A 20 0.88 34.18 -3.16
CA GLU A 20 0.05 35.25 -2.59
C GLU A 20 -0.02 36.51 -3.45
N ASP A 21 1.14 36.98 -3.93
CA ASP A 21 1.12 38.20 -4.72
C ASP A 21 0.38 38.00 -6.05
N THR A 22 0.74 36.95 -6.79
CA THR A 22 0.10 36.76 -8.08
C THR A 22 -0.99 35.75 -7.99
N GLY A 23 -1.09 35.06 -6.89
CA GLY A 23 -2.19 34.15 -7.01
C GLY A 23 -1.84 33.01 -7.95
N THR A 24 -0.64 32.98 -8.54
CA THR A 24 -0.28 31.84 -9.37
C THR A 24 -0.59 30.56 -8.57
N VAL A 25 -1.08 29.54 -9.26
CA VAL A 25 -1.40 28.26 -8.62
C VAL A 25 -0.71 27.11 -9.35
N GLY A 26 -0.23 26.14 -8.59
CA GLY A 26 0.37 24.97 -9.20
C GLY A 26 -0.11 23.75 -8.41
N VAL A 27 0.05 22.56 -8.99
CA VAL A 27 -0.29 21.34 -8.27
C VAL A 27 0.87 20.34 -8.45
N VAL A 28 1.23 19.72 -7.35
CA VAL A 28 2.28 18.72 -7.30
C VAL A 28 1.63 17.34 -7.12
N ASP A 29 1.96 16.41 -7.98
CA ASP A 29 1.45 15.02 -7.87
C ASP A 29 -0.08 14.82 -7.93
N PRO A 30 -0.69 15.24 -9.04
CA PRO A 30 -2.13 15.12 -9.31
C PRO A 30 -2.48 13.65 -9.60
N SER A 31 -2.84 12.90 -8.55
CA SER A 31 -3.20 11.47 -8.66
C SER A 31 -4.34 11.29 -9.61
N GLU A 32 -5.33 12.15 -9.42
CA GLU A 32 -6.56 12.11 -10.21
C GLU A 32 -6.76 13.57 -10.57
N ALA A 33 -7.50 13.84 -11.65
CA ALA A 33 -7.76 15.19 -12.06
C ALA A 33 -8.89 15.80 -11.29
N GLU A 34 -10.00 15.04 -11.20
CA GLU A 34 -11.20 15.57 -10.55
C GLU A 34 -11.06 16.21 -9.17
N PRO A 35 -10.34 15.54 -8.24
CA PRO A 35 -10.12 16.03 -6.90
C PRO A 35 -9.42 17.37 -6.98
N ILE A 36 -8.64 17.62 -8.03
CA ILE A 36 -7.96 18.95 -8.12
C ILE A 36 -8.88 19.96 -8.79
N ILE A 37 -9.57 19.49 -9.80
CA ILE A 37 -10.53 20.35 -10.47
C ILE A 37 -11.50 20.91 -9.46
N ASP A 38 -11.98 20.05 -8.55
CA ASP A 38 -12.97 20.49 -7.55
C ASP A 38 -12.43 21.28 -6.42
N SER A 39 -11.18 21.00 -6.08
CA SER A 39 -10.51 21.68 -5.01
C SER A 39 -10.23 23.15 -5.41
N LEU A 40 -10.14 23.44 -6.72
CA LEU A 40 -9.88 24.79 -7.23
C LEU A 40 -11.19 25.59 -7.38
N LYS A 41 -12.28 24.86 -7.58
CA LYS A 41 -13.58 25.50 -7.69
C LYS A 41 -13.93 26.14 -6.34
N ARG A 42 -13.78 25.37 -5.27
CA ARG A 42 -14.13 25.88 -3.94
C ARG A 42 -13.43 27.21 -3.69
N SER A 43 -12.19 27.30 -4.19
CA SER A 43 -11.40 28.51 -4.01
C SER A 43 -11.53 29.42 -5.21
N GLY A 44 -12.22 28.92 -6.23
CA GLY A 44 -12.42 29.71 -7.43
C GLY A 44 -11.11 30.18 -8.02
N ARG A 45 -10.16 29.27 -8.15
CA ARG A 45 -8.88 29.62 -8.72
C ARG A 45 -8.62 28.82 -10.00
N ASN A 46 -7.60 29.25 -10.75
CA ASN A 46 -7.22 28.57 -11.98
C ASN A 46 -5.93 27.78 -11.71
N LEU A 47 -5.46 27.03 -12.70
CA LEU A 47 -4.22 26.21 -12.53
C LEU A 47 -3.22 26.69 -13.57
N THR A 48 -1.97 26.96 -13.16
CA THR A 48 -0.89 27.40 -14.05
C THR A 48 0.13 26.29 -14.29
N TYR A 49 0.49 25.61 -13.20
CA TYR A 49 1.53 24.58 -13.25
C TYR A 49 1.19 23.23 -12.63
N ILE A 50 1.79 22.20 -13.18
CA ILE A 50 1.67 20.83 -12.66
C ILE A 50 3.11 20.32 -12.53
N LEU A 51 3.54 20.11 -11.29
CA LEU A 51 4.90 19.59 -11.00
C LEU A 51 4.80 18.15 -10.55
N ASN A 52 5.66 17.27 -11.11
CA ASN A 52 5.63 15.89 -10.72
C ASN A 52 6.92 15.44 -10.01
N THR A 53 6.76 14.68 -8.93
CA THR A 53 7.93 14.18 -8.20
C THR A 53 8.41 12.83 -8.76
N HIS A 54 7.51 12.11 -9.37
CA HIS A 54 7.87 10.81 -9.94
C HIS A 54 6.82 10.35 -10.95
N HIS A 55 7.12 9.30 -11.70
CA HIS A 55 6.29 8.89 -12.81
C HIS A 55 5.06 8.04 -12.53
N HIS A 56 4.94 7.53 -11.30
CA HIS A 56 3.83 6.61 -10.99
C HIS A 56 2.47 7.23 -11.33
N TYR A 57 1.52 6.31 -11.55
CA TYR A 57 0.21 6.70 -11.97
C TYR A 57 -0.54 7.48 -10.89
N ASP A 58 -0.31 7.13 -9.63
CA ASP A 58 -0.95 7.81 -8.52
C ASP A 58 -0.38 9.19 -8.18
N HIS A 59 0.46 9.73 -9.07
CA HIS A 59 1.07 11.05 -8.90
C HIS A 59 1.02 11.79 -10.24
N THR A 60 0.76 11.05 -11.34
CA THR A 60 0.75 11.65 -12.71
C THR A 60 -0.58 11.38 -13.43
N GLY A 61 -1.47 10.64 -12.78
CA GLY A 61 -2.73 10.24 -13.39
C GLY A 61 -3.65 11.36 -13.77
N GLY A 62 -3.49 12.52 -13.10
CA GLY A 62 -4.32 13.66 -13.40
C GLY A 62 -3.69 14.63 -14.40
N ASN A 63 -2.43 14.43 -14.75
CA ASN A 63 -1.70 15.37 -15.61
C ASN A 63 -2.41 15.81 -16.92
N LEU A 64 -2.59 14.85 -17.83
CA LEU A 64 -3.10 15.16 -19.18
C LEU A 64 -4.43 15.86 -19.13
N GLU A 65 -5.30 15.38 -18.24
CA GLU A 65 -6.63 15.98 -18.12
C GLU A 65 -6.52 17.41 -17.58
N LEU A 66 -5.73 17.60 -16.52
CA LEU A 66 -5.62 18.95 -15.96
C LEU A 66 -4.95 19.91 -16.94
N LYS A 67 -3.91 19.45 -17.64
CA LYS A 67 -3.21 20.28 -18.61
C LYS A 67 -4.20 20.71 -19.72
N ASP A 68 -4.95 19.76 -20.28
CA ASP A 68 -5.90 20.11 -21.35
C ASP A 68 -7.00 21.05 -20.84
N ARG A 69 -7.41 20.89 -19.58
CA ARG A 69 -8.47 21.71 -19.01
C ARG A 69 -8.12 23.16 -18.68
N TYR A 70 -6.88 23.36 -18.23
CA TYR A 70 -6.41 24.66 -17.83
C TYR A 70 -5.32 25.31 -18.69
N GLY A 71 -4.67 24.52 -19.52
CA GLY A 71 -3.52 25.02 -20.29
C GLY A 71 -2.32 25.13 -19.35
N ALA A 72 -2.25 24.35 -18.25
CA ALA A 72 -1.08 24.46 -17.35
C ALA A 72 0.23 23.90 -17.94
N LYS A 73 1.36 24.31 -17.37
CA LYS A 73 2.69 23.84 -17.82
C LYS A 73 3.05 22.71 -16.82
N VAL A 74 3.47 21.56 -17.33
CA VAL A 74 3.80 20.37 -16.52
C VAL A 74 5.31 20.29 -16.39
N ILE A 75 5.78 20.56 -15.18
CA ILE A 75 7.20 20.57 -14.87
C ILE A 75 7.49 19.12 -14.49
N GLY A 76 8.71 18.65 -14.80
CA GLY A 76 9.02 17.28 -14.47
C GLY A 76 10.50 16.92 -14.62
N SER A 77 10.89 15.70 -14.28
CA SER A 77 12.30 15.31 -14.32
C SER A 77 12.81 14.96 -15.71
N ALA A 78 13.92 15.59 -16.15
CA ALA A 78 14.48 15.28 -17.46
C ALA A 78 14.79 13.77 -17.51
N MET A 79 15.26 13.20 -16.41
CA MET A 79 15.55 11.76 -16.38
C MET A 79 14.36 10.91 -16.78
N ASP A 80 13.15 11.39 -16.51
CA ASP A 80 11.95 10.65 -16.80
C ASP A 80 11.11 11.32 -17.83
N LYS A 81 11.73 12.22 -18.62
CA LYS A 81 10.94 12.96 -19.59
C LYS A 81 10.02 12.10 -20.44
N ASP A 82 10.46 10.90 -20.81
CA ASP A 82 9.60 10.07 -21.63
C ASP A 82 8.48 9.39 -20.83
N ARG A 83 8.54 9.48 -19.49
CA ARG A 83 7.51 8.86 -18.64
C ARG A 83 6.59 9.85 -17.90
N ILE A 84 6.89 11.15 -17.94
CA ILE A 84 6.08 12.16 -17.22
C ILE A 84 5.06 12.66 -18.25
N PRO A 85 3.83 12.25 -18.11
CA PRO A 85 2.81 12.69 -19.07
C PRO A 85 2.72 14.18 -19.33
N GLY A 86 2.78 14.53 -20.63
CA GLY A 86 2.63 15.92 -21.00
C GLY A 86 3.72 16.91 -20.54
N ILE A 87 4.87 16.39 -20.11
CA ILE A 87 5.96 17.22 -19.61
C ILE A 87 6.35 18.31 -20.61
N ASP A 88 6.40 19.53 -20.12
CA ASP A 88 6.75 20.69 -20.92
C ASP A 88 8.14 21.22 -20.54
N MET A 89 8.50 21.07 -19.27
CA MET A 89 9.78 21.56 -18.79
C MET A 89 10.49 20.42 -18.05
N ALA A 90 11.65 20.00 -18.56
CA ALA A 90 12.39 18.89 -17.96
C ALA A 90 13.60 19.39 -17.15
N LEU A 91 13.56 19.23 -15.83
CA LEU A 91 14.62 19.76 -14.99
C LEU A 91 15.55 18.68 -14.46
N LYS A 92 16.80 19.06 -14.24
CA LYS A 92 17.83 18.13 -13.76
C LYS A 92 18.30 18.55 -12.39
N ASP A 93 19.08 17.69 -11.73
CA ASP A 93 19.59 18.00 -10.41
C ASP A 93 20.32 19.34 -10.40
N GLY A 94 20.06 20.14 -9.36
CA GLY A 94 20.69 21.44 -9.23
C GLY A 94 19.96 22.57 -9.94
N ASP A 95 19.06 22.24 -10.85
CA ASP A 95 18.36 23.33 -11.54
C ASP A 95 17.55 24.12 -10.57
N LYS A 96 17.39 25.41 -10.90
CA LYS A 96 16.54 26.31 -10.16
C LYS A 96 15.37 26.60 -11.13
N TRP A 97 14.15 26.64 -10.60
CA TRP A 97 12.92 26.91 -11.40
C TRP A 97 12.11 27.95 -10.60
N MET A 98 11.54 28.95 -11.29
CA MET A 98 10.82 30.01 -10.56
C MET A 98 9.28 29.87 -10.55
N PHE A 99 8.72 29.82 -9.35
CA PHE A 99 7.28 29.74 -9.12
C PHE A 99 6.86 31.16 -8.74
N ALA A 100 6.36 31.96 -9.70
CA ALA A 100 5.93 33.32 -9.36
C ALA A 100 6.84 34.04 -8.36
N GLY A 101 8.08 34.25 -8.75
CA GLY A 101 8.94 34.93 -7.82
C GLY A 101 9.61 34.11 -6.75
N HIS A 102 9.19 32.87 -6.61
CA HIS A 102 9.77 32.01 -5.56
C HIS A 102 10.60 30.89 -6.22
N GLU A 103 11.82 30.74 -5.76
CA GLU A 103 12.71 29.73 -6.35
C GLU A 103 12.44 28.32 -5.87
N VAL A 104 12.50 27.41 -6.80
CA VAL A 104 12.35 25.96 -6.48
C VAL A 104 13.70 25.36 -6.85
N HIS A 105 14.32 24.62 -5.91
CA HIS A 105 15.64 24.01 -6.15
C HIS A 105 15.36 22.52 -6.29
N VAL A 106 15.64 22.03 -7.51
CA VAL A 106 15.40 20.63 -7.87
C VAL A 106 16.48 19.75 -7.31
N MET A 107 16.06 18.64 -6.70
CA MET A 107 16.98 17.66 -6.14
C MET A 107 16.72 16.28 -6.71
N ASP A 108 17.70 15.70 -7.42
CA ASP A 108 17.50 14.33 -7.89
C ASP A 108 17.52 13.39 -6.67
N THR A 109 16.46 12.60 -6.50
CA THR A 109 16.37 11.69 -5.35
C THR A 109 15.90 10.32 -5.82
N PRO A 110 16.81 9.56 -6.47
CA PRO A 110 16.55 8.22 -6.99
C PRO A 110 16.37 7.08 -5.94
N GLY A 111 15.57 6.07 -6.26
CA GLY A 111 15.43 4.95 -5.32
C GLY A 111 14.08 4.28 -5.58
N HIS A 112 13.01 5.00 -5.21
CA HIS A 112 11.64 4.56 -5.49
C HIS A 112 11.57 4.50 -7.03
N THR A 113 12.08 5.53 -7.70
CA THR A 113 12.18 5.45 -9.15
C THR A 113 13.45 6.18 -9.58
N LYS A 114 14.33 5.49 -10.29
CA LYS A 114 15.53 6.18 -10.73
C LYS A 114 15.02 7.30 -11.65
N GLY A 115 15.01 8.52 -11.12
CA GLY A 115 14.52 9.70 -11.85
C GLY A 115 13.66 10.56 -10.91
N HIS A 116 13.31 9.99 -9.76
CA HIS A 116 12.51 10.75 -8.78
C HIS A 116 13.23 12.02 -8.39
N ILE A 117 12.48 13.12 -8.26
CA ILE A 117 13.07 14.35 -7.77
C ILE A 117 12.28 14.85 -6.56
N SER A 118 12.90 15.68 -5.72
CA SER A 118 12.18 16.31 -4.60
C SER A 118 12.27 17.82 -4.91
N LEU A 119 11.27 18.60 -4.45
CA LEU A 119 11.23 20.02 -4.77
C LEU A 119 11.32 20.86 -3.51
N TYR A 120 12.41 21.64 -3.40
CA TYR A 120 12.64 22.45 -2.23
C TYR A 120 12.37 23.92 -2.48
N PHE A 121 11.42 24.47 -1.71
CA PHE A 121 11.06 25.90 -1.82
C PHE A 121 11.75 26.51 -0.61
N PRO A 122 12.92 27.15 -0.81
CA PRO A 122 13.66 27.75 0.31
C PRO A 122 12.91 28.83 1.02
N GLY A 123 12.22 29.67 0.24
CA GLY A 123 11.47 30.79 0.83
C GLY A 123 10.37 30.34 1.77
N SER A 124 9.89 29.12 1.54
CA SER A 124 8.83 28.58 2.36
C SER A 124 9.33 27.52 3.33
N ARG A 125 10.62 27.26 3.37
CA ARG A 125 11.21 26.20 4.21
C ARG A 125 10.41 24.92 4.00
N ALA A 126 10.06 24.64 2.74
CA ALA A 126 9.25 23.47 2.40
C ALA A 126 9.91 22.56 1.36
N ILE A 127 9.74 21.24 1.55
CA ILE A 127 10.29 20.34 0.56
C ILE A 127 9.23 19.24 0.25
N PHE A 128 8.95 19.09 -1.06
CA PHE A 128 8.01 18.05 -1.54
C PHE A 128 8.86 16.83 -1.89
N THR A 129 8.76 15.77 -1.06
CA THR A 129 9.63 14.61 -1.24
C THR A 129 8.97 13.44 -1.98
N GLY A 130 7.74 13.62 -2.41
CA GLY A 130 7.06 12.53 -3.16
C GLY A 130 7.12 11.24 -2.36
N ASP A 131 7.60 10.18 -3.02
CA ASP A 131 7.70 8.88 -2.38
C ASP A 131 9.14 8.48 -1.99
N THR A 132 10.00 9.48 -1.80
CA THR A 132 11.37 9.21 -1.38
C THR A 132 11.32 9.15 0.16
N MET A 133 10.86 10.23 0.81
CA MET A 133 10.76 10.20 2.29
C MET A 133 9.33 10.49 2.77
N PHE A 134 8.77 9.58 3.59
CA PHE A 134 7.47 9.83 4.22
C PHE A 134 7.76 10.16 5.68
N SER A 135 6.68 10.35 6.51
CA SER A 135 6.96 10.48 7.92
C SER A 135 7.13 9.07 8.48
N LEU A 136 8.32 8.84 9.02
CA LEU A 136 8.75 7.57 9.63
C LEU A 136 9.02 6.42 8.70
N SER A 137 9.29 6.74 7.43
CA SER A 137 9.67 5.68 6.48
C SER A 137 10.24 6.32 5.22
N CYS A 138 10.63 5.45 4.24
CA CYS A 138 11.09 5.93 2.92
C CYS A 138 10.26 5.12 1.92
N GLY A 139 10.35 5.42 0.60
CA GLY A 139 9.58 4.67 -0.36
C GLY A 139 10.15 3.26 -0.55
N LYS A 140 9.31 2.38 -1.03
CA LYS A 140 9.76 1.03 -1.37
C LYS A 140 10.77 1.19 -2.53
N LEU A 141 11.77 0.31 -2.60
CA LEU A 141 12.81 0.47 -3.64
C LEU A 141 12.44 -0.34 -4.89
N PHE A 142 11.66 0.28 -5.75
CA PHE A 142 11.21 -0.40 -6.96
C PHE A 142 12.33 -0.41 -7.98
N GLU A 143 12.98 0.73 -8.19
CA GLU A 143 14.05 0.78 -9.20
C GLU A 143 15.45 1.00 -8.64
N GLY A 144 15.60 1.90 -7.67
CA GLY A 144 16.91 2.23 -7.14
C GLY A 144 17.43 1.20 -6.15
N THR A 145 18.55 1.53 -5.54
CA THR A 145 19.20 0.66 -4.60
C THR A 145 19.19 1.31 -3.23
N PRO A 146 19.54 0.52 -2.21
CA PRO A 146 19.60 1.02 -0.84
C PRO A 146 20.62 2.15 -0.81
N LYS A 147 21.70 2.03 -1.62
CA LYS A 147 22.69 3.10 -1.56
C LYS A 147 22.15 4.43 -2.09
N GLN A 148 21.40 4.36 -3.18
CA GLN A 148 20.83 5.54 -3.76
C GLN A 148 19.77 6.14 -2.84
N MET A 149 18.92 5.28 -2.29
CA MET A 149 17.92 5.82 -1.36
C MET A 149 18.62 6.50 -0.18
N LEU A 150 19.65 5.88 0.41
CA LEU A 150 20.30 6.53 1.55
C LEU A 150 20.84 7.93 1.15
N ALA A 151 21.46 8.02 0.00
CA ALA A 151 22.02 9.29 -0.44
C ALA A 151 20.90 10.32 -0.58
N SER A 152 19.78 9.90 -1.18
CA SER A 152 18.65 10.83 -1.38
C SER A 152 18.08 11.29 -0.05
N LEU A 153 18.02 10.38 0.93
CA LEU A 153 17.50 10.75 2.23
C LEU A 153 18.44 11.73 2.93
N GLN A 154 19.75 11.43 2.86
CA GLN A 154 20.72 12.33 3.48
C GLN A 154 20.75 13.69 2.76
N LYS A 155 20.39 13.76 1.47
CA LYS A 155 20.33 15.04 0.78
C LYS A 155 19.16 15.84 1.35
N ILE A 156 18.06 15.14 1.65
CA ILE A 156 16.86 15.79 2.17
C ILE A 156 17.15 16.23 3.56
N THR A 157 17.84 15.41 4.38
CA THR A 157 18.12 15.80 5.77
C THR A 157 19.32 16.77 5.94
N SER A 158 19.85 17.26 4.84
CA SER A 158 20.96 18.25 4.86
C SER A 158 20.34 19.67 4.87
N LEU A 159 19.01 19.72 4.86
CA LEU A 159 18.27 20.98 4.92
C LEU A 159 18.01 21.35 6.40
N PRO A 160 17.63 22.61 6.68
CA PRO A 160 17.41 23.02 8.06
C PRO A 160 16.37 22.17 8.75
N ASP A 161 16.61 21.86 10.03
CA ASP A 161 15.69 21.02 10.77
C ASP A 161 14.28 21.58 10.76
N ASP A 162 14.13 22.87 10.55
CA ASP A 162 12.82 23.45 10.57
C ASP A 162 12.11 23.41 9.20
N THR A 163 12.62 22.60 8.28
CA THR A 163 12.03 22.49 6.97
C THR A 163 10.83 21.52 7.05
N SER A 164 9.71 21.94 6.52
CA SER A 164 8.49 21.12 6.47
C SER A 164 8.62 20.21 5.24
N ILE A 165 8.33 18.91 5.42
CA ILE A 165 8.47 17.91 4.34
C ILE A 165 7.05 17.52 3.97
N TYR A 166 6.68 17.81 2.71
CA TYR A 166 5.34 17.50 2.20
C TYR A 166 5.49 16.28 1.32
N CYS A 167 4.88 15.17 1.73
CA CYS A 167 5.02 13.93 1.02
C CYS A 167 3.68 13.20 0.81
N GLY A 168 2.99 13.50 -0.27
CA GLY A 168 1.68 12.90 -0.52
C GLY A 168 1.42 11.37 -0.51
N HIS A 169 1.35 10.80 0.69
CA HIS A 169 1.09 9.39 0.99
C HIS A 169 0.91 9.31 2.50
N GLU A 170 -0.32 9.57 2.95
CA GLU A 170 -0.62 9.48 4.38
C GLU A 170 -0.24 8.01 4.67
N TYR A 171 0.93 7.78 5.29
CA TYR A 171 1.35 6.43 5.56
C TYR A 171 1.97 6.25 6.91
N THR A 172 1.84 7.27 7.79
CA THR A 172 2.59 7.34 9.07
C THR A 172 2.14 6.42 10.22
N LEU A 173 0.86 6.20 10.32
CA LEU A 173 0.37 5.39 11.42
C LEU A 173 0.99 3.98 11.29
N SER A 174 0.88 3.37 10.10
CA SER A 174 1.43 2.05 9.89
C SER A 174 2.96 2.11 10.13
N ASN A 175 3.62 3.13 9.59
CA ASN A 175 5.06 3.33 9.72
C ASN A 175 5.45 3.43 11.19
N SER A 176 4.65 4.17 11.96
CA SER A 176 4.98 4.32 13.38
C SER A 176 4.95 2.99 14.12
N LYS A 177 4.06 2.07 13.73
CA LYS A 177 4.00 0.78 14.41
C LYS A 177 5.27 -0.03 14.13
N PHE A 178 5.75 0.02 12.90
CA PHE A 178 6.98 -0.73 12.58
C PHE A 178 8.17 -0.05 13.32
N ALA A 179 8.24 1.28 13.25
CA ALA A 179 9.35 2.00 13.90
C ALA A 179 9.44 1.63 15.40
N LEU A 180 8.30 1.59 16.08
CA LEU A 180 8.28 1.26 17.51
C LEU A 180 8.69 -0.21 17.74
N SER A 181 8.43 -1.09 16.79
CA SER A 181 8.86 -2.49 16.98
C SER A 181 10.39 -2.53 17.02
N LEU A 182 11.02 -1.50 16.46
CA LEU A 182 12.49 -1.44 16.42
C LEU A 182 13.09 -0.56 17.51
N GLU A 183 12.47 0.56 17.83
CA GLU A 183 13.08 1.46 18.84
C GLU A 183 12.07 1.79 19.91
N PRO A 184 11.75 0.80 20.73
CA PRO A 184 10.76 0.98 21.80
C PRO A 184 11.03 2.07 22.82
N ASN A 185 12.29 2.28 23.15
CA ASN A 185 12.61 3.28 24.22
C ASN A 185 12.86 4.68 23.65
N ASN A 186 12.66 4.86 22.32
CA ASN A 186 12.89 6.18 21.73
C ASN A 186 11.74 7.08 22.15
N GLU A 187 12.02 8.09 22.97
CA GLU A 187 10.91 8.91 23.47
C GLU A 187 10.32 9.88 22.52
N VAL A 188 11.14 10.43 21.65
CA VAL A 188 10.62 11.35 20.69
C VAL A 188 9.66 10.55 19.85
N LEU A 189 10.07 9.33 19.46
CA LEU A 189 9.17 8.48 18.64
C LEU A 189 7.88 8.11 19.42
N GLN A 190 8.01 7.75 20.70
CA GLN A 190 6.80 7.42 21.46
C GLN A 190 5.86 8.60 21.43
N SER A 191 6.39 9.80 21.64
CA SER A 191 5.62 11.04 21.65
C SER A 191 4.93 11.22 20.33
N TYR A 192 5.72 11.14 19.27
CA TYR A 192 5.15 11.32 17.96
C TYR A 192 4.15 10.22 17.60
N ALA A 193 4.50 8.98 17.91
CA ALA A 193 3.63 7.90 17.59
C ALA A 193 2.24 8.08 18.20
N ALA A 194 2.16 8.68 19.41
CA ALA A 194 0.85 8.90 20.01
C ALA A 194 0.14 10.05 19.34
N HIS A 195 0.91 11.08 19.00
CA HIS A 195 0.29 12.22 18.34
C HIS A 195 -0.29 11.74 17.01
N VAL A 196 0.41 10.80 16.36
CA VAL A 196 -0.03 10.21 15.08
C VAL A 196 -1.15 9.18 15.33
N ALA A 197 -1.09 8.52 16.48
CA ALA A 197 -2.15 7.57 16.70
C ALA A 197 -3.39 8.32 17.07
N GLU A 198 -3.22 9.46 17.74
CA GLU A 198 -4.34 10.37 18.08
C GLU A 198 -4.83 11.16 16.85
N LEU A 199 -3.92 11.52 15.93
CA LEU A 199 -4.29 12.29 14.72
C LEU A 199 -5.14 11.51 13.72
N ARG A 200 -4.79 10.29 13.43
CA ARG A 200 -5.59 9.55 12.47
C ARG A 200 -6.95 9.19 12.98
N SER A 201 -7.10 9.08 14.30
CA SER A 201 -8.41 8.75 14.82
C SER A 201 -9.50 9.80 14.51
N LYS A 202 -9.08 11.06 14.26
CA LYS A 202 -10.00 12.14 13.85
C LYS A 202 -9.91 12.38 12.33
N LYS A 203 -9.21 11.47 11.63
CA LYS A 203 -9.09 11.51 10.18
C LYS A 203 -8.39 12.75 9.64
N LEU A 204 -7.51 13.33 10.43
CA LEU A 204 -6.72 14.47 9.97
C LEU A 204 -5.32 13.99 9.55
N PRO A 205 -4.78 14.61 8.52
CA PRO A 205 -3.45 14.30 7.98
C PRO A 205 -2.42 14.41 9.06
N THR A 206 -1.28 13.73 8.84
CA THR A 206 -0.16 13.80 9.76
C THR A 206 0.99 14.53 9.07
N ILE A 207 0.69 15.08 7.88
CA ILE A 207 1.72 15.73 7.03
C ILE A 207 1.29 17.21 6.96
N PRO A 208 2.23 18.13 6.89
CA PRO A 208 3.69 17.92 6.85
C PRO A 208 4.33 17.46 8.14
N THR A 209 5.51 16.85 7.98
CA THR A 209 6.34 16.53 9.10
C THR A 209 7.55 17.52 8.96
N THR A 210 8.63 17.30 9.73
CA THR A 210 9.79 18.21 9.60
C THR A 210 11.09 17.42 9.57
N VAL A 211 12.16 18.06 9.10
CA VAL A 211 13.44 17.41 9.09
C VAL A 211 13.84 17.01 10.52
N LYS A 212 13.59 17.89 11.50
CA LYS A 212 13.95 17.62 12.88
C LYS A 212 13.24 16.38 13.35
N MET A 213 11.93 16.36 13.18
CA MET A 213 11.16 15.20 13.63
C MET A 213 11.61 13.93 12.97
N GLU A 214 11.86 13.95 11.67
CA GLU A 214 12.20 12.69 11.03
C GLU A 214 13.61 12.23 11.50
N LYS A 215 14.52 13.19 11.70
CA LYS A 215 15.85 12.78 12.19
C LYS A 215 15.68 12.15 13.57
N ALA A 216 14.70 12.65 14.35
CA ALA A 216 14.52 12.13 15.70
C ALA A 216 13.72 10.84 15.76
N CYS A 217 13.06 10.43 14.64
CA CYS A 217 12.22 9.23 14.67
C CYS A 217 12.22 8.22 13.53
N ASN A 218 12.60 8.69 12.34
CA ASN A 218 12.47 7.82 11.18
C ASN A 218 13.56 6.73 11.22
N PRO A 219 13.19 5.45 10.97
CA PRO A 219 14.24 4.40 11.03
C PRO A 219 15.25 4.44 9.95
N PHE A 220 14.81 4.87 8.79
CA PHE A 220 15.74 4.85 7.67
C PHE A 220 16.81 5.89 7.79
N LEU A 221 16.58 6.91 8.61
CA LEU A 221 17.55 7.98 8.83
C LEU A 221 18.39 7.65 10.06
N ARG A 222 18.11 6.51 10.67
CA ARG A 222 18.79 6.10 11.91
C ARG A 222 19.39 4.67 11.72
N SER A 223 19.91 4.39 10.55
CA SER A 223 20.40 3.04 10.25
C SER A 223 21.65 2.59 10.99
N SER A 224 22.27 3.47 11.76
CA SER A 224 23.44 3.08 12.54
C SER A 224 23.02 2.95 14.02
N ASN A 225 21.74 3.21 14.30
CA ASN A 225 21.26 3.11 15.69
C ASN A 225 21.41 1.69 16.25
N THR A 226 22.03 1.54 17.42
CA THR A 226 22.26 0.23 17.97
C THR A 226 20.99 -0.58 18.24
N ASP A 227 19.92 0.08 18.70
CA ASP A 227 18.70 -0.65 18.99
C ASP A 227 18.07 -1.22 17.74
N ILE A 228 18.04 -0.44 16.66
CA ILE A 228 17.47 -0.94 15.40
C ILE A 228 18.34 -2.11 14.88
N ARG A 229 19.68 -1.97 14.84
CA ARG A 229 20.51 -3.09 14.37
C ARG A 229 20.33 -4.36 15.22
N ARG A 230 20.30 -4.21 16.53
CA ARG A 230 20.11 -5.36 17.39
C ARG A 230 18.72 -6.01 17.21
N ALA A 231 17.73 -5.24 16.75
CA ALA A 231 16.37 -5.80 16.50
C ALA A 231 16.34 -6.60 15.18
N LEU A 232 17.11 -6.13 14.18
CA LEU A 232 17.12 -6.81 12.88
C LEU A 232 18.36 -7.62 12.55
N ARG A 233 19.19 -7.81 13.57
CA ARG A 233 20.43 -8.56 13.43
C ARG A 233 21.27 -8.02 12.32
N ILE A 234 21.36 -6.71 12.29
CA ILE A 234 22.21 -6.01 11.33
C ILE A 234 23.61 -5.95 11.99
N PRO A 235 24.65 -6.43 11.29
CA PRO A 235 26.02 -6.43 11.80
C PRO A 235 26.48 -5.05 12.23
N GLU A 236 27.23 -5.01 13.33
CA GLU A 236 27.77 -3.73 13.75
C GLU A 236 28.62 -3.15 12.64
N ALA A 237 29.38 -4.01 11.97
CA ALA A 237 30.25 -3.54 10.89
C ALA A 237 29.50 -3.29 9.57
N ALA A 238 28.18 -3.44 9.53
CA ALA A 238 27.49 -3.21 8.26
C ALA A 238 27.54 -1.73 7.83
N ASP A 239 27.71 -1.44 6.55
CA ASP A 239 27.68 -0.03 6.15
C ASP A 239 26.19 0.34 6.02
N GLU A 240 25.89 1.63 6.05
CA GLU A 240 24.50 2.11 6.00
C GLU A 240 23.71 1.59 4.82
N ALA A 241 24.33 1.69 3.67
CA ALA A 241 23.70 1.20 2.47
C ALA A 241 23.18 -0.24 2.68
N GLU A 242 23.89 -1.10 3.44
CA GLU A 242 23.34 -2.47 3.70
C GLU A 242 22.26 -2.48 4.77
N ALA A 243 22.49 -1.74 5.89
CA ALA A 243 21.53 -1.64 7.02
C ALA A 243 20.20 -1.11 6.42
N LEU A 244 20.29 -0.01 5.66
CA LEU A 244 19.07 0.54 5.04
C LEU A 244 18.37 -0.55 4.26
N GLY A 245 19.10 -1.30 3.41
CA GLY A 245 18.50 -2.38 2.66
C GLY A 245 17.82 -3.44 3.56
N ILE A 246 18.45 -3.81 4.67
CA ILE A 246 17.84 -4.78 5.62
C ILE A 246 16.60 -4.19 6.29
N ILE A 247 16.68 -2.94 6.77
CA ILE A 247 15.53 -2.27 7.38
C ILE A 247 14.39 -2.26 6.38
N ARG A 248 14.71 -1.94 5.13
CA ARG A 248 13.65 -1.82 4.11
C ARG A 248 13.01 -3.18 3.85
N LYS A 249 13.80 -4.22 3.69
CA LYS A 249 13.17 -5.53 3.45
C LYS A 249 12.40 -5.96 4.72
N ALA A 250 12.93 -5.63 5.90
CA ALA A 250 12.22 -6.03 7.12
C ALA A 250 10.88 -5.32 7.22
N LYS A 251 10.78 -4.13 6.65
CA LYS A 251 9.52 -3.38 6.76
C LYS A 251 8.51 -3.90 5.75
N ASP A 252 9.00 -4.14 4.51
CA ASP A 252 8.11 -4.65 3.48
C ASP A 252 7.43 -5.95 3.96
N ASP A 253 8.18 -6.80 4.68
CA ASP A 253 7.66 -8.10 5.09
C ASP A 253 7.12 -8.11 6.53
N PHE A 254 6.83 -6.91 7.07
CA PHE A 254 6.36 -6.75 8.47
C PHE A 254 4.83 -7.00 8.54
N MET B 1 -23.83 -20.05 6.70
CA MET B 1 -22.89 -19.21 7.51
C MET B 1 -23.02 -17.73 7.09
N GLN B 2 -22.85 -16.82 8.03
CA GLN B 2 -22.92 -15.42 7.69
C GLN B 2 -21.49 -14.89 7.74
N ILE B 3 -21.14 -14.07 6.76
CA ILE B 3 -19.82 -13.41 6.66
C ILE B 3 -20.08 -11.89 6.66
N GLU B 4 -19.43 -11.21 7.61
CA GLU B 4 -19.59 -9.76 7.79
C GLU B 4 -18.25 -9.06 7.64
N LEU B 5 -18.14 -8.18 6.65
CA LEU B 5 -16.88 -7.43 6.41
C LEU B 5 -16.54 -6.53 7.63
N VAL B 6 -15.28 -6.52 8.02
CA VAL B 6 -14.83 -5.69 9.13
C VAL B 6 -13.65 -4.84 8.67
N PRO B 7 -13.95 -3.65 8.09
CA PRO B 7 -12.86 -2.80 7.63
C PRO B 7 -12.03 -2.41 8.85
N CYS B 8 -10.70 -2.60 8.74
CA CYS B 8 -9.78 -2.29 9.81
C CYS B 8 -8.62 -1.53 9.18
N LEU B 9 -7.94 -0.74 10.01
CA LEU B 9 -6.80 0.06 9.55
C LEU B 9 -7.25 0.89 8.33
N LYS B 10 -6.44 0.91 7.29
CA LYS B 10 -6.68 1.74 6.12
C LYS B 10 -7.50 1.04 5.05
N ASP B 11 -7.04 -0.13 4.65
CA ASP B 11 -7.72 -0.86 3.61
C ASP B 11 -7.74 -2.36 3.80
N ASN B 12 -7.57 -2.79 5.07
CA ASN B 12 -7.62 -4.18 5.41
C ASN B 12 -9.10 -4.61 5.79
N TYR B 13 -9.50 -5.82 5.39
CA TYR B 13 -10.78 -6.37 5.83
C TYR B 13 -10.56 -7.49 6.81
N ALA B 14 -11.44 -7.56 7.82
CA ALA B 14 -11.52 -8.66 8.79
C ALA B 14 -12.81 -9.37 8.43
N TYR B 15 -12.93 -10.65 8.80
CA TYR B 15 -14.12 -11.39 8.45
C TYR B 15 -14.70 -12.11 9.65
N ILE B 16 -15.81 -11.57 10.14
CA ILE B 16 -16.46 -12.22 11.28
C ILE B 16 -17.47 -13.21 10.69
N LEU B 17 -17.28 -14.52 10.99
CA LEU B 17 -18.18 -15.52 10.46
C LEU B 17 -19.07 -16.00 11.61
N HIS B 18 -20.36 -15.72 11.51
CA HIS B 18 -21.30 -16.16 12.55
C HIS B 18 -22.08 -17.46 12.14
N ASP B 19 -21.99 -18.54 12.93
CA ASP B 19 -22.80 -19.73 12.64
C ASP B 19 -24.18 -19.53 13.31
N GLU B 20 -25.25 -19.52 12.51
CA GLU B 20 -26.60 -19.29 13.02
C GLU B 20 -27.01 -20.35 14.04
N ASP B 21 -26.97 -21.62 13.62
CA ASP B 21 -27.36 -22.75 14.46
C ASP B 21 -26.76 -22.73 15.86
N THR B 22 -25.48 -22.40 15.99
CA THR B 22 -24.88 -22.42 17.31
C THR B 22 -24.43 -21.05 17.79
N GLY B 23 -24.41 -20.06 16.94
CA GLY B 23 -23.93 -18.82 17.53
C GLY B 23 -22.41 -18.86 17.68
N THR B 24 -21.76 -19.90 17.17
CA THR B 24 -20.28 -19.94 17.20
C THR B 24 -19.78 -18.77 16.32
N VAL B 25 -18.80 -18.02 16.78
CA VAL B 25 -18.27 -16.90 15.98
C VAL B 25 -16.77 -17.01 15.81
N GLY B 26 -16.29 -16.77 14.58
CA GLY B 26 -14.85 -16.77 14.35
C GLY B 26 -14.47 -15.46 13.68
N VAL B 27 -13.18 -15.06 13.73
CA VAL B 27 -12.77 -13.85 13.03
C VAL B 27 -11.51 -14.20 12.22
N VAL B 28 -11.53 -13.86 10.93
CA VAL B 28 -10.40 -14.09 10.05
C VAL B 28 -9.61 -12.80 9.97
N ASP B 29 -8.32 -12.91 10.26
CA ASP B 29 -7.38 -11.78 10.16
C ASP B 29 -7.76 -10.51 10.88
N PRO B 30 -7.85 -10.56 12.19
CA PRO B 30 -8.18 -9.37 12.99
C PRO B 30 -7.00 -8.41 13.01
N SER B 31 -6.96 -7.44 12.09
CA SER B 31 -5.87 -6.46 12.00
C SER B 31 -5.65 -5.72 13.30
N GLU B 32 -6.76 -5.39 13.96
CA GLU B 32 -6.76 -4.68 15.24
C GLU B 32 -7.95 -5.26 16.01
N ALA B 33 -7.79 -5.40 17.32
CA ALA B 33 -8.87 -5.95 18.12
C ALA B 33 -10.07 -5.01 18.24
N GLU B 34 -9.86 -3.69 18.27
CA GLU B 34 -10.96 -2.74 18.49
C GLU B 34 -12.18 -2.90 17.66
N PRO B 35 -12.01 -2.89 16.32
CA PRO B 35 -13.19 -3.05 15.46
C PRO B 35 -13.92 -4.39 15.63
N ILE B 36 -13.22 -5.45 16.02
CA ILE B 36 -13.85 -6.74 16.20
C ILE B 36 -14.70 -6.73 17.48
N ILE B 37 -14.12 -6.19 18.56
CA ILE B 37 -14.86 -6.06 19.82
C ILE B 37 -16.17 -5.26 19.60
N ASP B 38 -16.11 -4.17 18.87
CA ASP B 38 -17.32 -3.39 18.61
C ASP B 38 -18.44 -4.23 18.03
N SER B 39 -18.16 -4.99 16.95
CA SER B 39 -19.23 -5.79 16.34
C SER B 39 -19.74 -6.88 17.23
N LEU B 40 -18.84 -7.38 18.08
CA LEU B 40 -19.19 -8.41 19.05
C LEU B 40 -19.99 -7.81 20.22
N LYS B 41 -19.64 -6.60 20.67
CA LYS B 41 -20.38 -5.97 21.78
C LYS B 41 -21.77 -5.56 21.33
N ARG B 42 -21.81 -4.90 20.18
CA ARG B 42 -23.07 -4.43 19.61
C ARG B 42 -24.06 -5.59 19.52
N SER B 43 -23.66 -6.67 18.83
CA SER B 43 -24.52 -7.85 18.68
C SER B 43 -24.51 -8.75 19.93
N GLY B 44 -23.73 -8.36 20.93
CA GLY B 44 -23.67 -9.15 22.14
C GLY B 44 -23.29 -10.60 21.88
N ARG B 45 -22.11 -10.82 21.29
CA ARG B 45 -21.66 -12.18 21.01
C ARG B 45 -20.23 -12.40 21.58
N ASN B 46 -19.84 -13.66 21.80
CA ASN B 46 -18.49 -13.94 22.32
C ASN B 46 -17.73 -14.54 21.13
N LEU B 47 -16.41 -14.39 21.11
CA LEU B 47 -15.58 -14.87 20.02
C LEU B 47 -15.04 -16.28 20.31
N THR B 48 -15.25 -17.25 19.42
CA THR B 48 -14.78 -18.60 19.67
C THR B 48 -13.40 -18.89 19.08
N TYR B 49 -13.21 -18.38 17.86
CA TYR B 49 -11.98 -18.66 17.12
C TYR B 49 -11.36 -17.46 16.40
N ILE B 50 -10.06 -17.41 16.38
CA ILE B 50 -9.32 -16.40 15.60
C ILE B 50 -8.73 -17.20 14.45
N LEU B 51 -8.87 -16.69 13.20
CA LEU B 51 -8.30 -17.39 12.03
C LEU B 51 -7.30 -16.44 11.38
N ASN B 52 -6.14 -17.00 10.97
CA ASN B 52 -5.12 -16.20 10.33
C ASN B 52 -4.69 -16.82 8.97
N THR B 53 -4.53 -15.94 7.97
CA THR B 53 -4.06 -16.41 6.65
C THR B 53 -2.49 -16.32 6.55
N HIS B 54 -1.91 -15.34 7.29
CA HIS B 54 -0.45 -15.17 7.27
C HIS B 54 0.03 -14.22 8.39
N HIS B 55 1.33 -14.21 8.65
CA HIS B 55 1.89 -13.55 9.84
C HIS B 55 1.93 -12.05 9.96
N HIS B 56 1.91 -11.39 8.80
CA HIS B 56 2.07 -9.96 8.76
C HIS B 56 1.23 -9.30 9.83
N TYR B 57 1.76 -8.21 10.37
CA TYR B 57 1.13 -7.50 11.46
C TYR B 57 -0.26 -6.99 11.14
N ASP B 58 -0.50 -6.65 9.85
CA ASP B 58 -1.81 -6.14 9.51
C ASP B 58 -2.91 -7.22 9.40
N HIS B 59 -2.60 -8.47 9.77
CA HIS B 59 -3.57 -9.56 9.80
C HIS B 59 -3.69 -10.18 11.19
N THR B 60 -2.64 -10.03 12.01
CA THR B 60 -2.59 -10.63 13.35
C THR B 60 -2.57 -9.61 14.49
N GLY B 61 -2.63 -8.34 14.14
CA GLY B 61 -2.52 -7.31 15.18
C GLY B 61 -3.53 -7.43 16.31
N GLY B 62 -4.67 -8.03 16.01
CA GLY B 62 -5.72 -8.17 17.02
C GLY B 62 -5.65 -9.45 17.83
N ASN B 63 -4.86 -10.44 17.39
CA ASN B 63 -4.80 -11.76 18.03
C ASN B 63 -4.71 -11.79 19.55
N LEU B 64 -3.65 -11.16 20.08
CA LEU B 64 -3.40 -11.24 21.52
C LEU B 64 -4.54 -10.67 22.34
N GLU B 65 -5.00 -9.50 21.98
CA GLU B 65 -6.04 -8.89 22.76
C GLU B 65 -7.33 -9.74 22.71
N LEU B 66 -7.64 -10.21 21.50
CA LEU B 66 -8.85 -10.99 21.32
C LEU B 66 -8.72 -12.33 22.01
N LYS B 67 -7.53 -12.96 21.94
CA LYS B 67 -7.37 -14.25 22.57
C LYS B 67 -7.55 -14.04 24.09
N ASP B 68 -7.00 -12.95 24.61
CA ASP B 68 -7.13 -12.73 26.05
C ASP B 68 -8.57 -12.41 26.48
N ARG B 69 -9.13 -11.33 25.93
CA ARG B 69 -10.46 -10.93 26.32
C ARG B 69 -11.52 -12.01 26.13
N TYR B 70 -11.37 -12.82 25.09
CA TYR B 70 -12.39 -13.82 24.86
C TYR B 70 -12.05 -15.25 25.18
N GLY B 71 -10.77 -15.52 25.38
CA GLY B 71 -10.34 -16.90 25.53
C GLY B 71 -10.60 -17.66 24.22
N ALA B 72 -10.50 -16.98 23.07
CA ALA B 72 -10.74 -17.61 21.74
C ALA B 72 -9.51 -18.48 21.35
N LYS B 73 -9.70 -19.48 20.48
CA LYS B 73 -8.61 -20.35 20.06
C LYS B 73 -8.09 -19.76 18.74
N VAL B 74 -6.77 -19.62 18.65
CA VAL B 74 -6.10 -19.10 17.43
C VAL B 74 -5.71 -20.30 16.57
N ILE B 75 -6.28 -20.30 15.36
CA ILE B 75 -6.10 -21.36 14.37
C ILE B 75 -5.23 -20.81 13.20
N GLY B 76 -4.08 -21.43 12.97
CA GLY B 76 -3.22 -20.95 11.90
C GLY B 76 -2.32 -22.01 11.29
N SER B 77 -1.53 -21.57 10.33
CA SER B 77 -0.66 -22.45 9.59
C SER B 77 0.46 -23.06 10.45
N ALA B 78 0.58 -24.38 10.38
CA ALA B 78 1.65 -25.10 11.09
C ALA B 78 3.00 -24.57 10.59
N MET B 79 3.22 -24.57 9.27
CA MET B 79 4.49 -24.10 8.74
C MET B 79 4.91 -22.76 9.33
N ASP B 80 3.95 -21.95 9.78
CA ASP B 80 4.18 -20.63 10.38
C ASP B 80 4.03 -20.60 11.90
N LYS B 81 4.37 -21.71 12.55
CA LYS B 81 4.24 -21.82 13.99
C LYS B 81 4.76 -20.64 14.79
N ASP B 82 6.04 -20.37 14.62
CA ASP B 82 6.74 -19.34 15.36
C ASP B 82 6.41 -17.94 14.94
N ARG B 83 5.36 -17.76 14.11
CA ARG B 83 5.01 -16.41 13.64
C ARG B 83 3.55 -15.97 13.77
N ILE B 84 2.68 -16.85 14.27
CA ILE B 84 1.31 -16.48 14.45
C ILE B 84 1.12 -16.28 15.97
N PRO B 85 0.72 -15.07 16.39
CA PRO B 85 0.55 -14.88 17.83
C PRO B 85 -0.40 -15.88 18.50
N GLY B 86 0.12 -16.46 19.57
CA GLY B 86 -0.60 -17.40 20.44
C GLY B 86 -1.36 -18.49 19.74
N ILE B 87 -0.78 -19.01 18.67
CA ILE B 87 -1.45 -20.05 17.91
C ILE B 87 -1.71 -21.30 18.77
N ASP B 88 -2.98 -21.78 18.71
CA ASP B 88 -3.42 -22.97 19.45
C ASP B 88 -3.50 -24.23 18.59
N MET B 89 -4.11 -24.07 17.42
CA MET B 89 -4.31 -25.16 16.48
C MET B 89 -3.52 -24.91 15.26
N ALA B 90 -2.68 -25.87 14.88
CA ALA B 90 -1.87 -25.73 13.70
C ALA B 90 -2.60 -26.45 12.57
N LEU B 91 -2.53 -25.85 11.36
CA LEU B 91 -3.21 -26.36 10.16
C LEU B 91 -2.23 -26.68 9.01
N LYS B 92 -2.39 -27.90 8.44
CA LYS B 92 -1.51 -28.32 7.40
C LYS B 92 -2.20 -28.29 6.07
N ASP B 93 -1.41 -28.23 5.00
CA ASP B 93 -1.99 -28.26 3.67
C ASP B 93 -2.97 -29.44 3.52
N GLY B 94 -4.15 -29.11 3.04
CA GLY B 94 -5.18 -30.11 2.85
C GLY B 94 -5.88 -30.57 4.12
N ASP B 95 -5.54 -30.01 5.30
CA ASP B 95 -6.29 -30.39 6.51
C ASP B 95 -7.75 -29.92 6.43
N LYS B 96 -8.62 -30.65 7.14
CA LYS B 96 -10.01 -30.31 7.30
C LYS B 96 -10.11 -29.84 8.76
N TRP B 97 -10.89 -28.78 9.02
CA TRP B 97 -11.07 -28.27 10.35
C TRP B 97 -12.53 -27.84 10.48
N MET B 98 -13.14 -28.10 11.64
CA MET B 98 -14.55 -27.78 11.86
C MET B 98 -14.81 -26.50 12.64
N PHE B 99 -15.51 -25.57 11.99
CA PHE B 99 -15.92 -24.32 12.63
C PHE B 99 -17.40 -24.57 13.05
N ALA B 100 -17.63 -25.21 14.22
CA ALA B 100 -18.98 -25.54 14.65
C ALA B 100 -19.63 -26.48 13.68
N GLY B 101 -18.97 -27.57 13.34
CA GLY B 101 -19.70 -28.44 12.43
C GLY B 101 -19.76 -28.09 10.96
N HIS B 102 -18.91 -27.13 10.57
CA HIS B 102 -18.79 -26.71 9.17
C HIS B 102 -17.39 -27.09 8.63
N GLU B 103 -17.35 -27.69 7.45
CA GLU B 103 -16.10 -28.10 6.86
C GLU B 103 -15.24 -26.93 6.36
N VAL B 104 -14.01 -26.87 6.85
CA VAL B 104 -13.05 -25.88 6.35
C VAL B 104 -11.84 -26.69 5.88
N HIS B 105 -11.39 -26.44 4.65
CA HIS B 105 -10.22 -27.13 4.07
C HIS B 105 -9.06 -26.19 3.94
N VAL B 106 -7.97 -26.54 4.60
CA VAL B 106 -6.77 -25.71 4.61
C VAL B 106 -6.06 -25.77 3.25
N MET B 107 -5.75 -24.58 2.70
CA MET B 107 -5.04 -24.50 1.42
C MET B 107 -3.72 -23.75 1.51
N ASP B 108 -2.63 -24.48 1.62
CA ASP B 108 -1.33 -23.83 1.61
C ASP B 108 -1.25 -22.99 0.31
N THR B 109 -0.88 -21.71 0.44
CA THR B 109 -0.81 -20.82 -0.71
C THR B 109 0.36 -19.83 -0.57
N PRO B 110 1.59 -20.35 -0.68
CA PRO B 110 2.82 -19.55 -0.59
C PRO B 110 2.89 -18.52 -1.70
N GLY B 111 3.58 -17.43 -1.42
CA GLY B 111 3.79 -16.39 -2.43
C GLY B 111 4.12 -15.13 -1.68
N HIS B 112 3.08 -14.54 -1.12
CA HIS B 112 3.22 -13.29 -0.36
C HIS B 112 4.13 -13.73 0.82
N THR B 113 3.70 -14.70 1.62
CA THR B 113 4.65 -15.19 2.61
C THR B 113 4.85 -16.67 2.34
N LYS B 114 5.89 -17.28 2.94
CA LYS B 114 6.12 -18.72 2.78
C LYS B 114 5.21 -19.52 3.78
N GLY B 115 4.41 -18.80 4.56
CA GLY B 115 3.52 -19.40 5.53
C GLY B 115 2.04 -19.11 5.25
N HIS B 116 1.77 -18.31 4.25
CA HIS B 116 0.41 -17.96 3.89
C HIS B 116 -0.37 -19.23 3.58
N ILE B 117 -1.64 -19.22 3.98
CA ILE B 117 -2.68 -20.27 3.79
C ILE B 117 -4.02 -19.56 3.43
N SER B 118 -4.88 -20.28 2.71
CA SER B 118 -6.20 -19.80 2.35
C SER B 118 -7.15 -20.85 2.99
N LEU B 119 -8.35 -20.40 3.33
CA LEU B 119 -9.31 -21.22 4.03
C LEU B 119 -10.56 -21.35 3.17
N TYR B 120 -10.87 -22.56 2.72
CA TYR B 120 -12.03 -22.84 1.86
C TYR B 120 -13.19 -23.43 2.67
N PHE B 121 -14.37 -22.82 2.52
CA PHE B 121 -15.63 -23.23 3.23
C PHE B 121 -16.54 -23.69 2.06
N PRO B 122 -16.43 -24.97 1.65
CA PRO B 122 -17.25 -25.46 0.53
C PRO B 122 -18.75 -25.29 0.80
N GLY B 123 -19.12 -25.46 2.07
CA GLY B 123 -20.51 -25.32 2.45
C GLY B 123 -21.12 -23.96 2.17
N SER B 124 -20.23 -22.95 2.13
CA SER B 124 -20.68 -21.61 1.91
C SER B 124 -20.17 -21.09 0.55
N ARG B 125 -19.54 -21.96 -0.25
CA ARG B 125 -18.98 -21.53 -1.55
C ARG B 125 -18.16 -20.24 -1.31
N ALA B 126 -17.31 -20.26 -0.29
CA ALA B 126 -16.48 -19.10 0.05
C ALA B 126 -15.08 -19.48 0.38
N ILE B 127 -14.12 -18.65 -0.10
CA ILE B 127 -12.74 -18.91 0.27
C ILE B 127 -12.07 -17.61 0.80
N PHE B 128 -11.27 -17.74 1.87
CA PHE B 128 -10.52 -16.59 2.42
C PHE B 128 -9.09 -16.73 1.94
N THR B 129 -8.67 -15.76 1.08
CA THR B 129 -7.38 -15.83 0.41
C THR B 129 -6.35 -14.85 0.97
N GLY B 130 -6.71 -14.10 2.02
CA GLY B 130 -5.76 -13.16 2.59
C GLY B 130 -5.13 -12.24 1.54
N ASP B 131 -3.76 -12.30 1.46
CA ASP B 131 -3.05 -11.47 0.50
C ASP B 131 -2.49 -12.27 -0.68
N THR B 132 -2.96 -13.54 -0.80
CA THR B 132 -2.55 -14.33 -1.93
C THR B 132 -3.27 -13.79 -3.16
N MET B 133 -4.62 -13.79 -3.15
CA MET B 133 -5.33 -13.25 -4.31
C MET B 133 -6.27 -12.13 -3.87
N PHE B 134 -6.18 -10.98 -4.55
CA PHE B 134 -7.08 -9.84 -4.29
C PHE B 134 -8.01 -9.77 -5.51
N SER B 135 -8.88 -8.75 -5.57
CA SER B 135 -9.66 -8.56 -6.80
C SER B 135 -8.77 -7.84 -7.81
N LEU B 136 -8.43 -8.54 -8.89
CA LEU B 136 -7.59 -8.02 -9.97
C LEU B 136 -6.11 -7.97 -9.70
N SER B 137 -5.62 -8.73 -8.68
CA SER B 137 -4.16 -8.73 -8.46
C SER B 137 -3.83 -9.88 -7.50
N CYS B 138 -2.56 -9.99 -7.16
CA CYS B 138 -2.14 -10.99 -6.18
C CYS B 138 -1.23 -10.25 -5.22
N GLY B 139 -0.84 -10.87 -4.12
CA GLY B 139 0.02 -10.17 -3.19
C GLY B 139 1.43 -9.95 -3.71
N LYS B 140 2.13 -8.96 -3.14
CA LYS B 140 3.54 -8.82 -3.52
C LYS B 140 4.25 -10.01 -2.89
N LEU B 141 5.39 -10.42 -3.54
CA LEU B 141 6.11 -11.61 -3.12
C LEU B 141 7.21 -11.30 -2.10
N PHE B 142 6.78 -10.85 -0.92
CA PHE B 142 7.75 -10.45 0.12
C PHE B 142 8.54 -11.64 0.71
N GLU B 143 8.22 -12.87 0.25
CA GLU B 143 8.90 -14.07 0.69
C GLU B 143 8.96 -15.22 -0.31
N GLY B 144 8.00 -15.31 -1.24
CA GLY B 144 7.97 -16.47 -2.12
C GLY B 144 8.36 -16.10 -3.49
N THR B 145 8.31 -17.11 -4.38
CA THR B 145 8.68 -16.94 -5.75
C THR B 145 7.47 -16.89 -6.67
N PRO B 146 7.65 -16.33 -7.87
CA PRO B 146 6.56 -16.26 -8.84
C PRO B 146 6.02 -17.65 -9.05
N LYS B 147 6.88 -18.67 -8.92
CA LYS B 147 6.43 -20.04 -9.12
C LYS B 147 5.36 -20.44 -8.07
N GLN B 148 5.68 -20.21 -6.79
CA GLN B 148 4.74 -20.56 -5.70
C GLN B 148 3.44 -19.75 -5.85
N MET B 149 3.57 -18.47 -6.20
CA MET B 149 2.33 -17.67 -6.32
C MET B 149 1.44 -18.20 -7.46
N LEU B 150 2.05 -18.48 -8.61
CA LEU B 150 1.28 -19.00 -9.73
C LEU B 150 0.60 -20.29 -9.28
N ALA B 151 1.33 -21.18 -8.59
CA ALA B 151 0.72 -22.43 -8.14
C ALA B 151 -0.38 -22.14 -7.13
N SER B 152 -0.12 -21.22 -6.21
CA SER B 152 -1.13 -20.88 -5.20
C SER B 152 -2.36 -20.31 -5.90
N LEU B 153 -2.16 -19.43 -6.90
CA LEU B 153 -3.29 -18.88 -7.60
C LEU B 153 -3.98 -19.99 -8.40
N GLN B 154 -3.22 -21.01 -8.79
CA GLN B 154 -3.80 -22.14 -9.51
C GLN B 154 -4.81 -22.91 -8.61
N LYS B 155 -4.39 -23.30 -7.42
CA LYS B 155 -5.32 -24.02 -6.52
C LYS B 155 -6.60 -23.23 -6.26
N ILE B 156 -6.46 -21.92 -6.33
CA ILE B 156 -7.58 -21.07 -6.12
C ILE B 156 -8.60 -21.17 -7.25
N THR B 157 -8.20 -20.79 -8.47
CA THR B 157 -9.13 -20.77 -9.59
C THR B 157 -9.60 -22.18 -9.98
N SER B 158 -9.02 -23.21 -9.34
CA SER B 158 -9.49 -24.59 -9.58
C SER B 158 -10.84 -24.81 -8.91
N LEU B 159 -11.15 -24.04 -7.87
CA LEU B 159 -12.46 -24.14 -7.18
C LEU B 159 -13.60 -23.70 -8.15
N PRO B 160 -14.85 -24.03 -7.81
CA PRO B 160 -15.95 -23.64 -8.73
C PRO B 160 -16.02 -22.15 -9.04
N ASP B 161 -16.38 -21.83 -10.28
CA ASP B 161 -16.43 -20.42 -10.65
C ASP B 161 -17.31 -19.56 -9.74
N ASP B 162 -18.36 -20.14 -9.14
CA ASP B 162 -19.26 -19.37 -8.30
C ASP B 162 -18.73 -19.24 -6.87
N THR B 163 -17.46 -19.59 -6.66
CA THR B 163 -16.88 -19.46 -5.35
C THR B 163 -16.55 -17.97 -5.07
N SER B 164 -16.99 -17.46 -3.92
CA SER B 164 -16.71 -16.09 -3.49
C SER B 164 -15.34 -16.06 -2.78
N ILE B 165 -14.39 -15.27 -3.28
CA ILE B 165 -13.07 -15.15 -2.65
C ILE B 165 -13.20 -13.95 -1.76
N TYR B 166 -12.86 -14.13 -0.47
CA TYR B 166 -12.92 -13.05 0.53
C TYR B 166 -11.47 -12.72 0.91
N CYS B 167 -10.96 -11.54 0.53
CA CYS B 167 -9.56 -11.23 0.88
C CYS B 167 -9.60 -10.00 1.66
N GLY B 168 -8.90 -10.00 2.79
CA GLY B 168 -8.96 -8.81 3.60
C GLY B 168 -8.14 -7.62 3.17
N HIS B 169 -8.19 -7.23 1.88
CA HIS B 169 -7.53 -6.03 1.40
C HIS B 169 -8.21 -5.25 0.28
N GLU B 170 -8.93 -4.16 0.61
CA GLU B 170 -9.59 -3.35 -0.44
C GLU B 170 -8.45 -2.74 -1.25
N TYR B 171 -8.14 -3.37 -2.38
CA TYR B 171 -7.11 -2.92 -3.30
C TYR B 171 -7.62 -2.83 -4.75
N THR B 172 -8.90 -3.15 -4.97
CA THR B 172 -9.43 -3.24 -6.32
C THR B 172 -9.41 -1.97 -7.18
N LEU B 173 -9.74 -0.82 -6.60
CA LEU B 173 -9.72 0.35 -7.47
C LEU B 173 -8.32 0.51 -8.11
N SER B 174 -7.27 0.67 -7.33
CA SER B 174 -5.93 0.80 -7.98
C SER B 174 -5.60 -0.42 -8.83
N ASN B 175 -6.00 -1.63 -8.38
CA ASN B 175 -5.74 -2.85 -9.14
C ASN B 175 -6.26 -2.71 -10.60
N SER B 176 -7.41 -2.07 -10.76
CA SER B 176 -7.99 -1.92 -12.10
C SER B 176 -7.22 -0.87 -12.84
N LYS B 177 -6.59 0.04 -12.13
CA LYS B 177 -5.85 1.06 -12.86
C LYS B 177 -4.80 0.35 -13.73
N PHE B 178 -4.05 -0.54 -13.10
CA PHE B 178 -3.01 -1.27 -13.81
C PHE B 178 -3.70 -2.32 -14.68
N ALA B 179 -4.79 -2.90 -14.22
CA ALA B 179 -5.41 -3.89 -15.05
C ALA B 179 -5.81 -3.29 -16.38
N LEU B 180 -6.40 -2.12 -16.38
CA LEU B 180 -6.85 -1.55 -17.67
C LEU B 180 -5.72 -1.11 -18.55
N SER B 181 -4.57 -0.90 -17.94
CA SER B 181 -3.37 -0.48 -18.68
C SER B 181 -2.88 -1.63 -19.59
N LEU B 182 -3.09 -2.89 -19.18
CA LEU B 182 -2.66 -4.07 -19.95
C LEU B 182 -3.67 -4.53 -20.98
N GLU B 183 -4.93 -4.59 -20.58
CA GLU B 183 -6.01 -5.06 -21.47
C GLU B 183 -7.03 -3.94 -21.77
N PRO B 184 -6.56 -2.91 -22.48
CA PRO B 184 -7.40 -1.78 -22.82
C PRO B 184 -8.59 -2.04 -23.72
N ASN B 185 -8.98 -3.29 -23.87
CA ASN B 185 -10.14 -3.58 -24.69
C ASN B 185 -10.90 -4.80 -24.16
N ASN B 186 -10.65 -5.17 -22.89
CA ASN B 186 -11.30 -6.32 -22.26
C ASN B 186 -12.71 -5.84 -21.82
N GLU B 187 -13.73 -6.36 -22.48
CA GLU B 187 -15.11 -5.95 -22.21
C GLU B 187 -15.53 -6.22 -20.78
N VAL B 188 -15.28 -7.42 -20.29
CA VAL B 188 -15.71 -7.73 -18.92
C VAL B 188 -14.90 -6.87 -17.93
N LEU B 189 -13.60 -6.75 -18.16
CA LEU B 189 -12.77 -5.93 -17.25
C LEU B 189 -13.24 -4.47 -17.25
N GLN B 190 -13.45 -3.89 -18.45
CA GLN B 190 -13.94 -2.53 -18.47
C GLN B 190 -15.24 -2.46 -17.65
N SER B 191 -16.10 -3.46 -17.82
CA SER B 191 -17.38 -3.44 -17.12
C SER B 191 -17.13 -3.52 -15.62
N TYR B 192 -16.36 -4.51 -15.22
CA TYR B 192 -16.10 -4.64 -13.80
C TYR B 192 -15.37 -3.43 -13.21
N ALA B 193 -14.42 -2.87 -13.93
CA ALA B 193 -13.69 -1.70 -13.42
C ALA B 193 -14.69 -0.58 -13.19
N ALA B 194 -15.59 -0.37 -14.16
CA ALA B 194 -16.55 0.71 -13.98
C ALA B 194 -17.43 0.47 -12.73
N HIS B 195 -17.79 -0.79 -12.50
CA HIS B 195 -18.63 -1.21 -11.34
C HIS B 195 -17.82 -0.97 -10.05
N VAL B 196 -16.53 -1.29 -10.11
CA VAL B 196 -15.60 -1.08 -8.99
C VAL B 196 -15.51 0.40 -8.61
N ALA B 197 -15.26 1.30 -9.55
CA ALA B 197 -15.19 2.73 -9.20
C ALA B 197 -16.57 3.21 -8.77
N GLU B 198 -17.62 2.68 -9.37
CA GLU B 198 -18.99 3.11 -8.96
C GLU B 198 -19.22 2.75 -7.49
N LEU B 199 -18.64 1.64 -7.02
CA LEU B 199 -18.79 1.24 -5.62
C LEU B 199 -17.88 2.10 -4.77
N ARG B 200 -16.60 2.21 -5.16
CA ARG B 200 -15.67 3.00 -4.34
C ARG B 200 -16.11 4.46 -4.27
N SER B 201 -16.80 4.97 -5.30
CA SER B 201 -17.30 6.37 -5.22
C SER B 201 -18.37 6.48 -4.15
N LYS B 202 -19.02 5.34 -3.84
CA LYS B 202 -20.06 5.31 -2.81
C LYS B 202 -19.54 4.76 -1.47
N LYS B 203 -18.23 4.71 -1.34
CA LYS B 203 -17.59 4.22 -0.13
C LYS B 203 -17.97 2.82 0.25
N LEU B 204 -18.22 1.99 -0.77
CA LEU B 204 -18.59 0.61 -0.52
C LEU B 204 -17.45 -0.34 -0.90
N PRO B 205 -17.34 -1.45 -0.17
CA PRO B 205 -16.29 -2.47 -0.44
C PRO B 205 -16.57 -3.07 -1.83
N THR B 206 -15.53 -3.64 -2.44
CA THR B 206 -15.67 -4.32 -3.72
C THR B 206 -15.48 -5.82 -3.56
N ILE B 207 -15.45 -6.26 -2.29
CA ILE B 207 -15.17 -7.65 -1.94
C ILE B 207 -16.46 -8.15 -1.22
N PRO B 208 -16.90 -9.39 -1.45
CA PRO B 208 -16.29 -10.42 -2.29
C PRO B 208 -16.30 -10.27 -3.79
N THR B 209 -15.35 -10.98 -4.39
CA THR B 209 -15.29 -11.16 -5.83
C THR B 209 -15.56 -12.67 -6.07
N THR B 210 -15.45 -13.12 -7.31
CA THR B 210 -15.67 -14.55 -7.55
C THR B 210 -14.56 -15.16 -8.40
N VAL B 211 -14.38 -16.47 -8.28
CA VAL B 211 -13.37 -17.16 -9.11
C VAL B 211 -13.62 -16.88 -10.60
N LYS B 212 -14.89 -16.86 -11.00
CA LYS B 212 -15.18 -16.63 -12.41
C LYS B 212 -14.78 -15.21 -12.86
N MET B 213 -15.11 -14.21 -12.05
CA MET B 213 -14.77 -12.83 -12.37
C MET B 213 -13.25 -12.67 -12.45
N GLU B 214 -12.52 -13.27 -11.48
CA GLU B 214 -11.06 -13.07 -11.47
C GLU B 214 -10.42 -13.80 -12.64
N LYS B 215 -10.94 -14.98 -13.00
CA LYS B 215 -10.39 -15.67 -14.16
C LYS B 215 -10.58 -14.79 -15.40
N ALA B 216 -11.68 -14.04 -15.45
CA ALA B 216 -11.98 -13.20 -16.60
C ALA B 216 -11.24 -11.85 -16.64
N CYS B 217 -10.83 -11.37 -15.47
CA CYS B 217 -10.24 -10.06 -15.37
C CYS B 217 -8.88 -9.84 -14.74
N ASN B 218 -8.48 -10.74 -13.84
CA ASN B 218 -7.23 -10.59 -13.05
C ASN B 218 -6.04 -10.88 -13.96
N PRO B 219 -5.11 -9.92 -14.09
CA PRO B 219 -3.97 -10.18 -15.00
C PRO B 219 -3.14 -11.35 -14.57
N PHE B 220 -2.99 -11.55 -13.22
CA PHE B 220 -2.14 -12.61 -12.76
C PHE B 220 -2.70 -14.01 -13.06
N LEU B 221 -4.00 -14.06 -13.43
CA LEU B 221 -4.62 -15.33 -13.80
C LEU B 221 -4.75 -15.40 -15.33
N ARG B 222 -4.10 -14.47 -16.03
CA ARG B 222 -4.21 -14.38 -17.49
C ARG B 222 -2.85 -14.13 -18.14
N SER B 223 -1.82 -14.73 -17.53
CA SER B 223 -0.44 -14.51 -17.95
C SER B 223 -0.08 -14.96 -19.38
N SER B 224 -0.92 -15.83 -19.97
CA SER B 224 -0.69 -16.28 -21.35
C SER B 224 -1.55 -15.51 -22.33
N ASN B 225 -2.16 -14.42 -21.83
CA ASN B 225 -2.99 -13.56 -22.65
C ASN B 225 -2.20 -12.80 -23.71
N THR B 226 -2.77 -12.72 -24.89
CA THR B 226 -2.12 -11.98 -25.94
C THR B 226 -1.72 -10.56 -25.63
N ASP B 227 -2.70 -9.67 -25.43
CA ASP B 227 -2.41 -8.26 -25.16
C ASP B 227 -1.46 -8.07 -23.97
N ILE B 228 -1.67 -8.87 -22.92
CA ILE B 228 -0.81 -8.78 -21.73
C ILE B 228 0.64 -9.06 -22.04
N ARG B 229 0.93 -10.17 -22.74
CA ARG B 229 2.29 -10.46 -23.08
C ARG B 229 2.89 -9.45 -24.06
N ARG B 230 2.04 -8.82 -24.87
CA ARG B 230 2.53 -7.84 -25.81
C ARG B 230 2.90 -6.57 -25.04
N ALA B 231 2.02 -6.14 -24.15
CA ALA B 231 2.24 -4.91 -23.39
C ALA B 231 3.53 -4.94 -22.58
N LEU B 232 3.81 -6.09 -21.99
CA LEU B 232 4.99 -6.17 -21.12
C LEU B 232 6.25 -6.71 -21.82
N ARG B 233 6.12 -7.06 -23.11
CA ARG B 233 7.20 -7.57 -23.93
C ARG B 233 7.71 -8.89 -23.35
N ILE B 234 6.82 -9.79 -22.96
CA ILE B 234 7.26 -11.08 -22.47
C ILE B 234 7.17 -12.09 -23.63
N PRO B 235 8.25 -12.81 -23.90
CA PRO B 235 8.32 -13.81 -25.00
C PRO B 235 7.17 -14.80 -24.93
N GLU B 236 6.65 -15.18 -26.11
CA GLU B 236 5.47 -16.07 -26.10
C GLU B 236 5.78 -17.45 -25.49
N ALA B 237 7.02 -17.90 -25.63
CA ALA B 237 7.39 -19.21 -25.14
C ALA B 237 7.74 -19.25 -23.66
N ALA B 238 7.86 -18.09 -23.03
CA ALA B 238 8.18 -18.03 -21.63
C ALA B 238 7.14 -18.75 -20.77
N ASP B 239 7.59 -19.44 -19.72
CA ASP B 239 6.57 -20.13 -18.93
C ASP B 239 5.71 -19.14 -18.12
N GLU B 240 4.61 -19.65 -17.58
CA GLU B 240 3.67 -18.77 -16.86
C GLU B 240 4.25 -18.20 -15.57
N ALA B 241 5.17 -18.92 -14.94
CA ALA B 241 5.79 -18.37 -13.71
C ALA B 241 6.64 -17.19 -14.12
N GLU B 242 7.37 -17.31 -15.24
CA GLU B 242 8.22 -16.18 -15.66
C GLU B 242 7.31 -14.97 -16.01
N ALA B 243 6.24 -15.25 -16.74
CA ALA B 243 5.30 -14.22 -17.15
C ALA B 243 4.72 -13.52 -15.89
N LEU B 244 4.20 -14.30 -14.93
CA LEU B 244 3.63 -13.69 -13.71
C LEU B 244 4.71 -12.86 -13.00
N GLY B 245 5.96 -13.37 -13.00
CA GLY B 245 7.03 -12.65 -12.34
C GLY B 245 7.22 -11.27 -12.94
N ILE B 246 7.12 -11.14 -14.27
CA ILE B 246 7.33 -9.88 -14.92
C ILE B 246 6.07 -8.99 -14.71
N ILE B 247 4.88 -9.57 -14.75
CA ILE B 247 3.65 -8.82 -14.55
C ILE B 247 3.71 -8.20 -13.12
N ARG B 248 4.22 -8.98 -12.17
CA ARG B 248 4.28 -8.52 -10.78
C ARG B 248 5.26 -7.34 -10.74
N LYS B 249 6.48 -7.56 -11.16
CA LYS B 249 7.44 -6.43 -11.10
C LYS B 249 6.86 -5.17 -11.75
N ALA B 250 6.14 -5.37 -12.87
CA ALA B 250 5.51 -4.26 -13.55
C ALA B 250 4.45 -3.64 -12.64
N LYS B 251 3.72 -4.49 -11.89
CA LYS B 251 2.64 -3.96 -11.01
C LYS B 251 3.23 -3.09 -9.92
N ASP B 252 4.31 -3.58 -9.33
CA ASP B 252 4.95 -2.86 -8.26
C ASP B 252 5.38 -1.45 -8.69
N ASP B 253 5.99 -1.34 -9.89
CA ASP B 253 6.51 -0.08 -10.40
C ASP B 253 5.57 0.77 -11.27
N PHE B 254 4.27 0.45 -11.20
CA PHE B 254 3.30 1.20 -12.01
C PHE B 254 2.88 2.51 -11.34
ZN ZN C . 5.61 6.41 -6.72
FE FE D . 3.05 6.33 -3.78
C ACY E . 6.51 2.04 3.30
O ACY E . 7.43 2.05 4.05
OXT ACY E . 6.28 0.98 2.55
CH3 ACY E . 5.62 3.24 3.20
C1 PEG F . -5.07 18.09 17.72
O1 PEG F . -4.35 16.86 17.69
C2 PEG F . -5.97 18.30 16.48
O2 PEG F . -7.03 19.20 16.80
C3 PEG F . -7.85 19.39 15.67
C4 PEG F . -9.03 20.34 15.99
O4 PEG F . -10.08 19.68 16.71
ZN ZN G . 0.61 -9.54 4.38
FE FE H . -2.06 -7.46 4.34
C ACY I . -0.53 -5.04 -4.12
O ACY I . 0.21 -4.77 -5.02
OXT ACY I . -0.07 -5.06 -2.85
CH3 ACY I . -1.98 -5.34 -4.41
N MET A 1 3.74 31.71 0.39
CA MET A 1 2.98 30.69 -0.44
C MET A 1 2.01 29.83 0.41
N GLN A 2 0.80 29.63 -0.09
CA GLN A 2 -0.17 28.78 0.60
C GLN A 2 -0.01 27.35 0.06
N ILE A 3 0.08 26.36 0.95
CA ILE A 3 0.23 24.95 0.50
C ILE A 3 -1.08 24.23 0.84
N GLU A 4 -1.83 23.83 -0.17
CA GLU A 4 -3.10 23.16 0.10
C GLU A 4 -2.93 21.68 -0.03
N LEU A 5 -2.94 20.98 1.14
CA LEU A 5 -2.75 19.55 1.12
C LEU A 5 -4.08 19.00 0.75
N VAL A 6 -4.12 18.28 -0.37
CA VAL A 6 -5.35 17.66 -0.86
C VAL A 6 -5.23 16.14 -0.81
N PRO A 7 -5.99 15.49 0.07
CA PRO A 7 -5.94 14.02 0.15
C PRO A 7 -6.67 13.45 -1.09
N CYS A 8 -5.96 12.67 -1.88
CA CYS A 8 -6.53 12.14 -3.10
C CYS A 8 -6.50 10.64 -2.95
N LEU A 9 -7.29 9.99 -3.78
CA LEU A 9 -7.44 8.52 -3.80
C LEU A 9 -7.77 8.09 -2.39
N LYS A 10 -7.09 7.07 -1.87
CA LYS A 10 -7.36 6.52 -0.53
C LYS A 10 -6.26 6.89 0.45
N ASP A 11 -5.13 7.38 -0.07
CA ASP A 11 -4.02 7.72 0.80
C ASP A 11 -2.95 8.49 0.08
N ASN A 12 -3.34 9.23 -0.94
CA ASN A 12 -2.35 10.04 -1.65
C ASN A 12 -2.52 11.49 -1.28
N TYR A 13 -1.40 12.25 -1.30
CA TYR A 13 -1.52 13.67 -1.15
C TYR A 13 -0.97 14.36 -2.38
N ALA A 14 -1.81 15.20 -2.98
CA ALA A 14 -1.39 16.14 -4.05
C ALA A 14 -1.35 17.50 -3.31
N TYR A 15 -0.51 18.45 -3.75
CA TYR A 15 -0.47 19.73 -3.03
C TYR A 15 -0.78 20.87 -3.98
N ILE A 16 -1.80 21.67 -3.68
CA ILE A 16 -2.11 22.82 -4.54
C ILE A 16 -1.29 23.98 -4.05
N LEU A 17 -0.56 24.59 -4.99
CA LEU A 17 0.34 25.69 -4.70
C LEU A 17 -0.29 27.00 -5.17
N HIS A 18 -0.44 27.95 -4.25
CA HIS A 18 -1.07 29.26 -4.55
C HIS A 18 -0.16 30.38 -4.07
N ASP A 19 0.44 31.09 -5.02
CA ASP A 19 1.29 32.24 -4.67
C ASP A 19 0.35 33.27 -4.00
N GLU A 20 0.87 34.15 -3.14
CA GLU A 20 0.01 35.14 -2.50
C GLU A 20 0.08 36.52 -3.15
N ASP A 21 1.09 36.76 -4.00
CA ASP A 21 1.12 38.06 -4.63
C ASP A 21 0.53 38.01 -6.04
N THR A 22 0.66 36.87 -6.71
CA THR A 22 0.12 36.80 -8.07
C THR A 22 -1.12 35.98 -8.26
N GLY A 23 -1.34 34.99 -7.43
CA GLY A 23 -2.50 34.19 -7.77
C GLY A 23 -2.08 33.04 -8.72
N THR A 24 -0.78 32.86 -8.95
CA THR A 24 -0.33 31.72 -9.75
C THR A 24 -0.67 30.43 -8.98
N VAL A 25 -1.10 29.37 -9.68
CA VAL A 25 -1.45 28.09 -9.07
C VAL A 25 -0.65 26.99 -9.71
N GLY A 26 -0.82 25.77 -9.21
CA GLY A 26 -0.16 24.63 -9.80
C GLY A 26 -0.44 23.52 -8.83
N VAL A 27 -0.05 22.29 -9.14
CA VAL A 27 -0.29 21.16 -8.27
C VAL A 27 0.94 20.22 -8.34
N VAL A 28 1.28 19.64 -7.19
CA VAL A 28 2.39 18.70 -7.02
C VAL A 28 1.94 17.25 -6.83
N ASP A 29 1.87 16.54 -7.95
CA ASP A 29 1.53 15.10 -7.95
C ASP A 29 0.00 14.80 -7.99
N PRO A 30 -0.73 15.37 -8.96
CA PRO A 30 -2.19 15.18 -9.13
C PRO A 30 -2.49 13.70 -9.52
N SER A 31 -2.85 12.87 -8.54
CA SER A 31 -3.16 11.45 -8.76
C SER A 31 -4.32 11.26 -9.68
N GLU A 32 -5.31 12.12 -9.47
CA GLU A 32 -6.54 12.09 -10.25
C GLU A 32 -6.82 13.55 -10.56
N ALA A 33 -7.41 13.82 -11.72
CA ALA A 33 -7.70 15.19 -12.10
C ALA A 33 -8.84 15.77 -11.34
N GLU A 34 -9.95 15.03 -11.30
CA GLU A 34 -11.17 15.54 -10.68
C GLU A 34 -11.05 16.13 -9.27
N PRO A 35 -10.36 15.42 -8.38
CA PRO A 35 -10.15 15.85 -7.01
C PRO A 35 -9.45 17.18 -7.01
N ILE A 36 -8.71 17.50 -8.08
CA ILE A 36 -8.04 18.84 -8.12
C ILE A 36 -8.90 19.82 -8.89
N ILE A 37 -9.62 19.30 -9.86
CA ILE A 37 -10.54 20.15 -10.61
C ILE A 37 -11.49 20.86 -9.65
N ASP A 38 -12.14 20.09 -8.78
CA ASP A 38 -13.15 20.68 -7.88
C ASP A 38 -12.59 21.38 -6.71
N SER A 39 -11.35 21.03 -6.39
CA SER A 39 -10.67 21.61 -5.27
C SER A 39 -10.28 23.08 -5.58
N LEU A 40 -10.18 23.44 -6.86
CA LEU A 40 -9.83 24.78 -7.31
C LEU A 40 -11.10 25.65 -7.48
N LYS A 41 -12.18 25.02 -7.90
CA LYS A 41 -13.44 25.74 -8.07
C LYS A 41 -13.72 26.55 -6.81
N ARG A 42 -13.28 26.06 -5.66
CA ARG A 42 -13.54 26.75 -4.41
C ARG A 42 -12.86 28.10 -4.42
N SER A 43 -11.56 28.10 -4.65
CA SER A 43 -10.82 29.34 -4.67
C SER A 43 -11.06 30.09 -5.96
N GLY A 44 -11.77 29.44 -6.87
CA GLY A 44 -12.04 30.06 -8.14
C GLY A 44 -10.79 30.58 -8.84
N ARG A 45 -9.78 29.74 -9.02
CA ARG A 45 -8.54 30.14 -9.70
C ARG A 45 -8.18 29.16 -10.81
N ASN A 46 -7.38 29.63 -11.77
CA ASN A 46 -6.92 28.83 -12.92
C ASN A 46 -5.66 28.09 -12.46
N LEU A 47 -5.39 26.94 -13.09
CA LEU A 47 -4.19 26.11 -12.79
C LEU A 47 -3.03 26.44 -13.77
N THR A 48 -1.93 27.01 -13.26
CA THR A 48 -0.81 27.34 -14.14
C THR A 48 0.15 26.18 -14.45
N TYR A 49 0.46 25.40 -13.42
CA TYR A 49 1.45 24.32 -13.51
C TYR A 49 1.06 22.94 -12.95
N ILE A 50 1.86 21.95 -13.28
CA ILE A 50 1.69 20.61 -12.75
C ILE A 50 3.13 20.11 -12.67
N LEU A 51 3.61 19.99 -11.43
CA LEU A 51 4.98 19.52 -11.12
C LEU A 51 4.84 18.10 -10.62
N ASN A 52 5.65 17.19 -11.18
CA ASN A 52 5.57 15.80 -10.77
C ASN A 52 6.86 15.30 -10.17
N THR A 53 6.74 14.58 -9.05
CA THR A 53 7.93 14.01 -8.38
C THR A 53 8.35 12.65 -9.01
N HIS A 54 7.43 11.98 -9.68
CA HIS A 54 7.73 10.68 -10.31
C HIS A 54 6.51 10.09 -11.06
N HIS A 55 6.72 9.87 -12.36
CA HIS A 55 5.70 9.45 -13.28
C HIS A 55 4.71 8.45 -12.76
N HIS A 56 4.89 7.88 -11.55
CA HIS A 56 3.95 6.84 -11.12
C HIS A 56 2.51 7.28 -11.37
N TYR A 57 1.65 6.27 -11.59
CA TYR A 57 0.27 6.52 -11.91
C TYR A 57 -0.41 7.25 -10.75
N ASP A 58 -0.05 6.91 -9.52
CA ASP A 58 -0.70 7.61 -8.41
C ASP A 58 -0.12 8.99 -8.16
N HIS A 59 0.79 9.46 -9.04
CA HIS A 59 1.36 10.83 -8.92
C HIS A 59 1.22 11.62 -10.23
N THR A 60 0.81 10.94 -11.32
CA THR A 60 0.72 11.62 -12.65
C THR A 60 -0.62 11.34 -13.34
N GLY A 61 -1.47 10.57 -12.69
CA GLY A 61 -2.75 10.17 -13.30
C GLY A 61 -3.63 11.31 -13.73
N GLY A 62 -3.48 12.47 -13.08
CA GLY A 62 -4.28 13.63 -13.42
C GLY A 62 -3.63 14.58 -14.42
N ASN A 63 -2.37 14.35 -14.76
CA ASN A 63 -1.65 15.29 -15.64
C ASN A 63 -2.34 15.74 -16.95
N LEU A 64 -2.47 14.78 -17.88
CA LEU A 64 -2.97 15.09 -19.23
C LEU A 64 -4.30 15.78 -19.17
N GLU A 65 -5.17 15.29 -18.29
CA GLU A 65 -6.49 15.88 -18.16
C GLU A 65 -6.42 17.29 -17.60
N LEU A 66 -5.67 17.51 -16.53
CA LEU A 66 -5.59 18.86 -15.97
C LEU A 66 -4.95 19.85 -16.94
N LYS A 67 -3.91 19.40 -17.65
CA LYS A 67 -3.22 20.22 -18.63
C LYS A 67 -4.22 20.65 -19.73
N ASP A 68 -4.98 19.70 -20.28
CA ASP A 68 -5.95 20.04 -21.34
C ASP A 68 -7.03 21.00 -20.82
N ARG A 69 -7.48 20.79 -19.59
CA ARG A 69 -8.54 21.61 -19.01
C ARG A 69 -8.20 23.07 -18.71
N TYR A 70 -7.01 23.27 -18.14
CA TYR A 70 -6.56 24.58 -17.75
C TYR A 70 -5.49 25.21 -18.63
N GLY A 71 -4.91 24.44 -19.53
CA GLY A 71 -3.80 24.95 -20.32
C GLY A 71 -2.58 25.07 -19.41
N ALA A 72 -2.48 24.23 -18.35
CA ALA A 72 -1.32 24.31 -17.45
C ALA A 72 -0.04 23.74 -18.08
N LYS A 73 1.12 24.10 -17.53
CA LYS A 73 2.40 23.57 -18.03
C LYS A 73 2.87 22.48 -17.03
N VAL A 74 3.26 21.31 -17.54
CA VAL A 74 3.72 20.18 -16.70
C VAL A 74 5.25 20.24 -16.59
N ILE A 75 5.71 20.31 -15.34
CA ILE A 75 7.13 20.42 -14.97
C ILE A 75 7.50 19.07 -14.39
N GLY A 76 8.58 18.47 -14.92
CA GLY A 76 8.97 17.15 -14.42
C GLY A 76 10.44 16.83 -14.66
N SER A 77 10.89 15.67 -14.22
CA SER A 77 12.30 15.30 -14.32
C SER A 77 12.79 14.96 -15.73
N ALA A 78 13.93 15.53 -16.15
CA ALA A 78 14.47 15.22 -17.45
C ALA A 78 14.74 13.70 -17.54
N MET A 79 15.19 13.10 -16.43
CA MET A 79 15.43 11.65 -16.43
C MET A 79 14.23 10.84 -16.87
N ASP A 80 13.02 11.30 -16.54
CA ASP A 80 11.81 10.57 -16.89
C ASP A 80 11.02 11.32 -17.90
N LYS A 81 11.66 12.19 -18.68
CA LYS A 81 10.91 12.99 -19.63
C LYS A 81 9.95 12.18 -20.48
N ASP A 82 10.34 10.96 -20.88
CA ASP A 82 9.43 10.18 -21.70
C ASP A 82 8.37 9.42 -20.89
N ARG A 83 8.43 9.51 -19.55
CA ARG A 83 7.46 8.81 -18.68
C ARG A 83 6.48 9.75 -17.95
N ILE A 84 6.66 11.06 -18.05
CA ILE A 84 5.78 12.03 -17.39
C ILE A 84 4.70 12.43 -18.42
N PRO A 85 3.47 12.02 -18.17
CA PRO A 85 2.45 12.39 -19.16
C PRO A 85 2.29 13.86 -19.34
N GLY A 86 2.34 14.26 -20.63
CA GLY A 86 2.11 15.65 -20.98
C GLY A 86 3.15 16.68 -20.57
N ILE A 87 4.38 16.24 -20.28
CA ILE A 87 5.43 17.13 -19.83
C ILE A 87 5.80 18.19 -20.86
N ASP A 88 5.91 19.41 -20.36
CA ASP A 88 6.30 20.52 -21.17
C ASP A 88 7.80 20.76 -21.00
N MET A 89 8.21 21.06 -19.76
CA MET A 89 9.60 21.39 -19.42
C MET A 89 10.25 20.37 -18.48
N ALA A 90 11.48 19.95 -18.81
CA ALA A 90 12.17 18.91 -18.02
C ALA A 90 13.36 19.48 -17.24
N LEU A 91 13.37 19.24 -15.94
CA LEU A 91 14.40 19.83 -15.09
C LEU A 91 15.43 18.84 -14.67
N LYS A 92 16.65 19.32 -14.64
CA LYS A 92 17.84 18.56 -14.29
C LYS A 92 18.15 18.74 -12.84
N ASP A 93 18.96 17.86 -12.27
CA ASP A 93 19.36 17.98 -10.88
C ASP A 93 20.15 19.29 -10.62
N GLY A 94 19.78 20.01 -9.55
CA GLY A 94 20.38 21.28 -9.17
C GLY A 94 19.84 22.53 -9.85
N ASP A 95 18.86 22.39 -10.73
CA ASP A 95 18.29 23.58 -11.38
C ASP A 95 17.59 24.46 -10.36
N LYS A 96 17.42 25.73 -10.72
CA LYS A 96 16.71 26.66 -9.89
C LYS A 96 15.67 27.20 -10.80
N TRP A 97 14.47 26.55 -10.81
CA TRP A 97 13.26 26.91 -11.62
C TRP A 97 12.59 28.06 -10.88
N MET A 98 11.50 28.65 -11.42
CA MET A 98 10.84 29.78 -10.75
C MET A 98 9.30 29.66 -10.79
N PHE A 99 8.69 29.32 -9.67
CA PHE A 99 7.22 29.23 -9.54
C PHE A 99 6.88 30.70 -9.20
N ALA A 100 6.33 31.50 -10.13
CA ALA A 100 6.05 32.93 -9.88
C ALA A 100 7.31 33.50 -9.25
N GLY A 101 8.45 33.10 -9.74
CA GLY A 101 9.66 33.67 -9.19
C GLY A 101 10.27 32.99 -7.98
N HIS A 102 9.51 32.76 -6.92
CA HIS A 102 10.05 32.07 -5.73
C HIS A 102 10.92 30.91 -6.15
N GLU A 103 12.03 30.77 -5.50
CA GLU A 103 13.00 29.71 -5.84
C GLU A 103 12.50 28.26 -5.87
N VAL A 104 12.69 27.58 -6.98
CA VAL A 104 12.31 26.17 -7.06
C VAL A 104 13.62 25.45 -7.34
N HIS A 105 14.26 24.84 -6.32
CA HIS A 105 15.55 24.13 -6.45
C HIS A 105 15.21 22.64 -6.51
N VAL A 106 15.61 22.04 -7.63
CA VAL A 106 15.35 20.63 -7.89
C VAL A 106 16.45 19.77 -7.32
N MET A 107 16.07 18.72 -6.58
CA MET A 107 17.04 17.79 -6.03
C MET A 107 16.88 16.42 -6.66
N ASP A 108 18.00 15.82 -7.10
CA ASP A 108 17.90 14.45 -7.60
C ASP A 108 17.84 13.51 -6.35
N THR A 109 16.73 12.79 -6.19
CA THR A 109 16.56 11.90 -5.04
C THR A 109 16.12 10.49 -5.47
N PRO A 110 17.00 9.79 -6.22
CA PRO A 110 16.69 8.44 -6.67
C PRO A 110 16.59 7.49 -5.46
N GLY A 111 15.92 6.36 -5.63
CA GLY A 111 15.79 5.38 -4.56
C GLY A 111 14.51 4.61 -4.78
N HIS A 112 13.39 5.32 -4.64
CA HIS A 112 12.10 4.65 -4.87
C HIS A 112 12.08 4.34 -6.39
N THR A 113 12.23 5.36 -7.25
CA THR A 113 12.34 5.10 -8.70
C THR A 113 13.66 5.72 -9.12
N LYS A 114 14.01 5.49 -10.39
CA LYS A 114 15.20 6.07 -10.99
C LYS A 114 14.61 7.17 -11.86
N GLY A 115 14.60 8.39 -11.34
CA GLY A 115 14.00 9.50 -12.07
C GLY A 115 13.25 10.36 -11.06
N HIS A 116 13.11 9.85 -9.84
CA HIS A 116 12.39 10.62 -8.77
C HIS A 116 13.13 11.89 -8.42
N ILE A 117 12.41 13.01 -8.27
CA ILE A 117 13.02 14.24 -7.83
C ILE A 117 12.28 14.78 -6.59
N SER A 118 12.87 15.79 -5.92
CA SER A 118 12.20 16.50 -4.82
C SER A 118 12.39 17.98 -5.16
N LEU A 119 11.41 18.84 -4.76
CA LEU A 119 11.47 20.28 -5.13
C LEU A 119 11.56 21.07 -3.83
N TYR A 120 12.66 21.78 -3.66
CA TYR A 120 12.85 22.53 -2.45
C TYR A 120 12.44 23.99 -2.61
N PHE A 121 11.62 24.47 -1.68
CA PHE A 121 11.12 25.89 -1.70
C PHE A 121 11.67 26.53 -0.41
N PRO A 122 12.97 26.87 -0.38
CA PRO A 122 13.54 27.49 0.84
C PRO A 122 12.72 28.72 1.38
N GLY A 123 12.12 29.48 0.45
CA GLY A 123 11.34 30.65 0.83
C GLY A 123 10.09 30.36 1.65
N SER A 124 9.59 29.14 1.55
CA SER A 124 8.39 28.72 2.30
C SER A 124 8.74 27.59 3.22
N ARG A 125 10.03 27.42 3.47
CA ARG A 125 10.55 26.39 4.37
C ARG A 125 9.77 25.10 4.08
N ALA A 126 9.86 24.63 2.85
CA ALA A 126 9.10 23.45 2.45
C ALA A 126 9.73 22.76 1.27
N ILE A 127 9.72 21.41 1.33
CA ILE A 127 10.24 20.60 0.23
C ILE A 127 9.19 19.55 -0.11
N PHE A 128 9.10 19.26 -1.40
CA PHE A 128 8.21 18.16 -1.88
C PHE A 128 9.03 16.86 -1.94
N THR A 129 8.63 15.84 -1.15
CA THR A 129 9.43 14.63 -1.10
C THR A 129 8.88 13.41 -1.85
N GLY A 130 7.71 13.58 -2.43
CA GLY A 130 7.12 12.48 -3.22
C GLY A 130 7.18 11.19 -2.41
N ASP A 131 7.64 10.11 -3.06
CA ASP A 131 7.72 8.83 -2.37
C ASP A 131 9.16 8.41 -2.02
N THR A 132 10.01 9.41 -1.77
CA THR A 132 11.39 9.14 -1.38
C THR A 132 11.34 9.11 0.17
N MET A 133 10.85 10.20 0.80
CA MET A 133 10.76 10.19 2.28
C MET A 133 9.33 10.49 2.75
N PHE A 134 8.76 9.57 3.58
CA PHE A 134 7.45 9.84 4.20
C PHE A 134 7.74 10.18 5.66
N SER A 135 6.67 10.46 6.46
CA SER A 135 6.95 10.59 7.88
C SER A 135 7.10 9.17 8.45
N LEU A 136 8.28 8.95 9.05
CA LEU A 136 8.70 7.67 9.67
C LEU A 136 9.00 6.53 8.72
N SER A 137 9.16 6.84 7.44
CA SER A 137 9.55 5.78 6.50
C SER A 137 10.16 6.38 5.23
N CYS A 138 10.56 5.51 4.27
CA CYS A 138 11.07 5.96 2.97
C CYS A 138 10.25 5.18 1.96
N GLY A 139 10.35 5.48 0.64
CA GLY A 139 9.58 4.74 -0.35
C GLY A 139 10.09 3.31 -0.52
N LYS A 140 9.21 2.45 -0.98
CA LYS A 140 9.62 1.09 -1.30
C LYS A 140 10.62 1.19 -2.47
N LEU A 141 11.62 0.30 -2.52
CA LEU A 141 12.63 0.37 -3.56
C LEU A 141 12.13 -0.37 -4.80
N PHE A 142 11.92 0.32 -5.91
CA PHE A 142 11.43 -0.34 -7.12
C PHE A 142 12.47 -0.20 -8.23
N GLU A 143 13.18 0.92 -8.25
CA GLU A 143 14.17 1.06 -9.34
C GLU A 143 15.60 1.39 -8.92
N GLY A 144 15.75 1.82 -7.66
CA GLY A 144 17.06 2.21 -7.15
C GLY A 144 17.58 1.27 -6.08
N THR A 145 18.73 1.64 -5.53
CA THR A 145 19.40 0.85 -4.53
C THR A 145 19.33 1.49 -3.16
N PRO A 146 19.68 0.72 -2.12
CA PRO A 146 19.67 1.25 -0.75
C PRO A 146 20.69 2.38 -0.69
N LYS A 147 21.81 2.24 -1.43
CA LYS A 147 22.79 3.31 -1.40
C LYS A 147 22.24 4.64 -1.89
N GLN A 148 21.53 4.59 -3.01
CA GLN A 148 20.96 5.78 -3.58
C GLN A 148 19.93 6.39 -2.61
N MET A 149 19.07 5.52 -2.06
CA MET A 149 18.05 5.99 -1.14
C MET A 149 18.66 6.61 0.08
N LEU A 150 19.74 6.03 0.61
CA LEU A 150 20.35 6.63 1.79
C LEU A 150 20.83 8.07 1.48
N ALA A 151 21.60 8.20 0.41
CA ALA A 151 22.12 9.47 -0.04
C ALA A 151 20.94 10.46 -0.28
N SER A 152 19.82 9.96 -0.83
CA SER A 152 18.66 10.83 -1.09
C SER A 152 18.09 11.31 0.25
N LEU A 153 17.97 10.39 1.22
CA LEU A 153 17.44 10.80 2.52
C LEU A 153 18.41 11.72 3.24
N GLN A 154 19.73 11.47 3.08
CA GLN A 154 20.70 12.34 3.74
C GLN A 154 20.69 13.76 3.12
N LYS A 155 20.46 13.84 1.81
CA LYS A 155 20.37 15.13 1.13
C LYS A 155 19.19 15.91 1.72
N ILE A 156 18.05 15.22 1.86
CA ILE A 156 16.84 15.87 2.39
C ILE A 156 17.11 16.26 3.85
N THR A 157 17.79 15.40 4.61
CA THR A 157 17.99 15.74 6.02
C THR A 157 19.07 16.80 6.30
N SER A 158 19.87 17.09 5.29
CA SER A 158 20.91 18.11 5.45
C SER A 158 20.22 19.51 5.40
N LEU A 159 19.02 19.59 4.84
CA LEU A 159 18.30 20.86 4.81
C LEU A 159 18.04 21.29 6.29
N PRO A 160 17.67 22.56 6.51
CA PRO A 160 17.44 23.04 7.87
C PRO A 160 16.42 22.20 8.65
N ASP A 161 16.66 22.03 9.95
CA ASP A 161 15.78 21.24 10.79
C ASP A 161 14.35 21.73 10.77
N ASP A 162 14.15 23.00 10.50
CA ASP A 162 12.81 23.54 10.50
C ASP A 162 12.14 23.49 9.11
N THR A 163 12.60 22.59 8.25
CA THR A 163 12.03 22.48 6.93
C THR A 163 10.82 21.52 7.02
N SER A 164 9.70 21.96 6.47
CA SER A 164 8.47 21.13 6.45
C SER A 164 8.59 20.18 5.25
N ILE A 165 8.26 18.90 5.48
CA ILE A 165 8.36 17.83 4.47
C ILE A 165 6.95 17.43 4.10
N TYR A 166 6.57 17.62 2.82
CA TYR A 166 5.24 17.27 2.32
C TYR A 166 5.42 15.96 1.50
N CYS A 167 5.02 14.80 2.11
CA CYS A 167 5.03 13.32 1.85
C CYS A 167 4.01 13.02 0.71
N GLY A 168 4.31 12.01 -0.05
CA GLY A 168 3.45 11.59 -1.13
C GLY A 168 2.25 10.82 -0.62
N HIS A 169 2.38 10.25 0.56
CA HIS A 169 1.24 9.44 1.10
C HIS A 169 1.09 9.61 2.61
N GLU A 170 -0.10 9.26 3.07
CA GLU A 170 -0.46 9.34 4.50
C GLU A 170 -0.23 7.90 5.08
N TYR A 171 1.05 7.56 5.32
CA TYR A 171 1.41 6.23 5.83
C TYR A 171 1.86 6.34 7.31
N THR A 172 1.69 7.55 7.85
CA THR A 172 2.26 7.88 9.14
C THR A 172 1.97 6.92 10.26
N LEU A 173 0.71 6.64 10.49
CA LEU A 173 0.35 5.70 11.56
C LEU A 173 0.88 4.28 11.23
N SER A 174 0.68 3.83 9.99
CA SER A 174 1.16 2.54 9.56
C SER A 174 2.67 2.40 9.85
N ASN A 175 3.44 3.39 9.42
CA ASN A 175 4.92 3.37 9.62
C ASN A 175 5.28 3.40 11.09
N SER A 176 4.58 4.24 11.86
CA SER A 176 4.90 4.34 13.29
C SER A 176 4.88 3.01 14.03
N LYS A 177 4.02 2.07 13.61
CA LYS A 177 3.98 0.78 14.30
C LYS A 177 5.26 -0.04 14.00
N PHE A 178 5.73 0.06 12.78
CA PHE A 178 6.95 -0.69 12.45
C PHE A 178 8.15 -0.01 13.17
N ALA A 179 8.13 1.31 13.32
CA ALA A 179 9.23 2.01 14.01
C ALA A 179 9.23 1.69 15.53
N LEU A 180 8.05 1.57 16.12
CA LEU A 180 7.99 1.31 17.57
C LEU A 180 8.42 -0.13 17.85
N SER A 181 8.31 -1.00 16.86
CA SER A 181 8.76 -2.39 17.04
C SER A 181 10.29 -2.51 17.01
N LEU A 182 10.95 -1.47 16.48
CA LEU A 182 12.42 -1.48 16.39
C LEU A 182 13.11 -0.57 17.40
N GLU A 183 12.49 0.52 17.79
CA GLU A 183 13.16 1.48 18.71
C GLU A 183 12.16 1.95 19.73
N PRO A 184 11.60 1.02 20.49
CA PRO A 184 10.59 1.36 21.49
C PRO A 184 11.04 2.28 22.61
N ASN A 185 12.35 2.33 22.83
CA ASN A 185 12.87 3.18 23.92
C ASN A 185 13.11 4.62 23.50
N ASN A 186 12.75 4.93 22.24
CA ASN A 186 12.91 6.32 21.77
C ASN A 186 11.65 7.05 22.20
N GLU A 187 11.74 7.90 23.24
CA GLU A 187 10.53 8.57 23.75
C GLU A 187 9.98 9.65 22.85
N VAL A 188 10.83 10.21 21.98
CA VAL A 188 10.35 11.20 21.07
C VAL A 188 9.50 10.45 20.08
N LEU A 189 9.94 9.25 19.67
CA LEU A 189 9.11 8.47 18.72
C LEU A 189 7.78 8.06 19.43
N GLN A 190 7.85 7.67 20.71
CA GLN A 190 6.63 7.29 21.41
C GLN A 190 5.66 8.48 21.43
N SER A 191 6.18 9.65 21.74
CA SER A 191 5.37 10.88 21.82
C SER A 191 4.74 11.20 20.47
N TYR A 192 5.58 11.21 19.43
CA TYR A 192 5.06 11.53 18.11
C TYR A 192 4.08 10.44 17.61
N ALA A 193 4.41 9.17 17.84
CA ALA A 193 3.58 8.09 17.39
C ALA A 193 2.22 8.12 18.09
N ALA A 194 2.18 8.58 19.35
CA ALA A 194 0.89 8.66 20.01
C ALA A 194 0.04 9.79 19.43
N HIS A 195 0.65 10.94 19.16
CA HIS A 195 -0.11 12.06 18.60
C HIS A 195 -0.59 11.67 17.17
N VAL A 196 0.21 10.87 16.46
CA VAL A 196 -0.15 10.42 15.10
C VAL A 196 -1.46 9.64 15.15
N ALA A 197 -1.61 8.79 16.15
CA ALA A 197 -2.83 8.02 16.32
C ALA A 197 -4.01 8.98 16.59
N GLU A 198 -3.81 9.97 17.46
CA GLU A 198 -4.89 10.92 17.76
C GLU A 198 -5.34 11.60 16.48
N LEU A 199 -4.41 12.11 15.67
CA LEU A 199 -4.74 12.83 14.42
C LEU A 199 -5.54 11.86 13.51
N ARG A 200 -5.00 10.68 13.29
CA ARG A 200 -5.67 9.70 12.44
C ARG A 200 -6.95 9.19 13.03
N SER A 201 -7.11 9.29 14.36
CA SER A 201 -8.34 8.85 14.95
C SER A 201 -9.48 9.76 14.56
N LYS A 202 -9.18 11.05 14.33
CA LYS A 202 -10.17 12.03 13.87
C LYS A 202 -10.01 12.46 12.40
N LYS A 203 -9.43 11.55 11.62
CA LYS A 203 -9.28 11.70 10.19
C LYS A 203 -8.55 12.97 9.77
N LEU A 204 -7.48 13.26 10.45
CA LEU A 204 -6.67 14.42 10.10
C LEU A 204 -5.21 14.07 9.75
N PRO A 205 -4.82 14.40 8.55
CA PRO A 205 -3.46 14.16 8.08
C PRO A 205 -2.45 14.54 9.15
N THR A 206 -1.25 13.91 9.14
CA THR A 206 -0.16 14.29 10.08
C THR A 206 0.81 15.27 9.34
N ILE A 207 0.81 15.14 8.01
CA ILE A 207 1.70 15.91 7.14
C ILE A 207 1.30 17.37 7.33
N PRO A 208 2.27 18.25 7.30
CA PRO A 208 3.71 18.04 7.10
C PRO A 208 4.52 17.52 8.29
N THR A 209 5.61 16.82 8.01
CA THR A 209 6.47 16.49 9.10
C THR A 209 7.71 17.43 8.93
N THR A 210 8.72 17.28 9.79
CA THR A 210 9.91 18.15 9.64
C THR A 210 11.21 17.36 9.53
N VAL A 211 12.27 18.03 9.12
CA VAL A 211 13.54 17.36 9.03
C VAL A 211 13.99 16.91 10.43
N LYS A 212 13.79 17.78 11.43
CA LYS A 212 14.18 17.51 12.80
C LYS A 212 13.33 16.39 13.35
N MET A 213 12.04 16.39 13.06
CA MET A 213 11.21 15.30 13.59
C MET A 213 11.60 13.98 12.95
N GLU A 214 11.94 13.98 11.67
CA GLU A 214 12.24 12.68 11.05
C GLU A 214 13.63 12.17 11.48
N LYS A 215 14.61 13.09 11.63
CA LYS A 215 15.93 12.65 12.11
C LYS A 215 15.79 11.96 13.46
N ALA A 216 14.85 12.48 14.29
CA ALA A 216 14.68 11.90 15.62
C ALA A 216 13.92 10.59 15.64
N CYS A 217 13.05 10.35 14.63
CA CYS A 217 12.21 9.15 14.64
C CYS A 217 12.21 8.16 13.51
N ASN A 218 12.57 8.67 12.32
CA ASN A 218 12.44 7.81 11.16
C ASN A 218 13.55 6.75 11.20
N PRO A 219 13.18 5.45 11.14
CA PRO A 219 14.28 4.43 11.20
C PRO A 219 15.22 4.43 10.04
N PHE A 220 14.76 4.91 8.90
CA PHE A 220 15.66 4.86 7.76
C PHE A 220 16.75 5.91 7.83
N LEU A 221 16.56 6.92 8.68
CA LEU A 221 17.53 7.99 8.86
C LEU A 221 18.37 7.66 10.08
N ARG A 222 18.11 6.50 10.70
CA ARG A 222 18.79 6.11 11.93
C ARG A 222 19.39 4.68 11.75
N SER A 223 19.90 4.39 10.58
CA SER A 223 20.39 3.02 10.28
C SER A 223 21.64 2.58 11.03
N SER A 224 22.33 3.50 11.70
CA SER A 224 23.51 3.10 12.48
C SER A 224 23.08 2.99 13.95
N ASN A 225 21.81 3.30 14.24
CA ASN A 225 21.34 3.23 15.64
C ASN A 225 21.45 1.81 16.22
N THR A 226 22.07 1.64 17.38
CA THR A 226 22.25 0.32 17.94
C THR A 226 20.96 -0.41 18.24
N ASP A 227 19.94 0.33 18.70
CA ASP A 227 18.67 -0.26 19.04
C ASP A 227 18.06 -0.94 17.84
N ILE A 228 18.01 -0.25 16.69
CA ILE A 228 17.49 -0.85 15.46
C ILE A 228 18.38 -2.04 15.06
N ARG A 229 19.70 -1.83 14.91
CA ARG A 229 20.54 -2.96 14.51
C ARG A 229 20.43 -4.11 15.48
N ARG A 230 20.05 -3.80 16.71
CA ARG A 230 19.89 -4.82 17.75
C ARG A 230 18.57 -5.55 17.66
N ALA A 231 17.74 -5.25 16.66
CA ALA A 231 16.41 -5.91 16.44
C ALA A 231 16.38 -6.68 15.10
N LEU A 232 17.12 -6.17 14.09
CA LEU A 232 17.13 -6.83 12.79
C LEU A 232 18.36 -7.66 12.44
N ARG A 233 19.22 -7.83 13.43
CA ARG A 233 20.44 -8.58 13.30
C ARG A 233 21.30 -8.10 12.17
N ILE A 234 21.31 -6.79 12.01
CA ILE A 234 22.19 -6.14 11.03
C ILE A 234 23.59 -5.99 11.72
N PRO A 235 24.66 -6.51 11.08
CA PRO A 235 26.03 -6.45 11.60
C PRO A 235 26.45 -5.06 12.04
N GLU A 236 27.08 -4.96 13.21
CA GLU A 236 27.57 -3.68 13.68
C GLU A 236 28.55 -3.14 12.65
N ALA A 237 29.23 -4.03 11.94
CA ALA A 237 30.17 -3.61 10.91
C ALA A 237 29.54 -2.97 9.65
N ALA A 238 28.41 -3.54 9.20
CA ALA A 238 27.79 -3.12 7.92
C ALA A 238 27.68 -1.62 7.84
N ASP A 239 27.78 -1.05 6.65
CA ASP A 239 27.65 0.39 6.62
C ASP A 239 26.16 0.80 6.66
N GLU A 240 25.90 2.10 6.60
CA GLU A 240 24.52 2.60 6.71
C GLU A 240 23.63 2.24 5.53
N ALA A 241 24.23 2.15 4.36
CA ALA A 241 23.49 1.80 3.14
C ALA A 241 23.04 0.31 3.25
N GLU A 242 23.96 -0.58 3.64
CA GLU A 242 23.58 -2.00 3.82
C GLU A 242 22.49 -2.17 4.89
N ALA A 243 22.62 -1.41 6.01
CA ALA A 243 21.65 -1.46 7.12
C ALA A 243 20.27 -0.98 6.56
N LEU A 244 20.29 0.12 5.82
CA LEU A 244 19.01 0.62 5.26
C LEU A 244 18.35 -0.47 4.42
N GLY A 245 19.15 -1.20 3.62
CA GLY A 245 18.59 -2.27 2.81
C GLY A 245 17.89 -3.37 3.64
N ILE A 246 18.47 -3.75 4.77
CA ILE A 246 17.85 -4.75 5.66
C ILE A 246 16.60 -4.16 6.33
N ILE A 247 16.66 -2.91 6.80
CA ILE A 247 15.51 -2.26 7.42
C ILE A 247 14.37 -2.24 6.40
N ARG A 248 14.70 -1.89 5.16
CA ARG A 248 13.65 -1.76 4.13
C ARG A 248 13.03 -3.11 3.84
N LYS A 249 13.84 -4.15 3.71
CA LYS A 249 13.24 -5.46 3.44
C LYS A 249 12.44 -5.93 4.67
N ALA A 250 12.91 -5.60 5.87
CA ALA A 250 12.18 -6.02 7.06
C ALA A 250 10.84 -5.30 7.15
N LYS A 251 10.77 -4.09 6.62
CA LYS A 251 9.52 -3.31 6.70
C LYS A 251 8.52 -3.83 5.69
N ASP A 252 9.03 -4.11 4.47
CA ASP A 252 8.14 -4.62 3.43
C ASP A 252 7.44 -5.90 3.93
N ASP A 253 8.19 -6.77 4.63
CA ASP A 253 7.66 -8.06 5.03
C ASP A 253 7.08 -8.04 6.45
N PHE A 254 6.78 -6.83 6.94
CA PHE A 254 6.27 -6.62 8.31
C PHE A 254 4.73 -6.82 8.35
N MET B 1 -23.94 -19.84 6.86
CA MET B 1 -22.94 -19.08 7.70
C MET B 1 -22.98 -17.60 7.25
N GLN B 2 -22.96 -16.68 8.20
CA GLN B 2 -22.98 -15.28 7.85
C GLN B 2 -21.51 -14.87 7.80
N ILE B 3 -21.17 -13.97 6.88
CA ILE B 3 -19.81 -13.43 6.70
C ILE B 3 -19.89 -11.90 6.65
N GLU B 4 -19.45 -11.28 7.73
CA GLU B 4 -19.51 -9.82 7.89
C GLU B 4 -18.13 -9.26 7.69
N LEU B 5 -17.98 -8.30 6.76
CA LEU B 5 -16.66 -7.72 6.54
C LEU B 5 -16.37 -6.67 7.65
N VAL B 6 -15.15 -6.67 8.14
CA VAL B 6 -14.78 -5.70 9.16
C VAL B 6 -13.62 -4.81 8.71
N PRO B 7 -13.92 -3.58 8.21
CA PRO B 7 -12.86 -2.68 7.78
C PRO B 7 -11.94 -2.38 8.97
N CYS B 8 -10.63 -2.56 8.77
CA CYS B 8 -9.66 -2.32 9.81
C CYS B 8 -8.55 -1.50 9.20
N LEU B 9 -7.95 -0.64 10.01
CA LEU B 9 -6.87 0.21 9.56
C LEU B 9 -7.37 1.03 8.33
N LYS B 10 -6.59 1.06 7.27
CA LYS B 10 -6.90 1.88 6.08
C LYS B 10 -7.68 1.12 5.04
N ASP B 11 -7.20 -0.08 4.73
CA ASP B 11 -7.83 -0.87 3.72
C ASP B 11 -7.83 -2.38 3.97
N ASN B 12 -7.71 -2.77 5.26
CA ASN B 12 -7.77 -4.17 5.60
C ASN B 12 -9.21 -4.64 5.84
N TYR B 13 -9.45 -5.88 5.44
CA TYR B 13 -10.72 -6.53 5.78
C TYR B 13 -10.48 -7.69 6.75
N ALA B 14 -11.29 -7.72 7.82
CA ALA B 14 -11.34 -8.83 8.77
C ALA B 14 -12.70 -9.45 8.44
N TYR B 15 -12.91 -10.73 8.76
CA TYR B 15 -14.18 -11.35 8.43
C TYR B 15 -14.75 -12.07 9.64
N ILE B 16 -15.83 -11.54 10.16
CA ILE B 16 -16.46 -12.19 11.30
C ILE B 16 -17.44 -13.20 10.72
N LEU B 17 -17.25 -14.50 11.04
CA LEU B 17 -18.14 -15.53 10.51
C LEU B 17 -19.05 -15.99 11.64
N HIS B 18 -20.35 -15.74 11.50
CA HIS B 18 -21.30 -16.17 12.52
C HIS B 18 -22.04 -17.48 12.11
N ASP B 19 -21.97 -18.56 12.92
CA ASP B 19 -22.73 -19.77 12.62
C ASP B 19 -24.13 -19.60 13.26
N GLU B 20 -25.15 -19.48 12.41
CA GLU B 20 -26.52 -19.27 12.87
C GLU B 20 -26.97 -20.39 13.82
N ASP B 21 -26.61 -21.63 13.51
CA ASP B 21 -26.98 -22.77 14.34
C ASP B 21 -26.84 -22.46 15.85
N THR B 22 -25.61 -22.30 16.36
CA THR B 22 -25.52 -22.03 17.78
C THR B 22 -25.09 -20.55 18.07
N GLY B 23 -23.92 -20.38 18.66
CA GLY B 23 -23.42 -19.06 18.95
C GLY B 23 -21.95 -18.97 18.57
N THR B 24 -21.43 -19.92 17.81
CA THR B 24 -19.99 -19.88 17.44
C THR B 24 -19.68 -18.69 16.49
N VAL B 25 -18.75 -17.83 16.84
CA VAL B 25 -18.44 -16.69 15.96
C VAL B 25 -17.01 -16.31 16.11
N GLY B 26 -16.20 -16.60 15.09
CA GLY B 26 -14.76 -16.35 15.09
C GLY B 26 -14.49 -15.16 14.18
N VAL B 27 -13.20 -14.87 13.92
CA VAL B 27 -12.82 -13.76 13.05
C VAL B 27 -11.58 -14.19 12.25
N VAL B 28 -11.60 -13.84 10.96
CA VAL B 28 -10.49 -14.13 10.07
C VAL B 28 -9.71 -12.86 9.87
N ASP B 29 -8.45 -12.90 10.31
CA ASP B 29 -7.52 -11.79 10.13
C ASP B 29 -7.84 -10.51 10.85
N PRO B 30 -7.93 -10.57 12.16
CA PRO B 30 -8.23 -9.36 12.97
C PRO B 30 -7.03 -8.42 13.01
N SER B 31 -6.98 -7.44 12.09
CA SER B 31 -5.88 -6.46 12.01
C SER B 31 -5.67 -5.71 13.31
N GLU B 32 -6.78 -5.39 13.96
CA GLU B 32 -6.80 -4.67 15.23
C GLU B 32 -7.99 -5.25 16.00
N ALA B 33 -7.83 -5.33 17.32
CA ALA B 33 -8.91 -5.84 18.15
C ALA B 33 -10.14 -4.93 18.23
N GLU B 34 -9.95 -3.61 18.27
CA GLU B 34 -11.10 -2.68 18.46
C GLU B 34 -12.31 -2.90 17.62
N PRO B 35 -12.13 -2.94 16.29
CA PRO B 35 -13.31 -3.16 15.44
C PRO B 35 -14.03 -4.49 15.67
N ILE B 36 -13.28 -5.53 16.00
CA ILE B 36 -13.90 -6.84 16.22
C ILE B 36 -14.74 -6.79 17.52
N ILE B 37 -14.12 -6.24 18.57
CA ILE B 37 -14.85 -6.08 19.84
C ILE B 37 -16.11 -5.21 19.62
N ASP B 38 -15.94 -4.07 18.96
CA ASP B 38 -17.08 -3.20 18.69
C ASP B 38 -18.20 -3.95 17.97
N SER B 39 -17.85 -4.80 17.02
CA SER B 39 -18.86 -5.54 16.32
C SER B 39 -19.51 -6.62 17.18
N LEU B 40 -18.69 -7.37 17.92
CA LEU B 40 -19.19 -8.44 18.77
C LEU B 40 -20.15 -7.93 19.84
N LYS B 41 -19.91 -6.72 20.36
CA LYS B 41 -20.79 -6.12 21.36
C LYS B 41 -22.21 -5.90 20.82
N ARG B 42 -22.31 -5.60 19.52
CA ARG B 42 -23.61 -5.37 18.90
C ARG B 42 -24.39 -6.68 18.75
N SER B 43 -23.67 -7.73 18.39
CA SER B 43 -24.27 -9.05 18.27
C SER B 43 -24.53 -9.67 19.65
N GLY B 44 -23.91 -9.11 20.69
CA GLY B 44 -24.04 -9.67 22.02
C GLY B 44 -23.41 -11.06 22.05
N ARG B 45 -22.47 -11.32 21.12
CA ARG B 45 -21.83 -12.63 21.07
C ARG B 45 -20.37 -12.63 21.55
N ASN B 46 -19.83 -13.81 21.85
CA ASN B 46 -18.43 -13.87 22.31
C ASN B 46 -17.66 -14.51 21.18
N LEU B 47 -16.34 -14.32 21.16
CA LEU B 47 -15.51 -14.84 20.07
C LEU B 47 -14.99 -16.26 20.38
N THR B 48 -15.17 -17.23 19.48
CA THR B 48 -14.71 -18.59 19.75
C THR B 48 -13.35 -18.88 19.14
N TYR B 49 -13.17 -18.34 17.93
CA TYR B 49 -11.96 -18.63 17.17
C TYR B 49 -11.33 -17.40 16.49
N ILE B 50 -10.04 -17.50 16.28
CA ILE B 50 -9.23 -16.51 15.55
C ILE B 50 -8.51 -17.35 14.48
N LEU B 51 -8.66 -16.94 13.19
CA LEU B 51 -8.02 -17.67 12.08
C LEU B 51 -7.19 -16.67 11.28
N ASN B 52 -5.90 -16.98 11.04
CA ASN B 52 -5.04 -16.10 10.32
C ASN B 52 -4.53 -16.70 9.02
N THR B 53 -4.60 -15.90 7.93
CA THR B 53 -4.07 -16.40 6.63
C THR B 53 -2.51 -16.32 6.58
N HIS B 54 -1.93 -15.31 7.27
CA HIS B 54 -0.47 -15.15 7.27
C HIS B 54 0.00 -14.24 8.42
N HIS B 55 1.32 -14.17 8.62
CA HIS B 55 1.87 -13.52 9.83
C HIS B 55 1.90 -12.01 9.96
N HIS B 56 1.83 -11.34 8.82
CA HIS B 56 1.99 -9.89 8.80
C HIS B 56 1.15 -9.27 9.88
N TYR B 57 1.70 -8.20 10.45
CA TYR B 57 1.08 -7.49 11.55
C TYR B 57 -0.33 -7.00 11.25
N ASP B 58 -0.58 -6.65 9.98
CA ASP B 58 -1.91 -6.19 9.61
C ASP B 58 -2.94 -7.33 9.52
N HIS B 59 -2.52 -8.57 9.79
CA HIS B 59 -3.44 -9.70 9.82
C HIS B 59 -3.46 -10.43 11.15
N THR B 60 -2.52 -10.07 12.05
CA THR B 60 -2.42 -10.76 13.34
C THR B 60 -2.35 -9.80 14.52
N GLY B 61 -2.45 -8.49 14.25
CA GLY B 61 -2.27 -7.52 15.31
C GLY B 61 -3.31 -7.58 16.40
N GLY B 62 -4.50 -8.08 16.04
CA GLY B 62 -5.59 -8.17 17.00
C GLY B 62 -5.59 -9.47 17.81
N ASN B 63 -4.79 -10.46 17.39
CA ASN B 63 -4.80 -11.78 18.05
C ASN B 63 -4.70 -11.78 19.56
N LEU B 64 -3.64 -11.16 20.08
CA LEU B 64 -3.38 -11.21 21.51
C LEU B 64 -4.54 -10.64 22.34
N GLU B 65 -4.99 -9.47 21.98
CA GLU B 65 -6.04 -8.88 22.76
C GLU B 65 -7.33 -9.74 22.71
N LEU B 66 -7.64 -10.20 21.50
CA LEU B 66 -8.84 -10.99 21.33
C LEU B 66 -8.71 -12.33 22.00
N LYS B 67 -7.52 -12.96 21.91
CA LYS B 67 -7.35 -14.25 22.53
C LYS B 67 -7.51 -14.07 24.05
N ASP B 68 -6.93 -13.00 24.59
CA ASP B 68 -7.02 -12.82 26.04
C ASP B 68 -8.41 -12.36 26.48
N ARG B 69 -8.91 -11.27 25.87
CA ARG B 69 -10.19 -10.78 26.28
C ARG B 69 -11.34 -11.75 26.09
N TYR B 70 -11.55 -12.21 24.87
CA TYR B 70 -12.69 -13.06 24.67
C TYR B 70 -12.44 -14.49 25.01
N GLY B 71 -11.21 -14.82 25.38
CA GLY B 71 -10.91 -16.21 25.61
C GLY B 71 -10.98 -17.02 24.31
N ALA B 72 -10.53 -16.44 23.20
CA ALA B 72 -10.54 -17.10 21.86
C ALA B 72 -9.28 -17.90 21.60
N LYS B 73 -9.41 -18.91 20.73
CA LYS B 73 -8.29 -19.78 20.39
C LYS B 73 -7.81 -19.35 19.00
N VAL B 74 -6.50 -19.27 18.84
CA VAL B 74 -5.94 -18.91 17.52
C VAL B 74 -5.61 -20.19 16.76
N ILE B 75 -6.17 -20.28 15.55
CA ILE B 75 -6.04 -21.42 14.64
C ILE B 75 -5.33 -20.98 13.33
N GLY B 76 -4.08 -21.42 13.13
CA GLY B 76 -3.33 -21.03 11.94
C GLY B 76 -2.50 -22.11 11.25
N SER B 77 -1.80 -21.69 10.21
CA SER B 77 -0.99 -22.51 9.35
C SER B 77 -0.09 -23.34 10.22
N ALA B 78 0.56 -24.30 9.59
CA ALA B 78 1.49 -25.28 10.18
C ALA B 78 2.95 -25.00 9.81
N MET B 79 3.11 -24.04 8.92
CA MET B 79 4.45 -23.59 8.50
C MET B 79 4.83 -22.27 9.23
N ASP B 80 3.93 -21.68 10.00
CA ASP B 80 4.18 -20.41 10.70
C ASP B 80 3.92 -20.52 12.18
N LYS B 81 4.25 -21.67 12.74
CA LYS B 81 4.00 -21.88 14.16
C LYS B 81 4.65 -20.84 15.06
N ASP B 82 5.79 -20.29 14.65
CA ASP B 82 6.48 -19.33 15.50
C ASP B 82 6.05 -17.89 15.26
N ARG B 83 5.33 -17.69 14.14
CA ARG B 83 4.94 -16.32 13.74
C ARG B 83 3.48 -15.92 13.91
N ILE B 84 2.61 -16.87 14.26
CA ILE B 84 1.25 -16.52 14.45
C ILE B 84 1.04 -16.31 15.96
N PRO B 85 0.74 -15.07 16.39
CA PRO B 85 0.57 -14.87 17.82
C PRO B 85 -0.50 -15.74 18.50
N GLY B 86 -0.05 -16.37 19.58
CA GLY B 86 -0.92 -17.18 20.43
C GLY B 86 -1.57 -18.36 19.75
N ILE B 87 -0.97 -18.85 18.67
CA ILE B 87 -1.54 -19.95 17.93
C ILE B 87 -1.76 -21.23 18.77
N ASP B 88 -3.00 -21.75 18.73
CA ASP B 88 -3.36 -22.97 19.45
C ASP B 88 -3.30 -24.20 18.55
N MET B 89 -4.22 -24.24 17.60
CA MET B 89 -4.36 -25.33 16.66
C MET B 89 -3.61 -25.00 15.40
N ALA B 90 -2.75 -25.92 14.97
CA ALA B 90 -2.00 -25.71 13.74
C ALA B 90 -2.71 -26.42 12.60
N LEU B 91 -2.66 -25.81 11.39
CA LEU B 91 -3.32 -26.31 10.17
C LEU B 91 -2.34 -26.65 9.05
N LYS B 92 -2.44 -27.90 8.56
CA LYS B 92 -1.54 -28.35 7.54
C LYS B 92 -2.21 -28.34 6.21
N ASP B 93 -1.42 -28.21 5.13
CA ASP B 93 -1.98 -28.24 3.79
C ASP B 93 -2.93 -29.45 3.60
N GLY B 94 -4.18 -29.16 3.22
CA GLY B 94 -5.15 -30.21 3.03
C GLY B 94 -5.92 -30.71 4.25
N ASP B 95 -5.65 -30.18 5.45
CA ASP B 95 -6.46 -30.64 6.60
C ASP B 95 -7.93 -30.21 6.46
N LYS B 96 -8.77 -30.79 7.31
CA LYS B 96 -10.19 -30.45 7.36
C LYS B 96 -10.50 -30.06 8.79
N TRP B 97 -10.64 -28.74 9.02
CA TRP B 97 -10.94 -28.22 10.33
C TRP B 97 -12.43 -27.93 10.38
N MET B 98 -13.03 -28.20 11.54
CA MET B 98 -14.47 -27.98 11.65
C MET B 98 -14.89 -26.73 12.38
N PHE B 99 -15.59 -25.87 11.63
CA PHE B 99 -16.18 -24.66 12.21
C PHE B 99 -17.63 -25.04 12.56
N ALA B 100 -17.90 -25.27 13.86
CA ALA B 100 -19.24 -25.68 14.29
C ALA B 100 -19.71 -26.77 13.33
N GLY B 101 -18.90 -27.78 13.10
CA GLY B 101 -19.43 -28.81 12.21
C GLY B 101 -19.55 -28.52 10.72
N HIS B 102 -18.97 -27.40 10.31
CA HIS B 102 -18.96 -27.10 8.86
C HIS B 102 -17.50 -27.22 8.44
N GLU B 103 -17.30 -27.89 7.33
CA GLU B 103 -15.99 -28.12 6.82
C GLU B 103 -15.17 -26.89 6.39
N VAL B 104 -13.93 -26.84 6.85
CA VAL B 104 -13.01 -25.80 6.43
C VAL B 104 -11.81 -26.56 5.84
N HIS B 105 -11.56 -26.36 4.55
CA HIS B 105 -10.43 -26.99 3.85
C HIS B 105 -9.26 -26.03 3.75
N VAL B 106 -8.17 -26.39 4.41
CA VAL B 106 -6.97 -25.55 4.46
C VAL B 106 -6.09 -25.80 3.26
N MET B 107 -5.72 -24.71 2.56
CA MET B 107 -4.85 -24.84 1.40
C MET B 107 -3.55 -24.05 1.67
N ASP B 108 -2.46 -24.59 1.17
CA ASP B 108 -1.14 -23.93 1.25
C ASP B 108 -1.08 -23.02 0.01
N THR B 109 -0.89 -21.71 0.21
CA THR B 109 -0.82 -20.74 -0.89
C THR B 109 0.34 -19.77 -0.65
N PRO B 110 1.58 -20.30 -0.69
CA PRO B 110 2.78 -19.48 -0.48
C PRO B 110 2.97 -18.52 -1.65
N GLY B 111 3.77 -17.49 -1.41
CA GLY B 111 4.08 -16.51 -2.43
C GLY B 111 4.28 -15.17 -1.78
N HIS B 112 3.19 -14.59 -1.26
CA HIS B 112 3.29 -13.29 -0.59
C HIS B 112 4.18 -13.58 0.62
N THR B 113 3.89 -14.67 1.32
CA THR B 113 4.74 -15.13 2.43
C THR B 113 4.90 -16.64 2.39
N LYS B 114 5.99 -17.16 2.98
CA LYS B 114 6.11 -18.61 3.08
C LYS B 114 5.26 -18.98 4.31
N GLY B 115 4.27 -19.83 4.11
CA GLY B 115 3.36 -20.25 5.20
C GLY B 115 1.90 -19.72 5.09
N HIS B 116 1.68 -18.79 4.18
CA HIS B 116 0.35 -18.21 3.94
C HIS B 116 -0.62 -19.34 3.57
N ILE B 117 -1.80 -19.35 4.15
CA ILE B 117 -2.83 -20.36 3.83
C ILE B 117 -4.09 -19.58 3.42
N SER B 118 -4.98 -20.29 2.73
CA SER B 118 -6.28 -19.77 2.33
C SER B 118 -7.26 -20.80 2.93
N LEU B 119 -8.44 -20.31 3.32
CA LEU B 119 -9.42 -21.15 4.00
C LEU B 119 -10.66 -21.27 3.13
N TYR B 120 -11.01 -22.48 2.72
CA TYR B 120 -12.18 -22.69 1.84
C TYR B 120 -13.34 -23.34 2.60
N PHE B 121 -14.50 -22.68 2.56
CA PHE B 121 -15.74 -23.13 3.25
C PHE B 121 -16.66 -23.55 2.10
N PRO B 122 -16.58 -24.83 1.66
CA PRO B 122 -17.39 -25.32 0.55
C PRO B 122 -18.91 -25.12 0.81
N GLY B 123 -19.28 -25.22 2.08
CA GLY B 123 -20.70 -25.05 2.44
C GLY B 123 -21.26 -23.67 2.20
N SER B 124 -20.37 -22.68 2.22
CA SER B 124 -20.77 -21.32 2.06
C SER B 124 -20.32 -20.74 0.71
N ARG B 125 -19.75 -21.61 -0.13
CA ARG B 125 -19.24 -21.24 -1.45
C ARG B 125 -18.31 -20.03 -1.32
N ALA B 126 -17.31 -20.12 -0.47
CA ALA B 126 -16.41 -18.97 -0.29
C ALA B 126 -15.05 -19.41 0.13
N ILE B 127 -14.04 -18.60 -0.22
CA ILE B 127 -12.68 -18.89 0.23
C ILE B 127 -11.97 -17.60 0.70
N PHE B 128 -11.33 -17.64 1.87
CA PHE B 128 -10.58 -16.47 2.40
C PHE B 128 -9.15 -16.63 1.91
N THR B 129 -8.74 -15.69 1.04
CA THR B 129 -7.45 -15.75 0.37
C THR B 129 -6.38 -14.84 0.95
N GLY B 130 -6.73 -14.09 2.02
CA GLY B 130 -5.75 -13.20 2.61
C GLY B 130 -5.12 -12.30 1.56
N ASP B 131 -3.75 -12.28 1.53
CA ASP B 131 -3.06 -11.44 0.58
C ASP B 131 -2.46 -12.26 -0.58
N THR B 132 -3.02 -13.47 -0.80
CA THR B 132 -2.60 -14.28 -1.91
C THR B 132 -3.32 -13.76 -3.15
N MET B 133 -4.66 -13.76 -3.12
CA MET B 133 -5.38 -13.24 -4.29
C MET B 133 -6.31 -12.13 -3.86
N PHE B 134 -6.20 -10.97 -4.52
CA PHE B 134 -7.11 -9.82 -4.26
C PHE B 134 -8.02 -9.75 -5.48
N SER B 135 -8.90 -8.73 -5.53
CA SER B 135 -9.67 -8.54 -6.77
C SER B 135 -8.75 -7.82 -7.75
N LEU B 136 -8.41 -8.50 -8.84
CA LEU B 136 -7.53 -7.96 -9.89
C LEU B 136 -6.06 -7.82 -9.50
N SER B 137 -5.61 -8.60 -8.49
CA SER B 137 -4.20 -8.57 -8.09
C SER B 137 -3.82 -9.83 -7.33
N CYS B 138 -2.58 -9.89 -6.93
CA CYS B 138 -2.07 -10.98 -6.11
C CYS B 138 -1.15 -10.27 -5.10
N GLY B 139 -0.72 -10.98 -4.07
CA GLY B 139 0.19 -10.37 -3.12
C GLY B 139 1.55 -9.98 -3.72
N LYS B 140 2.16 -8.91 -3.20
CA LYS B 140 3.53 -8.59 -3.65
C LYS B 140 4.52 -9.51 -3.00
N LEU B 141 5.00 -10.46 -3.82
CA LEU B 141 5.88 -11.49 -3.36
C LEU B 141 6.96 -10.99 -2.46
N PHE B 142 6.76 -11.18 -1.14
CA PHE B 142 7.82 -10.76 -0.23
C PHE B 142 8.78 -11.90 0.13
N GLU B 143 8.25 -13.11 0.39
CA GLU B 143 9.11 -14.23 0.80
C GLU B 143 9.17 -15.38 -0.18
N GLY B 144 8.27 -15.38 -1.16
CA GLY B 144 8.19 -16.53 -2.08
C GLY B 144 8.51 -16.06 -3.45
N THR B 145 8.58 -17.02 -4.37
CA THR B 145 8.90 -16.74 -5.75
C THR B 145 7.61 -16.75 -6.60
N PRO B 146 7.72 -16.34 -7.88
CA PRO B 146 6.58 -16.32 -8.81
C PRO B 146 6.06 -17.73 -8.99
N LYS B 147 6.97 -18.70 -9.09
CA LYS B 147 6.55 -20.08 -9.28
C LYS B 147 5.56 -20.50 -8.18
N GLN B 148 5.84 -20.06 -6.95
CA GLN B 148 4.95 -20.41 -5.84
C GLN B 148 3.62 -19.65 -5.99
N MET B 149 3.69 -18.36 -6.27
CA MET B 149 2.45 -17.60 -6.37
C MET B 149 1.57 -18.18 -7.48
N LEU B 150 2.20 -18.71 -8.51
CA LEU B 150 1.44 -19.27 -9.63
C LEU B 150 0.65 -20.48 -9.15
N ALA B 151 1.36 -21.44 -8.57
CA ALA B 151 0.64 -22.63 -8.13
C ALA B 151 -0.49 -22.26 -7.17
N SER B 152 -0.17 -21.45 -6.17
CA SER B 152 -1.17 -21.02 -5.19
C SER B 152 -2.39 -20.38 -5.88
N LEU B 153 -2.15 -19.48 -6.85
CA LEU B 153 -3.28 -18.86 -7.52
C LEU B 153 -4.10 -19.90 -8.33
N GLN B 154 -3.39 -20.87 -8.91
CA GLN B 154 -4.04 -21.95 -9.67
C GLN B 154 -4.84 -22.87 -8.76
N LYS B 155 -4.35 -23.11 -7.56
CA LYS B 155 -5.14 -23.93 -6.64
C LYS B 155 -6.44 -23.20 -6.33
N ILE B 156 -6.33 -21.91 -6.07
CA ILE B 156 -7.51 -21.17 -5.74
C ILE B 156 -8.51 -21.21 -6.89
N THR B 157 -8.01 -21.04 -8.16
CA THR B 157 -8.90 -20.96 -9.33
C THR B 157 -9.38 -22.36 -9.79
N SER B 158 -8.90 -23.40 -9.10
CA SER B 158 -9.39 -24.76 -9.41
C SER B 158 -10.73 -25.00 -8.68
N LEU B 159 -11.20 -24.02 -7.91
CA LEU B 159 -12.49 -24.11 -7.20
C LEU B 159 -13.66 -23.66 -8.14
N PRO B 160 -14.90 -24.00 -7.79
CA PRO B 160 -16.01 -23.60 -8.68
C PRO B 160 -16.11 -22.12 -9.01
N ASP B 161 -16.43 -21.84 -10.28
CA ASP B 161 -16.54 -20.46 -10.73
C ASP B 161 -17.43 -19.56 -9.83
N ASP B 162 -18.38 -20.14 -9.10
CA ASP B 162 -19.27 -19.34 -8.27
C ASP B 162 -18.78 -19.23 -6.83
N THR B 163 -17.51 -19.53 -6.59
CA THR B 163 -16.97 -19.41 -5.27
C THR B 163 -16.65 -17.92 -4.94
N SER B 164 -17.17 -17.43 -3.81
CA SER B 164 -16.89 -16.05 -3.39
C SER B 164 -15.47 -15.98 -2.88
N ILE B 165 -14.76 -14.90 -3.24
CA ILE B 165 -13.39 -14.69 -2.81
C ILE B 165 -13.36 -13.50 -1.86
N TYR B 166 -12.92 -13.79 -0.61
CA TYR B 166 -12.85 -12.76 0.43
C TYR B 166 -11.34 -12.59 0.73
N CYS B 167 -10.74 -11.50 0.19
CA CYS B 167 -9.30 -11.22 0.32
C CYS B 167 -8.90 -10.27 1.46
N GLY B 168 -7.61 -10.08 1.65
CA GLY B 168 -7.15 -9.24 2.77
C GLY B 168 -7.26 -7.72 2.68
N HIS B 169 -7.42 -7.17 1.46
CA HIS B 169 -7.48 -5.72 1.35
C HIS B 169 -8.42 -5.26 0.25
N GLU B 170 -8.81 -3.99 0.34
CA GLU B 170 -9.68 -3.32 -0.62
C GLU B 170 -8.74 -2.55 -1.57
N TYR B 171 -8.04 -3.33 -2.41
CA TYR B 171 -7.13 -2.76 -3.38
C TYR B 171 -7.70 -2.74 -4.81
N THR B 172 -8.96 -3.17 -4.96
CA THR B 172 -9.53 -3.35 -6.29
C THR B 172 -9.48 -2.17 -7.27
N LEU B 173 -9.86 -0.98 -6.80
CA LEU B 173 -9.87 0.14 -7.70
C LEU B 173 -8.45 0.40 -8.23
N SER B 174 -7.46 0.50 -7.35
CA SER B 174 -6.09 0.72 -7.85
C SER B 174 -5.61 -0.40 -8.78
N ASN B 175 -5.96 -1.66 -8.45
CA ASN B 175 -5.59 -2.81 -9.26
C ASN B 175 -6.25 -2.78 -10.66
N SER B 176 -7.48 -2.28 -10.70
CA SER B 176 -8.25 -2.23 -11.95
C SER B 176 -7.60 -1.35 -12.99
N LYS B 177 -6.81 -0.35 -12.54
CA LYS B 177 -6.16 0.58 -13.47
C LYS B 177 -4.91 -0.11 -14.10
N PHE B 178 -4.19 -0.85 -13.28
CA PHE B 178 -3.03 -1.53 -13.83
C PHE B 178 -3.50 -2.60 -14.83
N ALA B 179 -4.57 -3.33 -14.54
CA ALA B 179 -5.03 -4.38 -15.45
C ALA B 179 -5.53 -3.75 -16.78
N LEU B 180 -6.18 -2.61 -16.68
CA LEU B 180 -6.71 -1.93 -17.88
C LEU B 180 -5.58 -1.36 -18.70
N SER B 181 -4.45 -1.11 -18.05
CA SER B 181 -3.28 -0.57 -18.75
C SER B 181 -2.62 -1.69 -19.58
N LEU B 182 -2.88 -2.95 -19.21
CA LEU B 182 -2.32 -4.09 -19.94
C LEU B 182 -3.29 -4.73 -20.88
N GLU B 183 -4.56 -4.70 -20.51
CA GLU B 183 -5.56 -5.38 -21.32
C GLU B 183 -6.83 -4.52 -21.45
N PRO B 184 -6.68 -3.33 -22.05
CA PRO B 184 -7.80 -2.43 -22.20
C PRO B 184 -8.97 -2.91 -23.05
N ASN B 185 -8.70 -3.83 -23.95
CA ASN B 185 -9.76 -4.34 -24.78
C ASN B 185 -10.63 -5.36 -24.09
N ASN B 186 -10.20 -5.93 -22.93
CA ASN B 186 -11.02 -6.93 -22.20
C ASN B 186 -12.34 -6.24 -21.75
N GLU B 187 -13.47 -6.56 -22.41
CA GLU B 187 -14.75 -5.90 -22.09
C GLU B 187 -15.33 -6.22 -20.72
N VAL B 188 -15.17 -7.45 -20.27
CA VAL B 188 -15.71 -7.77 -18.92
C VAL B 188 -14.91 -6.93 -17.90
N LEU B 189 -13.61 -6.80 -18.12
CA LEU B 189 -12.79 -6.01 -17.17
C LEU B 189 -13.19 -4.52 -17.24
N GLN B 190 -13.50 -4.02 -18.43
CA GLN B 190 -13.93 -2.62 -18.51
C GLN B 190 -15.18 -2.34 -17.68
N SER B 191 -16.19 -3.20 -17.80
CA SER B 191 -17.43 -2.95 -17.07
C SER B 191 -17.22 -3.22 -15.58
N TYR B 192 -16.40 -4.21 -15.25
CA TYR B 192 -16.16 -4.53 -13.84
C TYR B 192 -15.37 -3.40 -13.19
N ALA B 193 -14.46 -2.77 -13.91
CA ALA B 193 -13.68 -1.67 -13.36
C ALA B 193 -14.65 -0.51 -13.13
N ALA B 194 -15.51 -0.26 -14.12
CA ALA B 194 -16.44 0.85 -13.93
C ALA B 194 -17.36 0.59 -12.70
N HIS B 195 -17.76 -0.67 -12.52
CA HIS B 195 -18.61 -1.09 -11.37
C HIS B 195 -17.84 -0.87 -10.05
N VAL B 196 -16.57 -1.28 -10.07
CA VAL B 196 -15.69 -1.08 -8.88
C VAL B 196 -15.50 0.42 -8.59
N ALA B 197 -15.27 1.23 -9.61
CA ALA B 197 -15.07 2.68 -9.36
C ALA B 197 -16.34 3.32 -8.76
N GLU B 198 -17.50 2.88 -9.21
CA GLU B 198 -18.76 3.42 -8.67
C GLU B 198 -18.94 2.91 -7.23
N LEU B 199 -18.54 1.68 -6.95
CA LEU B 199 -18.69 1.14 -5.60
C LEU B 199 -17.81 1.95 -4.69
N ARG B 200 -16.56 2.21 -5.10
CA ARG B 200 -15.65 2.95 -4.23
C ARG B 200 -16.08 4.42 -4.06
N SER B 201 -16.65 5.03 -5.11
CA SER B 201 -17.13 6.43 -5.00
C SER B 201 -18.14 6.55 -3.86
N LYS B 202 -18.88 5.45 -3.60
CA LYS B 202 -19.88 5.43 -2.52
C LYS B 202 -19.31 4.84 -1.22
N LYS B 203 -17.98 4.66 -1.18
CA LYS B 203 -17.28 4.09 -0.02
C LYS B 203 -17.75 2.68 0.29
N LEU B 204 -18.14 1.96 -0.77
CA LEU B 204 -18.60 0.59 -0.59
C LEU B 204 -17.51 -0.42 -0.97
N PRO B 205 -17.36 -1.48 -0.16
CA PRO B 205 -16.35 -2.52 -0.45
C PRO B 205 -16.62 -3.15 -1.82
N THR B 206 -15.57 -3.68 -2.44
CA THR B 206 -15.71 -4.39 -3.71
C THR B 206 -15.58 -5.90 -3.51
N ILE B 207 -15.40 -6.29 -2.25
CA ILE B 207 -15.17 -7.66 -1.84
C ILE B 207 -16.49 -8.17 -1.21
N PRO B 208 -16.93 -9.39 -1.47
CA PRO B 208 -16.26 -10.42 -2.31
C PRO B 208 -16.29 -10.27 -3.80
N THR B 209 -15.32 -10.95 -4.41
CA THR B 209 -15.29 -11.11 -5.87
C THR B 209 -15.57 -12.62 -6.08
N THR B 210 -15.45 -13.10 -7.32
CA THR B 210 -15.67 -14.52 -7.56
C THR B 210 -14.57 -15.14 -8.43
N VAL B 211 -14.41 -16.45 -8.32
CA VAL B 211 -13.42 -17.14 -9.17
C VAL B 211 -13.68 -16.82 -10.63
N LYS B 212 -14.96 -16.76 -11.03
CA LYS B 212 -15.26 -16.48 -12.42
C LYS B 212 -14.83 -15.06 -12.84
N MET B 213 -15.14 -14.06 -12.03
CA MET B 213 -14.76 -12.70 -12.38
C MET B 213 -13.22 -12.58 -12.46
N GLU B 214 -12.50 -13.20 -11.49
CA GLU B 214 -11.04 -13.05 -11.48
C GLU B 214 -10.40 -13.78 -12.66
N LYS B 215 -10.95 -14.95 -13.02
CA LYS B 215 -10.41 -15.64 -14.19
C LYS B 215 -10.58 -14.75 -15.43
N ALA B 216 -11.70 -14.01 -15.48
CA ALA B 216 -11.98 -13.16 -16.64
C ALA B 216 -11.25 -11.81 -16.66
N CYS B 217 -10.84 -11.34 -15.50
CA CYS B 217 -10.24 -10.03 -15.38
C CYS B 217 -8.88 -9.81 -14.76
N ASN B 218 -8.49 -10.68 -13.83
CA ASN B 218 -7.24 -10.56 -13.05
C ASN B 218 -6.06 -10.87 -13.96
N PRO B 219 -5.13 -9.91 -14.14
CA PRO B 219 -4.01 -10.20 -15.04
C PRO B 219 -3.15 -11.34 -14.59
N PHE B 220 -3.06 -11.55 -13.24
CA PHE B 220 -2.20 -12.60 -12.75
C PHE B 220 -2.72 -14.00 -13.04
N LEU B 221 -4.03 -14.11 -13.39
CA LEU B 221 -4.60 -15.43 -13.76
C LEU B 221 -4.62 -15.55 -15.30
N ARG B 222 -4.10 -14.53 -15.96
CA ARG B 222 -4.11 -14.43 -17.43
C ARG B 222 -2.66 -14.30 -17.96
N SER B 223 -1.76 -15.04 -17.32
CA SER B 223 -0.32 -15.02 -17.62
C SER B 223 -0.01 -15.34 -19.08
N SER B 224 -0.88 -16.12 -19.74
CA SER B 224 -0.66 -16.44 -21.17
C SER B 224 -1.48 -15.62 -22.15
N ASN B 225 -2.16 -14.59 -21.62
CA ASN B 225 -2.95 -13.73 -22.47
C ASN B 225 -2.12 -13.00 -23.52
N THR B 226 -2.64 -12.89 -24.73
CA THR B 226 -1.90 -12.19 -25.76
C THR B 226 -1.64 -10.71 -25.56
N ASP B 227 -2.68 -9.92 -25.32
CA ASP B 227 -2.47 -8.48 -25.14
C ASP B 227 -1.54 -8.18 -23.96
N ILE B 228 -1.69 -8.95 -22.88
CA ILE B 228 -0.82 -8.74 -21.72
C ILE B 228 0.63 -8.99 -22.03
N ARG B 229 0.94 -10.07 -22.75
CA ARG B 229 2.30 -10.35 -23.13
C ARG B 229 2.84 -9.29 -24.09
N ARG B 230 1.99 -8.72 -24.94
CA ARG B 230 2.45 -7.71 -25.85
C ARG B 230 2.84 -6.44 -25.06
N ALA B 231 1.96 -6.02 -24.16
CA ALA B 231 2.20 -4.81 -23.39
C ALA B 231 3.48 -4.87 -22.55
N LEU B 232 3.80 -6.05 -22.05
CA LEU B 232 4.96 -6.17 -21.16
C LEU B 232 6.19 -6.82 -21.83
N ARG B 233 6.12 -7.00 -23.16
CA ARG B 233 7.16 -7.58 -23.97
C ARG B 233 7.57 -8.94 -23.38
N ILE B 234 6.57 -9.71 -22.94
CA ILE B 234 6.86 -11.03 -22.44
C ILE B 234 7.01 -11.96 -23.65
N PRO B 235 8.09 -12.77 -23.71
CA PRO B 235 8.33 -13.69 -24.84
C PRO B 235 7.15 -14.59 -25.07
N GLU B 236 6.85 -14.94 -26.32
CA GLU B 236 5.68 -15.78 -26.52
C GLU B 236 5.76 -17.14 -25.84
N ALA B 237 6.97 -17.69 -25.66
CA ALA B 237 7.12 -19.03 -25.06
C ALA B 237 7.61 -18.99 -23.58
N ALA B 238 7.41 -17.87 -22.93
CA ALA B 238 7.77 -17.75 -21.55
C ALA B 238 6.97 -18.71 -20.68
N ASP B 239 7.62 -19.30 -19.69
CA ASP B 239 6.84 -20.16 -18.83
C ASP B 239 5.87 -19.29 -17.97
N GLU B 240 4.80 -19.89 -17.48
CA GLU B 240 3.80 -19.16 -16.69
C GLU B 240 4.36 -18.46 -15.46
N ALA B 241 5.28 -19.10 -14.77
CA ALA B 241 5.87 -18.45 -13.59
C ALA B 241 6.67 -17.27 -14.07
N GLU B 242 7.35 -17.40 -15.22
CA GLU B 242 8.14 -16.28 -15.71
C GLU B 242 7.21 -15.08 -16.07
N ALA B 243 6.13 -15.35 -16.77
CA ALA B 243 5.19 -14.32 -17.17
C ALA B 243 4.64 -13.59 -15.89
N LEU B 244 4.17 -14.35 -14.91
CA LEU B 244 3.64 -13.73 -13.70
C LEU B 244 4.72 -12.90 -13.01
N GLY B 245 5.97 -13.40 -13.04
CA GLY B 245 7.06 -12.69 -12.41
C GLY B 245 7.22 -11.29 -13.00
N ILE B 246 7.14 -11.15 -14.32
CA ILE B 246 7.33 -9.87 -14.95
C ILE B 246 6.08 -9.00 -14.71
N ILE B 247 4.88 -9.59 -14.74
CA ILE B 247 3.66 -8.83 -14.52
C ILE B 247 3.72 -8.23 -13.09
N ARG B 248 4.22 -9.03 -12.15
CA ARG B 248 4.27 -8.57 -10.75
C ARG B 248 5.24 -7.39 -10.66
N LYS B 249 6.43 -7.54 -11.23
CA LYS B 249 7.38 -6.43 -11.16
C LYS B 249 6.80 -5.17 -11.81
N ALA B 250 6.13 -5.36 -12.95
CA ALA B 250 5.50 -4.26 -13.65
C ALA B 250 4.45 -3.62 -12.75
N LYS B 251 3.72 -4.44 -11.97
CA LYS B 251 2.65 -3.85 -11.11
C LYS B 251 3.25 -3.04 -9.97
N ASP B 252 4.30 -3.58 -9.38
CA ASP B 252 4.94 -2.90 -8.27
C ASP B 252 5.38 -1.48 -8.67
N ASP B 253 5.96 -1.36 -9.88
CA ASP B 253 6.50 -0.10 -10.38
C ASP B 253 5.56 0.74 -11.26
N PHE B 254 4.27 0.43 -11.19
CA PHE B 254 3.29 1.16 -12.01
C PHE B 254 2.84 2.45 -11.34
ZN ZN C . 5.76 5.90 -6.20
FE FE D . 3.06 7.05 -4.48
C ACY E . 6.54 1.90 2.93
O ACY E . 7.17 2.35 3.86
OXT ACY E . 6.33 0.60 2.83
CH3 ACY E . 6.01 2.80 1.84
C1 PEG F . -5.07 18.88 16.51
O1 PEG F . -5.11 17.51 17.11
C2 PEG F . -6.37 19.32 15.74
O2 PEG F . -7.51 19.31 16.57
C3 PEG F . -8.66 19.75 15.81
C4 PEG F . -9.92 19.72 16.69
O4 PEG F . -10.27 18.34 16.98
ZN ZN G . 0.49 -9.40 3.95
FE FE H . -2.06 -7.46 4.33
C ACY I . -1.08 -5.18 -4.92
O ACY I . -0.69 -5.51 -6.04
OXT ACY I . -2.11 -4.31 -4.79
CH3 ACY I . -0.39 -5.77 -3.71
N MET A 1 3.38 32.00 -0.03
CA MET A 1 2.74 30.82 -0.71
C MET A 1 2.09 29.88 0.32
N GLN A 2 0.81 29.61 0.14
CA GLN A 2 0.09 28.71 1.03
C GLN A 2 0.08 27.33 0.38
N ILE A 3 0.43 26.30 1.15
CA ILE A 3 0.49 24.91 0.62
C ILE A 3 -0.78 24.23 1.11
N GLU A 4 -1.66 23.82 0.20
CA GLU A 4 -2.91 23.16 0.59
C GLU A 4 -2.93 21.67 0.25
N LEU A 5 -3.03 20.81 1.28
CA LEU A 5 -3.05 19.37 0.99
C LEU A 5 -4.35 19.03 0.34
N VAL A 6 -4.28 18.06 -0.56
CA VAL A 6 -5.47 17.56 -1.26
C VAL A 6 -5.46 16.05 -1.24
N PRO A 7 -6.32 15.45 -0.38
CA PRO A 7 -6.37 13.99 -0.35
C PRO A 7 -6.86 13.46 -1.69
N CYS A 8 -6.19 12.41 -2.17
CA CYS A 8 -6.53 11.82 -3.43
C CYS A 8 -6.43 10.30 -3.29
N LEU A 9 -7.24 9.62 -4.10
CA LEU A 9 -7.26 8.16 -4.08
C LEU A 9 -7.43 7.70 -2.63
N LYS A 10 -6.69 6.69 -2.23
CA LYS A 10 -6.80 6.12 -0.88
C LYS A 10 -6.00 6.87 0.19
N ASP A 11 -4.73 7.07 -0.11
CA ASP A 11 -3.83 7.71 0.85
C ASP A 11 -2.83 8.59 0.21
N ASN A 12 -3.12 9.03 -1.01
CA ASN A 12 -2.18 9.95 -1.64
C ASN A 12 -2.43 11.38 -1.24
N TYR A 13 -1.35 12.20 -1.28
CA TYR A 13 -1.52 13.62 -1.12
C TYR A 13 -1.00 14.34 -2.34
N ALA A 14 -1.87 15.17 -2.96
CA ALA A 14 -1.43 16.12 -4.00
C ALA A 14 -1.34 17.45 -3.22
N TYR A 15 -0.58 18.44 -3.71
CA TYR A 15 -0.47 19.70 -2.99
C TYR A 15 -0.81 20.87 -3.89
N ILE A 16 -1.66 21.77 -3.41
CA ILE A 16 -2.06 22.96 -4.18
C ILE A 16 -1.17 24.08 -3.70
N LEU A 17 -0.46 24.64 -4.68
CA LEU A 17 0.48 25.71 -4.47
C LEU A 17 -0.13 27.05 -4.86
N HIS A 18 -0.19 27.99 -3.91
CA HIS A 18 -0.84 29.27 -4.24
C HIS A 18 0.08 30.40 -3.84
N ASP A 19 0.55 31.15 -4.83
CA ASP A 19 1.40 32.31 -4.53
C ASP A 19 0.50 33.40 -3.90
N GLU A 20 1.04 34.20 -2.98
CA GLU A 20 0.23 35.24 -2.35
C GLU A 20 0.47 36.63 -2.92
N ASP A 21 0.26 36.73 -4.22
CA ASP A 21 0.41 38.03 -4.85
C ASP A 21 0.06 37.98 -6.32
N THR A 22 0.18 36.81 -6.96
CA THR A 22 -0.11 36.72 -8.40
C THR A 22 -1.22 35.77 -8.84
N GLY A 23 -1.86 35.09 -7.90
CA GLY A 23 -2.86 34.16 -8.33
C GLY A 23 -2.22 32.99 -9.09
N THR A 24 -0.91 32.89 -9.14
CA THR A 24 -0.27 31.74 -9.79
C THR A 24 -0.59 30.49 -8.96
N VAL A 25 -1.01 29.42 -9.63
CA VAL A 25 -1.36 28.18 -8.94
C VAL A 25 -0.67 26.98 -9.53
N GLY A 26 -0.12 26.17 -8.65
CA GLY A 26 0.51 24.94 -9.13
C GLY A 26 -0.05 23.75 -8.35
N VAL A 27 0.13 22.55 -8.88
CA VAL A 27 -0.27 21.36 -8.12
C VAL A 27 0.86 20.31 -8.15
N VAL A 28 1.21 19.78 -6.98
CA VAL A 28 2.24 18.77 -6.91
C VAL A 28 1.60 17.38 -6.95
N ASP A 29 1.99 16.55 -7.89
CA ASP A 29 1.51 15.15 -7.96
C ASP A 29 -0.03 14.93 -7.95
N PRO A 30 -0.74 15.51 -8.94
CA PRO A 30 -2.21 15.36 -9.05
C PRO A 30 -2.57 13.90 -9.43
N SER A 31 -2.83 13.07 -8.41
CA SER A 31 -3.20 11.66 -8.62
C SER A 31 -4.36 11.49 -9.55
N GLU A 32 -5.29 12.44 -9.42
CA GLU A 32 -6.52 12.41 -10.22
C GLU A 32 -6.95 13.89 -10.33
N ALA A 33 -7.78 14.20 -11.32
CA ALA A 33 -8.16 15.58 -11.52
C ALA A 33 -9.25 16.08 -10.58
N GLU A 34 -10.19 15.18 -10.23
CA GLU A 34 -11.37 15.51 -9.39
C GLU A 34 -11.09 16.43 -8.21
N PRO A 35 -10.26 16.00 -7.25
CA PRO A 35 -9.96 16.85 -6.09
C PRO A 35 -9.36 18.23 -6.47
N ILE A 36 -8.40 18.23 -7.40
CA ILE A 36 -7.77 19.47 -7.86
C ILE A 36 -8.80 20.36 -8.56
N ILE A 37 -9.56 19.77 -9.46
CA ILE A 37 -10.64 20.50 -10.15
C ILE A 37 -11.56 21.06 -9.11
N ASP A 38 -11.97 20.23 -8.15
CA ASP A 38 -12.90 20.68 -7.10
C ASP A 38 -12.39 21.89 -6.36
N SER A 39 -11.23 21.74 -5.73
CA SER A 39 -10.61 22.83 -4.98
C SER A 39 -10.45 24.09 -5.82
N LEU A 40 -9.94 23.96 -7.03
CA LEU A 40 -9.78 25.14 -7.90
C LEU A 40 -11.14 25.87 -8.09
N LYS A 41 -12.23 25.11 -8.02
CA LYS A 41 -13.56 25.69 -8.18
C LYS A 41 -13.91 26.54 -6.96
N ARG A 42 -13.82 25.94 -5.77
CA ARG A 42 -14.16 26.66 -4.56
C ARG A 42 -13.27 27.85 -4.38
N SER A 43 -12.07 27.78 -4.96
CA SER A 43 -11.14 28.88 -4.87
C SER A 43 -11.32 29.80 -6.06
N GLY A 44 -12.02 29.29 -7.07
CA GLY A 44 -12.25 30.07 -8.26
C GLY A 44 -10.97 30.58 -8.91
N ARG A 45 -10.13 29.69 -9.41
CA ARG A 45 -8.88 30.10 -10.08
C ARG A 45 -8.47 29.07 -11.11
N ASN A 46 -7.52 29.43 -11.98
CA ASN A 46 -7.00 28.57 -13.05
C ASN A 46 -5.72 27.92 -12.55
N LEU A 47 -5.38 26.78 -13.15
CA LEU A 47 -4.15 26.04 -12.80
C LEU A 47 -2.93 26.42 -13.70
N THR A 48 -1.95 27.14 -13.13
CA THR A 48 -0.79 27.51 -13.93
C THR A 48 0.16 26.36 -14.29
N TYR A 49 0.63 25.69 -13.24
CA TYR A 49 1.61 24.63 -13.36
C TYR A 49 1.22 23.31 -12.68
N ILE A 50 1.77 22.23 -13.22
CA ILE A 50 1.61 20.88 -12.67
C ILE A 50 3.05 20.43 -12.42
N LEU A 51 3.28 19.74 -11.30
CA LEU A 51 4.65 19.26 -10.98
C LEU A 51 4.50 17.75 -10.70
N ASN A 52 5.61 17.03 -10.94
CA ASN A 52 5.58 15.62 -10.69
C ASN A 52 6.90 15.18 -10.13
N THR A 53 6.83 14.67 -8.90
CA THR A 53 8.01 14.14 -8.23
C THR A 53 8.53 12.88 -8.95
N HIS A 54 7.65 12.03 -9.40
CA HIS A 54 8.06 10.80 -10.08
C HIS A 54 6.92 10.32 -11.02
N HIS A 55 7.15 9.26 -11.80
CA HIS A 55 6.22 8.84 -12.84
C HIS A 55 5.01 7.98 -12.52
N HIS A 56 5.04 7.37 -11.33
CA HIS A 56 3.98 6.43 -10.94
C HIS A 56 2.61 7.03 -11.17
N TYR A 57 1.68 6.15 -11.57
CA TYR A 57 0.36 6.58 -11.93
C TYR A 57 -0.35 7.35 -10.82
N ASP A 58 -0.09 6.98 -9.57
CA ASP A 58 -0.74 7.69 -8.46
C ASP A 58 -0.18 9.08 -8.21
N HIS A 59 0.80 9.52 -9.03
CA HIS A 59 1.36 10.89 -8.91
C HIS A 59 1.23 11.66 -10.23
N THR A 60 0.85 10.95 -11.32
CA THR A 60 0.78 11.59 -12.66
C THR A 60 -0.58 11.33 -13.36
N GLY A 61 -1.43 10.55 -12.70
CA GLY A 61 -2.71 10.16 -13.30
C GLY A 61 -3.59 11.30 -13.74
N GLY A 62 -3.44 12.46 -13.06
CA GLY A 62 -4.25 13.62 -13.40
C GLY A 62 -3.61 14.57 -14.40
N ASN A 63 -2.36 14.35 -14.77
CA ASN A 63 -1.65 15.29 -15.65
C ASN A 63 -2.39 15.75 -16.94
N LEU A 64 -2.63 14.80 -17.85
CA LEU A 64 -3.18 15.14 -19.16
C LEU A 64 -4.55 15.80 -19.05
N GLU A 65 -5.40 15.23 -18.20
CA GLU A 65 -6.73 15.78 -18.00
C GLU A 65 -6.62 17.21 -17.50
N LEU A 66 -5.70 17.48 -16.58
CA LEU A 66 -5.55 18.83 -16.04
C LEU A 66 -4.89 19.79 -17.03
N LYS A 67 -3.85 19.31 -17.71
CA LYS A 67 -3.15 20.10 -18.72
C LYS A 67 -4.18 20.47 -19.82
N ASP A 68 -5.00 19.52 -20.27
CA ASP A 68 -6.01 19.80 -21.33
C ASP A 68 -7.01 20.86 -20.89
N ARG A 69 -7.70 20.61 -19.77
CA ARG A 69 -8.75 21.52 -19.30
C ARG A 69 -8.32 22.93 -18.92
N TYR A 70 -7.17 23.03 -18.26
CA TYR A 70 -6.67 24.32 -17.83
C TYR A 70 -5.61 24.92 -18.74
N GLY A 71 -5.09 24.13 -19.66
CA GLY A 71 -3.99 24.63 -20.48
C GLY A 71 -2.79 24.83 -19.58
N ALA A 72 -2.66 23.99 -18.53
CA ALA A 72 -1.54 24.11 -17.60
C ALA A 72 -0.22 23.56 -18.18
N LYS A 73 0.94 23.95 -17.63
CA LYS A 73 2.21 23.39 -18.13
C LYS A 73 2.70 22.32 -17.14
N VAL A 74 3.19 21.18 -17.64
CA VAL A 74 3.72 20.08 -16.78
C VAL A 74 5.24 20.23 -16.66
N ILE A 75 5.72 20.19 -15.43
CA ILE A 75 7.14 20.37 -15.07
C ILE A 75 7.55 19.05 -14.43
N GLY A 76 8.60 18.44 -14.99
CA GLY A 76 9.07 17.17 -14.47
C GLY A 76 10.59 16.95 -14.53
N SER A 77 11.03 15.74 -14.20
CA SER A 77 12.48 15.48 -14.14
C SER A 77 13.17 15.16 -15.45
N ALA A 78 14.42 15.66 -15.60
CA ALA A 78 15.21 15.36 -16.79
C ALA A 78 15.35 13.85 -17.00
N MET A 79 15.51 13.09 -15.93
CA MET A 79 15.65 11.65 -16.12
C MET A 79 14.43 10.95 -16.67
N ASP A 80 13.24 11.47 -16.36
CA ASP A 80 11.96 10.93 -16.72
C ASP A 80 11.26 11.86 -17.70
N LYS A 81 11.78 11.95 -18.93
CA LYS A 81 11.19 12.83 -19.93
C LYS A 81 9.92 12.23 -20.50
N ASP A 82 10.07 11.17 -21.29
CA ASP A 82 8.91 10.56 -21.91
C ASP A 82 8.12 9.67 -20.95
N ARG A 83 8.42 9.76 -19.63
CA ARG A 83 7.72 9.01 -18.59
C ARG A 83 6.68 9.85 -17.84
N ILE A 84 6.77 11.17 -17.97
CA ILE A 84 5.86 12.08 -17.29
C ILE A 84 4.81 12.53 -18.33
N PRO A 85 3.57 12.10 -18.16
CA PRO A 85 2.60 12.52 -19.16
C PRO A 85 2.44 14.02 -19.31
N GLY A 86 2.56 14.47 -20.58
CA GLY A 86 2.37 15.89 -20.89
C GLY A 86 3.49 16.86 -20.52
N ILE A 87 4.65 16.34 -20.14
CA ILE A 87 5.76 17.21 -19.70
C ILE A 87 6.08 18.27 -20.75
N ASP A 88 6.21 19.49 -20.26
CA ASP A 88 6.53 20.63 -21.07
C ASP A 88 7.90 21.23 -20.69
N MET A 89 8.23 21.20 -19.41
CA MET A 89 9.49 21.77 -18.95
C MET A 89 10.27 20.69 -18.19
N ALA A 90 11.52 20.44 -18.63
CA ALA A 90 12.37 19.42 -17.99
C ALA A 90 13.18 20.04 -16.82
N LEU A 91 13.55 19.21 -15.85
CA LEU A 91 14.30 19.70 -14.69
C LEU A 91 15.46 18.78 -14.35
N LYS A 92 16.60 19.40 -14.08
CA LYS A 92 17.87 18.76 -13.78
C LYS A 92 18.29 18.93 -12.35
N ASP A 93 19.10 18.00 -11.84
CA ASP A 93 19.58 18.13 -10.48
C ASP A 93 20.31 19.48 -10.24
N GLY A 94 19.84 20.21 -9.24
CA GLY A 94 20.41 21.49 -8.90
C GLY A 94 19.82 22.66 -9.67
N ASP A 95 18.94 22.38 -10.63
CA ASP A 95 18.31 23.50 -11.35
C ASP A 95 17.47 24.29 -10.40
N LYS A 96 17.36 25.59 -10.70
CA LYS A 96 16.47 26.48 -9.96
C LYS A 96 15.32 26.69 -10.98
N TRP A 97 14.10 26.75 -10.45
CA TRP A 97 12.88 26.95 -11.27
C TRP A 97 12.06 27.99 -10.50
N MET A 98 11.54 29.00 -11.21
CA MET A 98 10.83 30.07 -10.52
C MET A 98 9.29 29.93 -10.48
N PHE A 99 8.75 29.90 -9.28
CA PHE A 99 7.31 29.82 -9.04
C PHE A 99 6.87 31.21 -8.62
N ALA A 100 6.28 31.99 -9.54
CA ALA A 100 5.80 33.32 -9.14
C ALA A 100 6.61 34.02 -8.05
N GLY A 101 7.85 34.29 -8.43
CA GLY A 101 8.76 34.97 -7.57
C GLY A 101 9.50 34.15 -6.57
N HIS A 102 9.08 32.91 -6.42
CA HIS A 102 9.71 32.05 -5.40
C HIS A 102 10.51 30.93 -6.11
N GLU A 103 11.75 30.77 -5.73
CA GLU A 103 12.60 29.76 -6.38
C GLU A 103 12.34 28.34 -5.88
N VAL A 104 12.48 27.41 -6.80
CA VAL A 104 12.36 25.97 -6.47
C VAL A 104 13.72 25.39 -6.85
N HIS A 105 14.32 24.61 -5.93
CA HIS A 105 15.64 24.02 -6.16
C HIS A 105 15.39 22.53 -6.30
N VAL A 106 15.65 22.03 -7.52
CA VAL A 106 15.43 20.63 -7.87
C VAL A 106 16.53 19.75 -7.29
N MET A 107 16.12 18.61 -6.75
CA MET A 107 17.06 17.66 -6.18
C MET A 107 16.75 16.26 -6.67
N ASP A 108 17.64 15.63 -7.46
CA ASP A 108 17.37 14.24 -7.85
C ASP A 108 17.40 13.43 -6.55
N THR A 109 16.45 12.51 -6.37
CA THR A 109 16.36 11.69 -5.16
C THR A 109 15.99 10.24 -5.49
N PRO A 110 16.84 9.58 -6.32
CA PRO A 110 16.63 8.20 -6.73
C PRO A 110 16.48 7.20 -5.55
N GLY A 111 15.78 6.10 -5.79
CA GLY A 111 15.64 5.08 -4.75
C GLY A 111 14.36 4.34 -5.03
N HIS A 112 13.24 5.03 -4.74
CA HIS A 112 11.92 4.46 -5.00
C HIS A 112 11.84 4.23 -6.54
N THR A 113 12.25 5.23 -7.32
CA THR A 113 12.36 5.04 -8.79
C THR A 113 13.63 5.75 -9.19
N LYS A 114 14.02 5.53 -10.47
CA LYS A 114 15.17 6.20 -11.04
C LYS A 114 14.52 7.39 -11.72
N GLY A 115 14.90 8.58 -11.30
CA GLY A 115 14.33 9.76 -11.93
C GLY A 115 13.57 10.57 -10.90
N HIS A 116 13.28 9.96 -9.75
CA HIS A 116 12.54 10.68 -8.69
C HIS A 116 13.28 11.93 -8.29
N ILE A 117 12.53 13.04 -8.18
CA ILE A 117 13.11 14.29 -7.71
C ILE A 117 12.31 14.79 -6.50
N SER A 118 12.91 15.70 -5.71
CA SER A 118 12.17 16.34 -4.61
C SER A 118 12.28 17.84 -4.94
N LEU A 119 11.30 18.63 -4.47
CA LEU A 119 11.27 20.04 -4.81
C LEU A 119 11.36 20.89 -3.55
N TYR A 120 12.45 21.65 -3.41
CA TYR A 120 12.67 22.45 -2.24
C TYR A 120 12.37 23.92 -2.46
N PHE A 121 11.47 24.46 -1.66
CA PHE A 121 11.08 25.89 -1.77
C PHE A 121 11.72 26.52 -0.53
N PRO A 122 12.94 27.08 -0.67
CA PRO A 122 13.60 27.68 0.50
C PRO A 122 12.80 28.81 1.14
N GLY A 123 12.18 29.63 0.28
CA GLY A 123 11.40 30.77 0.78
C GLY A 123 10.24 30.39 1.66
N SER A 124 9.81 29.14 1.52
CA SER A 124 8.69 28.64 2.31
C SER A 124 9.13 27.57 3.29
N ARG A 125 10.42 27.33 3.40
CA ARG A 125 11.01 26.29 4.27
C ARG A 125 10.20 24.99 4.09
N ALA A 126 9.98 24.62 2.84
CA ALA A 126 9.18 23.44 2.51
C ALA A 126 9.81 22.63 1.40
N ILE A 127 9.73 21.28 1.54
CA ILE A 127 10.23 20.42 0.49
C ILE A 127 9.20 19.30 0.22
N PHE A 128 8.87 19.15 -1.08
CA PHE A 128 7.96 18.07 -1.52
C PHE A 128 8.85 16.88 -1.85
N THR A 129 8.69 15.77 -1.10
CA THR A 129 9.59 14.62 -1.25
C THR A 129 8.99 13.41 -2.00
N GLY A 130 7.80 13.56 -2.53
CA GLY A 130 7.19 12.45 -3.28
C GLY A 130 7.23 11.20 -2.40
N ASP A 131 7.66 10.06 -2.96
CA ASP A 131 7.75 8.85 -2.15
C ASP A 131 9.20 8.54 -1.73
N THR A 132 10.08 9.55 -1.83
CA THR A 132 11.47 9.34 -1.39
C THR A 132 11.38 9.17 0.13
N MET A 133 10.93 10.21 0.83
CA MET A 133 10.81 10.11 2.31
C MET A 133 9.34 10.14 2.69
N PHE A 134 8.91 9.20 3.54
CA PHE A 134 7.58 9.21 4.07
C PHE A 134 7.70 9.65 5.52
N SER A 135 6.71 10.42 6.10
CA SER A 135 6.89 10.68 7.53
C SER A 135 6.91 9.29 8.20
N LEU A 136 8.14 8.91 8.66
CA LEU A 136 8.49 7.66 9.34
C LEU A 136 8.71 6.45 8.44
N SER A 137 8.90 6.70 7.15
CA SER A 137 9.19 5.57 6.22
C SER A 137 9.97 6.05 5.00
N CYS A 138 9.94 5.20 3.94
CA CYS A 138 10.58 5.46 2.64
C CYS A 138 9.91 4.68 1.55
N GLY A 139 10.13 5.16 0.32
CA GLY A 139 9.53 4.48 -0.79
C GLY A 139 10.20 3.15 -1.10
N LYS A 140 9.53 2.03 -0.90
CA LYS A 140 10.17 0.75 -1.31
C LYS A 140 11.01 0.96 -2.60
N LEU A 141 12.24 0.44 -2.63
CA LEU A 141 13.15 0.69 -3.77
C LEU A 141 12.78 -0.13 -4.99
N PHE A 142 11.78 0.33 -5.71
CA PHE A 142 11.30 -0.38 -6.91
C PHE A 142 12.34 -0.39 -7.99
N GLU A 143 13.03 0.72 -8.21
CA GLU A 143 14.02 0.77 -9.31
C GLU A 143 15.46 1.13 -8.89
N GLY A 144 15.60 1.65 -7.68
CA GLY A 144 16.90 2.10 -7.19
C GLY A 144 17.48 1.15 -6.17
N THR A 145 18.58 1.57 -5.55
CA THR A 145 19.29 0.77 -4.58
C THR A 145 19.26 1.40 -3.21
N PRO A 146 19.62 0.62 -2.19
CA PRO A 146 19.66 1.10 -0.81
C PRO A 146 20.67 2.25 -0.76
N LYS A 147 21.78 2.13 -1.52
CA LYS A 147 22.74 3.21 -1.46
C LYS A 147 22.19 4.53 -1.99
N GLN A 148 21.46 4.45 -3.09
CA GLN A 148 20.88 5.63 -3.69
C GLN A 148 19.84 6.24 -2.75
N MET A 149 19.00 5.39 -2.15
CA MET A 149 17.99 5.91 -1.24
C MET A 149 18.66 6.57 -0.04
N LEU A 150 19.70 5.98 0.52
CA LEU A 150 20.35 6.61 1.67
C LEU A 150 20.91 7.99 1.29
N ALA A 151 21.47 8.10 0.10
CA ALA A 151 22.04 9.34 -0.36
C ALA A 151 20.93 10.38 -0.56
N SER A 152 19.80 9.92 -1.12
CA SER A 152 18.66 10.83 -1.37
C SER A 152 18.07 11.33 -0.06
N LEU A 153 18.01 10.44 0.94
CA LEU A 153 17.49 10.83 2.25
C LEU A 153 18.43 11.84 2.89
N GLN A 154 19.74 11.62 2.71
CA GLN A 154 20.71 12.58 3.28
C GLN A 154 20.61 13.99 2.61
N LYS A 155 20.36 14.05 1.29
CA LYS A 155 20.23 15.35 0.67
C LYS A 155 19.05 16.07 1.34
N ILE A 156 17.96 15.34 1.57
CA ILE A 156 16.76 15.94 2.19
C ILE A 156 17.10 16.29 3.62
N THR A 157 17.81 15.43 4.36
CA THR A 157 18.13 15.75 5.75
C THR A 157 19.30 16.74 5.95
N SER A 158 19.89 17.22 4.89
CA SER A 158 20.98 18.22 4.97
C SER A 158 20.36 19.63 4.92
N LEU A 159 19.03 19.69 4.88
CA LEU A 159 18.29 20.95 4.91
C LEU A 159 18.02 21.34 6.38
N PRO A 160 17.64 22.60 6.65
CA PRO A 160 17.41 23.04 8.02
C PRO A 160 16.37 22.16 8.72
N ASP A 161 16.61 21.88 10.00
CA ASP A 161 15.68 21.04 10.75
C ASP A 161 14.27 21.59 10.75
N ASP A 162 14.14 22.89 10.54
CA ASP A 162 12.81 23.46 10.57
C ASP A 162 12.08 23.38 9.22
N THR A 163 12.64 22.64 8.27
CA THR A 163 12.03 22.50 6.96
C THR A 163 10.84 21.51 7.07
N SER A 164 9.71 21.92 6.53
CA SER A 164 8.51 21.07 6.53
C SER A 164 8.62 20.14 5.32
N ILE A 165 8.30 18.85 5.54
CA ILE A 165 8.38 17.81 4.51
C ILE A 165 6.98 17.42 4.11
N TYR A 166 6.69 17.51 2.80
CA TYR A 166 5.37 17.18 2.25
C TYR A 166 5.58 15.98 1.30
N CYS A 167 5.23 14.73 1.73
CA CYS A 167 5.38 13.52 0.99
C CYS A 167 4.11 13.07 0.27
N GLY A 168 4.27 12.06 -0.53
CA GLY A 168 3.17 11.58 -1.38
C GLY A 168 2.03 10.80 -0.72
N HIS A 169 2.30 10.23 0.44
CA HIS A 169 1.27 9.42 1.10
C HIS A 169 1.17 9.65 2.59
N GLU A 170 0.02 9.25 3.09
CA GLU A 170 -0.32 9.35 4.52
C GLU A 170 -0.15 7.89 5.01
N TYR A 171 1.11 7.52 5.32
CA TYR A 171 1.44 6.16 5.78
C TYR A 171 1.86 6.13 7.26
N THR A 172 2.11 7.34 7.79
CA THR A 172 2.68 7.52 9.11
C THR A 172 2.18 6.56 10.21
N LEU A 173 0.90 6.21 10.17
CA LEU A 173 0.35 5.36 11.21
C LEU A 173 0.99 3.97 11.17
N SER A 174 0.92 3.30 10.02
CA SER A 174 1.51 1.98 9.86
C SER A 174 3.02 2.10 10.10
N ASN A 175 3.64 3.17 9.57
CA ASN A 175 5.08 3.42 9.71
C ASN A 175 5.45 3.52 11.19
N SER A 176 4.67 4.29 11.93
CA SER A 176 4.98 4.46 13.36
C SER A 176 4.97 3.13 14.12
N LYS A 177 4.09 2.19 13.72
CA LYS A 177 4.05 0.92 14.43
C LYS A 177 5.32 0.10 14.16
N PHE A 178 5.74 0.04 12.91
CA PHE A 178 6.95 -0.72 12.58
C PHE A 178 8.16 -0.04 13.30
N ALA A 179 8.25 1.29 13.24
CA ALA A 179 9.37 1.99 13.88
C ALA A 179 9.49 1.61 15.37
N LEU A 180 8.36 1.61 16.10
CA LEU A 180 8.35 1.26 17.52
C LEU A 180 8.75 -0.22 17.75
N SER A 181 8.46 -1.09 16.78
CA SER A 181 8.88 -2.50 16.95
C SER A 181 10.39 -2.61 16.88
N LEU A 182 11.05 -1.52 16.50
CA LEU A 182 12.51 -1.51 16.39
C LEU A 182 13.17 -0.57 17.39
N GLU A 183 12.51 0.50 17.81
CA GLU A 183 13.18 1.46 18.73
C GLU A 183 12.16 1.94 19.74
N PRO A 184 11.60 1.02 20.51
CA PRO A 184 10.57 1.38 21.49
C PRO A 184 11.02 2.30 22.61
N ASN A 185 12.33 2.34 22.87
CA ASN A 185 12.83 3.20 23.97
C ASN A 185 13.10 4.62 23.53
N ASN A 186 12.69 4.96 22.29
CA ASN A 186 12.90 6.34 21.80
C ASN A 186 11.64 7.12 22.19
N GLU A 187 11.76 8.04 23.15
CA GLU A 187 10.54 8.76 23.61
C GLU A 187 10.01 9.78 22.64
N VAL A 188 10.89 10.37 21.84
CA VAL A 188 10.44 11.33 20.87
C VAL A 188 9.53 10.55 19.94
N LEU A 189 9.96 9.34 19.56
CA LEU A 189 9.10 8.52 18.68
C LEU A 189 7.81 8.13 19.43
N GLN A 190 7.91 7.79 20.73
CA GLN A 190 6.71 7.43 21.47
C GLN A 190 5.71 8.58 21.44
N SER A 191 6.17 9.80 21.74
CA SER A 191 5.31 11.00 21.80
C SER A 191 4.72 11.27 20.41
N TYR A 192 5.58 11.21 19.39
CA TYR A 192 5.07 11.47 18.05
C TYR A 192 4.09 10.39 17.60
N ALA A 193 4.41 9.14 17.86
CA ALA A 193 3.55 8.05 17.46
C ALA A 193 2.17 8.21 18.11
N ALA A 194 2.12 8.68 19.36
CA ALA A 194 0.81 8.88 19.99
C ALA A 194 0.07 10.02 19.34
N HIS A 195 0.79 11.10 19.04
CA HIS A 195 0.15 12.25 18.43
C HIS A 195 -0.44 11.86 17.07
N VAL A 196 0.28 10.98 16.35
CA VAL A 196 -0.14 10.49 15.04
C VAL A 196 -1.43 9.68 15.17
N ALA A 197 -1.50 8.81 16.16
CA ALA A 197 -2.69 8.01 16.38
C ALA A 197 -3.91 8.90 16.66
N GLU A 198 -3.71 9.96 17.44
CA GLU A 198 -4.80 10.90 17.74
C GLU A 198 -5.23 11.62 16.48
N LEU A 199 -4.28 12.02 15.63
CA LEU A 199 -4.61 12.77 14.39
C LEU A 199 -5.44 11.84 13.48
N ARG A 200 -4.99 10.62 13.34
CA ARG A 200 -5.71 9.68 12.49
C ARG A 200 -7.08 9.31 13.03
N SER A 201 -7.24 9.27 14.36
CA SER A 201 -8.55 8.95 14.92
C SER A 201 -9.61 10.00 14.59
N LYS A 202 -9.14 11.21 14.27
CA LYS A 202 -10.03 12.29 13.86
C LYS A 202 -9.97 12.53 12.36
N LYS A 203 -9.31 11.60 11.68
CA LYS A 203 -9.21 11.62 10.22
C LYS A 203 -8.43 12.80 9.67
N LEU A 204 -7.56 13.37 10.48
CA LEU A 204 -6.73 14.47 9.99
C LEU A 204 -5.35 13.95 9.52
N PRO A 205 -4.77 14.63 8.58
CA PRO A 205 -3.45 14.28 8.03
C PRO A 205 -2.41 14.39 9.09
N THR A 206 -1.27 13.71 8.87
CA THR A 206 -0.14 13.81 9.79
C THR A 206 0.99 14.55 9.10
N ILE A 207 0.71 15.08 7.90
CA ILE A 207 1.73 15.73 7.07
C ILE A 207 1.31 17.21 7.02
N PRO A 208 2.28 18.13 6.97
CA PRO A 208 3.72 17.91 6.91
C PRO A 208 4.40 17.42 8.18
N THR A 209 5.58 16.83 7.99
CA THR A 209 6.41 16.49 9.12
C THR A 209 7.62 17.47 8.98
N THR A 210 8.68 17.26 9.78
CA THR A 210 9.85 18.16 9.63
C THR A 210 11.16 17.37 9.57
N VAL A 211 12.23 18.03 9.13
CA VAL A 211 13.50 17.37 9.08
C VAL A 211 13.90 16.95 10.51
N LYS A 212 13.65 17.82 11.50
CA LYS A 212 14.01 17.55 12.89
C LYS A 212 13.29 16.32 13.35
N MET A 213 11.99 16.30 13.17
CA MET A 213 11.21 15.15 13.62
C MET A 213 11.62 13.87 12.95
N GLU A 214 11.92 13.89 11.66
CA GLU A 214 12.24 12.61 11.02
C GLU A 214 13.64 12.13 11.46
N LYS A 215 14.59 13.08 11.62
CA LYS A 215 15.92 12.66 12.11
C LYS A 215 15.77 11.99 13.48
N ALA A 216 14.83 12.50 14.30
CA ALA A 216 14.66 11.94 15.64
C ALA A 216 13.89 10.66 15.67
N CYS A 217 12.92 10.51 14.75
CA CYS A 217 12.04 9.34 14.80
C CYS A 217 12.04 8.33 13.67
N ASN A 218 12.46 8.75 12.48
CA ASN A 218 12.34 7.88 11.29
C ASN A 218 13.44 6.83 11.38
N PRO A 219 13.07 5.59 11.71
CA PRO A 219 14.15 4.58 11.80
C PRO A 219 15.07 4.47 10.57
N PHE A 220 14.62 4.90 9.37
CA PHE A 220 15.53 4.81 8.22
C PHE A 220 16.69 5.82 8.31
N LEU A 221 16.40 7.02 8.81
CA LEU A 221 17.43 8.03 8.97
C LEU A 221 18.32 7.69 10.15
N ARG A 222 18.09 6.51 10.75
CA ARG A 222 18.81 6.11 11.95
C ARG A 222 19.40 4.68 11.75
N SER A 223 19.91 4.40 10.58
CA SER A 223 20.40 3.04 10.27
C SER A 223 21.64 2.59 11.02
N SER A 224 22.25 3.47 11.83
CA SER A 224 23.43 3.06 12.62
C SER A 224 23.01 3.07 14.12
N ASN A 225 21.71 3.18 14.37
CA ASN A 225 21.25 3.21 15.77
C ASN A 225 21.40 1.85 16.47
N THR A 226 21.87 1.85 17.72
CA THR A 226 22.09 0.61 18.47
C THR A 226 20.90 -0.35 18.47
N ASP A 227 19.79 0.10 19.06
CA ASP A 227 18.59 -0.73 19.18
C ASP A 227 18.04 -1.21 17.86
N ILE A 228 17.97 -0.31 16.87
CA ILE A 228 17.47 -0.72 15.57
C ILE A 228 18.34 -1.86 15.04
N ARG A 229 19.69 -1.73 15.10
CA ARG A 229 20.53 -2.81 14.59
C ARG A 229 20.36 -4.13 15.37
N ARG A 230 20.19 -4.01 16.67
CA ARG A 230 20.01 -5.20 17.48
C ARG A 230 18.65 -5.83 17.17
N ALA A 231 17.60 -5.02 17.18
CA ALA A 231 16.26 -5.59 16.89
C ALA A 231 16.23 -6.36 15.59
N LEU A 232 17.09 -5.97 14.60
CA LEU A 232 17.13 -6.63 13.28
C LEU A 232 18.39 -7.51 13.09
N ARG A 233 19.22 -7.59 14.13
CA ARG A 233 20.43 -8.37 13.99
C ARG A 233 21.28 -8.00 12.75
N ILE A 234 21.29 -6.70 12.43
CA ILE A 234 22.16 -6.21 11.32
C ILE A 234 23.58 -6.08 11.94
N PRO A 235 24.63 -6.56 11.23
CA PRO A 235 26.02 -6.50 11.69
C PRO A 235 26.43 -5.11 12.13
N GLU A 236 27.06 -5.03 13.30
CA GLU A 236 27.53 -3.73 13.77
C GLU A 236 28.50 -3.17 12.76
N ALA A 237 29.19 -4.05 12.03
CA ALA A 237 30.13 -3.60 11.00
C ALA A 237 29.52 -2.97 9.73
N ALA A 238 28.38 -3.53 9.27
CA ALA A 238 27.80 -3.10 7.98
C ALA A 238 27.67 -1.60 7.89
N ASP A 239 27.76 -1.04 6.71
CA ASP A 239 27.65 0.40 6.66
C ASP A 239 26.15 0.81 6.68
N GLU A 240 25.88 2.10 6.61
CA GLU A 240 24.51 2.59 6.70
C GLU A 240 23.62 2.22 5.52
N ALA A 241 24.22 2.15 4.35
CA ALA A 241 23.49 1.78 3.14
C ALA A 241 23.05 0.31 3.25
N GLU A 242 23.96 -0.59 3.63
CA GLU A 242 23.59 -2.02 3.80
C GLU A 242 22.49 -2.18 4.88
N ALA A 243 22.63 -1.43 5.99
CA ALA A 243 21.63 -1.48 7.10
C ALA A 243 20.26 -1.00 6.55
N LEU A 244 20.27 0.13 5.84
CA LEU A 244 19.01 0.63 5.28
C LEU A 244 18.35 -0.45 4.44
N GLY A 245 19.13 -1.18 3.63
CA GLY A 245 18.56 -2.24 2.81
C GLY A 245 17.87 -3.35 3.64
N ILE A 246 18.46 -3.74 4.76
CA ILE A 246 17.84 -4.75 5.65
C ILE A 246 16.60 -4.17 6.33
N ILE A 247 16.67 -2.91 6.81
CA ILE A 247 15.52 -2.27 7.44
C ILE A 247 14.37 -2.23 6.43
N ARG A 248 14.69 -1.85 5.19
CA ARG A 248 13.65 -1.71 4.16
C ARG A 248 13.07 -3.05 3.83
N LYS A 249 13.88 -4.10 3.88
CA LYS A 249 13.33 -5.44 3.57
C LYS A 249 12.46 -5.93 4.72
N ALA A 250 12.87 -5.62 5.95
CA ALA A 250 12.07 -6.06 7.09
C ALA A 250 10.71 -5.37 7.09
N LYS A 251 10.72 -4.05 6.93
CA LYS A 251 9.45 -3.33 6.92
C LYS A 251 8.57 -3.87 5.79
N ASP A 252 9.22 -4.27 4.66
CA ASP A 252 8.46 -4.78 3.55
C ASP A 252 7.59 -5.98 3.95
N ASP A 253 8.08 -6.85 4.83
CA ASP A 253 7.37 -8.07 5.20
C ASP A 253 6.82 -8.01 6.63
N PHE A 254 6.64 -6.80 7.18
CA PHE A 254 6.17 -6.62 8.57
C PHE A 254 4.64 -6.94 8.70
N MET B 1 -23.86 -19.88 6.86
CA MET B 1 -22.88 -19.07 7.67
C MET B 1 -22.99 -17.59 7.27
N GLN B 2 -22.95 -16.67 8.22
CA GLN B 2 -23.02 -15.26 7.88
C GLN B 2 -21.57 -14.79 7.87
N ILE B 3 -21.17 -14.17 6.76
CA ILE B 3 -19.81 -13.62 6.59
C ILE B 3 -19.93 -12.11 6.63
N GLU B 4 -19.38 -11.51 7.70
CA GLU B 4 -19.42 -10.07 7.91
C GLU B 4 -18.04 -9.49 7.76
N LEU B 5 -17.89 -8.57 6.78
CA LEU B 5 -16.59 -7.95 6.56
C LEU B 5 -16.44 -6.79 7.53
N VAL B 6 -15.26 -6.73 8.12
CA VAL B 6 -14.96 -5.67 9.08
C VAL B 6 -13.79 -4.81 8.62
N PRO B 7 -14.07 -3.52 8.30
CA PRO B 7 -13.01 -2.59 7.89
C PRO B 7 -12.04 -2.39 9.04
N CYS B 8 -10.75 -2.53 8.74
CA CYS B 8 -9.70 -2.38 9.73
C CYS B 8 -8.59 -1.56 9.13
N LEU B 9 -7.88 -0.83 9.99
CA LEU B 9 -6.78 0.00 9.54
C LEU B 9 -7.35 0.91 8.42
N LYS B 10 -6.60 1.08 7.35
CA LYS B 10 -6.95 1.98 6.25
C LYS B 10 -7.59 1.23 5.10
N ASP B 11 -7.26 -0.03 4.94
CA ASP B 11 -7.80 -0.79 3.82
C ASP B 11 -7.77 -2.32 4.02
N ASN B 12 -7.66 -2.74 5.31
CA ASN B 12 -7.72 -4.13 5.61
C ASN B 12 -9.17 -4.63 5.83
N TYR B 13 -9.38 -5.88 5.47
CA TYR B 13 -10.64 -6.53 5.80
C TYR B 13 -10.42 -7.75 6.72
N ALA B 14 -11.13 -7.76 7.86
CA ALA B 14 -11.18 -8.93 8.76
C ALA B 14 -12.58 -9.49 8.42
N TYR B 15 -12.89 -10.73 8.81
CA TYR B 15 -14.20 -11.28 8.49
C TYR B 15 -14.75 -12.01 9.69
N ILE B 16 -15.87 -11.51 10.18
CA ILE B 16 -16.49 -12.18 11.32
C ILE B 16 -17.44 -13.24 10.74
N LEU B 17 -17.24 -14.52 11.16
CA LEU B 17 -18.09 -15.59 10.62
C LEU B 17 -19.00 -16.10 11.75
N HIS B 18 -20.32 -16.01 11.53
CA HIS B 18 -21.27 -16.46 12.55
C HIS B 18 -22.01 -17.72 12.07
N ASP B 19 -21.96 -18.79 12.86
CA ASP B 19 -22.69 -20.01 12.50
C ASP B 19 -24.12 -19.79 13.01
N GLU B 20 -25.09 -19.92 12.12
CA GLU B 20 -26.46 -19.63 12.48
C GLU B 20 -27.00 -20.61 13.52
N ASP B 21 -26.86 -21.90 13.22
CA ASP B 21 -27.38 -22.93 14.11
C ASP B 21 -26.88 -22.78 15.53
N THR B 22 -25.56 -22.70 15.69
CA THR B 22 -25.07 -22.64 17.05
C THR B 22 -25.10 -21.25 17.67
N GLY B 23 -23.93 -20.60 17.66
CA GLY B 23 -23.71 -19.28 18.25
C GLY B 23 -22.19 -19.08 18.21
N THR B 24 -21.48 -20.03 17.65
CA THR B 24 -20.01 -19.90 17.57
C THR B 24 -19.59 -18.70 16.69
N VAL B 25 -18.50 -18.05 17.03
CA VAL B 25 -18.08 -16.89 16.22
C VAL B 25 -16.59 -16.99 15.94
N GLY B 26 -16.24 -16.88 14.65
CA GLY B 26 -14.83 -16.90 14.27
C GLY B 26 -14.46 -15.58 13.62
N VAL B 27 -13.18 -15.16 13.70
CA VAL B 27 -12.78 -13.93 13.01
C VAL B 27 -11.53 -14.27 12.18
N VAL B 28 -11.56 -13.89 10.90
CA VAL B 28 -10.43 -14.12 10.00
C VAL B 28 -9.66 -12.81 9.94
N ASP B 29 -8.37 -12.90 10.26
CA ASP B 29 -7.44 -11.77 10.17
C ASP B 29 -7.86 -10.51 10.87
N PRO B 30 -7.93 -10.53 12.19
CA PRO B 30 -8.31 -9.36 12.98
C PRO B 30 -7.15 -8.35 13.07
N SER B 31 -7.08 -7.39 12.14
CA SER B 31 -6.01 -6.39 12.09
C SER B 31 -5.89 -5.62 13.38
N GLU B 32 -7.03 -5.36 13.99
CA GLU B 32 -7.08 -4.64 15.26
C GLU B 32 -8.29 -5.24 16.00
N ALA B 33 -8.21 -5.23 17.32
CA ALA B 33 -9.27 -5.71 18.20
C ALA B 33 -10.56 -4.89 18.20
N GLU B 34 -10.43 -3.57 18.39
CA GLU B 34 -11.61 -2.68 18.54
C GLU B 34 -12.79 -2.91 17.64
N PRO B 35 -12.54 -2.99 16.32
CA PRO B 35 -13.67 -3.21 15.42
C PRO B 35 -14.34 -4.55 15.61
N ILE B 36 -13.56 -5.57 15.95
CA ILE B 36 -14.11 -6.91 16.16
C ILE B 36 -14.95 -6.90 17.46
N ILE B 37 -14.37 -6.37 18.54
CA ILE B 37 -15.11 -6.27 19.80
C ILE B 37 -16.43 -5.45 19.64
N ASP B 38 -16.35 -4.35 18.91
CA ASP B 38 -17.57 -3.56 18.70
C ASP B 38 -18.67 -4.40 18.08
N SER B 39 -18.34 -5.18 17.05
CA SER B 39 -19.38 -6.00 16.39
C SER B 39 -19.93 -7.11 17.27
N LEU B 40 -19.04 -7.70 18.06
CA LEU B 40 -19.41 -8.77 18.95
C LEU B 40 -20.39 -8.26 20.00
N LYS B 41 -20.11 -7.09 20.57
CA LYS B 41 -21.00 -6.51 21.58
C LYS B 41 -22.36 -6.13 20.98
N ARG B 42 -22.37 -5.83 19.68
CA ARG B 42 -23.59 -5.45 18.97
C ARG B 42 -24.46 -6.69 18.70
N SER B 43 -23.79 -7.78 18.36
CA SER B 43 -24.48 -9.04 18.11
C SER B 43 -24.79 -9.77 19.43
N GLY B 44 -24.20 -9.29 20.52
CA GLY B 44 -24.38 -9.95 21.79
C GLY B 44 -23.76 -11.34 21.75
N ARG B 45 -22.46 -11.42 21.54
CA ARG B 45 -21.83 -12.73 21.56
C ARG B 45 -20.32 -12.66 21.80
N ASN B 46 -19.69 -13.77 22.17
CA ASN B 46 -18.25 -13.73 22.42
C ASN B 46 -17.55 -14.41 21.26
N LEU B 47 -16.24 -14.26 21.14
CA LEU B 47 -15.52 -14.83 20.02
C LEU B 47 -15.09 -16.24 20.37
N THR B 48 -15.11 -17.20 19.43
CA THR B 48 -14.69 -18.57 19.72
C THR B 48 -13.22 -18.78 19.28
N TYR B 49 -12.93 -18.38 18.03
CA TYR B 49 -11.58 -18.64 17.53
C TYR B 49 -10.96 -17.62 16.56
N ILE B 50 -9.73 -17.30 16.70
CA ILE B 50 -9.14 -16.41 15.67
C ILE B 50 -8.73 -17.28 14.47
N LEU B 51 -8.74 -16.73 13.22
CA LEU B 51 -8.25 -17.50 12.03
C LEU B 51 -7.33 -16.58 11.22
N ASN B 52 -6.05 -16.98 11.06
CA ASN B 52 -5.11 -16.16 10.32
C ASN B 52 -4.67 -16.79 8.99
N THR B 53 -4.58 -15.94 7.96
CA THR B 53 -4.10 -16.44 6.65
C THR B 53 -2.54 -16.35 6.58
N HIS B 54 -1.97 -15.36 7.30
CA HIS B 54 -0.51 -15.19 7.29
C HIS B 54 -0.04 -14.27 8.42
N HIS B 55 1.27 -14.22 8.66
CA HIS B 55 1.82 -13.57 9.87
C HIS B 55 1.87 -12.07 9.96
N HIS B 56 1.62 -11.40 8.84
CA HIS B 56 1.78 -9.96 8.81
C HIS B 56 1.00 -9.25 9.89
N TYR B 57 1.59 -8.16 10.36
CA TYR B 57 1.03 -7.39 11.44
C TYR B 57 -0.41 -6.94 11.18
N ASP B 58 -0.70 -6.57 9.91
CA ASP B 58 -2.05 -6.14 9.58
C ASP B 58 -3.07 -7.29 9.53
N HIS B 59 -2.62 -8.53 9.75
CA HIS B 59 -3.53 -9.67 9.80
C HIS B 59 -3.55 -10.36 11.15
N THR B 60 -2.60 -10.01 12.04
CA THR B 60 -2.53 -10.67 13.35
C THR B 60 -2.46 -9.67 14.49
N GLY B 61 -2.54 -8.38 14.17
CA GLY B 61 -2.36 -7.39 15.22
C GLY B 61 -3.25 -7.56 16.42
N GLY B 62 -4.53 -7.82 16.15
CA GLY B 62 -5.48 -7.94 17.22
C GLY B 62 -5.55 -9.32 17.86
N ASN B 63 -4.64 -10.23 17.50
CA ASN B 63 -4.71 -11.62 17.98
C ASN B 63 -4.66 -11.82 19.49
N LEU B 64 -3.63 -11.24 20.10
CA LEU B 64 -3.45 -11.50 21.52
C LEU B 64 -4.53 -10.88 22.39
N GLU B 65 -5.09 -9.78 21.94
CA GLU B 65 -6.09 -9.13 22.74
C GLU B 65 -7.44 -9.87 22.71
N LEU B 66 -7.83 -10.27 21.50
CA LEU B 66 -9.11 -10.94 21.37
C LEU B 66 -9.07 -12.24 22.09
N LYS B 67 -7.93 -12.95 22.02
CA LYS B 67 -7.77 -14.22 22.72
C LYS B 67 -7.76 -13.93 24.24
N ASP B 68 -7.05 -12.91 24.70
CA ASP B 68 -7.04 -12.62 26.15
C ASP B 68 -8.42 -12.12 26.63
N ARG B 69 -9.18 -11.53 25.73
CA ARG B 69 -10.50 -11.07 26.10
C ARG B 69 -11.61 -12.13 26.05
N TYR B 70 -11.63 -12.95 25.01
CA TYR B 70 -12.70 -13.92 24.87
C TYR B 70 -12.29 -15.34 25.15
N GLY B 71 -11.01 -15.54 25.44
CA GLY B 71 -10.53 -16.89 25.59
C GLY B 71 -10.57 -17.59 24.23
N ALA B 72 -10.66 -16.82 23.14
CA ALA B 72 -10.69 -17.40 21.78
C ALA B 72 -9.39 -18.17 21.52
N LYS B 73 -9.44 -19.16 20.63
CA LYS B 73 -8.28 -19.96 20.31
C LYS B 73 -7.84 -19.54 18.92
N VAL B 74 -6.55 -19.35 18.77
CA VAL B 74 -5.99 -18.97 17.47
C VAL B 74 -5.63 -20.24 16.67
N ILE B 75 -6.13 -20.28 15.44
CA ILE B 75 -5.96 -21.37 14.49
C ILE B 75 -5.20 -20.90 13.23
N GLY B 76 -3.99 -21.44 13.02
CA GLY B 76 -3.21 -21.01 11.88
C GLY B 76 -2.31 -22.09 11.26
N SER B 77 -1.52 -21.68 10.29
CA SER B 77 -0.62 -22.55 9.55
C SER B 77 0.48 -23.17 10.42
N ALA B 78 0.63 -24.48 10.31
CA ALA B 78 1.68 -25.20 11.04
C ALA B 78 3.06 -24.73 10.54
N MET B 79 3.19 -24.44 9.24
CA MET B 79 4.48 -23.95 8.73
C MET B 79 4.79 -22.50 9.20
N ASP B 80 3.93 -21.91 10.00
CA ASP B 80 4.16 -20.55 10.52
C ASP B 80 3.93 -20.51 12.03
N LYS B 81 4.08 -21.67 12.69
CA LYS B 81 3.81 -21.72 14.14
C LYS B 81 4.61 -20.67 14.90
N ASP B 82 5.86 -20.48 14.51
CA ASP B 82 6.77 -19.55 15.18
C ASP B 82 6.37 -18.08 14.97
N ARG B 83 5.53 -17.81 13.94
CA ARG B 83 5.16 -16.40 13.65
C ARG B 83 3.68 -16.07 13.77
N ILE B 84 2.91 -16.99 14.34
CA ILE B 84 1.51 -16.79 14.52
C ILE B 84 1.27 -16.62 16.03
N PRO B 85 1.20 -15.36 16.50
CA PRO B 85 0.98 -15.06 17.92
C PRO B 85 -0.29 -15.67 18.54
N GLY B 86 -0.08 -16.46 19.57
CA GLY B 86 -1.22 -17.04 20.29
C GLY B 86 -1.72 -18.34 19.68
N ILE B 87 -1.11 -18.75 18.58
CA ILE B 87 -1.56 -19.97 17.92
C ILE B 87 -1.79 -21.15 18.91
N ASP B 88 -2.97 -21.77 18.77
CA ASP B 88 -3.35 -22.90 19.59
C ASP B 88 -3.47 -24.22 18.80
N MET B 89 -3.66 -24.09 17.48
CA MET B 89 -3.87 -25.19 16.55
C MET B 89 -3.18 -24.89 15.24
N ALA B 90 -2.27 -25.78 14.85
CA ALA B 90 -1.52 -25.58 13.63
C ALA B 90 -2.02 -26.47 12.51
N LEU B 91 -2.42 -25.87 11.39
CA LEU B 91 -3.00 -26.67 10.32
C LEU B 91 -2.12 -26.84 9.08
N LYS B 92 -2.20 -28.04 8.48
CA LYS B 92 -1.39 -28.34 7.33
C LYS B 92 -2.16 -28.24 6.05
N ASP B 93 -1.42 -28.30 4.95
CA ASP B 93 -2.03 -28.29 3.65
C ASP B 93 -3.05 -29.45 3.50
N GLY B 94 -4.20 -29.09 2.95
CA GLY B 94 -5.25 -30.05 2.74
C GLY B 94 -5.91 -30.52 4.02
N ASP B 95 -5.55 -29.95 5.19
CA ASP B 95 -6.25 -30.32 6.42
C ASP B 95 -7.69 -29.87 6.38
N LYS B 96 -8.55 -30.65 7.05
CA LYS B 96 -9.95 -30.34 7.21
C LYS B 96 -10.08 -29.86 8.67
N TRP B 97 -10.84 -28.77 8.88
CA TRP B 97 -11.05 -28.24 10.20
C TRP B 97 -12.53 -27.91 10.29
N MET B 98 -13.13 -28.21 11.45
CA MET B 98 -14.56 -27.98 11.62
C MET B 98 -14.93 -26.71 12.36
N PHE B 99 -15.66 -25.85 11.66
CA PHE B 99 -16.20 -24.62 12.24
C PHE B 99 -17.65 -24.93 12.60
N ALA B 100 -17.92 -25.33 13.86
CA ALA B 100 -19.26 -25.70 14.30
C ALA B 100 -19.86 -26.72 13.34
N GLY B 101 -19.13 -27.77 13.03
CA GLY B 101 -19.72 -28.75 12.15
C GLY B 101 -19.68 -28.48 10.66
N HIS B 102 -19.11 -27.34 10.26
CA HIS B 102 -18.99 -27.06 8.82
C HIS B 102 -17.53 -27.16 8.49
N GLU B 103 -17.23 -27.92 7.45
CA GLU B 103 -15.90 -28.18 7.03
C GLU B 103 -15.13 -27.00 6.43
N VAL B 104 -13.93 -26.82 6.92
CA VAL B 104 -13.04 -25.81 6.35
C VAL B 104 -11.86 -26.60 5.76
N HIS B 105 -11.54 -26.32 4.50
CA HIS B 105 -10.42 -26.98 3.81
C HIS B 105 -9.25 -26.02 3.70
N VAL B 106 -8.15 -26.40 4.33
CA VAL B 106 -6.94 -25.58 4.37
C VAL B 106 -6.08 -25.78 3.13
N MET B 107 -5.62 -24.66 2.56
CA MET B 107 -4.76 -24.75 1.37
C MET B 107 -3.50 -23.92 1.59
N ASP B 108 -2.36 -24.55 1.48
CA ASP B 108 -1.07 -23.82 1.55
C ASP B 108 -1.00 -22.96 0.26
N THR B 109 -0.84 -21.65 0.44
CA THR B 109 -0.79 -20.74 -0.71
C THR B 109 0.37 -19.76 -0.51
N PRO B 110 1.61 -20.29 -0.50
CA PRO B 110 2.81 -19.46 -0.34
C PRO B 110 3.11 -18.59 -1.55
N GLY B 111 3.91 -17.56 -1.31
CA GLY B 111 4.32 -16.64 -2.37
C GLY B 111 4.39 -15.21 -1.86
N HIS B 112 3.30 -14.73 -1.22
CA HIS B 112 3.34 -13.37 -0.67
C HIS B 112 4.16 -13.49 0.62
N THR B 113 3.80 -14.47 1.46
CA THR B 113 4.59 -14.71 2.68
C THR B 113 5.02 -16.16 2.74
N LYS B 114 6.01 -16.53 3.59
CA LYS B 114 6.34 -17.95 3.77
C LYS B 114 5.39 -18.42 4.92
N GLY B 115 4.34 -19.15 4.58
CA GLY B 115 3.40 -19.63 5.59
C GLY B 115 1.94 -19.31 5.31
N HIS B 116 1.72 -18.47 4.32
CA HIS B 116 0.36 -18.06 3.93
C HIS B 116 -0.47 -19.28 3.58
N ILE B 117 -1.70 -19.29 4.06
CA ILE B 117 -2.74 -20.32 3.79
C ILE B 117 -4.03 -19.59 3.41
N SER B 118 -4.92 -20.31 2.71
CA SER B 118 -6.23 -19.81 2.33
C SER B 118 -7.19 -20.85 2.97
N LEU B 119 -8.38 -20.37 3.32
CA LEU B 119 -9.36 -21.20 4.02
C LEU B 119 -10.60 -21.31 3.16
N TYR B 120 -10.92 -22.51 2.69
CA TYR B 120 -12.08 -22.76 1.83
C TYR B 120 -13.20 -23.47 2.61
N PHE B 121 -14.42 -22.96 2.46
CA PHE B 121 -15.62 -23.48 3.17
C PHE B 121 -16.51 -23.98 1.99
N PRO B 122 -16.23 -25.18 1.42
CA PRO B 122 -17.03 -25.66 0.29
C PRO B 122 -18.53 -25.57 0.49
N GLY B 123 -18.98 -26.02 1.66
CA GLY B 123 -20.41 -25.96 1.89
C GLY B 123 -21.00 -24.58 1.70
N SER B 124 -20.18 -23.53 1.68
CA SER B 124 -20.75 -22.23 1.43
C SER B 124 -20.06 -21.55 0.25
N ARG B 125 -19.35 -22.32 -0.58
CA ARG B 125 -18.70 -21.71 -1.75
C ARG B 125 -17.98 -20.40 -1.30
N ALA B 126 -17.16 -20.50 -0.26
CA ALA B 126 -16.44 -19.33 0.28
C ALA B 126 -15.03 -19.60 0.53
N ILE B 127 -14.17 -18.72 -0.01
CA ILE B 127 -12.75 -18.87 0.26
C ILE B 127 -12.12 -17.54 0.77
N PHE B 128 -11.20 -17.67 1.75
CA PHE B 128 -10.40 -16.52 2.30
C PHE B 128 -8.94 -16.84 1.91
N THR B 129 -8.37 -16.00 1.02
CA THR B 129 -7.06 -16.24 0.47
C THR B 129 -6.09 -15.14 0.90
N GLY B 130 -6.18 -14.66 2.16
CA GLY B 130 -5.27 -13.62 2.58
C GLY B 130 -4.84 -12.74 1.41
N ASP B 131 -3.52 -12.42 1.28
CA ASP B 131 -3.07 -11.52 0.18
C ASP B 131 -2.49 -12.29 -0.99
N THR B 132 -2.69 -13.61 -0.96
CA THR B 132 -2.18 -14.41 -2.03
C THR B 132 -2.89 -13.88 -3.31
N MET B 133 -4.24 -13.79 -3.30
CA MET B 133 -4.96 -13.27 -4.48
C MET B 133 -5.88 -12.14 -4.03
N PHE B 134 -5.91 -11.05 -4.80
CA PHE B 134 -6.80 -9.89 -4.56
C PHE B 134 -7.78 -9.81 -5.72
N SER B 135 -8.81 -8.93 -5.65
CA SER B 135 -9.62 -8.78 -6.85
C SER B 135 -8.79 -7.99 -7.87
N LEU B 136 -8.41 -8.66 -8.96
CA LEU B 136 -7.61 -8.07 -10.05
C LEU B 136 -6.11 -7.98 -9.77
N SER B 137 -5.59 -8.72 -8.77
CA SER B 137 -4.13 -8.72 -8.54
C SER B 137 -3.80 -9.84 -7.56
N CYS B 138 -2.54 -9.96 -7.22
CA CYS B 138 -2.15 -10.96 -6.22
C CYS B 138 -1.26 -10.18 -5.25
N GLY B 139 -0.82 -10.81 -4.17
CA GLY B 139 0.02 -10.10 -3.24
C GLY B 139 1.45 -9.89 -3.72
N LYS B 140 2.10 -8.88 -3.17
CA LYS B 140 3.52 -8.70 -3.49
C LYS B 140 4.25 -9.91 -2.96
N LEU B 141 5.36 -10.29 -3.66
CA LEU B 141 6.09 -11.49 -3.30
C LEU B 141 7.22 -11.18 -2.36
N PHE B 142 6.87 -11.02 -1.08
CA PHE B 142 7.90 -10.68 -0.12
C PHE B 142 8.80 -11.87 0.27
N GLU B 143 8.25 -13.09 0.36
CA GLU B 143 9.06 -14.24 0.77
C GLU B 143 8.99 -15.44 -0.15
N GLY B 144 8.23 -15.32 -1.24
CA GLY B 144 8.04 -16.48 -2.11
C GLY B 144 8.44 -16.16 -3.50
N THR B 145 8.27 -17.18 -4.36
CA THR B 145 8.64 -17.08 -5.75
C THR B 145 7.43 -16.98 -6.68
N PRO B 146 7.65 -16.45 -7.89
CA PRO B 146 6.56 -16.33 -8.86
C PRO B 146 5.94 -17.68 -9.11
N LYS B 147 6.74 -18.76 -9.14
CA LYS B 147 6.23 -20.10 -9.37
C LYS B 147 5.28 -20.51 -8.22
N GLN B 148 5.67 -20.19 -6.99
CA GLN B 148 4.83 -20.53 -5.83
C GLN B 148 3.51 -19.73 -5.92
N MET B 149 3.60 -18.44 -6.25
CA MET B 149 2.36 -17.66 -6.32
C MET B 149 1.46 -18.18 -7.45
N LEU B 150 2.05 -18.43 -8.61
CA LEU B 150 1.25 -18.94 -9.74
C LEU B 150 0.55 -20.23 -9.29
N ALA B 151 1.28 -21.14 -8.63
CA ALA B 151 0.66 -22.39 -8.20
C ALA B 151 -0.43 -22.14 -7.17
N SER B 152 -0.23 -21.15 -6.31
CA SER B 152 -1.23 -20.85 -5.28
C SER B 152 -2.48 -20.25 -5.89
N LEU B 153 -2.31 -19.39 -6.91
CA LEU B 153 -3.45 -18.77 -7.55
C LEU B 153 -4.29 -19.80 -8.34
N GLN B 154 -3.59 -20.73 -8.99
CA GLN B 154 -4.23 -21.82 -9.76
C GLN B 154 -4.99 -22.75 -8.84
N LYS B 155 -4.47 -23.03 -7.65
CA LYS B 155 -5.25 -23.87 -6.71
C LYS B 155 -6.57 -23.15 -6.39
N ILE B 156 -6.48 -21.86 -6.15
CA ILE B 156 -7.67 -21.11 -5.82
C ILE B 156 -8.68 -21.11 -6.98
N THR B 157 -8.19 -20.90 -8.24
CA THR B 157 -9.10 -20.79 -9.39
C THR B 157 -9.60 -22.16 -9.88
N SER B 158 -9.04 -23.23 -9.31
CA SER B 158 -9.52 -24.59 -9.63
C SER B 158 -10.87 -24.79 -8.94
N LEU B 159 -11.18 -24.01 -7.90
CA LEU B 159 -12.49 -24.12 -7.21
C LEU B 159 -13.63 -23.67 -8.16
N PRO B 160 -14.88 -24.01 -7.82
CA PRO B 160 -15.98 -23.61 -8.72
C PRO B 160 -16.06 -22.12 -9.02
N ASP B 161 -16.41 -21.79 -10.27
CA ASP B 161 -16.47 -20.39 -10.63
C ASP B 161 -17.35 -19.50 -9.72
N ASP B 162 -18.40 -20.08 -9.11
CA ASP B 162 -19.30 -19.31 -8.26
C ASP B 162 -18.80 -19.22 -6.82
N THR B 163 -17.51 -19.49 -6.62
CA THR B 163 -16.95 -19.40 -5.30
C THR B 163 -16.64 -17.91 -4.95
N SER B 164 -17.17 -17.42 -3.82
CA SER B 164 -16.88 -16.06 -3.38
C SER B 164 -15.46 -15.98 -2.85
N ILE B 165 -14.70 -14.96 -3.30
CA ILE B 165 -13.33 -14.76 -2.85
C ILE B 165 -13.34 -13.56 -1.91
N TYR B 166 -12.86 -13.79 -0.67
CA TYR B 166 -12.84 -12.72 0.33
C TYR B 166 -11.35 -12.45 0.55
N CYS B 167 -10.87 -11.31 -0.08
CA CYS B 167 -9.49 -10.67 -0.16
C CYS B 167 -8.98 -10.06 1.19
N GLY B 168 -7.67 -9.93 1.40
CA GLY B 168 -7.20 -9.31 2.66
C GLY B 168 -7.27 -7.79 2.63
N HIS B 169 -7.44 -7.18 1.44
CA HIS B 169 -7.47 -5.72 1.36
C HIS B 169 -8.42 -5.22 0.28
N GLU B 170 -8.79 -3.95 0.39
CA GLU B 170 -9.66 -3.27 -0.58
C GLU B 170 -8.71 -2.51 -1.51
N TYR B 171 -8.05 -3.26 -2.40
CA TYR B 171 -7.13 -2.68 -3.36
C TYR B 171 -7.72 -2.62 -4.79
N THR B 172 -8.92 -3.18 -4.94
CA THR B 172 -9.50 -3.38 -6.27
C THR B 172 -9.46 -2.20 -7.24
N LEU B 173 -9.86 -1.02 -6.78
CA LEU B 173 -9.88 0.11 -7.68
C LEU B 173 -8.46 0.38 -8.18
N SER B 174 -7.48 0.52 -7.29
CA SER B 174 -6.12 0.76 -7.79
C SER B 174 -5.65 -0.35 -8.73
N ASN B 175 -6.04 -1.61 -8.46
CA ASN B 175 -5.67 -2.75 -9.28
C ASN B 175 -6.27 -2.63 -10.71
N SER B 176 -7.48 -2.11 -10.78
CA SER B 176 -8.14 -2.00 -12.08
C SER B 176 -7.42 -1.10 -13.01
N LYS B 177 -6.68 -0.12 -12.49
CA LYS B 177 -6.00 0.79 -13.40
C LYS B 177 -4.81 0.09 -14.07
N PHE B 178 -4.09 -0.71 -13.28
CA PHE B 178 -2.98 -1.43 -13.86
C PHE B 178 -3.53 -2.48 -14.81
N ALA B 179 -4.60 -3.19 -14.43
CA ALA B 179 -5.11 -4.24 -15.31
C ALA B 179 -5.58 -3.64 -16.64
N LEU B 180 -6.22 -2.48 -16.61
CA LEU B 180 -6.72 -1.84 -17.83
C LEU B 180 -5.58 -1.30 -18.67
N SER B 181 -4.44 -1.08 -18.02
CA SER B 181 -3.25 -0.58 -18.72
C SER B 181 -2.60 -1.71 -19.55
N LEU B 182 -2.93 -2.96 -19.23
CA LEU B 182 -2.38 -4.11 -19.95
C LEU B 182 -3.37 -4.71 -20.92
N GLU B 183 -4.63 -4.70 -20.52
CA GLU B 183 -5.66 -5.34 -21.34
C GLU B 183 -6.89 -4.42 -21.46
N PRO B 184 -6.69 -3.27 -22.10
CA PRO B 184 -7.77 -2.32 -22.24
C PRO B 184 -8.98 -2.71 -23.07
N ASN B 185 -8.80 -3.69 -23.93
CA ASN B 185 -9.91 -4.12 -24.74
C ASN B 185 -10.72 -5.25 -24.10
N ASN B 186 -10.30 -5.77 -22.91
CA ASN B 186 -11.06 -6.82 -22.21
C ASN B 186 -12.42 -6.18 -21.76
N GLU B 187 -13.53 -6.56 -22.43
CA GLU B 187 -14.84 -5.96 -22.13
C GLU B 187 -15.37 -6.22 -20.73
N VAL B 188 -15.21 -7.45 -20.26
CA VAL B 188 -15.72 -7.75 -18.91
C VAL B 188 -14.91 -6.89 -17.91
N LEU B 189 -13.62 -6.73 -18.15
CA LEU B 189 -12.79 -5.93 -17.21
C LEU B 189 -13.23 -4.45 -17.24
N GLN B 190 -13.45 -3.89 -18.43
CA GLN B 190 -13.91 -2.51 -18.48
C GLN B 190 -15.18 -2.31 -17.64
N SER B 191 -16.11 -3.25 -17.79
CA SER B 191 -17.40 -3.17 -17.10
C SER B 191 -17.16 -3.36 -15.60
N TYR B 192 -16.38 -4.36 -15.25
CA TYR B 192 -16.13 -4.62 -13.84
C TYR B 192 -15.37 -3.47 -13.19
N ALA B 193 -14.46 -2.84 -13.92
CA ALA B 193 -13.70 -1.72 -13.37
C ALA B 193 -14.68 -0.56 -13.16
N ALA B 194 -15.56 -0.33 -14.14
CA ALA B 194 -16.49 0.78 -13.95
C ALA B 194 -17.37 0.55 -12.71
N HIS B 195 -17.81 -0.69 -12.49
CA HIS B 195 -18.64 -1.08 -11.33
C HIS B 195 -17.83 -0.85 -10.03
N VAL B 196 -16.56 -1.24 -10.06
CA VAL B 196 -15.65 -1.03 -8.90
C VAL B 196 -15.50 0.48 -8.61
N ALA B 197 -15.33 1.30 -9.64
CA ALA B 197 -15.20 2.76 -9.41
C ALA B 197 -16.45 3.35 -8.75
N GLU B 198 -17.60 2.86 -9.17
CA GLU B 198 -18.88 3.35 -8.59
C GLU B 198 -18.99 2.90 -7.13
N LEU B 199 -18.69 1.63 -6.87
CA LEU B 199 -18.76 1.11 -5.49
C LEU B 199 -17.85 1.93 -4.63
N ARG B 200 -16.62 2.21 -5.09
CA ARG B 200 -15.67 2.96 -4.27
C ARG B 200 -16.08 4.43 -4.12
N SER B 201 -16.69 5.02 -5.16
CA SER B 201 -17.15 6.42 -5.06
C SER B 201 -18.18 6.55 -3.94
N LYS B 202 -18.87 5.44 -3.63
CA LYS B 202 -19.88 5.42 -2.55
C LYS B 202 -19.33 4.83 -1.25
N LYS B 203 -18.00 4.65 -1.20
CA LYS B 203 -17.32 4.09 -0.02
C LYS B 203 -17.78 2.69 0.29
N LEU B 204 -18.15 1.95 -0.75
CA LEU B 204 -18.61 0.58 -0.56
C LEU B 204 -17.53 -0.43 -0.94
N PRO B 205 -17.42 -1.53 -0.18
CA PRO B 205 -16.41 -2.57 -0.47
C PRO B 205 -16.65 -3.17 -1.86
N THR B 206 -15.59 -3.69 -2.45
CA THR B 206 -15.71 -4.36 -3.73
C THR B 206 -15.51 -5.86 -3.56
N ILE B 207 -15.46 -6.29 -2.30
CA ILE B 207 -15.17 -7.68 -1.93
C ILE B 207 -16.45 -8.20 -1.22
N PRO B 208 -16.87 -9.45 -1.44
CA PRO B 208 -16.24 -10.48 -2.30
C PRO B 208 -16.28 -10.30 -3.79
N THR B 209 -15.34 -11.03 -4.40
CA THR B 209 -15.31 -11.19 -5.86
C THR B 209 -15.54 -12.71 -6.09
N THR B 210 -15.47 -13.15 -7.34
CA THR B 210 -15.66 -14.57 -7.59
C THR B 210 -14.53 -15.20 -8.39
N VAL B 211 -14.38 -16.52 -8.29
CA VAL B 211 -13.37 -17.22 -9.09
C VAL B 211 -13.59 -16.96 -10.59
N LYS B 212 -14.85 -16.88 -11.00
CA LYS B 212 -15.12 -16.66 -12.42
C LYS B 212 -14.74 -15.24 -12.86
N MET B 213 -15.09 -14.25 -12.05
CA MET B 213 -14.78 -12.85 -12.37
C MET B 213 -13.26 -12.67 -12.44
N GLU B 214 -12.52 -13.29 -11.49
CA GLU B 214 -11.06 -13.09 -11.46
C GLU B 214 -10.42 -13.81 -12.64
N LYS B 215 -10.93 -14.99 -13.00
CA LYS B 215 -10.37 -15.68 -14.16
C LYS B 215 -10.57 -14.80 -15.40
N ALA B 216 -11.67 -14.05 -15.44
CA ALA B 216 -11.97 -13.20 -16.60
C ALA B 216 -11.23 -11.86 -16.64
N CYS B 217 -10.83 -11.37 -15.47
CA CYS B 217 -10.24 -10.06 -15.38
C CYS B 217 -8.88 -9.84 -14.74
N ASN B 218 -8.47 -10.74 -13.84
CA ASN B 218 -7.23 -10.59 -13.05
C ASN B 218 -6.04 -10.88 -13.96
N PRO B 219 -5.11 -9.92 -14.09
CA PRO B 219 -3.97 -10.18 -15.00
C PRO B 219 -3.14 -11.35 -14.57
N PHE B 220 -2.99 -11.55 -13.23
CA PHE B 220 -2.13 -12.62 -12.76
C PHE B 220 -2.70 -13.99 -13.06
N LEU B 221 -4.01 -14.04 -13.46
CA LEU B 221 -4.64 -15.30 -13.84
C LEU B 221 -4.78 -15.34 -15.36
N ARG B 222 -4.10 -14.45 -16.07
CA ARG B 222 -4.24 -14.34 -17.53
C ARG B 222 -2.92 -14.08 -18.22
N SER B 223 -1.86 -14.60 -17.61
CA SER B 223 -0.50 -14.35 -18.04
C SER B 223 -0.10 -14.84 -19.45
N SER B 224 -0.97 -15.66 -20.06
CA SER B 224 -0.70 -16.14 -21.40
C SER B 224 -1.40 -15.26 -22.41
N ASN B 225 -2.16 -14.26 -21.91
CA ASN B 225 -2.88 -13.34 -22.77
C ASN B 225 -1.92 -12.61 -23.73
N THR B 226 -2.14 -12.78 -25.01
CA THR B 226 -1.24 -12.14 -25.96
C THR B 226 -1.05 -10.66 -25.72
N ASP B 227 -2.12 -9.97 -25.35
CA ASP B 227 -2.04 -8.55 -25.09
C ASP B 227 -1.18 -8.27 -23.87
N ILE B 228 -1.46 -8.98 -22.77
CA ILE B 228 -0.64 -8.78 -21.59
C ILE B 228 0.83 -9.05 -21.91
N ARG B 229 1.15 -10.15 -22.59
CA ARG B 229 2.53 -10.42 -22.91
C ARG B 229 3.09 -9.38 -23.90
N ARG B 230 2.27 -8.96 -24.86
CA ARG B 230 2.70 -7.98 -25.82
C ARG B 230 2.90 -6.64 -25.07
N ALA B 231 2.02 -6.33 -24.11
CA ALA B 231 2.17 -5.05 -23.44
C ALA B 231 3.41 -4.98 -22.58
N LEU B 232 3.83 -6.13 -22.05
CA LEU B 232 4.99 -6.16 -21.15
C LEU B 232 6.28 -6.78 -21.75
N ARG B 233 6.24 -7.04 -23.07
CA ARG B 233 7.34 -7.61 -23.81
C ARG B 233 7.75 -8.97 -23.20
N ILE B 234 6.74 -9.81 -22.95
CA ILE B 234 7.05 -11.12 -22.44
C ILE B 234 7.04 -12.12 -23.61
N PRO B 235 8.16 -12.78 -23.87
CA PRO B 235 8.26 -13.77 -24.98
C PRO B 235 7.13 -14.79 -24.92
N GLU B 236 6.61 -15.15 -26.10
CA GLU B 236 5.46 -16.06 -26.10
C GLU B 236 5.80 -17.43 -25.50
N ALA B 237 7.06 -17.83 -25.67
CA ALA B 237 7.49 -19.15 -25.23
C ALA B 237 7.65 -19.29 -23.71
N ALA B 238 8.03 -18.20 -23.06
CA ALA B 238 8.23 -18.16 -21.64
C ALA B 238 7.06 -18.76 -20.84
N ASP B 239 7.38 -19.53 -19.79
CA ASP B 239 6.29 -20.16 -19.05
C ASP B 239 5.49 -19.12 -18.24
N GLU B 240 4.39 -19.57 -17.64
CA GLU B 240 3.54 -18.58 -16.94
C GLU B 240 4.16 -18.09 -15.63
N ALA B 241 5.04 -18.88 -15.00
CA ALA B 241 5.68 -18.36 -13.77
C ALA B 241 6.57 -17.20 -14.16
N GLU B 242 7.33 -17.32 -15.26
CA GLU B 242 8.21 -16.21 -15.65
C GLU B 242 7.34 -14.98 -15.99
N ALA B 243 6.26 -15.24 -16.73
CA ALA B 243 5.33 -14.20 -17.15
C ALA B 243 4.71 -13.54 -15.87
N LEU B 244 4.29 -14.34 -14.89
CA LEU B 244 3.69 -13.77 -13.67
C LEU B 244 4.70 -12.86 -12.98
N GLY B 245 5.97 -13.29 -12.91
CA GLY B 245 6.97 -12.48 -12.27
C GLY B 245 7.11 -11.12 -12.96
N ILE B 246 7.08 -11.11 -14.30
CA ILE B 246 7.23 -9.88 -15.02
C ILE B 246 6.02 -8.96 -14.77
N ILE B 247 4.80 -9.51 -14.78
CA ILE B 247 3.59 -8.72 -14.55
C ILE B 247 3.68 -8.16 -13.09
N ARG B 248 4.19 -8.97 -12.16
CA ARG B 248 4.26 -8.58 -10.75
C ARG B 248 5.24 -7.40 -10.59
N LYS B 249 6.33 -7.43 -11.34
CA LYS B 249 7.31 -6.35 -11.25
C LYS B 249 6.75 -5.08 -11.89
N ALA B 250 6.07 -5.25 -13.04
CA ALA B 250 5.46 -4.13 -13.73
C ALA B 250 4.43 -3.47 -12.82
N LYS B 251 3.54 -4.27 -12.21
CA LYS B 251 2.53 -3.64 -11.34
C LYS B 251 3.20 -2.89 -10.17
N ASP B 252 4.23 -3.48 -9.59
CA ASP B 252 4.95 -2.86 -8.49
C ASP B 252 5.33 -1.42 -8.83
N ASP B 253 5.78 -1.18 -10.08
CA ASP B 253 6.25 0.13 -10.54
C ASP B 253 5.24 0.94 -11.37
N PHE B 254 3.98 0.53 -11.29
CA PHE B 254 2.98 1.24 -12.06
C PHE B 254 2.68 2.58 -11.38
ZN ZN C . 5.62 5.99 -6.24
FE FE D . 3.02 7.00 -4.47
C ACY E . 4.40 1.64 1.50
O ACY E . 4.39 1.69 0.29
OXT ACY E . 3.27 1.34 2.22
CH3 ACY E . 5.71 1.92 2.22
C1 PEG F . -6.41 18.98 16.50
O1 PEG F . -6.09 17.63 16.88
C2 PEG F . -7.87 19.06 16.10
O2 PEG F . -8.76 18.93 17.25
C3 PEG F . -10.12 18.98 16.78
C4 PEG F . -11.17 18.88 17.94
O4 PEG F . -11.70 17.56 18.08
ZN ZN G . 0.34 -9.67 3.96
FE FE H . -2.06 -7.47 4.33
C ACY I . -0.40 -5.34 -5.09
O ACY I . -0.99 -5.67 -6.13
OXT ACY I . 0.58 -4.46 -5.11
CH3 ACY I . -0.76 -5.96 -3.78
N MET A 1 3.85 31.59 0.42
CA MET A 1 3.06 30.56 -0.38
C MET A 1 2.05 29.77 0.48
N GLN A 2 0.84 29.57 -0.03
CA GLN A 2 -0.16 28.79 0.70
C GLN A 2 -0.13 27.36 0.15
N ILE A 3 0.25 26.39 0.98
CA ILE A 3 0.31 24.98 0.52
C ILE A 3 -1.02 24.37 0.97
N GLU A 4 -1.72 23.72 0.06
CA GLU A 4 -2.99 23.09 0.40
C GLU A 4 -2.91 21.59 0.15
N LEU A 5 -3.09 20.77 1.22
CA LEU A 5 -3.05 19.34 1.02
C LEU A 5 -4.35 18.93 0.43
N VAL A 6 -4.28 18.08 -0.58
CA VAL A 6 -5.47 17.56 -1.26
C VAL A 6 -5.44 16.05 -1.24
N PRO A 7 -6.24 15.43 -0.33
CA PRO A 7 -6.26 13.97 -0.31
C PRO A 7 -6.80 13.45 -1.62
N CYS A 8 -6.13 12.41 -2.16
CA CYS A 8 -6.55 11.82 -3.40
C CYS A 8 -6.45 10.32 -3.27
N LEU A 9 -7.24 9.63 -4.08
CA LEU A 9 -7.28 8.17 -4.08
C LEU A 9 -7.47 7.73 -2.63
N LYS A 10 -6.74 6.72 -2.22
CA LYS A 10 -6.86 6.14 -0.87
C LYS A 10 -6.06 6.89 0.19
N ASP A 11 -4.78 7.08 -0.12
CA ASP A 11 -3.88 7.71 0.85
C ASP A 11 -2.87 8.60 0.21
N ASN A 12 -3.17 9.05 -1.01
CA ASN A 12 -2.24 9.96 -1.66
C ASN A 12 -2.47 11.39 -1.25
N TYR A 13 -1.38 12.20 -1.31
CA TYR A 13 -1.54 13.62 -1.14
C TYR A 13 -1.01 14.35 -2.35
N ALA A 14 -1.86 15.19 -2.96
CA ALA A 14 -1.41 16.13 -4.00
C ALA A 14 -1.27 17.45 -3.21
N TYR A 15 -0.58 18.46 -3.76
CA TYR A 15 -0.43 19.72 -3.03
C TYR A 15 -0.72 20.89 -3.94
N ILE A 16 -1.72 21.71 -3.61
CA ILE A 16 -1.99 22.89 -4.44
C ILE A 16 -1.24 24.04 -3.80
N LEU A 17 -0.33 24.63 -4.58
CA LEU A 17 0.50 25.74 -4.13
C LEU A 17 -0.13 27.06 -4.53
N HIS A 18 -0.36 27.94 -3.55
CA HIS A 18 -0.98 29.23 -3.90
C HIS A 18 0.03 30.34 -3.70
N ASP A 19 0.34 31.10 -4.74
CA ASP A 19 1.26 32.23 -4.56
C ASP A 19 0.39 33.39 -3.99
N GLU A 20 0.92 34.20 -3.08
CA GLU A 20 0.12 35.30 -2.53
C GLU A 20 0.01 36.54 -3.42
N ASP A 21 1.17 37.01 -3.92
CA ASP A 21 1.14 38.21 -4.75
C ASP A 21 0.39 37.99 -6.06
N THR A 22 0.75 36.94 -6.81
CA THR A 22 0.10 36.74 -8.09
C THR A 22 -1.01 35.74 -8.00
N GLY A 23 -1.10 35.04 -6.91
CA GLY A 23 -2.22 34.15 -7.04
C GLY A 23 -1.92 32.97 -7.96
N THR A 24 -0.84 32.96 -8.76
CA THR A 24 -0.59 31.78 -9.58
C THR A 24 -0.80 30.51 -8.74
N VAL A 25 -1.28 29.45 -9.38
CA VAL A 25 -1.49 28.17 -8.71
C VAL A 25 -0.73 27.02 -9.36
N GLY A 26 -0.15 26.18 -8.53
CA GLY A 26 0.52 25.00 -9.04
C GLY A 26 0.00 23.77 -8.28
N VAL A 27 0.11 22.58 -8.87
CA VAL A 27 -0.26 21.38 -8.13
C VAL A 27 0.87 20.35 -8.24
N VAL A 28 1.20 19.75 -7.11
CA VAL A 28 2.24 18.72 -7.04
C VAL A 28 1.57 17.33 -7.04
N ASP A 29 2.02 16.45 -7.93
CA ASP A 29 1.52 15.06 -7.95
C ASP A 29 -0.02 14.87 -7.95
N PRO A 30 -0.73 15.46 -8.95
CA PRO A 30 -2.19 15.33 -9.06
C PRO A 30 -2.56 13.87 -9.44
N SER A 31 -2.84 13.04 -8.42
CA SER A 31 -3.19 11.63 -8.63
C SER A 31 -4.34 11.45 -9.58
N GLU A 32 -5.29 12.37 -9.45
CA GLU A 32 -6.50 12.35 -10.26
C GLU A 32 -6.91 13.82 -10.43
N ALA A 33 -7.67 14.14 -11.47
CA ALA A 33 -8.03 15.51 -11.73
C ALA A 33 -9.15 16.08 -10.89
N GLU A 34 -10.21 15.28 -10.69
CA GLU A 34 -11.38 15.76 -9.97
C GLU A 34 -11.14 16.54 -8.68
N PRO A 35 -10.42 15.95 -7.70
CA PRO A 35 -10.12 16.64 -6.44
C PRO A 35 -9.42 18.01 -6.63
N ILE A 36 -8.52 18.09 -7.60
CA ILE A 36 -7.81 19.34 -7.87
C ILE A 36 -8.80 20.37 -8.41
N ILE A 37 -9.56 19.93 -9.39
CA ILE A 37 -10.61 20.76 -9.99
C ILE A 37 -11.56 21.22 -8.90
N ASP A 38 -12.00 20.28 -8.05
CA ASP A 38 -12.93 20.63 -6.98
C ASP A 38 -12.38 21.72 -6.12
N SER A 39 -11.09 21.63 -5.80
CA SER A 39 -10.43 22.65 -5.00
C SER A 39 -10.24 23.98 -5.74
N LEU A 40 -9.91 23.91 -7.04
CA LEU A 40 -9.71 25.14 -7.82
C LEU A 40 -11.04 25.91 -8.01
N LYS A 41 -12.13 25.16 -8.11
CA LYS A 41 -13.43 25.79 -8.27
C LYS A 41 -13.84 26.43 -6.94
N ARG A 42 -13.59 25.72 -5.85
CA ARG A 42 -13.98 26.22 -4.54
C ARG A 42 -13.21 27.47 -4.21
N SER A 43 -12.04 27.61 -4.82
CA SER A 43 -11.21 28.78 -4.59
C SER A 43 -11.34 29.72 -5.77
N GLY A 44 -12.02 29.25 -6.81
CA GLY A 44 -12.21 30.06 -7.99
C GLY A 44 -10.92 30.57 -8.62
N ARG A 45 -10.19 29.71 -9.32
CA ARG A 45 -8.95 30.15 -9.99
C ARG A 45 -8.51 29.03 -10.93
N ASN A 46 -7.67 29.36 -11.91
CA ASN A 46 -7.17 28.41 -12.92
C ASN A 46 -5.82 27.85 -12.49
N LEU A 47 -5.49 26.69 -13.00
CA LEU A 47 -4.20 26.03 -12.66
C LEU A 47 -3.08 26.52 -13.59
N THR A 48 -1.96 27.03 -13.03
CA THR A 48 -0.85 27.47 -13.87
C THR A 48 0.13 26.34 -14.21
N TYR A 49 0.52 25.61 -13.16
CA TYR A 49 1.52 24.55 -13.27
C TYR A 49 1.18 23.21 -12.63
N ILE A 50 1.76 22.16 -13.18
CA ILE A 50 1.65 20.79 -12.64
C ILE A 50 3.09 20.31 -12.50
N LEU A 51 3.44 19.83 -11.31
CA LEU A 51 4.81 19.36 -11.03
C LEU A 51 4.69 17.95 -10.46
N ASN A 52 5.50 17.02 -11.03
CA ASN A 52 5.46 15.63 -10.59
C ASN A 52 6.79 15.25 -9.99
N THR A 53 6.72 14.55 -8.87
CA THR A 53 7.95 14.08 -8.21
C THR A 53 8.50 12.83 -8.91
N HIS A 54 7.61 12.01 -9.43
CA HIS A 54 8.03 10.78 -10.10
C HIS A 54 6.89 10.28 -11.04
N HIS A 55 7.13 9.24 -11.81
CA HIS A 55 6.19 8.80 -12.85
C HIS A 55 4.99 7.94 -12.50
N HIS A 56 5.03 7.30 -11.33
CA HIS A 56 4.00 6.36 -10.92
C HIS A 56 2.62 6.95 -11.12
N TYR A 57 1.72 6.11 -11.60
CA TYR A 57 0.39 6.56 -11.93
C TYR A 57 -0.31 7.34 -10.81
N ASP A 58 -0.06 6.96 -9.56
CA ASP A 58 -0.72 7.68 -8.46
C ASP A 58 -0.17 9.09 -8.22
N HIS A 59 0.80 9.53 -9.04
CA HIS A 59 1.33 10.91 -8.91
C HIS A 59 1.19 11.68 -10.23
N THR A 60 0.82 10.98 -11.31
CA THR A 60 0.72 11.62 -12.65
C THR A 60 -0.63 11.35 -13.32
N GLY A 61 -1.51 10.62 -12.63
CA GLY A 61 -2.80 10.22 -13.21
C GLY A 61 -3.68 11.34 -13.69
N GLY A 62 -3.60 12.51 -13.00
CA GLY A 62 -4.42 13.65 -13.37
C GLY A 62 -3.78 14.63 -14.35
N ASN A 63 -2.52 14.38 -14.71
CA ASN A 63 -1.79 15.31 -15.56
C ASN A 63 -2.48 15.76 -16.87
N LEU A 64 -2.69 14.80 -17.77
CA LEU A 64 -3.18 15.15 -19.12
C LEU A 64 -4.51 15.84 -19.08
N GLU A 65 -5.39 15.39 -18.18
CA GLU A 65 -6.70 16.01 -18.08
C GLU A 65 -6.58 17.43 -17.54
N LEU A 66 -5.76 17.63 -16.51
CA LEU A 66 -5.63 18.98 -15.96
C LEU A 66 -4.94 19.93 -16.94
N LYS A 67 -3.91 19.46 -17.63
CA LYS A 67 -3.19 20.28 -18.60
C LYS A 67 -4.16 20.75 -19.70
N ASP A 68 -4.96 19.82 -20.25
CA ASP A 68 -5.90 20.19 -21.31
C ASP A 68 -7.03 21.08 -20.79
N ARG A 69 -7.43 20.88 -19.54
CA ARG A 69 -8.52 21.66 -18.94
C ARG A 69 -8.18 23.12 -18.62
N TYR A 70 -6.96 23.33 -18.18
CA TYR A 70 -6.49 24.64 -17.78
C TYR A 70 -5.41 25.29 -18.64
N GLY A 71 -4.80 24.50 -19.50
CA GLY A 71 -3.66 25.01 -20.27
C GLY A 71 -2.44 25.13 -19.35
N ALA A 72 -2.35 24.32 -18.28
CA ALA A 72 -1.17 24.43 -17.39
C ALA A 72 0.13 23.87 -18.01
N LYS A 73 1.26 24.24 -17.43
CA LYS A 73 2.59 23.76 -17.89
C LYS A 73 3.01 22.66 -16.89
N VAL A 74 3.44 21.50 -17.40
CA VAL A 74 3.84 20.35 -16.57
C VAL A 74 5.35 20.38 -16.43
N ILE A 75 5.79 20.48 -15.18
CA ILE A 75 7.20 20.55 -14.85
C ILE A 75 7.56 19.16 -14.32
N GLY A 76 8.66 18.59 -14.84
CA GLY A 76 9.03 17.26 -14.38
C GLY A 76 10.52 16.92 -14.59
N SER A 77 10.91 15.72 -14.25
CA SER A 77 12.32 15.33 -14.33
C SER A 77 12.82 14.98 -15.74
N ALA A 78 13.93 15.60 -16.19
CA ALA A 78 14.46 15.27 -17.50
C ALA A 78 14.76 13.76 -17.55
N MET A 79 15.27 13.20 -16.45
CA MET A 79 15.55 11.77 -16.42
C MET A 79 14.35 10.91 -16.76
N ASP A 80 13.15 11.44 -16.53
CA ASP A 80 11.93 10.71 -16.76
C ASP A 80 11.10 11.34 -17.84
N LYS A 81 11.71 12.23 -18.64
CA LYS A 81 10.95 12.96 -19.64
C LYS A 81 10.05 12.07 -20.50
N ASP A 82 10.50 10.84 -20.78
CA ASP A 82 9.66 9.97 -21.60
C ASP A 82 8.53 9.34 -20.81
N ARG A 83 8.58 9.44 -19.47
CA ARG A 83 7.53 8.86 -18.63
C ARG A 83 6.63 9.86 -17.88
N ILE A 84 6.96 11.16 -17.90
CA ILE A 84 6.17 12.18 -17.19
C ILE A 84 5.17 12.69 -18.21
N PRO A 85 3.93 12.29 -18.09
CA PRO A 85 2.90 12.73 -19.05
C PRO A 85 2.84 14.20 -19.33
N GLY A 86 2.91 14.53 -20.63
CA GLY A 86 2.77 15.92 -21.02
C GLY A 86 3.84 16.91 -20.54
N ILE A 87 4.98 16.39 -20.09
CA ILE A 87 6.06 17.22 -19.55
C ILE A 87 6.48 18.30 -20.55
N ASP A 88 6.50 19.54 -20.06
CA ASP A 88 6.85 20.70 -20.87
C ASP A 88 8.22 21.26 -20.48
N MET A 89 8.58 21.09 -19.22
CA MET A 89 9.84 21.61 -18.72
C MET A 89 10.56 20.49 -17.97
N ALA A 90 11.75 20.11 -18.46
CA ALA A 90 12.55 19.07 -17.83
C ALA A 90 13.64 19.67 -16.90
N LEU A 91 13.77 19.19 -15.66
CA LEU A 91 14.77 19.80 -14.77
C LEU A 91 15.75 18.79 -14.13
N LYS A 92 16.98 19.24 -13.91
CA LYS A 92 18.02 18.38 -13.35
C LYS A 92 18.41 18.81 -11.96
N ASP A 93 19.28 18.04 -11.33
CA ASP A 93 19.74 18.38 -9.98
C ASP A 93 20.34 19.78 -9.84
N GLY A 94 19.79 20.53 -8.90
CA GLY A 94 20.28 21.84 -8.67
C GLY A 94 19.70 22.86 -9.62
N ASP A 95 18.69 22.47 -10.40
CA ASP A 95 18.01 23.42 -11.29
C ASP A 95 17.06 24.37 -10.56
N LYS A 96 17.43 25.65 -10.50
CA LYS A 96 16.49 26.57 -9.91
C LYS A 96 15.41 26.73 -11.00
N TRP A 97 14.17 26.80 -10.54
CA TRP A 97 12.99 26.99 -11.40
C TRP A 97 12.06 27.94 -10.64
N MET A 98 11.62 29.04 -11.26
CA MET A 98 10.80 29.99 -10.52
C MET A 98 9.29 29.71 -10.72
N PHE A 99 8.65 29.19 -9.69
CA PHE A 99 7.22 28.91 -9.73
C PHE A 99 6.58 30.29 -9.52
N ALA A 100 6.29 31.00 -10.60
CA ALA A 100 5.71 32.33 -10.47
C ALA A 100 6.56 33.17 -9.54
N GLY A 101 7.91 33.04 -9.64
CA GLY A 101 8.78 33.79 -8.77
C GLY A 101 9.56 32.93 -7.77
N HIS A 102 9.12 32.87 -6.52
CA HIS A 102 9.81 32.09 -5.46
C HIS A 102 10.67 30.96 -6.04
N GLU A 103 11.87 30.83 -5.56
CA GLU A 103 12.77 29.81 -6.07
C GLU A 103 12.42 28.38 -5.67
N VAL A 104 12.57 27.47 -6.61
CA VAL A 104 12.39 26.03 -6.37
C VAL A 104 13.72 25.38 -6.76
N HIS A 105 14.31 24.59 -5.83
CA HIS A 105 15.58 23.91 -6.10
C HIS A 105 15.22 22.44 -6.36
N VAL A 106 15.66 21.94 -7.53
CA VAL A 106 15.38 20.58 -7.93
C VAL A 106 16.47 19.66 -7.42
N MET A 107 16.08 18.59 -6.72
CA MET A 107 17.03 17.63 -6.19
C MET A 107 16.72 16.23 -6.69
N ASP A 108 17.64 15.60 -7.45
CA ASP A 108 17.38 14.21 -7.83
C ASP A 108 17.44 13.40 -6.51
N THR A 109 16.46 12.51 -6.29
CA THR A 109 16.38 11.70 -5.07
C THR A 109 16.04 10.26 -5.38
N PRO A 110 17.03 9.51 -5.93
CA PRO A 110 16.85 8.13 -6.29
C PRO A 110 16.56 7.21 -5.09
N GLY A 111 15.93 6.09 -5.41
CA GLY A 111 15.58 5.11 -4.40
C GLY A 111 14.28 4.46 -4.83
N HIS A 112 13.17 5.19 -4.66
CA HIS A 112 11.84 4.69 -5.04
C HIS A 112 11.93 4.47 -6.55
N THR A 113 12.17 5.53 -7.33
CA THR A 113 12.37 5.34 -8.76
C THR A 113 13.74 5.98 -9.03
N LYS A 114 14.32 5.64 -10.17
CA LYS A 114 15.60 6.24 -10.48
C LYS A 114 15.37 7.69 -10.92
N GLY A 115 14.20 7.93 -11.56
CA GLY A 115 13.80 9.20 -12.09
C GLY A 115 13.02 10.03 -11.09
N HIS A 116 13.00 9.62 -9.83
CA HIS A 116 12.28 10.40 -8.78
C HIS A 116 13.02 11.69 -8.49
N ILE A 117 12.27 12.78 -8.26
CA ILE A 117 12.89 14.04 -7.90
C ILE A 117 12.20 14.70 -6.67
N SER A 118 12.89 15.61 -5.97
CA SER A 118 12.26 16.37 -4.87
C SER A 118 12.41 17.87 -5.19
N LEU A 119 11.46 18.70 -4.71
CA LEU A 119 11.47 20.14 -5.09
C LEU A 119 11.50 20.95 -3.80
N TYR A 120 12.58 21.69 -3.57
CA TYR A 120 12.72 22.48 -2.36
C TYR A 120 12.37 23.93 -2.58
N PHE A 121 11.50 24.46 -1.72
CA PHE A 121 11.07 25.88 -1.80
C PHE A 121 11.72 26.54 -0.58
N PRO A 122 12.93 27.10 -0.76
CA PRO A 122 13.61 27.73 0.38
C PRO A 122 12.81 28.86 1.03
N GLY A 123 12.18 29.67 0.18
CA GLY A 123 11.40 30.81 0.69
C GLY A 123 10.25 30.41 1.59
N SER A 124 9.93 29.12 1.58
CA SER A 124 8.85 28.62 2.39
C SER A 124 9.32 27.51 3.34
N ARG A 125 10.62 27.26 3.41
CA ARG A 125 11.19 26.18 4.24
C ARG A 125 10.37 24.91 4.03
N ALA A 126 10.04 24.65 2.77
CA ALA A 126 9.21 23.49 2.41
C ALA A 126 9.86 22.60 1.35
N ILE A 127 9.73 21.28 1.54
CA ILE A 127 10.26 20.38 0.54
C ILE A 127 9.18 19.30 0.25
N PHE A 128 8.93 19.09 -1.06
CA PHE A 128 7.99 18.04 -1.53
C PHE A 128 8.86 16.83 -1.89
N THR A 129 8.76 15.76 -1.07
CA THR A 129 9.64 14.61 -1.24
C THR A 129 8.99 13.43 -1.99
N GLY A 130 7.77 13.62 -2.46
CA GLY A 130 7.11 12.53 -3.21
C GLY A 130 7.15 11.25 -2.38
N ASP A 131 7.63 10.17 -3.01
CA ASP A 131 7.70 8.89 -2.32
C ASP A 131 9.14 8.48 -1.97
N THR A 132 10.01 9.47 -1.79
CA THR A 132 11.39 9.20 -1.39
C THR A 132 11.35 9.14 0.15
N MET A 133 10.89 10.21 0.80
CA MET A 133 10.80 10.17 2.28
C MET A 133 9.36 10.43 2.75
N PHE A 134 8.83 9.51 3.60
CA PHE A 134 7.52 9.74 4.21
C PHE A 134 7.78 10.08 5.67
N SER A 135 6.69 10.29 6.47
CA SER A 135 6.95 10.46 7.89
C SER A 135 7.10 9.05 8.46
N LEU A 136 8.31 8.82 8.99
CA LEU A 136 8.74 7.56 9.62
C LEU A 136 9.13 6.42 8.69
N SER A 137 9.07 6.64 7.37
CA SER A 137 9.56 5.60 6.44
C SER A 137 10.17 6.27 5.20
N CYS A 138 10.56 5.41 4.21
CA CYS A 138 11.05 5.90 2.92
C CYS A 138 10.27 5.09 1.89
N GLY A 139 10.36 5.43 0.58
CA GLY A 139 9.63 4.68 -0.41
C GLY A 139 10.18 3.27 -0.57
N LYS A 140 9.32 2.39 -1.04
CA LYS A 140 9.76 1.03 -1.37
C LYS A 140 10.75 1.18 -2.54
N LEU A 141 11.77 0.31 -2.60
CA LEU A 141 12.79 0.47 -3.64
C LEU A 141 12.37 -0.32 -4.88
N PHE A 142 11.80 0.37 -5.85
CA PHE A 142 11.34 -0.31 -7.06
C PHE A 142 12.43 -0.24 -8.11
N GLU A 143 13.13 0.88 -8.21
CA GLU A 143 14.18 0.97 -9.25
C GLU A 143 15.59 1.28 -8.80
N GLY A 144 15.72 1.82 -7.58
CA GLY A 144 17.02 2.21 -7.07
C GLY A 144 17.56 1.28 -5.99
N THR A 145 18.74 1.62 -5.49
CA THR A 145 19.41 0.83 -4.50
C THR A 145 19.33 1.48 -3.14
N PRO A 146 19.69 0.72 -2.08
CA PRO A 146 19.68 1.27 -0.71
C PRO A 146 20.70 2.40 -0.67
N LYS A 147 21.82 2.25 -1.42
CA LYS A 147 22.79 3.32 -1.38
C LYS A 147 22.25 4.65 -1.88
N GLN A 148 21.54 4.60 -3.01
CA GLN A 148 20.96 5.78 -3.57
C GLN A 148 19.93 6.39 -2.60
N MET A 149 19.08 5.52 -2.05
CA MET A 149 18.05 5.99 -1.14
C MET A 149 18.66 6.61 0.09
N LEU A 150 19.75 6.03 0.62
CA LEU A 150 20.35 6.62 1.80
C LEU A 150 20.83 8.07 1.50
N ALA A 151 21.61 8.20 0.44
CA ALA A 151 22.13 9.47 -0.01
C ALA A 151 20.94 10.45 -0.25
N SER A 152 19.81 9.94 -0.76
CA SER A 152 18.65 10.80 -1.03
C SER A 152 18.09 11.29 0.32
N LEU A 153 17.96 10.37 1.30
CA LEU A 153 17.42 10.80 2.58
C LEU A 153 18.42 11.73 3.29
N GLN A 154 19.72 11.48 3.10
CA GLN A 154 20.72 12.36 3.73
C GLN A 154 20.70 13.77 3.09
N LYS A 155 20.47 13.86 1.79
CA LYS A 155 20.38 15.13 1.10
C LYS A 155 19.18 15.92 1.67
N ILE A 156 18.05 15.22 1.79
CA ILE A 156 16.83 15.89 2.29
C ILE A 156 17.05 16.29 3.73
N THR A 157 17.74 15.46 4.52
CA THR A 157 17.90 15.78 5.95
C THR A 157 18.98 16.80 6.32
N SER A 158 19.81 17.16 5.35
CA SER A 158 20.85 18.15 5.63
C SER A 158 20.22 19.56 5.51
N LEU A 159 18.96 19.63 5.06
CA LEU A 159 18.26 20.91 4.99
C LEU A 159 17.96 21.40 6.45
N PRO A 160 17.59 22.68 6.62
CA PRO A 160 17.32 23.21 7.96
C PRO A 160 16.33 22.33 8.73
N ASP A 161 16.56 22.22 10.04
CA ASP A 161 15.74 21.38 10.88
C ASP A 161 14.29 21.79 10.84
N ASP A 162 14.04 23.05 10.55
CA ASP A 162 12.66 23.50 10.54
C ASP A 162 11.94 23.30 9.22
N THR A 163 12.64 22.72 8.24
CA THR A 163 12.07 22.47 6.93
C THR A 163 10.90 21.48 7.07
N SER A 164 9.76 21.88 6.55
CA SER A 164 8.56 21.02 6.56
C SER A 164 8.63 20.10 5.34
N ILE A 165 8.28 18.82 5.56
CA ILE A 165 8.31 17.77 4.52
C ILE A 165 6.86 17.37 4.20
N TYR A 166 6.50 17.44 2.91
CA TYR A 166 5.14 17.15 2.42
C TYR A 166 5.21 15.87 1.58
N CYS A 167 4.91 14.73 2.25
CA CYS A 167 4.94 13.30 1.88
C CYS A 167 3.98 13.05 0.66
N GLY A 168 4.26 12.02 -0.10
CA GLY A 168 3.43 11.66 -1.24
C GLY A 168 2.08 11.06 -0.92
N HIS A 169 2.06 10.34 0.22
CA HIS A 169 0.87 9.65 0.80
C HIS A 169 0.65 9.97 2.27
N GLU A 170 -0.15 9.09 2.90
CA GLU A 170 -0.52 9.10 4.33
C GLU A 170 -0.24 7.64 4.91
N TYR A 171 1.02 7.36 5.30
CA TYR A 171 1.36 6.03 5.83
C TYR A 171 1.87 6.17 7.26
N THR A 172 1.74 7.38 7.81
CA THR A 172 2.40 7.67 9.07
C THR A 172 2.03 6.75 10.22
N LEU A 173 0.76 6.39 10.29
CA LEU A 173 0.34 5.53 11.39
C LEU A 173 0.91 4.10 11.24
N SER A 174 0.75 3.47 10.05
CA SER A 174 1.24 2.14 9.82
C SER A 174 2.76 2.18 9.96
N ASN A 175 3.37 3.30 9.55
CA ASN A 175 4.83 3.45 9.64
C ASN A 175 5.28 3.48 11.09
N SER A 176 4.55 4.23 11.92
CA SER A 176 4.95 4.31 13.32
C SER A 176 4.91 2.97 14.06
N LYS A 177 4.03 2.05 13.65
CA LYS A 177 3.97 0.76 14.33
C LYS A 177 5.22 -0.08 14.02
N PHE A 178 5.76 0.09 12.84
CA PHE A 178 6.96 -0.69 12.50
C PHE A 178 8.18 -0.03 13.23
N ALA A 179 8.23 1.31 13.26
CA ALA A 179 9.35 1.99 13.91
C ALA A 179 9.44 1.63 15.42
N LEU A 180 8.29 1.59 16.10
CA LEU A 180 8.26 1.26 17.54
C LEU A 180 8.66 -0.21 17.78
N SER A 181 8.43 -1.07 16.80
CA SER A 181 8.84 -2.48 16.97
C SER A 181 10.37 -2.60 16.89
N LEU A 182 11.03 -1.51 16.50
CA LEU A 182 12.49 -1.51 16.38
C LEU A 182 13.16 -0.59 17.38
N GLU A 183 12.51 0.50 17.79
CA GLU A 183 13.19 1.46 18.71
C GLU A 183 12.19 1.95 19.72
N PRO A 184 11.61 1.02 20.48
CA PRO A 184 10.59 1.38 21.47
C PRO A 184 11.07 2.28 22.59
N ASN A 185 12.38 2.32 22.79
CA ASN A 185 12.91 3.16 23.90
C ASN A 185 13.17 4.59 23.49
N ASN A 186 12.87 4.92 22.22
CA ASN A 186 13.08 6.32 21.78
C ASN A 186 11.81 7.03 22.18
N GLU A 187 11.87 7.88 23.22
CA GLU A 187 10.64 8.54 23.71
C GLU A 187 10.12 9.63 22.81
N VAL A 188 10.97 10.16 21.93
CA VAL A 188 10.49 11.14 21.02
C VAL A 188 9.61 10.39 20.05
N LEU A 189 10.04 9.19 19.63
CA LEU A 189 9.20 8.41 18.71
C LEU A 189 7.86 8.04 19.43
N GLN A 190 7.92 7.67 20.71
CA GLN A 190 6.69 7.35 21.40
C GLN A 190 5.80 8.58 21.43
N SER A 191 6.42 9.74 21.65
CA SER A 191 5.74 11.04 21.75
C SER A 191 5.01 11.32 20.46
N TYR A 192 5.75 11.25 19.35
CA TYR A 192 5.15 11.54 18.07
C TYR A 192 4.14 10.47 17.62
N ALA A 193 4.46 9.20 17.86
CA ALA A 193 3.59 8.13 17.49
C ALA A 193 2.21 8.31 18.13
N ALA A 194 2.15 8.74 19.40
CA ALA A 194 0.83 8.93 20.01
C ALA A 194 0.08 10.06 19.35
N HIS A 195 0.81 11.14 19.04
CA HIS A 195 0.16 12.27 18.40
C HIS A 195 -0.42 11.86 17.04
N VAL A 196 0.29 11.00 16.34
CA VAL A 196 -0.13 10.49 15.03
C VAL A 196 -1.43 9.67 15.19
N ALA A 197 -1.48 8.81 16.18
CA ALA A 197 -2.66 8.00 16.41
C ALA A 197 -3.88 8.89 16.70
N GLU A 198 -3.68 9.96 17.49
CA GLU A 198 -4.77 10.89 17.77
C GLU A 198 -5.21 11.61 16.50
N LEU A 199 -4.24 11.99 15.65
CA LEU A 199 -4.58 12.73 14.41
C LEU A 199 -5.40 11.78 13.49
N ARG A 200 -4.96 10.53 13.39
CA ARG A 200 -5.66 9.60 12.54
C ARG A 200 -6.98 9.14 13.10
N SER A 201 -7.10 9.09 14.44
CA SER A 201 -8.40 8.68 15.01
C SER A 201 -9.48 9.60 14.48
N LYS A 202 -9.19 10.90 14.31
CA LYS A 202 -10.16 11.85 13.72
C LYS A 202 -9.91 12.14 12.23
N LYS A 203 -9.26 11.19 11.54
CA LYS A 203 -9.02 11.27 10.09
C LYS A 203 -8.41 12.58 9.60
N LEU A 204 -7.51 13.14 10.39
CA LEU A 204 -6.78 14.34 9.99
C LEU A 204 -5.36 13.90 9.52
N PRO A 205 -4.77 14.67 8.62
CA PRO A 205 -3.45 14.42 8.07
C PRO A 205 -2.40 14.50 9.12
N THR A 206 -1.27 13.82 8.87
CA THR A 206 -0.13 13.86 9.78
C THR A 206 1.00 14.60 9.08
N ILE A 207 0.70 15.17 7.90
CA ILE A 207 1.71 15.85 7.07
C ILE A 207 1.34 17.35 7.11
N PRO A 208 2.32 18.24 7.09
CA PRO A 208 3.77 18.00 6.99
C PRO A 208 4.49 17.49 8.24
N THR A 209 5.61 16.82 8.01
CA THR A 209 6.44 16.46 9.14
C THR A 209 7.65 17.43 8.99
N THR A 210 8.70 17.23 9.81
CA THR A 210 9.89 18.12 9.67
C THR A 210 11.19 17.35 9.54
N VAL A 211 12.26 18.04 9.13
CA VAL A 211 13.52 17.38 9.03
C VAL A 211 13.98 16.94 10.42
N LYS A 212 13.77 17.80 11.43
CA LYS A 212 14.18 17.51 12.79
C LYS A 212 13.33 16.40 13.35
N MET A 213 12.05 16.40 13.05
CA MET A 213 11.21 15.31 13.58
C MET A 213 11.59 13.99 12.96
N GLU A 214 11.92 13.98 11.67
CA GLU A 214 12.23 12.69 11.06
C GLU A 214 13.62 12.19 11.50
N LYS A 215 14.58 13.10 11.66
CA LYS A 215 15.91 12.67 12.13
C LYS A 215 15.76 12.00 13.50
N ALA A 216 14.82 12.51 14.32
CA ALA A 216 14.63 11.96 15.65
C ALA A 216 13.87 10.66 15.69
N CYS A 217 12.95 10.47 14.72
CA CYS A 217 12.09 9.29 14.77
C CYS A 217 12.08 8.28 13.64
N ASN A 218 12.49 8.72 12.44
CA ASN A 218 12.37 7.85 11.27
C ASN A 218 13.46 6.79 11.32
N PRO A 219 13.09 5.52 11.50
CA PRO A 219 14.19 4.52 11.58
C PRO A 219 15.11 4.50 10.37
N PHE A 220 14.64 4.90 9.20
CA PHE A 220 15.56 4.89 8.05
C PHE A 220 16.63 5.97 8.19
N LEU A 221 16.42 6.95 9.08
CA LEU A 221 17.41 7.99 9.29
C LEU A 221 18.19 7.73 10.57
N ARG A 222 17.96 6.58 11.22
CA ARG A 222 18.60 6.31 12.51
C ARG A 222 19.18 4.89 12.59
N SER A 223 19.54 4.38 11.43
CA SER A 223 20.03 3.01 11.29
C SER A 223 21.32 2.61 12.00
N SER A 224 22.01 3.59 12.57
CA SER A 224 23.22 3.31 13.34
C SER A 224 22.85 3.17 14.85
N ASN A 225 21.58 3.42 15.18
CA ASN A 225 21.13 3.29 16.52
C ASN A 225 21.33 1.86 16.96
N THR A 226 21.84 1.68 18.19
CA THR A 226 22.12 0.38 18.77
C THR A 226 20.90 -0.55 18.87
N ASP A 227 19.75 0.03 19.18
CA ASP A 227 18.54 -0.77 19.31
C ASP A 227 17.99 -1.25 17.99
N ILE A 228 17.95 -0.34 17.02
CA ILE A 228 17.44 -0.70 15.72
C ILE A 228 18.33 -1.82 15.17
N ARG A 229 19.66 -1.68 15.25
CA ARG A 229 20.51 -2.74 14.70
C ARG A 229 20.35 -4.08 15.43
N ARG A 230 20.19 -4.01 16.73
CA ARG A 230 19.99 -5.23 17.50
C ARG A 230 18.63 -5.84 17.17
N ALA A 231 17.58 -5.03 17.19
CA ALA A 231 16.25 -5.58 16.90
C ALA A 231 16.23 -6.39 15.61
N LEU A 232 17.06 -5.96 14.61
CA LEU A 232 17.12 -6.64 13.29
C LEU A 232 18.38 -7.47 13.15
N ARG A 233 19.16 -7.57 14.22
CA ARG A 233 20.41 -8.32 14.14
C ARG A 233 21.30 -7.86 12.96
N ILE A 234 21.30 -6.54 12.72
CA ILE A 234 22.16 -6.00 11.66
C ILE A 234 23.59 -5.94 12.27
N PRO A 235 24.57 -6.50 11.57
CA PRO A 235 25.94 -6.50 12.06
C PRO A 235 26.48 -5.10 12.31
N GLU A 236 27.26 -4.95 13.35
CA GLU A 236 27.87 -3.66 13.63
C GLU A 236 28.76 -3.24 12.48
N ALA A 237 29.32 -4.21 11.76
CA ALA A 237 30.19 -3.86 10.64
C ALA A 237 29.47 -3.35 9.41
N ALA A 238 28.16 -3.53 9.31
CA ALA A 238 27.50 -3.08 8.08
C ALA A 238 27.52 -1.56 8.00
N ASP A 239 27.69 -1.01 6.81
CA ASP A 239 27.65 0.44 6.74
C ASP A 239 26.15 0.86 6.76
N GLU A 240 25.90 2.16 6.67
CA GLU A 240 24.54 2.68 6.75
C GLU A 240 23.65 2.29 5.57
N ALA A 241 24.24 2.21 4.39
CA ALA A 241 23.51 1.84 3.18
C ALA A 241 23.07 0.37 3.32
N GLU A 242 23.98 -0.52 3.74
CA GLU A 242 23.58 -1.93 3.95
C GLU A 242 22.51 -2.05 5.05
N ALA A 243 22.66 -1.28 6.14
CA ALA A 243 21.66 -1.33 7.25
C ALA A 243 20.28 -0.86 6.71
N LEU A 244 20.28 0.22 5.95
CA LEU A 244 19.01 0.73 5.40
C LEU A 244 18.33 -0.36 4.57
N GLY A 245 19.10 -1.06 3.73
CA GLY A 245 18.52 -2.12 2.91
C GLY A 245 17.87 -3.25 3.75
N ILE A 246 18.48 -3.63 4.87
CA ILE A 246 17.91 -4.66 5.77
C ILE A 246 16.62 -4.13 6.41
N ILE A 247 16.66 -2.87 6.87
CA ILE A 247 15.46 -2.28 7.47
C ILE A 247 14.35 -2.24 6.44
N ARG A 248 14.71 -1.91 5.19
CA ARG A 248 13.68 -1.78 4.14
C ARG A 248 13.04 -3.12 3.86
N LYS A 249 13.84 -4.17 3.71
CA LYS A 249 13.22 -5.47 3.44
C LYS A 249 12.43 -5.93 4.68
N ALA A 250 12.92 -5.58 5.87
CA ALA A 250 12.18 -5.99 7.07
C ALA A 250 10.83 -5.28 7.15
N LYS A 251 10.77 -4.07 6.63
CA LYS A 251 9.51 -3.30 6.70
C LYS A 251 8.52 -3.83 5.67
N ASP A 252 9.04 -4.10 4.46
CA ASP A 252 8.15 -4.60 3.42
C ASP A 252 7.46 -5.89 3.91
N ASP A 253 8.22 -6.76 4.61
CA ASP A 253 7.69 -8.06 5.01
C ASP A 253 7.08 -8.02 6.42
N PHE A 254 6.79 -6.81 6.90
CA PHE A 254 6.25 -6.59 8.25
C PHE A 254 4.72 -6.71 8.25
N MET B 1 -23.92 -19.88 6.84
CA MET B 1 -22.93 -19.11 7.68
C MET B 1 -22.98 -17.63 7.22
N GLN B 2 -22.95 -16.69 8.15
CA GLN B 2 -22.96 -15.28 7.77
C GLN B 2 -21.49 -14.88 7.75
N ILE B 3 -21.12 -14.10 6.75
CA ILE B 3 -19.76 -13.58 6.57
C ILE B 3 -19.83 -12.04 6.65
N GLU B 4 -19.40 -11.52 7.81
CA GLU B 4 -19.44 -10.08 8.06
C GLU B 4 -18.10 -9.45 7.74
N LEU B 5 -18.05 -8.63 6.67
CA LEU B 5 -16.81 -7.97 6.29
C LEU B 5 -16.66 -6.77 7.24
N VAL B 6 -15.49 -6.70 7.90
CA VAL B 6 -15.16 -5.63 8.86
C VAL B 6 -13.93 -4.88 8.39
N PRO B 7 -14.10 -3.61 7.97
CA PRO B 7 -12.94 -2.84 7.52
C PRO B 7 -12.16 -2.49 8.76
N CYS B 8 -10.82 -2.59 8.66
CA CYS B 8 -9.92 -2.30 9.75
C CYS B 8 -8.72 -1.55 9.16
N LEU B 9 -8.04 -0.75 10.01
CA LEU B 9 -6.90 0.05 9.57
C LEU B 9 -7.35 0.91 8.37
N LYS B 10 -6.53 0.98 7.33
CA LYS B 10 -6.79 1.84 6.18
C LYS B 10 -7.55 1.11 5.09
N ASP B 11 -7.18 -0.14 4.86
CA ASP B 11 -7.82 -0.89 3.80
C ASP B 11 -7.79 -2.41 4.01
N ASN B 12 -7.85 -2.82 5.30
CA ASN B 12 -7.89 -4.22 5.62
C ASN B 12 -9.31 -4.70 5.90
N TYR B 13 -9.53 -5.96 5.54
CA TYR B 13 -10.77 -6.65 5.94
C TYR B 13 -10.44 -7.86 6.87
N ALA B 14 -11.14 -7.94 8.01
CA ALA B 14 -11.10 -9.07 8.97
C ALA B 14 -12.58 -9.61 9.00
N TYR B 15 -12.88 -10.75 8.36
CA TYR B 15 -14.25 -11.18 8.36
C TYR B 15 -14.64 -11.78 9.70
N ILE B 16 -15.90 -11.58 10.06
CA ILE B 16 -16.41 -12.17 11.30
C ILE B 16 -17.34 -13.26 10.82
N LEU B 17 -17.09 -14.51 11.26
CA LEU B 17 -17.88 -15.66 10.81
C LEU B 17 -18.87 -16.08 11.90
N HIS B 18 -20.08 -16.48 11.50
CA HIS B 18 -21.10 -16.84 12.50
C HIS B 18 -21.90 -17.99 12.00
N ASP B 19 -21.96 -19.02 12.83
CA ASP B 19 -22.72 -20.20 12.49
C ASP B 19 -24.14 -19.92 12.94
N GLU B 20 -25.08 -20.05 12.03
CA GLU B 20 -26.45 -19.73 12.32
C GLU B 20 -27.19 -20.84 13.04
N ASP B 21 -26.45 -21.86 13.47
CA ASP B 21 -27.06 -22.97 14.17
C ASP B 21 -26.50 -23.09 15.58
N THR B 22 -25.44 -22.36 15.87
CA THR B 22 -24.87 -22.46 17.22
C THR B 22 -24.42 -21.10 17.76
N GLY B 23 -24.39 -20.08 16.95
CA GLY B 23 -23.91 -18.85 17.58
C GLY B 23 -22.39 -18.87 17.74
N THR B 24 -21.73 -19.90 17.23
CA THR B 24 -20.25 -19.91 17.28
C THR B 24 -19.76 -18.75 16.39
N VAL B 25 -18.76 -18.01 16.83
CA VAL B 25 -18.25 -16.90 16.00
C VAL B 25 -16.74 -17.01 15.82
N GLY B 26 -16.28 -16.79 14.58
CA GLY B 26 -14.84 -16.80 14.35
C GLY B 26 -14.46 -15.47 13.70
N VAL B 27 -13.17 -15.11 13.72
CA VAL B 27 -12.72 -13.89 13.03
C VAL B 27 -11.44 -14.23 12.25
N VAL B 28 -11.42 -13.84 10.98
CA VAL B 28 -10.27 -14.06 10.12
C VAL B 28 -9.46 -12.77 10.06
N ASP B 29 -8.16 -12.92 10.25
CA ASP B 29 -7.23 -11.79 10.14
C ASP B 29 -7.63 -10.49 10.83
N PRO B 30 -8.06 -10.55 12.07
CA PRO B 30 -8.45 -9.35 12.85
C PRO B 30 -7.23 -8.40 12.98
N SER B 31 -7.17 -7.32 12.17
CA SER B 31 -6.06 -6.35 12.19
C SER B 31 -5.93 -5.73 13.56
N GLU B 32 -7.03 -5.22 14.09
CA GLU B 32 -6.99 -4.66 15.44
C GLU B 32 -8.18 -5.33 16.11
N ALA B 33 -8.21 -5.27 17.43
CA ALA B 33 -9.31 -5.84 18.21
C ALA B 33 -10.59 -4.99 18.28
N GLU B 34 -10.43 -3.67 18.37
CA GLU B 34 -11.59 -2.75 18.56
C GLU B 34 -12.75 -2.95 17.65
N PRO B 35 -12.50 -3.00 16.32
CA PRO B 35 -13.63 -3.20 15.42
C PRO B 35 -14.31 -4.54 15.59
N ILE B 36 -13.55 -5.56 15.96
CA ILE B 36 -14.10 -6.90 16.17
C ILE B 36 -14.95 -6.89 17.46
N ILE B 37 -14.36 -6.34 18.52
CA ILE B 37 -15.12 -6.22 19.80
C ILE B 37 -16.42 -5.40 19.62
N ASP B 38 -16.34 -4.30 18.91
CA ASP B 38 -17.55 -3.52 18.69
C ASP B 38 -18.65 -4.35 18.07
N SER B 39 -18.33 -5.16 17.05
CA SER B 39 -19.37 -5.97 16.40
C SER B 39 -19.93 -7.05 17.29
N LEU B 40 -19.03 -7.70 18.04
CA LEU B 40 -19.42 -8.76 18.94
C LEU B 40 -20.28 -8.20 20.06
N LYS B 41 -19.94 -7.02 20.56
CA LYS B 41 -20.71 -6.40 21.64
C LYS B 41 -22.14 -6.08 21.17
N ARG B 42 -22.29 -5.83 19.86
CA ARG B 42 -23.60 -5.53 19.28
C ARG B 42 -24.39 -6.83 19.05
N SER B 43 -23.67 -7.91 18.82
CA SER B 43 -24.24 -9.24 18.62
C SER B 43 -24.60 -9.88 19.97
N GLY B 44 -23.84 -9.50 21.01
CA GLY B 44 -24.02 -10.07 22.33
C GLY B 44 -23.15 -11.32 22.50
N ARG B 45 -22.88 -12.06 21.43
CA ARG B 45 -22.08 -13.30 21.51
C ARG B 45 -20.57 -13.03 21.64
N ASN B 46 -19.82 -13.96 22.22
CA ASN B 46 -18.39 -13.71 22.38
C ASN B 46 -17.67 -14.35 21.19
N LEU B 47 -16.35 -14.30 21.16
CA LEU B 47 -15.59 -14.84 20.03
C LEU B 47 -15.10 -16.25 20.32
N THR B 48 -15.28 -17.21 19.39
CA THR B 48 -14.83 -18.58 19.63
C THR B 48 -13.43 -18.83 19.07
N TYR B 49 -13.27 -18.40 17.81
CA TYR B 49 -12.04 -18.68 17.06
C TYR B 49 -11.45 -17.44 16.37
N ILE B 50 -10.15 -17.44 16.25
CA ILE B 50 -9.37 -16.42 15.50
C ILE B 50 -8.65 -17.26 14.45
N LEU B 51 -8.76 -16.87 13.17
CA LEU B 51 -8.09 -17.61 12.08
C LEU B 51 -7.22 -16.63 11.31
N ASN B 52 -5.96 -17.02 11.03
CA ASN B 52 -5.07 -16.14 10.31
C ASN B 52 -4.58 -16.74 9.00
N THR B 53 -4.72 -15.98 7.90
CA THR B 53 -4.23 -16.49 6.60
C THR B 53 -2.66 -16.49 6.52
N HIS B 54 -2.03 -15.64 7.35
CA HIS B 54 -0.56 -15.56 7.32
C HIS B 54 -0.15 -14.73 8.54
N HIS B 55 1.11 -14.26 8.62
CA HIS B 55 1.59 -13.65 9.88
C HIS B 55 1.77 -12.15 10.00
N HIS B 56 1.44 -11.43 8.93
CA HIS B 56 1.71 -9.99 8.92
C HIS B 56 0.90 -9.22 9.94
N TYR B 57 1.55 -8.18 10.46
CA TYR B 57 0.98 -7.34 11.50
C TYR B 57 -0.47 -6.93 11.25
N ASP B 58 -0.79 -6.54 9.99
CA ASP B 58 -2.15 -6.16 9.66
C ASP B 58 -3.12 -7.34 9.62
N HIS B 59 -2.60 -8.57 9.76
CA HIS B 59 -3.46 -9.75 9.82
C HIS B 59 -3.43 -10.47 11.15
N THR B 60 -2.49 -10.10 12.03
CA THR B 60 -2.38 -10.78 13.32
C THR B 60 -2.26 -9.86 14.52
N GLY B 61 -2.36 -8.55 14.29
CA GLY B 61 -2.14 -7.58 15.35
C GLY B 61 -3.17 -7.66 16.48
N GLY B 62 -4.33 -8.21 16.15
CA GLY B 62 -5.38 -8.35 17.16
C GLY B 62 -5.33 -9.70 17.87
N ASN B 63 -4.56 -10.66 17.38
CA ASN B 63 -4.61 -11.99 18.00
C ASN B 63 -4.63 -12.09 19.53
N LEU B 64 -3.51 -11.65 20.10
CA LEU B 64 -3.30 -11.81 21.54
C LEU B 64 -4.31 -11.03 22.34
N GLU B 65 -4.58 -9.81 21.92
CA GLU B 65 -5.54 -9.00 22.65
C GLU B 65 -6.88 -9.67 22.64
N LEU B 66 -7.29 -10.14 21.46
CA LEU B 66 -8.59 -10.82 21.33
C LEU B 66 -8.63 -12.16 22.04
N LYS B 67 -7.54 -12.95 21.94
CA LYS B 67 -7.52 -14.26 22.55
C LYS B 67 -7.73 -14.12 24.07
N ASP B 68 -7.10 -13.09 24.65
CA ASP B 68 -7.24 -12.88 26.09
C ASP B 68 -8.69 -12.55 26.48
N ARG B 69 -9.25 -11.50 25.86
CA ARG B 69 -10.60 -11.10 26.17
C ARG B 69 -11.67 -12.19 26.09
N TYR B 70 -11.72 -12.89 24.97
CA TYR B 70 -12.75 -13.88 24.80
C TYR B 70 -12.34 -15.30 25.10
N GLY B 71 -11.06 -15.49 25.40
CA GLY B 71 -10.61 -16.86 25.56
C GLY B 71 -10.76 -17.61 24.23
N ALA B 72 -10.64 -16.90 23.10
CA ALA B 72 -10.78 -17.54 21.75
C ALA B 72 -9.55 -18.40 21.44
N LYS B 73 -9.66 -19.34 20.48
CA LYS B 73 -8.57 -20.21 20.12
C LYS B 73 -8.08 -19.72 18.76
N VAL B 74 -6.77 -19.54 18.65
CA VAL B 74 -6.13 -19.10 17.39
C VAL B 74 -5.76 -20.29 16.51
N ILE B 75 -6.30 -20.25 15.29
CA ILE B 75 -6.12 -21.30 14.28
C ILE B 75 -5.21 -20.76 13.16
N GLY B 76 -4.06 -21.41 12.94
CA GLY B 76 -3.17 -20.93 11.91
C GLY B 76 -2.36 -22.00 11.21
N SER B 77 -1.45 -21.56 10.35
CA SER B 77 -0.63 -22.47 9.56
C SER B 77 0.49 -23.15 10.35
N ALA B 78 0.60 -24.45 10.14
CA ALA B 78 1.65 -25.26 10.77
C ALA B 78 3.03 -24.84 10.15
N MET B 79 3.02 -24.09 9.05
CA MET B 79 4.29 -23.60 8.49
C MET B 79 4.73 -22.28 9.22
N ASP B 80 3.87 -21.69 10.03
CA ASP B 80 4.16 -20.42 10.74
C ASP B 80 3.85 -20.53 12.22
N LYS B 81 4.06 -21.71 12.78
CA LYS B 81 3.74 -21.92 14.18
C LYS B 81 4.51 -20.94 15.07
N ASP B 82 5.61 -20.39 14.59
CA ASP B 82 6.39 -19.48 15.42
C ASP B 82 6.04 -18.02 15.20
N ARG B 83 5.26 -17.76 14.12
CA ARG B 83 4.93 -16.37 13.77
C ARG B 83 3.49 -15.92 13.94
N ILE B 84 2.59 -16.87 14.25
CA ILE B 84 1.23 -16.50 14.44
C ILE B 84 1.03 -16.29 15.95
N PRO B 85 0.73 -15.05 16.38
CA PRO B 85 0.55 -14.85 17.82
C PRO B 85 -0.51 -15.73 18.50
N GLY B 86 -0.03 -16.41 19.55
CA GLY B 86 -0.89 -17.24 20.39
C GLY B 86 -1.51 -18.45 19.71
N ILE B 87 -0.88 -18.92 18.64
CA ILE B 87 -1.44 -20.04 17.93
C ILE B 87 -1.71 -21.26 18.84
N ASP B 88 -2.92 -21.84 18.68
CA ASP B 88 -3.35 -22.99 19.47
C ASP B 88 -3.50 -24.28 18.62
N MET B 89 -3.78 -24.08 17.34
CA MET B 89 -3.99 -25.16 16.39
C MET B 89 -3.25 -24.85 15.12
N ALA B 90 -2.35 -25.77 14.76
CA ALA B 90 -1.51 -25.57 13.61
C ALA B 90 -1.97 -26.49 12.48
N LEU B 91 -2.47 -25.90 11.39
CA LEU B 91 -3.03 -26.70 10.31
C LEU B 91 -2.16 -26.86 9.08
N LYS B 92 -2.28 -28.05 8.45
CA LYS B 92 -1.48 -28.33 7.28
C LYS B 92 -2.27 -28.27 6.01
N ASP B 93 -1.54 -28.31 4.90
CA ASP B 93 -2.19 -28.31 3.61
C ASP B 93 -3.19 -29.49 3.46
N GLY B 94 -4.37 -29.15 2.97
CA GLY B 94 -5.43 -30.12 2.75
C GLY B 94 -6.07 -30.61 4.04
N ASP B 95 -5.76 -30.00 5.19
CA ASP B 95 -6.44 -30.38 6.45
C ASP B 95 -7.91 -29.97 6.42
N LYS B 96 -8.72 -30.70 7.20
CA LYS B 96 -10.12 -30.38 7.43
C LYS B 96 -10.13 -29.84 8.83
N TRP B 97 -10.99 -28.85 9.09
CA TRP B 97 -11.12 -28.25 10.40
C TRP B 97 -12.55 -27.77 10.54
N MET B 98 -13.31 -28.35 11.46
CA MET B 98 -14.72 -27.98 11.62
C MET B 98 -14.95 -26.65 12.34
N PHE B 99 -15.82 -25.83 11.75
CA PHE B 99 -16.21 -24.55 12.35
C PHE B 99 -17.64 -24.67 12.93
N ALA B 100 -17.79 -25.19 14.18
CA ALA B 100 -19.13 -25.35 14.80
C ALA B 100 -20.04 -26.27 14.04
N GLY B 101 -19.50 -27.04 13.11
CA GLY B 101 -20.40 -27.87 12.34
C GLY B 101 -20.15 -27.91 10.85
N HIS B 102 -19.33 -27.00 10.31
CA HIS B 102 -19.06 -27.00 8.84
C HIS B 102 -17.58 -27.26 8.54
N GLU B 103 -17.30 -27.82 7.38
CA GLU B 103 -15.97 -28.15 7.05
C GLU B 103 -15.16 -26.99 6.45
N VAL B 104 -13.97 -26.81 7.00
CA VAL B 104 -13.05 -25.82 6.43
C VAL B 104 -11.87 -26.64 5.93
N HIS B 105 -11.44 -26.36 4.70
CA HIS B 105 -10.31 -27.04 4.07
C HIS B 105 -9.16 -26.08 3.85
N VAL B 106 -8.06 -26.34 4.53
CA VAL B 106 -6.89 -25.47 4.46
C VAL B 106 -6.06 -25.71 3.20
N MET B 107 -5.62 -24.61 2.58
CA MET B 107 -4.79 -24.72 1.38
C MET B 107 -3.52 -23.88 1.55
N ASP B 108 -2.37 -24.54 1.55
CA ASP B 108 -1.08 -23.80 1.58
C ASP B 108 -1.03 -22.95 0.29
N THR B 109 -0.81 -21.66 0.45
CA THR B 109 -0.78 -20.75 -0.70
C THR B 109 0.38 -19.76 -0.57
N PRO B 110 1.61 -20.29 -0.63
CA PRO B 110 2.83 -19.46 -0.54
C PRO B 110 2.93 -18.48 -1.69
N GLY B 111 3.67 -17.41 -1.46
CA GLY B 111 3.89 -16.41 -2.51
C GLY B 111 4.20 -15.09 -1.85
N HIS B 112 3.14 -14.50 -1.28
CA HIS B 112 3.28 -13.21 -0.59
C HIS B 112 4.20 -13.53 0.59
N THR B 113 3.88 -14.60 1.32
CA THR B 113 4.74 -15.08 2.41
C THR B 113 4.90 -16.58 2.24
N LYS B 114 5.95 -17.16 2.85
CA LYS B 114 6.12 -18.62 2.81
C LYS B 114 5.41 -19.06 4.11
N GLY B 115 4.32 -19.84 3.94
CA GLY B 115 3.46 -20.28 5.06
C GLY B 115 2.00 -19.72 5.02
N HIS B 116 1.74 -18.81 4.11
CA HIS B 116 0.40 -18.24 3.93
C HIS B 116 -0.56 -19.38 3.57
N ILE B 117 -1.76 -19.36 4.12
CA ILE B 117 -2.80 -20.37 3.81
C ILE B 117 -4.07 -19.59 3.41
N SER B 118 -4.98 -20.30 2.72
CA SER B 118 -6.27 -19.77 2.33
C SER B 118 -7.25 -20.80 2.94
N LEU B 119 -8.42 -20.32 3.32
CA LEU B 119 -9.40 -21.16 4.02
C LEU B 119 -10.64 -21.27 3.15
N TYR B 120 -10.98 -22.47 2.69
CA TYR B 120 -12.16 -22.67 1.83
C TYR B 120 -13.30 -23.37 2.59
N PHE B 121 -14.47 -22.73 2.57
CA PHE B 121 -15.68 -23.24 3.26
C PHE B 121 -16.58 -23.70 2.08
N PRO B 122 -16.48 -24.98 1.68
CA PRO B 122 -17.27 -25.49 0.55
C PRO B 122 -18.78 -25.30 0.76
N GLY B 123 -19.21 -25.48 2.00
CA GLY B 123 -20.64 -25.33 2.30
C GLY B 123 -21.17 -23.94 2.06
N SER B 124 -20.27 -22.95 2.11
CA SER B 124 -20.67 -21.59 1.92
C SER B 124 -20.18 -21.07 0.56
N ARG B 125 -19.55 -21.93 -0.24
CA ARG B 125 -19.01 -21.51 -1.54
C ARG B 125 -18.18 -20.21 -1.32
N ALA B 126 -17.32 -20.24 -0.31
CA ALA B 126 -16.49 -19.08 0.00
C ALA B 126 -15.10 -19.45 0.35
N ILE B 127 -14.13 -18.63 -0.11
CA ILE B 127 -12.75 -18.89 0.27
C ILE B 127 -12.08 -17.58 0.78
N PHE B 128 -11.31 -17.68 1.86
CA PHE B 128 -10.57 -16.51 2.42
C PHE B 128 -9.15 -16.66 1.93
N THR B 129 -8.74 -15.71 1.05
CA THR B 129 -7.46 -15.77 0.38
C THR B 129 -6.38 -14.86 0.97
N GLY B 130 -6.74 -14.09 2.00
CA GLY B 130 -5.75 -13.20 2.58
C GLY B 130 -5.12 -12.30 1.54
N ASP B 131 -3.75 -12.31 1.51
CA ASP B 131 -3.03 -11.48 0.56
C ASP B 131 -2.44 -12.29 -0.59
N THR B 132 -2.99 -13.51 -0.79
CA THR B 132 -2.57 -14.32 -1.91
C THR B 132 -3.30 -13.79 -3.15
N MET B 133 -4.64 -13.83 -3.13
CA MET B 133 -5.36 -13.31 -4.30
C MET B 133 -6.27 -12.18 -3.86
N PHE B 134 -6.16 -11.02 -4.52
CA PHE B 134 -7.06 -9.87 -4.23
C PHE B 134 -8.02 -9.76 -5.41
N SER B 135 -8.81 -8.69 -5.42
CA SER B 135 -9.62 -8.45 -6.62
C SER B 135 -8.79 -7.68 -7.61
N LEU B 136 -8.46 -8.39 -8.69
CA LEU B 136 -7.65 -7.89 -9.79
C LEU B 136 -6.14 -7.85 -9.54
N SER B 137 -5.64 -8.58 -8.51
CA SER B 137 -4.18 -8.64 -8.31
C SER B 137 -3.85 -9.82 -7.44
N CYS B 138 -2.57 -9.93 -7.09
CA CYS B 138 -2.13 -10.98 -6.16
C CYS B 138 -1.22 -10.25 -5.16
N GLY B 139 -0.90 -10.88 -4.05
CA GLY B 139 -0.05 -10.21 -3.10
C GLY B 139 1.32 -9.86 -3.66
N LYS B 140 1.89 -8.73 -3.25
CA LYS B 140 3.27 -8.52 -3.70
C LYS B 140 4.09 -9.65 -3.12
N LEU B 141 5.16 -10.05 -3.88
CA LEU B 141 5.99 -11.17 -3.47
C LEU B 141 7.10 -10.79 -2.51
N PHE B 142 6.92 -11.11 -1.21
CA PHE B 142 7.96 -10.79 -0.27
C PHE B 142 8.87 -11.97 0.07
N GLU B 143 8.30 -13.14 0.39
CA GLU B 143 9.10 -14.30 0.80
C GLU B 143 9.10 -15.48 -0.15
N GLY B 144 8.27 -15.42 -1.20
CA GLY B 144 8.13 -16.56 -2.09
C GLY B 144 8.48 -16.16 -3.47
N THR B 145 8.39 -17.15 -4.37
CA THR B 145 8.72 -16.96 -5.76
C THR B 145 7.48 -16.82 -6.65
N PRO B 146 7.69 -16.34 -7.88
CA PRO B 146 6.59 -16.18 -8.85
C PRO B 146 5.98 -17.52 -9.15
N LYS B 147 6.78 -18.59 -9.15
CA LYS B 147 6.31 -19.95 -9.44
C LYS B 147 5.39 -20.40 -8.31
N GLN B 148 5.76 -20.06 -7.07
CA GLN B 148 4.93 -20.44 -5.93
C GLN B 148 3.60 -19.67 -6.02
N MET B 149 3.66 -18.38 -6.29
CA MET B 149 2.40 -17.63 -6.36
C MET B 149 1.49 -18.16 -7.46
N LEU B 150 2.07 -18.44 -8.62
CA LEU B 150 1.27 -18.97 -9.73
C LEU B 150 0.58 -20.25 -9.28
N ALA B 151 1.31 -21.16 -8.62
CA ALA B 151 0.68 -22.41 -8.18
C ALA B 151 -0.41 -22.15 -7.16
N SER B 152 -0.20 -21.17 -6.29
CA SER B 152 -1.21 -20.85 -5.28
C SER B 152 -2.46 -20.26 -5.91
N LEU B 153 -2.28 -19.39 -6.92
CA LEU B 153 -3.42 -18.78 -7.57
C LEU B 153 -4.25 -19.83 -8.35
N GLN B 154 -3.54 -20.78 -8.97
CA GLN B 154 -4.16 -21.87 -9.73
C GLN B 154 -4.93 -22.79 -8.80
N LYS B 155 -4.42 -23.03 -7.60
CA LYS B 155 -5.19 -23.85 -6.65
C LYS B 155 -6.52 -23.13 -6.38
N ILE B 156 -6.43 -21.86 -6.07
CA ILE B 156 -7.64 -21.14 -5.76
C ILE B 156 -8.63 -21.15 -6.93
N THR B 157 -8.13 -20.97 -8.18
CA THR B 157 -9.03 -20.89 -9.35
C THR B 157 -9.48 -22.28 -9.82
N SER B 158 -8.94 -23.32 -9.20
CA SER B 158 -9.40 -24.69 -9.52
C SER B 158 -10.71 -24.99 -8.76
N LEU B 159 -11.14 -24.09 -7.87
CA LEU B 159 -12.41 -24.25 -7.13
C LEU B 159 -13.57 -23.81 -8.07
N PRO B 160 -14.82 -24.12 -7.71
CA PRO B 160 -15.95 -23.73 -8.59
C PRO B 160 -16.00 -22.26 -8.94
N ASP B 161 -16.34 -21.97 -10.19
CA ASP B 161 -16.40 -20.59 -10.66
C ASP B 161 -17.40 -19.72 -9.89
N ASP B 162 -18.23 -20.32 -9.05
CA ASP B 162 -19.18 -19.52 -8.34
C ASP B 162 -18.76 -19.26 -6.90
N THR B 163 -17.58 -19.73 -6.49
CA THR B 163 -17.11 -19.49 -5.14
C THR B 163 -16.79 -17.97 -4.91
N SER B 164 -17.18 -17.45 -3.75
CA SER B 164 -16.88 -16.06 -3.42
C SER B 164 -15.46 -15.99 -2.89
N ILE B 165 -14.74 -14.92 -3.26
CA ILE B 165 -13.38 -14.71 -2.82
C ILE B 165 -13.36 -13.53 -1.85
N TYR B 166 -12.90 -13.81 -0.62
CA TYR B 166 -12.85 -12.77 0.43
C TYR B 166 -11.34 -12.60 0.73
N CYS B 167 -10.73 -11.51 0.18
CA CYS B 167 -9.30 -11.23 0.32
C CYS B 167 -8.92 -10.27 1.46
N GLY B 168 -7.64 -10.08 1.66
CA GLY B 168 -7.17 -9.24 2.79
C GLY B 168 -7.28 -7.73 2.70
N HIS B 169 -7.42 -7.17 1.48
CA HIS B 169 -7.47 -5.72 1.36
C HIS B 169 -8.41 -5.25 0.25
N GLU B 170 -8.79 -3.98 0.37
CA GLU B 170 -9.66 -3.31 -0.61
C GLU B 170 -8.70 -2.55 -1.54
N TYR B 171 -8.05 -3.32 -2.44
CA TYR B 171 -7.13 -2.75 -3.40
C TYR B 171 -7.71 -2.72 -4.82
N THR B 172 -8.95 -3.16 -4.97
CA THR B 172 -9.55 -3.34 -6.29
C THR B 172 -9.49 -2.17 -7.27
N LEU B 173 -9.86 -0.97 -6.80
CA LEU B 173 -9.86 0.16 -7.69
C LEU B 173 -8.43 0.42 -8.19
N SER B 174 -7.46 0.50 -7.32
CA SER B 174 -6.09 0.73 -7.82
C SER B 174 -5.63 -0.39 -8.76
N ASN B 175 -6.02 -1.64 -8.45
CA ASN B 175 -5.66 -2.80 -9.26
C ASN B 175 -6.26 -2.67 -10.69
N SER B 176 -7.48 -2.16 -10.77
CA SER B 176 -8.15 -2.05 -12.07
C SER B 176 -7.43 -1.08 -12.95
N LYS B 177 -6.68 -0.15 -12.38
CA LYS B 177 -6.00 0.81 -13.23
C LYS B 177 -4.84 0.11 -13.96
N PHE B 178 -4.11 -0.70 -13.22
CA PHE B 178 -3.00 -1.41 -13.83
C PHE B 178 -3.54 -2.48 -14.78
N ALA B 179 -4.62 -3.17 -14.40
CA ALA B 179 -5.13 -4.21 -15.28
C ALA B 179 -5.59 -3.62 -16.61
N LEU B 180 -6.24 -2.47 -16.58
CA LEU B 180 -6.74 -1.84 -17.83
C LEU B 180 -5.60 -1.30 -18.67
N SER B 181 -4.46 -1.07 -18.01
CA SER B 181 -3.28 -0.56 -18.72
C SER B 181 -2.63 -1.70 -19.54
N LEU B 182 -2.95 -2.95 -19.22
CA LEU B 182 -2.39 -4.09 -19.94
C LEU B 182 -3.36 -4.70 -20.90
N GLU B 183 -4.62 -4.70 -20.51
CA GLU B 183 -5.64 -5.35 -21.33
C GLU B 183 -6.88 -4.44 -21.46
N PRO B 184 -6.69 -3.28 -22.11
CA PRO B 184 -7.78 -2.34 -22.25
C PRO B 184 -8.99 -2.76 -23.07
N ASN B 185 -8.79 -3.73 -23.94
CA ASN B 185 -9.89 -4.20 -24.74
C ASN B 185 -10.66 -5.35 -24.10
N ASN B 186 -10.27 -5.80 -22.89
CA ASN B 186 -11.03 -6.87 -22.18
C ASN B 186 -12.39 -6.24 -21.74
N GLU B 187 -13.49 -6.63 -22.40
CA GLU B 187 -14.81 -6.03 -22.11
C GLU B 187 -15.33 -6.30 -20.71
N VAL B 188 -15.19 -7.53 -20.25
CA VAL B 188 -15.70 -7.83 -18.89
C VAL B 188 -14.90 -6.98 -17.89
N LEU B 189 -13.59 -6.86 -18.10
CA LEU B 189 -12.78 -6.06 -17.17
C LEU B 189 -13.20 -4.59 -17.23
N GLN B 190 -13.51 -4.08 -18.44
CA GLN B 190 -13.98 -2.70 -18.51
C GLN B 190 -15.26 -2.51 -17.69
N SER B 191 -16.23 -3.42 -17.83
CA SER B 191 -17.50 -3.23 -17.11
C SER B 191 -17.26 -3.39 -15.60
N TYR B 192 -16.44 -4.36 -15.24
CA TYR B 192 -16.16 -4.58 -13.82
C TYR B 192 -15.37 -3.41 -13.22
N ALA B 193 -14.39 -2.88 -13.94
CA ALA B 193 -13.60 -1.77 -13.43
C ALA B 193 -14.50 -0.54 -13.26
N ALA B 194 -15.42 -0.32 -14.21
CA ALA B 194 -16.28 0.85 -14.04
C ALA B 194 -17.15 0.66 -12.80
N HIS B 195 -17.72 -0.55 -12.62
CA HIS B 195 -18.60 -0.89 -11.46
C HIS B 195 -17.81 -0.72 -10.12
N VAL B 196 -16.55 -1.18 -10.14
CA VAL B 196 -15.65 -1.02 -8.98
C VAL B 196 -15.50 0.49 -8.62
N ALA B 197 -15.33 1.37 -9.61
CA ALA B 197 -15.21 2.82 -9.29
C ALA B 197 -16.51 3.38 -8.68
N GLU B 198 -17.63 2.84 -9.11
CA GLU B 198 -18.93 3.30 -8.57
C GLU B 198 -19.01 2.88 -7.08
N LEU B 199 -18.75 1.60 -6.80
CA LEU B 199 -18.79 1.12 -5.41
C LEU B 199 -17.85 1.97 -4.57
N ARG B 200 -16.63 2.19 -5.07
CA ARG B 200 -15.67 2.95 -4.27
C ARG B 200 -16.06 4.43 -4.15
N SER B 201 -16.69 5.00 -5.18
CA SER B 201 -17.14 6.41 -5.08
C SER B 201 -18.14 6.56 -3.94
N LYS B 202 -18.86 5.46 -3.63
CA LYS B 202 -19.85 5.45 -2.54
C LYS B 202 -19.27 4.88 -1.25
N LYS B 203 -17.94 4.68 -1.23
CA LYS B 203 -17.24 4.13 -0.07
C LYS B 203 -17.70 2.73 0.26
N LEU B 204 -18.10 2.00 -0.78
CA LEU B 204 -18.57 0.62 -0.57
C LEU B 204 -17.48 -0.40 -0.97
N PRO B 205 -17.26 -1.39 -0.13
CA PRO B 205 -16.25 -2.45 -0.41
C PRO B 205 -16.58 -3.10 -1.78
N THR B 206 -15.56 -3.65 -2.43
CA THR B 206 -15.75 -4.38 -3.68
C THR B 206 -15.65 -5.90 -3.49
N ILE B 207 -15.42 -6.28 -2.24
CA ILE B 207 -15.20 -7.66 -1.83
C ILE B 207 -16.52 -8.17 -1.21
N PRO B 208 -16.96 -9.40 -1.49
CA PRO B 208 -16.29 -10.41 -2.31
C PRO B 208 -16.32 -10.27 -3.81
N THR B 209 -15.35 -10.95 -4.41
CA THR B 209 -15.30 -11.13 -5.85
C THR B 209 -15.57 -12.65 -6.07
N THR B 210 -15.45 -13.12 -7.32
CA THR B 210 -15.66 -14.54 -7.56
C THR B 210 -14.56 -15.15 -8.43
N VAL B 211 -14.40 -16.46 -8.35
CA VAL B 211 -13.41 -17.14 -9.19
C VAL B 211 -13.68 -16.81 -10.65
N LYS B 212 -14.95 -16.76 -11.03
CA LYS B 212 -15.25 -16.47 -12.44
C LYS B 212 -14.83 -15.04 -12.86
N MET B 213 -15.13 -14.05 -12.04
CA MET B 213 -14.73 -12.69 -12.39
C MET B 213 -13.20 -12.58 -12.47
N GLU B 214 -12.49 -13.17 -11.49
CA GLU B 214 -11.01 -13.03 -11.48
C GLU B 214 -10.38 -13.76 -12.67
N LYS B 215 -10.93 -14.92 -13.04
CA LYS B 215 -10.39 -15.60 -14.22
C LYS B 215 -10.56 -14.71 -15.46
N ALA B 216 -11.67 -13.97 -15.51
CA ALA B 216 -11.96 -13.11 -16.66
C ALA B 216 -11.23 -11.74 -16.68
N CYS B 217 -10.82 -11.27 -15.50
CA CYS B 217 -10.24 -9.93 -15.38
C CYS B 217 -8.83 -9.71 -14.82
N ASN B 218 -8.52 -10.39 -13.72
CA ASN B 218 -7.26 -10.26 -12.96
C ASN B 218 -6.10 -10.78 -13.85
N PRO B 219 -5.20 -9.85 -14.23
CA PRO B 219 -4.08 -10.22 -15.10
C PRO B 219 -3.22 -11.33 -14.59
N PHE B 220 -3.13 -11.52 -13.25
CA PHE B 220 -2.26 -12.56 -12.73
C PHE B 220 -2.75 -13.98 -12.98
N LEU B 221 -4.04 -14.09 -13.41
CA LEU B 221 -4.61 -15.40 -13.75
C LEU B 221 -4.66 -15.52 -15.30
N ARG B 222 -4.12 -14.51 -15.98
CA ARG B 222 -4.15 -14.43 -17.44
C ARG B 222 -2.75 -14.25 -18.01
N SER B 223 -1.80 -14.92 -17.37
CA SER B 223 -0.37 -14.77 -17.71
C SER B 223 -0.01 -15.23 -19.13
N SER B 224 -0.87 -16.01 -19.76
CA SER B 224 -0.64 -16.41 -21.15
C SER B 224 -1.42 -15.58 -22.16
N ASN B 225 -2.17 -14.59 -21.64
CA ASN B 225 -2.93 -13.73 -22.53
C ASN B 225 -2.06 -13.00 -23.53
N THR B 226 -2.52 -12.88 -24.77
CA THR B 226 -1.71 -12.20 -25.78
C THR B 226 -1.53 -10.71 -25.60
N ASP B 227 -2.59 -9.98 -25.28
CA ASP B 227 -2.45 -8.53 -25.13
C ASP B 227 -1.53 -8.20 -23.97
N ILE B 228 -1.65 -8.96 -22.87
CA ILE B 228 -0.78 -8.72 -21.72
C ILE B 228 0.68 -8.94 -22.04
N ARG B 229 1.03 -10.09 -22.65
CA ARG B 229 2.39 -10.35 -23.01
C ARG B 229 2.89 -9.31 -24.03
N ARG B 230 2.11 -9.04 -25.07
CA ARG B 230 2.55 -8.05 -26.03
C ARG B 230 2.60 -6.66 -25.32
N ALA B 231 2.03 -6.56 -24.12
CA ALA B 231 2.07 -5.26 -23.50
C ALA B 231 3.27 -5.09 -22.60
N LEU B 232 3.80 -6.21 -22.08
CA LEU B 232 4.91 -6.17 -21.12
C LEU B 232 6.23 -6.84 -21.60
N ARG B 233 6.32 -7.02 -22.93
CA ARG B 233 7.45 -7.62 -23.59
C ARG B 233 7.72 -9.02 -23.04
N ILE B 234 6.64 -9.77 -22.87
CA ILE B 234 6.80 -11.12 -22.40
C ILE B 234 6.92 -12.04 -23.61
N PRO B 235 8.04 -12.79 -23.72
CA PRO B 235 8.26 -13.72 -24.85
C PRO B 235 7.10 -14.65 -25.03
N GLU B 236 6.79 -14.98 -26.29
CA GLU B 236 5.63 -15.86 -26.48
C GLU B 236 5.74 -17.23 -25.83
N ALA B 237 6.96 -17.77 -25.70
CA ALA B 237 7.12 -19.13 -25.15
C ALA B 237 7.58 -19.17 -23.69
N ALA B 238 7.60 -18.02 -23.03
CA ALA B 238 7.98 -17.97 -21.64
C ALA B 238 6.99 -18.75 -20.77
N ASP B 239 7.48 -19.42 -19.74
CA ASP B 239 6.52 -20.15 -18.92
C ASP B 239 5.67 -19.14 -18.12
N GLU B 240 4.53 -19.60 -17.61
CA GLU B 240 3.63 -18.65 -16.90
C GLU B 240 4.24 -18.14 -15.60
N ALA B 241 5.14 -18.89 -14.97
CA ALA B 241 5.77 -18.37 -13.74
C ALA B 241 6.64 -17.19 -14.12
N GLU B 242 7.42 -17.31 -15.21
CA GLU B 242 8.27 -16.18 -15.60
C GLU B 242 7.38 -14.97 -15.94
N ALA B 243 6.33 -15.24 -16.70
CA ALA B 243 5.38 -14.22 -17.11
C ALA B 243 4.72 -13.61 -15.83
N LEU B 244 4.43 -14.43 -14.81
CA LEU B 244 3.82 -13.88 -13.59
C LEU B 244 4.76 -12.87 -12.95
N GLY B 245 6.04 -13.26 -12.84
CA GLY B 245 7.00 -12.36 -12.23
C GLY B 245 7.07 -11.04 -12.99
N ILE B 246 7.09 -11.09 -14.32
CA ILE B 246 7.18 -9.87 -15.10
C ILE B 246 5.97 -8.95 -14.82
N ILE B 247 4.76 -9.50 -14.81
CA ILE B 247 3.56 -8.70 -14.54
C ILE B 247 3.67 -8.15 -13.08
N ARG B 248 4.17 -8.98 -12.17
CA ARG B 248 4.26 -8.60 -10.75
C ARG B 248 5.23 -7.42 -10.60
N LYS B 249 6.36 -7.49 -11.29
CA LYS B 249 7.33 -6.38 -11.21
C LYS B 249 6.76 -5.13 -11.86
N ALA B 250 6.08 -5.32 -13.01
CA ALA B 250 5.47 -4.20 -13.70
C ALA B 250 4.44 -3.55 -12.79
N LYS B 251 3.65 -4.36 -12.06
CA LYS B 251 2.61 -3.75 -11.20
C LYS B 251 3.23 -2.97 -10.05
N ASP B 252 4.26 -3.54 -9.45
CA ASP B 252 4.93 -2.88 -8.33
C ASP B 252 5.39 -1.48 -8.71
N ASP B 253 5.96 -1.33 -9.92
CA ASP B 253 6.50 -0.07 -10.41
C ASP B 253 5.57 0.78 -11.28
N PHE B 254 4.28 0.47 -11.21
CA PHE B 254 3.30 1.22 -12.02
C PHE B 254 2.89 2.54 -11.35
ZN ZN C . 5.48 6.00 -6.29
FE FE D . 3.08 7.12 -4.51
C ACY E . 6.51 1.88 2.97
O ACY E . 7.13 2.42 3.86
OXT ACY E . 6.45 0.56 2.92
CH3 ACY E . 5.80 2.68 1.90
C1 PEG F . -5.98 18.88 16.79
O1 PEG F . -5.68 17.51 17.13
C2 PEG F . -7.36 18.93 16.14
O2 PEG F . -8.40 19.01 17.16
C3 PEG F . -9.74 19.01 16.51
C4 PEG F . -10.95 19.11 17.53
O4 PEG F . -11.53 17.81 17.92
ZN ZN G . 0.45 -9.43 4.09
FE FE H . -2.07 -7.46 4.35
C ACY I . -0.41 -5.40 -5.06
O ACY I . -1.01 -5.71 -6.09
OXT ACY I . 0.52 -4.46 -5.08
CH3 ACY I . -0.69 -6.08 -3.75
N MET A 1 3.93 31.48 0.45
CA MET A 1 3.16 30.50 -0.39
C MET A 1 2.38 29.49 0.47
N GLN A 2 1.05 29.53 0.40
CA GLN A 2 0.20 28.63 1.17
C GLN A 2 0.18 27.30 0.47
N ILE A 3 0.46 26.23 1.19
CA ILE A 3 0.50 24.87 0.61
C ILE A 3 -0.70 24.11 1.15
N GLU A 4 -1.69 23.83 0.30
CA GLU A 4 -2.89 23.13 0.76
C GLU A 4 -2.86 21.65 0.37
N LEU A 5 -3.10 20.73 1.34
CA LEU A 5 -3.09 19.32 0.97
C LEU A 5 -4.40 18.98 0.31
N VAL A 6 -4.34 18.03 -0.63
CA VAL A 6 -5.52 17.57 -1.33
C VAL A 6 -5.52 16.05 -1.31
N PRO A 7 -6.45 15.46 -0.50
CA PRO A 7 -6.52 14.00 -0.45
C PRO A 7 -6.95 13.47 -1.80
N CYS A 8 -6.25 12.42 -2.24
CA CYS A 8 -6.56 11.81 -3.51
C CYS A 8 -6.46 10.30 -3.35
N LEU A 9 -7.25 9.61 -4.16
CA LEU A 9 -7.28 8.15 -4.12
C LEU A 9 -7.48 7.73 -2.68
N LYS A 10 -6.75 6.73 -2.24
CA LYS A 10 -6.87 6.16 -0.88
C LYS A 10 -6.09 6.94 0.18
N ASP A 11 -4.80 7.08 -0.09
CA ASP A 11 -3.89 7.72 0.86
C ASP A 11 -2.88 8.59 0.20
N ASN A 12 -3.22 9.10 -0.98
CA ASN A 12 -2.28 10.00 -1.65
C ASN A 12 -2.51 11.44 -1.26
N TYR A 13 -1.42 12.24 -1.32
CA TYR A 13 -1.57 13.65 -1.15
C TYR A 13 -1.02 14.37 -2.36
N ALA A 14 -1.86 15.24 -2.96
CA ALA A 14 -1.41 16.18 -3.99
C ALA A 14 -1.26 17.50 -3.21
N TYR A 15 -0.54 18.49 -3.76
CA TYR A 15 -0.41 19.75 -3.03
C TYR A 15 -0.67 20.92 -3.96
N ILE A 16 -1.73 21.69 -3.69
CA ILE A 16 -2.00 22.86 -4.55
C ILE A 16 -1.29 24.03 -3.88
N LEU A 17 -0.36 24.63 -4.62
CA LEU A 17 0.44 25.75 -4.14
C LEU A 17 -0.20 27.07 -4.56
N HIS A 18 -0.51 27.94 -3.59
CA HIS A 18 -1.16 29.21 -3.97
C HIS A 18 -0.15 30.36 -3.78
N ASP A 19 0.26 31.04 -4.84
CA ASP A 19 1.17 32.18 -4.66
C ASP A 19 0.30 33.40 -4.31
N GLU A 20 0.53 34.04 -3.17
CA GLU A 20 -0.33 35.15 -2.79
C GLU A 20 -0.08 36.46 -3.51
N ASP A 21 1.18 36.67 -3.95
CA ASP A 21 1.55 37.90 -4.63
C ASP A 21 1.21 37.87 -6.11
N THR A 22 0.58 36.78 -6.58
CA THR A 22 0.18 36.74 -7.97
C THR A 22 -1.06 35.92 -8.23
N GLY A 23 -1.38 34.98 -7.37
CA GLY A 23 -2.55 34.22 -7.79
C GLY A 23 -2.12 33.04 -8.72
N THR A 24 -0.82 32.89 -8.97
CA THR A 24 -0.37 31.73 -9.74
C THR A 24 -0.64 30.49 -8.89
N VAL A 25 -1.13 29.42 -9.50
CA VAL A 25 -1.41 28.19 -8.76
C VAL A 25 -0.73 27.00 -9.40
N GLY A 26 -0.12 26.18 -8.58
CA GLY A 26 0.50 24.96 -9.09
C GLY A 26 -0.03 23.76 -8.31
N VAL A 27 0.12 22.56 -8.84
CA VAL A 27 -0.26 21.38 -8.10
C VAL A 27 0.86 20.32 -8.17
N VAL A 28 1.17 19.72 -7.04
CA VAL A 28 2.20 18.68 -7.00
C VAL A 28 1.54 17.28 -7.05
N ASP A 29 2.03 16.42 -7.92
CA ASP A 29 1.54 15.02 -7.97
C ASP A 29 -0.01 14.84 -7.97
N PRO A 30 -0.72 15.44 -8.94
CA PRO A 30 -2.19 15.33 -9.05
C PRO A 30 -2.56 13.87 -9.44
N SER A 31 -2.85 13.02 -8.43
CA SER A 31 -3.22 11.61 -8.65
C SER A 31 -4.34 11.46 -9.62
N GLU A 32 -5.26 12.43 -9.53
CA GLU A 32 -6.46 12.44 -10.36
C GLU A 32 -6.85 13.90 -10.50
N ALA A 33 -7.72 14.22 -11.47
CA ALA A 33 -8.09 15.61 -11.72
C ALA A 33 -9.19 16.21 -10.85
N GLU A 34 -10.31 15.47 -10.72
CA GLU A 34 -11.46 15.98 -9.98
C GLU A 34 -11.17 16.62 -8.63
N PRO A 35 -10.41 15.94 -7.75
CA PRO A 35 -10.08 16.51 -6.44
C PRO A 35 -9.41 17.90 -6.54
N ILE A 36 -8.51 18.08 -7.51
CA ILE A 36 -7.82 19.35 -7.72
C ILE A 36 -8.81 20.40 -8.27
N ILE A 37 -9.56 19.98 -9.28
CA ILE A 37 -10.60 20.80 -9.89
C ILE A 37 -11.53 21.37 -8.84
N ASP A 38 -11.94 20.52 -7.88
CA ASP A 38 -12.83 20.99 -6.82
C ASP A 38 -12.26 22.23 -6.13
N SER A 39 -11.00 22.14 -5.66
CA SER A 39 -10.33 23.24 -4.99
C SER A 39 -10.19 24.44 -5.94
N LEU A 40 -9.79 24.18 -7.19
CA LEU A 40 -9.66 25.27 -8.16
C LEU A 40 -11.02 26.00 -8.37
N LYS A 41 -12.05 25.25 -8.74
CA LYS A 41 -13.35 25.84 -8.98
C LYS A 41 -13.83 26.48 -7.71
N ARG A 42 -13.35 25.95 -6.58
CA ARG A 42 -13.74 26.45 -5.29
C ARG A 42 -13.32 27.89 -5.19
N SER A 43 -12.05 28.15 -5.52
CA SER A 43 -11.53 29.50 -5.48
C SER A 43 -11.83 30.19 -6.81
N GLY A 44 -10.96 31.11 -7.20
CA GLY A 44 -11.19 31.82 -8.43
C GLY A 44 -10.12 31.62 -9.47
N ARG A 45 -8.87 31.53 -9.00
CA ARG A 45 -7.73 31.32 -9.87
C ARG A 45 -7.64 29.86 -10.32
N ASN A 46 -7.43 29.67 -11.63
CA ASN A 46 -7.30 28.34 -12.24
C ASN A 46 -5.98 27.66 -11.87
N LEU A 47 -5.46 26.86 -12.80
CA LEU A 47 -4.19 26.12 -12.54
C LEU A 47 -3.17 26.64 -13.57
N THR A 48 -1.94 26.95 -13.14
CA THR A 48 -0.87 27.41 -14.03
C THR A 48 0.15 26.29 -14.31
N TYR A 49 0.57 25.65 -13.24
CA TYR A 49 1.59 24.62 -13.30
C TYR A 49 1.23 23.28 -12.65
N ILE A 50 1.81 22.22 -13.19
CA ILE A 50 1.67 20.87 -12.64
C ILE A 50 3.12 20.38 -12.47
N LEU A 51 3.46 19.98 -11.24
CA LEU A 51 4.84 19.49 -10.93
C LEU A 51 4.72 18.04 -10.48
N ASN A 52 5.59 17.18 -11.05
CA ASN A 52 5.57 15.78 -10.69
C ASN A 52 6.87 15.35 -10.04
N THR A 53 6.74 14.61 -8.95
CA THR A 53 7.93 14.13 -8.26
C THR A 53 8.48 12.86 -8.96
N HIS A 54 7.60 12.02 -9.45
CA HIS A 54 8.00 10.78 -10.11
C HIS A 54 6.85 10.27 -11.03
N HIS A 55 7.10 9.19 -11.80
CA HIS A 55 6.15 8.74 -12.83
C HIS A 55 4.96 7.85 -12.47
N HIS A 56 5.06 7.21 -11.32
CA HIS A 56 4.07 6.24 -10.87
C HIS A 56 2.67 6.81 -11.00
N TYR A 57 1.82 6.05 -11.66
CA TYR A 57 0.47 6.50 -11.95
C TYR A 57 -0.23 7.29 -10.82
N ASP A 58 -0.01 6.88 -9.57
CA ASP A 58 -0.67 7.60 -8.47
C ASP A 58 -0.12 8.99 -8.20
N HIS A 59 0.84 9.45 -9.04
CA HIS A 59 1.37 10.82 -8.92
C HIS A 59 1.25 11.61 -10.23
N THR A 60 0.87 10.91 -11.31
CA THR A 60 0.78 11.56 -12.65
C THR A 60 -0.59 11.32 -13.34
N GLY A 61 -1.41 10.49 -12.72
CA GLY A 61 -2.70 10.12 -13.31
C GLY A 61 -3.58 11.27 -13.71
N GLY A 62 -3.42 12.41 -13.01
CA GLY A 62 -4.22 13.58 -13.30
C GLY A 62 -3.60 14.49 -14.36
N ASN A 63 -2.35 14.25 -14.72
CA ASN A 63 -1.67 15.14 -15.68
C ASN A 63 -2.44 15.40 -16.99
N LEU A 64 -2.92 14.32 -17.63
CA LEU A 64 -3.55 14.50 -18.94
C LEU A 64 -4.66 15.50 -18.94
N GLU A 65 -5.64 15.31 -18.06
CA GLU A 65 -6.80 16.21 -18.01
C GLU A 65 -6.44 17.62 -17.58
N LEU A 66 -5.57 17.74 -16.59
CA LEU A 66 -5.22 19.09 -16.13
C LEU A 66 -4.45 19.84 -17.21
N LYS A 67 -3.61 19.10 -17.91
CA LYS A 67 -2.86 19.68 -19.01
C LYS A 67 -3.78 19.76 -20.23
N ASP A 68 -5.09 19.56 -20.06
CA ASP A 68 -6.08 19.70 -21.18
C ASP A 68 -7.00 20.87 -20.94
N ARG A 69 -7.86 20.76 -19.92
CA ARG A 69 -8.87 21.81 -19.65
C ARG A 69 -8.32 23.11 -19.10
N TYR A 70 -7.04 23.07 -18.73
CA TYR A 70 -6.39 24.25 -18.21
C TYR A 70 -5.25 24.74 -19.09
N GLY A 71 -4.67 23.88 -19.92
CA GLY A 71 -3.48 24.31 -20.70
C GLY A 71 -2.31 24.45 -19.71
N ALA A 72 -2.49 23.95 -18.48
CA ALA A 72 -1.41 24.11 -17.49
C ALA A 72 -0.06 23.61 -18.00
N LYS A 73 1.06 24.16 -17.51
CA LYS A 73 2.40 23.67 -17.93
C LYS A 73 2.88 22.60 -16.92
N VAL A 74 3.18 21.39 -17.40
CA VAL A 74 3.61 20.27 -16.54
C VAL A 74 5.10 20.08 -16.72
N ILE A 75 5.81 20.26 -15.60
CA ILE A 75 7.26 20.20 -15.53
C ILE A 75 7.63 19.12 -14.54
N GLY A 76 8.75 18.44 -14.80
CA GLY A 76 9.13 17.36 -13.91
C GLY A 76 10.62 16.95 -13.96
N SER A 77 10.93 15.70 -14.24
CA SER A 77 12.33 15.28 -14.22
C SER A 77 12.96 15.04 -15.60
N ALA A 78 14.12 15.66 -15.88
CA ALA A 78 14.77 15.42 -17.16
C ALA A 78 15.22 13.95 -17.21
N MET A 79 15.40 13.31 -16.06
CA MET A 79 15.77 11.92 -16.06
C MET A 79 14.68 11.03 -16.67
N ASP A 80 13.41 11.25 -16.33
CA ASP A 80 12.35 10.42 -16.89
C ASP A 80 11.41 11.18 -17.75
N LYS A 81 11.94 12.14 -18.50
CA LYS A 81 11.09 12.98 -19.33
C LYS A 81 10.16 12.16 -20.23
N ASP A 82 10.56 10.94 -20.62
CA ASP A 82 9.67 10.14 -21.45
C ASP A 82 8.53 9.45 -20.73
N ARG A 83 8.59 9.39 -19.39
CA ARG A 83 7.55 8.70 -18.60
C ARG A 83 6.72 9.64 -17.70
N ILE A 84 6.34 10.81 -18.19
CA ILE A 84 5.54 11.78 -17.45
C ILE A 84 4.44 12.24 -18.43
N PRO A 85 3.22 11.74 -18.23
CA PRO A 85 2.15 12.14 -19.15
C PRO A 85 2.06 13.64 -19.23
N GLY A 86 2.17 14.22 -20.46
CA GLY A 86 2.05 15.68 -20.64
C GLY A 86 3.09 16.56 -19.92
N ILE A 87 4.21 16.74 -20.57
CA ILE A 87 5.23 17.53 -19.98
C ILE A 87 5.67 18.60 -20.94
N ASP A 88 5.75 19.81 -20.45
CA ASP A 88 6.17 20.95 -21.22
C ASP A 88 7.63 21.30 -20.91
N MET A 89 8.19 20.84 -19.81
CA MET A 89 9.58 21.22 -19.51
C MET A 89 10.18 20.19 -18.56
N ALA A 90 11.45 19.84 -18.80
CA ALA A 90 12.15 18.81 -18.01
C ALA A 90 13.34 19.38 -17.23
N LEU A 91 13.26 19.25 -15.90
CA LEU A 91 14.24 19.81 -15.00
C LEU A 91 15.32 18.84 -14.68
N LYS A 92 16.49 19.43 -14.46
CA LYS A 92 17.74 18.74 -14.16
C LYS A 92 18.13 18.93 -12.73
N ASP A 93 18.89 17.96 -12.20
CA ASP A 93 19.36 18.07 -10.83
C ASP A 93 20.15 19.38 -10.54
N GLY A 94 19.85 19.99 -9.39
CA GLY A 94 20.45 21.23 -8.94
C GLY A 94 19.89 22.51 -9.55
N ASP A 95 19.18 22.37 -10.66
CA ASP A 95 18.57 23.55 -11.29
C ASP A 95 17.59 24.24 -10.37
N LYS A 96 17.43 25.56 -10.59
CA LYS A 96 16.43 26.37 -9.88
C LYS A 96 15.29 26.56 -10.92
N TRP A 97 14.07 26.71 -10.40
CA TRP A 97 12.87 26.89 -11.23
C TRP A 97 12.03 27.93 -10.53
N MET A 98 11.57 28.96 -11.26
CA MET A 98 10.81 30.04 -10.62
C MET A 98 9.27 29.85 -10.63
N PHE A 99 8.70 29.71 -9.45
CA PHE A 99 7.25 29.60 -9.26
C PHE A 99 6.85 31.03 -8.93
N ALA A 100 6.40 31.81 -9.93
CA ALA A 100 6.04 33.20 -9.67
C ALA A 100 7.23 33.89 -8.97
N GLY A 101 8.44 33.73 -9.46
CA GLY A 101 9.47 34.49 -8.74
C GLY A 101 9.91 34.01 -7.36
N HIS A 102 9.57 32.76 -7.05
CA HIS A 102 9.99 32.09 -5.79
C HIS A 102 10.78 30.87 -6.21
N GLU A 103 11.95 30.78 -5.65
CA GLU A 103 12.84 29.68 -5.98
C GLU A 103 12.38 28.30 -5.60
N VAL A 104 12.61 27.38 -6.50
CA VAL A 104 12.36 25.93 -6.29
C VAL A 104 13.63 25.20 -6.74
N HIS A 105 14.31 24.54 -5.78
CA HIS A 105 15.52 23.79 -6.10
C HIS A 105 15.06 22.35 -6.52
N VAL A 106 15.67 21.83 -7.58
CA VAL A 106 15.28 20.51 -8.05
C VAL A 106 16.37 19.54 -7.65
N MET A 107 16.11 18.72 -6.62
CA MET A 107 17.06 17.73 -6.14
C MET A 107 16.84 16.36 -6.76
N ASP A 108 17.92 15.73 -7.25
CA ASP A 108 17.74 14.36 -7.74
C ASP A 108 17.72 13.44 -6.49
N THR A 109 16.62 12.70 -6.29
CA THR A 109 16.47 11.82 -5.13
C THR A 109 16.03 10.44 -5.59
N PRO A 110 17.01 9.56 -5.94
CA PRO A 110 16.79 8.21 -6.41
C PRO A 110 16.50 7.22 -5.26
N GLY A 111 15.82 6.13 -5.61
CA GLY A 111 15.49 5.10 -4.64
C GLY A 111 14.19 4.42 -5.06
N HIS A 112 13.07 5.10 -4.79
CA HIS A 112 11.73 4.61 -5.17
C HIS A 112 11.76 4.48 -6.70
N THR A 113 12.21 5.53 -7.38
CA THR A 113 12.39 5.38 -8.83
C THR A 113 13.75 6.06 -9.08
N LYS A 114 14.34 5.73 -10.23
CA LYS A 114 15.61 6.31 -10.57
C LYS A 114 15.39 7.59 -11.39
N GLY A 115 14.15 8.11 -11.38
CA GLY A 115 13.76 9.29 -12.10
C GLY A 115 13.03 10.22 -11.13
N HIS A 116 12.93 9.85 -9.87
CA HIS A 116 12.24 10.71 -8.83
C HIS A 116 12.92 12.06 -8.69
N ILE A 117 12.15 13.10 -8.37
CA ILE A 117 12.76 14.39 -8.14
C ILE A 117 12.14 15.15 -6.93
N SER A 118 12.85 15.39 -5.84
CA SER A 118 12.15 16.17 -4.79
C SER A 118 12.27 17.67 -5.12
N LEU A 119 11.33 18.51 -4.60
CA LEU A 119 11.37 19.93 -4.97
C LEU A 119 11.42 20.79 -3.73
N TYR A 120 12.51 21.55 -3.55
CA TYR A 120 12.68 22.38 -2.37
C TYR A 120 12.36 23.85 -2.63
N PHE A 121 11.52 24.42 -1.78
CA PHE A 121 11.11 25.84 -1.89
C PHE A 121 11.78 26.45 -0.66
N PRO A 122 12.98 27.02 -0.81
CA PRO A 122 13.69 27.61 0.33
C PRO A 122 12.95 28.75 1.01
N GLY A 123 12.25 29.56 0.19
CA GLY A 123 11.51 30.70 0.73
C GLY A 123 10.39 30.31 1.66
N SER A 124 9.91 29.08 1.49
CA SER A 124 8.82 28.58 2.31
C SER A 124 9.32 27.53 3.31
N ARG A 125 10.60 27.26 3.34
CA ARG A 125 11.19 26.23 4.22
C ARG A 125 10.38 24.93 4.03
N ALA A 126 10.04 24.65 2.78
CA ALA A 126 9.22 23.48 2.45
C ALA A 126 9.84 22.63 1.35
N ILE A 127 9.75 21.30 1.52
CA ILE A 127 10.25 20.41 0.49
C ILE A 127 9.18 19.32 0.23
N PHE A 128 8.93 19.11 -1.07
CA PHE A 128 7.99 18.05 -1.52
C PHE A 128 8.84 16.83 -1.87
N THR A 129 8.73 15.77 -1.04
CA THR A 129 9.59 14.60 -1.21
C THR A 129 8.95 13.42 -1.96
N GLY A 130 7.72 13.59 -2.40
CA GLY A 130 7.06 12.50 -3.16
C GLY A 130 7.12 11.22 -2.34
N ASP A 131 7.60 10.14 -2.98
CA ASP A 131 7.69 8.86 -2.30
C ASP A 131 9.14 8.45 -1.95
N THR A 132 10.01 9.45 -1.78
CA THR A 132 11.40 9.19 -1.40
C THR A 132 11.37 9.12 0.15
N MET A 133 10.87 10.18 0.81
CA MET A 133 10.78 10.14 2.28
C MET A 133 9.34 10.40 2.77
N PHE A 134 8.82 9.48 3.61
CA PHE A 134 7.52 9.69 4.25
C PHE A 134 7.80 10.04 5.70
N SER A 135 6.73 10.09 6.55
CA SER A 135 6.98 10.30 7.95
C SER A 135 7.17 8.92 8.55
N LEU A 136 8.40 8.69 8.99
CA LEU A 136 8.84 7.44 9.63
C LEU A 136 9.17 6.24 8.73
N SER A 137 9.73 6.52 7.56
CA SER A 137 10.20 5.53 6.59
C SER A 137 10.59 6.23 5.28
N CYS A 138 10.95 5.40 4.27
CA CYS A 138 11.23 5.93 2.94
C CYS A 138 10.30 5.20 1.99
N GLY A 139 10.44 5.39 0.65
CA GLY A 139 9.61 4.68 -0.30
C GLY A 139 10.17 3.28 -0.53
N LYS A 140 9.33 2.42 -1.06
CA LYS A 140 9.77 1.07 -1.45
C LYS A 140 10.77 1.22 -2.60
N LEU A 141 11.80 0.37 -2.63
CA LEU A 141 12.85 0.52 -3.65
C LEU A 141 12.49 -0.29 -4.90
N PHE A 142 11.68 0.30 -5.76
CA PHE A 142 11.25 -0.38 -6.98
C PHE A 142 12.34 -0.34 -8.02
N GLU A 143 13.06 0.77 -8.13
CA GLU A 143 14.12 0.84 -9.15
C GLU A 143 15.53 1.08 -8.63
N GLY A 144 15.67 1.82 -7.53
CA GLY A 144 16.99 2.17 -7.02
C GLY A 144 17.51 1.21 -5.95
N THR A 145 18.65 1.55 -5.39
CA THR A 145 19.29 0.74 -4.38
C THR A 145 19.30 1.47 -3.06
N PRO A 146 19.74 0.80 -1.98
CA PRO A 146 19.81 1.41 -0.64
C PRO A 146 20.77 2.58 -0.68
N LYS A 147 21.92 2.35 -1.35
CA LYS A 147 22.90 3.41 -1.45
C LYS A 147 22.30 4.73 -1.93
N GLN A 148 21.56 4.66 -3.04
CA GLN A 148 20.96 5.83 -3.59
C GLN A 148 19.93 6.43 -2.61
N MET A 149 19.07 5.55 -2.09
CA MET A 149 18.04 6.00 -1.17
C MET A 149 18.65 6.61 0.05
N LEU A 150 19.75 6.05 0.57
CA LEU A 150 20.36 6.64 1.76
C LEU A 150 20.89 8.05 1.43
N ALA A 151 21.55 8.18 0.28
CA ALA A 151 22.10 9.43 -0.15
C ALA A 151 20.96 10.44 -0.40
N SER A 152 19.78 9.93 -0.77
CA SER A 152 18.61 10.79 -1.04
C SER A 152 18.05 11.30 0.30
N LEU A 153 17.92 10.40 1.29
CA LEU A 153 17.39 10.85 2.58
C LEU A 153 18.40 11.79 3.21
N GLN A 154 19.69 11.54 2.93
CA GLN A 154 20.74 12.41 3.48
C GLN A 154 20.69 13.84 2.86
N LYS A 155 20.36 13.98 1.57
CA LYS A 155 20.26 15.30 0.98
C LYS A 155 19.10 16.04 1.70
N ILE A 156 17.92 15.39 1.75
CA ILE A 156 16.74 16.01 2.37
C ILE A 156 17.07 16.33 3.84
N THR A 157 17.78 15.46 4.54
CA THR A 157 18.03 15.74 5.94
C THR A 157 19.10 16.79 6.25
N SER A 158 19.87 17.17 5.25
CA SER A 158 20.90 18.19 5.47
C SER A 158 20.25 19.59 5.42
N LEU A 159 18.96 19.65 5.08
CA LEU A 159 18.22 20.92 5.08
C LEU A 159 17.95 21.32 6.55
N PRO A 160 17.60 22.59 6.80
CA PRO A 160 17.36 23.03 8.17
C PRO A 160 16.29 22.19 8.82
N ASP A 161 16.54 21.84 10.10
CA ASP A 161 15.59 21.01 10.82
C ASP A 161 14.19 21.60 10.78
N ASP A 162 14.09 22.90 10.55
CA ASP A 162 12.76 23.50 10.55
C ASP A 162 12.06 23.44 9.17
N THR A 163 12.58 22.62 8.28
CA THR A 163 12.00 22.49 6.96
C THR A 163 10.82 21.51 7.06
N SER A 164 9.70 21.92 6.51
CA SER A 164 8.49 21.08 6.49
C SER A 164 8.60 20.13 5.29
N ILE A 165 8.23 18.86 5.50
CA ILE A 165 8.32 17.80 4.48
C ILE A 165 6.91 17.40 4.11
N TYR A 166 6.62 17.43 2.80
CA TYR A 166 5.30 17.08 2.27
C TYR A 166 5.48 15.87 1.28
N CYS A 167 5.15 14.60 1.66
CA CYS A 167 5.25 13.45 0.81
C CYS A 167 3.97 13.27 0.06
N GLY A 168 3.93 12.15 -0.64
CA GLY A 168 2.79 11.79 -1.51
C GLY A 168 1.72 10.85 -0.93
N HIS A 169 1.97 10.28 0.24
CA HIS A 169 1.03 9.37 0.91
C HIS A 169 0.89 9.58 2.40
N GLU A 170 -0.28 9.15 2.88
CA GLU A 170 -0.56 9.21 4.32
C GLU A 170 -0.23 7.76 4.82
N TYR A 171 1.03 7.55 5.27
CA TYR A 171 1.43 6.22 5.72
C TYR A 171 1.89 6.23 7.18
N THR A 172 1.83 7.43 7.79
CA THR A 172 2.44 7.65 9.08
C THR A 172 2.03 6.71 10.21
N LEU A 173 0.76 6.37 10.27
CA LEU A 173 0.32 5.50 11.36
C LEU A 173 0.91 4.07 11.23
N SER A 174 0.73 3.44 10.06
CA SER A 174 1.22 2.10 9.83
C SER A 174 2.74 2.21 9.95
N ASN A 175 3.28 3.37 9.58
CA ASN A 175 4.74 3.57 9.65
C ASN A 175 5.22 3.58 11.08
N SER A 176 4.43 4.18 11.98
CA SER A 176 4.88 4.23 13.36
C SER A 176 4.86 2.86 14.08
N LYS A 177 3.98 1.95 13.67
CA LYS A 177 3.93 0.65 14.33
C LYS A 177 5.20 -0.18 14.02
N PHE A 178 5.77 0.05 12.86
CA PHE A 178 6.98 -0.70 12.52
C PHE A 178 8.18 -0.03 13.25
N ALA A 179 8.24 1.30 13.26
CA ALA A 179 9.34 2.01 13.92
C ALA A 179 9.42 1.65 15.42
N LEU A 180 8.28 1.58 16.10
CA LEU A 180 8.25 1.26 17.53
C LEU A 180 8.65 -0.21 17.77
N SER A 181 8.44 -1.08 16.79
CA SER A 181 8.85 -2.48 16.98
C SER A 181 10.38 -2.59 16.93
N LEU A 182 11.03 -1.51 16.48
CA LEU A 182 12.50 -1.50 16.39
C LEU A 182 13.16 -0.56 17.40
N GLU A 183 12.50 0.51 17.81
CA GLU A 183 13.16 1.48 18.73
C GLU A 183 12.14 1.94 19.74
N PRO A 184 11.59 1.01 20.50
CA PRO A 184 10.55 1.35 21.48
C PRO A 184 10.97 2.31 22.58
N ASN A 185 12.27 2.31 22.89
CA ASN A 185 12.76 3.19 23.99
C ASN A 185 13.03 4.60 23.50
N ASN A 186 12.50 4.92 22.31
CA ASN A 186 12.67 6.28 21.77
C ASN A 186 11.57 7.23 22.30
N GLU A 187 11.98 8.21 23.09
CA GLU A 187 10.96 9.05 23.70
C GLU A 187 10.26 10.00 22.78
N VAL A 188 10.96 10.45 21.77
CA VAL A 188 10.39 11.35 20.83
C VAL A 188 9.49 10.51 19.95
N LEU A 189 9.97 9.34 19.52
CA LEU A 189 9.10 8.47 18.69
C LEU A 189 7.82 8.07 19.45
N GLN A 190 7.92 7.76 20.75
CA GLN A 190 6.74 7.39 21.51
C GLN A 190 5.71 8.51 21.45
N SER A 191 6.14 9.74 21.73
CA SER A 191 5.25 10.91 21.74
C SER A 191 4.67 11.13 20.35
N TYR A 192 5.55 11.07 19.36
CA TYR A 192 5.08 11.28 18.01
C TYR A 192 4.08 10.20 17.61
N ALA A 193 4.45 8.95 17.82
CA ALA A 193 3.56 7.89 17.40
C ALA A 193 2.20 7.95 18.08
N ALA A 194 2.18 8.36 19.34
CA ALA A 194 0.90 8.47 20.01
C ALA A 194 0.09 9.64 19.42
N HIS A 195 0.75 10.76 19.10
CA HIS A 195 0.00 11.89 18.50
C HIS A 195 -0.45 11.45 17.10
N VAL A 196 0.34 10.57 16.45
CA VAL A 196 0.02 10.05 15.10
C VAL A 196 -1.36 9.36 15.12
N ALA A 197 -1.66 8.65 16.19
CA ALA A 197 -2.94 7.97 16.31
C ALA A 197 -4.05 9.01 16.53
N GLU A 198 -3.86 9.91 17.50
CA GLU A 198 -4.88 10.93 17.75
C GLU A 198 -5.24 11.66 16.48
N LEU A 199 -4.27 12.00 15.64
CA LEU A 199 -4.57 12.75 14.39
C LEU A 199 -5.38 11.83 13.47
N ARG A 200 -4.98 10.58 13.36
CA ARG A 200 -5.70 9.66 12.50
C ARG A 200 -7.07 9.30 13.05
N SER A 201 -7.21 9.26 14.38
CA SER A 201 -8.53 8.94 14.95
C SER A 201 -9.59 9.97 14.58
N LYS A 202 -9.14 11.20 14.29
CA LYS A 202 -10.03 12.26 13.84
C LYS A 202 -9.96 12.46 12.32
N LYS A 203 -9.30 11.51 11.66
CA LYS A 203 -9.21 11.48 10.21
C LYS A 203 -8.47 12.67 9.62
N LEU A 204 -7.61 13.26 10.40
CA LEU A 204 -6.80 14.38 9.90
C LEU A 204 -5.40 13.87 9.48
N PRO A 205 -4.84 14.52 8.48
CA PRO A 205 -3.51 14.22 7.93
C PRO A 205 -2.48 14.37 9.01
N THR A 206 -1.32 13.72 8.81
CA THR A 206 -0.20 13.85 9.74
C THR A 206 0.92 14.63 9.06
N ILE A 207 0.63 15.14 7.85
CA ILE A 207 1.65 15.84 7.04
C ILE A 207 1.28 17.33 7.09
N PRO A 208 2.27 18.22 7.07
CA PRO A 208 3.70 18.00 6.98
C PRO A 208 4.40 17.50 8.23
N THR A 209 5.54 16.84 8.03
CA THR A 209 6.38 16.51 9.14
C THR A 209 7.60 17.48 8.99
N THR A 210 8.66 17.28 9.78
CA THR A 210 9.84 18.18 9.64
C THR A 210 11.13 17.39 9.58
N VAL A 211 12.21 18.04 9.13
CA VAL A 211 13.48 17.38 9.09
C VAL A 211 13.89 16.96 10.52
N LYS A 212 13.63 17.83 11.51
CA LYS A 212 14.00 17.55 12.90
C LYS A 212 13.28 16.31 13.35
N MET A 213 11.97 16.30 13.19
CA MET A 213 11.19 15.14 13.63
C MET A 213 11.62 13.86 12.96
N GLU A 214 11.91 13.90 11.66
CA GLU A 214 12.24 12.63 11.01
C GLU A 214 13.64 12.16 11.47
N LYS A 215 14.58 13.09 11.64
CA LYS A 215 15.91 12.69 12.13
C LYS A 215 15.76 12.02 13.50
N ALA A 216 14.80 12.52 14.31
CA ALA A 216 14.63 11.98 15.65
C ALA A 216 13.85 10.67 15.69
N CYS A 217 12.96 10.46 14.70
CA CYS A 217 12.10 9.28 14.75
C CYS A 217 12.09 8.27 13.62
N ASN A 218 12.51 8.71 12.42
CA ASN A 218 12.38 7.84 11.25
C ASN A 218 13.48 6.78 11.31
N PRO A 219 13.10 5.50 11.43
CA PRO A 219 14.20 4.50 11.51
C PRO A 219 15.14 4.50 10.33
N PHE A 220 14.68 4.88 9.15
CA PHE A 220 15.61 4.87 8.03
C PHE A 220 16.66 5.98 8.18
N LEU A 221 16.44 6.94 9.07
CA LEU A 221 17.41 7.99 9.29
C LEU A 221 18.19 7.73 10.57
N ARG A 222 17.96 6.58 11.22
CA ARG A 222 18.59 6.31 12.53
C ARG A 222 19.18 4.89 12.60
N SER A 223 19.54 4.38 11.44
CA SER A 223 20.02 3.02 11.31
C SER A 223 21.31 2.62 12.02
N SER A 224 21.99 3.60 12.61
CA SER A 224 23.20 3.32 13.39
C SER A 224 22.84 3.18 14.89
N ASN A 225 21.56 3.43 15.24
CA ASN A 225 21.12 3.31 16.58
C ASN A 225 21.32 1.86 17.00
N THR A 226 21.84 1.68 18.22
CA THR A 226 22.12 0.38 18.79
C THR A 226 20.90 -0.56 18.89
N ASP A 227 19.75 0.02 19.19
CA ASP A 227 18.54 -0.78 19.33
C ASP A 227 17.99 -1.26 18.00
N ILE A 228 17.95 -0.34 17.03
CA ILE A 228 17.44 -0.70 15.73
C ILE A 228 18.31 -1.82 15.18
N ARG A 229 19.65 -1.68 15.26
CA ARG A 229 20.51 -2.74 14.71
C ARG A 229 20.34 -4.08 15.42
N ARG A 230 20.21 -4.02 16.73
CA ARG A 230 20.01 -5.25 17.49
C ARG A 230 18.64 -5.85 17.17
N ALA A 231 17.60 -5.03 17.19
CA ALA A 231 16.25 -5.57 16.90
C ALA A 231 16.23 -6.37 15.61
N LEU A 232 17.06 -5.96 14.61
CA LEU A 232 17.12 -6.64 13.29
C LEU A 232 18.38 -7.48 13.14
N ARG A 233 19.16 -7.57 14.21
CA ARG A 233 20.41 -8.33 14.13
C ARG A 233 21.29 -7.87 12.95
N ILE A 234 21.30 -6.56 12.70
CA ILE A 234 22.16 -6.02 11.64
C ILE A 234 23.59 -5.95 12.25
N PRO A 235 24.58 -6.50 11.54
CA PRO A 235 25.95 -6.49 12.02
C PRO A 235 26.46 -5.09 12.30
N GLU A 236 27.26 -4.96 13.36
CA GLU A 236 27.85 -3.67 13.65
C GLU A 236 28.74 -3.23 12.49
N ALA A 237 29.32 -4.19 11.78
CA ALA A 237 30.19 -3.83 10.66
C ALA A 237 29.47 -3.34 9.43
N ALA A 238 28.15 -3.49 9.35
CA ALA A 238 27.49 -3.05 8.12
C ALA A 238 27.50 -1.54 8.03
N ASP A 239 27.69 -1.00 6.85
CA ASP A 239 27.65 0.45 6.75
C ASP A 239 26.16 0.87 6.76
N GLU A 240 25.90 2.17 6.68
CA GLU A 240 24.53 2.69 6.75
C GLU A 240 23.65 2.31 5.58
N ALA A 241 24.25 2.22 4.40
CA ALA A 241 23.52 1.84 3.18
C ALA A 241 23.07 0.38 3.33
N GLU A 242 23.98 -0.50 3.77
CA GLU A 242 23.58 -1.91 4.00
C GLU A 242 22.52 -2.01 5.11
N ALA A 243 22.68 -1.23 6.19
CA ALA A 243 21.68 -1.28 7.29
C ALA A 243 20.29 -0.83 6.76
N LEU A 244 20.29 0.20 5.92
CA LEU A 244 19.02 0.69 5.36
C LEU A 244 18.36 -0.41 4.52
N GLY A 245 19.17 -1.13 3.71
CA GLY A 245 18.64 -2.20 2.89
C GLY A 245 17.95 -3.32 3.71
N ILE A 246 18.50 -3.69 4.86
CA ILE A 246 17.88 -4.70 5.74
C ILE A 246 16.63 -4.14 6.40
N ILE A 247 16.68 -2.88 6.87
CA ILE A 247 15.51 -2.25 7.47
C ILE A 247 14.38 -2.23 6.45
N ARG A 248 14.71 -1.90 5.21
CA ARG A 248 13.67 -1.78 4.17
C ARG A 248 13.04 -3.14 3.93
N LYS A 249 13.84 -4.16 3.73
CA LYS A 249 13.22 -5.50 3.51
C LYS A 249 12.43 -5.90 4.77
N ALA A 250 12.91 -5.50 5.95
CA ALA A 250 12.20 -5.86 7.17
C ALA A 250 10.79 -5.27 7.17
N LYS A 251 10.73 -3.97 6.93
CA LYS A 251 9.44 -3.30 6.93
C LYS A 251 8.52 -3.89 5.86
N ASP A 252 9.10 -4.14 4.65
CA ASP A 252 8.32 -4.70 3.56
C ASP A 252 7.59 -5.97 3.99
N ASP A 253 8.24 -6.85 4.77
CA ASP A 253 7.64 -8.12 5.14
C ASP A 253 7.09 -8.13 6.58
N PHE A 254 6.83 -6.93 7.13
CA PHE A 254 6.36 -6.78 8.53
C PHE A 254 4.82 -7.03 8.61
N MET B 1 -23.48 -19.98 6.88
CA MET B 1 -22.61 -19.17 7.78
C MET B 1 -22.51 -17.75 7.20
N GLN B 2 -23.07 -16.75 7.86
CA GLN B 2 -23.04 -15.39 7.35
C GLN B 2 -21.61 -14.89 7.53
N ILE B 3 -21.15 -14.13 6.56
CA ILE B 3 -19.81 -13.52 6.58
C ILE B 3 -19.96 -12.01 6.66
N GLU B 4 -19.38 -11.44 7.72
CA GLU B 4 -19.48 -9.99 7.98
C GLU B 4 -18.16 -9.35 7.63
N LEU B 5 -18.15 -8.49 6.59
CA LEU B 5 -16.93 -7.79 6.19
C LEU B 5 -16.72 -6.68 7.24
N VAL B 6 -15.52 -6.67 7.85
CA VAL B 6 -15.13 -5.67 8.89
C VAL B 6 -13.92 -4.90 8.39
N PRO B 7 -14.13 -3.62 7.99
CA PRO B 7 -12.97 -2.85 7.53
C PRO B 7 -12.16 -2.50 8.75
N CYS B 8 -10.83 -2.65 8.62
CA CYS B 8 -9.87 -2.36 9.67
C CYS B 8 -8.74 -1.50 9.12
N LEU B 9 -8.04 -0.80 10.01
CA LEU B 9 -6.94 0.07 9.60
C LEU B 9 -7.48 0.96 8.46
N LYS B 10 -6.70 1.13 7.40
CA LYS B 10 -7.02 2.03 6.29
C LYS B 10 -7.59 1.27 5.11
N ASP B 11 -7.24 -0.01 4.98
CA ASP B 11 -7.69 -0.80 3.87
C ASP B 11 -7.55 -2.33 4.04
N ASN B 12 -7.74 -2.75 5.30
CA ASN B 12 -7.75 -4.15 5.61
C ASN B 12 -9.19 -4.66 5.83
N TYR B 13 -9.40 -5.90 5.45
CA TYR B 13 -10.66 -6.58 5.76
C TYR B 13 -10.43 -7.78 6.70
N ALA B 14 -11.19 -7.80 7.80
CA ALA B 14 -11.25 -8.95 8.73
C ALA B 14 -12.69 -9.44 8.49
N TYR B 15 -12.95 -10.72 8.74
CA TYR B 15 -14.28 -11.26 8.53
C TYR B 15 -14.73 -11.97 9.78
N ILE B 16 -15.84 -11.53 10.31
CA ILE B 16 -16.37 -12.19 11.50
C ILE B 16 -17.43 -13.17 11.00
N LEU B 17 -17.11 -14.49 11.03
CA LEU B 17 -18.06 -15.52 10.52
C LEU B 17 -19.02 -15.92 11.64
N HIS B 18 -20.30 -16.03 11.28
CA HIS B 18 -21.33 -16.36 12.26
C HIS B 18 -22.07 -17.65 11.85
N ASP B 19 -21.95 -18.72 12.64
CA ASP B 19 -22.69 -19.94 12.30
C ASP B 19 -24.15 -19.66 12.65
N GLU B 20 -25.07 -20.15 11.83
CA GLU B 20 -26.47 -19.87 12.08
C GLU B 20 -27.00 -20.65 13.29
N ASP B 21 -26.87 -21.95 13.23
CA ASP B 21 -27.39 -22.81 14.28
C ASP B 21 -26.82 -22.55 15.66
N THR B 22 -25.49 -22.59 15.77
CA THR B 22 -24.89 -22.46 17.08
C THR B 22 -24.49 -21.03 17.40
N GLY B 23 -24.56 -20.14 16.44
CA GLY B 23 -24.15 -18.84 16.91
C GLY B 23 -22.63 -18.81 17.10
N THR B 24 -21.94 -19.93 16.87
CA THR B 24 -20.45 -19.93 16.96
C THR B 24 -19.92 -18.76 16.09
N VAL B 25 -18.96 -18.01 16.63
CA VAL B 25 -18.38 -16.87 15.88
C VAL B 25 -16.88 -17.07 15.73
N GLY B 26 -16.34 -16.60 14.61
CA GLY B 26 -14.89 -16.68 14.42
C GLY B 26 -14.49 -15.39 13.73
N VAL B 27 -13.19 -15.02 13.75
CA VAL B 27 -12.73 -13.82 13.03
C VAL B 27 -11.47 -14.21 12.25
N VAL B 28 -11.46 -13.84 10.97
CA VAL B 28 -10.33 -14.09 10.09
C VAL B 28 -9.51 -12.81 10.03
N ASP B 29 -8.22 -12.96 10.27
CA ASP B 29 -7.28 -11.82 10.16
C ASP B 29 -7.64 -10.55 10.88
N PRO B 30 -7.72 -10.61 12.20
CA PRO B 30 -8.04 -9.42 13.01
C PRO B 30 -6.84 -8.46 13.00
N SER B 31 -6.83 -7.49 12.07
CA SER B 31 -5.75 -6.53 11.98
C SER B 31 -5.45 -5.84 13.29
N GLU B 32 -6.53 -5.52 14.01
CA GLU B 32 -6.49 -4.85 15.32
C GLU B 32 -7.71 -5.35 16.08
N ALA B 33 -7.59 -5.42 17.40
CA ALA B 33 -8.70 -5.90 18.18
C ALA B 33 -9.88 -4.91 18.24
N GLU B 34 -9.58 -3.61 18.30
CA GLU B 34 -10.64 -2.59 18.49
C GLU B 34 -11.85 -2.75 17.65
N PRO B 35 -11.67 -2.80 16.32
CA PRO B 35 -12.79 -2.96 15.41
C PRO B 35 -13.59 -4.27 15.62
N ILE B 36 -12.93 -5.33 16.06
CA ILE B 36 -13.62 -6.60 16.26
C ILE B 36 -14.42 -6.59 17.58
N ILE B 37 -13.82 -5.99 18.60
CA ILE B 37 -14.49 -5.84 19.91
C ILE B 37 -15.82 -5.09 19.66
N ASP B 38 -15.80 -3.99 18.93
CA ASP B 38 -17.03 -3.25 18.65
C ASP B 38 -18.13 -4.10 18.09
N SER B 39 -17.87 -4.78 16.97
CA SER B 39 -18.88 -5.61 16.37
C SER B 39 -19.48 -6.60 17.34
N LEU B 40 -18.61 -7.25 18.12
CA LEU B 40 -19.03 -8.22 19.12
C LEU B 40 -19.74 -7.57 20.32
N LYS B 41 -19.26 -6.41 20.77
CA LYS B 41 -19.89 -5.74 21.93
C LYS B 41 -21.24 -5.19 21.55
N ARG B 42 -21.29 -4.49 20.41
CA ARG B 42 -22.52 -3.92 19.91
C ARG B 42 -23.56 -5.01 19.71
N SER B 43 -23.11 -6.18 19.27
CA SER B 43 -24.01 -7.30 19.02
C SER B 43 -24.10 -8.25 20.22
N GLY B 44 -23.38 -7.89 21.28
CA GLY B 44 -23.38 -8.69 22.50
C GLY B 44 -23.11 -10.13 22.22
N ARG B 45 -22.01 -10.40 21.50
CA ARG B 45 -21.61 -11.76 21.15
C ARG B 45 -20.17 -12.03 21.65
N ASN B 46 -19.78 -13.30 21.73
CA ASN B 46 -18.44 -13.66 22.22
C ASN B 46 -17.74 -14.35 21.06
N LEU B 47 -16.42 -14.30 21.05
CA LEU B 47 -15.64 -14.86 19.96
C LEU B 47 -15.15 -16.25 20.30
N THR B 48 -15.24 -17.23 19.39
CA THR B 48 -14.77 -18.58 19.68
C THR B 48 -13.41 -18.87 19.08
N TYR B 49 -13.27 -18.40 17.81
CA TYR B 49 -12.06 -18.69 17.04
C TYR B 49 -11.47 -17.45 16.34
N ILE B 50 -10.16 -17.45 16.23
CA ILE B 50 -9.38 -16.44 15.48
C ILE B 50 -8.62 -17.28 14.46
N LEU B 51 -8.72 -16.90 13.17
CA LEU B 51 -8.02 -17.64 12.10
C LEU B 51 -7.19 -16.65 11.30
N ASN B 52 -5.91 -16.99 11.05
CA ASN B 52 -5.04 -16.10 10.32
C ASN B 52 -4.54 -16.70 9.01
N THR B 53 -4.59 -15.91 7.93
CA THR B 53 -4.08 -16.40 6.64
C THR B 53 -2.52 -16.33 6.58
N HIS B 54 -1.93 -15.32 7.27
CA HIS B 54 -0.47 -15.17 7.28
C HIS B 54 0.00 -14.25 8.42
N HIS B 55 1.31 -14.17 8.63
CA HIS B 55 1.86 -13.52 9.84
C HIS B 55 1.90 -12.01 9.97
N HIS B 56 1.83 -11.34 8.83
CA HIS B 56 1.98 -9.90 8.81
C HIS B 56 1.14 -9.27 9.89
N TYR B 57 1.70 -8.20 10.46
CA TYR B 57 1.08 -7.49 11.55
C TYR B 57 -0.33 -7.00 11.26
N ASP B 58 -0.58 -6.65 9.98
CA ASP B 58 -1.92 -6.20 9.61
C ASP B 58 -2.94 -7.35 9.50
N HIS B 59 -2.50 -8.59 9.79
CA HIS B 59 -3.43 -9.72 9.82
C HIS B 59 -3.42 -10.45 11.14
N THR B 60 -2.49 -10.08 12.05
CA THR B 60 -2.40 -10.78 13.34
C THR B 60 -2.31 -9.83 14.52
N GLY B 61 -2.40 -8.53 14.27
CA GLY B 61 -2.19 -7.56 15.35
C GLY B 61 -3.26 -7.59 16.42
N GLY B 62 -4.45 -8.07 16.05
CA GLY B 62 -5.55 -8.12 17.00
C GLY B 62 -5.58 -9.42 17.80
N ASN B 63 -4.77 -10.42 17.42
CA ASN B 63 -4.82 -11.74 18.05
C ASN B 63 -4.71 -11.75 19.56
N LEU B 64 -3.64 -11.14 20.08
CA LEU B 64 -3.38 -11.21 21.52
C LEU B 64 -4.53 -10.64 22.35
N GLU B 65 -4.97 -9.46 21.99
CA GLU B 65 -6.02 -8.87 22.78
C GLU B 65 -7.31 -9.72 22.72
N LEU B 66 -7.60 -10.21 21.51
CA LEU B 66 -8.79 -11.00 21.32
C LEU B 66 -8.65 -12.35 21.99
N LYS B 67 -7.45 -12.96 21.93
CA LYS B 67 -7.29 -14.25 22.53
C LYS B 67 -7.49 -14.09 24.05
N ASP B 68 -6.97 -13.00 24.61
CA ASP B 68 -7.13 -12.82 26.05
C ASP B 68 -8.58 -12.48 26.45
N ARG B 69 -9.10 -11.41 25.84
CA ARG B 69 -10.44 -10.99 26.15
C ARG B 69 -11.49 -12.08 26.08
N TYR B 70 -11.38 -12.93 25.08
CA TYR B 70 -12.38 -13.97 24.91
C TYR B 70 -11.96 -15.38 25.23
N GLY B 71 -10.66 -15.58 25.36
CA GLY B 71 -10.13 -16.94 25.50
C GLY B 71 -10.31 -17.70 24.19
N ALA B 72 -10.50 -16.97 23.08
CA ALA B 72 -10.70 -17.60 21.75
C ALA B 72 -9.44 -18.43 21.40
N LYS B 73 -9.59 -19.46 20.53
CA LYS B 73 -8.47 -20.31 20.15
C LYS B 73 -7.97 -19.74 18.81
N VAL B 74 -6.67 -19.67 18.66
CA VAL B 74 -6.05 -19.18 17.42
C VAL B 74 -5.71 -20.35 16.50
N ILE B 75 -6.26 -20.27 15.30
CA ILE B 75 -6.10 -21.30 14.25
C ILE B 75 -5.18 -20.73 13.14
N GLY B 76 -4.05 -21.40 12.89
CA GLY B 76 -3.15 -20.89 11.88
C GLY B 76 -2.36 -21.95 11.16
N SER B 77 -1.42 -21.50 10.34
CA SER B 77 -0.61 -22.40 9.55
C SER B 77 0.48 -23.13 10.34
N ALA B 78 0.58 -24.42 10.06
CA ALA B 78 1.60 -25.28 10.66
C ALA B 78 3.01 -24.88 10.12
N MET B 79 3.06 -24.08 9.07
CA MET B 79 4.35 -23.59 8.57
C MET B 79 4.76 -22.25 9.27
N ASP B 80 3.87 -21.66 10.08
CA ASP B 80 4.15 -20.38 10.78
C ASP B 80 3.85 -20.49 12.25
N LYS B 81 4.04 -21.68 12.80
CA LYS B 81 3.72 -21.90 14.22
C LYS B 81 4.50 -20.92 15.10
N ASP B 82 5.60 -20.37 14.60
CA ASP B 82 6.39 -19.47 15.43
C ASP B 82 6.04 -18.01 15.21
N ARG B 83 5.28 -17.75 14.12
CA ARG B 83 4.95 -16.36 13.76
C ARG B 83 3.50 -15.92 13.93
N ILE B 84 2.61 -16.87 14.25
CA ILE B 84 1.25 -16.51 14.44
C ILE B 84 1.04 -16.31 15.96
N PRO B 85 0.74 -15.06 16.38
CA PRO B 85 0.57 -14.85 17.82
C PRO B 85 -0.50 -15.73 18.50
N GLY B 86 -0.03 -16.41 19.55
CA GLY B 86 -0.90 -17.24 20.38
C GLY B 86 -1.51 -18.45 19.71
N ILE B 87 -0.87 -18.92 18.65
CA ILE B 87 -1.43 -20.05 17.93
C ILE B 87 -1.71 -21.26 18.85
N ASP B 88 -2.91 -21.82 18.69
CA ASP B 88 -3.35 -22.96 19.49
C ASP B 88 -3.50 -24.27 18.66
N MET B 89 -3.78 -24.07 17.36
CA MET B 89 -4.01 -25.16 16.42
C MET B 89 -3.27 -24.85 15.15
N ALA B 90 -2.35 -25.76 14.80
CA ALA B 90 -1.53 -25.56 13.63
C ALA B 90 -1.98 -26.48 12.51
N LEU B 91 -2.49 -25.88 11.42
CA LEU B 91 -3.04 -26.69 10.33
C LEU B 91 -2.16 -26.84 9.11
N LYS B 92 -2.27 -28.03 8.49
CA LYS B 92 -1.46 -28.31 7.33
C LYS B 92 -2.24 -28.27 6.07
N ASP B 93 -1.50 -28.19 4.95
CA ASP B 93 -2.15 -28.20 3.66
C ASP B 93 -3.10 -29.43 3.52
N GLY B 94 -4.32 -29.16 3.07
CA GLY B 94 -5.32 -30.20 2.90
C GLY B 94 -6.00 -30.67 4.18
N ASP B 95 -5.63 -30.12 5.36
CA ASP B 95 -6.37 -30.53 6.57
C ASP B 95 -7.84 -30.07 6.49
N LYS B 96 -8.69 -30.76 7.26
CA LYS B 96 -10.09 -30.41 7.42
C LYS B 96 -10.13 -29.85 8.82
N TRP B 97 -10.95 -28.82 9.04
CA TRP B 97 -11.09 -28.20 10.34
C TRP B 97 -12.56 -27.78 10.46
N MET B 98 -13.20 -28.19 11.56
CA MET B 98 -14.62 -27.89 11.75
C MET B 98 -14.93 -26.61 12.50
N PHE B 99 -15.64 -25.72 11.81
CA PHE B 99 -16.11 -24.46 12.42
C PHE B 99 -17.59 -24.71 12.80
N ALA B 100 -17.84 -25.35 13.95
CA ALA B 100 -19.20 -25.70 14.39
C ALA B 100 -19.85 -26.67 13.41
N GLY B 101 -19.17 -27.75 13.10
CA GLY B 101 -19.84 -28.68 12.21
C GLY B 101 -19.78 -28.41 10.72
N HIS B 102 -19.12 -27.32 10.34
CA HIS B 102 -18.99 -27.02 8.90
C HIS B 102 -17.53 -27.10 8.56
N GLU B 103 -17.22 -27.87 7.53
CA GLU B 103 -15.89 -28.11 7.11
C GLU B 103 -15.13 -26.92 6.52
N VAL B 104 -13.89 -26.82 6.93
CA VAL B 104 -13.01 -25.81 6.36
C VAL B 104 -11.84 -26.60 5.75
N HIS B 105 -11.54 -26.33 4.49
CA HIS B 105 -10.44 -26.99 3.78
C HIS B 105 -9.25 -26.04 3.68
N VAL B 106 -8.17 -26.43 4.36
CA VAL B 106 -6.95 -25.61 4.41
C VAL B 106 -6.09 -25.81 3.17
N MET B 107 -5.68 -24.68 2.57
CA MET B 107 -4.82 -24.76 1.39
C MET B 107 -3.54 -23.96 1.63
N ASP B 108 -2.41 -24.60 1.45
CA ASP B 108 -1.11 -23.93 1.54
C ASP B 108 -1.01 -23.02 0.27
N THR B 109 -0.88 -21.71 0.44
CA THR B 109 -0.82 -20.81 -0.72
C THR B 109 0.33 -19.81 -0.54
N PRO B 110 1.58 -20.32 -0.63
CA PRO B 110 2.78 -19.48 -0.50
C PRO B 110 2.92 -18.50 -1.67
N GLY B 111 3.63 -17.42 -1.43
CA GLY B 111 3.88 -16.43 -2.47
C GLY B 111 4.17 -15.12 -1.80
N HIS B 112 3.11 -14.52 -1.26
CA HIS B 112 3.24 -13.23 -0.57
C HIS B 112 4.16 -13.54 0.62
N THR B 113 3.85 -14.62 1.35
CA THR B 113 4.73 -15.09 2.43
C THR B 113 4.90 -16.58 2.27
N LYS B 114 5.97 -17.16 2.85
CA LYS B 114 6.15 -18.62 2.82
C LYS B 114 5.42 -19.06 4.11
N GLY B 115 4.33 -19.81 3.94
CA GLY B 115 3.46 -20.25 5.06
C GLY B 115 2.01 -19.69 5.01
N HIS B 116 1.74 -18.79 4.09
CA HIS B 116 0.40 -18.22 3.90
C HIS B 116 -0.55 -19.36 3.56
N ILE B 117 -1.75 -19.34 4.12
CA ILE B 117 -2.80 -20.34 3.82
C ILE B 117 -4.07 -19.59 3.42
N SER B 118 -4.97 -20.29 2.73
CA SER B 118 -6.25 -19.78 2.33
C SER B 118 -7.23 -20.81 2.95
N LEU B 119 -8.42 -20.34 3.32
CA LEU B 119 -9.39 -21.17 4.02
C LEU B 119 -10.64 -21.25 3.17
N TYR B 120 -10.96 -22.44 2.67
CA TYR B 120 -12.15 -22.64 1.81
C TYR B 120 -13.27 -23.37 2.58
N PHE B 121 -14.46 -22.76 2.56
CA PHE B 121 -15.67 -23.28 3.24
C PHE B 121 -16.55 -23.75 2.06
N PRO B 122 -16.44 -25.04 1.68
CA PRO B 122 -17.22 -25.55 0.53
C PRO B 122 -18.73 -25.36 0.72
N GLY B 123 -19.19 -25.60 1.93
CA GLY B 123 -20.62 -25.46 2.20
C GLY B 123 -21.13 -24.05 1.99
N SER B 124 -20.23 -23.07 2.05
CA SER B 124 -20.63 -21.70 1.87
C SER B 124 -20.13 -21.18 0.50
N ARG B 125 -19.48 -22.04 -0.30
CA ARG B 125 -18.94 -21.58 -1.58
C ARG B 125 -18.12 -20.27 -1.34
N ALA B 126 -17.30 -20.28 -0.29
CA ALA B 126 -16.50 -19.12 0.06
C ALA B 126 -15.09 -19.47 0.39
N ILE B 127 -14.15 -18.64 -0.10
CA ILE B 127 -12.75 -18.88 0.27
C ILE B 127 -12.10 -17.57 0.79
N PHE B 128 -11.29 -17.68 1.84
CA PHE B 128 -10.56 -16.52 2.41
C PHE B 128 -9.13 -16.66 1.93
N THR B 129 -8.73 -15.71 1.06
CA THR B 129 -7.44 -15.77 0.38
C THR B 129 -6.37 -14.86 0.96
N GLY B 130 -6.74 -14.09 2.00
CA GLY B 130 -5.76 -13.19 2.59
C GLY B 130 -5.15 -12.28 1.53
N ASP B 131 -3.78 -12.26 1.51
CA ASP B 131 -3.08 -11.43 0.55
C ASP B 131 -2.50 -12.24 -0.61
N THR B 132 -3.01 -13.48 -0.78
CA THR B 132 -2.59 -14.28 -1.90
C THR B 132 -3.33 -13.76 -3.14
N MET B 133 -4.66 -13.78 -3.12
CA MET B 133 -5.38 -13.26 -4.28
C MET B 133 -6.31 -12.15 -3.86
N PHE B 134 -6.19 -10.98 -4.53
CA PHE B 134 -7.10 -9.84 -4.27
C PHE B 134 -8.02 -9.78 -5.51
N SER B 135 -8.89 -8.76 -5.56
CA SER B 135 -9.66 -8.58 -6.80
C SER B 135 -8.76 -7.86 -7.80
N LEU B 136 -8.44 -8.55 -8.89
CA LEU B 136 -7.60 -8.02 -9.98
C LEU B 136 -6.11 -7.94 -9.68
N SER B 137 -5.62 -8.69 -8.67
CA SER B 137 -4.16 -8.70 -8.42
C SER B 137 -3.83 -9.85 -7.48
N CYS B 138 -2.55 -9.97 -7.15
CA CYS B 138 -2.14 -10.98 -6.18
C CYS B 138 -1.24 -10.23 -5.20
N GLY B 139 -0.85 -10.86 -4.11
CA GLY B 139 0.00 -10.17 -3.17
C GLY B 139 1.42 -9.91 -3.67
N LYS B 140 2.06 -8.88 -3.12
CA LYS B 140 3.48 -8.69 -3.45
C LYS B 140 4.22 -9.91 -2.95
N LEU B 141 5.33 -10.28 -3.65
CA LEU B 141 6.07 -11.48 -3.31
C LEU B 141 7.19 -11.18 -2.33
N PHE B 142 6.82 -10.93 -1.08
CA PHE B 142 7.85 -10.59 -0.11
C PHE B 142 8.75 -11.78 0.22
N GLU B 143 8.16 -12.99 0.31
CA GLU B 143 8.94 -14.16 0.62
C GLU B 143 8.98 -15.19 -0.48
N GLY B 144 7.84 -15.49 -1.10
CA GLY B 144 7.83 -16.58 -2.09
C GLY B 144 8.26 -16.17 -3.44
N THR B 145 8.17 -17.16 -4.35
CA THR B 145 8.57 -16.98 -5.72
C THR B 145 7.39 -16.88 -6.67
N PRO B 146 7.64 -16.42 -7.89
CA PRO B 146 6.56 -16.31 -8.88
C PRO B 146 5.94 -17.68 -9.12
N LYS B 147 6.76 -18.74 -9.21
CA LYS B 147 6.26 -20.08 -9.42
C LYS B 147 5.32 -20.49 -8.27
N GLN B 148 5.71 -20.15 -7.05
CA GLN B 148 4.88 -20.48 -5.89
C GLN B 148 3.55 -19.70 -5.98
N MET B 149 3.64 -18.40 -6.27
CA MET B 149 2.39 -17.64 -6.35
C MET B 149 1.48 -18.15 -7.46
N LEU B 150 2.06 -18.41 -8.61
CA LEU B 150 1.26 -18.93 -9.73
C LEU B 150 0.57 -20.23 -9.29
N ALA B 151 1.30 -21.14 -8.63
CA ALA B 151 0.67 -22.38 -8.20
C ALA B 151 -0.43 -22.13 -7.18
N SER B 152 -0.22 -21.15 -6.31
CA SER B 152 -1.22 -20.85 -5.28
C SER B 152 -2.47 -20.25 -5.90
N LEU B 153 -2.31 -19.38 -6.91
CA LEU B 153 -3.44 -18.76 -7.56
C LEU B 153 -4.28 -19.80 -8.34
N GLN B 154 -3.58 -20.74 -8.99
CA GLN B 154 -4.22 -21.82 -9.77
C GLN B 154 -4.97 -22.75 -8.84
N LYS B 155 -4.45 -23.03 -7.65
CA LYS B 155 -5.22 -23.87 -6.71
C LYS B 155 -6.54 -23.14 -6.39
N ILE B 156 -6.44 -21.86 -6.11
CA ILE B 156 -7.64 -21.13 -5.78
C ILE B 156 -8.65 -21.13 -6.94
N THR B 157 -8.17 -20.93 -8.20
CA THR B 157 -9.08 -20.83 -9.35
C THR B 157 -9.55 -22.21 -9.84
N SER B 158 -9.01 -23.27 -9.25
CA SER B 158 -9.47 -24.63 -9.57
C SER B 158 -10.78 -24.90 -8.83
N LEU B 159 -11.24 -23.94 -8.02
CA LEU B 159 -12.51 -24.05 -7.29
C LEU B 159 -13.70 -23.60 -8.20
N PRO B 160 -14.93 -23.96 -7.84
CA PRO B 160 -16.04 -23.54 -8.72
C PRO B 160 -16.13 -22.04 -9.03
N ASP B 161 -16.46 -21.72 -10.27
CA ASP B 161 -16.54 -20.32 -10.64
C ASP B 161 -17.41 -19.44 -9.73
N ASP B 162 -18.44 -20.01 -9.09
CA ASP B 162 -19.34 -19.24 -8.22
C ASP B 162 -18.83 -19.19 -6.78
N THR B 163 -17.54 -19.39 -6.61
CA THR B 163 -16.97 -19.33 -5.29
C THR B 163 -16.65 -17.86 -4.92
N SER B 164 -17.20 -17.35 -3.82
CA SER B 164 -16.91 -15.98 -3.38
C SER B 164 -15.47 -15.94 -2.89
N ILE B 165 -14.76 -14.85 -3.24
CA ILE B 165 -13.38 -14.66 -2.83
C ILE B 165 -13.34 -13.48 -1.86
N TYR B 166 -12.93 -13.77 -0.61
CA TYR B 166 -12.86 -12.74 0.43
C TYR B 166 -11.37 -12.58 0.73
N CYS B 167 -10.75 -11.50 0.19
CA CYS B 167 -9.31 -11.22 0.32
C CYS B 167 -8.92 -10.27 1.46
N GLY B 168 -7.63 -10.07 1.66
CA GLY B 168 -7.16 -9.24 2.78
C GLY B 168 -7.27 -7.74 2.69
N HIS B 169 -7.42 -7.17 1.48
CA HIS B 169 -7.46 -5.71 1.36
C HIS B 169 -8.41 -5.24 0.26
N GLU B 170 -8.78 -3.97 0.37
CA GLU B 170 -9.65 -3.30 -0.61
C GLU B 170 -8.68 -2.54 -1.54
N TYR B 171 -8.04 -3.30 -2.43
CA TYR B 171 -7.12 -2.72 -3.39
C TYR B 171 -7.70 -2.70 -4.82
N THR B 172 -8.94 -3.16 -4.97
CA THR B 172 -9.52 -3.35 -6.29
C THR B 172 -9.47 -2.18 -7.27
N LEU B 173 -9.86 -0.99 -6.81
CA LEU B 173 -9.88 0.14 -7.71
C LEU B 173 -8.46 0.39 -8.25
N SER B 174 -7.46 0.49 -7.40
CA SER B 174 -6.09 0.70 -7.90
C SER B 174 -5.62 -0.44 -8.82
N ASN B 175 -5.99 -1.70 -8.49
CA ASN B 175 -5.62 -2.86 -9.28
C ASN B 175 -6.30 -2.83 -10.68
N SER B 176 -7.53 -2.33 -10.70
CA SER B 176 -8.31 -2.27 -11.96
C SER B 176 -7.66 -1.37 -12.97
N LYS B 177 -6.98 -0.32 -12.51
CA LYS B 177 -6.35 0.64 -13.42
C LYS B 177 -5.09 0.03 -14.01
N PHE B 178 -4.40 -0.79 -13.23
CA PHE B 178 -3.23 -1.45 -13.79
C PHE B 178 -3.68 -2.50 -14.82
N ALA B 179 -4.64 -3.35 -14.48
CA ALA B 179 -5.05 -4.40 -15.43
C ALA B 179 -5.54 -3.77 -16.75
N LEU B 180 -6.18 -2.62 -16.67
CA LEU B 180 -6.71 -1.95 -17.88
C LEU B 180 -5.58 -1.36 -18.70
N SER B 181 -4.46 -1.11 -18.04
CA SER B 181 -3.28 -0.57 -18.75
C SER B 181 -2.63 -1.69 -19.59
N LEU B 182 -2.87 -2.94 -19.20
CA LEU B 182 -2.30 -4.08 -19.92
C LEU B 182 -3.27 -4.73 -20.85
N GLU B 183 -4.55 -4.69 -20.51
CA GLU B 183 -5.53 -5.40 -21.31
C GLU B 183 -6.81 -4.55 -21.45
N PRO B 184 -6.68 -3.35 -22.04
CA PRO B 184 -7.82 -2.45 -22.20
C PRO B 184 -8.98 -2.95 -23.05
N ASN B 185 -8.68 -3.86 -23.96
CA ASN B 185 -9.72 -4.39 -24.79
C ASN B 185 -10.63 -5.37 -24.10
N ASN B 186 -10.20 -5.97 -22.96
CA ASN B 186 -11.05 -6.95 -22.23
C ASN B 186 -12.33 -6.20 -21.76
N GLU B 187 -13.48 -6.46 -22.41
CA GLU B 187 -14.73 -5.74 -22.08
C GLU B 187 -15.34 -6.11 -20.72
N VAL B 188 -15.17 -7.36 -20.29
CA VAL B 188 -15.72 -7.70 -18.96
C VAL B 188 -14.92 -6.90 -17.91
N LEU B 189 -13.61 -6.76 -18.12
CA LEU B 189 -12.79 -5.99 -17.16
C LEU B 189 -13.19 -4.51 -17.24
N GLN B 190 -13.50 -4.00 -18.42
CA GLN B 190 -13.91 -2.60 -18.52
C GLN B 190 -15.14 -2.28 -17.67
N SER B 191 -16.17 -3.13 -17.80
CA SER B 191 -17.40 -2.86 -17.07
C SER B 191 -17.22 -3.16 -15.57
N TYR B 192 -16.42 -4.17 -15.26
CA TYR B 192 -16.20 -4.52 -13.86
C TYR B 192 -15.37 -3.43 -13.20
N ALA B 193 -14.41 -2.85 -13.92
CA ALA B 193 -13.58 -1.79 -13.39
C ALA B 193 -14.44 -0.51 -13.25
N ALA B 194 -15.39 -0.32 -14.18
CA ALA B 194 -16.21 0.88 -14.04
C ALA B 194 -17.09 0.74 -12.79
N HIS B 195 -17.72 -0.45 -12.59
CA HIS B 195 -18.61 -0.75 -11.43
C HIS B 195 -17.81 -0.62 -10.10
N VAL B 196 -16.56 -1.09 -10.12
CA VAL B 196 -15.65 -0.96 -8.97
C VAL B 196 -15.48 0.53 -8.59
N ALA B 197 -15.26 1.43 -9.54
CA ALA B 197 -15.11 2.85 -9.18
C ALA B 197 -16.39 3.47 -8.60
N GLU B 198 -17.52 2.96 -9.04
CA GLU B 198 -18.82 3.46 -8.53
C GLU B 198 -18.95 2.95 -7.08
N LEU B 199 -18.63 1.68 -6.84
CA LEU B 199 -18.74 1.13 -5.49
C LEU B 199 -17.82 1.94 -4.60
N ARG B 200 -16.59 2.22 -5.05
CA ARG B 200 -15.66 2.95 -4.20
C ARG B 200 -16.08 4.41 -4.02
N SER B 201 -16.62 5.04 -5.08
CA SER B 201 -17.09 6.44 -4.97
C SER B 201 -18.15 6.56 -3.88
N LYS B 202 -18.86 5.45 -3.60
CA LYS B 202 -19.89 5.41 -2.56
C LYS B 202 -19.36 4.81 -1.25
N LYS B 203 -18.03 4.68 -1.16
CA LYS B 203 -17.37 4.11 0.02
C LYS B 203 -17.80 2.70 0.31
N LEU B 204 -18.16 1.98 -0.75
CA LEU B 204 -18.60 0.60 -0.59
C LEU B 204 -17.49 -0.39 -0.98
N PRO B 205 -17.28 -1.40 -0.14
CA PRO B 205 -16.23 -2.43 -0.43
C PRO B 205 -16.55 -3.09 -1.79
N THR B 206 -15.53 -3.64 -2.44
CA THR B 206 -15.72 -4.36 -3.69
C THR B 206 -15.63 -5.88 -3.51
N ILE B 207 -15.32 -6.26 -2.26
CA ILE B 207 -15.08 -7.63 -1.84
C ILE B 207 -16.40 -8.11 -1.21
N PRO B 208 -16.84 -9.35 -1.47
CA PRO B 208 -16.18 -10.38 -2.29
C PRO B 208 -16.24 -10.25 -3.80
N THR B 209 -15.31 -10.98 -4.42
CA THR B 209 -15.29 -11.16 -5.87
C THR B 209 -15.54 -12.68 -6.09
N THR B 210 -15.46 -13.15 -7.34
CA THR B 210 -15.66 -14.56 -7.58
C THR B 210 -14.53 -15.18 -8.40
N VAL B 211 -14.40 -16.50 -8.30
CA VAL B 211 -13.37 -17.20 -9.12
C VAL B 211 -13.61 -16.93 -10.60
N LYS B 212 -14.88 -16.86 -11.01
CA LYS B 212 -15.15 -16.63 -12.42
C LYS B 212 -14.76 -15.21 -12.86
N MET B 213 -15.10 -14.21 -12.06
CA MET B 213 -14.77 -12.83 -12.37
C MET B 213 -13.25 -12.66 -12.45
N GLU B 214 -12.51 -13.26 -11.49
CA GLU B 214 -11.06 -13.07 -11.47
C GLU B 214 -10.41 -13.80 -12.64
N LYS B 215 -10.93 -14.99 -13.00
CA LYS B 215 -10.38 -15.68 -14.16
C LYS B 215 -10.57 -14.80 -15.40
N ALA B 216 -11.68 -14.04 -15.44
CA ALA B 216 -11.98 -13.20 -16.59
C ALA B 216 -11.24 -11.85 -16.64
N CYS B 217 -10.83 -11.37 -15.47
CA CYS B 217 -10.24 -10.05 -15.38
C CYS B 217 -8.88 -9.83 -14.74
N ASN B 218 -8.48 -10.71 -13.83
CA ASN B 218 -7.24 -10.58 -13.05
C ASN B 218 -6.05 -10.87 -13.97
N PRO B 219 -5.13 -9.92 -14.13
CA PRO B 219 -4.00 -10.18 -15.02
C PRO B 219 -3.16 -11.33 -14.58
N PHE B 220 -3.03 -11.54 -13.24
CA PHE B 220 -2.17 -12.59 -12.76
C PHE B 220 -2.72 -13.98 -13.05
N LEU B 221 -4.02 -14.04 -13.43
CA LEU B 221 -4.63 -15.34 -13.80
C LEU B 221 -4.75 -15.40 -15.33
N ARG B 222 -4.10 -14.47 -16.02
CA ARG B 222 -4.21 -14.38 -17.49
C ARG B 222 -2.86 -14.14 -18.14
N SER B 223 -1.83 -14.72 -17.51
CA SER B 223 -0.45 -14.50 -17.91
C SER B 223 -0.08 -15.00 -19.32
N SER B 224 -0.91 -15.86 -19.90
CA SER B 224 -0.67 -16.31 -21.28
C SER B 224 -1.42 -15.45 -22.26
N ASN B 225 -2.20 -14.48 -21.76
CA ASN B 225 -2.95 -13.61 -22.65
C ASN B 225 -2.04 -12.87 -23.62
N THR B 226 -2.46 -12.76 -24.88
CA THR B 226 -1.60 -12.09 -25.85
C THR B 226 -1.46 -10.60 -25.66
N ASP B 227 -2.54 -9.91 -25.32
CA ASP B 227 -2.43 -8.47 -25.15
C ASP B 227 -1.53 -8.12 -23.99
N ILE B 228 -1.65 -8.91 -22.91
CA ILE B 228 -0.79 -8.69 -21.73
C ILE B 228 0.66 -8.94 -22.04
N ARG B 229 0.97 -10.04 -22.74
CA ARG B 229 2.32 -10.32 -23.11
C ARG B 229 2.88 -9.26 -24.06
N ARG B 230 2.03 -8.71 -24.93
CA ARG B 230 2.50 -7.71 -25.86
C ARG B 230 2.93 -6.46 -25.06
N ALA B 231 2.04 -5.98 -24.21
CA ALA B 231 2.28 -4.78 -23.41
C ALA B 231 3.53 -4.86 -22.55
N LEU B 232 3.83 -6.05 -22.05
CA LEU B 232 4.99 -6.19 -21.15
C LEU B 232 6.24 -6.85 -21.80
N ARG B 233 6.15 -7.07 -23.13
CA ARG B 233 7.21 -7.65 -23.92
C ARG B 233 7.64 -9.00 -23.29
N ILE B 234 6.66 -9.81 -22.91
CA ILE B 234 6.98 -11.11 -22.36
C ILE B 234 7.12 -12.09 -23.54
N PRO B 235 8.20 -12.89 -23.56
CA PRO B 235 8.44 -13.86 -24.65
C PRO B 235 7.25 -14.79 -24.88
N GLU B 236 6.92 -15.06 -26.15
CA GLU B 236 5.75 -15.87 -26.40
C GLU B 236 5.81 -17.25 -25.77
N ALA B 237 7.02 -17.82 -25.66
CA ALA B 237 7.16 -19.18 -25.14
C ALA B 237 7.62 -19.22 -23.67
N ALA B 238 7.65 -18.07 -23.01
CA ALA B 238 8.04 -18.02 -21.62
C ALA B 238 7.05 -18.80 -20.73
N ASP B 239 7.54 -19.46 -19.69
CA ASP B 239 6.56 -20.17 -18.87
C ASP B 239 5.70 -19.16 -18.08
N GLU B 240 4.54 -19.60 -17.60
CA GLU B 240 3.64 -18.65 -16.91
C GLU B 240 4.25 -18.13 -15.61
N ALA B 241 5.14 -18.89 -14.97
CA ALA B 241 5.75 -18.35 -13.74
C ALA B 241 6.63 -17.17 -14.13
N GLU B 242 7.39 -17.29 -15.23
CA GLU B 242 8.24 -16.16 -15.62
C GLU B 242 7.35 -14.95 -15.97
N ALA B 243 6.30 -15.22 -16.72
CA ALA B 243 5.35 -14.20 -17.15
C ALA B 243 4.75 -13.50 -15.87
N LEU B 244 4.22 -14.28 -14.93
CA LEU B 244 3.65 -13.70 -13.70
C LEU B 244 4.70 -12.85 -12.99
N GLY B 245 5.96 -13.33 -12.99
CA GLY B 245 7.01 -12.60 -12.33
C GLY B 245 7.19 -11.22 -12.95
N ILE B 246 7.12 -11.13 -14.28
CA ILE B 246 7.32 -9.85 -14.94
C ILE B 246 6.08 -8.97 -14.72
N ILE B 247 4.87 -9.54 -14.76
CA ILE B 247 3.65 -8.77 -14.55
C ILE B 247 3.71 -8.18 -13.11
N ARG B 248 4.24 -8.98 -12.17
CA ARG B 248 4.30 -8.54 -10.78
C ARG B 248 5.27 -7.35 -10.71
N LYS B 249 6.49 -7.56 -11.17
CA LYS B 249 7.44 -6.42 -11.09
C LYS B 249 6.88 -5.17 -11.76
N ALA B 250 6.17 -5.36 -12.90
CA ALA B 250 5.55 -4.26 -13.60
C ALA B 250 4.48 -3.62 -12.73
N LYS B 251 3.72 -4.42 -11.97
CA LYS B 251 2.65 -3.82 -11.15
C LYS B 251 3.23 -3.02 -9.98
N ASP B 252 4.28 -3.54 -9.39
CA ASP B 252 4.88 -2.86 -8.27
C ASP B 252 5.36 -1.46 -8.67
N ASP B 253 5.97 -1.35 -9.86
CA ASP B 253 6.52 -0.08 -10.35
C ASP B 253 5.61 0.75 -11.24
N PHE B 254 4.31 0.46 -11.18
CA PHE B 254 3.35 1.22 -12.01
C PHE B 254 2.91 2.52 -11.34
ZN ZN C . 5.44 5.99 -6.31
FE FE D . 2.89 6.90 -4.47
C ACY E . 5.91 2.45 2.76
O ACY E . 6.16 2.52 1.58
OXT ACY E . 6.92 2.56 3.69
CH3 ACY E . 4.47 2.25 3.19
C1 PEG F . -6.35 18.94 16.56
O1 PEG F . -6.04 17.59 16.95
C2 PEG F . -7.80 19.02 16.13
O2 PEG F . -8.70 18.92 17.26
C3 PEG F . -10.08 18.96 16.76
C4 PEG F . -11.14 18.89 17.91
O4 PEG F . -11.69 17.57 18.07
ZN ZN G . 0.48 -9.41 3.97
FE FE H . -2.04 -7.45 4.35
C ACY I . -0.40 -5.38 -5.05
O ACY I . -1.01 -5.73 -6.08
OXT ACY I . 0.53 -4.45 -5.08
CH3 ACY I . -0.70 -6.05 -3.74
N MET A 1 3.97 31.69 0.31
CA MET A 1 3.17 30.65 -0.45
C MET A 1 2.30 29.81 0.49
N GLN A 2 1.02 29.62 0.14
CA GLN A 2 0.12 28.81 0.95
C GLN A 2 0.04 27.42 0.33
N ILE A 3 0.34 26.38 1.11
CA ILE A 3 0.31 25.02 0.56
C ILE A 3 -1.05 24.46 0.97
N GLU A 4 -1.69 23.72 0.07
CA GLU A 4 -3.00 23.11 0.36
C GLU A 4 -2.94 21.61 0.12
N LEU A 5 -3.06 20.81 1.21
CA LEU A 5 -3.03 19.37 1.04
C LEU A 5 -4.33 18.97 0.44
N VAL A 6 -4.26 18.09 -0.57
CA VAL A 6 -5.44 17.57 -1.23
C VAL A 6 -5.42 16.06 -1.21
N PRO A 7 -6.20 15.45 -0.30
CA PRO A 7 -6.22 13.97 -0.28
C PRO A 7 -6.78 13.45 -1.59
N CYS A 8 -6.11 12.43 -2.13
CA CYS A 8 -6.54 11.84 -3.38
C CYS A 8 -6.45 10.33 -3.24
N LEU A 9 -7.24 9.65 -4.06
CA LEU A 9 -7.28 8.19 -4.06
C LEU A 9 -7.47 7.74 -2.62
N LYS A 10 -6.71 6.74 -2.21
CA LYS A 10 -6.84 6.17 -0.86
C LYS A 10 -6.03 6.91 0.21
N ASP A 11 -4.74 7.08 -0.08
CA ASP A 11 -3.83 7.71 0.88
C ASP A 11 -2.82 8.58 0.24
N ASN A 12 -2.94 8.80 -1.07
CA ASN A 12 -1.96 9.71 -1.69
C ASN A 12 -2.21 11.07 -1.13
N TYR A 13 -1.20 11.95 -1.36
CA TYR A 13 -1.30 13.34 -1.09
C TYR A 13 -0.87 14.17 -2.31
N ALA A 14 -1.80 14.92 -2.93
CA ALA A 14 -1.39 15.90 -3.96
C ALA A 14 -1.32 17.24 -3.18
N TYR A 15 -0.66 18.28 -3.74
CA TYR A 15 -0.55 19.59 -3.06
C TYR A 15 -0.89 20.74 -3.99
N ILE A 16 -1.64 21.72 -3.49
CA ILE A 16 -2.01 22.90 -4.29
C ILE A 16 -1.17 24.04 -3.78
N LEU A 17 -0.45 24.65 -4.72
CA LEU A 17 0.45 25.75 -4.46
C LEU A 17 -0.19 27.07 -4.87
N HIS A 18 -0.31 28.01 -3.92
CA HIS A 18 -1.00 29.29 -4.26
C HIS A 18 -0.13 30.46 -3.86
N ASP A 19 0.56 31.06 -4.82
CA ASP A 19 1.36 32.24 -4.52
C ASP A 19 0.39 33.35 -4.12
N GLU A 20 0.74 34.17 -3.13
CA GLU A 20 -0.16 35.22 -2.73
C GLU A 20 0.04 36.53 -3.46
N ASP A 21 1.29 36.78 -3.89
CA ASP A 21 1.64 38.01 -4.59
C ASP A 21 1.28 37.93 -6.08
N THR A 22 0.67 36.83 -6.50
CA THR A 22 0.25 36.72 -7.88
C THR A 22 -0.94 35.83 -8.06
N GLY A 23 -1.27 34.98 -7.10
CA GLY A 23 -2.43 34.18 -7.50
C GLY A 23 -2.03 33.06 -8.48
N THR A 24 -0.74 32.90 -8.75
CA THR A 24 -0.29 31.79 -9.59
C THR A 24 -0.63 30.50 -8.82
N VAL A 25 -1.02 29.46 -9.53
CA VAL A 25 -1.38 28.18 -8.93
C VAL A 25 -0.67 26.99 -9.56
N GLY A 26 -0.20 26.10 -8.70
CA GLY A 26 0.41 24.90 -9.24
C GLY A 26 -0.11 23.71 -8.44
N VAL A 27 0.10 22.50 -8.96
CA VAL A 27 -0.26 21.31 -8.22
C VAL A 27 0.86 20.25 -8.30
N VAL A 28 1.22 19.71 -7.15
CA VAL A 28 2.24 18.68 -7.06
C VAL A 28 1.57 17.29 -7.07
N ASP A 29 2.03 16.42 -7.95
CA ASP A 29 1.54 15.02 -7.98
C ASP A 29 -0.01 14.83 -7.98
N PRO A 30 -0.70 15.40 -8.99
CA PRO A 30 -2.17 15.28 -9.14
C PRO A 30 -2.53 13.81 -9.51
N SER A 31 -2.84 13.01 -8.48
CA SER A 31 -3.20 11.59 -8.67
C SER A 31 -4.37 11.42 -9.60
N GLU A 32 -5.30 12.36 -9.45
CA GLU A 32 -6.54 12.34 -10.25
C GLU A 32 -6.99 13.81 -10.37
N ALA A 33 -7.63 14.17 -11.48
CA ALA A 33 -8.03 15.54 -11.69
C ALA A 33 -9.14 16.04 -10.80
N GLU A 34 -10.13 15.16 -10.51
CA GLU A 34 -11.31 15.55 -9.74
C GLU A 34 -11.08 16.40 -8.50
N PRO A 35 -10.28 15.92 -7.52
CA PRO A 35 -10.00 16.70 -6.30
C PRO A 35 -9.36 18.08 -6.60
N ILE A 36 -8.43 18.12 -7.56
CA ILE A 36 -7.78 19.37 -7.93
C ILE A 36 -8.80 20.36 -8.48
N ILE A 37 -9.57 19.88 -9.45
CA ILE A 37 -10.63 20.68 -10.04
C ILE A 37 -11.58 21.12 -8.95
N ASP A 38 -11.99 20.16 -8.10
CA ASP A 38 -12.93 20.49 -7.03
C ASP A 38 -12.42 21.61 -6.17
N SER A 39 -11.14 21.56 -5.81
CA SER A 39 -10.53 22.62 -5.02
C SER A 39 -10.38 23.94 -5.77
N LEU A 40 -9.91 23.90 -7.01
CA LEU A 40 -9.74 25.13 -7.80
C LEU A 40 -11.09 25.87 -7.97
N LYS A 41 -12.18 25.12 -7.93
CA LYS A 41 -13.49 25.72 -8.06
C LYS A 41 -13.88 26.33 -6.70
N ARG A 42 -13.69 25.57 -5.63
CA ARG A 42 -14.07 26.05 -4.31
C ARG A 42 -13.33 27.33 -4.00
N SER A 43 -12.14 27.47 -4.57
CA SER A 43 -11.34 28.65 -4.35
C SER A 43 -11.43 29.58 -5.54
N GLY A 44 -12.10 29.11 -6.58
CA GLY A 44 -12.25 29.90 -7.78
C GLY A 44 -10.93 30.39 -8.35
N ARG A 45 -10.23 29.54 -9.09
CA ARG A 45 -8.97 29.93 -9.69
C ARG A 45 -8.62 28.94 -10.80
N ASN A 46 -7.65 29.30 -11.66
CA ASN A 46 -7.18 28.46 -12.76
C ASN A 46 -5.82 27.86 -12.39
N LEU A 47 -5.51 26.73 -12.99
CA LEU A 47 -4.21 26.04 -12.71
C LEU A 47 -3.18 26.55 -13.72
N THR A 48 -1.95 26.86 -13.27
CA THR A 48 -0.87 27.33 -14.16
C THR A 48 0.17 26.23 -14.39
N TYR A 49 0.54 25.58 -13.29
CA TYR A 49 1.57 24.55 -13.30
C TYR A 49 1.20 23.21 -12.66
N ILE A 50 1.79 22.15 -13.19
CA ILE A 50 1.66 20.80 -12.66
C ILE A 50 3.10 20.29 -12.53
N LEU A 51 3.47 19.87 -11.32
CA LEU A 51 4.84 19.38 -11.03
C LEU A 51 4.72 17.98 -10.49
N ASN A 52 5.53 17.05 -11.04
CA ASN A 52 5.48 15.67 -10.59
C ASN A 52 6.82 15.29 -9.97
N THR A 53 6.74 14.57 -8.87
CA THR A 53 7.96 14.11 -8.20
C THR A 53 8.52 12.86 -8.90
N HIS A 54 7.64 12.03 -9.41
CA HIS A 54 8.08 10.81 -10.08
C HIS A 54 6.93 10.31 -11.01
N HIS A 55 7.19 9.29 -11.81
CA HIS A 55 6.28 8.86 -12.87
C HIS A 55 5.08 8.00 -12.53
N HIS A 56 5.04 7.48 -11.31
CA HIS A 56 3.97 6.54 -10.95
C HIS A 56 2.60 7.13 -11.23
N TYR A 57 1.68 6.22 -11.55
CA TYR A 57 0.36 6.61 -11.94
C TYR A 57 -0.36 7.38 -10.82
N ASP A 58 -0.10 7.01 -9.58
CA ASP A 58 -0.74 7.72 -8.46
C ASP A 58 -0.19 9.12 -8.21
N HIS A 59 0.78 9.57 -9.04
CA HIS A 59 1.32 10.94 -8.91
C HIS A 59 1.17 11.71 -10.23
N THR A 60 0.83 11.00 -11.31
CA THR A 60 0.73 11.63 -12.66
C THR A 60 -0.63 11.34 -13.31
N GLY A 61 -1.50 10.64 -12.60
CA GLY A 61 -2.79 10.23 -13.14
C GLY A 61 -3.65 11.33 -13.70
N GLY A 62 -3.70 12.48 -12.99
CA GLY A 62 -4.51 13.62 -13.41
C GLY A 62 -3.85 14.61 -14.35
N ASN A 63 -2.60 14.36 -14.70
CA ASN A 63 -1.83 15.27 -15.52
C ASN A 63 -2.51 15.74 -16.85
N LEU A 64 -2.77 14.78 -17.73
CA LEU A 64 -3.25 15.15 -19.08
C LEU A 64 -4.58 15.85 -19.05
N GLU A 65 -5.45 15.44 -18.13
CA GLU A 65 -6.75 16.08 -18.03
C GLU A 65 -6.62 17.51 -17.49
N LEU A 66 -5.85 17.70 -16.42
CA LEU A 66 -5.72 19.06 -15.89
C LEU A 66 -5.02 19.98 -16.89
N LYS A 67 -4.00 19.49 -17.57
CA LYS A 67 -3.28 20.29 -18.56
C LYS A 67 -4.27 20.74 -19.68
N ASP A 68 -5.02 19.80 -20.25
CA ASP A 68 -5.97 20.16 -21.32
C ASP A 68 -7.08 21.08 -20.78
N ARG A 69 -7.50 20.89 -19.54
CA ARG A 69 -8.56 21.70 -18.96
C ARG A 69 -8.23 23.16 -18.66
N TYR A 70 -7.07 23.36 -18.05
CA TYR A 70 -6.62 24.67 -17.65
C TYR A 70 -5.56 25.30 -18.53
N GLY A 71 -5.01 24.53 -19.46
CA GLY A 71 -3.90 25.04 -20.27
C GLY A 71 -2.66 25.08 -19.39
N ALA A 72 -2.64 24.25 -18.34
CA ALA A 72 -1.47 24.24 -17.45
C ALA A 72 -0.23 23.64 -18.11
N LYS A 73 0.95 23.92 -17.58
CA LYS A 73 2.16 23.29 -18.14
C LYS A 73 2.74 22.27 -17.14
N VAL A 74 3.19 21.12 -17.61
CA VAL A 74 3.79 20.07 -16.73
C VAL A 74 5.30 20.33 -16.57
N ILE A 75 5.77 20.25 -15.33
CA ILE A 75 7.18 20.52 -14.99
C ILE A 75 7.68 19.34 -14.15
N GLY A 76 8.79 18.72 -14.55
CA GLY A 76 9.24 17.58 -13.76
C GLY A 76 10.62 17.07 -14.21
N SER A 77 11.04 15.95 -13.66
CA SER A 77 12.33 15.37 -14.01
C SER A 77 12.68 15.32 -15.51
N ALA A 78 13.99 15.29 -15.77
CA ALA A 78 14.51 15.16 -17.12
C ALA A 78 14.74 13.64 -17.41
N MET A 79 15.13 12.88 -16.38
CA MET A 79 15.32 11.44 -16.59
C MET A 79 14.05 10.77 -17.10
N ASP A 80 12.88 11.19 -16.58
CA ASP A 80 11.62 10.59 -16.98
C ASP A 80 10.93 11.39 -18.03
N LYS A 81 11.74 12.09 -18.86
CA LYS A 81 11.25 12.95 -19.95
C LYS A 81 10.20 12.26 -20.80
N ASP A 82 10.29 10.95 -20.96
CA ASP A 82 9.25 10.30 -21.77
C ASP A 82 8.25 9.52 -20.91
N ARG A 83 8.40 9.57 -19.58
CA ARG A 83 7.50 8.88 -18.66
C ARG A 83 6.53 9.80 -17.91
N ILE A 84 6.72 11.11 -18.01
CA ILE A 84 5.85 12.09 -17.32
C ILE A 84 4.79 12.53 -18.35
N PRO A 85 3.56 12.11 -18.15
CA PRO A 85 2.54 12.50 -19.12
C PRO A 85 2.39 13.99 -19.31
N GLY A 86 2.43 14.39 -20.60
CA GLY A 86 2.22 15.79 -20.95
C GLY A 86 3.29 16.80 -20.57
N ILE A 87 4.50 16.33 -20.22
CA ILE A 87 5.56 17.21 -19.79
C ILE A 87 5.90 18.27 -20.84
N ASP A 88 5.99 19.50 -20.35
CA ASP A 88 6.33 20.64 -21.15
C ASP A 88 7.74 21.12 -20.80
N MET A 89 8.27 20.70 -19.65
CA MET A 89 9.62 21.15 -19.26
C MET A 89 10.27 20.12 -18.35
N ALA A 90 11.53 19.75 -18.67
CA ALA A 90 12.26 18.72 -17.94
C ALA A 90 13.49 19.28 -17.21
N LEU A 91 13.45 19.22 -15.88
CA LEU A 91 14.50 19.81 -15.07
C LEU A 91 15.52 18.83 -14.54
N LYS A 92 16.76 19.26 -14.66
CA LYS A 92 17.90 18.47 -14.23
C LYS A 92 18.21 18.69 -12.78
N ASP A 93 19.00 17.80 -12.19
CA ASP A 93 19.41 17.95 -10.79
C ASP A 93 20.17 19.25 -10.54
N GLY A 94 19.82 19.94 -9.44
CA GLY A 94 20.38 21.22 -9.04
C GLY A 94 19.83 22.47 -9.71
N ASP A 95 18.98 22.31 -10.72
CA ASP A 95 18.41 23.48 -11.36
C ASP A 95 17.51 24.24 -10.41
N LYS A 96 17.39 25.56 -10.65
CA LYS A 96 16.46 26.40 -9.91
C LYS A 96 15.32 26.64 -10.94
N TRP A 97 14.11 26.79 -10.43
CA TRP A 97 12.91 27.03 -11.27
C TRP A 97 12.02 27.99 -10.51
N MET A 98 11.72 29.15 -11.11
CA MET A 98 10.93 30.18 -10.44
C MET A 98 9.39 29.92 -10.41
N PHE A 99 8.84 30.00 -9.21
CA PHE A 99 7.42 29.83 -8.97
C PHE A 99 6.82 31.18 -8.81
N ALA A 100 6.40 31.78 -9.93
CA ALA A 100 5.75 33.08 -9.93
C ALA A 100 6.47 34.13 -9.04
N GLY A 101 7.72 33.84 -8.69
CA GLY A 101 8.48 34.75 -7.81
C GLY A 101 9.33 34.04 -6.79
N HIS A 102 9.05 32.78 -6.57
CA HIS A 102 9.81 32.03 -5.55
C HIS A 102 10.67 30.93 -6.15
N GLU A 103 11.83 30.74 -5.57
CA GLU A 103 12.76 29.75 -6.07
C GLU A 103 12.39 28.33 -5.66
N VAL A 104 12.54 27.42 -6.61
CA VAL A 104 12.35 25.97 -6.37
C VAL A 104 13.67 25.32 -6.79
N HIS A 105 14.31 24.60 -5.86
CA HIS A 105 15.58 23.92 -6.15
C HIS A 105 15.19 22.45 -6.44
N VAL A 106 15.68 21.93 -7.59
CA VAL A 106 15.36 20.57 -7.99
C VAL A 106 16.43 19.61 -7.49
N MET A 107 16.00 18.58 -6.75
CA MET A 107 16.88 17.55 -6.22
C MET A 107 16.48 16.19 -6.74
N ASP A 108 17.24 15.65 -7.70
CA ASP A 108 16.96 14.32 -8.21
C ASP A 108 17.22 13.35 -7.09
N THR A 109 16.15 12.79 -6.52
CA THR A 109 16.36 11.86 -5.40
C THR A 109 15.95 10.45 -5.77
N PRO A 110 16.89 9.69 -6.39
CA PRO A 110 16.64 8.32 -6.80
C PRO A 110 16.54 7.37 -5.57
N GLY A 111 15.84 6.25 -5.73
CA GLY A 111 15.74 5.28 -4.65
C GLY A 111 14.47 4.51 -4.87
N HIS A 112 13.34 5.23 -4.72
CA HIS A 112 12.03 4.60 -4.95
C HIS A 112 11.94 4.31 -6.47
N THR A 113 12.26 5.30 -7.31
CA THR A 113 12.35 5.07 -8.77
C THR A 113 13.62 5.75 -9.21
N LYS A 114 13.97 5.54 -10.50
CA LYS A 114 15.11 6.19 -11.11
C LYS A 114 14.44 7.35 -11.84
N GLY A 115 14.71 8.57 -11.39
CA GLY A 115 14.12 9.71 -12.06
C GLY A 115 13.42 10.56 -11.01
N HIS A 116 13.07 9.94 -9.89
CA HIS A 116 12.39 10.69 -8.79
C HIS A 116 13.14 11.94 -8.41
N ILE A 117 12.42 13.05 -8.25
CA ILE A 117 13.04 14.28 -7.78
C ILE A 117 12.27 14.80 -6.55
N SER A 118 12.88 15.68 -5.76
CA SER A 118 12.17 16.34 -4.64
C SER A 118 12.28 17.83 -4.96
N LEU A 119 11.29 18.63 -4.50
CA LEU A 119 11.28 20.05 -4.85
C LEU A 119 11.36 20.89 -3.58
N TYR A 120 12.46 21.64 -3.43
CA TYR A 120 12.68 22.44 -2.25
C TYR A 120 12.38 23.90 -2.48
N PHE A 121 11.49 24.46 -1.68
CA PHE A 121 11.11 25.89 -1.80
C PHE A 121 11.74 26.50 -0.55
N PRO A 122 13.02 26.93 -0.65
CA PRO A 122 13.68 27.52 0.52
C PRO A 122 12.95 28.68 1.17
N GLY A 123 12.24 29.47 0.32
CA GLY A 123 11.50 30.62 0.83
C GLY A 123 10.35 30.26 1.74
N SER A 124 9.76 29.11 1.50
CA SER A 124 8.63 28.65 2.30
C SER A 124 9.06 27.58 3.29
N ARG A 125 10.35 27.36 3.41
CA ARG A 125 10.94 26.32 4.29
C ARG A 125 10.13 25.02 4.11
N ALA A 126 9.98 24.62 2.86
CA ALA A 126 9.17 23.44 2.54
C ALA A 126 9.80 22.64 1.41
N ILE A 127 9.75 21.30 1.54
CA ILE A 127 10.23 20.44 0.47
C ILE A 127 9.19 19.33 0.21
N PHE A 128 8.90 19.15 -1.09
CA PHE A 128 7.98 18.06 -1.53
C PHE A 128 8.84 16.85 -1.85
N THR A 129 8.70 15.78 -1.04
CA THR A 129 9.58 14.61 -1.19
C THR A 129 8.95 13.43 -1.95
N GLY A 130 7.73 13.60 -2.40
CA GLY A 130 7.09 12.50 -3.16
C GLY A 130 7.15 11.20 -2.37
N ASP A 131 7.61 10.13 -3.03
CA ASP A 131 7.71 8.85 -2.37
C ASP A 131 9.15 8.44 -2.00
N THR A 132 10.00 9.44 -1.79
CA THR A 132 11.38 9.16 -1.38
C THR A 132 11.33 9.13 0.17
N MET A 133 10.86 10.21 0.81
CA MET A 133 10.76 10.19 2.28
C MET A 133 9.33 10.48 2.77
N PHE A 134 8.77 9.58 3.59
CA PHE A 134 7.46 9.83 4.21
C PHE A 134 7.75 10.15 5.67
N SER A 135 6.68 10.39 6.49
CA SER A 135 6.96 10.52 7.91
C SER A 135 7.11 9.10 8.46
N LEU A 136 8.31 8.86 9.01
CA LEU A 136 8.72 7.58 9.62
C LEU A 136 9.01 6.44 8.69
N SER A 137 9.20 6.75 7.41
CA SER A 137 9.59 5.68 6.47
C SER A 137 10.17 6.31 5.19
N CYS A 138 10.54 5.43 4.21
CA CYS A 138 11.02 5.89 2.91
C CYS A 138 10.25 5.05 1.90
N GLY A 139 10.33 5.36 0.58
CA GLY A 139 9.61 4.57 -0.39
C GLY A 139 10.24 3.18 -0.55
N LYS A 140 9.43 2.24 -0.96
CA LYS A 140 9.95 0.91 -1.30
C LYS A 140 10.88 1.12 -2.49
N LEU A 141 11.92 0.27 -2.61
CA LEU A 141 12.91 0.48 -3.67
C LEU A 141 12.58 -0.33 -4.92
N PHE A 142 11.63 0.17 -5.69
CA PHE A 142 11.20 -0.50 -6.92
C PHE A 142 12.22 -0.36 -8.04
N GLU A 143 13.01 0.72 -8.06
CA GLU A 143 14.00 0.86 -9.15
C GLU A 143 15.44 1.18 -8.73
N GLY A 144 15.61 1.77 -7.54
CA GLY A 144 16.93 2.16 -7.07
C GLY A 144 17.49 1.22 -6.03
N THR A 145 18.66 1.56 -5.52
CA THR A 145 19.34 0.75 -4.55
C THR A 145 19.29 1.38 -3.18
N PRO A 146 19.62 0.59 -2.16
CA PRO A 146 19.64 1.11 -0.78
C PRO A 146 20.65 2.24 -0.75
N LYS A 147 21.75 2.12 -1.54
CA LYS A 147 22.73 3.19 -1.50
C LYS A 147 22.18 4.51 -2.03
N GLN A 148 21.44 4.42 -3.12
CA GLN A 148 20.85 5.60 -3.71
C GLN A 148 19.81 6.20 -2.77
N MET A 149 18.97 5.36 -2.19
CA MET A 149 17.96 5.87 -1.27
C MET A 149 18.64 6.54 -0.08
N LEU A 150 19.69 5.94 0.48
CA LEU A 150 20.33 6.57 1.62
C LEU A 150 20.90 7.95 1.23
N ALA A 151 21.44 8.05 0.03
CA ALA A 151 22.02 9.29 -0.42
C ALA A 151 20.92 10.35 -0.61
N SER A 152 19.80 9.92 -1.20
CA SER A 152 18.66 10.84 -1.44
C SER A 152 18.09 11.34 -0.13
N LEU A 153 18.01 10.45 0.87
CA LEU A 153 17.50 10.83 2.19
C LEU A 153 18.43 11.85 2.81
N GLN A 154 19.75 11.67 2.57
CA GLN A 154 20.72 12.65 3.11
C GLN A 154 20.57 14.07 2.47
N LYS A 155 20.30 14.14 1.15
CA LYS A 155 20.13 15.46 0.58
C LYS A 155 18.99 16.16 1.32
N ILE A 156 17.89 15.43 1.60
CA ILE A 156 16.74 16.02 2.31
C ILE A 156 17.15 16.31 3.75
N THR A 157 17.85 15.39 4.43
CA THR A 157 18.22 15.66 5.81
C THR A 157 19.32 16.72 5.99
N SER A 158 19.96 17.13 4.92
CA SER A 158 21.02 18.17 5.02
C SER A 158 20.31 19.55 5.10
N LEU A 159 19.09 19.64 4.58
CA LEU A 159 18.37 20.90 4.65
C LEU A 159 18.16 21.22 6.15
N PRO A 160 17.79 22.48 6.46
CA PRO A 160 17.61 22.81 7.87
C PRO A 160 16.58 21.94 8.56
N ASP A 161 16.90 21.46 9.78
CA ASP A 161 15.96 20.62 10.52
C ASP A 161 14.56 21.27 10.67
N ASP A 162 14.45 22.58 10.49
CA ASP A 162 13.15 23.21 10.65
C ASP A 162 12.28 23.20 9.36
N THR A 163 12.78 22.61 8.27
CA THR A 163 12.02 22.56 7.02
C THR A 163 10.82 21.58 7.13
N SER A 164 9.72 21.95 6.54
CA SER A 164 8.52 21.09 6.54
C SER A 164 8.65 20.14 5.35
N ILE A 165 8.27 18.87 5.57
CA ILE A 165 8.36 17.81 4.55
C ILE A 165 6.95 17.41 4.15
N TYR A 166 6.65 17.57 2.85
CA TYR A 166 5.34 17.25 2.28
C TYR A 166 5.59 16.06 1.35
N CYS A 167 5.19 14.84 1.78
CA CYS A 167 5.41 13.64 1.10
C CYS A 167 4.17 13.10 0.34
N GLY A 168 4.37 12.07 -0.42
CA GLY A 168 3.30 11.53 -1.27
C GLY A 168 2.16 10.74 -0.62
N HIS A 169 2.37 10.19 0.55
CA HIS A 169 1.30 9.37 1.13
C HIS A 169 1.14 9.57 2.62
N GLU A 170 -0.05 9.18 3.08
CA GLU A 170 -0.48 9.25 4.49
C GLU A 170 -0.24 7.81 5.06
N TYR A 171 1.04 7.46 5.33
CA TYR A 171 1.38 6.13 5.84
C TYR A 171 1.89 6.24 7.29
N THR A 172 1.76 7.45 7.84
CA THR A 172 2.40 7.73 9.12
C THR A 172 2.05 6.80 10.27
N LEU A 173 0.78 6.58 10.47
CA LEU A 173 0.37 5.69 11.56
C LEU A 173 0.87 4.26 11.26
N SER A 174 0.69 3.81 10.00
CA SER A 174 1.16 2.51 9.58
C SER A 174 2.66 2.38 9.86
N ASN A 175 3.44 3.37 9.43
CA ASN A 175 4.91 3.35 9.62
C ASN A 175 5.28 3.36 11.08
N SER A 176 4.58 4.21 11.87
CA SER A 176 4.91 4.29 13.29
C SER A 176 4.88 2.94 14.03
N LYS A 177 4.00 2.02 13.61
CA LYS A 177 3.96 0.73 14.29
C LYS A 177 5.23 -0.08 14.00
N PHE A 178 5.74 0.05 12.79
CA PHE A 178 6.96 -0.70 12.47
C PHE A 178 8.14 -0.02 13.23
N ALA A 179 8.14 1.31 13.31
CA ALA A 179 9.22 2.01 14.02
C ALA A 179 9.17 1.69 15.55
N LEU A 180 7.97 1.55 16.08
CA LEU A 180 7.88 1.27 17.53
C LEU A 180 8.36 -0.14 17.81
N SER A 181 8.30 -1.01 16.81
CA SER A 181 8.80 -2.39 17.03
C SER A 181 10.31 -2.36 17.16
N LEU A 182 10.96 -1.44 16.45
CA LEU A 182 12.43 -1.36 16.48
C LEU A 182 12.97 -0.53 17.65
N GLU A 183 12.48 0.68 17.81
CA GLU A 183 13.02 1.57 18.86
C GLU A 183 11.97 1.84 19.90
N PRO A 184 11.65 0.83 20.69
CA PRO A 184 10.62 1.00 21.71
C PRO A 184 10.98 1.95 22.81
N ASN A 185 12.27 2.25 22.99
CA ASN A 185 12.65 3.17 24.11
C ASN A 185 12.94 4.57 23.62
N ASN A 186 12.65 4.84 22.32
CA ASN A 186 12.87 6.20 21.80
C ASN A 186 11.62 6.97 22.22
N GLU A 187 11.70 7.77 23.29
CA GLU A 187 10.51 8.47 23.78
C GLU A 187 10.02 9.57 22.86
N VAL A 188 10.90 10.11 22.01
CA VAL A 188 10.44 11.09 21.08
C VAL A 188 9.59 10.35 20.09
N LEU A 189 10.04 9.17 19.64
CA LEU A 189 9.22 8.39 18.70
C LEU A 189 7.89 7.99 19.39
N GLN A 190 7.94 7.59 20.68
CA GLN A 190 6.70 7.23 21.36
C GLN A 190 5.79 8.45 21.40
N SER A 191 6.38 9.60 21.68
CA SER A 191 5.64 10.86 21.79
C SER A 191 4.95 11.19 20.49
N TYR A 192 5.71 11.18 19.40
CA TYR A 192 5.14 11.51 18.11
C TYR A 192 4.15 10.44 17.62
N ALA A 193 4.47 9.17 17.83
CA ALA A 193 3.62 8.09 17.40
C ALA A 193 2.26 8.15 18.09
N ALA A 194 2.23 8.54 19.37
CA ALA A 194 0.93 8.62 20.03
C ALA A 194 0.08 9.74 19.43
N HIS A 195 0.69 10.89 19.14
CA HIS A 195 -0.09 11.98 18.56
C HIS A 195 -0.54 11.57 17.14
N VAL A 196 0.27 10.75 16.46
CA VAL A 196 -0.06 10.26 15.10
C VAL A 196 -1.39 9.51 15.14
N ALA A 197 -1.61 8.73 16.18
CA ALA A 197 -2.85 8.00 16.32
C ALA A 197 -4.00 8.99 16.59
N GLU A 198 -3.76 9.99 17.45
CA GLU A 198 -4.80 10.97 17.74
C GLU A 198 -5.30 11.62 16.46
N LEU A 199 -4.38 12.13 15.64
CA LEU A 199 -4.74 12.84 14.38
C LEU A 199 -5.54 11.85 13.49
N ARG A 200 -5.02 10.64 13.35
CA ARG A 200 -5.69 9.65 12.52
C ARG A 200 -7.00 9.15 13.07
N SER A 201 -7.14 9.07 14.41
CA SER A 201 -8.44 8.63 14.95
C SER A 201 -9.52 9.59 14.47
N LYS A 202 -9.20 10.90 14.32
CA LYS A 202 -10.17 11.86 13.77
C LYS A 202 -9.91 12.25 12.30
N LYS A 203 -9.23 11.35 11.58
CA LYS A 203 -8.94 11.51 10.15
C LYS A 203 -8.29 12.85 9.79
N LEU A 204 -7.34 13.28 10.59
CA LEU A 204 -6.56 14.50 10.29
C LEU A 204 -5.20 14.08 9.70
N PRO A 205 -4.51 15.02 9.02
CA PRO A 205 -3.19 14.74 8.43
C PRO A 205 -2.02 14.75 9.39
N THR A 206 -1.03 13.88 9.11
CA THR A 206 0.17 13.87 9.94
C THR A 206 1.28 14.57 9.14
N ILE A 207 0.90 15.18 8.01
CA ILE A 207 1.86 15.83 7.11
C ILE A 207 1.47 17.32 7.12
N PRO A 208 2.45 18.21 7.08
CA PRO A 208 3.89 17.96 6.98
C PRO A 208 4.62 17.42 8.22
N THR A 209 5.76 16.78 7.98
CA THR A 209 6.56 16.40 9.11
C THR A 209 7.77 17.38 8.97
N THR A 210 8.81 17.19 9.80
CA THR A 210 9.98 18.07 9.67
C THR A 210 11.32 17.36 9.49
N VAL A 211 12.36 18.13 9.21
CA VAL A 211 13.66 17.56 9.07
C VAL A 211 14.12 17.26 10.52
N LYS A 212 13.50 17.88 11.52
CA LYS A 212 13.93 17.61 12.88
C LYS A 212 13.25 16.36 13.37
N MET A 213 11.96 16.30 13.16
CA MET A 213 11.21 15.14 13.63
C MET A 213 11.63 13.86 12.97
N GLU A 214 11.90 13.89 11.67
CA GLU A 214 12.24 12.63 11.01
C GLU A 214 13.63 12.16 11.49
N LYS A 215 14.57 13.11 11.68
CA LYS A 215 15.89 12.69 12.19
C LYS A 215 15.70 12.04 13.55
N ALA A 216 14.76 12.57 14.35
CA ALA A 216 14.56 12.04 15.70
C ALA A 216 13.79 10.74 15.74
N CYS A 217 13.05 10.40 14.65
CA CYS A 217 12.21 9.20 14.67
C CYS A 217 12.22 8.20 13.53
N ASN A 218 12.60 8.69 12.34
CA ASN A 218 12.47 7.82 11.18
C ASN A 218 13.56 6.74 11.22
N PRO A 219 13.20 5.45 11.01
CA PRO A 219 14.26 4.41 11.07
C PRO A 219 15.25 4.43 9.96
N PHE A 220 14.80 4.89 8.82
CA PHE A 220 15.71 4.86 7.69
C PHE A 220 16.79 5.90 7.77
N LEU A 221 16.59 6.92 8.62
CA LEU A 221 17.55 7.98 8.83
C LEU A 221 18.39 7.66 10.05
N ARG A 222 18.12 6.51 10.68
CA ARG A 222 18.79 6.11 11.91
C ARG A 222 19.39 4.68 11.73
N SER A 223 19.90 4.39 10.56
CA SER A 223 20.39 3.04 10.27
C SER A 223 21.64 2.59 11.00
N SER A 224 22.26 3.48 11.78
CA SER A 224 23.44 3.07 12.56
C SER A 224 23.02 2.94 14.03
N ASN A 225 21.74 3.21 14.33
CA ASN A 225 21.26 3.11 15.71
C ASN A 225 21.41 1.68 16.27
N THR A 226 22.01 1.52 17.44
CA THR A 226 22.24 0.21 17.99
C THR A 226 20.98 -0.59 18.25
N ASP A 227 19.92 0.07 18.73
CA ASP A 227 18.69 -0.66 19.02
C ASP A 227 18.05 -1.22 17.78
N ILE A 228 17.99 -0.43 16.72
CA ILE A 228 17.42 -0.91 15.46
C ILE A 228 18.32 -2.04 14.92
N ARG A 229 19.66 -1.92 15.03
CA ARG A 229 20.52 -2.99 14.52
C ARG A 229 20.30 -4.33 15.24
N ARG A 230 20.23 -4.29 16.55
CA ARG A 230 19.99 -5.51 17.29
C ARG A 230 18.65 -6.15 16.94
N ALA A 231 17.62 -5.33 16.74
CA ALA A 231 16.27 -5.86 16.37
C ALA A 231 16.29 -6.66 15.05
N LEU A 232 17.05 -6.17 14.06
CA LEU A 232 17.09 -6.86 12.77
C LEU A 232 18.35 -7.65 12.49
N ARG A 233 19.17 -7.79 13.52
CA ARG A 233 20.43 -8.51 13.43
C ARG A 233 21.27 -8.01 12.29
N ILE A 234 21.36 -6.70 12.22
CA ILE A 234 22.21 -6.04 11.24
C ILE A 234 23.61 -5.94 11.91
N PRO A 235 24.66 -6.44 11.24
CA PRO A 235 26.04 -6.42 11.75
C PRO A 235 26.50 -5.03 12.16
N GLU A 236 27.22 -4.95 13.28
CA GLU A 236 27.77 -3.66 13.68
C GLU A 236 28.66 -3.15 12.58
N ALA A 237 29.33 -4.04 11.87
CA ALA A 237 30.22 -3.63 10.79
C ALA A 237 29.54 -2.95 9.60
N ALA A 238 28.41 -3.52 9.16
CA ALA A 238 27.74 -3.07 7.94
C ALA A 238 27.64 -1.57 7.92
N ASP A 239 27.76 -0.96 6.75
CA ASP A 239 27.66 0.48 6.75
C ASP A 239 26.16 0.88 6.78
N GLU A 240 25.90 2.18 6.69
CA GLU A 240 24.52 2.66 6.78
C GLU A 240 23.64 2.27 5.59
N ALA A 241 24.25 2.19 4.42
CA ALA A 241 23.55 1.82 3.20
C ALA A 241 23.10 0.35 3.33
N GLU A 242 23.98 -0.51 3.87
CA GLU A 242 23.58 -1.92 4.06
C GLU A 242 22.48 -2.03 5.13
N ALA A 243 22.62 -1.28 6.24
CA ALA A 243 21.60 -1.34 7.32
C ALA A 243 20.23 -0.88 6.73
N LEU A 244 20.23 0.25 6.04
CA LEU A 244 18.98 0.75 5.45
C LEU A 244 18.32 -0.34 4.60
N GLY A 245 19.11 -1.04 3.77
CA GLY A 245 18.56 -2.10 2.95
C GLY A 245 17.89 -3.24 3.76
N ILE A 246 18.49 -3.63 4.90
CA ILE A 246 17.90 -4.67 5.76
C ILE A 246 16.62 -4.13 6.41
N ILE A 247 16.65 -2.86 6.87
CA ILE A 247 15.47 -2.27 7.47
C ILE A 247 14.34 -2.24 6.44
N ARG A 248 14.68 -1.88 5.20
CA ARG A 248 13.66 -1.75 4.16
C ARG A 248 13.05 -3.09 3.86
N LYS A 249 13.85 -4.13 3.73
CA LYS A 249 13.25 -5.45 3.44
C LYS A 249 12.45 -5.91 4.67
N ALA A 250 12.92 -5.57 5.88
CA ALA A 250 12.19 -6.00 7.07
C ALA A 250 10.83 -5.30 7.15
N LYS A 251 10.76 -4.07 6.63
CA LYS A 251 9.51 -3.32 6.71
C LYS A 251 8.52 -3.85 5.69
N ASP A 252 9.02 -4.14 4.48
CA ASP A 252 8.15 -4.66 3.45
C ASP A 252 7.44 -5.94 3.95
N ASP A 253 8.19 -6.80 4.66
CA ASP A 253 7.67 -8.09 5.07
C ASP A 253 7.10 -8.09 6.51
N PHE A 254 6.82 -6.88 7.02
CA PHE A 254 6.33 -6.71 8.41
C PHE A 254 4.81 -6.96 8.48
N MET B 1 -23.75 -19.90 6.77
CA MET B 1 -22.80 -19.10 7.63
C MET B 1 -22.88 -17.62 7.22
N GLN B 2 -22.97 -16.70 8.17
CA GLN B 2 -23.03 -15.29 7.82
C GLN B 2 -21.57 -14.83 7.82
N ILE B 3 -21.17 -14.16 6.74
CA ILE B 3 -19.81 -13.64 6.59
C ILE B 3 -19.91 -12.12 6.64
N GLU B 4 -19.38 -11.55 7.72
CA GLU B 4 -19.42 -10.11 7.95
C GLU B 4 -18.02 -9.52 7.79
N LEU B 5 -17.90 -8.60 6.81
CA LEU B 5 -16.59 -7.97 6.58
C LEU B 5 -16.44 -6.80 7.53
N VAL B 6 -15.26 -6.74 8.12
CA VAL B 6 -14.97 -5.67 9.07
C VAL B 6 -13.79 -4.81 8.61
N PRO B 7 -14.05 -3.54 8.24
CA PRO B 7 -12.99 -2.64 7.81
C PRO B 7 -12.04 -2.40 8.99
N CYS B 8 -10.73 -2.56 8.73
CA CYS B 8 -9.71 -2.39 9.73
C CYS B 8 -8.61 -1.53 9.14
N LEU B 9 -7.94 -0.77 10.00
CA LEU B 9 -6.85 0.09 9.57
C LEU B 9 -7.41 0.97 8.43
N LYS B 10 -6.64 1.14 7.36
CA LYS B 10 -7.00 2.02 6.25
C LYS B 10 -7.64 1.27 5.09
N ASP B 11 -7.28 0.00 4.94
CA ASP B 11 -7.81 -0.78 3.84
C ASP B 11 -7.73 -2.30 4.06
N ASN B 12 -7.81 -2.69 5.36
CA ASN B 12 -7.84 -4.08 5.70
C ASN B 12 -9.25 -4.60 5.93
N TYR B 13 -9.47 -5.83 5.49
CA TYR B 13 -10.71 -6.53 5.81
C TYR B 13 -10.44 -7.75 6.72
N ALA B 14 -11.18 -7.82 7.83
CA ALA B 14 -11.20 -8.98 8.73
C ALA B 14 -12.61 -9.54 8.43
N TYR B 15 -12.87 -10.81 8.72
CA TYR B 15 -14.18 -11.38 8.45
C TYR B 15 -14.70 -12.14 9.65
N ILE B 16 -15.67 -11.56 10.32
CA ILE B 16 -16.27 -12.22 11.48
C ILE B 16 -17.27 -13.23 10.91
N LEU B 17 -17.08 -14.53 11.22
CA LEU B 17 -17.95 -15.59 10.67
C LEU B 17 -18.99 -15.97 11.73
N HIS B 18 -20.24 -16.17 11.30
CA HIS B 18 -21.33 -16.46 12.22
C HIS B 18 -22.03 -17.77 11.81
N ASP B 19 -21.97 -18.78 12.67
CA ASP B 19 -22.66 -20.03 12.38
C ASP B 19 -24.08 -19.82 12.88
N GLU B 20 -25.04 -20.07 12.01
CA GLU B 20 -26.41 -19.81 12.38
C GLU B 20 -26.94 -20.82 13.37
N ASP B 21 -26.59 -22.09 13.17
CA ASP B 21 -27.05 -23.19 14.04
C ASP B 21 -26.53 -23.14 15.47
N THR B 22 -25.43 -22.45 15.72
CA THR B 22 -24.92 -22.43 17.09
C THR B 22 -24.48 -21.04 17.54
N GLY B 23 -24.49 -20.06 16.68
CA GLY B 23 -24.02 -18.83 17.30
C GLY B 23 -22.51 -18.85 17.49
N THR B 24 -21.84 -19.91 17.01
CA THR B 24 -20.36 -19.95 17.07
C THR B 24 -19.83 -18.77 16.22
N VAL B 25 -18.86 -18.03 16.72
CA VAL B 25 -18.32 -16.88 15.95
C VAL B 25 -16.81 -17.02 15.78
N GLY B 26 -16.32 -16.73 14.57
CA GLY B 26 -14.88 -16.75 14.35
C GLY B 26 -14.49 -15.44 13.71
N VAL B 27 -13.18 -15.07 13.72
CA VAL B 27 -12.74 -13.85 13.02
C VAL B 27 -11.47 -14.21 12.25
N VAL B 28 -11.46 -13.84 10.97
CA VAL B 28 -10.32 -14.07 10.10
C VAL B 28 -9.47 -12.80 10.07
N ASP B 29 -8.17 -12.99 10.25
CA ASP B 29 -7.22 -11.86 10.18
C ASP B 29 -7.60 -10.58 10.91
N PRO B 30 -7.61 -10.62 12.23
CA PRO B 30 -7.93 -9.43 13.03
C PRO B 30 -6.75 -8.47 13.03
N SER B 31 -6.71 -7.57 12.05
CA SER B 31 -5.63 -6.60 11.95
C SER B 31 -5.34 -5.90 13.28
N GLU B 32 -6.42 -5.62 14.02
CA GLU B 32 -6.37 -4.94 15.34
C GLU B 32 -7.61 -5.40 16.09
N ALA B 33 -7.52 -5.45 17.41
CA ALA B 33 -8.67 -5.91 18.17
C ALA B 33 -9.78 -4.87 18.22
N GLU B 34 -9.42 -3.58 18.24
CA GLU B 34 -10.40 -2.50 18.40
C GLU B 34 -11.64 -2.65 17.62
N PRO B 35 -11.52 -2.76 16.29
CA PRO B 35 -12.66 -2.91 15.39
C PRO B 35 -13.48 -4.22 15.63
N ILE B 36 -12.83 -5.29 16.07
CA ILE B 36 -13.52 -6.54 16.29
C ILE B 36 -14.31 -6.52 17.61
N ILE B 37 -13.71 -5.90 18.63
CA ILE B 37 -14.38 -5.73 19.92
C ILE B 37 -15.72 -5.01 19.67
N ASP B 38 -15.70 -3.89 18.94
CA ASP B 38 -16.93 -3.16 18.66
C ASP B 38 -18.01 -4.01 18.07
N SER B 39 -17.74 -4.66 16.95
CA SER B 39 -18.73 -5.49 16.33
C SER B 39 -19.34 -6.49 17.28
N LEU B 40 -18.49 -7.12 18.10
CA LEU B 40 -18.92 -8.11 19.08
C LEU B 40 -19.65 -7.48 20.28
N LYS B 41 -19.18 -6.32 20.74
CA LYS B 41 -19.81 -5.64 21.90
C LYS B 41 -21.17 -5.10 21.50
N ARG B 42 -21.21 -4.42 20.37
CA ARG B 42 -22.46 -3.85 19.86
C ARG B 42 -23.49 -4.96 19.68
N SER B 43 -23.03 -6.12 19.24
CA SER B 43 -23.92 -7.24 19.01
C SER B 43 -24.03 -8.15 20.24
N GLY B 44 -23.31 -7.76 21.29
CA GLY B 44 -23.31 -8.49 22.54
C GLY B 44 -23.02 -9.95 22.32
N ARG B 45 -22.04 -10.25 21.47
CA ARG B 45 -21.65 -11.60 21.15
C ARG B 45 -20.19 -11.85 21.64
N ASN B 46 -19.76 -13.11 21.71
CA ASN B 46 -18.42 -13.44 22.18
C ASN B 46 -17.74 -14.07 21.01
N LEU B 47 -16.44 -14.30 21.09
CA LEU B 47 -15.67 -14.82 19.97
C LEU B 47 -15.19 -16.24 20.26
N THR B 48 -15.37 -17.19 19.32
CA THR B 48 -14.90 -18.55 19.55
C THR B 48 -13.49 -18.76 19.04
N TYR B 49 -13.33 -18.43 17.74
CA TYR B 49 -12.07 -18.68 17.05
C TYR B 49 -11.49 -17.44 16.35
N ILE B 50 -10.19 -17.42 16.23
CA ILE B 50 -9.43 -16.40 15.49
C ILE B 50 -8.69 -17.22 14.45
N LEU B 51 -8.81 -16.83 13.16
CA LEU B 51 -8.14 -17.58 12.08
C LEU B 51 -7.26 -16.57 11.34
N ASN B 52 -5.99 -16.96 11.06
CA ASN B 52 -5.10 -16.04 10.38
C ASN B 52 -4.59 -16.61 9.06
N THR B 53 -4.92 -15.91 7.96
CA THR B 53 -4.44 -16.36 6.65
C THR B 53 -2.94 -16.09 6.61
N HIS B 54 -2.50 -14.96 7.16
CA HIS B 54 -1.07 -14.67 7.08
C HIS B 54 -0.55 -14.26 8.42
N HIS B 55 0.77 -14.04 8.52
CA HIS B 55 1.36 -13.76 9.85
C HIS B 55 1.69 -12.31 10.08
N HIS B 56 1.34 -11.45 9.13
CA HIS B 56 1.73 -10.03 9.17
C HIS B 56 0.98 -9.30 10.25
N TYR B 57 1.66 -8.31 10.82
CA TYR B 57 1.11 -7.51 11.86
C TYR B 57 -0.28 -6.96 11.53
N ASP B 58 -0.42 -6.49 10.28
CA ASP B 58 -1.63 -5.87 9.81
C ASP B 58 -2.75 -6.84 9.53
N HIS B 59 -2.56 -8.07 10.03
CA HIS B 59 -3.47 -9.23 9.93
C HIS B 59 -3.47 -10.08 11.25
N THR B 60 -2.42 -9.93 12.08
CA THR B 60 -2.25 -10.74 13.31
C THR B 60 -2.04 -9.97 14.60
N GLY B 61 -2.02 -8.64 14.48
CA GLY B 61 -1.74 -7.76 15.61
C GLY B 61 -2.83 -7.80 16.64
N GLY B 62 -4.06 -8.06 16.19
CA GLY B 62 -5.15 -8.04 17.12
C GLY B 62 -5.36 -9.38 17.81
N ASN B 63 -4.55 -10.38 17.50
CA ASN B 63 -4.78 -11.71 18.04
C ASN B 63 -4.80 -11.79 19.57
N LEU B 64 -3.61 -11.59 20.15
CA LEU B 64 -3.37 -11.78 21.57
C LEU B 64 -4.39 -11.01 22.38
N GLU B 65 -4.70 -9.81 21.93
CA GLU B 65 -5.66 -9.00 22.66
C GLU B 65 -7.01 -9.68 22.65
N LEU B 66 -7.43 -10.14 21.47
CA LEU B 66 -8.73 -10.79 21.35
C LEU B 66 -8.78 -12.11 22.08
N LYS B 67 -7.70 -12.91 21.97
CA LYS B 67 -7.65 -14.20 22.65
C LYS B 67 -7.70 -13.98 24.17
N ASP B 68 -6.98 -12.97 24.68
CA ASP B 68 -6.99 -12.73 26.13
C ASP B 68 -8.36 -12.21 26.61
N ARG B 69 -9.12 -11.61 25.69
CA ARG B 69 -10.42 -11.13 26.04
C ARG B 69 -11.54 -12.17 26.03
N TYR B 70 -11.55 -13.02 25.00
CA TYR B 70 -12.63 -13.99 24.87
C TYR B 70 -12.26 -15.42 25.15
N GLY B 71 -10.98 -15.66 25.38
CA GLY B 71 -10.54 -17.05 25.51
C GLY B 71 -10.75 -17.79 24.19
N ALA B 72 -10.66 -17.09 23.06
CA ALA B 72 -10.87 -17.70 21.72
C ALA B 72 -9.63 -18.59 21.36
N LYS B 73 -9.78 -19.54 20.40
CA LYS B 73 -8.68 -20.40 20.02
C LYS B 73 -8.28 -19.93 18.64
N VAL B 74 -7.03 -19.54 18.52
CA VAL B 74 -6.39 -19.05 17.27
C VAL B 74 -5.94 -20.23 16.39
N ILE B 75 -6.39 -20.17 15.15
CA ILE B 75 -6.12 -21.22 14.16
C ILE B 75 -5.15 -20.67 13.08
N GLY B 76 -4.07 -21.40 12.81
CA GLY B 76 -3.13 -20.92 11.82
C GLY B 76 -2.30 -22.01 11.16
N SER B 77 -1.37 -21.60 10.32
CA SER B 77 -0.52 -22.51 9.57
C SER B 77 0.59 -23.19 10.39
N ALA B 78 0.65 -24.51 10.30
CA ALA B 78 1.70 -25.25 10.99
C ALA B 78 3.09 -24.90 10.37
N MET B 79 3.11 -24.58 9.07
CA MET B 79 4.38 -24.24 8.40
C MET B 79 4.79 -22.83 8.82
N ASP B 80 4.01 -22.21 9.68
CA ASP B 80 4.32 -20.87 10.12
C ASP B 80 3.98 -20.65 11.59
N LYS B 81 3.83 -21.71 12.40
CA LYS B 81 3.39 -21.58 13.81
C LYS B 81 4.14 -20.54 14.60
N ASP B 82 5.45 -20.59 14.51
CA ASP B 82 6.31 -19.70 15.26
C ASP B 82 6.19 -18.23 14.90
N ARG B 83 5.14 -17.89 14.11
CA ARG B 83 4.92 -16.49 13.69
C ARG B 83 3.47 -15.98 13.77
N ILE B 84 2.55 -16.81 14.28
CA ILE B 84 1.18 -16.39 14.41
C ILE B 84 0.83 -16.14 15.90
N PRO B 85 0.74 -14.87 16.31
CA PRO B 85 0.44 -14.55 17.71
C PRO B 85 -0.67 -15.27 18.44
N GLY B 86 -0.24 -15.95 19.50
CA GLY B 86 -1.17 -16.61 20.39
C GLY B 86 -1.95 -17.72 19.77
N ILE B 87 -1.32 -18.55 18.92
CA ILE B 87 -1.96 -19.69 18.24
C ILE B 87 -2.18 -20.90 19.23
N ASP B 88 -3.18 -21.73 18.88
CA ASP B 88 -3.55 -22.97 19.58
C ASP B 88 -3.60 -24.25 18.70
N MET B 89 -4.02 -24.07 17.45
CA MET B 89 -4.19 -25.15 16.49
C MET B 89 -3.42 -24.85 15.25
N ALA B 90 -2.55 -25.79 14.88
CA ALA B 90 -1.75 -25.60 13.69
C ALA B 90 -2.35 -26.47 12.57
N LEU B 91 -2.45 -25.89 11.36
CA LEU B 91 -3.06 -26.66 10.27
C LEU B 91 -2.17 -26.77 9.04
N LYS B 92 -2.19 -27.96 8.42
CA LYS B 92 -1.36 -28.20 7.27
C LYS B 92 -2.15 -28.19 6.01
N ASP B 93 -1.43 -28.16 4.90
CA ASP B 93 -2.09 -28.20 3.62
C ASP B 93 -3.05 -29.41 3.52
N GLY B 94 -4.22 -29.14 2.96
CA GLY B 94 -5.22 -30.14 2.80
C GLY B 94 -5.87 -30.58 4.11
N ASP B 95 -5.50 -29.96 5.24
CA ASP B 95 -6.21 -30.33 6.49
C ASP B 95 -7.64 -29.84 6.43
N LYS B 96 -8.53 -30.64 7.03
CA LYS B 96 -9.92 -30.32 7.20
C LYS B 96 -10.07 -29.84 8.66
N TRP B 97 -10.83 -28.76 8.87
CA TRP B 97 -11.05 -28.23 10.19
C TRP B 97 -12.53 -27.91 10.29
N MET B 98 -13.12 -28.23 11.45
CA MET B 98 -14.55 -28.00 11.62
C MET B 98 -14.93 -26.72 12.34
N PHE B 99 -15.69 -25.90 11.63
CA PHE B 99 -16.24 -24.65 12.20
C PHE B 99 -17.70 -24.99 12.57
N ALA B 100 -17.95 -25.33 13.85
CA ALA B 100 -19.29 -25.70 14.28
C ALA B 100 -19.89 -26.72 13.32
N GLY B 101 -19.17 -27.76 13.01
CA GLY B 101 -19.76 -28.75 12.11
C GLY B 101 -19.69 -28.49 10.63
N HIS B 102 -19.13 -27.35 10.23
CA HIS B 102 -19.00 -27.07 8.79
C HIS B 102 -17.52 -27.19 8.47
N GLU B 103 -17.23 -27.94 7.43
CA GLU B 103 -15.89 -28.20 7.03
C GLU B 103 -15.13 -27.05 6.40
N VAL B 104 -13.95 -26.81 6.92
CA VAL B 104 -13.06 -25.81 6.34
C VAL B 104 -11.90 -26.61 5.74
N HIS B 105 -11.54 -26.32 4.49
CA HIS B 105 -10.43 -26.98 3.80
C HIS B 105 -9.25 -26.04 3.70
N VAL B 106 -8.15 -26.44 4.34
CA VAL B 106 -6.93 -25.64 4.39
C VAL B 106 -6.08 -25.80 3.12
N MET B 107 -5.63 -24.67 2.57
CA MET B 107 -4.79 -24.73 1.37
C MET B 107 -3.55 -23.88 1.58
N ASP B 108 -2.39 -24.52 1.57
CA ASP B 108 -1.11 -23.76 1.65
C ASP B 108 -1.04 -22.92 0.36
N THR B 109 -0.84 -21.60 0.50
CA THR B 109 -0.78 -20.72 -0.68
C THR B 109 0.39 -19.74 -0.54
N PRO B 110 1.62 -20.26 -0.59
CA PRO B 110 2.83 -19.43 -0.48
C PRO B 110 3.00 -18.51 -1.68
N GLY B 111 3.87 -17.50 -1.50
CA GLY B 111 4.15 -16.56 -2.56
C GLY B 111 4.35 -15.16 -2.05
N HIS B 112 3.29 -14.58 -1.48
CA HIS B 112 3.38 -13.24 -0.91
C HIS B 112 4.21 -13.41 0.34
N THR B 113 4.22 -14.65 0.83
CA THR B 113 5.00 -15.08 2.01
C THR B 113 4.97 -16.58 2.11
N LYS B 114 5.98 -17.17 2.78
CA LYS B 114 6.01 -18.61 2.99
C LYS B 114 5.23 -18.86 4.31
N GLY B 115 4.22 -19.71 4.21
CA GLY B 115 3.38 -20.02 5.35
C GLY B 115 1.92 -19.57 5.23
N HIS B 116 1.67 -18.68 4.28
CA HIS B 116 0.33 -18.15 4.00
C HIS B 116 -0.59 -19.31 3.61
N ILE B 117 -1.79 -19.32 4.15
CA ILE B 117 -2.81 -20.34 3.82
C ILE B 117 -4.08 -19.58 3.42
N SER B 118 -4.97 -20.29 2.72
CA SER B 118 -6.27 -19.77 2.32
C SER B 118 -7.25 -20.81 2.93
N LEU B 119 -8.42 -20.33 3.33
CA LEU B 119 -9.37 -21.17 4.04
C LEU B 119 -10.63 -21.25 3.21
N TYR B 120 -10.94 -22.42 2.65
CA TYR B 120 -12.14 -22.63 1.81
C TYR B 120 -13.25 -23.37 2.56
N PHE B 121 -14.44 -22.77 2.57
CA PHE B 121 -15.64 -23.30 3.24
C PHE B 121 -16.49 -23.82 2.06
N PRO B 122 -16.38 -25.13 1.76
CA PRO B 122 -17.15 -25.64 0.60
C PRO B 122 -18.67 -25.45 0.72
N GLY B 123 -19.18 -25.73 1.90
CA GLY B 123 -20.63 -25.58 2.09
C GLY B 123 -21.09 -24.17 1.92
N SER B 124 -20.16 -23.22 1.97
CA SER B 124 -20.54 -21.83 1.81
C SER B 124 -20.03 -21.35 0.43
N ARG B 125 -19.37 -22.20 -0.35
CA ARG B 125 -18.84 -21.74 -1.64
C ARG B 125 -18.03 -20.42 -1.43
N ALA B 126 -17.25 -20.37 -0.34
CA ALA B 126 -16.47 -19.18 -0.01
C ALA B 126 -15.07 -19.52 0.36
N ILE B 127 -14.13 -18.68 -0.12
CA ILE B 127 -12.74 -18.89 0.29
C ILE B 127 -12.09 -17.57 0.80
N PHE B 128 -11.29 -17.67 1.86
CA PHE B 128 -10.57 -16.49 2.39
C PHE B 128 -9.14 -16.62 1.92
N THR B 129 -8.74 -15.68 1.03
CA THR B 129 -7.45 -15.73 0.36
C THR B 129 -6.38 -14.82 0.93
N GLY B 130 -6.74 -14.05 1.98
CA GLY B 130 -5.76 -13.15 2.56
C GLY B 130 -5.11 -12.23 1.53
N ASP B 131 -3.75 -12.31 1.45
CA ASP B 131 -3.02 -11.48 0.52
C ASP B 131 -2.33 -12.30 -0.57
N THR B 132 -2.92 -13.47 -0.90
CA THR B 132 -2.38 -14.28 -1.95
C THR B 132 -3.06 -13.86 -3.26
N MET B 133 -4.40 -13.78 -3.27
CA MET B 133 -5.11 -13.35 -4.49
C MET B 133 -6.12 -12.25 -4.15
N PHE B 134 -5.87 -11.02 -4.61
CA PHE B 134 -6.79 -9.88 -4.39
C PHE B 134 -7.76 -9.78 -5.56
N SER B 135 -8.81 -8.97 -5.42
CA SER B 135 -9.64 -8.78 -6.61
C SER B 135 -8.83 -7.95 -7.58
N LEU B 136 -8.48 -8.59 -8.70
CA LEU B 136 -7.70 -8.02 -9.79
C LEU B 136 -6.20 -7.96 -9.57
N SER B 137 -5.68 -8.62 -8.50
CA SER B 137 -4.21 -8.64 -8.31
C SER B 137 -3.85 -9.84 -7.44
N CYS B 138 -2.59 -9.94 -7.09
CA CYS B 138 -2.11 -10.99 -6.19
C CYS B 138 -1.23 -10.23 -5.18
N GLY B 139 -0.83 -10.89 -4.11
CA GLY B 139 0.02 -10.20 -3.17
C GLY B 139 1.44 -9.93 -3.68
N LYS B 140 2.08 -8.91 -3.13
CA LYS B 140 3.50 -8.72 -3.48
C LYS B 140 4.24 -9.92 -2.93
N LEU B 141 5.38 -10.30 -3.61
CA LEU B 141 6.11 -11.49 -3.25
C LEU B 141 7.23 -11.19 -2.26
N PHE B 142 6.83 -10.80 -1.04
CA PHE B 142 7.83 -10.41 -0.03
C PHE B 142 8.66 -11.59 0.48
N GLU B 143 8.20 -12.83 0.19
CA GLU B 143 8.90 -14.03 0.58
C GLU B 143 8.92 -15.15 -0.43
N GLY B 144 7.87 -15.34 -1.23
CA GLY B 144 7.84 -16.51 -2.12
C GLY B 144 8.26 -16.18 -3.49
N THR B 145 8.15 -17.20 -4.35
CA THR B 145 8.54 -17.08 -5.73
C THR B 145 7.37 -16.98 -6.69
N PRO B 146 7.62 -16.44 -7.89
CA PRO B 146 6.55 -16.32 -8.88
C PRO B 146 5.92 -17.68 -9.14
N LYS B 147 6.72 -18.76 -9.11
CA LYS B 147 6.22 -20.10 -9.35
C LYS B 147 5.26 -20.53 -8.21
N GLN B 148 5.63 -20.21 -6.97
CA GLN B 148 4.79 -20.56 -5.82
C GLN B 148 3.47 -19.76 -5.89
N MET B 149 3.57 -18.48 -6.25
CA MET B 149 2.33 -17.70 -6.33
C MET B 149 1.41 -18.22 -7.45
N LEU B 150 2.01 -18.54 -8.59
CA LEU B 150 1.22 -19.05 -9.71
C LEU B 150 0.50 -20.33 -9.26
N ALA B 151 1.22 -21.24 -8.61
CA ALA B 151 0.57 -22.47 -8.18
C ALA B 151 -0.50 -22.20 -7.13
N SER B 152 -0.34 -21.12 -6.37
CA SER B 152 -1.31 -20.82 -5.33
C SER B 152 -2.57 -20.21 -5.93
N LEU B 153 -2.39 -19.35 -6.94
CA LEU B 153 -3.51 -18.70 -7.58
C LEU B 153 -4.38 -19.72 -8.37
N GLN B 154 -3.70 -20.62 -9.08
CA GLN B 154 -4.36 -21.67 -9.88
C GLN B 154 -5.06 -22.64 -8.95
N LYS B 155 -4.43 -23.03 -7.84
CA LYS B 155 -5.10 -23.89 -6.86
C LYS B 155 -6.40 -23.18 -6.47
N ILE B 156 -6.30 -21.89 -6.17
CA ILE B 156 -7.48 -21.18 -5.78
C ILE B 156 -8.56 -21.18 -6.87
N THR B 157 -8.15 -20.93 -8.15
CA THR B 157 -9.12 -20.81 -9.27
C THR B 157 -9.61 -22.17 -9.80
N SER B 158 -9.05 -23.25 -9.23
CA SER B 158 -9.53 -24.61 -9.59
C SER B 158 -10.87 -24.82 -8.91
N LEU B 159 -11.21 -23.98 -7.93
CA LEU B 159 -12.52 -24.07 -7.24
C LEU B 159 -13.68 -23.62 -8.19
N PRO B 160 -14.91 -23.95 -7.85
CA PRO B 160 -16.00 -23.53 -8.76
C PRO B 160 -16.10 -22.04 -9.04
N ASP B 161 -16.45 -21.71 -10.28
CA ASP B 161 -16.52 -20.30 -10.63
C ASP B 161 -17.38 -19.43 -9.71
N ASP B 162 -18.43 -20.00 -9.09
CA ASP B 162 -19.33 -19.24 -8.23
C ASP B 162 -18.81 -19.19 -6.78
N THR B 163 -17.52 -19.39 -6.61
CA THR B 163 -16.95 -19.33 -5.30
C THR B 163 -16.65 -17.86 -4.92
N SER B 164 -17.19 -17.37 -3.81
CA SER B 164 -16.91 -16.00 -3.37
C SER B 164 -15.47 -15.94 -2.86
N ILE B 165 -14.76 -14.84 -3.18
CA ILE B 165 -13.39 -14.65 -2.75
C ILE B 165 -13.36 -13.42 -1.83
N TYR B 166 -13.16 -13.69 -0.53
CA TYR B 166 -13.12 -12.62 0.46
C TYR B 166 -11.66 -12.37 0.73
N CYS B 167 -11.11 -11.25 0.20
CA CYS B 167 -9.69 -10.87 0.30
C CYS B 167 -9.21 -10.11 1.55
N GLY B 168 -7.91 -9.97 1.70
CA GLY B 168 -7.37 -9.26 2.88
C GLY B 168 -7.43 -7.74 2.80
N HIS B 169 -7.46 -7.16 1.59
CA HIS B 169 -7.46 -5.70 1.44
C HIS B 169 -8.39 -5.21 0.34
N GLU B 170 -8.78 -3.95 0.46
CA GLU B 170 -9.64 -3.27 -0.52
C GLU B 170 -8.68 -2.53 -1.48
N TYR B 171 -8.07 -3.29 -2.39
CA TYR B 171 -7.15 -2.73 -3.36
C TYR B 171 -7.75 -2.71 -4.79
N THR B 172 -9.00 -3.16 -4.92
CA THR B 172 -9.58 -3.35 -6.25
C THR B 172 -9.51 -2.19 -7.22
N LEU B 173 -9.86 -0.98 -6.76
CA LEU B 173 -9.85 0.14 -7.67
C LEU B 173 -8.44 0.38 -8.18
N SER B 174 -7.47 0.55 -7.29
CA SER B 174 -6.09 0.77 -7.80
C SER B 174 -5.66 -0.35 -8.74
N ASN B 175 -6.04 -1.60 -8.42
CA ASN B 175 -5.69 -2.77 -9.24
C ASN B 175 -6.26 -2.61 -10.67
N SER B 176 -7.47 -2.07 -10.77
CA SER B 176 -8.08 -1.93 -12.08
C SER B 176 -7.32 -0.94 -12.90
N LYS B 177 -6.68 0.04 -12.27
CA LYS B 177 -5.99 1.00 -13.10
C LYS B 177 -4.88 0.28 -13.87
N PHE B 178 -4.15 -0.59 -13.18
CA PHE B 178 -3.08 -1.31 -13.83
C PHE B 178 -3.69 -2.35 -14.78
N ALA B 179 -4.66 -3.12 -14.32
CA ALA B 179 -5.19 -4.14 -15.19
C ALA B 179 -5.63 -3.56 -16.54
N LEU B 180 -6.25 -2.41 -16.55
CA LEU B 180 -6.72 -1.79 -17.80
C LEU B 180 -5.57 -1.27 -18.64
N SER B 181 -4.44 -1.06 -17.99
CA SER B 181 -3.24 -0.57 -18.70
C SER B 181 -2.60 -1.71 -19.52
N LEU B 182 -2.96 -2.96 -19.22
CA LEU B 182 -2.40 -4.10 -19.94
C LEU B 182 -3.37 -4.70 -20.91
N GLU B 183 -4.64 -4.70 -20.53
CA GLU B 183 -5.66 -5.33 -21.34
C GLU B 183 -6.90 -4.42 -21.46
N PRO B 184 -6.70 -3.26 -22.11
CA PRO B 184 -7.78 -2.32 -22.24
C PRO B 184 -8.98 -2.71 -23.06
N ASN B 185 -8.81 -3.69 -23.94
CA ASN B 185 -9.91 -4.14 -24.73
C ASN B 185 -10.72 -5.26 -24.09
N ASN B 186 -10.30 -5.78 -22.91
CA ASN B 186 -11.06 -6.84 -22.20
C ASN B 186 -12.42 -6.20 -21.76
N GLU B 187 -13.53 -6.59 -22.42
CA GLU B 187 -14.84 -5.99 -22.12
C GLU B 187 -15.37 -6.26 -20.73
N VAL B 188 -15.20 -7.48 -20.26
CA VAL B 188 -15.71 -7.79 -18.91
C VAL B 188 -14.90 -6.92 -17.90
N LEU B 189 -13.60 -6.82 -18.12
CA LEU B 189 -12.77 -6.01 -17.18
C LEU B 189 -13.21 -4.55 -17.23
N GLN B 190 -13.50 -4.02 -18.43
CA GLN B 190 -13.97 -2.64 -18.50
C GLN B 190 -15.25 -2.46 -17.68
N SER B 191 -16.21 -3.39 -17.83
CA SER B 191 -17.49 -3.24 -17.11
C SER B 191 -17.24 -3.39 -15.60
N TYR B 192 -16.41 -4.36 -15.24
CA TYR B 192 -16.15 -4.58 -13.83
C TYR B 192 -15.37 -3.41 -13.21
N ALA B 193 -14.43 -2.83 -13.94
CA ALA B 193 -13.66 -1.71 -13.43
C ALA B 193 -14.61 -0.53 -13.22
N ALA B 194 -15.56 -0.36 -14.14
CA ALA B 194 -16.49 0.76 -13.96
C ALA B 194 -17.37 0.54 -12.72
N HIS B 195 -17.80 -0.71 -12.50
CA HIS B 195 -18.64 -1.09 -11.34
C HIS B 195 -17.84 -0.85 -10.03
N VAL B 196 -16.56 -1.25 -10.06
CA VAL B 196 -15.66 -1.04 -8.91
C VAL B 196 -15.51 0.48 -8.62
N ALA B 197 -15.34 1.30 -9.66
CA ALA B 197 -15.21 2.75 -9.44
C ALA B 197 -16.46 3.34 -8.77
N GLU B 198 -17.61 2.86 -9.18
CA GLU B 198 -18.89 3.35 -8.60
C GLU B 198 -18.99 2.88 -7.13
N LEU B 199 -18.68 1.62 -6.87
CA LEU B 199 -18.77 1.10 -5.50
C LEU B 199 -17.85 1.93 -4.64
N ARG B 200 -16.62 2.20 -5.10
CA ARG B 200 -15.67 2.95 -4.28
C ARG B 200 -16.08 4.42 -4.13
N SER B 201 -16.70 5.00 -5.17
CA SER B 201 -17.15 6.40 -5.06
C SER B 201 -18.16 6.55 -3.92
N LYS B 202 -18.89 5.45 -3.62
CA LYS B 202 -19.87 5.44 -2.54
C LYS B 202 -19.28 4.87 -1.23
N LYS B 203 -17.96 4.65 -1.23
CA LYS B 203 -17.26 4.10 -0.07
C LYS B 203 -17.76 2.71 0.33
N LEU B 204 -18.13 1.90 -0.67
CA LEU B 204 -18.62 0.56 -0.37
C LEU B 204 -17.54 -0.47 -0.74
N PRO B 205 -17.63 -1.69 -0.17
CA PRO B 205 -16.66 -2.76 -0.47
C PRO B 205 -16.80 -3.24 -1.89
N THR B 206 -15.76 -3.95 -2.32
CA THR B 206 -15.76 -4.56 -3.63
C THR B 206 -15.83 -6.10 -3.56
N ILE B 207 -15.31 -6.62 -2.45
CA ILE B 207 -15.22 -8.02 -2.21
C ILE B 207 -16.46 -8.37 -1.34
N PRO B 208 -17.01 -9.56 -1.46
CA PRO B 208 -16.51 -10.63 -2.34
C PRO B 208 -16.50 -10.60 -3.83
N THR B 209 -15.39 -11.06 -4.38
CA THR B 209 -15.33 -11.26 -5.83
C THR B 209 -15.60 -12.77 -6.05
N THR B 210 -15.48 -13.22 -7.29
CA THR B 210 -15.68 -14.64 -7.55
C THR B 210 -14.57 -15.24 -8.40
N VAL B 211 -14.48 -16.57 -8.37
CA VAL B 211 -13.47 -17.25 -9.21
C VAL B 211 -13.73 -16.90 -10.66
N LYS B 212 -14.99 -16.77 -11.04
CA LYS B 212 -15.29 -16.45 -12.43
C LYS B 212 -14.77 -15.09 -12.87
N MET B 213 -15.07 -14.05 -12.09
CA MET B 213 -14.61 -12.70 -12.44
C MET B 213 -13.09 -12.66 -12.47
N GLU B 214 -12.44 -13.36 -11.51
CA GLU B 214 -10.98 -13.32 -11.42
C GLU B 214 -10.35 -13.92 -12.66
N LYS B 215 -10.79 -15.12 -13.05
CA LYS B 215 -10.23 -15.71 -14.27
C LYS B 215 -10.50 -14.76 -15.46
N ALA B 216 -11.65 -14.08 -15.44
CA ALA B 216 -12.01 -13.19 -16.55
C ALA B 216 -11.23 -11.87 -16.61
N CYS B 217 -10.87 -11.35 -15.45
CA CYS B 217 -10.24 -10.05 -15.38
C CYS B 217 -8.88 -9.84 -14.75
N ASN B 218 -8.49 -10.71 -13.82
CA ASN B 218 -7.24 -10.58 -13.03
C ASN B 218 -6.06 -10.87 -13.95
N PRO B 219 -5.13 -9.91 -14.10
CA PRO B 219 -4.01 -10.17 -15.01
C PRO B 219 -3.17 -11.33 -14.58
N PHE B 220 -3.04 -11.55 -13.23
CA PHE B 220 -2.19 -12.61 -12.77
C PHE B 220 -2.70 -13.99 -13.11
N LEU B 221 -4.01 -14.06 -13.46
CA LEU B 221 -4.61 -15.35 -13.87
C LEU B 221 -4.66 -15.44 -15.40
N ARG B 222 -4.14 -14.43 -16.09
CA ARG B 222 -4.22 -14.37 -17.56
C ARG B 222 -2.86 -14.10 -18.19
N SER B 223 -1.85 -14.69 -17.56
CA SER B 223 -0.45 -14.45 -17.93
C SER B 223 -0.02 -14.93 -19.31
N SER B 224 -0.93 -15.59 -20.05
CA SER B 224 -0.64 -16.07 -21.39
C SER B 224 -1.30 -15.15 -22.40
N ASN B 225 -2.19 -14.26 -21.92
CA ASN B 225 -2.91 -13.33 -22.79
C ASN B 225 -1.96 -12.59 -23.74
N THR B 226 -2.20 -12.74 -25.03
CA THR B 226 -1.31 -12.09 -25.96
C THR B 226 -1.22 -10.60 -25.77
N ASP B 227 -2.34 -9.98 -25.40
CA ASP B 227 -2.33 -8.54 -25.21
C ASP B 227 -1.49 -8.21 -24.01
N ILE B 228 -1.66 -9.00 -22.94
CA ILE B 228 -0.86 -8.78 -21.74
C ILE B 228 0.61 -9.02 -21.99
N ARG B 229 0.96 -10.09 -22.71
CA ARG B 229 2.35 -10.35 -23.02
C ARG B 229 2.92 -9.29 -23.97
N ARG B 230 2.13 -8.87 -24.95
CA ARG B 230 2.60 -7.86 -25.87
C ARG B 230 2.92 -6.59 -25.06
N ALA B 231 2.07 -6.25 -24.08
CA ALA B 231 2.33 -5.04 -23.31
C ALA B 231 3.67 -5.08 -22.60
N LEU B 232 3.92 -6.15 -21.86
CA LEU B 232 5.17 -6.21 -21.08
C LEU B 232 6.37 -6.88 -21.78
N ARG B 233 6.26 -7.07 -23.10
CA ARG B 233 7.29 -7.68 -23.91
C ARG B 233 7.65 -9.05 -23.29
N ILE B 234 6.62 -9.82 -22.98
CA ILE B 234 6.86 -11.14 -22.45
C ILE B 234 6.92 -12.16 -23.60
N PRO B 235 8.07 -12.77 -23.85
CA PRO B 235 8.21 -13.77 -24.94
C PRO B 235 7.10 -14.80 -24.88
N GLU B 236 6.57 -15.16 -26.05
CA GLU B 236 5.43 -16.09 -26.06
C GLU B 236 5.80 -17.45 -25.47
N ALA B 237 7.04 -17.84 -25.66
CA ALA B 237 7.52 -19.15 -25.22
C ALA B 237 7.66 -19.29 -23.71
N ALA B 238 8.06 -18.20 -23.07
CA ALA B 238 8.25 -18.15 -21.64
C ALA B 238 7.10 -18.76 -20.84
N ASP B 239 7.43 -19.51 -19.78
CA ASP B 239 6.35 -20.14 -19.03
C ASP B 239 5.53 -19.12 -18.22
N GLU B 240 4.43 -19.56 -17.63
CA GLU B 240 3.58 -18.59 -16.92
C GLU B 240 4.19 -18.13 -15.59
N ALA B 241 5.03 -18.95 -14.95
CA ALA B 241 5.67 -18.49 -13.70
C ALA B 241 6.59 -17.33 -14.00
N GLU B 242 7.55 -17.47 -14.94
CA GLU B 242 8.43 -16.31 -15.25
C GLU B 242 7.55 -15.13 -15.67
N ALA B 243 6.55 -15.41 -16.48
CA ALA B 243 5.66 -14.36 -16.92
C ALA B 243 5.02 -13.76 -15.64
N LEU B 244 4.58 -14.60 -14.70
CA LEU B 244 3.96 -14.04 -13.49
C LEU B 244 4.82 -12.92 -12.93
N GLY B 245 6.12 -13.19 -12.86
CA GLY B 245 7.03 -12.19 -12.32
C GLY B 245 6.98 -10.92 -13.14
N ILE B 246 7.04 -11.03 -14.47
CA ILE B 246 6.99 -9.84 -15.30
C ILE B 246 5.78 -8.94 -14.94
N ILE B 247 4.59 -9.50 -14.79
CA ILE B 247 3.43 -8.67 -14.42
C ILE B 247 3.75 -8.06 -12.99
N ARG B 248 3.99 -8.95 -12.03
CA ARG B 248 4.25 -8.55 -10.65
C ARG B 248 5.23 -7.35 -10.60
N LYS B 249 6.32 -7.45 -11.33
CA LYS B 249 7.30 -6.35 -11.30
C LYS B 249 6.72 -5.09 -11.93
N ALA B 250 6.03 -5.26 -13.07
CA ALA B 250 5.42 -4.13 -13.75
C ALA B 250 4.43 -3.46 -12.78
N LYS B 251 3.54 -4.25 -12.18
CA LYS B 251 2.58 -3.63 -11.25
C LYS B 251 3.29 -3.01 -10.03
N ASP B 252 4.28 -3.70 -9.48
CA ASP B 252 5.03 -3.21 -8.32
C ASP B 252 5.59 -1.82 -8.57
N ASP B 253 6.15 -1.65 -9.77
CA ASP B 253 6.75 -0.38 -10.13
C ASP B 253 5.92 0.48 -11.05
N PHE B 254 4.62 0.17 -11.15
CA PHE B 254 3.66 0.91 -12.03
C PHE B 254 3.43 2.29 -11.49
ZN ZN C . 5.71 6.00 -6.19
FE FE D . 2.98 7.22 -4.59
C ACY E . 6.54 1.85 2.91
O ACY E . 7.18 2.26 3.87
OXT ACY E . 6.30 0.56 2.78
CH3 ACY E . 6.03 2.80 1.84
C1 PEG F . -5.88 18.96 16.80
O1 PEG F . -5.68 17.54 17.10
C2 PEG F . -7.21 19.16 16.07
O2 PEG F . -8.30 19.18 17.04
C3 PEG F . -9.58 19.33 16.35
C4 PEG F . -10.83 19.36 17.33
O4 PEG F . -11.33 18.01 17.75
ZN ZN G . 0.90 -9.79 4.05
FE FE H . -2.20 -7.29 3.71
C ACY I . -0.38 -5.23 -5.13
O ACY I . -0.91 -5.60 -6.18
OXT ACY I . 0.75 -4.55 -5.12
CH3 ACY I . -1.01 -5.55 -3.83
N MET A 1 3.72 31.66 0.36
CA MET A 1 2.97 30.61 -0.41
C MET A 1 1.96 29.81 0.46
N GLN A 2 0.77 29.56 -0.07
CA GLN A 2 -0.22 28.78 0.66
C GLN A 2 -0.16 27.34 0.11
N ILE A 3 0.27 26.38 0.94
CA ILE A 3 0.38 24.97 0.49
C ILE A 3 -0.86 24.28 1.03
N GLU A 4 -1.73 23.83 0.15
CA GLU A 4 -2.96 23.16 0.56
C GLU A 4 -2.92 21.68 0.24
N LEU A 5 -3.03 20.83 1.29
CA LEU A 5 -2.97 19.41 1.02
C LEU A 5 -4.29 18.99 0.47
N VAL A 6 -4.27 18.14 -0.56
CA VAL A 6 -5.47 17.63 -1.19
C VAL A 6 -5.44 16.11 -1.15
N PRO A 7 -6.40 15.48 -0.42
CA PRO A 7 -6.44 14.02 -0.38
C PRO A 7 -6.88 13.49 -1.72
N CYS A 8 -6.20 12.42 -2.16
CA CYS A 8 -6.51 11.82 -3.43
C CYS A 8 -6.42 10.31 -3.28
N LEU A 9 -7.23 9.62 -4.09
CA LEU A 9 -7.27 8.16 -4.06
C LEU A 9 -7.44 7.72 -2.61
N LYS A 10 -6.72 6.69 -2.22
CA LYS A 10 -6.82 6.12 -0.87
C LYS A 10 -6.03 6.87 0.20
N ASP A 11 -4.75 7.06 -0.11
CA ASP A 11 -3.85 7.70 0.85
C ASP A 11 -2.85 8.56 0.19
N ASN A 12 -3.20 9.05 -1.00
CA ASN A 12 -2.26 9.94 -1.68
C ASN A 12 -2.47 11.39 -1.27
N TYR A 13 -1.36 12.17 -1.29
CA TYR A 13 -1.48 13.58 -1.12
C TYR A 13 -0.96 14.31 -2.35
N ALA A 14 -1.82 15.13 -2.97
CA ALA A 14 -1.39 16.06 -4.03
C ALA A 14 -1.36 17.43 -3.30
N TYR A 15 -0.56 18.40 -3.77
CA TYR A 15 -0.51 19.70 -3.10
C TYR A 15 -0.82 20.83 -4.05
N ILE A 16 -1.74 21.72 -3.68
CA ILE A 16 -2.03 22.87 -4.55
C ILE A 16 -1.27 24.03 -3.92
N LEU A 17 -0.42 24.64 -4.74
CA LEU A 17 0.42 25.74 -4.31
C LEU A 17 -0.21 27.08 -4.69
N HIS A 18 -0.51 27.93 -3.70
CA HIS A 18 -1.15 29.22 -4.05
C HIS A 18 -0.12 30.33 -3.82
N ASP A 19 0.28 31.05 -4.86
CA ASP A 19 1.22 32.17 -4.64
C ASP A 19 0.42 33.32 -3.95
N GLU A 20 1.04 34.12 -3.08
CA GLU A 20 0.32 35.21 -2.41
C GLU A 20 0.72 36.58 -2.92
N ASP A 21 1.24 36.62 -4.13
CA ASP A 21 1.58 37.91 -4.71
C ASP A 21 1.20 37.93 -6.21
N THR A 22 0.48 36.91 -6.67
CA THR A 22 0.00 36.93 -8.06
C THR A 22 -1.43 36.43 -8.34
N GLY A 23 -1.49 35.13 -8.60
CA GLY A 23 -2.71 34.41 -8.90
C GLY A 23 -2.23 33.07 -9.45
N THR A 24 -0.94 32.83 -9.49
CA THR A 24 -0.45 31.56 -10.01
C THR A 24 -0.72 30.38 -9.08
N VAL A 25 -1.18 29.26 -9.64
CA VAL A 25 -1.46 28.09 -8.82
C VAL A 25 -0.67 26.90 -9.35
N GLY A 26 0.02 26.22 -8.45
CA GLY A 26 0.72 25.02 -8.86
C GLY A 26 -0.01 23.77 -8.30
N VAL A 27 0.24 22.61 -8.92
CA VAL A 27 -0.27 21.32 -8.47
C VAL A 27 0.87 20.25 -8.50
N VAL A 28 1.32 19.90 -7.30
CA VAL A 28 2.36 18.91 -7.11
C VAL A 28 1.64 17.59 -6.99
N ASP A 29 1.99 16.64 -7.84
CA ASP A 29 1.43 15.27 -7.80
C ASP A 29 -0.10 15.12 -7.77
N PRO A 30 -0.78 15.63 -8.83
CA PRO A 30 -2.25 15.50 -8.89
C PRO A 30 -2.66 14.07 -9.24
N SER A 31 -2.85 13.21 -8.23
CA SER A 31 -3.26 11.83 -8.46
C SER A 31 -4.41 11.69 -9.41
N GLU A 32 -5.33 12.63 -9.26
CA GLU A 32 -6.54 12.63 -10.09
C GLU A 32 -6.93 14.09 -10.31
N ALA A 33 -7.82 14.35 -11.26
CA ALA A 33 -8.16 15.72 -11.57
C ALA A 33 -9.26 16.34 -10.74
N GLU A 34 -10.34 15.58 -10.52
CA GLU A 34 -11.51 16.09 -9.80
C GLU A 34 -11.20 16.81 -8.49
N PRO A 35 -10.49 16.15 -7.56
CA PRO A 35 -10.15 16.79 -6.28
C PRO A 35 -9.45 18.16 -6.43
N ILE A 36 -8.54 18.25 -7.39
CA ILE A 36 -7.80 19.49 -7.68
C ILE A 36 -8.78 20.51 -8.27
N ILE A 37 -9.56 20.06 -9.24
CA ILE A 37 -10.60 20.89 -9.88
C ILE A 37 -11.55 21.39 -8.81
N ASP A 38 -12.01 20.47 -7.95
CA ASP A 38 -12.94 20.85 -6.89
C ASP A 38 -12.35 21.98 -6.07
N SER A 39 -11.09 21.82 -5.68
CA SER A 39 -10.41 22.84 -4.91
C SER A 39 -10.17 24.13 -5.69
N LEU A 40 -9.89 24.02 -6.99
CA LEU A 40 -9.67 25.23 -7.79
C LEU A 40 -10.97 26.03 -8.00
N LYS A 41 -12.08 25.31 -8.15
CA LYS A 41 -13.37 25.96 -8.34
C LYS A 41 -13.66 26.79 -7.09
N ARG A 42 -13.11 26.38 -5.95
CA ARG A 42 -13.34 27.10 -4.70
C ARG A 42 -12.73 28.49 -4.77
N SER A 43 -11.42 28.54 -4.95
CA SER A 43 -10.74 29.82 -5.00
C SER A 43 -11.02 30.54 -6.30
N GLY A 44 -11.74 29.87 -7.19
CA GLY A 44 -12.06 30.47 -8.47
C GLY A 44 -10.82 30.81 -9.28
N ARG A 45 -9.74 30.03 -9.13
CA ARG A 45 -8.50 30.27 -9.85
C ARG A 45 -8.26 29.16 -10.88
N ASN A 46 -7.43 29.45 -11.88
CA ASN A 46 -7.08 28.50 -12.95
C ASN A 46 -5.75 27.88 -12.57
N LEU A 47 -5.48 26.69 -13.11
CA LEU A 47 -4.20 25.99 -12.83
C LEU A 47 -3.08 26.41 -13.81
N THR A 48 -1.95 26.94 -13.29
CA THR A 48 -0.84 27.35 -14.17
C THR A 48 0.18 26.25 -14.44
N TYR A 49 0.60 25.64 -13.34
CA TYR A 49 1.63 24.61 -13.35
C TYR A 49 1.26 23.27 -12.70
N ILE A 50 1.81 22.21 -13.25
CA ILE A 50 1.67 20.85 -12.70
C ILE A 50 3.12 20.45 -12.43
N LEU A 51 3.38 19.84 -11.27
CA LEU A 51 4.76 19.40 -10.92
C LEU A 51 4.65 17.94 -10.50
N ASN A 52 5.59 17.13 -11.00
CA ASN A 52 5.59 15.73 -10.67
C ASN A 52 6.89 15.31 -10.04
N THR A 53 6.77 14.63 -8.91
CA THR A 53 7.97 14.14 -8.24
C THR A 53 8.53 12.88 -8.95
N HIS A 54 7.66 12.03 -9.39
CA HIS A 54 8.09 10.80 -10.06
C HIS A 54 6.96 10.28 -11.00
N HIS A 55 7.20 9.23 -11.77
CA HIS A 55 6.29 8.80 -12.83
C HIS A 55 5.09 7.93 -12.50
N HIS A 56 5.12 7.33 -11.31
CA HIS A 56 4.09 6.37 -10.91
C HIS A 56 2.71 6.97 -11.10
N TYR A 57 1.81 6.14 -11.63
CA TYR A 57 0.47 6.59 -11.96
C TYR A 57 -0.25 7.38 -10.86
N ASP A 58 -0.06 6.98 -9.61
CA ASP A 58 -0.72 7.69 -8.50
C ASP A 58 -0.18 9.09 -8.24
N HIS A 59 0.80 9.55 -9.05
CA HIS A 59 1.32 10.92 -8.91
C HIS A 59 1.18 11.70 -10.23
N THR A 60 0.82 10.99 -11.31
CA THR A 60 0.72 11.63 -12.65
C THR A 60 -0.63 11.35 -13.34
N GLY A 61 -1.51 10.62 -12.66
CA GLY A 61 -2.79 10.24 -13.25
C GLY A 61 -3.69 11.37 -13.68
N GLY A 62 -3.56 12.52 -13.01
CA GLY A 62 -4.39 13.67 -13.34
C GLY A 62 -3.76 14.63 -14.34
N ASN A 63 -2.50 14.41 -14.70
CA ASN A 63 -1.77 15.34 -15.57
C ASN A 63 -2.47 15.76 -16.89
N LEU A 64 -2.82 14.77 -17.70
CA LEU A 64 -3.34 15.12 -19.05
C LEU A 64 -4.67 15.83 -18.99
N GLU A 65 -5.55 15.37 -18.10
CA GLU A 65 -6.86 16.01 -18.00
C GLU A 65 -6.69 17.44 -17.49
N LEU A 66 -5.83 17.64 -16.49
CA LEU A 66 -5.63 19.00 -15.97
C LEU A 66 -4.93 19.90 -16.98
N LYS A 67 -3.90 19.38 -17.65
CA LYS A 67 -3.17 20.14 -18.66
C LYS A 67 -4.18 20.59 -19.76
N ASP A 68 -5.04 19.68 -20.22
CA ASP A 68 -6.02 20.04 -21.27
C ASP A 68 -7.12 20.98 -20.73
N ARG A 69 -7.62 20.67 -19.53
CA ARG A 69 -8.68 21.46 -18.92
C ARG A 69 -8.36 22.91 -18.70
N TYR A 70 -7.34 23.13 -17.85
CA TYR A 70 -6.91 24.45 -17.49
C TYR A 70 -5.87 25.06 -18.40
N GLY A 71 -5.35 24.28 -19.34
CA GLY A 71 -4.29 24.77 -20.21
C GLY A 71 -3.01 24.93 -19.42
N ALA A 72 -2.78 24.07 -18.40
CA ALA A 72 -1.58 24.15 -17.55
C ALA A 72 -0.32 23.54 -18.16
N LYS A 73 0.87 23.90 -17.67
CA LYS A 73 2.07 23.25 -18.22
C LYS A 73 2.50 22.14 -17.21
N VAL A 74 3.23 21.12 -17.69
CA VAL A 74 3.75 20.02 -16.81
C VAL A 74 5.28 20.20 -16.70
N ILE A 75 5.76 20.17 -15.45
CA ILE A 75 7.18 20.39 -15.11
C ILE A 75 7.62 19.14 -14.35
N GLY A 76 8.61 18.43 -14.92
CA GLY A 76 9.07 17.21 -14.29
C GLY A 76 10.56 16.93 -14.50
N SER A 77 11.01 15.74 -14.15
CA SER A 77 12.45 15.43 -14.23
C SER A 77 12.99 15.10 -15.62
N ALA A 78 14.15 15.68 -15.98
CA ALA A 78 14.72 15.38 -17.28
C ALA A 78 15.04 13.87 -17.35
N MET A 79 15.42 13.26 -16.23
CA MET A 79 15.70 11.83 -16.26
C MET A 79 14.51 10.96 -16.65
N ASP A 80 13.30 11.48 -16.44
CA ASP A 80 12.09 10.75 -16.69
C ASP A 80 11.24 11.42 -17.72
N LYS A 81 11.84 12.31 -18.51
CA LYS A 81 11.05 13.07 -19.45
C LYS A 81 10.05 12.25 -20.24
N ASP A 82 10.49 11.13 -20.80
CA ASP A 82 9.57 10.33 -21.60
C ASP A 82 8.59 9.52 -20.74
N ARG A 83 8.68 9.66 -19.41
CA ARG A 83 7.79 8.95 -18.49
C ARG A 83 6.76 9.86 -17.79
N ILE A 84 6.89 11.18 -17.93
CA ILE A 84 5.97 12.13 -17.27
C ILE A 84 4.90 12.53 -18.31
N PRO A 85 3.68 12.08 -18.11
CA PRO A 85 2.65 12.43 -19.09
C PRO A 85 2.45 13.91 -19.31
N GLY A 86 2.48 14.27 -20.61
CA GLY A 86 2.22 15.65 -20.98
C GLY A 86 3.24 16.71 -20.58
N ILE A 87 4.47 16.28 -20.25
CA ILE A 87 5.51 17.19 -19.81
C ILE A 87 5.81 18.26 -20.86
N ASP A 88 5.86 19.48 -20.37
CA ASP A 88 6.18 20.62 -21.19
C ASP A 88 7.59 21.10 -20.88
N MET A 89 8.18 20.70 -19.76
CA MET A 89 9.55 21.18 -19.44
C MET A 89 10.22 20.22 -18.47
N ALA A 90 11.45 19.80 -18.79
CA ALA A 90 12.17 18.81 -18.00
C ALA A 90 13.35 19.42 -17.24
N LEU A 91 13.44 19.15 -15.94
CA LEU A 91 14.48 19.77 -15.15
C LEU A 91 15.52 18.81 -14.63
N LYS A 92 16.76 19.19 -14.84
CA LYS A 92 17.91 18.40 -14.41
C LYS A 92 18.19 18.63 -12.96
N ASP A 93 19.00 17.77 -12.35
CA ASP A 93 19.40 17.90 -10.95
C ASP A 93 20.11 19.24 -10.70
N GLY A 94 19.85 19.83 -9.53
CA GLY A 94 20.39 21.13 -9.13
C GLY A 94 19.80 22.33 -9.86
N ASP A 95 18.94 22.11 -10.83
CA ASP A 95 18.35 23.28 -11.50
C ASP A 95 17.56 24.11 -10.53
N LYS A 96 17.44 25.41 -10.86
CA LYS A 96 16.62 26.34 -10.12
C LYS A 96 15.49 26.65 -11.12
N TRP A 97 14.24 26.63 -10.64
CA TRP A 97 13.04 26.94 -11.46
C TRP A 97 12.24 27.97 -10.67
N MET A 98 11.55 28.90 -11.35
CA MET A 98 10.81 29.96 -10.62
C MET A 98 9.29 29.79 -10.66
N PHE A 99 8.69 29.65 -9.49
CA PHE A 99 7.24 29.54 -9.30
C PHE A 99 6.85 30.98 -8.98
N ALA A 100 6.38 31.75 -9.96
CA ALA A 100 6.02 33.14 -9.71
C ALA A 100 7.19 33.84 -9.02
N GLY A 101 8.41 33.65 -9.46
CA GLY A 101 9.44 34.43 -8.76
C GLY A 101 9.91 33.95 -7.39
N HIS A 102 9.55 32.72 -7.06
CA HIS A 102 9.98 32.07 -5.81
C HIS A 102 10.86 30.89 -6.16
N GLU A 103 11.95 30.76 -5.44
CA GLU A 103 12.91 29.68 -5.71
C GLU A 103 12.40 28.27 -5.61
N VAL A 104 12.62 27.49 -6.66
CA VAL A 104 12.27 26.05 -6.68
C VAL A 104 13.59 25.39 -7.08
N HIS A 105 14.25 24.70 -6.13
CA HIS A 105 15.55 24.05 -6.35
C HIS A 105 15.24 22.55 -6.46
N VAL A 106 15.60 21.99 -7.62
CA VAL A 106 15.34 20.59 -7.93
C VAL A 106 16.45 19.73 -7.34
N MET A 107 16.07 18.61 -6.71
CA MET A 107 17.02 17.68 -6.13
C MET A 107 16.72 16.27 -6.62
N ASP A 108 17.62 15.69 -7.44
CA ASP A 108 17.39 14.29 -7.86
C ASP A 108 17.43 13.46 -6.56
N THR A 109 16.46 12.57 -6.38
CA THR A 109 16.37 11.74 -5.18
C THR A 109 16.02 10.30 -5.50
N PRO A 110 16.88 9.61 -6.30
CA PRO A 110 16.66 8.24 -6.67
C PRO A 110 16.54 7.30 -5.46
N GLY A 111 15.88 6.16 -5.65
CA GLY A 111 15.75 5.17 -4.59
C GLY A 111 14.48 4.41 -4.85
N HIS A 112 13.36 5.09 -4.63
CA HIS A 112 12.06 4.44 -4.86
C HIS A 112 11.99 4.18 -6.39
N THR A 113 12.38 5.18 -7.18
CA THR A 113 12.48 5.00 -8.65
C THR A 113 13.75 5.77 -9.04
N LYS A 114 14.21 5.50 -10.27
CA LYS A 114 15.35 6.23 -10.80
C LYS A 114 14.68 7.38 -11.55
N GLY A 115 15.04 8.60 -11.20
CA GLY A 115 14.47 9.75 -11.85
C GLY A 115 13.64 10.58 -10.87
N HIS A 116 13.34 9.98 -9.71
CA HIS A 116 12.56 10.71 -8.70
C HIS A 116 13.29 11.98 -8.30
N ILE A 117 12.53 13.07 -8.20
CA ILE A 117 13.11 14.33 -7.72
C ILE A 117 12.30 14.83 -6.52
N SER A 118 12.89 15.71 -5.71
CA SER A 118 12.16 16.34 -4.60
C SER A 118 12.25 17.84 -4.93
N LEU A 119 11.25 18.62 -4.48
CA LEU A 119 11.22 20.04 -4.84
C LEU A 119 11.43 20.93 -3.62
N TYR A 120 12.49 21.70 -3.63
CA TYR A 120 12.79 22.52 -2.49
C TYR A 120 12.37 23.98 -2.68
N PHE A 121 11.53 24.48 -1.78
CA PHE A 121 11.05 25.89 -1.82
C PHE A 121 11.71 26.52 -0.58
N PRO A 122 12.96 27.01 -0.73
CA PRO A 122 13.65 27.61 0.42
C PRO A 122 12.91 28.75 1.08
N GLY A 123 12.23 29.56 0.25
CA GLY A 123 11.49 30.71 0.78
C GLY A 123 10.35 30.33 1.70
N SER A 124 9.88 29.11 1.55
CA SER A 124 8.77 28.63 2.36
C SER A 124 9.23 27.54 3.33
N ARG A 125 10.53 27.29 3.41
CA ARG A 125 11.11 26.23 4.26
C ARG A 125 10.30 24.95 4.06
N ALA A 126 10.02 24.64 2.79
CA ALA A 126 9.20 23.47 2.45
C ALA A 126 9.84 22.62 1.36
N ILE A 127 9.74 21.29 1.52
CA ILE A 127 10.24 20.40 0.49
C ILE A 127 9.18 19.31 0.22
N PHE A 128 8.91 19.11 -1.07
CA PHE A 128 7.96 18.04 -1.52
C PHE A 128 8.82 16.81 -1.85
N THR A 129 8.68 15.76 -1.01
CA THR A 129 9.53 14.58 -1.16
C THR A 129 8.89 13.40 -1.91
N GLY A 130 7.65 13.57 -2.34
CA GLY A 130 6.99 12.47 -3.08
C GLY A 130 7.09 11.15 -2.32
N ASP A 131 7.60 10.13 -2.99
CA ASP A 131 7.72 8.83 -2.36
C ASP A 131 9.16 8.42 -2.03
N THR A 132 10.01 9.42 -1.76
CA THR A 132 11.40 9.14 -1.39
C THR A 132 11.40 9.10 0.15
N MET A 133 10.92 10.15 0.83
CA MET A 133 10.88 10.11 2.30
C MET A 133 9.48 10.49 2.84
N PHE A 134 8.82 9.53 3.52
CA PHE A 134 7.52 9.81 4.16
C PHE A 134 7.81 10.16 5.61
N SER A 135 6.74 10.42 6.42
CA SER A 135 7.01 10.57 7.85
C SER A 135 7.13 9.14 8.41
N LEU A 136 8.33 8.88 8.96
CA LEU A 136 8.75 7.61 9.59
C LEU A 136 9.12 6.48 8.65
N SER A 137 8.99 6.68 7.33
CA SER A 137 9.44 5.63 6.39
C SER A 137 10.10 6.29 5.17
N CYS A 138 10.46 5.43 4.17
CA CYS A 138 11.02 5.89 2.90
C CYS A 138 10.26 5.08 1.85
N GLY A 139 10.37 5.43 0.55
CA GLY A 139 9.67 4.67 -0.47
C GLY A 139 10.20 3.23 -0.57
N LYS A 140 9.31 2.33 -0.92
CA LYS A 140 9.71 0.94 -1.19
C LYS A 140 10.60 1.04 -2.41
N LEU A 141 11.82 0.49 -2.34
CA LEU A 141 12.79 0.57 -3.44
C LEU A 141 12.29 -0.27 -4.60
N PHE A 142 12.02 0.37 -5.73
CA PHE A 142 11.51 -0.38 -6.86
C PHE A 142 12.53 -0.37 -7.95
N GLU A 143 13.12 0.79 -8.24
CA GLU A 143 14.10 0.87 -9.34
C GLU A 143 15.54 1.09 -8.92
N GLY A 144 15.71 1.51 -7.66
CA GLY A 144 17.05 1.82 -7.12
C GLY A 144 17.43 0.90 -5.97
N THR A 145 18.69 0.95 -5.57
CA THR A 145 19.15 0.11 -4.48
C THR A 145 19.18 0.94 -3.23
N PRO A 146 19.49 0.31 -2.10
CA PRO A 146 19.56 1.04 -0.82
C PRO A 146 20.60 2.11 -0.95
N LYS A 147 21.63 1.91 -1.80
CA LYS A 147 22.65 2.94 -1.90
C LYS A 147 22.08 4.27 -2.39
N GLN A 148 21.24 4.19 -3.41
CA GLN A 148 20.66 5.40 -3.92
C GLN A 148 19.65 6.00 -2.96
N MET A 149 18.77 5.15 -2.42
CA MET A 149 17.82 5.71 -1.46
C MET A 149 18.60 6.39 -0.31
N LEU A 150 19.62 5.76 0.26
CA LEU A 150 20.33 6.42 1.36
C LEU A 150 20.87 7.81 0.95
N ALA A 151 21.45 7.93 -0.25
CA ALA A 151 21.99 9.21 -0.64
C ALA A 151 20.90 10.26 -0.69
N SER A 152 19.77 9.90 -1.32
CA SER A 152 18.65 10.84 -1.47
C SER A 152 18.11 11.28 -0.13
N LEU A 153 18.04 10.35 0.83
CA LEU A 153 17.53 10.72 2.14
C LEU A 153 18.46 11.69 2.83
N GLN A 154 19.77 11.38 2.79
CA GLN A 154 20.74 12.28 3.42
C GLN A 154 20.78 13.63 2.68
N LYS A 155 20.38 13.69 1.39
CA LYS A 155 20.35 14.96 0.70
C LYS A 155 19.19 15.79 1.27
N ILE A 156 18.12 15.07 1.67
CA ILE A 156 16.94 15.72 2.20
C ILE A 156 17.24 16.16 3.61
N THR A 157 17.88 15.32 4.43
CA THR A 157 18.18 15.71 5.81
C THR A 157 19.34 16.74 5.94
N SER A 158 20.00 17.05 4.84
CA SER A 158 21.09 18.06 4.85
C SER A 158 20.45 19.47 4.81
N LEU A 159 19.18 19.55 4.44
CA LEU A 159 18.52 20.85 4.40
C LEU A 159 18.29 21.21 5.87
N PRO A 160 17.90 22.48 6.15
CA PRO A 160 17.67 22.87 7.56
C PRO A 160 16.71 21.95 8.32
N ASP A 161 17.06 21.57 9.55
CA ASP A 161 16.19 20.70 10.35
C ASP A 161 14.76 21.28 10.53
N ASP A 162 14.61 22.60 10.44
CA ASP A 162 13.30 23.19 10.61
C ASP A 162 12.47 23.14 9.31
N THR A 163 12.98 22.53 8.24
CA THR A 163 12.22 22.47 7.00
C THR A 163 11.00 21.52 7.13
N SER A 164 9.90 21.91 6.54
CA SER A 164 8.73 21.05 6.56
C SER A 164 8.79 20.10 5.39
N ILE A 165 8.30 18.88 5.59
CA ILE A 165 8.32 17.83 4.56
C ILE A 165 6.87 17.48 4.18
N TYR A 166 6.50 17.84 2.93
CA TYR A 166 5.15 17.57 2.38
C TYR A 166 5.32 16.30 1.58
N CYS A 167 4.73 15.20 2.11
CA CYS A 167 4.82 13.80 1.67
C CYS A 167 3.81 13.43 0.52
N GLY A 168 4.03 12.29 -0.14
CA GLY A 168 3.11 11.79 -1.21
C GLY A 168 1.98 10.88 -0.67
N HIS A 169 2.21 10.29 0.50
CA HIS A 169 1.18 9.39 1.07
C HIS A 169 0.98 9.50 2.56
N GLU A 170 -0.29 9.42 2.96
CA GLU A 170 -0.62 9.46 4.39
C GLU A 170 -0.30 8.00 4.78
N TYR A 171 0.85 7.75 5.41
CA TYR A 171 1.20 6.38 5.74
C TYR A 171 1.86 6.30 7.07
N THR A 172 1.74 7.37 7.88
CA THR A 172 2.52 7.49 9.12
C THR A 172 2.12 6.61 10.28
N LEU A 173 0.84 6.34 10.40
CA LEU A 173 0.40 5.52 11.53
C LEU A 173 1.00 4.11 11.40
N SER A 174 0.83 3.46 10.24
CA SER A 174 1.35 2.12 10.03
C SER A 174 2.88 2.15 10.19
N ASN A 175 3.51 3.18 9.64
CA ASN A 175 4.98 3.36 9.71
C ASN A 175 5.41 3.44 11.17
N SER A 176 4.62 4.14 11.98
CA SER A 176 4.99 4.26 13.39
C SER A 176 4.95 2.93 14.13
N LYS A 177 4.05 2.02 13.73
CA LYS A 177 3.98 0.73 14.40
C LYS A 177 5.25 -0.10 14.11
N PHE A 178 5.77 0.03 12.91
CA PHE A 178 6.99 -0.73 12.57
C PHE A 178 8.19 -0.04 13.30
N ALA A 179 8.28 1.28 13.22
CA ALA A 179 9.39 1.99 13.86
C ALA A 179 9.52 1.59 15.35
N LEU A 180 8.41 1.63 16.08
CA LEU A 180 8.40 1.27 17.50
C LEU A 180 8.80 -0.23 17.70
N SER A 181 8.42 -1.10 16.77
CA SER A 181 8.83 -2.51 16.94
C SER A 181 10.34 -2.62 16.90
N LEU A 182 10.99 -1.57 16.42
CA LEU A 182 12.46 -1.55 16.33
C LEU A 182 13.12 -0.73 17.42
N GLU A 183 12.48 0.33 17.92
CA GLU A 183 13.13 1.17 18.95
C GLU A 183 12.11 1.72 19.91
N PRO A 184 11.49 0.86 20.69
CA PRO A 184 10.45 1.29 21.63
C PRO A 184 10.92 2.23 22.73
N ASN A 185 12.22 2.30 22.96
CA ASN A 185 12.70 3.17 24.07
C ASN A 185 12.99 4.59 23.59
N ASN A 186 12.56 4.92 22.35
CA ASN A 186 12.76 6.29 21.85
C ASN A 186 11.48 7.08 22.22
N GLU A 187 11.57 7.96 23.23
CA GLU A 187 10.37 8.68 23.68
C GLU A 187 9.85 9.71 22.69
N VAL A 188 10.73 10.36 21.94
CA VAL A 188 10.30 11.32 20.96
C VAL A 188 9.44 10.55 19.99
N LEU A 189 9.88 9.34 19.61
CA LEU A 189 9.06 8.50 18.70
C LEU A 189 7.76 8.06 19.43
N GLN A 190 7.84 7.71 20.73
CA GLN A 190 6.62 7.31 21.44
C GLN A 190 5.59 8.44 21.41
N SER A 191 6.01 9.66 21.75
CA SER A 191 5.09 10.80 21.78
C SER A 191 4.56 11.11 20.37
N TYR A 192 5.48 11.09 19.41
CA TYR A 192 5.04 11.37 18.05
C TYR A 192 4.04 10.30 17.57
N ALA A 193 4.34 9.04 17.82
CA ALA A 193 3.46 7.98 17.38
C ALA A 193 2.09 8.12 18.05
N ALA A 194 2.06 8.55 19.31
CA ALA A 194 0.78 8.74 19.97
C ALA A 194 0.03 9.92 19.36
N HIS A 195 0.74 11.02 19.09
CA HIS A 195 0.07 12.20 18.51
C HIS A 195 -0.50 11.85 17.11
N VAL A 196 0.26 11.06 16.36
CA VAL A 196 -0.18 10.62 15.02
C VAL A 196 -1.48 9.80 15.15
N ALA A 197 -1.52 8.89 16.09
CA ALA A 197 -2.72 8.09 16.30
C ALA A 197 -3.91 9.02 16.62
N GLU A 198 -3.62 10.16 17.26
CA GLU A 198 -4.66 11.11 17.63
C GLU A 198 -5.31 11.69 16.39
N LEU A 199 -4.49 12.31 15.54
CA LEU A 199 -4.92 12.98 14.28
C LEU A 199 -5.71 11.93 13.44
N ARG A 200 -5.12 10.75 13.31
CA ARG A 200 -5.72 9.69 12.53
C ARG A 200 -7.02 9.16 13.09
N SER A 201 -7.19 9.15 14.43
CA SER A 201 -8.48 8.67 14.95
C SER A 201 -9.56 9.62 14.48
N LYS A 202 -9.21 10.92 14.31
CA LYS A 202 -10.18 11.89 13.78
C LYS A 202 -9.93 12.27 12.30
N LYS A 203 -9.29 11.34 11.58
CA LYS A 203 -9.03 11.46 10.13
C LYS A 203 -8.37 12.79 9.72
N LEU A 204 -7.44 13.26 10.53
CA LEU A 204 -6.68 14.45 10.17
C LEU A 204 -5.31 14.01 9.61
N PRO A 205 -4.65 14.90 8.85
CA PRO A 205 -3.34 14.60 8.27
C PRO A 205 -2.24 14.59 9.27
N THR A 206 -1.19 13.81 8.96
CA THR A 206 -0.02 13.78 9.81
C THR A 206 1.11 14.46 9.03
N ILE A 207 0.73 15.04 7.88
CA ILE A 207 1.74 15.66 6.99
C ILE A 207 1.29 17.11 6.82
N PRO A 208 2.23 18.03 6.69
CA PRO A 208 3.67 17.75 6.67
C PRO A 208 4.27 17.40 8.01
N THR A 209 5.48 16.81 7.92
CA THR A 209 6.28 16.56 9.09
C THR A 209 7.47 17.58 8.97
N THR A 210 8.59 17.32 9.65
CA THR A 210 9.75 18.24 9.55
C THR A 210 11.04 17.44 9.56
N VAL A 211 12.12 18.05 9.07
CA VAL A 211 13.40 17.40 9.08
C VAL A 211 13.80 17.02 10.50
N LYS A 212 13.57 17.91 11.48
CA LYS A 212 13.93 17.64 12.86
C LYS A 212 13.21 16.41 13.34
N MET A 213 11.91 16.41 13.17
CA MET A 213 11.14 15.25 13.64
C MET A 213 11.57 13.98 12.97
N GLU A 214 11.91 14.03 11.68
CA GLU A 214 12.25 12.77 11.03
C GLU A 214 13.62 12.24 11.50
N LYS A 215 14.60 13.15 11.68
CA LYS A 215 15.90 12.68 12.17
C LYS A 215 15.69 12.05 13.56
N ALA A 216 14.75 12.61 14.34
CA ALA A 216 14.52 12.11 15.70
C ALA A 216 13.71 10.85 15.77
N CYS A 217 13.04 10.44 14.65
CA CYS A 217 12.19 9.24 14.69
C CYS A 217 12.18 8.23 13.56
N ASN A 218 12.59 8.68 12.36
CA ASN A 218 12.46 7.81 11.20
C ASN A 218 13.55 6.73 11.24
N PRO A 219 13.19 5.45 11.07
CA PRO A 219 14.25 4.41 11.14
C PRO A 219 15.24 4.45 10.03
N PHE A 220 14.77 4.88 8.86
CA PHE A 220 15.69 4.86 7.74
C PHE A 220 16.74 5.93 7.85
N LEU A 221 16.56 6.89 8.76
CA LEU A 221 17.50 7.97 8.99
C LEU A 221 18.31 7.67 10.24
N ARG A 222 18.03 6.54 10.89
CA ARG A 222 18.66 6.20 12.18
C ARG A 222 19.26 4.76 12.14
N SER A 223 19.70 4.34 10.99
CA SER A 223 20.20 2.97 10.77
C SER A 223 21.45 2.56 11.53
N SER A 224 22.28 3.52 11.92
CA SER A 224 23.47 3.12 12.66
C SER A 224 23.03 2.99 14.14
N ASN A 225 21.75 3.24 14.41
CA ASN A 225 21.28 3.13 15.79
C ASN A 225 21.42 1.70 16.32
N THR A 226 22.04 1.52 17.49
CA THR A 226 22.27 0.20 18.01
C THR A 226 20.99 -0.60 18.27
N ASP A 227 19.92 0.06 18.69
CA ASP A 227 18.69 -0.67 18.98
C ASP A 227 18.06 -1.22 17.70
N ILE A 228 18.02 -0.42 16.64
CA ILE A 228 17.48 -0.90 15.37
C ILE A 228 18.32 -2.08 14.83
N ARG A 229 19.65 -1.91 14.62
CA ARG A 229 20.44 -3.04 14.13
C ARG A 229 20.25 -4.33 14.97
N ARG A 230 20.23 -4.18 16.30
CA ARG A 230 20.06 -5.34 17.14
C ARG A 230 18.66 -5.95 16.95
N ALA A 231 17.63 -5.13 16.89
CA ALA A 231 16.26 -5.65 16.67
C ALA A 231 16.12 -6.24 15.25
N LEU A 232 17.16 -6.07 14.42
CA LEU A 232 17.15 -6.61 13.04
C LEU A 232 18.35 -7.47 12.62
N ARG A 233 19.18 -7.81 13.59
CA ARG A 233 20.37 -8.63 13.35
C ARG A 233 21.25 -8.06 12.30
N ILE A 234 21.30 -6.74 12.28
CA ILE A 234 22.18 -6.01 11.37
C ILE A 234 23.55 -5.93 12.08
N PRO A 235 24.59 -6.47 11.46
CA PRO A 235 25.94 -6.48 12.02
C PRO A 235 26.42 -5.07 12.35
N GLU A 236 27.24 -4.99 13.39
CA GLU A 236 27.80 -3.69 13.73
C GLU A 236 28.64 -3.19 12.59
N ALA A 237 29.35 -4.08 11.91
CA ALA A 237 30.20 -3.67 10.79
C ALA A 237 29.44 -3.33 9.53
N ALA A 238 28.12 -3.43 9.54
CA ALA A 238 27.41 -3.12 8.29
C ALA A 238 27.54 -1.65 7.88
N ASP A 239 27.62 -1.37 6.59
CA ASP A 239 27.68 0.03 6.18
C ASP A 239 26.23 0.59 6.18
N GLU A 240 26.11 1.90 5.95
CA GLU A 240 24.86 2.63 5.99
C GLU A 240 23.82 2.14 5.02
N ALA A 241 24.25 1.92 3.80
CA ALA A 241 23.37 1.42 2.77
C ALA A 241 22.90 -0.01 3.12
N GLU A 242 23.79 -0.93 3.56
CA GLU A 242 23.26 -2.27 3.93
C GLU A 242 22.30 -2.18 5.11
N ALA A 243 22.59 -1.37 6.16
CA ALA A 243 21.65 -1.28 7.31
C ALA A 243 20.26 -0.80 6.81
N LEU A 244 20.26 0.28 6.04
CA LEU A 244 18.99 0.81 5.51
C LEU A 244 18.29 -0.27 4.69
N GLY A 245 19.05 -0.96 3.82
CA GLY A 245 18.46 -2.01 3.00
C GLY A 245 17.84 -3.16 3.85
N ILE A 246 18.48 -3.53 4.96
CA ILE A 246 17.95 -4.58 5.87
C ILE A 246 16.66 -4.07 6.51
N ILE A 247 16.63 -2.79 6.89
CA ILE A 247 15.44 -2.21 7.47
C ILE A 247 14.31 -2.20 6.43
N ARG A 248 14.63 -1.80 5.21
CA ARG A 248 13.62 -1.69 4.16
C ARG A 248 13.09 -3.07 3.85
N LYS A 249 13.93 -4.08 3.98
CA LYS A 249 13.47 -5.45 3.70
C LYS A 249 12.50 -5.94 4.76
N ALA A 250 12.83 -5.67 6.02
CA ALA A 250 11.97 -6.10 7.10
C ALA A 250 10.64 -5.34 7.05
N LYS A 251 10.69 -4.03 6.87
CA LYS A 251 9.45 -3.26 6.82
C LYS A 251 8.56 -3.80 5.72
N ASP A 252 9.17 -4.12 4.56
CA ASP A 252 8.38 -4.66 3.48
C ASP A 252 7.62 -5.92 3.91
N ASP A 253 8.27 -6.79 4.69
CA ASP A 253 7.66 -8.07 5.06
C ASP A 253 7.10 -8.06 6.48
N PHE A 254 6.80 -6.84 6.99
CA PHE A 254 6.30 -6.66 8.37
C PHE A 254 4.77 -6.88 8.42
N MET B 1 -23.95 -20.04 7.13
CA MET B 1 -22.95 -19.18 7.83
C MET B 1 -22.98 -17.74 7.25
N GLN B 2 -22.92 -16.75 8.12
CA GLN B 2 -22.95 -15.38 7.68
C GLN B 2 -21.49 -14.94 7.68
N ILE B 3 -21.12 -14.11 6.71
CA ILE B 3 -19.77 -13.55 6.58
C ILE B 3 -19.91 -12.02 6.63
N GLU B 4 -19.39 -11.43 7.71
CA GLU B 4 -19.48 -9.99 7.92
C GLU B 4 -18.13 -9.35 7.64
N LEU B 5 -18.07 -8.45 6.64
CA LEU B 5 -16.82 -7.77 6.30
C LEU B 5 -16.63 -6.64 7.32
N VAL B 6 -15.42 -6.59 7.91
CA VAL B 6 -15.03 -5.57 8.90
C VAL B 6 -13.75 -4.85 8.47
N PRO B 7 -13.88 -3.59 7.99
CA PRO B 7 -12.69 -2.87 7.56
C PRO B 7 -11.91 -2.45 8.80
N CYS B 8 -10.57 -2.55 8.71
CA CYS B 8 -9.70 -2.21 9.81
C CYS B 8 -8.44 -1.52 9.27
N LEU B 9 -7.87 -0.62 10.10
CA LEU B 9 -6.66 0.14 9.75
C LEU B 9 -6.99 1.10 8.58
N LYS B 10 -6.68 0.68 7.35
CA LYS B 10 -6.87 1.53 6.18
C LYS B 10 -7.64 0.79 5.11
N ASP B 11 -7.20 -0.43 4.85
CA ASP B 11 -7.86 -1.21 3.81
C ASP B 11 -8.08 -2.69 4.16
N ASN B 12 -7.88 -3.08 5.41
CA ASN B 12 -8.08 -4.48 5.73
C ASN B 12 -9.52 -4.82 5.84
N TYR B 13 -9.83 -6.03 5.42
CA TYR B 13 -11.17 -6.56 5.67
C TYR B 13 -11.24 -7.76 6.58
N ALA B 14 -10.92 -7.67 7.90
CA ALA B 14 -11.14 -8.89 8.74
C ALA B 14 -12.66 -9.28 8.57
N TYR B 15 -12.97 -10.58 8.65
CA TYR B 15 -14.33 -11.05 8.47
C TYR B 15 -14.81 -11.68 9.75
N ILE B 16 -16.11 -11.51 9.98
CA ILE B 16 -16.80 -12.08 11.14
C ILE B 16 -17.57 -13.27 10.58
N LEU B 17 -17.31 -14.46 11.15
CA LEU B 17 -17.94 -15.71 10.72
C LEU B 17 -19.01 -16.07 11.72
N HIS B 18 -20.25 -16.27 11.24
CA HIS B 18 -21.39 -16.54 12.12
C HIS B 18 -22.05 -17.87 11.71
N ASP B 19 -22.04 -18.84 12.63
CA ASP B 19 -22.69 -20.11 12.35
C ASP B 19 -24.17 -19.94 12.67
N GLU B 20 -25.01 -20.22 11.69
CA GLU B 20 -26.43 -20.03 11.83
C GLU B 20 -27.16 -21.19 12.48
N ASP B 21 -26.70 -21.61 13.65
CA ASP B 21 -27.31 -22.71 14.39
C ASP B 21 -26.71 -22.82 15.78
N THR B 22 -25.46 -22.40 15.96
CA THR B 22 -24.86 -22.52 17.28
C THR B 22 -24.39 -21.18 17.85
N GLY B 23 -24.35 -20.13 17.05
CA GLY B 23 -23.87 -18.92 17.69
C GLY B 23 -22.35 -18.93 17.80
N THR B 24 -21.71 -19.94 17.24
CA THR B 24 -20.23 -19.97 17.23
C THR B 24 -19.75 -18.81 16.34
N VAL B 25 -18.76 -18.06 16.77
CA VAL B 25 -18.25 -16.95 15.95
C VAL B 25 -16.74 -17.03 15.80
N GLY B 26 -16.26 -16.83 14.57
CA GLY B 26 -14.82 -16.82 14.35
C GLY B 26 -14.44 -15.51 13.68
N VAL B 27 -13.16 -15.10 13.75
CA VAL B 27 -12.74 -13.88 13.03
C VAL B 27 -11.49 -14.24 12.22
N VAL B 28 -11.51 -13.87 10.94
CA VAL B 28 -10.38 -14.10 10.04
C VAL B 28 -9.60 -12.81 9.98
N ASP B 29 -8.30 -12.94 10.27
CA ASP B 29 -7.37 -11.80 10.18
C ASP B 29 -7.76 -10.53 10.90
N PRO B 30 -7.82 -10.57 12.21
CA PRO B 30 -8.16 -9.38 13.01
C PRO B 30 -7.00 -8.39 13.05
N SER B 31 -6.98 -7.44 12.11
CA SER B 31 -5.90 -6.44 12.04
C SER B 31 -5.72 -5.68 13.33
N GLU B 32 -6.84 -5.42 13.99
CA GLU B 32 -6.87 -4.71 15.27
C GLU B 32 -8.09 -5.26 16.00
N ALA B 33 -7.96 -5.48 17.31
CA ALA B 33 -9.07 -6.02 18.07
C ALA B 33 -10.23 -5.03 18.17
N GLU B 34 -9.93 -3.72 18.04
CA GLU B 34 -10.94 -2.65 18.13
C GLU B 34 -12.28 -2.92 17.48
N PRO B 35 -12.31 -3.01 16.15
CA PRO B 35 -13.62 -3.25 15.49
C PRO B 35 -14.28 -4.60 15.80
N ILE B 36 -13.48 -5.64 15.93
CA ILE B 36 -14.02 -6.97 16.21
C ILE B 36 -14.86 -6.90 17.49
N ILE B 37 -14.27 -6.32 18.54
CA ILE B 37 -15.00 -6.17 19.81
C ILE B 37 -16.30 -5.34 19.61
N ASP B 38 -16.19 -4.23 18.90
CA ASP B 38 -17.39 -3.42 18.65
C ASP B 38 -18.51 -4.24 18.05
N SER B 39 -18.22 -5.06 17.04
CA SER B 39 -19.27 -5.86 16.42
C SER B 39 -19.86 -6.88 17.36
N LEU B 40 -18.96 -7.65 18.01
CA LEU B 40 -19.38 -8.67 18.94
C LEU B 40 -20.15 -8.05 20.09
N LYS B 41 -19.77 -6.86 20.51
CA LYS B 41 -20.46 -6.19 21.60
C LYS B 41 -21.77 -5.60 21.10
N ARG B 42 -22.10 -5.83 19.83
CA ARG B 42 -23.35 -5.35 19.24
C ARG B 42 -24.28 -6.55 18.95
N SER B 43 -23.72 -7.59 18.38
CA SER B 43 -24.47 -8.80 18.09
C SER B 43 -24.77 -9.59 19.39
N GLY B 44 -24.18 -9.17 20.50
CA GLY B 44 -24.36 -9.89 21.74
C GLY B 44 -23.76 -11.27 21.61
N ARG B 45 -22.51 -11.35 21.17
CA ARG B 45 -21.90 -12.66 21.05
C ARG B 45 -20.43 -12.69 21.54
N ASN B 46 -19.91 -13.87 21.86
CA ASN B 46 -18.52 -13.95 22.32
C ASN B 46 -17.74 -14.54 21.15
N LEU B 47 -16.42 -14.40 21.15
CA LEU B 47 -15.61 -14.88 20.04
C LEU B 47 -15.05 -16.28 20.32
N THR B 48 -15.29 -17.25 19.42
CA THR B 48 -14.81 -18.61 19.65
C THR B 48 -13.39 -18.83 19.14
N TYR B 49 -13.16 -18.31 17.92
CA TYR B 49 -11.88 -18.55 17.27
C TYR B 49 -11.24 -17.26 16.66
N ILE B 50 -10.03 -17.40 16.21
CA ILE B 50 -9.26 -16.34 15.52
C ILE B 50 -8.39 -17.10 14.55
N LEU B 51 -8.71 -16.97 13.24
CA LEU B 51 -7.95 -17.69 12.20
C LEU B 51 -7.14 -16.69 11.40
N ASN B 52 -5.88 -17.02 11.06
CA ASN B 52 -5.05 -16.10 10.32
C ASN B 52 -4.55 -16.70 9.01
N THR B 53 -4.60 -15.90 7.93
CA THR B 53 -4.08 -16.40 6.64
C THR B 53 -2.52 -16.32 6.59
N HIS B 54 -1.94 -15.31 7.27
CA HIS B 54 -0.47 -15.17 7.28
C HIS B 54 -0.01 -14.26 8.43
N HIS B 55 1.31 -14.17 8.63
CA HIS B 55 1.85 -13.52 9.85
C HIS B 55 1.88 -12.02 9.99
N HIS B 56 1.80 -11.33 8.84
CA HIS B 56 1.94 -9.89 8.84
C HIS B 56 1.10 -9.26 9.91
N TYR B 57 1.68 -8.24 10.54
CA TYR B 57 1.07 -7.52 11.62
C TYR B 57 -0.34 -7.02 11.33
N ASP B 58 -0.59 -6.66 10.05
CA ASP B 58 -1.92 -6.20 9.66
C ASP B 58 -2.96 -7.33 9.57
N HIS B 59 -2.54 -8.59 9.80
CA HIS B 59 -3.47 -9.71 9.85
C HIS B 59 -3.52 -10.39 11.20
N THR B 60 -2.50 -10.15 12.04
CA THR B 60 -2.42 -10.79 13.36
C THR B 60 -2.34 -9.82 14.51
N GLY B 61 -2.46 -8.52 14.24
CA GLY B 61 -2.26 -7.53 15.29
C GLY B 61 -3.24 -7.64 16.45
N GLY B 62 -4.47 -8.00 16.11
CA GLY B 62 -5.50 -8.10 17.14
C GLY B 62 -5.53 -9.46 17.84
N ASN B 63 -4.67 -10.40 17.46
CA ASN B 63 -4.73 -11.75 18.02
C ASN B 63 -4.70 -11.88 19.54
N LEU B 64 -3.64 -11.32 20.13
CA LEU B 64 -3.43 -11.51 21.55
C LEU B 64 -4.54 -10.87 22.39
N GLU B 65 -5.00 -9.72 21.94
CA GLU B 65 -6.02 -9.05 22.71
C GLU B 65 -7.36 -9.80 22.68
N LEU B 66 -7.75 -10.22 21.47
CA LEU B 66 -9.02 -10.90 21.33
C LEU B 66 -9.02 -12.20 22.09
N LYS B 67 -7.89 -12.94 22.01
CA LYS B 67 -7.78 -14.21 22.70
C LYS B 67 -7.80 -13.94 24.23
N ASP B 68 -7.08 -12.92 24.69
CA ASP B 68 -7.09 -12.63 26.14
C ASP B 68 -8.49 -12.20 26.62
N ARG B 69 -9.27 -11.61 25.72
CA ARG B 69 -10.61 -11.20 26.09
C ARG B 69 -11.68 -12.30 26.07
N TYR B 70 -11.68 -13.09 25.01
CA TYR B 70 -12.72 -14.10 24.86
C TYR B 70 -12.30 -15.52 25.13
N GLY B 71 -11.01 -15.70 25.37
CA GLY B 71 -10.50 -17.06 25.49
C GLY B 71 -10.70 -17.83 24.18
N ALA B 72 -10.65 -17.13 23.05
CA ALA B 72 -10.85 -17.76 21.70
C ALA B 72 -9.60 -18.61 21.33
N LYS B 73 -9.74 -19.60 20.43
CA LYS B 73 -8.62 -20.45 20.03
C LYS B 73 -8.15 -19.89 18.70
N VAL B 74 -6.84 -19.68 18.59
CA VAL B 74 -6.18 -19.18 17.36
C VAL B 74 -5.79 -20.34 16.44
N ILE B 75 -6.32 -20.24 15.23
CA ILE B 75 -6.10 -21.26 14.18
C ILE B 75 -5.16 -20.68 13.11
N GLY B 76 -4.07 -21.41 12.82
CA GLY B 76 -3.14 -20.90 11.84
C GLY B 76 -2.35 -21.99 11.13
N SER B 77 -1.35 -21.56 10.36
CA SER B 77 -0.53 -22.48 9.59
C SER B 77 0.59 -23.17 10.39
N ALA B 78 0.65 -24.49 10.29
CA ALA B 78 1.72 -25.26 10.94
C ALA B 78 3.07 -24.98 10.20
N MET B 79 3.02 -24.44 8.99
CA MET B 79 4.26 -24.13 8.26
C MET B 79 4.80 -22.79 8.78
N ASP B 80 4.06 -22.11 9.65
CA ASP B 80 4.58 -20.83 10.17
C ASP B 80 4.18 -20.64 11.61
N LYS B 81 4.14 -21.71 12.43
CA LYS B 81 3.71 -21.65 13.83
C LYS B 81 4.39 -20.57 14.64
N ASP B 82 5.73 -20.55 14.52
CA ASP B 82 6.58 -19.63 15.25
C ASP B 82 6.09 -18.20 15.13
N ARG B 83 5.71 -17.76 13.91
CA ARG B 83 5.27 -16.36 13.66
C ARG B 83 3.80 -16.11 13.78
N ILE B 84 3.11 -17.05 14.43
CA ILE B 84 1.69 -16.94 14.61
C ILE B 84 1.45 -16.79 16.13
N PRO B 85 1.39 -15.53 16.62
CA PRO B 85 1.17 -15.22 18.02
C PRO B 85 -0.08 -15.88 18.62
N GLY B 86 0.14 -16.71 19.62
CA GLY B 86 -0.93 -17.38 20.34
C GLY B 86 -1.53 -18.60 19.66
N ILE B 87 -0.92 -19.00 18.56
CA ILE B 87 -1.46 -20.13 17.84
C ILE B 87 -1.72 -21.37 18.74
N ASP B 88 -2.95 -21.91 18.64
CA ASP B 88 -3.39 -23.10 19.40
C ASP B 88 -3.50 -24.37 18.51
N MET B 89 -3.88 -24.15 17.26
CA MET B 89 -4.07 -25.21 16.30
C MET B 89 -3.27 -24.89 15.08
N ALA B 90 -2.34 -25.79 14.76
CA ALA B 90 -1.46 -25.57 13.64
C ALA B 90 -1.83 -26.49 12.50
N LEU B 91 -2.42 -25.91 11.43
CA LEU B 91 -2.92 -26.70 10.33
C LEU B 91 -2.05 -26.75 9.07
N LYS B 92 -1.97 -27.94 8.46
CA LYS B 92 -1.15 -28.12 7.30
C LYS B 92 -2.03 -28.22 6.13
N ASP B 93 -1.47 -27.93 4.93
CA ASP B 93 -2.23 -28.03 3.70
C ASP B 93 -3.03 -29.35 3.64
N GLY B 94 -4.28 -29.26 3.18
CA GLY B 94 -5.12 -30.43 3.09
C GLY B 94 -5.88 -30.85 4.35
N ASP B 95 -5.56 -30.26 5.50
CA ASP B 95 -6.35 -30.67 6.69
C ASP B 95 -7.82 -30.24 6.54
N LYS B 96 -8.67 -30.81 7.37
CA LYS B 96 -10.09 -30.47 7.40
C LYS B 96 -10.42 -30.07 8.82
N TRP B 97 -10.61 -28.76 9.06
CA TRP B 97 -10.93 -28.22 10.36
C TRP B 97 -12.42 -27.93 10.40
N MET B 98 -13.03 -28.18 11.56
CA MET B 98 -14.47 -27.97 11.66
C MET B 98 -14.88 -26.72 12.39
N PHE B 99 -15.57 -25.85 11.66
CA PHE B 99 -16.14 -24.63 12.24
C PHE B 99 -17.61 -24.99 12.58
N ALA B 100 -17.85 -25.49 13.81
CA ALA B 100 -19.18 -25.93 14.22
C ALA B 100 -19.78 -26.88 13.17
N GLY B 101 -19.04 -27.88 12.74
CA GLY B 101 -19.59 -28.79 11.74
C GLY B 101 -19.30 -28.58 10.25
N HIS B 102 -19.35 -27.34 9.78
CA HIS B 102 -19.05 -27.12 8.35
C HIS B 102 -17.55 -27.33 8.25
N GLU B 103 -17.13 -28.03 7.21
CA GLU B 103 -15.76 -28.32 7.05
C GLU B 103 -15.02 -27.19 6.39
N VAL B 104 -13.89 -26.82 6.99
CA VAL B 104 -13.01 -25.82 6.38
C VAL B 104 -11.84 -26.62 5.79
N HIS B 105 -11.50 -26.34 4.53
CA HIS B 105 -10.40 -27.02 3.84
C HIS B 105 -9.22 -26.07 3.72
N VAL B 106 -8.12 -26.46 4.37
CA VAL B 106 -6.89 -25.66 4.38
C VAL B 106 -6.07 -25.80 3.10
N MET B 107 -5.62 -24.65 2.57
CA MET B 107 -4.81 -24.68 1.36
C MET B 107 -3.57 -23.82 1.55
N ASP B 108 -2.40 -24.47 1.61
CA ASP B 108 -1.13 -23.71 1.69
C ASP B 108 -1.06 -22.89 0.38
N THR B 109 -0.85 -21.57 0.51
CA THR B 109 -0.78 -20.72 -0.68
C THR B 109 0.41 -19.75 -0.57
N PRO B 110 1.63 -20.29 -0.64
CA PRO B 110 2.85 -19.48 -0.56
C PRO B 110 2.94 -18.47 -1.71
N GLY B 111 3.66 -17.39 -1.47
CA GLY B 111 3.85 -16.38 -2.51
C GLY B 111 4.17 -15.07 -1.84
N HIS B 112 3.10 -14.46 -1.29
CA HIS B 112 3.24 -13.18 -0.60
C HIS B 112 4.17 -13.49 0.58
N THR B 113 3.85 -14.55 1.34
CA THR B 113 4.74 -15.03 2.42
C THR B 113 4.89 -16.51 2.23
N LYS B 114 5.94 -17.12 2.85
CA LYS B 114 6.10 -18.57 2.80
C LYS B 114 5.40 -19.02 4.11
N GLY B 115 4.31 -19.78 3.96
CA GLY B 115 3.46 -20.23 5.09
C GLY B 115 2.00 -19.69 5.04
N HIS B 116 1.74 -18.79 4.12
CA HIS B 116 0.40 -18.22 3.93
C HIS B 116 -0.56 -19.37 3.58
N ILE B 117 -1.76 -19.34 4.12
CA ILE B 117 -2.81 -20.35 3.82
C ILE B 117 -4.08 -19.58 3.42
N SER B 118 -4.97 -20.29 2.73
CA SER B 118 -6.27 -19.78 2.33
C SER B 118 -7.25 -20.80 2.94
N LEU B 119 -8.43 -20.33 3.32
CA LEU B 119 -9.40 -21.17 4.01
C LEU B 119 -10.64 -21.27 3.14
N TYR B 120 -10.99 -22.48 2.72
CA TYR B 120 -12.17 -22.69 1.85
C TYR B 120 -13.32 -23.36 2.60
N PHE B 121 -14.48 -22.70 2.57
CA PHE B 121 -15.70 -23.17 3.25
C PHE B 121 -16.63 -23.61 2.10
N PRO B 122 -16.53 -24.89 1.67
CA PRO B 122 -17.34 -25.38 0.55
C PRO B 122 -18.86 -25.19 0.79
N GLY B 123 -19.25 -25.33 2.06
CA GLY B 123 -20.66 -25.17 2.41
C GLY B 123 -21.23 -23.80 2.15
N SER B 124 -20.34 -22.80 2.19
CA SER B 124 -20.77 -21.45 1.99
C SER B 124 -20.26 -20.89 0.63
N ARG B 125 -19.67 -21.77 -0.18
CA ARG B 125 -19.11 -21.38 -1.48
C ARG B 125 -18.25 -20.11 -1.28
N ALA B 126 -17.31 -20.18 -0.34
CA ALA B 126 -16.46 -19.02 -0.07
C ALA B 126 -15.07 -19.42 0.31
N ILE B 127 -14.08 -18.62 -0.15
CA ILE B 127 -12.71 -18.90 0.26
C ILE B 127 -12.02 -17.59 0.74
N PHE B 128 -11.32 -17.66 1.88
CA PHE B 128 -10.57 -16.49 2.41
C PHE B 128 -9.15 -16.63 1.92
N THR B 129 -8.74 -15.68 1.05
CA THR B 129 -7.45 -15.74 0.38
C THR B 129 -6.39 -14.82 0.95
N GLY B 130 -6.74 -14.09 2.02
CA GLY B 130 -5.77 -13.18 2.61
C GLY B 130 -5.15 -12.26 1.57
N ASP B 131 -3.78 -12.26 1.52
CA ASP B 131 -3.09 -11.42 0.57
C ASP B 131 -2.48 -12.23 -0.59
N THR B 132 -3.03 -13.47 -0.79
CA THR B 132 -2.59 -14.26 -1.90
C THR B 132 -3.32 -13.76 -3.14
N MET B 133 -4.65 -13.75 -3.12
CA MET B 133 -5.37 -13.23 -4.29
C MET B 133 -6.29 -12.12 -3.87
N PHE B 134 -6.19 -10.96 -4.54
CA PHE B 134 -7.09 -9.81 -4.30
C PHE B 134 -8.01 -9.75 -5.53
N SER B 135 -8.84 -8.70 -5.62
CA SER B 135 -9.62 -8.51 -6.85
C SER B 135 -8.73 -7.81 -7.87
N LEU B 136 -8.39 -8.51 -8.95
CA LEU B 136 -7.54 -7.99 -10.03
C LEU B 136 -6.05 -7.90 -9.72
N SER B 137 -5.55 -8.69 -8.74
CA SER B 137 -4.11 -8.69 -8.48
C SER B 137 -3.79 -9.83 -7.53
N CYS B 138 -2.53 -9.96 -7.18
CA CYS B 138 -2.14 -10.97 -6.20
C CYS B 138 -1.24 -10.22 -5.21
N GLY B 139 -0.84 -10.87 -4.13
CA GLY B 139 0.01 -10.18 -3.17
C GLY B 139 1.43 -9.92 -3.67
N LYS B 140 2.05 -8.88 -3.13
CA LYS B 140 3.48 -8.69 -3.47
C LYS B 140 4.21 -9.90 -2.94
N LEU B 141 5.32 -10.29 -3.64
CA LEU B 141 6.06 -11.50 -3.30
C LEU B 141 7.19 -11.19 -2.32
N PHE B 142 6.81 -10.95 -1.06
CA PHE B 142 7.84 -10.60 -0.10
C PHE B 142 8.73 -11.79 0.27
N GLU B 143 8.16 -13.00 0.31
CA GLU B 143 8.95 -14.16 0.67
C GLU B 143 9.00 -15.23 -0.40
N GLY B 144 7.91 -15.46 -1.12
CA GLY B 144 7.88 -16.57 -2.07
C GLY B 144 8.30 -16.18 -3.44
N THR B 145 8.21 -17.17 -4.34
CA THR B 145 8.59 -16.99 -5.71
C THR B 145 7.39 -16.89 -6.66
N PRO B 146 7.64 -16.43 -7.88
CA PRO B 146 6.56 -16.32 -8.87
C PRO B 146 5.94 -17.68 -9.11
N LYS B 147 6.76 -18.74 -9.17
CA LYS B 147 6.25 -20.09 -9.39
C LYS B 147 5.31 -20.50 -8.26
N GLN B 148 5.69 -20.17 -7.02
CA GLN B 148 4.84 -20.51 -5.87
C GLN B 148 3.53 -19.72 -5.95
N MET B 149 3.63 -18.42 -6.24
CA MET B 149 2.39 -17.64 -6.31
C MET B 149 1.50 -18.13 -7.44
N LEU B 150 2.08 -18.33 -8.62
CA LEU B 150 1.28 -18.83 -9.75
C LEU B 150 0.60 -20.15 -9.35
N ALA B 151 1.32 -21.04 -8.64
CA ALA B 151 0.70 -22.31 -8.23
C ALA B 151 -0.40 -22.10 -7.19
N SER B 152 -0.22 -21.10 -6.33
CA SER B 152 -1.22 -20.84 -5.29
C SER B 152 -2.48 -20.25 -5.90
N LEU B 153 -2.32 -19.38 -6.92
CA LEU B 153 -3.45 -18.75 -7.56
C LEU B 153 -4.29 -19.79 -8.35
N GLN B 154 -3.61 -20.73 -9.00
CA GLN B 154 -4.24 -21.80 -9.77
C GLN B 154 -5.00 -22.74 -8.85
N LYS B 155 -4.47 -23.02 -7.66
CA LYS B 155 -5.24 -23.87 -6.72
C LYS B 155 -6.55 -23.15 -6.39
N ILE B 156 -6.45 -21.86 -6.13
CA ILE B 156 -7.66 -21.13 -5.79
C ILE B 156 -8.66 -21.13 -6.96
N THR B 157 -8.17 -20.92 -8.21
CA THR B 157 -9.08 -20.81 -9.37
C THR B 157 -9.56 -22.19 -9.87
N SER B 158 -8.99 -23.25 -9.29
CA SER B 158 -9.47 -24.61 -9.63
C SER B 158 -10.82 -24.82 -8.92
N LEU B 159 -11.09 -24.12 -7.83
CA LEU B 159 -12.38 -24.24 -7.11
C LEU B 159 -13.51 -23.83 -8.08
N PRO B 160 -14.78 -24.13 -7.74
CA PRO B 160 -15.90 -23.78 -8.62
C PRO B 160 -15.97 -22.30 -8.98
N ASP B 161 -16.32 -22.03 -10.23
CA ASP B 161 -16.38 -20.66 -10.69
C ASP B 161 -17.26 -19.80 -9.79
N ASP B 162 -18.27 -20.41 -9.18
CA ASP B 162 -19.16 -19.63 -8.34
C ASP B 162 -18.55 -19.26 -7.00
N THR B 163 -17.46 -19.93 -6.59
CA THR B 163 -16.79 -19.63 -5.34
C THR B 163 -16.57 -18.10 -5.16
N SER B 164 -16.82 -17.62 -3.95
CA SER B 164 -16.65 -16.21 -3.55
C SER B 164 -15.31 -16.04 -2.88
N ILE B 165 -14.56 -15.00 -3.29
CA ILE B 165 -13.25 -14.72 -2.73
C ILE B 165 -13.40 -13.47 -1.85
N TYR B 166 -12.85 -13.52 -0.63
CA TYR B 166 -12.98 -12.37 0.28
C TYR B 166 -11.61 -11.71 0.50
N CYS B 167 -11.05 -11.12 -0.57
CA CYS B 167 -9.67 -10.45 -0.68
C CYS B 167 -9.21 -9.91 0.78
N GLY B 168 -7.92 -9.98 1.14
CA GLY B 168 -7.44 -9.50 2.43
C GLY B 168 -7.58 -8.02 2.57
N HIS B 169 -7.62 -7.29 1.43
CA HIS B 169 -7.70 -5.83 1.51
C HIS B 169 -8.53 -5.23 0.37
N GLU B 170 -8.89 -3.96 0.51
CA GLU B 170 -9.64 -3.23 -0.52
C GLU B 170 -8.56 -2.61 -1.40
N TYR B 171 -8.13 -3.36 -2.43
CA TYR B 171 -7.13 -2.87 -3.36
C TYR B 171 -7.69 -2.84 -4.80
N THR B 172 -8.96 -3.20 -4.96
CA THR B 172 -9.52 -3.35 -6.30
C THR B 172 -9.43 -2.16 -7.27
N LEU B 173 -9.87 -0.99 -6.83
CA LEU B 173 -9.86 0.15 -7.70
C LEU B 173 -8.42 0.42 -8.16
N SER B 174 -7.46 0.46 -7.26
CA SER B 174 -6.09 0.69 -7.74
C SER B 174 -5.61 -0.40 -8.71
N ASN B 175 -5.99 -1.67 -8.42
CA ASN B 175 -5.63 -2.81 -9.24
C ASN B 175 -6.26 -2.70 -10.66
N SER B 176 -7.48 -2.18 -10.71
CA SER B 176 -8.18 -2.07 -11.99
C SER B 176 -7.49 -1.11 -12.89
N LYS B 177 -6.86 -0.07 -12.32
CA LYS B 177 -6.22 0.88 -13.23
C LYS B 177 -5.05 0.21 -13.91
N PHE B 178 -4.33 -0.62 -13.17
CA PHE B 178 -3.20 -1.31 -13.80
C PHE B 178 -3.76 -2.34 -14.79
N ALA B 179 -4.68 -3.19 -14.35
CA ALA B 179 -5.15 -4.22 -15.26
C ALA B 179 -5.61 -3.63 -16.61
N LEU B 180 -6.24 -2.47 -16.58
CA LEU B 180 -6.74 -1.84 -17.81
C LEU B 180 -5.61 -1.29 -18.65
N SER B 181 -4.47 -1.06 -18.01
CA SER B 181 -3.29 -0.55 -18.71
C SER B 181 -2.61 -1.68 -19.50
N LEU B 182 -2.96 -2.93 -19.20
CA LEU B 182 -2.36 -4.07 -19.91
C LEU B 182 -3.33 -4.70 -20.87
N GLU B 183 -4.60 -4.70 -20.51
CA GLU B 183 -5.59 -5.37 -21.33
C GLU B 183 -6.86 -4.49 -21.46
N PRO B 184 -6.68 -3.32 -22.09
CA PRO B 184 -7.80 -2.39 -22.25
C PRO B 184 -8.99 -2.86 -23.07
N ASN B 185 -8.74 -3.80 -23.96
CA ASN B 185 -9.82 -4.31 -24.76
C ASN B 185 -10.63 -5.40 -24.09
N ASN B 186 -10.23 -5.88 -22.90
CA ASN B 186 -11.00 -6.93 -22.17
C ASN B 186 -12.35 -6.26 -21.74
N GLU B 187 -13.46 -6.62 -22.40
CA GLU B 187 -14.76 -6.00 -22.08
C GLU B 187 -15.31 -6.30 -20.70
N VAL B 188 -15.16 -7.54 -20.26
CA VAL B 188 -15.68 -7.87 -18.92
C VAL B 188 -14.90 -7.02 -17.90
N LEU B 189 -13.59 -6.88 -18.11
CA LEU B 189 -12.77 -6.08 -17.16
C LEU B 189 -13.20 -4.62 -17.23
N GLN B 190 -13.51 -4.11 -18.43
CA GLN B 190 -13.97 -2.73 -18.52
C GLN B 190 -15.27 -2.54 -17.69
N SER B 191 -16.23 -3.45 -17.83
CA SER B 191 -17.50 -3.27 -17.12
C SER B 191 -17.26 -3.44 -15.60
N TYR B 192 -16.45 -4.42 -15.25
CA TYR B 192 -16.18 -4.65 -13.84
C TYR B 192 -15.40 -3.48 -13.22
N ALA B 193 -14.46 -2.90 -13.95
CA ALA B 193 -13.69 -1.78 -13.42
C ALA B 193 -14.63 -0.59 -13.21
N ALA B 194 -15.48 -0.31 -14.20
CA ALA B 194 -16.38 0.82 -14.01
C ALA B 194 -17.26 0.60 -12.76
N HIS B 195 -17.74 -0.64 -12.56
CA HIS B 195 -18.58 -1.02 -11.40
C HIS B 195 -17.78 -0.81 -10.08
N VAL B 196 -16.51 -1.22 -10.13
CA VAL B 196 -15.58 -1.04 -9.00
C VAL B 196 -15.49 0.44 -8.59
N ALA B 197 -15.26 1.37 -9.53
CA ALA B 197 -15.20 2.78 -9.14
C ALA B 197 -16.58 3.27 -8.69
N GLU B 198 -17.64 2.67 -9.21
CA GLU B 198 -19.01 3.06 -8.78
C GLU B 198 -19.12 2.77 -7.26
N LEU B 199 -18.79 1.54 -6.86
CA LEU B 199 -18.84 1.20 -5.43
C LEU B 199 -17.90 2.09 -4.63
N ARG B 200 -16.66 2.25 -5.09
CA ARG B 200 -15.71 3.05 -4.33
C ARG B 200 -16.13 4.51 -4.27
N SER B 201 -16.89 5.00 -5.26
CA SER B 201 -17.37 6.40 -5.18
C SER B 201 -18.38 6.54 -4.03
N LYS B 202 -19.02 5.42 -3.67
CA LYS B 202 -19.99 5.40 -2.57
C LYS B 202 -19.38 4.90 -1.26
N LYS B 203 -18.07 4.71 -1.27
CA LYS B 203 -17.34 4.23 -0.11
C LYS B 203 -17.78 2.85 0.34
N LEU B 204 -18.21 2.01 -0.60
CA LEU B 204 -18.65 0.66 -0.24
C LEU B 204 -17.52 -0.32 -0.62
N PRO B 205 -17.63 -1.58 -0.17
CA PRO B 205 -16.60 -2.56 -0.52
C PRO B 205 -16.68 -2.78 -2.01
N THR B 206 -15.74 -3.61 -2.45
CA THR B 206 -15.68 -4.05 -3.80
C THR B 206 -15.72 -5.54 -3.85
N ILE B 207 -15.74 -6.17 -2.70
CA ILE B 207 -15.72 -7.59 -2.75
C ILE B 207 -17.11 -7.92 -2.19
N PRO B 208 -17.47 -9.19 -2.03
CA PRO B 208 -16.67 -10.37 -2.32
C PRO B 208 -16.60 -10.64 -3.77
N THR B 209 -15.41 -10.59 -4.37
CA THR B 209 -15.39 -11.03 -5.78
C THR B 209 -15.67 -12.57 -5.89
N THR B 210 -15.44 -13.16 -7.06
CA THR B 210 -15.61 -14.60 -7.19
C THR B 210 -14.54 -15.19 -8.16
N VAL B 211 -14.44 -16.51 -8.22
CA VAL B 211 -13.48 -17.12 -9.16
C VAL B 211 -13.80 -16.72 -10.60
N LYS B 212 -15.07 -16.78 -10.99
CA LYS B 212 -15.36 -16.43 -12.38
C LYS B 212 -14.92 -15.02 -12.82
N MET B 213 -15.22 -14.01 -12.02
CA MET B 213 -14.80 -12.67 -12.40
C MET B 213 -13.27 -12.57 -12.46
N GLU B 214 -12.55 -13.26 -11.54
CA GLU B 214 -11.07 -13.10 -11.52
C GLU B 214 -10.42 -13.80 -12.72
N LYS B 215 -11.00 -14.92 -13.17
CA LYS B 215 -10.45 -15.57 -14.35
C LYS B 215 -10.54 -14.62 -15.57
N ALA B 216 -11.67 -13.94 -15.71
CA ALA B 216 -11.91 -13.07 -16.85
C ALA B 216 -11.22 -11.70 -16.80
N CYS B 217 -10.81 -11.32 -15.59
CA CYS B 217 -10.24 -10.00 -15.37
C CYS B 217 -8.88 -9.79 -14.74
N ASN B 218 -8.47 -10.69 -13.84
CA ASN B 218 -7.23 -10.57 -13.06
C ASN B 218 -6.03 -10.87 -13.97
N PRO B 219 -5.09 -9.93 -14.10
CA PRO B 219 -3.95 -10.21 -15.00
C PRO B 219 -3.12 -11.37 -14.57
N PHE B 220 -3.00 -11.58 -13.22
CA PHE B 220 -2.15 -12.63 -12.75
C PHE B 220 -2.69 -14.03 -13.04
N LEU B 221 -3.99 -14.10 -13.41
CA LEU B 221 -4.59 -15.40 -13.77
C LEU B 221 -4.65 -15.51 -15.32
N ARG B 222 -4.12 -14.51 -15.99
CA ARG B 222 -4.18 -14.42 -17.47
C ARG B 222 -2.79 -14.21 -18.05
N SER B 223 -1.81 -14.86 -17.42
CA SER B 223 -0.41 -14.69 -17.77
C SER B 223 -0.01 -15.16 -19.17
N SER B 224 -0.89 -15.92 -19.83
CA SER B 224 -0.64 -16.33 -21.22
C SER B 224 -1.39 -15.47 -22.22
N ASN B 225 -2.20 -14.52 -21.71
CA ASN B 225 -2.95 -13.65 -22.60
C ASN B 225 -2.05 -12.91 -23.58
N THR B 226 -2.49 -12.77 -24.84
CA THR B 226 -1.66 -12.08 -25.81
C THR B 226 -1.50 -10.59 -25.64
N ASP B 227 -2.57 -9.87 -25.31
CA ASP B 227 -2.44 -8.43 -25.15
C ASP B 227 -1.53 -8.10 -23.98
N ILE B 228 -1.65 -8.88 -22.90
CA ILE B 228 -0.80 -8.66 -21.72
C ILE B 228 0.66 -8.91 -22.05
N ARG B 229 0.95 -10.00 -22.76
CA ARG B 229 2.30 -10.29 -23.16
C ARG B 229 2.84 -9.21 -24.09
N ARG B 230 1.99 -8.67 -24.97
CA ARG B 230 2.46 -7.64 -25.87
C ARG B 230 2.88 -6.39 -25.08
N ALA B 231 1.99 -5.93 -24.21
CA ALA B 231 2.22 -4.73 -23.43
C ALA B 231 3.48 -4.82 -22.55
N LEU B 232 3.79 -6.02 -22.09
CA LEU B 232 4.94 -6.18 -21.18
C LEU B 232 6.17 -6.86 -21.82
N ARG B 233 6.12 -7.02 -23.16
CA ARG B 233 7.16 -7.62 -23.95
C ARG B 233 7.54 -8.98 -23.33
N ILE B 234 6.52 -9.75 -22.97
CA ILE B 234 6.77 -11.08 -22.46
C ILE B 234 6.85 -12.08 -23.62
N PRO B 235 8.02 -12.70 -23.84
CA PRO B 235 8.19 -13.66 -24.95
C PRO B 235 7.11 -14.73 -24.91
N GLU B 236 6.59 -15.07 -26.09
CA GLU B 236 5.50 -16.05 -26.14
C GLU B 236 5.93 -17.39 -25.53
N ALA B 237 7.20 -17.73 -25.72
CA ALA B 237 7.74 -19.03 -25.27
C ALA B 237 7.75 -19.20 -23.74
N ALA B 238 8.12 -18.12 -23.07
CA ALA B 238 8.20 -18.06 -21.65
C ALA B 238 6.96 -18.62 -20.95
N ASP B 239 7.22 -19.44 -19.92
CA ASP B 239 6.14 -20.10 -19.19
C ASP B 239 5.34 -19.07 -18.39
N GLU B 240 4.31 -19.53 -17.67
CA GLU B 240 3.46 -18.54 -16.97
C GLU B 240 4.07 -18.06 -15.66
N ALA B 241 4.95 -18.83 -15.04
CA ALA B 241 5.58 -18.32 -13.80
C ALA B 241 6.50 -17.18 -14.19
N GLU B 242 7.26 -17.31 -15.29
CA GLU B 242 8.15 -16.21 -15.67
C GLU B 242 7.30 -14.98 -16.03
N ALA B 243 6.22 -15.23 -16.76
CA ALA B 243 5.31 -14.18 -17.17
C ALA B 243 4.72 -13.48 -15.90
N LEU B 244 4.20 -14.25 -14.95
CA LEU B 244 3.63 -13.66 -13.71
C LEU B 244 4.70 -12.84 -13.01
N GLY B 245 5.95 -13.35 -12.98
CA GLY B 245 7.01 -12.62 -12.31
C GLY B 245 7.21 -11.24 -12.93
N ILE B 246 7.10 -11.12 -14.25
CA ILE B 246 7.32 -9.86 -14.91
C ILE B 246 6.08 -8.96 -14.71
N ILE B 247 4.87 -9.54 -14.75
CA ILE B 247 3.64 -8.75 -14.56
C ILE B 247 3.69 -8.13 -13.13
N ARG B 248 4.17 -8.93 -12.17
CA ARG B 248 4.22 -8.49 -10.77
C ARG B 248 5.21 -7.32 -10.66
N LYS B 249 6.35 -7.45 -11.31
CA LYS B 249 7.33 -6.36 -11.23
C LYS B 249 6.79 -5.09 -11.88
N ALA B 250 6.09 -5.28 -13.01
CA ALA B 250 5.47 -4.16 -13.70
C ALA B 250 4.43 -3.52 -12.78
N LYS B 251 3.65 -4.35 -12.07
CA LYS B 251 2.61 -3.74 -11.19
C LYS B 251 3.22 -2.97 -10.03
N ASP B 252 4.25 -3.55 -9.43
CA ASP B 252 4.91 -2.89 -8.31
C ASP B 252 5.38 -1.49 -8.69
N ASP B 253 5.99 -1.38 -9.88
CA ASP B 253 6.55 -0.11 -10.36
C ASP B 253 5.64 0.74 -11.25
N PHE B 254 4.34 0.41 -11.23
CA PHE B 254 3.37 1.15 -12.06
C PHE B 254 3.00 2.48 -11.44
ZN ZN C . 5.76 5.90 -6.19
FE FE D . 3.18 7.14 -4.51
C ACY E . 6.18 2.51 2.63
O ACY E . 6.31 2.31 1.44
OXT ACY E . 7.02 1.93 3.55
CH3 ACY E . 5.10 3.40 3.10
C1 PEG F . -5.33 18.93 16.61
O1 PEG F . -5.39 17.54 17.08
C2 PEG F . -6.61 19.37 15.83
O2 PEG F . -7.73 19.34 16.68
C3 PEG F . -8.90 19.76 15.94
C4 PEG F . -10.15 19.71 16.83
O4 PEG F . -10.47 18.33 17.10
ZN ZN G . 0.50 -9.42 4.00
FE FE H . -2.23 -7.44 4.52
C ACY I . -1.21 -5.52 -4.86
O ACY I . -0.97 -5.65 -6.06
OXT ACY I . -2.44 -5.20 -4.43
CH3 ACY I . -0.13 -5.68 -3.84
N MET A 1 3.75 31.74 0.31
CA MET A 1 2.99 30.69 -0.45
C MET A 1 2.02 29.87 0.43
N GLN A 2 0.82 29.60 -0.09
CA GLN A 2 -0.15 28.78 0.63
C GLN A 2 -0.06 27.35 0.10
N ILE A 3 0.18 26.38 0.98
CA ILE A 3 0.27 24.97 0.54
C ILE A 3 -1.04 24.34 0.97
N GLU A 4 -1.75 23.71 0.05
CA GLU A 4 -3.02 23.06 0.40
C GLU A 4 -2.94 21.57 0.13
N LEU A 5 -3.11 20.74 1.20
CA LEU A 5 -3.07 19.30 0.99
C LEU A 5 -4.38 18.92 0.37
N VAL A 6 -4.30 18.04 -0.63
CA VAL A 6 -5.46 17.53 -1.31
C VAL A 6 -5.44 16.01 -1.29
N PRO A 7 -6.21 15.42 -0.33
CA PRO A 7 -6.24 13.96 -0.30
C PRO A 7 -6.81 13.44 -1.61
N CYS A 8 -6.15 12.42 -2.18
CA CYS A 8 -6.58 11.84 -3.41
C CYS A 8 -6.48 10.34 -3.24
N LEU A 9 -7.24 9.65 -4.09
CA LEU A 9 -7.30 8.19 -4.07
C LEU A 9 -7.54 7.77 -2.63
N LYS A 10 -6.81 6.78 -2.16
CA LYS A 10 -6.98 6.23 -0.81
C LYS A 10 -6.17 6.97 0.25
N ASP A 11 -4.88 7.10 -0.06
CA ASP A 11 -3.94 7.73 0.87
C ASP A 11 -2.92 8.56 0.17
N ASN A 12 -3.33 9.16 -0.94
CA ASN A 12 -2.39 10.02 -1.65
C ASN A 12 -2.57 11.47 -1.29
N TYR A 13 -1.45 12.22 -1.28
CA TYR A 13 -1.59 13.64 -1.12
C TYR A 13 -1.04 14.33 -2.34
N ALA A 14 -1.88 15.14 -3.00
CA ALA A 14 -1.43 16.03 -4.08
C ALA A 14 -1.38 17.43 -3.39
N TYR A 15 -0.54 18.37 -3.87
CA TYR A 15 -0.49 19.68 -3.22
C TYR A 15 -0.83 20.81 -4.16
N ILE A 16 -1.65 21.74 -3.71
CA ILE A 16 -1.99 22.90 -4.56
C ILE A 16 -1.28 24.08 -3.92
N LEU A 17 -0.33 24.64 -4.66
CA LEU A 17 0.48 25.75 -4.20
C LEU A 17 -0.18 27.07 -4.64
N HIS A 18 -0.47 27.96 -3.67
CA HIS A 18 -1.14 29.21 -4.06
C HIS A 18 -0.17 30.37 -3.83
N ASP A 19 0.31 31.02 -4.89
CA ASP A 19 1.19 32.18 -4.67
C ASP A 19 0.29 33.28 -4.07
N GLU A 20 0.82 34.15 -3.21
CA GLU A 20 -0.01 35.22 -2.63
C GLU A 20 -0.06 36.48 -3.48
N ASP A 21 1.11 36.92 -3.96
CA ASP A 21 1.10 38.16 -4.74
C ASP A 21 0.39 37.99 -6.09
N THR A 22 0.68 36.90 -6.80
CA THR A 22 0.05 36.73 -8.10
C THR A 22 -1.06 35.74 -8.06
N GLY A 23 -1.23 35.00 -6.99
CA GLY A 23 -2.35 34.12 -7.20
C GLY A 23 -2.04 33.01 -8.20
N THR A 24 -0.80 32.90 -8.70
CA THR A 24 -0.51 31.77 -9.57
C THR A 24 -0.76 30.50 -8.74
N VAL A 25 -1.22 29.43 -9.39
CA VAL A 25 -1.49 28.15 -8.72
C VAL A 25 -0.68 27.01 -9.32
N GLY A 26 -0.05 26.24 -8.44
CA GLY A 26 0.66 25.06 -8.90
C GLY A 26 -0.03 23.79 -8.35
N VAL A 27 0.20 22.66 -9.01
CA VAL A 27 -0.28 21.36 -8.57
C VAL A 27 0.87 20.33 -8.72
N VAL A 28 1.28 19.84 -7.56
CA VAL A 28 2.33 18.83 -7.41
C VAL A 28 1.63 17.52 -7.14
N ASP A 29 1.94 16.53 -7.95
CA ASP A 29 1.40 15.16 -7.81
C ASP A 29 -0.12 14.98 -7.83
N PRO A 30 -0.77 15.46 -8.91
CA PRO A 30 -2.22 15.34 -9.07
C PRO A 30 -2.59 13.89 -9.39
N SER A 31 -2.85 13.08 -8.36
CA SER A 31 -3.20 11.67 -8.53
C SER A 31 -4.36 11.48 -9.47
N GLU A 32 -5.33 12.36 -9.29
CA GLU A 32 -6.55 12.29 -10.09
C GLU A 32 -6.77 13.71 -10.50
N ALA A 33 -7.58 13.95 -11.54
CA ALA A 33 -7.84 15.30 -11.98
C ALA A 33 -8.96 15.91 -11.22
N GLU A 34 -10.06 15.14 -11.09
CA GLU A 34 -11.25 15.68 -10.43
C GLU A 34 -11.09 16.31 -9.04
N PRO A 35 -10.37 15.64 -8.12
CA PRO A 35 -10.13 16.14 -6.77
C PRO A 35 -9.43 17.49 -6.83
N ILE A 36 -8.59 17.73 -7.87
CA ILE A 36 -7.90 19.05 -7.95
C ILE A 36 -8.87 20.11 -8.44
N ILE A 37 -9.58 19.77 -9.50
CA ILE A 37 -10.60 20.64 -10.06
C ILE A 37 -11.54 21.10 -8.97
N ASP A 38 -11.98 20.16 -8.10
CA ASP A 38 -12.91 20.51 -7.03
C ASP A 38 -12.39 21.62 -6.17
N SER A 39 -11.10 21.52 -5.80
CA SER A 39 -10.45 22.54 -5.00
C SER A 39 -10.27 23.87 -5.75
N LEU A 40 -9.94 23.83 -7.04
CA LEU A 40 -9.75 25.05 -7.82
C LEU A 40 -11.09 25.80 -8.05
N LYS A 41 -12.15 25.03 -8.27
CA LYS A 41 -13.46 25.62 -8.48
C LYS A 41 -13.95 26.18 -7.15
N ARG A 42 -13.83 25.37 -6.10
CA ARG A 42 -14.29 25.76 -4.78
C ARG A 42 -13.59 27.03 -4.35
N SER A 43 -12.37 27.23 -4.84
CA SER A 43 -11.60 28.41 -4.49
C SER A 43 -11.61 29.39 -5.63
N GLY A 44 -12.23 28.99 -6.73
CA GLY A 44 -12.33 29.86 -7.89
C GLY A 44 -10.98 30.36 -8.37
N ARG A 45 -10.07 29.44 -8.70
CA ARG A 45 -8.76 29.84 -9.20
C ARG A 45 -8.39 29.04 -10.45
N ASN A 46 -7.51 29.60 -11.28
CA ASN A 46 -7.00 28.96 -12.50
C ASN A 46 -5.71 28.21 -12.12
N LEU A 47 -5.42 27.11 -12.81
CA LEU A 47 -4.21 26.29 -12.53
C LEU A 47 -3.13 26.73 -13.51
N THR A 48 -1.93 27.10 -13.03
CA THR A 48 -0.83 27.51 -13.92
C THR A 48 0.14 26.38 -14.26
N TYR A 49 0.65 25.76 -13.19
CA TYR A 49 1.66 24.71 -13.28
C TYR A 49 1.27 23.38 -12.66
N ILE A 50 1.87 22.33 -13.20
CA ILE A 50 1.71 20.97 -12.71
C ILE A 50 3.15 20.45 -12.51
N LEU A 51 3.53 20.18 -11.26
CA LEU A 51 4.88 19.64 -10.96
C LEU A 51 4.77 18.16 -10.56
N ASN A 52 5.66 17.31 -11.13
CA ASN A 52 5.60 15.90 -10.80
C ASN A 52 6.89 15.40 -10.17
N THR A 53 6.76 14.77 -9.01
CA THR A 53 7.94 14.21 -8.36
C THR A 53 8.36 12.92 -9.12
N HIS A 54 7.51 11.93 -9.09
CA HIS A 54 7.82 10.68 -9.79
C HIS A 54 6.82 10.41 -10.90
N HIS A 55 7.00 9.31 -11.64
CA HIS A 55 6.17 9.02 -12.81
C HIS A 55 4.97 8.12 -12.53
N HIS A 56 4.96 7.45 -11.36
CA HIS A 56 3.91 6.47 -11.04
C HIS A 56 2.52 7.03 -11.25
N TYR A 57 1.61 6.10 -11.53
CA TYR A 57 0.25 6.45 -11.83
C TYR A 57 -0.41 7.18 -10.63
N ASP A 58 -0.02 6.82 -9.42
CA ASP A 58 -0.67 7.53 -8.30
C ASP A 58 -0.12 8.93 -8.16
N HIS A 59 0.95 9.24 -8.93
CA HIS A 59 1.50 10.60 -8.88
C HIS A 59 1.35 11.36 -10.20
N THR A 60 0.96 10.64 -11.26
CA THR A 60 0.83 11.23 -12.61
C THR A 60 -0.46 10.72 -13.24
N GLY A 61 -1.65 11.14 -12.77
CA GLY A 61 -2.95 10.65 -13.33
C GLY A 61 -4.03 11.74 -13.51
N GLY A 62 -3.69 12.94 -13.06
CA GLY A 62 -4.62 14.03 -13.28
C GLY A 62 -4.07 15.00 -14.31
N ASN A 63 -2.79 14.83 -14.64
CA ASN A 63 -2.03 15.73 -15.50
C ASN A 63 -2.69 16.17 -16.81
N LEU A 64 -3.04 15.20 -17.65
CA LEU A 64 -3.56 15.51 -18.99
C LEU A 64 -4.85 16.30 -18.92
N GLU A 65 -5.74 15.87 -18.03
CA GLU A 65 -7.02 16.54 -17.92
C GLU A 65 -6.84 17.95 -17.36
N LEU A 66 -6.09 18.08 -16.27
CA LEU A 66 -5.85 19.41 -15.75
C LEU A 66 -5.13 20.25 -16.80
N LYS A 67 -4.10 19.71 -17.46
CA LYS A 67 -3.35 20.50 -18.44
C LYS A 67 -4.28 20.99 -19.57
N ASP A 68 -5.11 20.09 -20.10
CA ASP A 68 -6.02 20.44 -21.19
C ASP A 68 -7.18 21.32 -20.67
N ARG A 69 -7.49 21.21 -19.38
CA ARG A 69 -8.58 21.98 -18.80
C ARG A 69 -8.23 23.44 -18.47
N TYR A 70 -6.98 23.64 -18.06
CA TYR A 70 -6.48 24.93 -17.66
C TYR A 70 -5.40 25.53 -18.54
N GLY A 71 -4.82 24.70 -19.41
CA GLY A 71 -3.68 25.16 -20.22
C GLY A 71 -2.46 25.20 -19.32
N ALA A 72 -2.42 24.40 -18.24
CA ALA A 72 -1.23 24.42 -17.37
C ALA A 72 0.01 23.82 -18.04
N LYS A 73 1.18 24.13 -17.49
CA LYS A 73 2.45 23.59 -18.01
C LYS A 73 2.95 22.53 -16.99
N VAL A 74 3.39 21.37 -17.48
CA VAL A 74 3.87 20.27 -16.64
C VAL A 74 5.40 20.39 -16.48
N ILE A 75 5.83 20.37 -15.23
CA ILE A 75 7.24 20.51 -14.88
C ILE A 75 7.65 19.19 -14.26
N GLY A 76 8.65 18.52 -14.86
CA GLY A 76 9.07 17.24 -14.35
C GLY A 76 10.57 16.94 -14.53
N SER A 77 10.99 15.73 -14.19
CA SER A 77 12.42 15.41 -14.27
C SER A 77 12.96 15.07 -15.66
N ALA A 78 14.10 15.65 -16.04
CA ALA A 78 14.68 15.32 -17.33
C ALA A 78 14.96 13.81 -17.40
N MET A 79 15.38 13.22 -16.30
CA MET A 79 15.66 11.78 -16.31
C MET A 79 14.46 10.93 -16.68
N ASP A 80 13.26 11.47 -16.47
CA ASP A 80 12.03 10.75 -16.71
C ASP A 80 11.21 11.40 -17.76
N LYS A 81 11.80 12.29 -18.54
CA LYS A 81 11.02 13.04 -19.51
C LYS A 81 10.08 12.19 -20.34
N ASP A 82 10.53 11.00 -20.75
CA ASP A 82 9.67 10.16 -21.57
C ASP A 82 8.61 9.42 -20.74
N ARG A 83 8.66 9.57 -19.41
CA ARG A 83 7.69 8.93 -18.53
C ARG A 83 6.71 9.88 -17.82
N ILE A 84 6.94 11.19 -17.90
CA ILE A 84 6.08 12.18 -17.23
C ILE A 84 5.05 12.63 -18.26
N PRO A 85 3.82 12.21 -18.12
CA PRO A 85 2.80 12.61 -19.10
C PRO A 85 2.65 14.09 -19.33
N GLY A 86 2.63 14.45 -20.63
CA GLY A 86 2.40 15.85 -20.98
C GLY A 86 3.46 16.85 -20.57
N ILE A 87 4.64 16.38 -20.19
CA ILE A 87 5.71 17.26 -19.73
C ILE A 87 6.05 18.33 -20.78
N ASP A 88 6.08 19.56 -20.30
CA ASP A 88 6.42 20.70 -21.12
C ASP A 88 7.84 21.17 -20.78
N MET A 89 8.34 20.80 -19.61
CA MET A 89 9.69 21.24 -19.21
C MET A 89 10.34 20.20 -18.31
N ALA A 90 11.58 19.80 -18.65
CA ALA A 90 12.30 18.77 -17.91
C ALA A 90 13.52 19.31 -17.17
N LEU A 91 13.50 19.22 -15.85
CA LEU A 91 14.56 19.80 -15.03
C LEU A 91 15.55 18.79 -14.50
N LYS A 92 16.79 19.22 -14.47
CA LYS A 92 17.91 18.40 -14.03
C LYS A 92 18.27 18.68 -12.59
N ASP A 93 19.10 17.83 -12.00
CA ASP A 93 19.55 18.02 -10.64
C ASP A 93 20.25 19.38 -10.45
N GLY A 94 19.95 20.05 -9.34
CA GLY A 94 20.50 21.36 -9.04
C GLY A 94 19.87 22.50 -9.82
N ASP A 95 18.94 22.19 -10.70
CA ASP A 95 18.30 23.27 -11.44
C ASP A 95 17.49 24.12 -10.49
N LYS A 96 17.41 25.42 -10.83
CA LYS A 96 16.57 26.36 -10.11
C LYS A 96 15.43 26.62 -11.11
N TRP A 97 14.19 26.67 -10.60
CA TRP A 97 12.98 26.93 -11.41
C TRP A 97 12.14 27.94 -10.62
N MET A 98 11.59 28.96 -11.28
CA MET A 98 10.83 29.98 -10.54
C MET A 98 9.30 29.79 -10.65
N PHE A 99 8.66 29.61 -9.51
CA PHE A 99 7.21 29.46 -9.39
C PHE A 99 6.78 30.90 -9.08
N ALA A 100 6.39 31.69 -10.08
CA ALA A 100 6.02 33.08 -9.85
C ALA A 100 7.14 33.80 -9.08
N GLY A 101 8.40 33.64 -9.44
CA GLY A 101 9.36 34.42 -8.64
C GLY A 101 9.78 33.82 -7.28
N HIS A 102 9.33 32.60 -7.05
CA HIS A 102 9.66 31.80 -5.83
C HIS A 102 10.66 30.73 -6.27
N GLU A 103 11.84 30.80 -5.68
CA GLU A 103 12.90 29.86 -6.02
C GLU A 103 12.61 28.45 -5.58
N VAL A 104 12.59 27.53 -6.55
CA VAL A 104 12.43 26.08 -6.28
C VAL A 104 13.78 25.46 -6.66
N HIS A 105 14.33 24.60 -5.78
CA HIS A 105 15.61 23.95 -6.06
C HIS A 105 15.25 22.47 -6.32
N VAL A 106 15.66 21.99 -7.50
CA VAL A 106 15.37 20.63 -7.93
C VAL A 106 16.44 19.69 -7.43
N MET A 107 16.03 18.66 -6.67
CA MET A 107 16.97 17.67 -6.14
C MET A 107 16.70 16.30 -6.71
N ASP A 108 17.67 15.71 -7.42
CA ASP A 108 17.47 14.33 -7.89
C ASP A 108 17.51 13.43 -6.64
N THR A 109 16.46 12.63 -6.43
CA THR A 109 16.40 11.75 -5.26
C THR A 109 15.97 10.35 -5.66
N PRO A 110 16.87 9.61 -6.37
CA PRO A 110 16.60 8.25 -6.83
C PRO A 110 16.44 7.20 -5.69
N GLY A 111 15.68 6.14 -5.92
CA GLY A 111 15.55 5.10 -4.91
C GLY A 111 14.25 4.35 -5.18
N HIS A 112 13.15 5.00 -4.85
CA HIS A 112 11.83 4.43 -5.13
C HIS A 112 11.74 4.29 -6.67
N THR A 113 12.17 5.31 -7.41
CA THR A 113 12.27 5.16 -8.88
C THR A 113 13.59 5.79 -9.27
N LYS A 114 13.97 5.58 -10.54
CA LYS A 114 15.17 6.17 -11.09
C LYS A 114 14.61 7.40 -11.78
N GLY A 115 14.94 8.56 -11.25
CA GLY A 115 14.48 9.79 -11.86
C GLY A 115 13.67 10.60 -10.85
N HIS A 116 13.39 9.99 -9.69
CA HIS A 116 12.63 10.70 -8.65
C HIS A 116 13.33 11.97 -8.27
N ILE A 117 12.57 13.06 -8.18
CA ILE A 117 13.12 14.33 -7.72
C ILE A 117 12.31 14.82 -6.51
N SER A 118 12.90 15.70 -5.70
CA SER A 118 12.16 16.33 -4.60
C SER A 118 12.27 17.83 -4.91
N LEU A 119 11.26 18.61 -4.46
CA LEU A 119 11.21 20.03 -4.78
C LEU A 119 11.33 20.87 -3.52
N TYR A 120 12.42 21.64 -3.42
CA TYR A 120 12.67 22.44 -2.25
C TYR A 120 12.37 23.91 -2.47
N PHE A 121 11.48 24.45 -1.65
CA PHE A 121 11.09 25.89 -1.76
C PHE A 121 11.73 26.51 -0.52
N PRO A 122 13.01 26.92 -0.62
CA PRO A 122 13.67 27.51 0.56
C PRO A 122 12.92 28.68 1.19
N GLY A 123 12.19 29.44 0.35
CA GLY A 123 11.45 30.60 0.85
C GLY A 123 10.27 30.25 1.73
N SER A 124 9.66 29.10 1.46
CA SER A 124 8.50 28.65 2.23
C SER A 124 8.90 27.60 3.24
N ARG A 125 10.20 27.41 3.41
CA ARG A 125 10.76 26.40 4.32
C ARG A 125 9.96 25.10 4.13
N ALA A 126 9.97 24.59 2.91
CA ALA A 126 9.19 23.38 2.63
C ALA A 126 9.83 22.58 1.51
N ILE A 127 9.75 21.25 1.59
CA ILE A 127 10.25 20.40 0.51
C ILE A 127 9.22 19.28 0.24
N PHE A 128 8.92 19.10 -1.07
CA PHE A 128 8.01 18.02 -1.52
C PHE A 128 8.87 16.82 -1.86
N THR A 129 8.78 15.75 -1.03
CA THR A 129 9.66 14.59 -1.20
C THR A 129 8.96 13.38 -1.87
N GLY A 130 7.68 13.50 -2.11
CA GLY A 130 6.94 12.39 -2.77
C GLY A 130 7.11 11.09 -1.99
N ASP A 131 7.55 10.04 -2.70
CA ASP A 131 7.71 8.76 -2.09
C ASP A 131 9.18 8.40 -1.80
N THR A 132 10.05 9.41 -1.75
CA THR A 132 11.46 9.15 -1.42
C THR A 132 11.49 9.07 0.12
N MET A 133 10.91 10.08 0.81
CA MET A 133 10.87 10.04 2.29
C MET A 133 9.45 10.39 2.80
N PHE A 134 8.84 9.48 3.59
CA PHE A 134 7.56 9.77 4.22
C PHE A 134 7.82 10.12 5.68
N SER A 135 6.73 10.38 6.47
CA SER A 135 6.99 10.54 7.89
C SER A 135 7.12 9.13 8.46
N LEU A 136 8.31 8.88 9.03
CA LEU A 136 8.72 7.61 9.65
C LEU A 136 9.00 6.47 8.71
N SER A 137 9.17 6.78 7.42
CA SER A 137 9.56 5.71 6.48
C SER A 137 10.15 6.33 5.22
N CYS A 138 10.55 5.46 4.24
CA CYS A 138 11.05 5.93 2.94
C CYS A 138 10.24 5.12 1.93
N GLY A 139 10.33 5.43 0.62
CA GLY A 139 9.57 4.66 -0.36
C GLY A 139 10.14 3.26 -0.55
N LYS A 140 9.30 2.39 -1.04
CA LYS A 140 9.75 1.03 -1.39
C LYS A 140 10.77 1.19 -2.53
N LEU A 141 11.73 0.25 -2.63
CA LEU A 141 12.78 0.39 -3.64
C LEU A 141 12.49 -0.39 -4.92
N PHE A 142 11.39 -0.05 -5.55
CA PHE A 142 10.98 -0.72 -6.78
C PHE A 142 12.04 -0.66 -7.83
N GLU A 143 13.02 0.25 -7.70
CA GLU A 143 14.11 0.38 -8.70
C GLU A 143 15.46 0.69 -8.05
N GLY A 144 15.71 1.93 -7.63
CA GLY A 144 16.98 2.32 -7.04
C GLY A 144 17.55 1.39 -5.98
N THR A 145 18.78 1.69 -5.60
CA THR A 145 19.46 0.89 -4.62
C THR A 145 19.36 1.46 -3.23
N PRO A 146 19.64 0.61 -2.23
CA PRO A 146 19.62 1.05 -0.84
C PRO A 146 20.63 2.19 -0.73
N LYS A 147 21.73 2.13 -1.53
CA LYS A 147 22.70 3.22 -1.42
C LYS A 147 22.17 4.53 -1.98
N GLN A 148 21.45 4.43 -3.09
CA GLN A 148 20.89 5.60 -3.71
C GLN A 148 19.81 6.20 -2.80
N MET A 149 18.99 5.34 -2.21
CA MET A 149 17.97 5.86 -1.30
C MET A 149 18.64 6.51 -0.08
N LEU A 150 19.67 5.89 0.49
CA LEU A 150 20.31 6.53 1.65
C LEU A 150 20.84 7.94 1.31
N ALA A 151 21.49 8.06 0.18
CA ALA A 151 22.05 9.32 -0.25
C ALA A 151 20.91 10.34 -0.44
N SER A 152 19.80 9.89 -1.03
CA SER A 152 18.65 10.80 -1.26
C SER A 152 18.08 11.28 0.06
N LEU A 153 18.00 10.38 1.05
CA LEU A 153 17.48 10.77 2.35
C LEU A 153 18.43 11.73 3.05
N GLN A 154 19.74 11.45 2.95
CA GLN A 154 20.72 12.35 3.58
C GLN A 154 20.72 13.73 2.91
N LYS A 155 20.42 13.80 1.61
CA LYS A 155 20.37 15.09 0.92
C LYS A 155 19.18 15.88 1.49
N ILE A 156 18.05 15.17 1.68
CA ILE A 156 16.85 15.83 2.19
C ILE A 156 17.11 16.27 3.61
N THR A 157 17.79 15.45 4.43
CA THR A 157 18.02 15.80 5.83
C THR A 157 19.15 16.82 6.11
N SER A 158 19.87 17.20 5.08
CA SER A 158 20.94 18.20 5.26
C SER A 158 20.29 19.60 5.20
N LEU A 159 19.01 19.66 4.85
CA LEU A 159 18.28 20.93 4.85
C LEU A 159 18.04 21.36 6.32
N PRO A 160 17.65 22.63 6.55
CA PRO A 160 17.43 23.12 7.91
C PRO A 160 16.43 22.26 8.69
N ASP A 161 16.66 22.13 10.00
CA ASP A 161 15.80 21.32 10.85
C ASP A 161 14.36 21.76 10.81
N ASP A 162 14.15 23.03 10.51
CA ASP A 162 12.79 23.53 10.48
C ASP A 162 12.17 23.43 9.09
N THR A 163 12.69 22.54 8.25
CA THR A 163 12.17 22.38 6.91
C THR A 163 11.04 21.35 6.97
N SER A 164 9.83 21.79 6.65
CA SER A 164 8.64 20.93 6.60
C SER A 164 8.67 20.14 5.28
N ILE A 165 8.31 18.87 5.36
CA ILE A 165 8.34 17.95 4.20
C ILE A 165 6.92 17.62 3.87
N TYR A 166 6.64 17.48 2.59
CA TYR A 166 5.28 17.16 2.16
C TYR A 166 5.26 15.97 1.15
N CYS A 167 4.79 14.73 1.49
CA CYS A 167 4.68 13.69 0.48
C CYS A 167 3.29 13.48 -0.07
N GLY A 168 3.20 12.42 -0.93
CA GLY A 168 1.99 12.00 -1.68
C GLY A 168 1.35 10.72 -1.14
N HIS A 169 1.49 10.53 0.17
CA HIS A 169 0.96 9.33 0.85
C HIS A 169 0.82 9.43 2.36
N GLU A 170 -0.39 9.20 2.83
CA GLU A 170 -0.59 9.22 4.27
C GLU A 170 -0.18 7.78 4.73
N TYR A 171 1.06 7.62 5.21
CA TYR A 171 1.52 6.31 5.66
C TYR A 171 1.97 6.26 7.13
N THR A 172 1.87 7.42 7.81
CA THR A 172 2.45 7.55 9.15
C THR A 172 1.97 6.55 10.19
N LEU A 173 0.78 6.75 10.69
CA LEU A 173 0.34 5.79 11.70
C LEU A 173 0.80 4.36 11.30
N SER A 174 0.62 4.00 10.00
CA SER A 174 1.04 2.73 9.49
C SER A 174 2.50 2.47 9.80
N ASN A 175 3.37 3.41 9.42
CA ASN A 175 4.84 3.28 9.62
C ASN A 175 5.21 3.25 11.09
N SER A 176 4.62 4.17 11.86
CA SER A 176 4.92 4.26 13.29
C SER A 176 4.88 2.92 14.02
N LYS A 177 4.00 2.00 13.61
CA LYS A 177 3.96 0.71 14.28
C LYS A 177 5.23 -0.11 13.98
N PHE A 178 5.74 0.05 12.78
CA PHE A 178 6.96 -0.70 12.44
C PHE A 178 8.15 -0.02 13.18
N ALA A 179 8.13 1.30 13.34
CA ALA A 179 9.22 2.01 14.03
C ALA A 179 9.19 1.70 15.56
N LEU A 180 8.00 1.57 16.12
CA LEU A 180 7.93 1.31 17.57
C LEU A 180 8.39 -0.10 17.87
N SER A 181 8.30 -0.98 16.88
CA SER A 181 8.76 -2.37 17.06
C SER A 181 10.28 -2.47 17.06
N LEU A 182 10.94 -1.47 16.48
CA LEU A 182 12.42 -1.46 16.39
C LEU A 182 13.09 -0.58 17.43
N GLU A 183 12.51 0.56 17.76
CA GLU A 183 13.17 1.50 18.71
C GLU A 183 12.16 1.96 19.73
N PRO A 184 11.61 1.03 20.49
CA PRO A 184 10.60 1.36 21.48
C PRO A 184 11.06 2.29 22.60
N ASN A 185 12.37 2.34 22.82
CA ASN A 185 12.88 3.21 23.92
C ASN A 185 13.10 4.64 23.50
N ASN A 186 12.72 4.95 22.24
CA ASN A 186 12.88 6.34 21.78
C ASN A 186 11.60 7.06 22.21
N GLU A 187 11.68 7.88 23.26
CA GLU A 187 10.46 8.54 23.77
C GLU A 187 9.90 9.63 22.87
N VAL A 188 10.74 10.21 22.01
CA VAL A 188 10.25 11.21 21.11
C VAL A 188 9.42 10.45 20.10
N LEU A 189 9.86 9.25 19.70
CA LEU A 189 9.05 8.46 18.74
C LEU A 189 7.74 8.00 19.44
N GLN A 190 7.79 7.62 20.72
CA GLN A 190 6.56 7.20 21.40
C GLN A 190 5.55 8.35 21.42
N SER A 191 6.00 9.55 21.76
CA SER A 191 5.10 10.70 21.83
C SER A 191 4.57 11.09 20.46
N TYR A 192 5.48 11.11 19.46
CA TYR A 192 5.03 11.46 18.12
C TYR A 192 4.04 10.42 17.59
N ALA A 193 4.31 9.13 17.82
CA ALA A 193 3.46 8.07 17.33
C ALA A 193 2.08 8.20 18.02
N ALA A 194 2.07 8.54 19.31
CA ALA A 194 0.79 8.72 19.97
C ALA A 194 0.01 9.90 19.38
N HIS A 195 0.70 11.01 19.12
CA HIS A 195 0.01 12.18 18.56
C HIS A 195 -0.57 11.85 17.17
N VAL A 196 0.18 11.08 16.39
CA VAL A 196 -0.27 10.66 15.07
C VAL A 196 -1.55 9.80 15.23
N ALA A 197 -1.52 8.85 16.15
CA ALA A 197 -2.69 8.01 16.38
C ALA A 197 -3.93 8.89 16.67
N GLU A 198 -3.75 9.96 17.46
CA GLU A 198 -4.86 10.87 17.77
C GLU A 198 -5.32 11.55 16.48
N LEU A 199 -4.37 12.01 15.67
CA LEU A 199 -4.69 12.73 14.41
C LEU A 199 -5.48 11.79 13.46
N ARG A 200 -5.03 10.55 13.33
CA ARG A 200 -5.71 9.62 12.44
C ARG A 200 -7.09 9.24 12.94
N SER A 201 -7.20 8.78 14.19
CA SER A 201 -8.54 8.42 14.72
C SER A 201 -9.55 9.60 14.56
N LYS A 202 -9.02 10.82 14.34
CA LYS A 202 -9.84 12.01 14.13
C LYS A 202 -9.83 12.49 12.66
N LYS A 203 -9.35 11.62 11.78
CA LYS A 203 -9.33 11.84 10.34
C LYS A 203 -8.58 13.07 9.85
N LEU A 204 -7.50 13.39 10.50
CA LEU A 204 -6.68 14.52 10.07
C LEU A 204 -5.31 14.04 9.55
N PRO A 205 -4.62 14.90 8.82
CA PRO A 205 -3.31 14.53 8.28
C PRO A 205 -2.24 14.51 9.31
N THR A 206 -1.13 13.84 8.98
CA THR A 206 0.02 13.81 9.88
C THR A 206 1.19 14.53 9.20
N ILE A 207 0.91 15.11 8.03
CA ILE A 207 1.90 15.79 7.20
C ILE A 207 1.53 17.30 7.26
N PRO A 208 2.53 18.16 7.21
CA PRO A 208 3.97 17.93 7.08
C PRO A 208 4.74 17.30 8.26
N THR A 209 5.91 16.76 7.95
CA THR A 209 6.75 16.28 9.02
C THR A 209 8.05 17.10 8.73
N THR A 210 8.36 18.07 9.54
CA THR A 210 9.60 18.82 9.33
C THR A 210 10.75 17.80 9.46
N VAL A 211 11.93 18.15 8.93
CA VAL A 211 13.15 17.36 9.06
C VAL A 211 13.48 17.09 10.52
N LYS A 212 13.35 18.10 11.41
CA LYS A 212 13.69 17.90 12.82
C LYS A 212 13.06 16.64 13.35
N MET A 213 11.80 16.48 13.08
CA MET A 213 11.13 15.28 13.61
C MET A 213 11.63 14.00 13.02
N GLU A 214 11.75 13.95 11.69
CA GLU A 214 12.15 12.69 11.08
C GLU A 214 13.56 12.34 11.54
N LYS A 215 14.38 13.36 11.86
CA LYS A 215 15.73 13.02 12.32
C LYS A 215 15.61 12.34 13.66
N ALA A 216 14.60 12.74 14.44
CA ALA A 216 14.47 12.15 15.78
C ALA A 216 13.52 10.98 15.84
N CYS A 217 12.90 10.57 14.72
CA CYS A 217 11.95 9.47 14.88
C CYS A 217 11.90 8.39 13.79
N ASN A 218 12.41 8.70 12.56
CA ASN A 218 12.29 7.76 11.40
C ASN A 218 13.43 6.75 11.42
N PRO A 219 13.12 5.47 11.62
CA PRO A 219 14.23 4.48 11.66
C PRO A 219 15.14 4.47 10.43
N PHE A 220 14.65 4.92 9.26
CA PHE A 220 15.55 4.91 8.10
C PHE A 220 16.65 5.99 8.24
N LEU A 221 16.43 7.00 9.09
CA LEU A 221 17.45 8.02 9.29
C LEU A 221 18.24 7.73 10.56
N ARG A 222 17.97 6.59 11.21
CA ARG A 222 18.61 6.30 12.50
C ARG A 222 19.19 4.88 12.55
N SER A 223 19.56 4.38 11.39
CA SER A 223 20.04 3.02 11.22
C SER A 223 21.34 2.61 11.93
N SER A 224 22.11 3.60 12.38
CA SER A 224 23.32 3.28 13.12
C SER A 224 22.91 3.06 14.59
N ASN A 225 21.65 3.38 14.92
CA ASN A 225 21.19 3.22 16.25
C ASN A 225 21.36 1.74 16.65
N THR A 226 21.98 1.51 17.80
CA THR A 226 22.23 0.15 18.22
C THR A 226 20.97 -0.65 18.50
N ASP A 227 19.88 0.02 18.86
CA ASP A 227 18.66 -0.72 19.15
C ASP A 227 18.02 -1.25 17.88
N ILE A 228 17.98 -0.43 16.84
CA ILE A 228 17.42 -0.88 15.57
C ILE A 228 18.30 -2.01 15.02
N ARG A 229 19.65 -1.87 15.10
CA ARG A 229 20.50 -2.95 14.57
C ARG A 229 20.30 -4.28 15.30
N ARG A 230 20.32 -4.23 16.62
CA ARG A 230 20.11 -5.44 17.39
C ARG A 230 18.70 -6.03 17.14
N ALA A 231 17.70 -5.18 16.93
CA ALA A 231 16.34 -5.70 16.64
C ALA A 231 16.29 -6.49 15.34
N LEU A 232 17.10 -6.06 14.35
CA LEU A 232 17.11 -6.72 13.03
C LEU A 232 18.36 -7.53 12.72
N ARG A 233 19.16 -7.77 13.75
CA ARG A 233 20.41 -8.51 13.59
C ARG A 233 21.25 -7.89 12.52
N ILE A 234 21.40 -6.57 12.65
CA ILE A 234 22.23 -5.81 11.73
C ILE A 234 23.62 -5.80 12.36
N PRO A 235 24.58 -6.45 11.71
CA PRO A 235 25.92 -6.47 12.26
C PRO A 235 26.50 -5.08 12.44
N GLU A 236 27.36 -4.92 13.43
CA GLU A 236 28.01 -3.64 13.63
C GLU A 236 28.88 -3.27 12.44
N ALA A 237 29.35 -4.27 11.70
CA ALA A 237 30.20 -3.95 10.55
C ALA A 237 29.47 -3.41 9.36
N ALA A 238 28.15 -3.55 9.31
CA ALA A 238 27.47 -3.06 8.10
C ALA A 238 27.50 -1.54 8.07
N ASP A 239 27.67 -0.97 6.89
CA ASP A 239 27.66 0.48 6.84
C ASP A 239 26.17 0.91 6.83
N GLU A 240 25.93 2.22 6.77
CA GLU A 240 24.57 2.75 6.82
C GLU A 240 23.69 2.33 5.67
N ALA A 241 24.29 2.23 4.49
CA ALA A 241 23.60 1.84 3.26
C ALA A 241 23.10 0.40 3.46
N GLU A 242 23.95 -0.44 4.06
CA GLU A 242 23.50 -1.81 4.34
C GLU A 242 22.44 -1.80 5.45
N ALA A 243 22.64 -1.02 6.53
CA ALA A 243 21.59 -1.07 7.57
C ALA A 243 20.22 -0.64 7.03
N LEU A 244 20.18 0.52 6.37
CA LEU A 244 18.93 1.05 5.81
C LEU A 244 18.22 -0.03 4.99
N GLY A 245 18.97 -0.67 4.09
CA GLY A 245 18.38 -1.74 3.27
C GLY A 245 17.82 -2.92 4.12
N ILE A 246 18.53 -3.34 5.17
CA ILE A 246 18.05 -4.42 6.02
C ILE A 246 16.72 -4.01 6.64
N ILE A 247 16.62 -2.72 6.99
CA ILE A 247 15.39 -2.24 7.58
C ILE A 247 14.28 -2.20 6.52
N ARG A 248 14.64 -1.76 5.32
CA ARG A 248 13.66 -1.62 4.25
C ARG A 248 13.09 -2.95 3.87
N LYS A 249 13.93 -3.97 3.82
CA LYS A 249 13.41 -5.32 3.47
C LYS A 249 12.54 -5.85 4.61
N ALA A 250 12.93 -5.56 5.86
CA ALA A 250 12.14 -6.04 6.99
C ALA A 250 10.80 -5.32 7.06
N LYS A 251 10.77 -4.06 6.62
CA LYS A 251 9.51 -3.30 6.69
C LYS A 251 8.54 -3.83 5.65
N ASP A 252 9.06 -4.16 4.46
CA ASP A 252 8.18 -4.68 3.44
C ASP A 252 7.46 -5.95 3.94
N ASP A 253 8.20 -6.83 4.64
CA ASP A 253 7.65 -8.11 5.05
C ASP A 253 7.08 -8.07 6.49
N PHE A 254 6.78 -6.86 6.97
CA PHE A 254 6.29 -6.65 8.34
C PHE A 254 4.76 -6.89 8.42
N MET B 1 -23.58 -19.86 7.05
CA MET B 1 -22.67 -19.11 7.96
C MET B 1 -22.43 -17.69 7.38
N GLN B 2 -23.13 -16.69 7.91
CA GLN B 2 -23.01 -15.33 7.41
C GLN B 2 -21.56 -14.92 7.56
N ILE B 3 -21.07 -14.17 6.59
CA ILE B 3 -19.71 -13.66 6.58
C ILE B 3 -19.76 -12.12 6.62
N GLU B 4 -19.39 -11.58 7.79
CA GLU B 4 -19.40 -10.13 8.01
C GLU B 4 -18.04 -9.51 7.76
N LEU B 5 -17.98 -8.61 6.76
CA LEU B 5 -16.71 -7.94 6.44
C LEU B 5 -16.54 -6.77 7.42
N VAL B 6 -15.36 -6.72 8.03
CA VAL B 6 -15.02 -5.67 9.01
C VAL B 6 -13.82 -4.87 8.51
N PRO B 7 -14.05 -3.62 8.04
CA PRO B 7 -12.93 -2.82 7.57
C PRO B 7 -12.08 -2.45 8.77
N CYS B 8 -10.75 -2.66 8.64
CA CYS B 8 -9.79 -2.36 9.69
C CYS B 8 -8.69 -1.51 9.12
N LEU B 9 -7.97 -0.80 10.00
CA LEU B 9 -6.88 0.05 9.57
C LEU B 9 -7.41 0.94 8.43
N LYS B 10 -6.64 1.10 7.37
CA LYS B 10 -6.97 1.98 6.25
C LYS B 10 -7.60 1.23 5.09
N ASP B 11 -7.27 -0.05 4.95
CA ASP B 11 -7.80 -0.81 3.84
C ASP B 11 -7.76 -2.34 4.03
N ASN B 12 -7.70 -2.75 5.31
CA ASN B 12 -7.75 -4.16 5.60
C ASN B 12 -9.18 -4.66 5.80
N TYR B 13 -9.39 -5.92 5.44
CA TYR B 13 -10.65 -6.58 5.74
C TYR B 13 -10.43 -7.77 6.68
N ALA B 14 -11.15 -7.76 7.82
CA ALA B 14 -11.22 -8.91 8.74
C ALA B 14 -12.64 -9.44 8.45
N TYR B 15 -12.92 -10.71 8.76
CA TYR B 15 -14.23 -11.26 8.50
C TYR B 15 -14.72 -11.98 9.71
N ILE B 16 -15.86 -11.55 10.20
CA ILE B 16 -16.42 -12.23 11.37
C ILE B 16 -17.39 -13.27 10.85
N LEU B 17 -17.14 -14.56 11.16
CA LEU B 17 -18.01 -15.66 10.68
C LEU B 17 -18.94 -16.06 11.82
N HIS B 18 -20.20 -16.38 11.47
CA HIS B 18 -21.18 -16.70 12.50
C HIS B 18 -22.06 -17.80 12.01
N ASP B 19 -21.94 -18.95 12.68
CA ASP B 19 -22.72 -20.11 12.34
C ASP B 19 -24.18 -19.80 12.62
N GLU B 20 -25.05 -20.25 11.73
CA GLU B 20 -26.45 -19.96 11.84
C GLU B 20 -27.18 -21.03 12.65
N ASP B 21 -26.45 -21.91 13.31
CA ASP B 21 -27.11 -22.93 14.13
C ASP B 21 -26.53 -23.05 15.52
N THR B 22 -25.48 -22.30 15.81
CA THR B 22 -24.89 -22.40 17.14
C THR B 22 -24.42 -21.05 17.69
N GLY B 23 -24.40 -20.02 16.87
CA GLY B 23 -23.91 -18.82 17.52
C GLY B 23 -22.39 -18.85 17.67
N THR B 24 -21.74 -19.87 17.11
CA THR B 24 -20.25 -19.92 17.14
C THR B 24 -19.75 -18.76 16.26
N VAL B 25 -18.71 -18.06 16.69
CA VAL B 25 -18.19 -16.95 15.88
C VAL B 25 -16.69 -17.15 15.62
N GLY B 26 -16.29 -17.01 14.34
CA GLY B 26 -14.88 -17.12 14.00
C GLY B 26 -14.31 -15.93 13.22
N VAL B 27 -13.50 -15.00 13.79
CA VAL B 27 -13.02 -13.87 12.95
C VAL B 27 -11.78 -14.28 12.14
N VAL B 28 -11.70 -13.83 10.90
CA VAL B 28 -10.53 -14.13 10.09
C VAL B 28 -9.77 -12.85 9.94
N ASP B 29 -8.48 -12.92 10.30
CA ASP B 29 -7.55 -11.81 10.15
C ASP B 29 -7.92 -10.53 10.86
N PRO B 30 -7.92 -10.54 12.17
CA PRO B 30 -8.23 -9.36 12.98
C PRO B 30 -7.06 -8.39 13.03
N SER B 31 -7.02 -7.41 12.11
CA SER B 31 -5.94 -6.41 12.04
C SER B 31 -5.76 -5.66 13.34
N GLU B 32 -6.89 -5.36 13.97
CA GLU B 32 -6.91 -4.66 15.24
C GLU B 32 -8.11 -5.25 16.00
N ALA B 33 -7.96 -5.33 17.31
CA ALA B 33 -9.03 -5.85 18.15
C ALA B 33 -10.28 -4.97 18.24
N GLU B 34 -10.12 -3.64 18.30
CA GLU B 34 -11.27 -2.72 18.51
C GLU B 34 -12.48 -2.94 17.65
N PRO B 35 -12.28 -2.97 16.31
CA PRO B 35 -13.45 -3.18 15.45
C PRO B 35 -14.14 -4.51 15.65
N ILE B 36 -13.39 -5.56 15.98
CA ILE B 36 -13.97 -6.88 16.18
C ILE B 36 -14.83 -6.85 17.47
N ILE B 37 -14.23 -6.34 18.55
CA ILE B 37 -14.99 -6.22 19.82
C ILE B 37 -16.27 -5.37 19.61
N ASP B 38 -16.14 -4.25 18.92
CA ASP B 38 -17.30 -3.41 18.66
C ASP B 38 -18.44 -4.21 18.04
N SER B 39 -18.14 -5.04 17.02
CA SER B 39 -19.18 -5.82 16.39
C SER B 39 -19.78 -6.87 17.31
N LEU B 40 -18.90 -7.58 18.03
CA LEU B 40 -19.34 -8.62 18.94
C LEU B 40 -20.25 -8.05 20.03
N LYS B 41 -20.02 -6.80 20.42
CA LYS B 41 -20.87 -6.17 21.44
C LYS B 41 -22.29 -5.96 20.92
N ARG B 42 -22.42 -5.74 19.60
CA ARG B 42 -23.71 -5.51 18.97
C ARG B 42 -24.48 -6.82 18.74
N SER B 43 -23.73 -7.88 18.51
CA SER B 43 -24.30 -9.21 18.30
C SER B 43 -24.65 -9.91 19.63
N GLY B 44 -23.97 -9.51 20.71
CA GLY B 44 -24.14 -10.13 22.00
C GLY B 44 -23.22 -11.34 22.14
N ARG B 45 -23.10 -12.13 21.07
CA ARG B 45 -22.27 -13.35 21.06
C ARG B 45 -20.79 -13.08 21.40
N ASN B 46 -20.07 -14.09 21.89
CA ASN B 46 -18.65 -13.87 22.20
C ASN B 46 -17.85 -14.45 21.04
N LEU B 47 -16.53 -14.36 21.08
CA LEU B 47 -15.68 -14.84 19.99
C LEU B 47 -15.15 -16.22 20.29
N THR B 48 -15.33 -17.19 19.38
CA THR B 48 -14.84 -18.54 19.64
C THR B 48 -13.45 -18.77 19.08
N TYR B 49 -13.32 -18.41 17.78
CA TYR B 49 -12.09 -18.67 17.03
C TYR B 49 -11.51 -17.42 16.35
N ILE B 50 -10.22 -17.44 16.19
CA ILE B 50 -9.43 -16.43 15.45
C ILE B 50 -8.65 -17.27 14.46
N LEU B 51 -8.74 -16.88 13.16
CA LEU B 51 -8.02 -17.64 12.10
C LEU B 51 -7.19 -16.65 11.29
N ASN B 52 -5.91 -16.98 11.06
CA ASN B 52 -5.04 -16.10 10.32
C ASN B 52 -4.54 -16.70 9.01
N THR B 53 -4.59 -15.91 7.93
CA THR B 53 -4.08 -16.40 6.64
C THR B 53 -2.52 -16.33 6.58
N HIS B 54 -1.93 -15.33 7.27
CA HIS B 54 -0.47 -15.17 7.27
C HIS B 54 0.00 -14.26 8.42
N HIS B 55 1.32 -14.18 8.63
CA HIS B 55 1.86 -13.53 9.84
C HIS B 55 1.90 -12.01 9.96
N HIS B 56 1.82 -11.35 8.82
CA HIS B 56 1.98 -9.90 8.80
C HIS B 56 1.14 -9.27 9.88
N TYR B 57 1.69 -8.20 10.45
CA TYR B 57 1.07 -7.50 11.54
C TYR B 57 -0.34 -6.99 11.23
N ASP B 58 -0.59 -6.63 9.96
CA ASP B 58 -1.90 -6.14 9.59
C ASP B 58 -2.98 -7.24 9.51
N HIS B 59 -2.60 -8.51 9.76
CA HIS B 59 -3.57 -9.61 9.78
C HIS B 59 -3.65 -10.26 11.17
N THR B 60 -2.64 -10.01 12.02
CA THR B 60 -2.59 -10.64 13.35
C THR B 60 -2.59 -9.61 14.47
N GLY B 61 -2.67 -8.33 14.12
CA GLY B 61 -2.57 -7.30 15.15
C GLY B 61 -3.47 -7.48 16.35
N GLY B 62 -4.69 -7.93 16.09
CA GLY B 62 -5.66 -8.12 17.16
C GLY B 62 -5.61 -9.47 17.85
N ASN B 63 -4.72 -10.38 17.44
CA ASN B 63 -4.71 -11.74 17.99
C ASN B 63 -4.66 -11.89 19.50
N LEU B 64 -3.64 -11.26 20.09
CA LEU B 64 -3.43 -11.47 21.51
C LEU B 64 -4.52 -10.86 22.39
N GLU B 65 -5.06 -9.75 21.94
CA GLU B 65 -6.07 -9.10 22.73
C GLU B 65 -7.42 -9.86 22.70
N LEU B 66 -7.80 -10.26 21.49
CA LEU B 66 -9.08 -10.94 21.36
C LEU B 66 -9.04 -12.25 22.09
N LYS B 67 -7.90 -12.96 22.02
CA LYS B 67 -7.77 -14.23 22.71
C LYS B 67 -7.78 -13.96 24.23
N ASP B 68 -7.07 -12.92 24.70
CA ASP B 68 -7.06 -12.65 26.14
C ASP B 68 -8.46 -12.18 26.62
N ARG B 69 -9.23 -11.58 25.72
CA ARG B 69 -10.55 -11.15 26.09
C ARG B 69 -11.64 -12.24 26.06
N TYR B 70 -11.60 -13.09 25.04
CA TYR B 70 -12.65 -14.09 24.89
C TYR B 70 -12.23 -15.51 25.15
N GLY B 71 -10.93 -15.70 25.36
CA GLY B 71 -10.42 -17.06 25.49
C GLY B 71 -10.58 -17.80 24.15
N ALA B 72 -10.64 -17.07 23.04
CA ALA B 72 -10.81 -17.69 21.70
C ALA B 72 -9.56 -18.54 21.36
N LYS B 73 -9.69 -19.53 20.45
CA LYS B 73 -8.58 -20.39 20.07
C LYS B 73 -8.11 -19.85 18.72
N VAL B 74 -6.80 -19.64 18.63
CA VAL B 74 -6.15 -19.15 17.39
C VAL B 74 -5.76 -20.33 16.50
N ILE B 75 -6.31 -20.28 15.29
CA ILE B 75 -6.12 -21.32 14.27
C ILE B 75 -5.22 -20.77 13.15
N GLY B 76 -4.09 -21.43 12.90
CA GLY B 76 -3.20 -20.94 11.88
C GLY B 76 -2.31 -22.01 11.25
N SER B 77 -1.49 -21.57 10.32
CA SER B 77 -0.61 -22.45 9.58
C SER B 77 0.49 -23.07 10.45
N ALA B 78 0.59 -24.39 10.39
CA ALA B 78 1.64 -25.12 11.13
C ALA B 78 3.02 -24.65 10.62
N MET B 79 3.23 -24.67 9.29
CA MET B 79 4.53 -24.25 8.75
C MET B 79 4.86 -22.80 8.98
N ASP B 80 4.09 -22.18 9.85
CA ASP B 80 4.34 -20.80 10.18
C ASP B 80 3.99 -20.56 11.64
N LYS B 81 3.86 -21.60 12.49
CA LYS B 81 3.40 -21.39 13.89
C LYS B 81 4.22 -20.42 14.70
N ASP B 82 5.55 -20.51 14.55
CA ASP B 82 6.47 -19.65 15.26
C ASP B 82 6.06 -18.18 15.14
N ARG B 83 5.48 -17.81 13.97
CA ARG B 83 5.10 -16.38 13.71
C ARG B 83 3.63 -16.02 13.86
N ILE B 84 2.83 -16.97 14.30
CA ILE B 84 1.43 -16.72 14.49
C ILE B 84 1.22 -16.54 16.00
N PRO B 85 1.05 -15.28 16.44
CA PRO B 85 0.86 -15.02 17.87
C PRO B 85 -0.32 -15.79 18.51
N GLY B 86 0.03 -16.49 19.57
CA GLY B 86 -0.94 -17.23 20.37
C GLY B 86 -1.55 -18.45 19.71
N ILE B 87 -0.93 -18.90 18.63
CA ILE B 87 -1.49 -20.04 17.92
C ILE B 87 -1.75 -21.24 18.84
N ASP B 88 -2.98 -21.78 18.74
CA ASP B 88 -3.41 -22.93 19.53
C ASP B 88 -3.55 -24.23 18.72
N MET B 89 -3.96 -24.06 17.47
CA MET B 89 -4.20 -25.16 16.54
C MET B 89 -3.47 -24.90 15.27
N ALA B 90 -2.64 -25.87 14.88
CA ALA B 90 -1.89 -25.74 13.66
C ALA B 90 -2.63 -26.45 12.54
N LEU B 91 -2.56 -25.85 11.33
CA LEU B 91 -3.24 -26.36 10.13
C LEU B 91 -2.27 -26.72 9.00
N LYS B 92 -2.44 -27.95 8.47
CA LYS B 92 -1.57 -28.44 7.44
C LYS B 92 -2.22 -28.29 6.08
N ASP B 93 -1.39 -28.13 5.04
CA ASP B 93 -1.89 -28.02 3.68
C ASP B 93 -2.86 -29.16 3.23
N GLY B 94 -4.12 -29.12 3.60
CA GLY B 94 -4.96 -30.23 3.21
C GLY B 94 -5.80 -30.79 4.36
N ASP B 95 -5.69 -30.21 5.55
CA ASP B 95 -6.60 -30.73 6.60
C ASP B 95 -8.03 -30.22 6.38
N LYS B 96 -8.95 -30.77 7.17
CA LYS B 96 -10.35 -30.38 7.08
C LYS B 96 -10.83 -29.98 8.43
N TRP B 97 -10.52 -28.76 8.89
CA TRP B 97 -10.91 -28.26 10.19
C TRP B 97 -12.41 -28.03 10.22
N MET B 98 -13.00 -28.16 11.41
CA MET B 98 -14.44 -27.97 11.51
C MET B 98 -14.87 -26.74 12.28
N PHE B 99 -15.58 -25.88 11.56
CA PHE B 99 -16.19 -24.68 12.15
C PHE B 99 -17.63 -25.09 12.52
N ALA B 100 -17.89 -25.30 13.82
CA ALA B 100 -19.20 -25.75 14.26
C ALA B 100 -19.62 -26.87 13.29
N GLY B 101 -18.76 -27.83 13.05
CA GLY B 101 -19.26 -28.87 12.16
C GLY B 101 -19.43 -28.56 10.67
N HIS B 102 -18.78 -27.49 10.26
CA HIS B 102 -18.76 -27.16 8.82
C HIS B 102 -17.30 -27.19 8.40
N GLU B 103 -17.04 -27.87 7.30
CA GLU B 103 -15.72 -28.00 6.77
C GLU B 103 -14.97 -26.65 6.50
N VAL B 104 -13.67 -26.63 6.76
CA VAL B 104 -12.82 -25.45 6.47
C VAL B 104 -11.54 -25.94 5.79
N HIS B 105 -11.64 -26.43 4.57
CA HIS B 105 -10.46 -26.92 3.83
C HIS B 105 -9.33 -25.91 3.83
N VAL B 106 -8.17 -26.40 4.25
CA VAL B 106 -6.97 -25.55 4.35
C VAL B 106 -6.07 -25.78 3.15
N MET B 107 -5.66 -24.67 2.51
CA MET B 107 -4.76 -24.78 1.36
C MET B 107 -3.52 -23.91 1.64
N ASP B 108 -2.34 -24.51 1.47
CA ASP B 108 -1.08 -23.74 1.60
C ASP B 108 -0.99 -22.89 0.30
N THR B 109 -0.88 -21.57 0.45
CA THR B 109 -0.78 -20.67 -0.73
C THR B 109 0.42 -19.73 -0.59
N PRO B 110 1.64 -20.29 -0.65
CA PRO B 110 2.86 -19.49 -0.55
C PRO B 110 2.98 -18.49 -1.69
N GLY B 111 3.80 -17.47 -1.48
CA GLY B 111 4.04 -16.47 -2.51
C GLY B 111 4.25 -15.13 -1.86
N HIS B 112 3.18 -14.59 -1.27
CA HIS B 112 3.28 -13.28 -0.60
C HIS B 112 4.17 -13.58 0.62
N THR B 113 3.88 -14.67 1.32
CA THR B 113 4.74 -15.14 2.43
C THR B 113 4.90 -16.64 2.37
N LYS B 114 5.99 -17.16 2.96
CA LYS B 114 6.12 -18.62 3.04
C LYS B 114 5.28 -18.98 4.29
N GLY B 115 4.26 -19.82 4.10
CA GLY B 115 3.37 -20.22 5.20
C GLY B 115 1.92 -19.70 5.10
N HIS B 116 1.68 -18.77 4.19
CA HIS B 116 0.36 -18.21 3.94
C HIS B 116 -0.60 -19.35 3.58
N ILE B 117 -1.79 -19.33 4.14
CA ILE B 117 -2.82 -20.35 3.83
C ILE B 117 -4.09 -19.57 3.42
N SER B 118 -4.98 -20.29 2.73
CA SER B 118 -6.27 -19.78 2.33
C SER B 118 -7.25 -20.80 2.93
N LEU B 119 -8.43 -20.33 3.33
CA LEU B 119 -9.39 -21.16 4.02
C LEU B 119 -10.64 -21.28 3.16
N TYR B 120 -10.97 -22.49 2.70
CA TYR B 120 -12.14 -22.72 1.83
C TYR B 120 -13.29 -23.36 2.62
N PHE B 121 -14.46 -22.73 2.54
CA PHE B 121 -15.70 -23.18 3.24
C PHE B 121 -16.64 -23.58 2.08
N PRO B 122 -16.56 -24.86 1.63
CA PRO B 122 -17.38 -25.34 0.52
C PRO B 122 -18.89 -25.16 0.79
N GLY B 123 -19.26 -25.28 2.06
CA GLY B 123 -20.67 -25.11 2.44
C GLY B 123 -21.25 -23.74 2.17
N SER B 124 -20.39 -22.73 2.24
CA SER B 124 -20.82 -21.38 2.05
C SER B 124 -20.31 -20.79 0.72
N ARG B 125 -19.74 -21.68 -0.11
CA ARG B 125 -19.17 -21.31 -1.40
C ARG B 125 -18.28 -20.08 -1.18
N ALA B 126 -17.27 -20.20 -0.34
CA ALA B 126 -16.40 -19.06 -0.08
C ALA B 126 -15.02 -19.48 0.31
N ILE B 127 -14.03 -18.63 -0.05
CA ILE B 127 -12.67 -18.93 0.38
C ILE B 127 -11.91 -17.64 0.80
N PHE B 128 -11.32 -17.62 2.01
CA PHE B 128 -10.57 -16.41 2.45
C PHE B 128 -9.18 -16.58 1.91
N THR B 129 -8.74 -15.61 1.07
CA THR B 129 -7.48 -15.68 0.37
C THR B 129 -6.40 -14.74 0.90
N GLY B 130 -6.67 -14.09 2.05
CA GLY B 130 -5.67 -13.20 2.62
C GLY B 130 -5.08 -12.28 1.55
N ASP B 131 -3.71 -12.29 1.43
CA ASP B 131 -3.07 -11.43 0.45
C ASP B 131 -2.49 -12.23 -0.72
N THR B 132 -2.92 -13.51 -0.82
CA THR B 132 -2.48 -14.32 -1.92
C THR B 132 -3.20 -13.80 -3.17
N MET B 133 -4.54 -13.79 -3.15
CA MET B 133 -5.28 -13.29 -4.31
C MET B 133 -6.21 -12.16 -3.89
N PHE B 134 -6.12 -11.02 -4.58
CA PHE B 134 -7.02 -9.88 -4.35
C PHE B 134 -7.95 -9.82 -5.55
N SER B 135 -8.93 -8.89 -5.53
CA SER B 135 -9.71 -8.75 -6.77
C SER B 135 -8.84 -7.94 -7.75
N LEU B 136 -8.58 -8.55 -8.90
CA LEU B 136 -7.79 -7.98 -10.00
C LEU B 136 -6.30 -7.97 -9.77
N SER B 137 -5.85 -8.37 -8.56
CA SER B 137 -4.41 -8.43 -8.30
C SER B 137 -4.14 -9.62 -7.40
N CYS B 138 -3.02 -9.54 -6.68
CA CYS B 138 -2.53 -10.55 -5.75
C CYS B 138 -1.47 -9.82 -4.93
N GLY B 139 -1.04 -10.45 -3.86
CA GLY B 139 -0.09 -9.76 -3.02
C GLY B 139 1.27 -9.69 -3.64
N LYS B 140 2.06 -8.73 -3.17
CA LYS B 140 3.45 -8.71 -3.61
C LYS B 140 4.19 -9.89 -3.02
N LEU B 141 5.31 -10.28 -3.70
CA LEU B 141 6.05 -11.46 -3.31
C LEU B 141 7.17 -11.16 -2.34
N PHE B 142 6.79 -10.94 -1.07
CA PHE B 142 7.83 -10.60 -0.11
C PHE B 142 8.73 -11.79 0.23
N GLU B 143 8.16 -13.00 0.31
CA GLU B 143 8.94 -14.15 0.65
C GLU B 143 8.98 -15.21 -0.44
N GLY B 144 7.85 -15.49 -1.10
CA GLY B 144 7.84 -16.59 -2.07
C GLY B 144 8.25 -16.21 -3.43
N THR B 145 8.17 -17.20 -4.32
CA THR B 145 8.56 -17.03 -5.69
C THR B 145 7.37 -16.91 -6.65
N PRO B 146 7.64 -16.44 -7.87
CA PRO B 146 6.57 -16.32 -8.86
C PRO B 146 5.95 -17.69 -9.11
N LYS B 147 6.76 -18.75 -9.12
CA LYS B 147 6.25 -20.10 -9.35
C LYS B 147 5.29 -20.51 -8.22
N GLN B 148 5.67 -20.19 -6.97
CA GLN B 148 4.83 -20.54 -5.83
C GLN B 148 3.52 -19.73 -5.91
N MET B 149 3.63 -18.44 -6.19
CA MET B 149 2.41 -17.64 -6.26
C MET B 149 1.51 -18.11 -7.41
N LEU B 150 2.09 -18.21 -8.61
CA LEU B 150 1.30 -18.69 -9.76
C LEU B 150 0.65 -20.03 -9.39
N ALA B 151 1.34 -20.91 -8.64
CA ALA B 151 0.75 -22.19 -8.26
C ALA B 151 -0.36 -22.02 -7.22
N SER B 152 -0.16 -21.11 -6.28
CA SER B 152 -1.18 -20.88 -5.26
C SER B 152 -2.45 -20.29 -5.86
N LEU B 153 -2.29 -19.46 -6.91
CA LEU B 153 -3.43 -18.85 -7.56
C LEU B 153 -4.23 -19.91 -8.35
N GLN B 154 -3.51 -20.84 -8.98
CA GLN B 154 -4.13 -21.95 -9.73
C GLN B 154 -4.91 -22.87 -8.79
N LYS B 155 -4.40 -23.12 -7.60
CA LYS B 155 -5.16 -23.93 -6.66
C LYS B 155 -6.48 -23.21 -6.33
N ILE B 156 -6.37 -21.91 -6.14
CA ILE B 156 -7.56 -21.16 -5.79
C ILE B 156 -8.58 -21.16 -6.93
N THR B 157 -8.12 -20.94 -8.19
CA THR B 157 -9.05 -20.83 -9.33
C THR B 157 -9.52 -22.20 -9.85
N SER B 158 -8.94 -23.27 -9.28
CA SER B 158 -9.41 -24.62 -9.63
C SER B 158 -10.75 -24.89 -8.92
N LEU B 159 -11.04 -24.20 -7.81
CA LEU B 159 -12.32 -24.38 -7.08
C LEU B 159 -13.43 -23.96 -8.05
N PRO B 160 -14.71 -24.23 -7.71
CA PRO B 160 -15.85 -23.87 -8.58
C PRO B 160 -15.86 -22.38 -8.88
N ASP B 161 -16.29 -22.04 -10.10
CA ASP B 161 -16.31 -20.66 -10.54
C ASP B 161 -17.34 -19.80 -9.81
N ASP B 162 -18.19 -20.43 -9.00
CA ASP B 162 -19.15 -19.62 -8.31
C ASP B 162 -18.74 -19.32 -6.86
N THR B 163 -17.59 -19.83 -6.41
CA THR B 163 -17.15 -19.55 -5.06
C THR B 163 -16.89 -18.03 -4.80
N SER B 164 -17.16 -17.56 -3.60
CA SER B 164 -16.90 -16.15 -3.30
C SER B 164 -15.46 -16.01 -2.79
N ILE B 165 -14.73 -14.99 -3.28
CA ILE B 165 -13.37 -14.73 -2.84
C ILE B 165 -13.37 -13.51 -1.93
N TYR B 166 -13.03 -13.74 -0.65
CA TYR B 166 -13.02 -12.62 0.30
C TYR B 166 -11.55 -12.29 0.46
N CYS B 167 -11.06 -11.19 -0.23
CA CYS B 167 -9.65 -10.60 -0.33
C CYS B 167 -9.15 -9.99 1.06
N GLY B 168 -7.84 -9.93 1.34
CA GLY B 168 -7.35 -9.35 2.60
C GLY B 168 -7.37 -7.84 2.58
N HIS B 169 -7.50 -7.21 1.39
CA HIS B 169 -7.49 -5.75 1.32
C HIS B 169 -8.44 -5.21 0.25
N GLU B 170 -8.79 -3.93 0.39
CA GLU B 170 -9.65 -3.22 -0.55
C GLU B 170 -8.70 -2.48 -1.50
N TYR B 171 -8.05 -3.24 -2.39
CA TYR B 171 -7.14 -2.66 -3.36
C TYR B 171 -7.72 -2.62 -4.79
N THR B 172 -8.92 -3.18 -4.94
CA THR B 172 -9.49 -3.37 -6.27
C THR B 172 -9.43 -2.20 -7.25
N LEU B 173 -9.82 -1.01 -6.80
CA LEU B 173 -9.82 0.13 -7.69
C LEU B 173 -8.37 0.42 -8.13
N SER B 174 -7.42 0.44 -7.22
CA SER B 174 -6.05 0.68 -7.70
C SER B 174 -5.57 -0.40 -8.68
N ASN B 175 -5.76 -1.66 -8.27
CA ASN B 175 -5.39 -2.82 -9.07
C ASN B 175 -5.99 -2.71 -10.50
N SER B 176 -7.23 -2.23 -10.59
CA SER B 176 -7.95 -2.08 -11.85
C SER B 176 -7.19 -1.15 -12.78
N LYS B 177 -6.55 -0.11 -12.23
CA LYS B 177 -5.84 0.82 -13.10
C LYS B 177 -4.73 0.09 -13.89
N PHE B 178 -3.96 -0.73 -13.20
CA PHE B 178 -2.89 -1.47 -13.82
C PHE B 178 -3.49 -2.51 -14.74
N ALA B 179 -4.63 -3.10 -14.38
CA ALA B 179 -5.19 -4.12 -15.23
C ALA B 179 -5.63 -3.53 -16.58
N LEU B 180 -6.29 -2.39 -16.56
CA LEU B 180 -6.77 -1.77 -17.81
C LEU B 180 -5.61 -1.25 -18.64
N SER B 181 -4.49 -1.03 -17.99
CA SER B 181 -3.28 -0.55 -18.70
C SER B 181 -2.63 -1.70 -19.51
N LEU B 182 -3.02 -2.94 -19.22
CA LEU B 182 -2.45 -4.09 -19.94
C LEU B 182 -3.43 -4.67 -20.93
N GLU B 183 -4.69 -4.68 -20.53
CA GLU B 183 -5.73 -5.29 -21.35
C GLU B 183 -6.95 -4.36 -21.47
N PRO B 184 -6.71 -3.21 -22.12
CA PRO B 184 -7.78 -2.25 -22.26
C PRO B 184 -8.99 -2.63 -23.06
N ASN B 185 -8.84 -3.62 -23.93
CA ASN B 185 -9.97 -4.04 -24.72
C ASN B 185 -10.72 -5.23 -24.11
N ASN B 186 -10.35 -5.68 -22.89
CA ASN B 186 -11.07 -6.78 -22.20
C ASN B 186 -12.45 -6.18 -21.76
N GLU B 187 -13.54 -6.61 -22.42
CA GLU B 187 -14.87 -6.06 -22.14
C GLU B 187 -15.37 -6.32 -20.73
N VAL B 188 -15.20 -7.54 -20.26
CA VAL B 188 -15.69 -7.84 -18.90
C VAL B 188 -14.89 -6.98 -17.90
N LEU B 189 -13.59 -6.86 -18.12
CA LEU B 189 -12.76 -6.05 -17.19
C LEU B 189 -13.22 -4.58 -17.23
N GLN B 190 -13.49 -4.05 -18.43
CA GLN B 190 -13.98 -2.68 -18.49
C GLN B 190 -15.29 -2.57 -17.69
N SER B 191 -16.20 -3.53 -17.86
CA SER B 191 -17.50 -3.42 -17.17
C SER B 191 -17.26 -3.56 -15.65
N TYR B 192 -16.45 -4.53 -15.26
CA TYR B 192 -16.19 -4.69 -13.84
C TYR B 192 -15.44 -3.49 -13.25
N ALA B 193 -14.50 -2.90 -13.99
CA ALA B 193 -13.77 -1.76 -13.46
C ALA B 193 -14.75 -0.63 -13.22
N ALA B 194 -15.67 -0.43 -14.15
CA ALA B 194 -16.63 0.67 -13.96
C ALA B 194 -17.49 0.46 -12.70
N HIS B 195 -17.87 -0.79 -12.45
CA HIS B 195 -18.69 -1.19 -11.28
C HIS B 195 -17.87 -0.94 -10.00
N VAL B 196 -16.58 -1.30 -10.05
CA VAL B 196 -15.66 -1.07 -8.91
C VAL B 196 -15.51 0.45 -8.65
N ALA B 197 -15.35 1.23 -9.71
CA ALA B 197 -15.23 2.70 -9.53
C ALA B 197 -16.46 3.28 -8.84
N GLU B 198 -17.62 2.83 -9.25
CA GLU B 198 -18.89 3.33 -8.66
C GLU B 198 -19.00 2.87 -7.20
N LEU B 199 -18.67 1.61 -6.92
CA LEU B 199 -18.75 1.09 -5.55
C LEU B 199 -17.85 1.92 -4.67
N ARG B 200 -16.62 2.19 -5.13
CA ARG B 200 -15.68 2.95 -4.30
C ARG B 200 -16.08 4.43 -4.17
N SER B 201 -16.73 5.00 -5.20
CA SER B 201 -17.19 6.40 -5.09
C SER B 201 -18.19 6.55 -3.94
N LYS B 202 -18.89 5.44 -3.63
CA LYS B 202 -19.87 5.42 -2.54
C LYS B 202 -19.28 4.83 -1.24
N LYS B 203 -17.96 4.66 -1.22
CA LYS B 203 -17.25 4.08 -0.06
C LYS B 203 -17.72 2.68 0.27
N LEU B 204 -18.14 1.95 -0.76
CA LEU B 204 -18.62 0.58 -0.55
C LEU B 204 -17.53 -0.44 -0.93
N PRO B 205 -17.45 -1.54 -0.18
CA PRO B 205 -16.46 -2.60 -0.47
C PRO B 205 -16.67 -3.19 -1.84
N THR B 206 -15.59 -3.67 -2.43
CA THR B 206 -15.68 -4.35 -3.72
C THR B 206 -15.45 -5.83 -3.54
N ILE B 207 -15.47 -6.28 -2.28
CA ILE B 207 -15.17 -7.65 -1.91
C ILE B 207 -16.44 -8.17 -1.19
N PRO B 208 -16.85 -9.44 -1.40
CA PRO B 208 -16.21 -10.46 -2.25
C PRO B 208 -16.28 -10.32 -3.74
N THR B 209 -15.27 -10.90 -4.39
CA THR B 209 -15.28 -11.04 -5.84
C THR B 209 -15.65 -12.54 -6.05
N THR B 210 -15.43 -13.09 -7.25
CA THR B 210 -15.71 -14.50 -7.49
C THR B 210 -14.61 -15.18 -8.33
N VAL B 211 -14.49 -16.49 -8.20
CA VAL B 211 -13.51 -17.22 -9.00
C VAL B 211 -13.74 -16.97 -10.49
N LYS B 212 -15.01 -16.86 -10.92
CA LYS B 212 -15.26 -16.64 -12.33
C LYS B 212 -14.83 -15.24 -12.80
N MET B 213 -15.17 -14.22 -12.02
CA MET B 213 -14.80 -12.85 -12.34
C MET B 213 -13.28 -12.69 -12.42
N GLU B 214 -12.55 -13.33 -11.48
CA GLU B 214 -11.09 -13.15 -11.43
C GLU B 214 -10.46 -13.96 -12.55
N LYS B 215 -10.99 -15.16 -12.83
CA LYS B 215 -10.39 -15.94 -13.92
C LYS B 215 -10.57 -15.21 -15.24
N ALA B 216 -11.39 -14.15 -15.27
CA ALA B 216 -11.54 -13.45 -16.53
C ALA B 216 -11.03 -12.00 -16.56
N CYS B 217 -10.64 -11.47 -15.41
CA CYS B 217 -10.25 -10.09 -15.31
C CYS B 217 -8.91 -9.71 -14.71
N ASN B 218 -8.41 -10.55 -13.82
CA ASN B 218 -7.16 -10.31 -13.08
C ASN B 218 -5.98 -10.79 -13.95
N PRO B 219 -5.04 -9.88 -14.26
CA PRO B 219 -3.90 -10.25 -15.11
C PRO B 219 -3.07 -11.40 -14.60
N PHE B 220 -3.03 -11.57 -13.26
CA PHE B 220 -2.19 -12.61 -12.72
C PHE B 220 -2.72 -14.02 -12.97
N LEU B 221 -4.00 -14.11 -13.41
CA LEU B 221 -4.59 -15.42 -13.76
C LEU B 221 -4.63 -15.54 -15.30
N ARG B 222 -4.12 -14.53 -15.97
CA ARG B 222 -4.14 -14.44 -17.44
C ARG B 222 -2.73 -14.26 -18.00
N SER B 223 -1.79 -14.96 -17.36
CA SER B 223 -0.37 -14.83 -17.68
C SER B 223 0.00 -15.26 -19.10
N SER B 224 -0.88 -16.01 -19.76
CA SER B 224 -0.63 -16.39 -21.16
C SER B 224 -1.40 -15.53 -22.16
N ASN B 225 -2.19 -14.57 -21.66
CA ASN B 225 -2.93 -13.71 -22.54
C ASN B 225 -2.04 -12.96 -23.54
N THR B 226 -2.49 -12.84 -24.79
CA THR B 226 -1.66 -12.14 -25.78
C THR B 226 -1.50 -10.65 -25.61
N ASP B 227 -2.58 -9.94 -25.30
CA ASP B 227 -2.46 -8.49 -25.15
C ASP B 227 -1.55 -8.13 -23.98
N ILE B 228 -1.66 -8.91 -22.90
CA ILE B 228 -0.81 -8.66 -21.73
C ILE B 228 0.65 -8.90 -22.04
N ARG B 229 0.94 -9.98 -22.78
CA ARG B 229 2.29 -10.28 -23.16
C ARG B 229 2.83 -9.20 -24.10
N ARG B 230 1.98 -8.65 -24.97
CA ARG B 230 2.45 -7.63 -25.88
C ARG B 230 2.89 -6.37 -25.09
N ALA B 231 1.97 -5.87 -24.28
CA ALA B 231 2.20 -4.65 -23.50
C ALA B 231 3.41 -4.76 -22.57
N LEU B 232 3.75 -5.97 -22.17
CA LEU B 232 4.85 -6.16 -21.22
C LEU B 232 6.11 -6.86 -21.81
N ARG B 233 6.12 -6.99 -23.14
CA ARG B 233 7.20 -7.61 -23.88
C ARG B 233 7.53 -8.98 -23.27
N ILE B 234 6.48 -9.72 -22.94
CA ILE B 234 6.69 -11.06 -22.43
C ILE B 234 6.85 -12.02 -23.61
N PRO B 235 7.98 -12.74 -23.69
CA PRO B 235 8.25 -13.70 -24.78
C PRO B 235 7.12 -14.68 -24.94
N GLU B 236 6.75 -14.97 -26.20
CA GLU B 236 5.62 -15.88 -26.38
C GLU B 236 5.85 -17.24 -25.77
N ALA B 237 7.09 -17.71 -25.75
CA ALA B 237 7.36 -19.07 -25.26
C ALA B 237 7.61 -19.16 -23.76
N ALA B 238 7.83 -18.02 -23.12
CA ALA B 238 8.05 -17.99 -21.70
C ALA B 238 6.86 -18.59 -20.99
N ASP B 239 7.15 -19.41 -19.97
CA ASP B 239 6.13 -20.10 -19.21
C ASP B 239 5.35 -19.07 -18.38
N GLU B 240 4.29 -19.52 -17.71
CA GLU B 240 3.44 -18.55 -17.00
C GLU B 240 4.02 -18.06 -15.69
N ALA B 241 4.95 -18.80 -15.08
CA ALA B 241 5.57 -18.30 -13.85
C ALA B 241 6.50 -17.16 -14.22
N GLU B 242 7.28 -17.30 -15.30
CA GLU B 242 8.18 -16.20 -15.67
C GLU B 242 7.32 -14.96 -16.03
N ALA B 243 6.23 -15.21 -16.75
CA ALA B 243 5.30 -14.18 -17.17
C ALA B 243 4.69 -13.49 -15.90
N LEU B 244 4.24 -14.28 -14.92
CA LEU B 244 3.65 -13.71 -13.69
C LEU B 244 4.69 -12.83 -13.00
N GLY B 245 5.94 -13.31 -12.94
CA GLY B 245 6.98 -12.54 -12.29
C GLY B 245 7.15 -11.17 -12.94
N ILE B 246 7.09 -11.13 -14.28
CA ILE B 246 7.27 -9.88 -14.98
C ILE B 246 6.04 -8.96 -14.74
N ILE B 247 4.83 -9.53 -14.76
CA ILE B 247 3.62 -8.73 -14.55
C ILE B 247 3.70 -8.17 -13.09
N ARG B 248 4.20 -8.99 -12.16
CA ARG B 248 4.26 -8.58 -10.75
C ARG B 248 5.24 -7.40 -10.61
N LYS B 249 6.36 -7.49 -11.29
CA LYS B 249 7.35 -6.39 -11.20
C LYS B 249 6.78 -5.12 -11.85
N ALA B 250 6.10 -5.32 -12.99
CA ALA B 250 5.50 -4.21 -13.69
C ALA B 250 4.43 -3.55 -12.80
N LYS B 251 3.64 -4.36 -12.07
CA LYS B 251 2.59 -3.76 -11.22
C LYS B 251 3.21 -2.93 -10.08
N ASP B 252 4.27 -3.47 -9.50
CA ASP B 252 4.94 -2.78 -8.41
C ASP B 252 5.38 -1.37 -8.81
N ASP B 253 5.92 -1.23 -10.04
CA ASP B 253 6.45 0.05 -10.56
C ASP B 253 5.48 0.89 -11.40
N PHE B 254 4.21 0.54 -11.33
CA PHE B 254 3.20 1.27 -12.11
C PHE B 254 2.87 2.65 -11.54
ZN ZN C . 5.41 6.02 -6.31
FE FE D . 2.83 6.85 -4.48
C ACY E . 6.53 1.84 2.92
O ACY E . 7.16 2.26 3.86
OXT ACY E . 6.31 0.55 2.77
CH3 ACY E . 5.97 2.78 1.87
C1 PEG F . -5.04 18.19 17.87
O1 PEG F . -4.37 16.93 17.68
C2 PEG F . -5.74 18.73 16.57
O2 PEG F . -7.06 19.17 16.88
C3 PEG F . -7.68 19.66 15.69
C4 PEG F . -9.12 20.15 16.05
O4 PEG F . -9.90 19.10 16.64
ZN ZN G . 0.48 -9.40 3.96
FE FE H . -2.06 -7.46 4.33
C ACY I . -0.38 -5.31 -5.04
O ACY I . -0.94 -5.66 -6.08
OXT ACY I . 0.65 -4.46 -5.08
CH3 ACY I . -0.79 -5.83 -3.71
N MET A 1 3.54 31.77 0.30
CA MET A 1 2.84 30.69 -0.48
C MET A 1 1.91 29.82 0.39
N GLN A 2 0.68 29.61 -0.07
CA GLN A 2 -0.24 28.76 0.66
C GLN A 2 -0.11 27.33 0.11
N ILE A 3 0.17 26.34 0.97
CA ILE A 3 0.30 24.94 0.52
C ILE A 3 -0.99 24.22 0.90
N GLU A 4 -1.80 23.85 -0.07
CA GLU A 4 -3.07 23.19 0.22
C GLU A 4 -2.86 21.71 0.18
N LEU A 5 -3.19 21.02 1.29
CA LEU A 5 -3.03 19.59 1.32
C LEU A 5 -4.28 19.03 0.73
N VAL A 6 -4.18 18.27 -0.38
CA VAL A 6 -5.37 17.66 -1.00
C VAL A 6 -5.26 16.14 -0.98
N PRO A 7 -6.11 15.47 -0.16
CA PRO A 7 -6.04 14.00 -0.16
C PRO A 7 -6.63 13.44 -1.47
N CYS A 8 -5.96 12.42 -2.04
CA CYS A 8 -6.40 11.80 -3.27
C CYS A 8 -6.37 10.30 -3.05
N LEU A 9 -7.12 9.61 -3.90
CA LEU A 9 -7.22 8.14 -3.84
C LEU A 9 -7.51 7.75 -2.41
N LYS A 10 -6.79 6.77 -1.91
CA LYS A 10 -7.02 6.26 -0.56
C LYS A 10 -6.04 6.82 0.44
N ASP A 11 -4.95 7.41 -0.04
CA ASP A 11 -3.93 7.94 0.86
C ASP A 11 -2.88 8.80 0.21
N ASN A 12 -3.21 9.49 -0.91
CA ASN A 12 -2.17 10.37 -1.50
C ASN A 12 -2.34 11.81 -1.02
N TYR A 13 -1.28 12.59 -1.26
CA TYR A 13 -1.36 14.01 -0.96
C TYR A 13 -0.88 14.97 -2.02
N ALA A 14 -1.56 15.00 -3.17
CA ALA A 14 -1.21 16.02 -4.17
C ALA A 14 -1.33 17.40 -3.47
N TYR A 15 -0.42 18.34 -3.75
CA TYR A 15 -0.46 19.64 -3.08
C TYR A 15 -0.86 20.77 -3.99
N ILE A 16 -1.61 21.74 -3.45
CA ILE A 16 -2.03 22.92 -4.20
C ILE A 16 -1.18 24.07 -3.71
N LEU A 17 -0.45 24.63 -4.67
CA LEU A 17 0.47 25.72 -4.44
C LEU A 17 -0.16 27.03 -4.88
N HIS A 18 -0.26 28.00 -3.95
CA HIS A 18 -0.91 29.28 -4.31
C HIS A 18 -0.01 30.41 -3.89
N ASP A 19 0.46 31.17 -4.88
CA ASP A 19 1.30 32.34 -4.60
C ASP A 19 0.42 33.57 -4.36
N GLU A 20 0.46 34.11 -3.15
CA GLU A 20 -0.39 35.24 -2.85
C GLU A 20 -0.06 36.52 -3.59
N ASP A 21 1.21 36.65 -3.99
CA ASP A 21 1.73 37.82 -4.71
C ASP A 21 1.27 37.81 -6.17
N THR A 22 0.64 36.74 -6.60
CA THR A 22 0.14 36.71 -7.97
C THR A 22 -1.08 35.86 -8.18
N GLY A 23 -1.38 34.96 -7.27
CA GLY A 23 -2.54 34.17 -7.65
C GLY A 23 -2.15 33.02 -8.59
N THR A 24 -0.87 32.86 -8.93
CA THR A 24 -0.49 31.72 -9.73
C THR A 24 -0.73 30.46 -8.88
N VAL A 25 -1.18 29.38 -9.50
CA VAL A 25 -1.45 28.13 -8.78
C VAL A 25 -0.67 26.96 -9.39
N GLY A 26 -0.02 26.20 -8.52
CA GLY A 26 0.67 25.01 -8.99
C GLY A 26 -0.04 23.76 -8.42
N VAL A 27 0.22 22.60 -9.01
CA VAL A 27 -0.27 21.31 -8.52
C VAL A 27 0.89 20.26 -8.56
N VAL A 28 1.30 19.85 -7.38
CA VAL A 28 2.35 18.86 -7.18
C VAL A 28 1.65 17.51 -7.06
N ASP A 29 2.02 16.59 -7.92
CA ASP A 29 1.51 15.19 -7.90
C ASP A 29 -0.02 14.99 -7.93
N PRO A 30 -0.71 15.59 -8.91
CA PRO A 30 -2.17 15.45 -9.04
C PRO A 30 -2.53 14.00 -9.39
N SER A 31 -2.76 13.18 -8.36
CA SER A 31 -3.08 11.77 -8.53
C SER A 31 -4.21 11.50 -9.48
N GLU A 32 -5.16 12.41 -9.48
CA GLU A 32 -6.34 12.26 -10.32
C GLU A 32 -6.80 13.70 -10.56
N ALA A 33 -7.37 13.95 -11.73
CA ALA A 33 -7.81 15.30 -12.06
C ALA A 33 -8.92 15.83 -11.24
N GLU A 34 -10.01 15.07 -11.16
CA GLU A 34 -11.20 15.55 -10.47
C GLU A 34 -11.04 16.13 -9.07
N PRO A 35 -10.24 15.48 -8.21
CA PRO A 35 -10.01 15.95 -6.85
C PRO A 35 -9.36 17.31 -6.88
N ILE A 36 -8.53 17.61 -7.89
CA ILE A 36 -7.87 18.95 -7.95
C ILE A 36 -8.87 20.06 -8.26
N ILE A 37 -9.56 19.92 -9.38
CA ILE A 37 -10.62 20.83 -9.82
C ILE A 37 -11.56 21.13 -8.66
N ASP A 38 -11.97 20.09 -7.93
CA ASP A 38 -12.87 20.28 -6.79
C ASP A 38 -12.17 20.89 -5.61
N SER A 39 -11.15 21.69 -5.89
CA SER A 39 -10.42 22.38 -4.86
C SER A 39 -10.14 23.80 -5.28
N LEU A 40 -10.04 24.06 -6.59
CA LEU A 40 -9.77 25.42 -7.08
C LEU A 40 -11.01 26.13 -7.63
N LYS A 41 -12.09 25.38 -7.76
CA LYS A 41 -13.32 25.95 -8.26
C LYS A 41 -14.20 26.37 -7.10
N ARG A 42 -14.34 27.68 -6.93
CA ARG A 42 -15.18 28.26 -5.88
C ARG A 42 -15.69 29.67 -6.30
N SER A 43 -14.79 30.44 -6.91
CA SER A 43 -15.09 31.78 -7.39
C SER A 43 -14.51 31.94 -8.81
N GLY A 44 -13.19 31.74 -8.93
CA GLY A 44 -12.53 31.84 -10.22
C GLY A 44 -11.02 31.63 -10.16
N ARG A 45 -10.57 30.38 -10.06
CA ARG A 45 -9.14 30.06 -9.98
C ARG A 45 -8.81 28.92 -10.91
N ASN A 46 -7.77 29.13 -11.72
CA ASN A 46 -7.33 28.12 -12.68
C ASN A 46 -6.03 27.47 -12.25
N LEU A 47 -5.46 26.65 -13.14
CA LEU A 47 -4.18 25.97 -12.83
C LEU A 47 -3.05 26.43 -13.77
N THR A 48 -1.93 26.95 -13.22
CA THR A 48 -0.83 27.40 -14.08
C THR A 48 0.20 26.31 -14.35
N TYR A 49 0.62 25.67 -13.27
CA TYR A 49 1.64 24.65 -13.30
C TYR A 49 1.27 23.31 -12.68
N ILE A 50 1.86 22.25 -13.23
CA ILE A 50 1.70 20.89 -12.72
C ILE A 50 3.14 20.40 -12.52
N LEU A 51 3.48 19.96 -11.30
CA LEU A 51 4.83 19.48 -10.99
C LEU A 51 4.73 18.04 -10.49
N ASN A 52 5.57 17.15 -11.05
CA ASN A 52 5.54 15.77 -10.64
C ASN A 52 6.85 15.36 -9.97
N THR A 53 6.72 14.58 -8.93
CA THR A 53 7.93 14.12 -8.24
C THR A 53 8.51 12.87 -8.94
N HIS A 54 7.64 12.00 -9.40
CA HIS A 54 8.08 10.78 -10.05
C HIS A 54 6.95 10.25 -10.99
N HIS A 55 7.20 9.18 -11.74
CA HIS A 55 6.29 8.73 -12.80
C HIS A 55 5.08 7.86 -12.48
N HIS A 56 5.06 7.30 -11.27
CA HIS A 56 4.00 6.36 -10.89
C HIS A 56 2.64 6.96 -11.11
N TYR A 57 1.73 6.12 -11.58
CA TYR A 57 0.40 6.55 -11.93
C TYR A 57 -0.31 7.33 -10.80
N ASP A 58 -0.06 6.96 -9.56
CA ASP A 58 -0.70 7.67 -8.46
C ASP A 58 -0.16 9.08 -8.21
N HIS A 59 0.82 9.52 -9.03
CA HIS A 59 1.36 10.89 -8.90
C HIS A 59 1.22 11.67 -10.22
N THR A 60 0.89 10.96 -11.32
CA THR A 60 0.78 11.59 -12.66
C THR A 60 -0.59 11.30 -13.31
N GLY A 61 -1.40 10.51 -12.62
CA GLY A 61 -2.68 10.09 -13.15
C GLY A 61 -3.52 11.19 -13.76
N GLY A 62 -3.60 12.34 -13.05
CA GLY A 62 -4.39 13.48 -13.50
C GLY A 62 -3.68 14.48 -14.41
N ASN A 63 -2.44 14.22 -14.76
CA ASN A 63 -1.68 15.17 -15.59
C ASN A 63 -2.38 15.66 -16.89
N LEU A 64 -2.80 14.71 -17.72
CA LEU A 64 -3.32 15.12 -19.04
C LEU A 64 -4.69 15.79 -18.95
N GLU A 65 -5.57 15.20 -18.14
CA GLU A 65 -6.91 15.75 -18.02
C GLU A 65 -6.80 17.16 -17.47
N LEU A 66 -5.77 17.41 -16.65
CA LEU A 66 -5.58 18.74 -16.05
C LEU A 66 -4.92 19.74 -17.01
N LYS A 67 -3.89 19.29 -17.71
CA LYS A 67 -3.18 20.10 -18.69
C LYS A 67 -4.18 20.47 -19.84
N ASP A 68 -4.82 19.48 -20.45
CA ASP A 68 -5.76 19.76 -21.54
C ASP A 68 -7.07 20.40 -21.04
N ARG A 69 -7.02 21.03 -19.86
CA ARG A 69 -8.22 21.71 -19.36
C ARG A 69 -7.98 23.12 -18.84
N TYR A 70 -6.71 23.39 -18.51
CA TYR A 70 -6.31 24.67 -17.96
C TYR A 70 -5.20 25.40 -18.73
N GLY A 71 -4.49 24.67 -19.57
CA GLY A 71 -3.33 25.19 -20.30
C GLY A 71 -2.12 25.17 -19.36
N ALA A 72 -2.21 24.47 -18.22
CA ALA A 72 -1.04 24.47 -17.32
C ALA A 72 0.23 23.88 -17.94
N LYS A 73 1.38 24.25 -17.41
CA LYS A 73 2.68 23.77 -17.89
C LYS A 73 3.12 22.68 -16.88
N VAL A 74 3.63 21.55 -17.38
CA VAL A 74 4.06 20.41 -16.58
C VAL A 74 5.60 20.41 -16.59
N ILE A 75 6.17 20.13 -15.43
CA ILE A 75 7.62 20.14 -15.21
C ILE A 75 8.12 18.69 -15.32
N GLY A 76 8.81 18.20 -14.31
CA GLY A 76 9.20 16.82 -14.41
C GLY A 76 10.69 16.67 -14.46
N SER A 77 11.17 15.49 -14.12
CA SER A 77 12.61 15.29 -14.09
C SER A 77 13.24 15.10 -15.46
N ALA A 78 14.31 15.84 -15.77
CA ALA A 78 14.94 15.67 -17.05
C ALA A 78 15.49 14.23 -17.17
N MET A 79 15.59 13.52 -16.05
CA MET A 79 16.04 12.14 -16.11
C MET A 79 14.95 11.21 -16.63
N ASP A 80 13.68 11.44 -16.28
CA ASP A 80 12.66 10.53 -16.78
C ASP A 80 11.64 11.20 -17.64
N LYS A 81 12.09 12.09 -18.51
CA LYS A 81 11.19 12.83 -19.37
C LYS A 81 10.26 11.92 -20.19
N ASP A 82 10.72 10.73 -20.58
CA ASP A 82 9.87 9.84 -21.38
C ASP A 82 8.62 9.32 -20.67
N ARG A 83 8.63 9.29 -19.33
CA ARG A 83 7.48 8.75 -18.59
C ARG A 83 6.83 9.75 -17.62
N ILE A 84 6.27 10.84 -18.16
CA ILE A 84 5.60 11.93 -17.43
C ILE A 84 4.60 12.53 -18.45
N PRO A 85 3.32 12.28 -18.25
CA PRO A 85 2.37 12.83 -19.20
C PRO A 85 2.32 14.38 -19.25
N GLY A 86 2.34 14.93 -20.50
CA GLY A 86 2.30 16.37 -20.72
C GLY A 86 3.57 17.18 -20.43
N ILE A 87 4.68 16.52 -20.06
CA ILE A 87 5.91 17.21 -19.67
C ILE A 87 6.28 18.29 -20.69
N ASP A 88 6.49 19.49 -20.14
CA ASP A 88 6.84 20.66 -20.94
C ASP A 88 8.21 21.21 -20.54
N MET A 89 8.52 21.13 -19.25
CA MET A 89 9.78 21.65 -18.76
C MET A 89 10.51 20.53 -18.01
N ALA A 90 11.70 20.17 -18.50
CA ALA A 90 12.50 19.11 -17.87
C ALA A 90 13.60 19.70 -16.94
N LEU A 91 13.75 19.19 -15.72
CA LEU A 91 14.76 19.78 -14.83
C LEU A 91 15.72 18.78 -14.20
N LYS A 92 16.96 19.19 -13.97
CA LYS A 92 17.99 18.32 -13.41
C LYS A 92 18.39 18.76 -12.04
N ASP A 93 19.25 17.99 -11.37
CA ASP A 93 19.69 18.35 -10.04
C ASP A 93 20.33 19.74 -9.97
N GLY A 94 19.97 20.48 -8.94
CA GLY A 94 20.54 21.78 -8.76
C GLY A 94 19.89 22.84 -9.62
N ASP A 95 19.05 22.42 -10.55
CA ASP A 95 18.33 23.40 -11.37
C ASP A 95 17.47 24.22 -10.46
N LYS A 96 17.43 25.53 -10.78
CA LYS A 96 16.54 26.45 -10.08
C LYS A 96 15.38 26.65 -11.09
N TRP A 97 14.17 26.72 -10.54
CA TRP A 97 12.94 26.93 -11.34
C TRP A 97 12.10 27.95 -10.57
N MET A 98 11.59 28.98 -11.25
CA MET A 98 10.83 30.02 -10.53
C MET A 98 9.30 29.83 -10.61
N PHE A 99 8.68 29.68 -9.45
CA PHE A 99 7.22 29.55 -9.31
C PHE A 99 6.79 30.98 -9.00
N ALA A 100 6.40 31.77 -10.00
CA ALA A 100 6.01 33.15 -9.77
C ALA A 100 7.09 33.89 -8.97
N GLY A 101 8.35 33.80 -9.33
CA GLY A 101 9.26 34.57 -8.48
C GLY A 101 9.73 33.91 -7.18
N HIS A 102 9.25 32.70 -6.94
CA HIS A 102 9.64 31.90 -5.75
C HIS A 102 10.58 30.79 -6.25
N GLU A 103 11.77 30.79 -5.71
CA GLU A 103 12.78 29.83 -6.12
C GLU A 103 12.48 28.42 -5.66
N VAL A 104 12.55 27.50 -6.60
CA VAL A 104 12.39 26.04 -6.33
C VAL A 104 13.74 25.42 -6.71
N HIS A 105 14.32 24.61 -5.80
CA HIS A 105 15.60 23.94 -6.06
C HIS A 105 15.26 22.47 -6.32
N VAL A 106 15.66 21.99 -7.50
CA VAL A 106 15.39 20.62 -7.92
C VAL A 106 16.48 19.70 -7.40
N MET A 107 16.09 18.65 -6.69
CA MET A 107 17.04 17.67 -6.17
C MET A 107 16.73 16.28 -6.68
N ASP A 108 17.63 15.66 -7.46
CA ASP A 108 17.36 14.27 -7.87
C ASP A 108 17.39 13.45 -6.56
N THR A 109 16.44 12.52 -6.39
CA THR A 109 16.35 11.70 -5.19
C THR A 109 15.99 10.26 -5.52
N PRO A 110 16.83 9.60 -6.37
CA PRO A 110 16.61 8.22 -6.76
C PRO A 110 16.52 7.24 -5.57
N GLY A 111 15.90 6.10 -5.78
CA GLY A 111 15.82 5.09 -4.73
C GLY A 111 14.52 4.36 -4.91
N HIS A 112 13.43 5.06 -4.62
CA HIS A 112 12.11 4.44 -4.79
C HIS A 112 11.94 4.32 -6.35
N THR A 113 12.38 5.35 -7.09
CA THR A 113 12.33 5.28 -8.56
C THR A 113 13.60 5.95 -9.11
N LYS A 114 13.96 5.60 -10.36
CA LYS A 114 15.11 6.22 -11.01
C LYS A 114 14.42 7.31 -11.82
N GLY A 115 14.58 8.55 -11.39
CA GLY A 115 13.96 9.64 -12.10
C GLY A 115 13.28 10.56 -11.08
N HIS A 116 13.02 10.04 -9.88
CA HIS A 116 12.36 10.86 -8.82
C HIS A 116 13.04 12.19 -8.57
N ILE A 117 12.26 13.25 -8.38
CA ILE A 117 12.86 14.52 -8.08
C ILE A 117 12.19 15.23 -6.89
N SER A 118 12.86 15.45 -5.76
CA SER A 118 12.11 16.18 -4.71
C SER A 118 12.21 17.69 -5.03
N LEU A 119 11.29 18.51 -4.50
CA LEU A 119 11.30 19.92 -4.87
C LEU A 119 11.36 20.79 -3.62
N TYR A 120 12.46 21.55 -3.45
CA TYR A 120 12.64 22.39 -2.28
C TYR A 120 12.32 23.84 -2.54
N PHE A 121 11.48 24.42 -1.69
CA PHE A 121 11.08 25.84 -1.83
C PHE A 121 11.70 26.47 -0.59
N PRO A 122 12.93 27.01 -0.70
CA PRO A 122 13.56 27.63 0.48
C PRO A 122 12.73 28.77 1.08
N GLY A 123 11.99 29.49 0.22
CA GLY A 123 11.18 30.59 0.71
C GLY A 123 9.90 30.21 1.46
N SER A 124 9.58 28.92 1.43
CA SER A 124 8.37 28.41 2.08
C SER A 124 8.75 27.48 3.21
N ARG A 125 10.04 27.37 3.43
CA ARG A 125 10.61 26.50 4.46
C ARG A 125 10.07 25.06 4.41
N ALA A 126 10.07 24.45 3.25
CA ALA A 126 9.55 23.09 3.19
C ALA A 126 10.09 22.37 1.96
N ILE A 127 9.78 21.06 1.79
CA ILE A 127 10.22 20.32 0.61
C ILE A 127 9.23 19.17 0.29
N PHE A 128 8.86 19.11 -1.00
CA PHE A 128 7.96 18.03 -1.49
C PHE A 128 8.86 16.86 -1.85
N THR A 129 8.78 15.75 -1.08
CA THR A 129 9.70 14.63 -1.30
C THR A 129 9.00 13.40 -1.94
N GLY A 130 7.73 13.55 -2.29
CA GLY A 130 7.01 12.42 -2.92
C GLY A 130 7.14 11.18 -2.02
N ASP A 131 7.52 10.04 -2.63
CA ASP A 131 7.71 8.81 -1.88
C ASP A 131 9.21 8.59 -1.56
N THR A 132 9.96 9.66 -1.27
CA THR A 132 11.35 9.41 -0.84
C THR A 132 11.39 9.19 0.75
N MET A 133 10.84 10.15 1.47
CA MET A 133 10.89 10.00 2.93
C MET A 133 9.56 9.99 3.72
N PHE A 134 8.69 9.01 3.50
CA PHE A 134 7.49 9.05 4.32
C PHE A 134 7.72 9.31 5.78
N SER A 135 6.90 10.20 6.40
CA SER A 135 7.13 10.43 7.82
C SER A 135 7.09 9.04 8.42
N LEU A 136 8.28 8.68 8.92
CA LEU A 136 8.58 7.42 9.60
C LEU A 136 8.98 6.27 8.69
N SER A 137 9.10 6.52 7.39
CA SER A 137 9.59 5.49 6.46
C SER A 137 10.20 6.16 5.22
N CYS A 138 10.51 5.29 4.21
CA CYS A 138 11.00 5.78 2.91
C CYS A 138 10.25 4.95 1.86
N GLY A 139 10.30 5.37 0.58
CA GLY A 139 9.60 4.62 -0.44
C GLY A 139 10.21 3.22 -0.58
N LYS A 140 9.38 2.29 -0.99
CA LYS A 140 9.89 0.95 -1.32
C LYS A 140 10.84 1.13 -2.49
N LEU A 141 11.87 0.29 -2.60
CA LEU A 141 12.86 0.46 -3.66
C LEU A 141 12.48 -0.35 -4.90
N PHE A 142 11.70 0.26 -5.76
CA PHE A 142 11.25 -0.42 -6.98
C PHE A 142 12.32 -0.40 -8.04
N GLU A 143 13.02 0.71 -8.22
CA GLU A 143 14.04 0.78 -9.29
C GLU A 143 15.46 1.13 -8.86
N GLY A 144 15.59 1.64 -7.63
CA GLY A 144 16.90 2.09 -7.13
C GLY A 144 17.45 1.14 -6.09
N THR A 145 18.61 1.51 -5.55
CA THR A 145 19.30 0.72 -4.58
C THR A 145 19.26 1.35 -3.21
N PRO A 146 19.60 0.57 -2.18
CA PRO A 146 19.63 1.07 -0.80
C PRO A 146 20.64 2.21 -0.77
N LYS A 147 21.75 2.10 -1.54
CA LYS A 147 22.71 3.17 -1.48
C LYS A 147 22.16 4.48 -2.04
N GLN A 148 21.41 4.37 -3.14
CA GLN A 148 20.83 5.52 -3.77
C GLN A 148 19.76 6.12 -2.86
N MET A 149 18.93 5.27 -2.26
CA MET A 149 17.94 5.80 -1.34
C MET A 149 18.62 6.48 -0.15
N LEU A 150 19.65 5.85 0.45
CA LEU A 150 20.29 6.49 1.59
C LEU A 150 20.83 7.89 1.24
N ALA A 151 21.46 8.01 0.09
CA ALA A 151 22.02 9.27 -0.34
C ALA A 151 20.91 10.30 -0.50
N SER A 152 19.80 9.88 -1.13
CA SER A 152 18.66 10.81 -1.35
C SER A 152 18.09 11.28 -0.02
N LEU A 153 18.02 10.37 0.96
CA LEU A 153 17.50 10.76 2.26
C LEU A 153 18.43 11.72 2.97
N GLN A 154 19.75 11.43 2.90
CA GLN A 154 20.71 12.33 3.53
C GLN A 154 20.74 13.70 2.83
N LYS A 155 20.40 13.77 1.54
CA LYS A 155 20.35 15.05 0.84
C LYS A 155 19.18 15.86 1.41
N ILE A 156 18.12 15.15 1.83
CA ILE A 156 16.93 15.81 2.36
C ILE A 156 17.20 16.23 3.80
N THR A 157 17.78 15.35 4.62
CA THR A 157 17.98 15.69 6.03
C THR A 157 19.09 16.73 6.28
N SER A 158 19.87 17.00 5.25
CA SER A 158 20.95 18.00 5.33
C SER A 158 20.33 19.39 5.21
N LEU A 159 19.14 19.48 4.60
CA LEU A 159 18.50 20.79 4.50
C LEU A 159 18.25 21.24 5.94
N PRO A 160 17.85 22.52 6.15
CA PRO A 160 17.59 23.00 7.52
C PRO A 160 16.69 22.08 8.36
N ASP A 161 16.85 22.14 9.70
CA ASP A 161 16.08 21.29 10.62
C ASP A 161 14.62 21.67 10.67
N ASP A 162 14.33 22.94 10.49
CA ASP A 162 12.96 23.37 10.58
C ASP A 162 12.22 23.30 9.24
N THR A 163 12.74 22.55 8.27
CA THR A 163 12.08 22.43 6.98
C THR A 163 10.89 21.45 7.09
N SER A 164 9.74 21.89 6.60
CA SER A 164 8.53 21.06 6.59
C SER A 164 8.65 20.10 5.40
N ILE A 165 8.18 18.86 5.60
CA ILE A 165 8.23 17.79 4.59
C ILE A 165 6.82 17.34 4.23
N TYR A 166 6.47 17.54 2.94
CA TYR A 166 5.17 17.17 2.37
C TYR A 166 5.45 15.94 1.49
N CYS A 167 5.06 14.74 2.09
CA CYS A 167 5.12 13.26 1.79
C CYS A 167 4.07 12.91 0.66
N GLY A 168 4.37 11.96 -0.19
CA GLY A 168 3.43 11.57 -1.24
C GLY A 168 2.22 10.82 -0.67
N HIS A 169 2.36 10.22 0.50
CA HIS A 169 1.21 9.45 1.08
C HIS A 169 1.11 9.62 2.59
N GLU A 170 -0.06 9.24 3.08
CA GLU A 170 -0.39 9.30 4.51
C GLU A 170 -0.18 7.83 5.02
N TYR A 171 1.09 7.49 5.32
CA TYR A 171 1.44 6.15 5.77
C TYR A 171 1.92 6.15 7.23
N THR A 172 1.96 7.35 7.81
CA THR A 172 2.57 7.53 9.11
C THR A 172 2.09 6.58 10.22
N LEU A 173 0.83 6.17 10.15
CA LEU A 173 0.30 5.31 11.18
C LEU A 173 0.96 3.94 11.16
N SER A 174 0.88 3.24 10.02
CA SER A 174 1.47 1.93 9.89
C SER A 174 2.98 2.09 10.11
N ASN A 175 3.54 3.18 9.59
CA ASN A 175 4.98 3.46 9.71
C ASN A 175 5.37 3.53 11.17
N SER A 176 4.57 4.24 11.97
CA SER A 176 4.93 4.36 13.39
C SER A 176 4.92 3.02 14.12
N LYS A 177 4.04 2.09 13.72
CA LYS A 177 4.00 0.79 14.39
C LYS A 177 5.28 0.00 14.10
N PHE A 178 5.74 0.02 12.87
CA PHE A 178 6.96 -0.72 12.53
C PHE A 178 8.15 -0.03 13.29
N ALA A 179 8.20 1.30 13.28
CA ALA A 179 9.29 2.01 13.94
C ALA A 179 9.33 1.67 15.45
N LEU A 180 8.17 1.56 16.08
CA LEU A 180 8.13 1.25 17.53
C LEU A 180 8.56 -0.19 17.79
N SER A 181 8.39 -1.07 16.80
CA SER A 181 8.83 -2.46 17.01
C SER A 181 10.35 -2.49 17.06
N LEU A 182 10.99 -1.49 16.47
CA LEU A 182 12.46 -1.42 16.44
C LEU A 182 13.06 -0.54 17.54
N GLU A 183 12.44 0.59 17.85
CA GLU A 183 13.06 1.49 18.86
C GLU A 183 12.01 1.86 19.88
N PRO A 184 11.60 0.88 20.66
CA PRO A 184 10.56 1.12 21.67
C PRO A 184 10.94 2.09 22.77
N ASN A 185 12.23 2.27 23.03
CA ASN A 185 12.61 3.18 24.14
C ASN A 185 12.94 4.57 23.64
N ASN A 186 12.49 4.91 22.41
CA ASN A 186 12.71 6.26 21.86
C ASN A 186 11.47 7.08 22.25
N GLU A 187 11.58 7.99 23.22
CA GLU A 187 10.40 8.73 23.67
C GLU A 187 9.88 9.74 22.67
N VAL A 188 10.77 10.39 21.90
CA VAL A 188 10.33 11.33 20.91
C VAL A 188 9.46 10.55 19.96
N LEU A 189 9.91 9.35 19.58
CA LEU A 189 9.08 8.50 18.68
C LEU A 189 7.79 8.06 19.43
N GLN A 190 7.89 7.74 20.74
CA GLN A 190 6.69 7.34 21.48
C GLN A 190 5.64 8.45 21.44
N SER A 191 6.04 9.68 21.74
CA SER A 191 5.08 10.80 21.76
C SER A 191 4.57 11.10 20.35
N TYR A 192 5.49 11.06 19.38
CA TYR A 192 5.05 11.31 18.02
C TYR A 192 4.06 10.25 17.56
N ALA A 193 4.35 8.98 17.83
CA ALA A 193 3.47 7.93 17.39
C ALA A 193 2.09 8.06 18.05
N ALA A 194 2.07 8.47 19.32
CA ALA A 194 0.79 8.66 19.98
C ALA A 194 0.03 9.85 19.38
N HIS A 195 0.72 10.96 19.12
CA HIS A 195 0.04 12.11 18.54
C HIS A 195 -0.51 11.76 17.14
N VAL A 196 0.24 10.95 16.40
CA VAL A 196 -0.16 10.51 15.06
C VAL A 196 -1.46 9.69 15.18
N ALA A 197 -1.53 8.82 16.17
CA ALA A 197 -2.73 8.01 16.37
C ALA A 197 -3.93 8.93 16.66
N GLU A 198 -3.73 9.97 17.45
CA GLU A 198 -4.82 10.91 17.76
C GLU A 198 -5.26 11.60 16.49
N LEU A 199 -4.33 12.05 15.65
CA LEU A 199 -4.66 12.78 14.41
C LEU A 199 -5.47 11.83 13.51
N ARG A 200 -4.99 10.60 13.38
CA ARG A 200 -5.69 9.64 12.53
C ARG A 200 -6.99 9.16 13.09
N SER A 201 -7.15 9.14 14.43
CA SER A 201 -8.44 8.72 14.97
C SER A 201 -9.53 9.65 14.48
N LYS A 202 -9.21 10.96 14.31
CA LYS A 202 -10.17 11.92 13.76
C LYS A 202 -9.93 12.27 12.28
N LYS A 203 -9.28 11.34 11.56
CA LYS A 203 -9.02 11.44 10.13
C LYS A 203 -8.37 12.77 9.70
N LEU A 204 -7.45 13.25 10.50
CA LEU A 204 -6.69 14.45 10.13
C LEU A 204 -5.31 14.00 9.59
N PRO A 205 -4.65 14.88 8.83
CA PRO A 205 -3.33 14.58 8.27
C PRO A 205 -2.25 14.57 9.28
N THR A 206 -1.16 13.84 8.96
CA THR A 206 -0.01 13.82 9.84
C THR A 206 1.14 14.52 9.11
N ILE A 207 0.80 15.10 7.94
CA ILE A 207 1.81 15.74 7.07
C ILE A 207 1.38 17.23 7.01
N PRO A 208 2.33 18.15 6.95
CA PRO A 208 3.77 17.93 6.91
C PRO A 208 4.46 17.43 8.17
N THR A 209 5.64 16.83 7.98
CA THR A 209 6.45 16.49 9.11
C THR A 209 7.67 17.45 8.96
N THR A 210 8.72 17.25 9.78
CA THR A 210 9.90 18.14 9.64
C THR A 210 11.20 17.34 9.58
N VAL A 211 12.28 17.99 9.16
CA VAL A 211 13.55 17.30 9.11
C VAL A 211 13.94 16.88 10.54
N LYS A 212 13.71 17.78 11.51
CA LYS A 212 14.06 17.50 12.91
C LYS A 212 13.30 16.30 13.39
N MET A 213 12.00 16.29 13.17
CA MET A 213 11.19 15.16 13.62
C MET A 213 11.58 13.88 12.94
N GLU A 214 11.99 13.93 11.67
CA GLU A 214 12.30 12.66 11.01
C GLU A 214 13.67 12.10 11.44
N LYS A 215 14.69 12.97 11.55
CA LYS A 215 16.01 12.51 12.04
C LYS A 215 15.83 11.80 13.40
N ALA A 216 14.95 12.37 14.26
CA ALA A 216 14.75 11.80 15.57
C ALA A 216 13.99 10.48 15.57
N CYS A 217 13.09 10.27 14.58
CA CYS A 217 12.24 9.06 14.58
C CYS A 217 12.26 8.09 13.44
N ASN A 218 12.56 8.62 12.26
CA ASN A 218 12.45 7.78 11.10
C ASN A 218 13.55 6.72 11.15
N PRO A 219 13.20 5.43 11.01
CA PRO A 219 14.27 4.39 11.08
C PRO A 219 15.24 4.42 9.96
N PHE A 220 14.80 4.90 8.82
CA PHE A 220 15.70 4.85 7.70
C PHE A 220 16.78 5.90 7.77
N LEU A 221 16.59 6.91 8.62
CA LEU A 221 17.55 7.98 8.82
C LEU A 221 18.39 7.65 10.04
N ARG A 222 18.12 6.50 10.67
CA ARG A 222 18.80 6.09 11.90
C ARG A 222 19.40 4.67 11.71
N SER A 223 19.91 4.39 10.53
CA SER A 223 20.41 3.04 10.24
C SER A 223 21.65 2.58 11.00
N SER A 224 22.26 3.46 11.79
CA SER A 224 23.43 3.06 12.61
C SER A 224 23.01 3.08 14.10
N ASN A 225 21.71 3.17 14.35
CA ASN A 225 21.24 3.21 15.75
C ASN A 225 21.40 1.85 16.45
N THR A 226 21.85 1.85 17.72
CA THR A 226 22.08 0.63 18.46
C THR A 226 20.90 -0.34 18.47
N ASP A 227 19.80 0.10 19.07
CA ASP A 227 18.58 -0.73 19.19
C ASP A 227 18.03 -1.20 17.86
N ILE A 228 17.97 -0.29 16.88
CA ILE A 228 17.47 -0.70 15.58
C ILE A 228 18.34 -1.85 15.05
N ARG A 229 19.68 -1.72 15.12
CA ARG A 229 20.53 -2.80 14.60
C ARG A 229 20.35 -4.11 15.38
N ARG A 230 20.19 -4.00 16.68
CA ARG A 230 20.00 -5.19 17.49
C ARG A 230 18.64 -5.81 17.18
N ALA A 231 17.58 -5.01 17.20
CA ALA A 231 16.26 -5.58 16.92
C ALA A 231 16.22 -6.36 15.62
N LEU A 232 17.08 -5.97 14.63
CA LEU A 232 17.13 -6.62 13.31
C LEU A 232 18.38 -7.48 13.14
N ARG A 233 19.19 -7.57 14.19
CA ARG A 233 20.42 -8.35 14.08
C ARG A 233 21.28 -7.94 12.87
N ILE A 234 21.28 -6.64 12.55
CA ILE A 234 22.16 -6.14 11.46
C ILE A 234 23.57 -6.02 12.10
N PRO A 235 24.61 -6.52 11.40
CA PRO A 235 25.98 -6.47 11.87
C PRO A 235 26.46 -5.07 12.21
N GLU A 236 27.22 -4.95 13.28
CA GLU A 236 27.78 -3.66 13.64
C GLU A 236 28.67 -3.17 12.52
N ALA A 237 29.31 -4.10 11.82
CA ALA A 237 30.19 -3.71 10.72
C ALA A 237 29.52 -3.05 9.53
N ALA A 238 28.38 -3.61 9.10
CA ALA A 238 27.71 -3.17 7.85
C ALA A 238 27.63 -1.67 7.80
N ASP A 239 27.75 -1.08 6.63
CA ASP A 239 27.64 0.37 6.62
C ASP A 239 26.16 0.79 6.67
N GLU A 240 25.90 2.09 6.59
CA GLU A 240 24.52 2.60 6.71
C GLU A 240 23.63 2.24 5.53
N ALA A 241 24.22 2.14 4.35
CA ALA A 241 23.49 1.78 3.14
C ALA A 241 23.04 0.30 3.24
N GLU A 242 23.96 -0.60 3.62
CA GLU A 242 23.58 -2.02 3.79
C GLU A 242 22.49 -2.20 4.85
N ALA A 243 22.62 -1.45 5.98
CA ALA A 243 21.63 -1.49 7.09
C ALA A 243 20.26 -1.01 6.54
N LEU A 244 20.28 0.11 5.82
CA LEU A 244 19.01 0.61 5.26
C LEU A 244 18.34 -0.47 4.43
N GLY A 245 19.12 -1.19 3.61
CA GLY A 245 18.57 -2.26 2.79
C GLY A 245 17.87 -3.35 3.63
N ILE A 246 18.47 -3.75 4.76
CA ILE A 246 17.85 -4.76 5.65
C ILE A 246 16.60 -4.17 6.32
N ILE A 247 16.68 -2.93 6.81
CA ILE A 247 15.52 -2.28 7.42
C ILE A 247 14.38 -2.26 6.42
N ARG A 248 14.70 -1.94 5.16
CA ARG A 248 13.65 -1.83 4.13
C ARG A 248 13.00 -3.17 3.87
N LYS A 249 13.79 -4.22 3.71
CA LYS A 249 13.15 -5.54 3.47
C LYS A 249 12.39 -5.95 4.75
N ALA A 250 12.90 -5.57 5.92
CA ALA A 250 12.20 -5.95 7.14
C ALA A 250 10.81 -5.30 7.22
N LYS A 251 10.62 -4.19 6.50
CA LYS A 251 9.34 -3.47 6.55
C LYS A 251 8.40 -4.06 5.44
N ASP A 252 8.97 -4.83 4.51
CA ASP A 252 8.09 -5.39 3.50
C ASP A 252 7.49 -6.70 4.07
N ASP A 253 8.11 -7.17 5.15
CA ASP A 253 7.65 -8.41 5.71
C ASP A 253 7.00 -8.34 7.08
N PHE A 254 6.86 -7.12 7.65
CA PHE A 254 6.26 -6.87 8.96
C PHE A 254 4.70 -7.10 8.98
N MET B 1 -23.68 -19.93 6.72
CA MET B 1 -22.76 -19.11 7.58
C MET B 1 -22.88 -17.63 7.18
N GLN B 2 -22.96 -16.70 8.14
CA GLN B 2 -23.03 -15.30 7.79
C GLN B 2 -21.58 -14.81 7.79
N ILE B 3 -21.20 -14.09 6.75
CA ILE B 3 -19.85 -13.52 6.61
C ILE B 3 -20.00 -12.00 6.66
N GLU B 4 -19.41 -11.41 7.69
CA GLU B 4 -19.47 -9.97 7.91
C GLU B 4 -18.09 -9.42 7.76
N LEU B 5 -17.96 -8.37 6.91
CA LEU B 5 -16.65 -7.78 6.72
C LEU B 5 -16.35 -6.70 7.78
N VAL B 6 -15.11 -6.65 8.20
CA VAL B 6 -14.75 -5.65 9.19
C VAL B 6 -13.56 -4.80 8.72
N PRO B 7 -13.84 -3.59 8.16
CA PRO B 7 -12.75 -2.73 7.70
C PRO B 7 -11.83 -2.36 8.89
N CYS B 8 -10.53 -2.59 8.73
CA CYS B 8 -9.58 -2.27 9.77
C CYS B 8 -8.43 -1.55 9.14
N LEU B 9 -7.72 -0.76 9.96
CA LEU B 9 -6.57 -0.01 9.49
C LEU B 9 -6.97 0.81 8.24
N LYS B 10 -6.10 0.86 7.26
CA LYS B 10 -6.36 1.69 6.10
C LYS B 10 -7.24 1.01 5.08
N ASP B 11 -6.84 -0.19 4.69
CA ASP B 11 -7.58 -0.92 3.69
C ASP B 11 -7.55 -2.42 3.90
N ASN B 12 -7.54 -2.85 5.18
CA ASN B 12 -7.61 -4.26 5.46
C ASN B 12 -9.08 -4.69 5.61
N TYR B 13 -9.29 -5.99 5.46
CA TYR B 13 -10.59 -6.63 5.73
C TYR B 13 -10.43 -7.82 6.68
N ALA B 14 -11.13 -7.77 7.81
CA ALA B 14 -11.22 -8.92 8.75
C ALA B 14 -12.63 -9.47 8.44
N TYR B 15 -12.89 -10.73 8.75
CA TYR B 15 -14.18 -11.30 8.46
C TYR B 15 -14.72 -12.01 9.68
N ILE B 16 -15.83 -11.51 10.20
CA ILE B 16 -16.42 -12.17 11.36
C ILE B 16 -17.36 -13.24 10.81
N LEU B 17 -17.14 -14.51 11.23
CA LEU B 17 -17.92 -15.63 10.72
C LEU B 17 -18.99 -15.98 11.75
N HIS B 18 -20.23 -16.16 11.29
CA HIS B 18 -21.36 -16.43 12.18
C HIS B 18 -22.06 -17.75 11.80
N ASP B 19 -21.98 -18.75 12.68
CA ASP B 19 -22.67 -20.01 12.41
C ASP B 19 -24.10 -19.80 12.89
N GLU B 20 -25.06 -20.03 12.01
CA GLU B 20 -26.44 -19.76 12.36
C GLU B 20 -26.96 -20.72 13.41
N ASP B 21 -26.67 -22.01 13.24
CA ASP B 21 -27.15 -23.03 14.17
C ASP B 21 -26.66 -22.88 15.60
N THR B 22 -25.40 -22.51 15.80
CA THR B 22 -24.91 -22.42 17.16
C THR B 22 -24.47 -21.02 17.54
N GLY B 23 -24.51 -20.07 16.65
CA GLY B 23 -24.06 -18.81 17.22
C GLY B 23 -22.54 -18.84 17.41
N THR B 24 -21.86 -19.90 16.99
CA THR B 24 -20.38 -19.94 17.07
C THR B 24 -19.86 -18.77 16.19
N VAL B 25 -18.89 -18.01 16.69
CA VAL B 25 -18.34 -16.89 15.91
C VAL B 25 -16.83 -17.04 15.75
N GLY B 26 -16.33 -16.71 14.56
CA GLY B 26 -14.88 -16.75 14.37
C GLY B 26 -14.48 -15.43 13.71
N VAL B 27 -13.19 -15.06 13.72
CA VAL B 27 -12.74 -13.85 13.02
C VAL B 27 -11.48 -14.22 12.22
N VAL B 28 -11.49 -13.86 10.94
CA VAL B 28 -10.36 -14.10 10.06
C VAL B 28 -9.57 -12.79 10.00
N ASP B 29 -8.27 -12.92 10.27
CA ASP B 29 -7.35 -11.78 10.17
C ASP B 29 -7.76 -10.50 10.88
N PRO B 30 -7.91 -10.55 12.18
CA PRO B 30 -8.27 -9.36 12.97
C PRO B 30 -7.10 -8.38 13.05
N SER B 31 -7.04 -7.41 12.12
CA SER B 31 -5.96 -6.41 12.07
C SER B 31 -5.81 -5.65 13.36
N GLU B 32 -6.95 -5.36 13.97
CA GLU B 32 -7.00 -4.65 15.24
C GLU B 32 -8.21 -5.25 15.98
N ALA B 33 -8.11 -5.30 17.31
CA ALA B 33 -9.19 -5.82 18.14
C ALA B 33 -10.45 -4.95 18.21
N GLU B 34 -10.28 -3.63 18.31
CA GLU B 34 -11.44 -2.71 18.52
C GLU B 34 -12.64 -2.93 17.64
N PRO B 35 -12.42 -2.98 16.31
CA PRO B 35 -13.58 -3.19 15.44
C PRO B 35 -14.26 -4.52 15.63
N ILE B 36 -13.49 -5.56 15.96
CA ILE B 36 -14.05 -6.89 16.17
C ILE B 36 -14.91 -6.87 17.46
N ILE B 37 -14.33 -6.32 18.52
CA ILE B 37 -15.08 -6.20 19.79
C ILE B 37 -16.39 -5.39 19.60
N ASP B 38 -16.31 -4.27 18.91
CA ASP B 38 -17.51 -3.48 18.68
C ASP B 38 -18.61 -4.33 18.06
N SER B 39 -18.29 -5.14 17.06
CA SER B 39 -19.33 -5.96 16.41
C SER B 39 -19.89 -7.04 17.31
N LEU B 40 -19.00 -7.64 18.10
CA LEU B 40 -19.38 -8.68 19.03
C LEU B 40 -20.23 -8.09 20.16
N LYS B 41 -19.91 -6.88 20.62
CA LYS B 41 -20.69 -6.26 21.70
C LYS B 41 -22.11 -5.91 21.21
N ARG B 42 -22.21 -5.51 19.95
CA ARG B 42 -23.50 -5.14 19.36
C ARG B 42 -24.30 -6.40 19.01
N SER B 43 -23.63 -7.39 18.44
CA SER B 43 -24.29 -8.65 18.11
C SER B 43 -24.61 -9.46 19.38
N GLY B 44 -24.02 -9.08 20.52
CA GLY B 44 -24.22 -9.85 21.73
C GLY B 44 -23.66 -11.25 21.53
N ARG B 45 -22.55 -11.37 20.83
CA ARG B 45 -21.99 -12.69 20.60
C ARG B 45 -20.59 -12.86 21.24
N ASN B 46 -20.21 -14.12 21.50
CA ASN B 46 -18.90 -14.42 22.06
C ASN B 46 -18.05 -14.76 20.87
N LEU B 47 -16.72 -14.64 21.01
CA LEU B 47 -15.75 -14.93 19.94
C LEU B 47 -15.13 -16.30 20.22
N THR B 48 -15.40 -17.28 19.36
CA THR B 48 -14.86 -18.62 19.59
C THR B 48 -13.47 -18.84 19.03
N TYR B 49 -13.35 -18.44 17.74
CA TYR B 49 -12.10 -18.68 17.01
C TYR B 49 -11.55 -17.42 16.32
N ILE B 50 -10.26 -17.42 16.14
CA ILE B 50 -9.48 -16.39 15.42
C ILE B 50 -8.73 -17.22 14.41
N LEU B 51 -8.81 -16.83 13.13
CA LEU B 51 -8.12 -17.57 12.05
C LEU B 51 -7.23 -16.56 11.33
N ASN B 52 -5.98 -16.97 11.00
CA ASN B 52 -5.07 -16.09 10.32
C ASN B 52 -4.55 -16.68 9.01
N THR B 53 -4.66 -15.90 7.93
CA THR B 53 -4.14 -16.39 6.63
C THR B 53 -2.58 -16.32 6.58
N HIS B 54 -1.99 -15.33 7.28
CA HIS B 54 -0.53 -15.20 7.28
C HIS B 54 -0.07 -14.32 8.44
N HIS B 55 1.25 -14.17 8.61
CA HIS B 55 1.79 -13.52 9.83
C HIS B 55 1.86 -12.02 9.96
N HIS B 56 1.73 -11.34 8.82
CA HIS B 56 1.90 -9.90 8.80
C HIS B 56 1.07 -9.25 9.87
N TYR B 57 1.66 -8.20 10.46
CA TYR B 57 1.06 -7.48 11.55
C TYR B 57 -0.36 -6.99 11.27
N ASP B 58 -0.61 -6.64 9.98
CA ASP B 58 -1.94 -6.17 9.62
C ASP B 58 -2.99 -7.30 9.54
N HIS B 59 -2.56 -8.56 9.78
CA HIS B 59 -3.49 -9.68 9.82
C HIS B 59 -3.51 -10.39 11.17
N THR B 60 -2.55 -10.06 12.04
CA THR B 60 -2.47 -10.73 13.35
C THR B 60 -2.40 -9.76 14.51
N GLY B 61 -2.50 -8.46 14.23
CA GLY B 61 -2.34 -7.46 15.29
C GLY B 61 -3.34 -7.58 16.43
N GLY B 62 -4.48 -8.21 16.13
CA GLY B 62 -5.51 -8.39 17.15
C GLY B 62 -5.42 -9.74 17.89
N ASN B 63 -4.67 -10.70 17.36
CA ASN B 63 -4.66 -12.02 18.00
C ASN B 63 -4.67 -12.11 19.53
N LEU B 64 -3.57 -11.65 20.12
CA LEU B 64 -3.38 -11.80 21.54
C LEU B 64 -4.40 -11.03 22.35
N GLU B 65 -4.77 -9.85 21.86
CA GLU B 65 -5.74 -9.06 22.58
C GLU B 65 -7.08 -9.74 22.61
N LEU B 66 -7.56 -10.18 21.43
CA LEU B 66 -8.87 -10.82 21.37
C LEU B 66 -8.89 -12.12 22.13
N LYS B 67 -7.81 -12.91 22.00
CA LYS B 67 -7.72 -14.19 22.69
C LYS B 67 -7.74 -13.94 24.22
N ASP B 68 -7.00 -12.93 24.69
CA ASP B 68 -6.97 -12.67 26.14
C ASP B 68 -8.35 -12.14 26.63
N ARG B 69 -9.14 -11.62 25.69
CA ARG B 69 -10.45 -11.14 26.06
C ARG B 69 -11.57 -12.18 26.03
N TYR B 70 -11.56 -13.05 25.02
CA TYR B 70 -12.63 -14.02 24.88
C TYR B 70 -12.26 -15.45 25.15
N GLY B 71 -10.97 -15.69 25.38
CA GLY B 71 -10.53 -17.06 25.50
C GLY B 71 -10.74 -17.82 24.19
N ALA B 72 -10.62 -17.12 23.05
CA ALA B 72 -10.82 -17.74 21.70
C ALA B 72 -9.57 -18.60 21.34
N LYS B 73 -9.71 -19.58 20.44
CA LYS B 73 -8.60 -20.44 20.05
C LYS B 73 -8.12 -19.89 18.71
N VAL B 74 -6.82 -19.67 18.60
CA VAL B 74 -6.17 -19.18 17.37
C VAL B 74 -5.78 -20.33 16.46
N ILE B 75 -6.31 -20.25 15.24
CA ILE B 75 -6.09 -21.27 14.20
C ILE B 75 -5.16 -20.71 13.11
N GLY B 76 -4.07 -21.42 12.83
CA GLY B 76 -3.14 -20.94 11.83
C GLY B 76 -2.29 -22.04 11.20
N SER B 77 -1.40 -21.62 10.32
CA SER B 77 -0.54 -22.53 9.57
C SER B 77 0.58 -23.17 10.41
N ALA B 78 0.66 -24.49 10.36
CA ALA B 78 1.74 -25.20 11.07
C ALA B 78 3.10 -24.82 10.43
N MET B 79 3.15 -24.58 9.12
CA MET B 79 4.39 -24.22 8.45
C MET B 79 4.81 -22.81 8.88
N ASP B 80 4.01 -22.17 9.71
CA ASP B 80 4.33 -20.83 10.14
C ASP B 80 4.07 -20.62 11.63
N LYS B 81 4.12 -21.70 12.45
CA LYS B 81 3.81 -21.64 13.88
C LYS B 81 4.55 -20.57 14.66
N ASP B 82 5.86 -20.52 14.44
CA ASP B 82 6.82 -19.60 15.07
C ASP B 82 6.49 -18.12 14.81
N ARG B 83 5.46 -17.84 13.98
CA ARG B 83 5.10 -16.43 13.66
C ARG B 83 3.64 -16.04 13.80
N ILE B 84 2.81 -16.95 14.28
CA ILE B 84 1.42 -16.66 14.47
C ILE B 84 1.22 -16.49 16.00
N PRO B 85 1.00 -15.25 16.45
CA PRO B 85 0.82 -15.04 17.88
C PRO B 85 -0.24 -15.97 18.51
N GLY B 86 0.19 -16.61 19.60
CA GLY B 86 -0.63 -17.49 20.42
C GLY B 86 -1.35 -18.61 19.70
N ILE B 87 -0.74 -19.09 18.64
CA ILE B 87 -1.40 -20.14 17.88
C ILE B 87 -1.68 -21.39 18.74
N ASP B 88 -2.94 -21.89 18.66
CA ASP B 88 -3.39 -23.07 19.42
C ASP B 88 -3.51 -24.34 18.54
N MET B 89 -3.87 -24.13 17.29
CA MET B 89 -4.07 -25.20 16.32
C MET B 89 -3.28 -24.88 15.09
N ALA B 90 -2.36 -25.78 14.76
CA ALA B 90 -1.49 -25.57 13.63
C ALA B 90 -1.88 -26.49 12.49
N LEU B 91 -2.50 -25.90 11.45
CA LEU B 91 -3.02 -26.68 10.34
C LEU B 91 -2.11 -26.79 9.13
N LYS B 92 -2.20 -27.97 8.47
CA LYS B 92 -1.37 -28.21 7.32
C LYS B 92 -2.15 -28.23 6.07
N ASP B 93 -1.45 -28.11 4.95
CA ASP B 93 -2.11 -28.19 3.67
C ASP B 93 -3.01 -29.45 3.57
N GLY B 94 -4.24 -29.24 3.11
CA GLY B 94 -5.17 -30.34 3.00
C GLY B 94 -5.88 -30.76 4.28
N ASP B 95 -5.49 -30.21 5.45
CA ASP B 95 -6.26 -30.59 6.65
C ASP B 95 -7.70 -30.05 6.53
N LYS B 96 -8.62 -30.75 7.20
CA LYS B 96 -10.00 -30.35 7.29
C LYS B 96 -10.11 -29.85 8.73
N TRP B 97 -10.86 -28.76 8.95
CA TRP B 97 -11.04 -28.20 10.27
C TRP B 97 -12.51 -27.85 10.41
N MET B 98 -13.09 -28.18 11.57
CA MET B 98 -14.51 -27.94 11.80
C MET B 98 -14.88 -26.67 12.53
N PHE B 99 -15.53 -25.77 11.79
CA PHE B 99 -16.06 -24.54 12.38
C PHE B 99 -17.53 -24.86 12.72
N ALA B 100 -17.83 -25.20 13.99
CA ALA B 100 -19.18 -25.59 14.38
C ALA B 100 -19.64 -26.67 13.45
N GLY B 101 -18.83 -27.68 13.23
CA GLY B 101 -19.36 -28.71 12.35
C GLY B 101 -19.53 -28.42 10.87
N HIS B 102 -18.89 -27.35 10.41
CA HIS B 102 -18.91 -27.05 8.98
C HIS B 102 -17.48 -27.27 8.45
N GLU B 103 -17.39 -27.86 7.27
CA GLU B 103 -16.12 -28.17 6.69
C GLU B 103 -15.29 -26.98 6.22
N VAL B 104 -14.09 -26.86 6.77
CA VAL B 104 -13.14 -25.85 6.31
C VAL B 104 -11.93 -26.61 5.73
N HIS B 105 -11.55 -26.29 4.50
CA HIS B 105 -10.38 -26.88 3.83
C HIS B 105 -9.27 -25.86 3.80
N VAL B 106 -8.11 -26.30 4.26
CA VAL B 106 -6.94 -25.42 4.31
C VAL B 106 -5.96 -25.83 3.23
N MET B 107 -5.53 -24.86 2.42
CA MET B 107 -4.57 -25.13 1.35
C MET B 107 -3.36 -24.23 1.64
N ASP B 108 -2.15 -24.73 1.47
CA ASP B 108 -0.95 -23.86 1.61
C ASP B 108 -0.96 -22.96 0.34
N THR B 109 -0.72 -21.65 0.49
CA THR B 109 -0.74 -20.75 -0.67
C THR B 109 0.42 -19.75 -0.55
N PRO B 110 1.65 -20.28 -0.60
CA PRO B 110 2.86 -19.44 -0.52
C PRO B 110 2.98 -18.48 -1.69
N GLY B 111 3.79 -17.45 -1.48
CA GLY B 111 4.04 -16.46 -2.53
C GLY B 111 4.26 -15.11 -1.90
N HIS B 112 3.20 -14.59 -1.27
CA HIS B 112 3.29 -13.28 -0.61
C HIS B 112 4.17 -13.57 0.61
N THR B 113 3.88 -14.66 1.31
CA THR B 113 4.73 -15.12 2.43
C THR B 113 4.91 -16.62 2.40
N LYS B 114 6.00 -17.13 2.99
CA LYS B 114 6.12 -18.58 3.09
C LYS B 114 5.28 -18.92 4.36
N GLY B 115 4.24 -19.73 4.18
CA GLY B 115 3.36 -20.13 5.28
C GLY B 115 1.88 -19.67 5.18
N HIS B 116 1.62 -18.76 4.25
CA HIS B 116 0.28 -18.24 3.98
C HIS B 116 -0.61 -19.42 3.58
N ILE B 117 -1.81 -19.49 4.13
CA ILE B 117 -2.77 -20.55 3.77
C ILE B 117 -3.99 -19.88 3.14
N SER B 118 -4.90 -20.70 2.61
CA SER B 118 -6.18 -20.30 1.98
C SER B 118 -7.15 -21.10 2.88
N LEU B 119 -8.32 -20.53 3.14
CA LEU B 119 -9.28 -21.19 4.03
C LEU B 119 -10.57 -21.29 3.24
N TYR B 120 -10.78 -22.42 2.59
CA TYR B 120 -11.99 -22.73 1.78
C TYR B 120 -13.12 -23.35 2.65
N PHE B 121 -14.34 -22.81 2.48
CA PHE B 121 -15.58 -23.23 3.21
C PHE B 121 -16.49 -23.72 2.05
N PRO B 122 -16.41 -25.01 1.69
CA PRO B 122 -17.22 -25.50 0.57
C PRO B 122 -18.73 -25.32 0.83
N GLY B 123 -19.09 -25.49 2.10
CA GLY B 123 -20.51 -25.34 2.47
C GLY B 123 -21.10 -23.99 2.17
N SER B 124 -20.22 -22.99 2.13
CA SER B 124 -20.67 -21.64 1.89
C SER B 124 -20.15 -21.15 0.52
N ARG B 125 -19.51 -22.02 -0.27
CA ARG B 125 -18.95 -21.59 -1.55
C ARG B 125 -18.14 -20.28 -1.31
N ALA B 126 -17.36 -20.27 -0.24
CA ALA B 126 -16.53 -19.11 0.10
C ALA B 126 -15.12 -19.47 0.40
N ILE B 127 -14.18 -18.62 -0.09
CA ILE B 127 -12.78 -18.87 0.24
C ILE B 127 -12.14 -17.56 0.80
N PHE B 128 -11.32 -17.71 1.82
CA PHE B 128 -10.60 -16.56 2.42
C PHE B 128 -9.16 -16.68 1.96
N THR B 129 -8.76 -15.72 1.09
CA THR B 129 -7.46 -15.76 0.44
C THR B 129 -6.43 -14.79 1.04
N GLY B 130 -6.85 -14.01 2.05
CA GLY B 130 -5.95 -13.02 2.63
C GLY B 130 -5.32 -12.17 1.52
N ASP B 131 -3.98 -12.06 1.61
CA ASP B 131 -3.21 -11.34 0.62
C ASP B 131 -2.61 -12.31 -0.43
N THR B 132 -3.46 -13.25 -0.93
CA THR B 132 -3.07 -14.14 -2.02
C THR B 132 -3.72 -13.56 -3.29
N MET B 133 -5.05 -13.60 -3.36
CA MET B 133 -5.67 -13.05 -4.59
C MET B 133 -6.58 -11.83 -4.46
N PHE B 134 -6.02 -10.64 -4.39
CA PHE B 134 -6.95 -9.52 -4.27
C PHE B 134 -7.75 -9.45 -5.51
N SER B 135 -9.00 -8.98 -5.45
CA SER B 135 -9.69 -8.87 -6.74
C SER B 135 -8.83 -8.05 -7.69
N LEU B 136 -8.48 -8.67 -8.82
CA LEU B 136 -7.64 -8.08 -9.87
C LEU B 136 -6.19 -7.95 -9.50
N SER B 137 -5.76 -8.69 -8.45
CA SER B 137 -4.32 -8.64 -8.06
C SER B 137 -3.93 -9.90 -7.32
N CYS B 138 -2.66 -9.95 -6.93
CA CYS B 138 -2.12 -11.03 -6.13
C CYS B 138 -1.17 -10.31 -5.15
N GLY B 139 -0.92 -10.91 -4.00
CA GLY B 139 -0.02 -10.22 -3.09
C GLY B 139 1.37 -9.95 -3.66
N LYS B 140 2.04 -8.93 -3.12
CA LYS B 140 3.44 -8.75 -3.52
C LYS B 140 4.20 -9.94 -2.99
N LEU B 141 5.34 -10.30 -3.67
CA LEU B 141 6.09 -11.49 -3.30
C LEU B 141 7.21 -11.16 -2.33
N PHE B 142 6.82 -10.84 -1.09
CA PHE B 142 7.83 -10.44 -0.11
C PHE B 142 8.68 -11.65 0.36
N GLU B 143 8.13 -12.87 0.21
CA GLU B 143 8.84 -14.07 0.59
C GLU B 143 8.87 -15.14 -0.47
N GLY B 144 7.77 -15.40 -1.18
CA GLY B 144 7.76 -16.54 -2.11
C GLY B 144 8.21 -16.17 -3.47
N THR B 145 8.12 -17.19 -4.35
CA THR B 145 8.53 -17.04 -5.71
C THR B 145 7.37 -16.94 -6.69
N PRO B 146 7.63 -16.43 -7.88
CA PRO B 146 6.57 -16.32 -8.88
C PRO B 146 5.94 -17.69 -9.13
N LYS B 147 6.76 -18.74 -9.14
CA LYS B 147 6.26 -20.09 -9.37
C LYS B 147 5.31 -20.51 -8.23
N GLN B 148 5.69 -20.18 -6.99
CA GLN B 148 4.84 -20.52 -5.84
C GLN B 148 3.53 -19.72 -5.93
N MET B 149 3.63 -18.42 -6.23
CA MET B 149 2.39 -17.65 -6.31
C MET B 149 1.48 -18.14 -7.44
N LEU B 150 2.08 -18.36 -8.61
CA LEU B 150 1.28 -18.87 -9.74
C LEU B 150 0.60 -20.18 -9.31
N ALA B 151 1.32 -21.08 -8.63
CA ALA B 151 0.70 -22.34 -8.21
C ALA B 151 -0.39 -22.11 -7.18
N SER B 152 -0.20 -21.13 -6.32
CA SER B 152 -1.21 -20.84 -5.28
C SER B 152 -2.46 -20.25 -5.92
N LEU B 153 -2.28 -19.38 -6.92
CA LEU B 153 -3.42 -18.77 -7.57
C LEU B 153 -4.26 -19.82 -8.34
N GLN B 154 -3.56 -20.76 -8.97
CA GLN B 154 -4.19 -21.85 -9.73
C GLN B 154 -4.94 -22.78 -8.79
N LYS B 155 -4.44 -23.01 -7.59
CA LYS B 155 -5.21 -23.84 -6.65
C LYS B 155 -6.53 -23.13 -6.37
N ILE B 156 -6.47 -21.85 -6.09
CA ILE B 156 -7.69 -21.12 -5.79
C ILE B 156 -8.66 -21.13 -6.98
N THR B 157 -8.14 -20.95 -8.22
CA THR B 157 -9.02 -20.85 -9.40
C THR B 157 -9.50 -22.23 -9.87
N SER B 158 -8.97 -23.30 -9.26
CA SER B 158 -9.45 -24.66 -9.58
C SER B 158 -10.76 -24.93 -8.82
N LEU B 159 -11.24 -23.93 -8.06
CA LEU B 159 -12.51 -24.03 -7.32
C LEU B 159 -13.71 -23.58 -8.23
N PRO B 160 -14.93 -23.95 -7.86
CA PRO B 160 -16.04 -23.52 -8.74
C PRO B 160 -16.14 -22.02 -9.03
N ASP B 161 -16.46 -21.69 -10.28
CA ASP B 161 -16.54 -20.29 -10.63
C ASP B 161 -17.41 -19.42 -9.73
N ASP B 162 -18.43 -19.99 -9.08
CA ASP B 162 -19.34 -19.24 -8.22
C ASP B 162 -18.83 -19.18 -6.77
N THR B 163 -17.54 -19.39 -6.61
CA THR B 163 -16.97 -19.34 -5.29
C THR B 163 -16.65 -17.86 -4.92
N SER B 164 -17.20 -17.38 -3.80
CA SER B 164 -16.91 -16.01 -3.36
C SER B 164 -15.47 -15.95 -2.87
N ILE B 165 -14.76 -14.87 -3.23
CA ILE B 165 -13.39 -14.68 -2.82
C ILE B 165 -13.34 -13.49 -1.86
N TYR B 166 -12.92 -13.79 -0.61
CA TYR B 166 -12.84 -12.76 0.43
C TYR B 166 -11.34 -12.59 0.73
N CYS B 167 -10.73 -11.51 0.19
CA CYS B 167 -9.29 -11.23 0.31
C CYS B 167 -8.90 -10.27 1.46
N GLY B 168 -7.61 -10.08 1.65
CA GLY B 168 -7.15 -9.24 2.77
C GLY B 168 -7.26 -7.74 2.69
N HIS B 169 -7.41 -7.17 1.48
CA HIS B 169 -7.46 -5.71 1.36
C HIS B 169 -8.41 -5.24 0.27
N GLU B 170 -8.79 -3.98 0.37
CA GLU B 170 -9.66 -3.30 -0.59
C GLU B 170 -8.69 -2.56 -1.53
N TYR B 171 -8.05 -3.32 -2.43
CA TYR B 171 -7.13 -2.76 -3.39
C TYR B 171 -7.71 -2.73 -4.82
N THR B 172 -8.96 -3.19 -4.97
CA THR B 172 -9.53 -3.37 -6.29
C THR B 172 -9.46 -2.21 -7.27
N LEU B 173 -9.87 -1.02 -6.82
CA LEU B 173 -9.86 0.12 -7.70
C LEU B 173 -8.41 0.42 -8.10
N SER B 174 -7.46 0.39 -7.19
CA SER B 174 -6.10 0.65 -7.64
C SER B 174 -5.59 -0.39 -8.64
N ASN B 175 -5.88 -1.67 -8.33
CA ASN B 175 -5.49 -2.79 -9.17
C ASN B 175 -6.01 -2.58 -10.63
N SER B 176 -7.25 -2.08 -10.77
CA SER B 176 -7.84 -1.89 -12.10
C SER B 176 -6.95 -0.96 -12.92
N LYS B 177 -6.36 0.04 -12.28
CA LYS B 177 -5.54 0.97 -13.02
C LYS B 177 -4.47 0.24 -13.89
N PHE B 178 -3.75 -0.66 -13.26
CA PHE B 178 -2.74 -1.46 -13.89
C PHE B 178 -3.45 -2.47 -14.75
N ALA B 179 -4.61 -2.96 -14.33
CA ALA B 179 -5.30 -3.95 -15.12
C ALA B 179 -5.66 -3.38 -16.49
N LEU B 180 -6.36 -2.27 -16.52
CA LEU B 180 -6.78 -1.69 -17.79
C LEU B 180 -5.63 -1.20 -18.63
N SER B 181 -4.50 -0.98 -17.98
CA SER B 181 -3.29 -0.53 -18.69
C SER B 181 -2.68 -1.68 -19.52
N LEU B 182 -3.04 -2.93 -19.21
CA LEU B 182 -2.50 -4.09 -19.96
C LEU B 182 -3.50 -4.64 -20.95
N GLU B 183 -4.75 -4.66 -20.53
CA GLU B 183 -5.83 -5.25 -21.35
C GLU B 183 -7.00 -4.28 -21.47
N PRO B 184 -6.75 -3.16 -22.12
CA PRO B 184 -7.81 -2.18 -22.23
C PRO B 184 -9.01 -2.52 -23.07
N ASN B 185 -8.89 -3.53 -23.91
CA ASN B 185 -10.02 -3.91 -24.71
C ASN B 185 -10.82 -5.07 -24.12
N ASN B 186 -10.41 -5.60 -22.93
CA ASN B 186 -11.14 -6.68 -22.24
C ASN B 186 -12.52 -6.07 -21.79
N GLU B 187 -13.61 -6.47 -22.45
CA GLU B 187 -14.93 -5.90 -22.16
C GLU B 187 -15.43 -6.18 -20.74
N VAL B 188 -15.25 -7.40 -20.27
CA VAL B 188 -15.74 -7.70 -18.91
C VAL B 188 -14.92 -6.86 -17.90
N LEU B 189 -13.61 -6.76 -18.12
CA LEU B 189 -12.78 -5.97 -17.18
C LEU B 189 -13.19 -4.50 -17.25
N GLN B 190 -13.52 -3.98 -18.44
CA GLN B 190 -13.95 -2.59 -18.51
C GLN B 190 -15.21 -2.34 -17.66
N SER B 191 -16.20 -3.22 -17.80
CA SER B 191 -17.46 -3.02 -17.07
C SER B 191 -17.23 -3.26 -15.57
N TYR B 192 -16.42 -4.25 -15.24
CA TYR B 192 -16.16 -4.54 -13.84
C TYR B 192 -15.36 -3.40 -13.20
N ALA B 193 -14.43 -2.82 -13.92
CA ALA B 193 -13.62 -1.73 -13.40
C ALA B 193 -14.53 -0.50 -13.22
N ALA B 194 -15.43 -0.28 -14.17
CA ALA B 194 -16.31 0.88 -14.00
C ALA B 194 -17.19 0.67 -12.76
N HIS B 195 -17.73 -0.56 -12.58
CA HIS B 195 -18.59 -0.92 -11.43
C HIS B 195 -17.80 -0.75 -10.09
N VAL B 196 -16.55 -1.19 -10.11
CA VAL B 196 -15.65 -1.03 -8.95
C VAL B 196 -15.48 0.47 -8.61
N ALA B 197 -15.26 1.33 -9.60
CA ALA B 197 -15.10 2.77 -9.28
C ALA B 197 -16.38 3.39 -8.70
N GLU B 198 -17.52 2.90 -9.14
CA GLU B 198 -18.80 3.42 -8.62
C GLU B 198 -18.96 2.91 -7.18
N LEU B 199 -18.58 1.66 -6.92
CA LEU B 199 -18.71 1.11 -5.56
C LEU B 199 -17.82 1.92 -4.67
N ARG B 200 -16.58 2.20 -5.10
CA ARG B 200 -15.65 2.94 -4.24
C ARG B 200 -16.07 4.41 -4.08
N SER B 201 -16.65 5.02 -5.12
CA SER B 201 -17.11 6.41 -5.01
C SER B 201 -18.10 6.54 -3.86
N LYS B 202 -18.86 5.47 -3.60
CA LYS B 202 -19.84 5.46 -2.50
C LYS B 202 -19.24 4.87 -1.21
N LYS B 203 -17.92 4.66 -1.21
CA LYS B 203 -17.20 4.09 -0.06
C LYS B 203 -17.67 2.69 0.26
N LEU B 204 -18.11 1.97 -0.78
CA LEU B 204 -18.58 0.60 -0.58
C LEU B 204 -17.51 -0.43 -0.96
N PRO B 205 -17.39 -1.49 -0.17
CA PRO B 205 -16.39 -2.55 -0.45
C PRO B 205 -16.64 -3.17 -1.83
N THR B 206 -15.58 -3.70 -2.44
CA THR B 206 -15.71 -4.40 -3.71
C THR B 206 -15.57 -5.90 -3.52
N ILE B 207 -15.41 -6.30 -2.25
CA ILE B 207 -15.16 -7.67 -1.84
C ILE B 207 -16.49 -8.17 -1.21
N PRO B 208 -16.93 -9.41 -1.48
CA PRO B 208 -16.26 -10.43 -2.31
C PRO B 208 -16.29 -10.28 -3.80
N THR B 209 -15.32 -10.95 -4.41
CA THR B 209 -15.29 -11.11 -5.87
C THR B 209 -15.57 -12.63 -6.08
N THR B 210 -15.45 -13.11 -7.33
CA THR B 210 -15.68 -14.52 -7.57
C THR B 210 -14.57 -15.14 -8.43
N VAL B 211 -14.41 -16.46 -8.32
CA VAL B 211 -13.41 -17.15 -9.16
C VAL B 211 -13.67 -16.84 -10.62
N LYS B 212 -14.95 -16.79 -11.01
CA LYS B 212 -15.24 -16.51 -12.42
C LYS B 212 -14.82 -15.11 -12.85
N MET B 213 -15.15 -14.10 -12.05
CA MET B 213 -14.77 -12.73 -12.39
C MET B 213 -13.24 -12.61 -12.46
N GLU B 214 -12.52 -13.24 -11.50
CA GLU B 214 -11.06 -13.08 -11.46
C GLU B 214 -10.42 -13.80 -12.64
N LYS B 215 -10.95 -14.98 -13.02
CA LYS B 215 -10.40 -15.67 -14.17
C LYS B 215 -10.58 -14.77 -15.42
N ALA B 216 -11.69 -14.03 -15.46
CA ALA B 216 -11.98 -13.18 -16.62
C ALA B 216 -11.24 -11.83 -16.65
N CYS B 217 -10.84 -11.36 -15.48
CA CYS B 217 -10.24 -10.04 -15.38
C CYS B 217 -8.88 -9.82 -14.75
N ASN B 218 -8.48 -10.70 -13.83
CA ASN B 218 -7.24 -10.57 -13.05
C ASN B 218 -6.06 -10.88 -13.96
N PRO B 219 -5.14 -9.91 -14.15
CA PRO B 219 -4.03 -10.18 -15.06
C PRO B 219 -3.16 -11.33 -14.58
N PHE B 220 -3.08 -11.53 -13.25
CA PHE B 220 -2.21 -12.58 -12.75
C PHE B 220 -2.72 -13.98 -13.02
N LEU B 221 -4.02 -14.08 -13.40
CA LEU B 221 -4.60 -15.39 -13.75
C LEU B 221 -4.67 -15.51 -15.30
N ARG B 222 -4.11 -14.51 -15.98
CA ARG B 222 -4.16 -14.43 -17.45
C ARG B 222 -2.76 -14.24 -18.03
N SER B 223 -1.80 -14.91 -17.39
CA SER B 223 -0.39 -14.75 -17.73
C SER B 223 0.00 -15.21 -19.13
N SER B 224 -0.88 -15.96 -19.80
CA SER B 224 -0.63 -16.36 -21.20
C SER B 224 -1.38 -15.49 -22.19
N ASN B 225 -2.20 -14.54 -21.68
CA ASN B 225 -2.95 -13.67 -22.57
C ASN B 225 -2.06 -12.94 -23.57
N THR B 226 -2.52 -12.81 -24.81
CA THR B 226 -1.68 -12.13 -25.80
C THR B 226 -1.51 -10.63 -25.62
N ASP B 227 -2.58 -9.92 -25.31
CA ASP B 227 -2.44 -8.47 -25.14
C ASP B 227 -1.52 -8.13 -23.98
N ILE B 228 -1.65 -8.92 -22.90
CA ILE B 228 -0.80 -8.69 -21.73
C ILE B 228 0.66 -8.94 -22.04
N ARG B 229 0.97 -10.05 -22.73
CA ARG B 229 2.32 -10.32 -23.11
C ARG B 229 2.87 -9.26 -24.06
N ARG B 230 2.03 -8.73 -24.94
CA ARG B 230 2.49 -7.72 -25.85
C ARG B 230 2.86 -6.44 -25.07
N ALA B 231 1.96 -6.01 -24.19
CA ALA B 231 2.17 -4.78 -23.45
C ALA B 231 3.41 -4.82 -22.57
N LEU B 232 3.78 -6.01 -22.09
CA LEU B 232 4.90 -6.10 -21.18
C LEU B 232 6.19 -6.68 -21.81
N ARG B 233 6.13 -7.00 -23.12
CA ARG B 233 7.24 -7.51 -23.88
C ARG B 233 7.68 -8.86 -23.30
N ILE B 234 6.72 -9.73 -22.99
CA ILE B 234 7.08 -11.03 -22.50
C ILE B 234 7.04 -12.02 -23.69
N PRO B 235 8.15 -12.72 -23.95
CA PRO B 235 8.24 -13.70 -25.07
C PRO B 235 7.12 -14.73 -24.99
N GLU B 236 6.60 -15.12 -26.15
CA GLU B 236 5.47 -16.06 -26.11
C GLU B 236 5.85 -17.41 -25.51
N ALA B 237 7.11 -17.79 -25.68
CA ALA B 237 7.61 -19.10 -25.25
C ALA B 237 7.68 -19.26 -23.72
N ALA B 238 8.08 -18.17 -23.07
CA ALA B 238 8.22 -18.11 -21.63
C ALA B 238 7.02 -18.70 -20.89
N ASP B 239 7.31 -19.49 -19.85
CA ASP B 239 6.22 -20.13 -19.11
C ASP B 239 5.42 -19.10 -18.31
N GLU B 240 4.35 -19.55 -17.66
CA GLU B 240 3.50 -18.57 -16.96
C GLU B 240 4.11 -18.07 -15.65
N ALA B 241 5.00 -18.85 -15.03
CA ALA B 241 5.63 -18.33 -13.79
C ALA B 241 6.53 -17.18 -14.19
N GLU B 242 7.30 -17.31 -15.29
CA GLU B 242 8.18 -16.20 -15.67
C GLU B 242 7.32 -14.98 -16.03
N ALA B 243 6.22 -15.24 -16.75
CA ALA B 243 5.30 -14.19 -17.17
C ALA B 243 4.69 -13.50 -15.89
N LEU B 244 4.23 -14.29 -14.93
CA LEU B 244 3.65 -13.70 -13.70
C LEU B 244 4.70 -12.84 -13.00
N GLY B 245 5.95 -13.33 -12.96
CA GLY B 245 7.01 -12.58 -12.31
C GLY B 245 7.18 -11.22 -12.94
N ILE B 246 7.10 -11.13 -14.26
CA ILE B 246 7.30 -9.87 -14.95
C ILE B 246 6.07 -8.96 -14.72
N ILE B 247 4.85 -9.54 -14.77
CA ILE B 247 3.63 -8.75 -14.56
C ILE B 247 3.71 -8.16 -13.11
N ARG B 248 4.21 -8.97 -12.16
CA ARG B 248 4.27 -8.55 -10.75
C ARG B 248 5.24 -7.36 -10.62
N LYS B 249 6.34 -7.42 -11.34
CA LYS B 249 7.33 -6.33 -11.26
C LYS B 249 6.78 -5.06 -11.90
N ALA B 250 6.09 -5.24 -13.04
CA ALA B 250 5.49 -4.12 -13.74
C ALA B 250 4.44 -3.46 -12.84
N LYS B 251 3.54 -4.24 -12.25
CA LYS B 251 2.52 -3.60 -11.39
C LYS B 251 3.19 -2.86 -10.21
N ASP B 252 4.23 -3.44 -9.64
CA ASP B 252 4.94 -2.82 -8.53
C ASP B 252 5.31 -1.37 -8.86
N ASP B 253 5.78 -1.14 -10.10
CA ASP B 253 6.24 0.18 -10.55
C ASP B 253 5.24 0.99 -11.39
N PHE B 254 3.99 0.57 -11.31
CA PHE B 254 2.98 1.28 -12.08
C PHE B 254 2.68 2.62 -11.42
ZN ZN C . 6.00 5.63 -6.04
FE FE D . 3.07 7.04 -4.48
C ACY E . 6.58 1.89 2.99
O ACY E . 7.23 2.33 3.92
OXT ACY E . 6.36 0.59 2.89
CH3 ACY E . 6.02 2.80 1.93
C1 PEG F . -5.38 18.95 16.63
O1 PEG F . -5.43 17.54 17.08
C2 PEG F . -6.67 19.36 15.85
O2 PEG F . -7.79 19.33 16.70
C3 PEG F . -8.97 19.74 15.97
C4 PEG F . -10.22 19.68 16.87
O4 PEG F . -10.53 18.28 17.14
ZN ZN G . 0.31 -9.72 3.97
FE FE H . -2.08 -7.40 4.44
C ACY I . -0.37 -5.28 -5.10
O ACY I . -0.93 -5.57 -6.16
OXT ACY I . 0.66 -4.46 -5.07
CH3 ACY I . -0.83 -5.89 -3.81
N MET A 1 3.63 31.78 0.32
CA MET A 1 2.90 30.74 -0.49
C MET A 1 1.98 29.85 0.37
N GLN A 2 0.76 29.63 -0.09
CA GLN A 2 -0.18 28.76 0.62
C GLN A 2 0.06 27.33 0.08
N ILE A 3 0.01 26.32 0.94
CA ILE A 3 0.22 24.91 0.51
C ILE A 3 -1.00 24.13 0.98
N GLU A 4 -1.89 23.77 0.07
CA GLU A 4 -3.09 23.04 0.45
C GLU A 4 -3.00 21.56 0.14
N LEU A 5 -3.13 20.69 1.17
CA LEU A 5 -3.08 19.26 0.91
C LEU A 5 -4.40 18.89 0.31
N VAL A 6 -4.33 18.03 -0.70
CA VAL A 6 -5.50 17.52 -1.38
C VAL A 6 -5.49 16.00 -1.35
N PRO A 7 -6.31 15.41 -0.45
CA PRO A 7 -6.35 13.95 -0.41
C PRO A 7 -6.88 13.42 -1.72
N CYS A 8 -6.20 12.38 -2.24
CA CYS A 8 -6.60 11.74 -3.47
C CYS A 8 -6.46 10.24 -3.26
N LEU A 9 -7.17 9.51 -4.11
CA LEU A 9 -7.20 8.05 -4.06
C LEU A 9 -7.48 7.67 -2.61
N LYS A 10 -6.73 6.72 -2.09
CA LYS A 10 -6.93 6.20 -0.74
C LYS A 10 -6.05 6.85 0.30
N ASP A 11 -4.84 7.21 -0.10
CA ASP A 11 -3.89 7.77 0.86
C ASP A 11 -2.87 8.64 0.20
N ASN A 12 -3.17 9.09 -1.02
CA ASN A 12 -2.21 9.98 -1.67
C ASN A 12 -2.46 11.42 -1.26
N TYR A 13 -1.37 12.22 -1.30
CA TYR A 13 -1.53 13.64 -1.13
C TYR A 13 -1.01 14.38 -2.36
N ALA A 14 -1.85 15.26 -2.92
CA ALA A 14 -1.42 16.21 -3.96
C ALA A 14 -1.24 17.50 -3.14
N TYR A 15 -0.58 18.51 -3.70
CA TYR A 15 -0.40 19.76 -2.95
C TYR A 15 -0.67 20.94 -3.87
N ILE A 16 -1.75 21.69 -3.61
CA ILE A 16 -2.01 22.86 -4.46
C ILE A 16 -1.28 24.02 -3.79
N LEU A 17 -0.38 24.64 -4.57
CA LEU A 17 0.42 25.76 -4.11
C LEU A 17 -0.24 27.07 -4.56
N HIS A 18 -0.63 27.91 -3.60
CA HIS A 18 -1.28 29.19 -4.01
C HIS A 18 -0.30 30.35 -3.82
N ASP A 19 0.21 30.95 -4.90
CA ASP A 19 1.14 32.09 -4.71
C ASP A 19 0.30 33.27 -4.19
N GLU A 20 0.78 34.04 -3.20
CA GLU A 20 0.00 35.15 -2.65
C GLU A 20 0.45 36.51 -3.17
N ASP A 21 1.46 36.52 -4.03
CA ASP A 21 1.96 37.76 -4.59
C ASP A 21 1.53 37.91 -6.03
N THR A 22 0.80 36.92 -6.56
CA THR A 22 0.28 36.99 -7.93
C THR A 22 -1.15 36.50 -8.01
N GLY A 23 -1.32 35.34 -8.66
CA GLY A 23 -2.56 34.61 -8.88
C GLY A 23 -2.16 33.20 -9.42
N THR A 24 -0.87 32.91 -9.43
CA THR A 24 -0.43 31.62 -9.94
C THR A 24 -0.71 30.46 -8.99
N VAL A 25 -1.15 29.34 -9.54
CA VAL A 25 -1.44 28.19 -8.70
C VAL A 25 -0.74 26.99 -9.30
N GLY A 26 0.14 26.40 -8.52
CA GLY A 26 0.80 25.20 -9.01
C GLY A 26 0.32 24.04 -8.14
N VAL A 27 0.18 22.84 -8.70
CA VAL A 27 -0.16 21.69 -7.88
C VAL A 27 0.98 20.70 -7.98
N VAL A 28 1.24 19.98 -6.89
CA VAL A 28 2.31 18.97 -6.87
C VAL A 28 1.60 17.63 -6.85
N ASP A 29 2.00 16.73 -7.72
CA ASP A 29 1.42 15.36 -7.74
C ASP A 29 -0.09 15.21 -7.70
N PRO A 30 -0.76 15.52 -8.84
CA PRO A 30 -2.23 15.41 -8.96
C PRO A 30 -2.61 13.95 -9.35
N SER A 31 -2.84 13.09 -8.34
CA SER A 31 -3.21 11.69 -8.55
C SER A 31 -4.25 11.47 -9.63
N GLU A 32 -5.13 12.43 -9.72
CA GLU A 32 -6.23 12.37 -10.69
C GLU A 32 -6.80 13.81 -10.73
N ALA A 33 -7.38 14.19 -11.86
CA ALA A 33 -7.88 15.55 -12.05
C ALA A 33 -8.99 16.01 -11.17
N GLU A 34 -10.06 15.20 -11.16
CA GLU A 34 -11.26 15.60 -10.43
C GLU A 34 -11.09 16.18 -9.02
N PRO A 35 -10.29 15.53 -8.17
CA PRO A 35 -10.06 16.01 -6.80
C PRO A 35 -9.39 17.38 -6.85
N ILE A 36 -8.55 17.66 -7.86
CA ILE A 36 -7.90 19.00 -7.93
C ILE A 36 -8.88 20.08 -8.37
N ILE A 37 -9.56 19.80 -9.47
CA ILE A 37 -10.60 20.68 -9.99
C ILE A 37 -11.55 21.10 -8.88
N ASP A 38 -11.99 20.14 -8.07
CA ASP A 38 -12.93 20.47 -6.98
C ASP A 38 -12.36 21.52 -6.08
N SER A 39 -11.08 21.43 -5.78
CA SER A 39 -10.41 22.41 -4.95
C SER A 39 -10.16 23.75 -5.66
N LEU A 40 -10.01 23.74 -6.99
CA LEU A 40 -9.76 24.97 -7.76
C LEU A 40 -11.07 25.79 -7.95
N LYS A 41 -12.17 25.07 -8.18
CA LYS A 41 -13.44 25.75 -8.36
C LYS A 41 -13.75 26.55 -7.10
N ARG A 42 -13.26 26.08 -5.95
CA ARG A 42 -13.51 26.74 -4.70
C ARG A 42 -12.91 28.13 -4.72
N SER A 43 -11.59 28.19 -4.77
CA SER A 43 -10.91 29.46 -4.78
C SER A 43 -11.12 30.19 -6.09
N GLY A 44 -11.82 29.53 -7.01
CA GLY A 44 -12.06 30.15 -8.29
C GLY A 44 -10.79 30.62 -8.99
N ARG A 45 -9.74 29.79 -8.97
CA ARG A 45 -8.48 30.14 -9.63
C ARG A 45 -8.13 29.12 -10.72
N ASN A 46 -7.42 29.58 -11.75
CA ASN A 46 -6.99 28.73 -12.86
C ASN A 46 -5.70 28.03 -12.41
N LEU A 47 -5.40 26.90 -13.03
CA LEU A 47 -4.18 26.11 -12.72
C LEU A 47 -2.99 26.50 -13.66
N THR A 48 -1.93 27.10 -13.12
CA THR A 48 -0.81 27.47 -13.97
C THR A 48 0.16 26.32 -14.28
N TYR A 49 0.60 25.67 -13.21
CA TYR A 49 1.59 24.61 -13.28
C TYR A 49 1.22 23.29 -12.63
N ILE A 50 1.79 22.22 -13.16
CA ILE A 50 1.67 20.86 -12.64
C ILE A 50 3.10 20.34 -12.50
N LEU A 51 3.47 19.93 -11.29
CA LEU A 51 4.84 19.43 -11.02
C LEU A 51 4.72 18.01 -10.50
N ASN A 52 5.55 17.09 -11.05
CA ASN A 52 5.51 15.72 -10.62
C ASN A 52 6.83 15.31 -10.00
N THR A 53 6.73 14.59 -8.89
CA THR A 53 7.95 14.11 -8.22
C THR A 53 8.51 12.86 -8.91
N HIS A 54 7.63 12.03 -9.42
CA HIS A 54 8.05 10.81 -10.10
C HIS A 54 6.91 10.32 -11.02
N HIS A 55 7.16 9.27 -11.81
CA HIS A 55 6.23 8.85 -12.86
C HIS A 55 5.02 7.99 -12.52
N HIS A 56 5.02 7.40 -11.32
CA HIS A 56 3.95 6.46 -10.95
C HIS A 56 2.58 7.07 -11.21
N TYR A 57 1.66 6.18 -11.56
CA TYR A 57 0.33 6.59 -11.93
C TYR A 57 -0.38 7.38 -10.82
N ASP A 58 -0.13 7.02 -9.57
CA ASP A 58 -0.78 7.74 -8.46
C ASP A 58 -0.23 9.15 -8.23
N HIS A 59 0.78 9.56 -9.03
CA HIS A 59 1.33 10.93 -8.91
C HIS A 59 1.19 11.68 -10.24
N THR A 60 0.85 10.97 -11.32
CA THR A 60 0.77 11.60 -12.67
C THR A 60 -0.60 11.34 -13.35
N GLY A 61 -1.45 10.54 -12.72
CA GLY A 61 -2.73 10.17 -13.31
C GLY A 61 -3.63 11.32 -13.68
N GLY A 62 -3.44 12.48 -13.02
CA GLY A 62 -4.25 13.64 -13.32
C GLY A 62 -3.64 14.56 -14.37
N ASN A 63 -2.37 14.36 -14.71
CA ASN A 63 -1.68 15.27 -15.64
C ASN A 63 -2.44 15.58 -16.97
N LEU A 64 -3.02 14.55 -17.56
CA LEU A 64 -3.66 14.78 -18.87
C LEU A 64 -4.88 15.66 -18.82
N GLU A 65 -5.85 15.27 -18.00
CA GLU A 65 -7.08 16.03 -17.94
C GLU A 65 -6.77 17.46 -17.48
N LEU A 66 -5.72 17.59 -16.66
CA LEU A 66 -5.36 18.92 -16.15
C LEU A 66 -4.62 19.75 -17.18
N LYS A 67 -3.65 19.15 -17.85
CA LYS A 67 -2.89 19.82 -18.89
C LYS A 67 -3.85 20.18 -20.06
N ASP A 68 -4.97 19.47 -20.21
CA ASP A 68 -5.96 19.79 -21.28
C ASP A 68 -7.00 20.80 -20.78
N ARG A 69 -7.64 20.51 -19.65
CA ARG A 69 -8.68 21.38 -19.09
C ARG A 69 -8.26 22.81 -18.94
N TYR A 70 -7.05 23.01 -18.42
CA TYR A 70 -6.54 24.34 -18.19
C TYR A 70 -5.40 24.66 -19.13
N GLY A 71 -5.02 23.74 -19.99
CA GLY A 71 -3.85 23.97 -20.84
C GLY A 71 -2.65 24.21 -19.92
N ALA A 72 -2.70 23.66 -18.69
CA ALA A 72 -1.63 23.86 -17.71
C ALA A 72 -0.31 23.27 -18.19
N LYS A 73 0.85 23.82 -17.78
CA LYS A 73 2.11 23.23 -18.24
C LYS A 73 2.57 22.16 -17.22
N VAL A 74 3.23 21.09 -17.70
CA VAL A 74 3.75 20.02 -16.82
C VAL A 74 5.28 20.20 -16.67
N ILE A 75 5.74 20.16 -15.41
CA ILE A 75 7.15 20.37 -15.04
C ILE A 75 7.59 19.07 -14.37
N GLY A 76 8.54 18.38 -15.03
CA GLY A 76 9.00 17.11 -14.51
C GLY A 76 10.52 16.89 -14.64
N SER A 77 11.00 15.73 -14.21
CA SER A 77 12.45 15.49 -14.21
C SER A 77 13.10 15.14 -15.54
N ALA A 78 14.32 15.65 -15.78
CA ALA A 78 15.02 15.31 -17.00
C ALA A 78 15.28 13.80 -17.09
N MET A 79 15.30 13.12 -15.95
CA MET A 79 15.50 11.68 -15.96
C MET A 79 14.50 10.88 -16.80
N ASP A 80 13.21 10.90 -16.39
CA ASP A 80 12.21 10.13 -17.13
C ASP A 80 11.30 11.03 -17.89
N LYS A 81 11.86 11.97 -18.65
CA LYS A 81 11.02 12.90 -19.40
C LYS A 81 9.96 12.16 -20.22
N ASP A 82 10.32 11.06 -20.90
CA ASP A 82 9.33 10.36 -21.71
C ASP A 82 8.29 9.55 -20.89
N ARG A 83 8.40 9.59 -19.56
CA ARG A 83 7.47 8.87 -18.68
C ARG A 83 6.51 9.80 -17.92
N ILE A 84 6.73 11.12 -17.99
CA ILE A 84 5.87 12.10 -17.30
C ILE A 84 4.81 12.55 -18.32
N PRO A 85 3.58 12.14 -18.12
CA PRO A 85 2.56 12.53 -19.10
C PRO A 85 2.42 14.02 -19.29
N GLY A 86 2.50 14.43 -20.58
CA GLY A 86 2.30 15.84 -20.91
C GLY A 86 3.39 16.83 -20.54
N ILE A 87 4.58 16.35 -20.17
CA ILE A 87 5.66 17.23 -19.76
C ILE A 87 5.96 18.28 -20.82
N ASP A 88 6.06 19.51 -20.34
CA ASP A 88 6.35 20.65 -21.16
C ASP A 88 7.70 21.27 -20.76
N MET A 89 8.15 21.07 -19.51
CA MET A 89 9.40 21.69 -19.06
C MET A 89 10.18 20.65 -18.27
N ALA A 90 11.45 20.42 -18.65
CA ALA A 90 12.28 19.43 -17.96
C ALA A 90 12.98 20.05 -16.74
N LEU A 91 13.55 19.21 -15.88
CA LEU A 91 14.26 19.72 -14.69
C LEU A 91 15.47 18.87 -14.37
N LYS A 92 16.56 19.54 -13.99
CA LYS A 92 17.86 18.97 -13.66
C LYS A 92 18.28 19.16 -12.22
N ASP A 93 19.07 18.21 -11.73
CA ASP A 93 19.56 18.27 -10.38
C ASP A 93 20.28 19.58 -9.99
N GLY A 94 19.79 20.16 -8.91
CA GLY A 94 20.34 21.37 -8.37
C GLY A 94 19.81 22.60 -9.06
N ASP A 95 19.59 22.52 -10.37
CA ASP A 95 19.02 23.61 -11.14
C ASP A 95 17.83 24.28 -10.36
N LYS A 96 17.64 25.59 -10.59
CA LYS A 96 16.56 26.38 -9.99
C LYS A 96 15.45 26.61 -11.04
N TRP A 97 14.22 26.68 -10.54
CA TRP A 97 13.03 26.91 -11.38
C TRP A 97 12.16 27.92 -10.63
N MET A 98 11.60 28.90 -11.35
CA MET A 98 10.80 29.93 -10.65
C MET A 98 9.28 29.67 -10.79
N PHE A 99 8.62 29.54 -9.65
CA PHE A 99 7.17 29.34 -9.55
C PHE A 99 6.59 30.74 -9.25
N ALA A 100 6.46 31.60 -10.25
CA ALA A 100 5.94 32.94 -10.04
C ALA A 100 6.81 33.73 -9.03
N GLY A 101 8.12 33.88 -9.23
CA GLY A 101 8.87 34.66 -8.21
C GLY A 101 9.46 33.92 -7.02
N HIS A 102 9.04 32.67 -6.88
CA HIS A 102 9.50 31.78 -5.77
C HIS A 102 10.42 30.70 -6.39
N GLU A 103 11.65 30.65 -5.90
CA GLU A 103 12.63 29.70 -6.42
C GLU A 103 12.39 28.31 -5.91
N VAL A 104 12.48 27.36 -6.82
CA VAL A 104 12.36 25.94 -6.47
C VAL A 104 13.70 25.34 -6.83
N HIS A 105 14.34 24.62 -5.88
CA HIS A 105 15.65 24.02 -6.11
C HIS A 105 15.38 22.53 -6.27
N VAL A 106 15.64 22.04 -7.49
CA VAL A 106 15.40 20.66 -7.86
C VAL A 106 16.49 19.76 -7.29
N MET A 107 16.05 18.63 -6.72
CA MET A 107 16.96 17.65 -6.14
C MET A 107 16.70 16.27 -6.70
N ASP A 108 17.67 15.70 -7.43
CA ASP A 108 17.48 14.31 -7.90
C ASP A 108 17.51 13.39 -6.67
N THR A 109 16.46 12.59 -6.50
CA THR A 109 16.37 11.69 -5.35
C THR A 109 15.90 10.32 -5.81
N PRO A 110 16.81 9.55 -6.48
CA PRO A 110 16.54 8.22 -6.98
C PRO A 110 16.37 7.07 -5.93
N GLY A 111 15.57 6.06 -6.24
CA GLY A 111 15.42 4.95 -5.31
C GLY A 111 14.09 4.27 -5.57
N HIS A 112 13.01 4.97 -5.19
CA HIS A 112 11.64 4.52 -5.47
C HIS A 112 11.57 4.47 -7.01
N THR A 113 12.08 5.50 -7.68
CA THR A 113 12.18 5.41 -9.14
C THR A 113 13.46 6.13 -9.56
N LYS A 114 14.34 5.44 -10.28
CA LYS A 114 15.55 6.14 -10.73
C LYS A 114 15.04 7.25 -11.66
N GLY A 115 14.95 8.45 -11.10
CA GLY A 115 14.45 9.61 -11.83
C GLY A 115 13.59 10.45 -10.88
N HIS A 116 13.35 9.93 -9.68
CA HIS A 116 12.55 10.70 -8.71
C HIS A 116 13.26 11.97 -8.33
N ILE A 117 12.50 13.07 -8.22
CA ILE A 117 13.08 14.33 -7.75
C ILE A 117 12.28 14.84 -6.55
N SER A 118 12.91 15.69 -5.71
CA SER A 118 12.17 16.33 -4.60
C SER A 118 12.28 17.83 -4.92
N LEU A 119 11.29 18.62 -4.45
CA LEU A 119 11.25 20.04 -4.77
C LEU A 119 11.32 20.87 -3.50
N TYR A 120 12.40 21.64 -3.34
CA TYR A 120 12.63 22.44 -2.17
C TYR A 120 12.34 23.91 -2.41
N PHE A 121 11.44 24.46 -1.61
CA PHE A 121 11.06 25.88 -1.74
C PHE A 121 11.68 26.53 -0.50
N PRO A 122 12.91 27.06 -0.62
CA PRO A 122 13.54 27.70 0.57
C PRO A 122 12.69 28.84 1.16
N GLY A 123 12.05 29.61 0.27
CA GLY A 123 11.25 30.74 0.75
C GLY A 123 10.02 30.37 1.57
N SER A 124 9.62 29.11 1.49
CA SER A 124 8.43 28.61 2.19
C SER A 124 8.84 27.58 3.22
N ARG A 125 10.13 27.42 3.41
CA ARG A 125 10.70 26.45 4.35
C ARG A 125 9.94 25.12 4.18
N ALA A 126 10.07 24.52 3.02
CA ALA A 126 9.32 23.27 2.80
C ALA A 126 9.96 22.48 1.66
N ILE A 127 9.77 21.14 1.66
CA ILE A 127 10.26 20.35 0.53
C ILE A 127 9.27 19.19 0.24
N PHE A 128 8.86 19.12 -1.04
CA PHE A 128 7.95 18.05 -1.51
C PHE A 128 8.83 16.86 -1.85
N THR A 129 8.71 15.78 -1.05
CA THR A 129 9.59 14.63 -1.21
C THR A 129 8.96 13.45 -1.99
N GLY A 130 7.74 13.64 -2.45
CA GLY A 130 7.09 12.55 -3.22
C GLY A 130 7.14 11.27 -2.41
N ASP A 131 7.62 10.18 -3.04
CA ASP A 131 7.71 8.90 -2.37
C ASP A 131 9.16 8.52 -2.02
N THR A 132 9.99 9.53 -1.79
CA THR A 132 11.38 9.29 -1.40
C THR A 132 11.31 9.18 0.14
N MET A 133 10.88 10.25 0.82
CA MET A 133 10.78 10.19 2.29
C MET A 133 9.33 10.38 2.74
N PHE A 134 8.82 9.45 3.58
CA PHE A 134 7.50 9.64 4.19
C PHE A 134 7.72 9.96 5.66
N SER A 135 6.70 10.51 6.38
CA SER A 135 6.97 10.60 7.81
C SER A 135 7.03 9.15 8.34
N LEU A 136 8.23 8.83 8.88
CA LEU A 136 8.60 7.53 9.47
C LEU A 136 8.83 6.39 8.49
N SER A 137 9.17 6.77 7.26
CA SER A 137 9.53 5.76 6.25
C SER A 137 10.20 6.37 5.02
N CYS A 138 10.49 5.50 4.02
CA CYS A 138 11.03 5.92 2.73
C CYS A 138 10.28 5.09 1.70
N GLY A 139 10.37 5.45 0.39
CA GLY A 139 9.70 4.67 -0.62
C GLY A 139 10.30 3.27 -0.80
N LYS A 140 9.44 2.29 -0.96
CA LYS A 140 9.99 0.95 -1.27
C LYS A 140 10.89 1.15 -2.50
N LEU A 141 11.98 0.36 -2.59
CA LEU A 141 12.94 0.55 -3.69
C LEU A 141 12.55 -0.28 -4.91
N PHE A 142 11.73 0.31 -5.76
CA PHE A 142 11.26 -0.39 -6.95
C PHE A 142 12.32 -0.36 -8.02
N GLU A 143 13.00 0.77 -8.19
CA GLU A 143 14.02 0.83 -9.25
C GLU A 143 15.45 1.06 -8.76
N GLY A 144 15.62 1.90 -7.74
CA GLY A 144 16.94 2.23 -7.24
C GLY A 144 17.48 1.21 -6.27
N THR A 145 18.54 1.59 -5.57
CA THR A 145 19.20 0.73 -4.64
C THR A 145 19.20 1.35 -3.26
N PRO A 146 19.54 0.54 -2.26
CA PRO A 146 19.61 1.00 -0.88
C PRO A 146 20.63 2.13 -0.83
N LYS A 147 21.70 2.05 -1.63
CA LYS A 147 22.69 3.11 -1.57
C LYS A 147 22.16 4.47 -2.05
N GLN A 148 21.42 4.45 -3.15
CA GLN A 148 20.87 5.65 -3.68
C GLN A 148 19.85 6.24 -2.73
N MET A 149 18.96 5.38 -2.21
CA MET A 149 17.95 5.88 -1.27
C MET A 149 18.63 6.51 -0.06
N LEU A 150 19.67 5.88 0.49
CA LEU A 150 20.31 6.49 1.66
C LEU A 150 20.84 7.90 1.32
N ALA A 151 21.50 8.02 0.18
CA ALA A 151 22.05 9.29 -0.24
C ALA A 151 20.92 10.30 -0.43
N SER A 152 19.79 9.84 -0.99
CA SER A 152 18.65 10.75 -1.22
C SER A 152 18.08 11.24 0.11
N LEU A 153 17.99 10.35 1.10
CA LEU A 153 17.47 10.78 2.40
C LEU A 153 18.42 11.73 3.08
N GLN A 154 19.74 11.46 2.94
CA GLN A 154 20.72 12.35 3.56
C GLN A 154 20.74 13.73 2.84
N LYS A 155 20.40 13.78 1.55
CA LYS A 155 20.34 15.05 0.85
C LYS A 155 19.17 15.86 1.40
N ILE A 156 18.11 15.15 1.80
CA ILE A 156 16.91 15.82 2.32
C ILE A 156 17.17 16.23 3.77
N THR A 157 17.75 15.36 4.59
CA THR A 157 17.94 15.70 6.00
C THR A 157 19.06 16.72 6.28
N SER A 158 19.85 16.99 5.25
CA SER A 158 20.94 17.97 5.35
C SER A 158 20.32 19.37 5.22
N LEU A 159 19.15 19.47 4.61
CA LEU A 159 18.51 20.78 4.51
C LEU A 159 18.26 21.23 5.95
N PRO A 160 17.87 22.52 6.16
CA PRO A 160 17.63 23.00 7.53
C PRO A 160 16.72 22.08 8.39
N ASP A 161 16.88 22.15 9.72
CA ASP A 161 16.10 21.32 10.65
C ASP A 161 14.64 21.70 10.68
N ASP A 162 14.37 22.98 10.49
CA ASP A 162 13.00 23.41 10.55
C ASP A 162 12.30 23.30 9.19
N THR A 163 12.91 22.64 8.21
CA THR A 163 12.30 22.54 6.89
C THR A 163 10.90 21.84 6.93
N SER A 164 10.03 22.10 6.00
CA SER A 164 8.79 21.34 6.04
C SER A 164 8.91 20.18 5.05
N ILE A 165 8.34 19.01 5.37
CA ILE A 165 8.47 17.81 4.50
C ILE A 165 7.05 17.41 4.20
N TYR A 166 6.65 17.60 2.92
CA TYR A 166 5.30 17.25 2.46
C TYR A 166 5.45 15.95 1.65
N CYS A 167 5.17 14.80 2.33
CA CYS A 167 5.25 13.28 2.07
C CYS A 167 4.20 12.92 1.00
N GLY A 168 4.54 12.07 0.08
CA GLY A 168 3.62 11.65 -0.95
C GLY A 168 2.43 10.87 -0.46
N HIS A 169 2.51 10.27 0.70
CA HIS A 169 1.36 9.45 1.19
C HIS A 169 1.19 9.57 2.70
N GLU A 170 -0.02 9.23 3.13
CA GLU A 170 -0.44 9.26 4.54
C GLU A 170 -0.26 7.80 5.07
N TYR A 171 1.00 7.41 5.37
CA TYR A 171 1.27 6.05 5.85
C TYR A 171 1.79 6.11 7.28
N THR A 172 1.88 7.34 7.80
CA THR A 172 2.56 7.59 9.07
C THR A 172 2.15 6.67 10.22
N LEU A 173 0.87 6.38 10.32
CA LEU A 173 0.41 5.54 11.43
C LEU A 173 0.93 4.09 11.26
N SER A 174 0.75 3.49 10.07
CA SER A 174 1.19 2.12 9.83
C SER A 174 2.72 2.09 9.98
N ASN A 175 3.38 3.09 9.39
CA ASN A 175 4.84 3.20 9.41
C ASN A 175 5.32 3.47 10.86
N SER A 176 4.55 4.25 11.63
CA SER A 176 4.99 4.51 13.02
C SER A 176 4.98 3.29 13.90
N LYS A 177 4.13 2.30 13.59
CA LYS A 177 4.09 1.11 14.45
C LYS A 177 5.38 0.28 14.30
N PHE A 178 5.76 0.00 13.06
CA PHE A 178 6.98 -0.77 12.76
C PHE A 178 8.15 -0.07 13.51
N ALA A 179 8.24 1.25 13.42
CA ALA A 179 9.32 1.95 14.12
C ALA A 179 9.20 1.66 15.66
N LEU A 180 7.99 1.62 16.17
CA LEU A 180 7.85 1.39 17.62
C LEU A 180 8.37 0.03 17.96
N SER A 181 8.34 -0.89 16.99
CA SER A 181 8.88 -2.23 17.22
C SER A 181 10.40 -2.28 17.19
N LEU A 182 11.03 -1.42 16.43
CA LEU A 182 12.50 -1.40 16.34
C LEU A 182 13.18 -0.48 17.34
N GLU A 183 12.52 0.57 17.81
CA GLU A 183 13.20 1.51 18.73
C GLU A 183 12.22 1.96 19.77
N PRO A 184 11.74 1.02 20.58
CA PRO A 184 10.75 1.35 21.61
C PRO A 184 11.25 2.32 22.68
N ASN A 185 12.56 2.45 22.81
CA ASN A 185 13.10 3.35 23.86
C ASN A 185 13.14 4.81 23.47
N ASN A 186 13.06 5.06 22.16
CA ASN A 186 13.13 6.45 21.68
C ASN A 186 11.86 7.08 22.12
N GLU A 187 11.92 7.95 23.14
CA GLU A 187 10.67 8.53 23.68
C GLU A 187 10.08 9.62 22.83
N VAL A 188 10.87 10.21 21.94
CA VAL A 188 10.35 11.22 21.07
C VAL A 188 9.47 10.49 20.09
N LEU A 189 9.88 9.28 19.67
CA LEU A 189 9.03 8.51 18.74
C LEU A 189 7.71 8.14 19.46
N GLN A 190 7.80 7.77 20.75
CA GLN A 190 6.57 7.40 21.46
C GLN A 190 5.61 8.58 21.47
N SER A 191 6.12 9.79 21.74
CA SER A 191 5.30 11.01 21.82
C SER A 191 4.69 11.32 20.45
N TYR A 192 5.55 11.33 19.42
CA TYR A 192 5.04 11.63 18.10
C TYR A 192 4.04 10.58 17.60
N ALA A 193 4.32 9.31 17.85
CA ALA A 193 3.47 8.22 17.45
C ALA A 193 2.07 8.47 18.09
N ALA A 194 2.05 8.81 19.38
CA ALA A 194 0.74 9.05 19.99
C ALA A 194 0.03 10.20 19.32
N HIS A 195 0.78 11.24 19.03
CA HIS A 195 0.18 12.40 18.38
C HIS A 195 -0.49 12.03 17.06
N VAL A 196 0.22 11.24 16.27
CA VAL A 196 -0.28 10.76 14.99
C VAL A 196 -1.54 9.86 15.24
N ALA A 197 -1.43 8.94 16.16
CA ALA A 197 -2.57 8.06 16.46
C ALA A 197 -3.82 8.89 16.77
N GLU A 198 -3.67 10.00 17.49
CA GLU A 198 -4.81 10.88 17.80
C GLU A 198 -5.30 11.55 16.52
N LEU A 199 -4.38 12.06 15.70
CA LEU A 199 -4.74 12.79 14.44
C LEU A 199 -5.54 11.83 13.55
N ARG A 200 -5.03 10.63 13.36
CA ARG A 200 -5.71 9.66 12.52
C ARG A 200 -7.02 9.19 13.09
N SER A 201 -7.23 9.37 14.41
CA SER A 201 -8.50 8.96 14.99
C SER A 201 -9.60 9.92 14.62
N LYS A 202 -9.24 11.16 14.30
CA LYS A 202 -10.22 12.15 13.85
C LYS A 202 -10.04 12.59 12.38
N LYS A 203 -9.44 11.68 11.63
CA LYS A 203 -9.26 11.85 10.20
C LYS A 203 -8.48 13.09 9.81
N LEU A 204 -7.45 13.40 10.57
CA LEU A 204 -6.60 14.54 10.23
C LEU A 204 -5.26 14.05 9.65
N PRO A 205 -4.59 14.91 8.89
CA PRO A 205 -3.31 14.55 8.30
C PRO A 205 -2.18 14.57 9.29
N THR A 206 -1.12 13.80 8.97
CA THR A 206 0.08 13.80 9.80
C THR A 206 1.18 14.48 8.96
N ILE A 207 0.76 15.14 7.86
CA ILE A 207 1.74 15.74 6.96
C ILE A 207 1.27 17.20 6.80
N PRO A 208 2.18 18.16 6.71
CA PRO A 208 3.63 17.95 6.72
C PRO A 208 4.19 17.55 8.06
N THR A 209 5.36 16.89 7.98
CA THR A 209 6.19 16.60 9.13
C THR A 209 7.37 17.62 9.01
N THR A 210 8.52 17.35 9.66
CA THR A 210 9.67 18.28 9.55
C THR A 210 10.95 17.48 9.59
N VAL A 211 12.03 18.05 9.04
CA VAL A 211 13.33 17.44 9.07
C VAL A 211 13.71 17.10 10.52
N LYS A 212 13.46 18.03 11.46
CA LYS A 212 13.83 17.82 12.85
C LYS A 212 13.22 16.55 13.36
N MET A 213 11.94 16.38 13.10
CA MET A 213 11.28 15.16 13.60
C MET A 213 11.74 13.87 13.00
N GLU A 214 11.78 13.79 11.67
CA GLU A 214 12.14 12.53 11.03
C GLU A 214 13.61 12.17 11.35
N LYS A 215 14.51 13.18 11.35
CA LYS A 215 15.90 12.90 11.71
C LYS A 215 16.05 12.34 13.15
N ALA A 216 14.96 12.46 13.94
CA ALA A 216 15.03 11.93 15.28
C ALA A 216 14.09 10.78 15.53
N CYS A 217 13.47 10.22 14.48
CA CYS A 217 12.53 9.17 14.80
C CYS A 217 12.18 8.21 13.70
N ASN A 218 12.74 8.49 12.50
CA ASN A 218 12.48 7.70 11.29
C ASN A 218 13.60 6.60 11.11
N PRO A 219 13.22 5.31 10.94
CA PRO A 219 14.23 4.23 10.80
C PRO A 219 15.14 4.24 9.62
N PHE A 220 14.78 4.99 8.63
CA PHE A 220 15.65 4.93 7.49
C PHE A 220 16.71 5.97 7.48
N LEU A 221 16.70 6.83 8.51
CA LEU A 221 17.62 7.94 8.73
C LEU A 221 18.44 7.62 9.99
N ARG A 222 18.13 6.50 10.64
CA ARG A 222 18.79 6.12 11.89
C ARG A 222 19.40 4.68 11.72
N SER A 223 19.91 4.39 10.55
CA SER A 223 20.40 3.04 10.26
C SER A 223 21.65 2.59 11.01
N SER A 224 22.27 3.47 11.78
CA SER A 224 23.44 3.08 12.58
C SER A 224 23.03 3.03 14.07
N ASN A 225 21.72 3.19 14.33
CA ASN A 225 21.25 3.16 15.72
C ASN A 225 21.41 1.77 16.37
N THR A 226 21.97 1.71 17.58
CA THR A 226 22.20 0.44 18.22
C THR A 226 20.97 -0.44 18.38
N ASP A 227 19.88 0.14 18.90
CA ASP A 227 18.66 -0.62 19.11
C ASP A 227 18.06 -1.13 17.82
N ILE A 228 17.99 -0.28 16.80
CA ILE A 228 17.46 -0.73 15.53
C ILE A 228 18.32 -1.88 15.02
N ARG A 229 19.67 -1.74 15.09
CA ARG A 229 20.52 -2.83 14.60
C ARG A 229 20.36 -4.13 15.38
N ARG A 230 20.19 -4.01 16.68
CA ARG A 230 19.99 -5.19 17.50
C ARG A 230 18.63 -5.82 17.18
N ALA A 231 17.58 -5.02 17.19
CA ALA A 231 16.25 -5.58 16.91
C ALA A 231 16.23 -6.37 15.61
N LEU A 232 17.06 -5.96 14.61
CA LEU A 232 17.12 -6.63 13.30
C LEU A 232 18.38 -7.48 13.14
N ARG A 233 19.17 -7.57 14.21
CA ARG A 233 20.41 -8.34 14.11
C ARG A 233 21.29 -7.90 12.92
N ILE A 234 21.30 -6.57 12.67
CA ILE A 234 22.17 -6.04 11.60
C ILE A 234 23.59 -5.96 12.21
N PRO A 235 24.59 -6.49 11.49
CA PRO A 235 25.96 -6.48 11.97
C PRO A 235 26.46 -5.07 12.28
N GLU A 236 27.26 -4.95 13.34
CA GLU A 236 27.83 -3.66 13.67
C GLU A 236 28.71 -3.19 12.53
N ALA A 237 29.34 -4.13 11.81
CA ALA A 237 30.20 -3.75 10.70
C ALA A 237 29.48 -3.31 9.44
N ALA A 238 28.17 -3.49 9.35
CA ALA A 238 27.51 -3.11 8.09
C ALA A 238 27.54 -1.60 7.92
N ASP A 239 27.73 -1.10 6.71
CA ASP A 239 27.70 0.35 6.57
C ASP A 239 26.19 0.75 6.57
N GLU A 240 25.94 2.05 6.68
CA GLU A 240 24.57 2.59 6.77
C GLU A 240 23.67 2.23 5.61
N ALA A 241 24.30 2.09 4.45
CA ALA A 241 23.62 1.72 3.21
C ALA A 241 23.11 0.27 3.35
N GLU A 242 23.93 -0.64 3.91
CA GLU A 242 23.44 -2.03 4.12
C GLU A 242 22.38 -2.03 5.23
N ALA A 243 22.57 -1.28 6.33
CA ALA A 243 21.55 -1.29 7.41
C ALA A 243 20.19 -0.83 6.83
N LEU A 244 20.18 0.34 6.19
CA LEU A 244 18.92 0.86 5.61
C LEU A 244 18.25 -0.22 4.76
N GLY A 245 19.02 -0.89 3.89
CA GLY A 245 18.45 -1.95 3.07
C GLY A 245 17.83 -3.11 3.89
N ILE A 246 18.49 -3.53 4.98
CA ILE A 246 17.95 -4.60 5.84
C ILE A 246 16.65 -4.12 6.48
N ILE A 247 16.63 -2.84 6.93
CA ILE A 247 15.43 -2.30 7.53
C ILE A 247 14.32 -2.27 6.48
N ARG A 248 14.69 -1.98 5.23
CA ARG A 248 13.66 -1.86 4.17
C ARG A 248 13.08 -3.21 3.84
N LYS A 249 13.89 -4.24 3.77
CA LYS A 249 13.33 -5.56 3.45
C LYS A 249 12.37 -6.04 4.54
N ALA A 250 12.76 -5.84 5.80
CA ALA A 250 11.89 -6.22 6.90
C ALA A 250 10.67 -5.28 6.85
N LYS A 251 10.89 -4.04 6.40
CA LYS A 251 9.79 -3.04 6.34
C LYS A 251 8.67 -3.55 5.45
N ASP A 252 9.11 -4.18 4.36
CA ASP A 252 8.13 -4.70 3.44
C ASP A 252 7.47 -5.97 4.02
N ASP A 253 8.27 -6.83 4.66
CA ASP A 253 7.76 -8.10 5.11
C ASP A 253 7.14 -8.07 6.52
N PHE A 254 6.84 -6.86 7.00
CA PHE A 254 6.31 -6.64 8.35
C PHE A 254 4.78 -6.88 8.39
N MET B 1 -23.73 -19.93 6.66
CA MET B 1 -22.81 -19.14 7.55
C MET B 1 -22.93 -17.63 7.21
N GLN B 2 -22.85 -16.76 8.20
CA GLN B 2 -22.89 -15.33 7.92
C GLN B 2 -21.42 -14.90 7.81
N ILE B 3 -21.13 -14.07 6.82
CA ILE B 3 -19.78 -13.52 6.57
C ILE B 3 -19.91 -11.98 6.63
N GLU B 4 -19.37 -11.41 7.71
CA GLU B 4 -19.46 -9.97 7.93
C GLU B 4 -18.12 -9.34 7.64
N LEU B 5 -18.06 -8.49 6.59
CA LEU B 5 -16.80 -7.82 6.23
C LEU B 5 -16.62 -6.69 7.27
N VAL B 6 -15.44 -6.68 7.91
CA VAL B 6 -15.06 -5.67 8.93
C VAL B 6 -13.85 -4.88 8.44
N PRO B 7 -14.06 -3.62 7.98
CA PRO B 7 -12.92 -2.84 7.52
C PRO B 7 -12.11 -2.46 8.76
N CYS B 8 -10.78 -2.62 8.65
CA CYS B 8 -9.85 -2.32 9.72
C CYS B 8 -8.71 -1.49 9.14
N LEU B 9 -8.10 -0.66 10.00
CA LEU B 9 -6.99 0.18 9.57
C LEU B 9 -7.44 1.01 8.32
N LYS B 10 -6.63 1.03 7.28
CA LYS B 10 -6.90 1.85 6.09
C LYS B 10 -7.68 1.11 5.03
N ASP B 11 -7.19 -0.08 4.70
CA ASP B 11 -7.84 -0.86 3.67
C ASP B 11 -7.86 -2.36 3.93
N ASN B 12 -7.64 -2.77 5.20
CA ASN B 12 -7.71 -4.17 5.54
C ASN B 12 -9.16 -4.64 5.77
N TYR B 13 -9.38 -5.90 5.45
CA TYR B 13 -10.66 -6.54 5.79
C TYR B 13 -10.43 -7.74 6.72
N ALA B 14 -11.17 -7.77 7.83
CA ALA B 14 -11.23 -8.92 8.75
C ALA B 14 -12.68 -9.42 8.51
N TYR B 15 -12.92 -10.72 8.71
CA TYR B 15 -14.27 -11.24 8.52
C TYR B 15 -14.72 -11.97 9.75
N ILE B 16 -15.86 -11.54 10.25
CA ILE B 16 -16.41 -12.21 11.41
C ILE B 16 -17.37 -13.26 10.85
N LEU B 17 -17.14 -14.54 11.19
CA LEU B 17 -17.97 -15.65 10.65
C LEU B 17 -19.00 -16.04 11.70
N HIS B 18 -20.26 -16.26 11.27
CA HIS B 18 -21.34 -16.55 12.19
C HIS B 18 -22.02 -17.86 11.77
N ASP B 19 -22.02 -18.85 12.65
CA ASP B 19 -22.70 -20.10 12.37
C ASP B 19 -24.15 -19.90 12.78
N GLU B 20 -25.07 -20.15 11.87
CA GLU B 20 -26.46 -19.90 12.16
C GLU B 20 -27.13 -21.08 12.85
N ASP B 21 -26.33 -22.01 13.35
CA ASP B 21 -26.84 -23.18 14.06
C ASP B 21 -26.38 -23.24 15.51
N THR B 22 -25.35 -22.49 15.87
CA THR B 22 -24.87 -22.56 17.25
C THR B 22 -24.44 -21.22 17.84
N GLY B 23 -24.34 -20.18 17.03
CA GLY B 23 -23.88 -18.97 17.68
C GLY B 23 -22.35 -18.94 17.81
N THR B 24 -21.68 -19.95 17.26
CA THR B 24 -20.20 -19.96 17.27
C THR B 24 -19.73 -18.77 16.41
N VAL B 25 -18.71 -18.05 16.83
CA VAL B 25 -18.22 -16.91 16.03
C VAL B 25 -16.71 -17.03 15.81
N GLY B 26 -16.29 -16.85 14.56
CA GLY B 26 -14.86 -16.86 14.28
C GLY B 26 -14.46 -15.53 13.65
N VAL B 27 -13.18 -15.14 13.71
CA VAL B 27 -12.76 -13.91 13.01
C VAL B 27 -11.50 -14.25 12.20
N VAL B 28 -11.52 -13.88 10.92
CA VAL B 28 -10.38 -14.11 10.03
C VAL B 28 -9.61 -12.81 9.98
N ASP B 29 -8.32 -12.92 10.26
CA ASP B 29 -7.38 -11.78 10.17
C ASP B 29 -7.80 -10.51 10.87
N PRO B 30 -7.92 -10.55 12.18
CA PRO B 30 -8.30 -9.37 12.97
C PRO B 30 -7.13 -8.37 13.05
N SER B 31 -7.07 -7.41 12.12
CA SER B 31 -6.00 -6.40 12.07
C SER B 31 -5.87 -5.63 13.37
N GLU B 32 -7.00 -5.36 13.98
CA GLU B 32 -7.04 -4.65 15.25
C GLU B 32 -8.24 -5.24 15.99
N ALA B 33 -8.15 -5.24 17.32
CA ALA B 33 -9.21 -5.73 18.20
C ALA B 33 -10.50 -4.89 18.19
N GLU B 34 -10.36 -3.57 18.37
CA GLU B 34 -11.54 -2.67 18.52
C GLU B 34 -12.72 -2.92 17.63
N PRO B 35 -12.48 -2.98 16.31
CA PRO B 35 -13.62 -3.20 15.42
C PRO B 35 -14.30 -4.55 15.61
N ILE B 36 -13.52 -5.58 15.95
CA ILE B 36 -14.08 -6.91 16.15
C ILE B 36 -14.93 -6.89 17.46
N ILE B 37 -14.35 -6.33 18.53
CA ILE B 37 -15.11 -6.22 19.79
C ILE B 37 -16.42 -5.41 19.61
N ASP B 38 -16.34 -4.29 18.91
CA ASP B 38 -17.55 -3.51 18.68
C ASP B 38 -18.64 -4.35 18.06
N SER B 39 -18.32 -5.16 17.04
CA SER B 39 -19.35 -5.97 16.39
C SER B 39 -19.92 -7.07 17.29
N LEU B 40 -19.02 -7.67 18.08
CA LEU B 40 -19.41 -8.72 19.00
C LEU B 40 -20.29 -8.14 20.09
N LYS B 41 -20.01 -6.93 20.54
CA LYS B 41 -20.84 -6.30 21.59
C LYS B 41 -22.25 -5.99 21.07
N ARG B 42 -22.36 -5.68 19.78
CA ARG B 42 -23.64 -5.37 19.16
C ARG B 42 -24.43 -6.66 18.86
N SER B 43 -23.71 -7.69 18.44
CA SER B 43 -24.32 -8.99 18.18
C SER B 43 -24.64 -9.72 19.49
N GLY B 44 -24.09 -9.24 20.60
CA GLY B 44 -24.27 -9.93 21.87
C GLY B 44 -23.66 -11.32 21.75
N ARG B 45 -22.57 -11.44 21.00
CA ARG B 45 -21.95 -12.75 20.85
C ARG B 45 -20.51 -12.80 21.37
N ASN B 46 -20.03 -14.00 21.72
CA ASN B 46 -18.67 -14.14 22.22
C ASN B 46 -17.85 -14.64 21.05
N LEU B 47 -16.54 -14.49 21.11
CA LEU B 47 -15.65 -14.91 20.02
C LEU B 47 -15.04 -16.28 20.33
N THR B 48 -15.26 -17.28 19.45
CA THR B 48 -14.73 -18.61 19.73
C THR B 48 -13.39 -18.89 19.08
N TYR B 49 -13.27 -18.42 17.83
CA TYR B 49 -12.07 -18.69 17.03
C TYR B 49 -11.49 -17.45 16.34
N ILE B 50 -10.20 -17.44 16.19
CA ILE B 50 -9.42 -16.42 15.47
C ILE B 50 -8.65 -17.27 14.44
N LEU B 51 -8.75 -16.88 13.16
CA LEU B 51 -8.05 -17.63 12.09
C LEU B 51 -7.20 -16.64 11.31
N ASN B 52 -5.92 -16.99 11.04
CA ASN B 52 -5.05 -16.09 10.32
C ASN B 52 -4.54 -16.69 9.01
N THR B 53 -4.62 -15.90 7.93
CA THR B 53 -4.09 -16.40 6.63
C THR B 53 -2.53 -16.33 6.58
N HIS B 54 -1.95 -15.33 7.27
CA HIS B 54 -0.48 -15.18 7.28
C HIS B 54 -0.02 -14.28 8.43
N HIS B 55 1.30 -14.16 8.62
CA HIS B 55 1.84 -13.52 9.84
C HIS B 55 1.88 -12.01 9.97
N HIS B 56 1.82 -11.34 8.82
CA HIS B 56 1.96 -9.90 8.81
C HIS B 56 1.12 -9.27 9.87
N TYR B 57 1.68 -8.19 10.45
CA TYR B 57 1.06 -7.49 11.54
C TYR B 57 -0.35 -6.99 11.24
N ASP B 58 -0.60 -6.63 9.97
CA ASP B 58 -1.91 -6.15 9.60
C ASP B 58 -2.99 -7.25 9.52
N HIS B 59 -2.60 -8.52 9.75
CA HIS B 59 -3.55 -9.62 9.80
C HIS B 59 -3.62 -10.29 11.17
N THR B 60 -2.60 -10.03 12.01
CA THR B 60 -2.54 -10.67 13.34
C THR B 60 -2.52 -9.66 14.48
N GLY B 61 -2.61 -8.38 14.15
CA GLY B 61 -2.50 -7.37 15.20
C GLY B 61 -3.46 -7.51 16.35
N GLY B 62 -4.66 -8.01 16.05
CA GLY B 62 -5.68 -8.17 17.08
C GLY B 62 -5.62 -9.49 17.85
N ASN B 63 -4.78 -10.44 17.40
CA ASN B 63 -4.75 -11.77 18.02
C ASN B 63 -4.67 -11.85 19.53
N LEU B 64 -3.62 -11.23 20.08
CA LEU B 64 -3.37 -11.37 21.51
C LEU B 64 -4.48 -10.78 22.36
N GLU B 65 -4.93 -9.60 21.98
CA GLU B 65 -5.96 -8.98 22.76
C GLU B 65 -7.27 -9.78 22.72
N LEU B 66 -7.60 -10.25 21.51
CA LEU B 66 -8.81 -11.00 21.32
C LEU B 66 -8.70 -12.37 21.98
N LYS B 67 -7.51 -13.00 21.93
CA LYS B 67 -7.38 -14.31 22.52
C LYS B 67 -7.60 -14.16 24.05
N ASP B 68 -7.04 -13.10 24.63
CA ASP B 68 -7.20 -12.92 26.06
C ASP B 68 -8.62 -12.55 26.46
N ARG B 69 -9.15 -11.46 25.84
CA ARG B 69 -10.48 -11.02 26.16
C ARG B 69 -11.56 -12.10 26.08
N TYR B 70 -11.50 -12.93 25.04
CA TYR B 70 -12.54 -13.91 24.87
C TYR B 70 -12.13 -15.34 25.18
N GLY B 71 -10.84 -15.54 25.41
CA GLY B 71 -10.35 -16.90 25.55
C GLY B 71 -10.47 -17.62 24.20
N ALA B 72 -10.57 -16.85 23.12
CA ALA B 72 -10.72 -17.45 21.76
C ALA B 72 -9.48 -18.31 21.45
N LYS B 73 -9.61 -19.26 20.53
CA LYS B 73 -8.53 -20.13 20.16
C LYS B 73 -8.03 -19.65 18.79
N VAL B 74 -6.72 -19.52 18.67
CA VAL B 74 -6.10 -19.09 17.40
C VAL B 74 -5.73 -20.29 16.52
N ILE B 75 -6.27 -20.24 15.31
CA ILE B 75 -6.10 -21.30 14.29
C ILE B 75 -5.19 -20.75 13.16
N GLY B 76 -4.05 -21.39 12.94
CA GLY B 76 -3.16 -20.89 11.91
C GLY B 76 -2.37 -21.95 11.17
N SER B 77 -1.45 -21.48 10.35
CA SER B 77 -0.64 -22.38 9.54
C SER B 77 0.44 -23.13 10.32
N ALA B 78 0.57 -24.39 9.98
CA ALA B 78 1.58 -25.28 10.55
C ALA B 78 2.99 -24.88 10.05
N MET B 79 3.05 -24.02 9.05
CA MET B 79 4.36 -23.51 8.56
C MET B 79 4.83 -22.27 9.39
N ASP B 80 3.90 -21.55 10.02
CA ASP B 80 4.20 -20.32 10.80
C ASP B 80 3.86 -20.48 12.26
N LYS B 81 4.10 -21.66 12.80
CA LYS B 81 3.78 -21.91 14.20
C LYS B 81 4.53 -20.94 15.11
N ASP B 82 5.61 -20.35 14.62
CA ASP B 82 6.37 -19.45 15.46
C ASP B 82 6.01 -17.99 15.25
N ARG B 83 5.26 -17.73 14.17
CA ARG B 83 4.93 -16.34 13.82
C ARG B 83 3.47 -15.90 14.04
N ILE B 84 2.56 -16.86 14.21
CA ILE B 84 1.21 -16.49 14.43
C ILE B 84 1.01 -16.29 15.95
N PRO B 85 0.71 -15.05 16.36
CA PRO B 85 0.54 -14.84 17.80
C PRO B 85 -0.53 -15.72 18.49
N GLY B 86 -0.06 -16.39 19.54
CA GLY B 86 -0.93 -17.22 20.38
C GLY B 86 -1.54 -18.43 19.70
N ILE B 87 -0.91 -18.89 18.64
CA ILE B 87 -1.45 -20.04 17.92
C ILE B 87 -1.72 -21.25 18.85
N ASP B 88 -2.93 -21.82 18.69
CA ASP B 88 -3.35 -22.96 19.48
C ASP B 88 -3.49 -24.26 18.64
N MET B 89 -3.77 -24.07 17.34
CA MET B 89 -3.99 -25.16 16.39
C MET B 89 -3.24 -24.85 15.13
N ALA B 90 -2.33 -25.76 14.77
CA ALA B 90 -1.50 -25.56 13.61
C ALA B 90 -1.94 -26.48 12.49
N LEU B 91 -2.48 -25.88 11.41
CA LEU B 91 -3.03 -26.69 10.33
C LEU B 91 -2.16 -26.84 9.09
N LYS B 92 -2.25 -28.04 8.47
CA LYS B 92 -1.45 -28.33 7.32
C LYS B 92 -2.21 -28.26 6.05
N ASP B 93 -1.47 -28.29 4.94
CA ASP B 93 -2.11 -28.29 3.64
C ASP B 93 -3.10 -29.48 3.50
N GLY B 94 -4.28 -29.16 3.01
CA GLY B 94 -5.33 -30.14 2.83
C GLY B 94 -5.97 -30.63 4.13
N ASP B 95 -5.61 -30.05 5.29
CA ASP B 95 -6.29 -30.46 6.53
C ASP B 95 -7.76 -30.05 6.47
N LYS B 96 -8.56 -30.77 7.24
CA LYS B 96 -9.96 -30.47 7.42
C LYS B 96 -10.05 -29.89 8.82
N TRP B 97 -10.91 -28.89 9.01
CA TRP B 97 -11.07 -28.28 10.30
C TRP B 97 -12.53 -27.86 10.44
N MET B 98 -13.30 -28.56 11.29
CA MET B 98 -14.73 -28.25 11.43
C MET B 98 -15.01 -26.90 12.11
N PHE B 99 -15.89 -26.12 11.48
CA PHE B 99 -16.39 -24.85 12.04
C PHE B 99 -17.83 -25.14 12.46
N ALA B 100 -18.05 -25.43 13.76
CA ALA B 100 -19.40 -25.74 14.22
C ALA B 100 -20.10 -26.69 13.26
N GLY B 101 -19.43 -27.76 12.87
CA GLY B 101 -20.06 -28.71 11.98
C GLY B 101 -19.84 -28.52 10.50
N HIS B 102 -19.27 -27.37 10.10
CA HIS B 102 -19.05 -27.11 8.67
C HIS B 102 -17.56 -27.22 8.43
N GLU B 103 -17.21 -27.91 7.36
CA GLU B 103 -15.85 -28.13 7.06
C GLU B 103 -15.09 -26.91 6.52
N VAL B 104 -13.83 -26.85 6.90
CA VAL B 104 -12.96 -25.81 6.35
C VAL B 104 -11.77 -26.57 5.70
N HIS B 105 -11.54 -26.33 4.42
CA HIS B 105 -10.42 -26.95 3.71
C HIS B 105 -9.25 -25.99 3.66
N VAL B 106 -8.15 -26.42 4.26
CA VAL B 106 -6.94 -25.60 4.33
C VAL B 106 -6.05 -25.81 3.11
N MET B 107 -5.57 -24.70 2.52
CA MET B 107 -4.70 -24.81 1.36
C MET B 107 -3.47 -23.95 1.58
N ASP B 108 -2.29 -24.57 1.55
CA ASP B 108 -1.04 -23.78 1.65
C ASP B 108 -1.02 -22.91 0.35
N THR B 109 -0.77 -21.61 0.51
CA THR B 109 -0.77 -20.71 -0.65
C THR B 109 0.42 -19.74 -0.56
N PRO B 110 1.63 -20.27 -0.62
CA PRO B 110 2.86 -19.45 -0.55
C PRO B 110 2.94 -18.46 -1.70
N GLY B 111 3.67 -17.39 -1.48
CA GLY B 111 3.87 -16.39 -2.52
C GLY B 111 4.17 -15.07 -1.87
N HIS B 112 3.13 -14.50 -1.26
CA HIS B 112 3.26 -13.21 -0.56
C HIS B 112 4.17 -13.53 0.62
N THR B 113 3.85 -14.61 1.36
CA THR B 113 4.74 -15.08 2.44
C THR B 113 4.91 -16.58 2.29
N LYS B 114 5.99 -17.15 2.86
CA LYS B 114 6.17 -18.60 2.83
C LYS B 114 5.45 -19.05 4.13
N GLY B 115 4.35 -19.79 3.95
CA GLY B 115 3.47 -20.22 5.07
C GLY B 115 2.01 -19.67 5.02
N HIS B 116 1.76 -18.77 4.09
CA HIS B 116 0.41 -18.21 3.90
C HIS B 116 -0.54 -19.36 3.55
N ILE B 117 -1.75 -19.34 4.10
CA ILE B 117 -2.79 -20.35 3.82
C ILE B 117 -4.07 -19.58 3.42
N SER B 118 -4.97 -20.29 2.73
CA SER B 118 -6.25 -19.78 2.33
C SER B 118 -7.23 -20.81 2.95
N LEU B 119 -8.42 -20.34 3.32
CA LEU B 119 -9.40 -21.17 4.01
C LEU B 119 -10.64 -21.27 3.14
N TYR B 120 -10.98 -22.48 2.71
CA TYR B 120 -12.16 -22.69 1.84
C TYR B 120 -13.30 -23.37 2.61
N PHE B 121 -14.47 -22.73 2.56
CA PHE B 121 -15.70 -23.21 3.25
C PHE B 121 -16.61 -23.65 2.08
N PRO B 122 -16.51 -24.93 1.66
CA PRO B 122 -17.31 -25.43 0.53
C PRO B 122 -18.81 -25.25 0.76
N GLY B 123 -19.22 -25.42 2.01
CA GLY B 123 -20.64 -25.28 2.34
C GLY B 123 -21.19 -23.90 2.09
N SER B 124 -20.32 -22.89 2.14
CA SER B 124 -20.74 -21.53 1.95
C SER B 124 -20.23 -20.99 0.60
N ARG B 125 -19.61 -21.86 -0.21
CA ARG B 125 -19.05 -21.44 -1.51
C ARG B 125 -18.22 -20.16 -1.27
N ALA B 126 -17.36 -20.20 -0.25
CA ALA B 126 -16.52 -19.04 0.07
C ALA B 126 -15.11 -19.43 0.38
N ILE B 127 -14.16 -18.60 -0.09
CA ILE B 127 -12.76 -18.87 0.26
C ILE B 127 -12.09 -17.57 0.77
N PHE B 128 -11.29 -17.70 1.84
CA PHE B 128 -10.54 -16.54 2.40
C PHE B 128 -9.12 -16.70 1.92
N THR B 129 -8.69 -15.75 1.05
CA THR B 129 -7.40 -15.84 0.38
C THR B 129 -6.34 -14.89 0.94
N GLY B 130 -6.69 -14.15 2.01
CA GLY B 130 -5.69 -13.24 2.58
C GLY B 130 -5.06 -12.33 1.52
N ASP B 131 -3.70 -12.37 1.44
CA ASP B 131 -3.01 -11.52 0.48
C ASP B 131 -2.33 -12.33 -0.62
N THR B 132 -2.87 -13.54 -0.89
CA THR B 132 -2.34 -14.35 -1.96
C THR B 132 -3.00 -13.83 -3.26
N MET B 133 -4.35 -13.81 -3.29
CA MET B 133 -5.04 -13.28 -4.48
C MET B 133 -6.01 -12.19 -4.02
N PHE B 134 -5.99 -11.04 -4.69
CA PHE B 134 -6.91 -9.92 -4.41
C PHE B 134 -7.87 -9.83 -5.59
N SER B 135 -8.89 -8.96 -5.51
CA SER B 135 -9.69 -8.78 -6.72
C SER B 135 -8.84 -7.95 -7.67
N LEU B 136 -8.44 -8.58 -8.78
CA LEU B 136 -7.61 -7.97 -9.83
C LEU B 136 -6.12 -7.87 -9.57
N SER B 137 -5.60 -8.67 -8.60
CA SER B 137 -4.14 -8.69 -8.38
C SER B 137 -3.80 -9.84 -7.47
N CYS B 138 -2.54 -9.95 -7.11
CA CYS B 138 -2.10 -10.98 -6.17
C CYS B 138 -1.21 -10.22 -5.18
N GLY B 139 -0.83 -10.87 -4.09
CA GLY B 139 0.02 -10.17 -3.15
C GLY B 139 1.44 -9.92 -3.66
N LYS B 140 2.09 -8.88 -3.12
CA LYS B 140 3.51 -8.72 -3.48
C LYS B 140 4.24 -9.93 -2.91
N LEU B 141 5.36 -10.33 -3.57
CA LEU B 141 6.09 -11.52 -3.19
C LEU B 141 7.21 -11.22 -2.18
N PHE B 142 6.79 -10.80 -0.98
CA PHE B 142 7.76 -10.40 0.05
C PHE B 142 8.58 -11.60 0.61
N GLU B 143 8.19 -12.83 0.20
CA GLU B 143 8.86 -14.03 0.61
C GLU B 143 8.89 -15.18 -0.40
N GLY B 144 7.87 -15.30 -1.26
CA GLY B 144 7.84 -16.48 -2.14
C GLY B 144 8.26 -16.16 -3.51
N THR B 145 8.15 -17.17 -4.37
CA THR B 145 8.54 -17.06 -5.75
C THR B 145 7.37 -16.96 -6.71
N PRO B 146 7.61 -16.43 -7.91
CA PRO B 146 6.54 -16.32 -8.91
C PRO B 146 5.91 -17.68 -9.15
N LYS B 147 6.72 -18.75 -9.20
CA LYS B 147 6.21 -20.10 -9.42
C LYS B 147 5.27 -20.50 -8.26
N GLN B 148 5.67 -20.18 -7.04
CA GLN B 148 4.84 -20.51 -5.87
C GLN B 148 3.52 -19.72 -5.96
N MET B 149 3.61 -18.43 -6.27
CA MET B 149 2.36 -17.66 -6.34
C MET B 149 1.44 -18.20 -7.46
N LEU B 150 2.04 -18.53 -8.59
CA LEU B 150 1.25 -19.05 -9.71
C LEU B 150 0.53 -20.33 -9.25
N ALA B 151 1.26 -21.23 -8.60
CA ALA B 151 0.61 -22.47 -8.16
C ALA B 151 -0.48 -22.18 -7.15
N SER B 152 -0.26 -21.20 -6.29
CA SER B 152 -1.24 -20.86 -5.27
C SER B 152 -2.50 -20.25 -5.88
N LEU B 153 -2.32 -19.40 -6.90
CA LEU B 153 -3.45 -18.76 -7.55
C LEU B 153 -4.30 -19.79 -8.34
N GLN B 154 -3.61 -20.73 -9.00
CA GLN B 154 -4.25 -21.80 -9.77
C GLN B 154 -5.01 -22.73 -8.85
N LYS B 155 -4.49 -23.03 -7.67
CA LYS B 155 -5.25 -23.87 -6.73
C LYS B 155 -6.57 -23.15 -6.40
N ILE B 156 -6.47 -21.86 -6.14
CA ILE B 156 -7.67 -21.13 -5.80
C ILE B 156 -8.68 -21.11 -6.96
N THR B 157 -8.19 -20.91 -8.21
CA THR B 157 -9.11 -20.78 -9.37
C THR B 157 -9.59 -22.15 -9.88
N SER B 158 -9.03 -23.23 -9.32
CA SER B 158 -9.51 -24.59 -9.66
C SER B 158 -10.86 -24.80 -8.95
N LEU B 159 -11.14 -24.07 -7.87
CA LEU B 159 -12.43 -24.18 -7.17
C LEU B 159 -13.58 -23.75 -8.14
N PRO B 160 -14.84 -24.06 -7.80
CA PRO B 160 -15.94 -23.67 -8.71
C PRO B 160 -16.01 -22.19 -9.01
N ASP B 161 -16.36 -21.87 -10.27
CA ASP B 161 -16.42 -20.48 -10.66
C ASP B 161 -17.32 -19.61 -9.76
N ASP B 162 -18.33 -20.21 -9.13
CA ASP B 162 -19.23 -19.44 -8.29
C ASP B 162 -18.71 -19.28 -6.86
N THR B 163 -17.46 -19.67 -6.62
CA THR B 163 -16.87 -19.49 -5.31
C THR B 163 -16.59 -17.99 -5.04
N SER B 164 -16.97 -17.50 -3.86
CA SER B 164 -16.71 -16.12 -3.45
C SER B 164 -15.35 -16.07 -2.75
N ILE B 165 -14.46 -15.17 -3.19
CA ILE B 165 -13.15 -15.02 -2.58
C ILE B 165 -13.29 -13.82 -1.68
N TYR B 166 -12.74 -13.95 -0.46
CA TYR B 166 -12.79 -12.87 0.54
C TYR B 166 -11.35 -12.57 1.03
N CYS B 167 -10.85 -11.33 0.84
CA CYS B 167 -9.51 -10.98 1.34
C CYS B 167 -9.51 -9.94 2.41
N GLY B 168 -8.28 -9.56 2.78
CA GLY B 168 -8.04 -8.53 3.76
C GLY B 168 -7.46 -7.22 3.22
N HIS B 169 -7.86 -6.76 2.03
CA HIS B 169 -7.37 -5.49 1.55
C HIS B 169 -8.17 -5.01 0.41
N GLU B 170 -8.78 -3.85 0.59
CA GLU B 170 -9.59 -3.22 -0.46
C GLU B 170 -8.58 -2.55 -1.40
N TYR B 171 -8.09 -3.31 -2.38
CA TYR B 171 -7.14 -2.78 -3.34
C TYR B 171 -7.69 -2.70 -4.78
N THR B 172 -8.96 -3.10 -4.97
CA THR B 172 -9.52 -3.22 -6.31
C THR B 172 -9.57 -1.95 -7.18
N LEU B 173 -9.69 -0.78 -6.57
CA LEU B 173 -9.72 0.38 -7.44
C LEU B 173 -8.40 0.43 -8.28
N SER B 174 -7.26 0.67 -7.64
CA SER B 174 -5.95 0.72 -8.35
C SER B 174 -5.65 -0.64 -9.04
N ASN B 175 -6.22 -1.74 -8.52
CA ASN B 175 -6.02 -3.06 -9.13
C ASN B 175 -6.66 -3.17 -10.52
N SER B 176 -7.49 -2.17 -10.81
CA SER B 176 -8.19 -2.10 -12.10
C SER B 176 -7.48 -1.13 -13.01
N LYS B 177 -6.62 -0.25 -12.47
CA LYS B 177 -5.95 0.71 -13.33
C LYS B 177 -4.76 0.01 -14.03
N PHE B 178 -4.05 -0.81 -13.27
CA PHE B 178 -2.93 -1.52 -13.85
C PHE B 178 -3.47 -2.56 -14.82
N ALA B 179 -4.56 -3.25 -14.49
CA ALA B 179 -5.07 -4.29 -15.38
C ALA B 179 -5.56 -3.66 -16.70
N LEU B 180 -6.22 -2.52 -16.63
CA LEU B 180 -6.74 -1.85 -17.85
C LEU B 180 -5.60 -1.30 -18.68
N SER B 181 -4.47 -1.06 -18.02
CA SER B 181 -3.29 -0.54 -18.74
C SER B 181 -2.67 -1.66 -19.59
N LEU B 182 -2.87 -2.92 -19.19
CA LEU B 182 -2.32 -4.07 -19.93
C LEU B 182 -3.29 -4.70 -20.87
N GLU B 183 -4.56 -4.69 -20.50
CA GLU B 183 -5.56 -5.38 -21.30
C GLU B 183 -6.84 -4.52 -21.46
N PRO B 184 -6.71 -3.38 -22.14
CA PRO B 184 -7.83 -2.47 -22.33
C PRO B 184 -9.03 -3.05 -23.11
N ASN B 185 -8.74 -3.95 -24.02
CA ASN B 185 -9.83 -4.56 -24.77
C ASN B 185 -10.46 -5.79 -24.13
N ASN B 186 -10.24 -6.00 -22.82
CA ASN B 186 -10.88 -7.13 -22.11
C ASN B 186 -12.27 -6.61 -21.70
N GLU B 187 -13.31 -7.15 -22.36
CA GLU B 187 -14.68 -6.72 -22.10
C GLU B 187 -15.15 -7.05 -20.71
N VAL B 188 -14.86 -8.24 -20.23
CA VAL B 188 -15.33 -8.57 -18.89
C VAL B 188 -14.69 -7.65 -17.84
N LEU B 189 -13.43 -7.31 -18.05
CA LEU B 189 -12.71 -6.45 -17.10
C LEU B 189 -13.28 -5.07 -17.16
N GLN B 190 -13.45 -4.56 -18.39
CA GLN B 190 -14.02 -3.23 -18.58
C GLN B 190 -15.38 -3.16 -17.82
N SER B 191 -16.27 -4.11 -18.05
CA SER B 191 -17.60 -4.11 -17.39
C SER B 191 -17.37 -4.15 -15.87
N TYR B 192 -16.35 -4.86 -15.45
CA TYR B 192 -16.14 -4.92 -14.01
C TYR B 192 -15.47 -3.65 -13.43
N ALA B 193 -14.38 -3.21 -14.05
CA ALA B 193 -13.70 -2.04 -13.53
C ALA B 193 -14.70 -0.91 -13.34
N ALA B 194 -15.80 -0.98 -14.11
CA ALA B 194 -16.87 0.02 -14.01
C ALA B 194 -17.72 -0.13 -12.77
N HIS B 195 -17.96 -1.37 -12.40
CA HIS B 195 -18.75 -1.71 -11.20
C HIS B 195 -17.92 -1.29 -9.98
N VAL B 196 -16.61 -1.53 -10.05
CA VAL B 196 -15.67 -1.16 -8.95
C VAL B 196 -15.61 0.37 -8.82
N ALA B 197 -15.57 1.05 -9.96
CA ALA B 197 -15.62 2.53 -9.96
C ALA B 197 -16.83 3.01 -9.16
N GLU B 198 -17.99 2.57 -9.57
CA GLU B 198 -19.25 2.98 -8.87
C GLU B 198 -19.23 2.72 -7.34
N LEU B 199 -18.97 1.48 -6.94
CA LEU B 199 -18.91 1.13 -5.51
C LEU B 199 -17.91 2.02 -4.77
N ARG B 200 -16.67 2.11 -5.27
CA ARG B 200 -15.66 2.91 -4.58
C ARG B 200 -15.97 4.42 -4.53
N SER B 201 -16.94 4.86 -5.35
CA SER B 201 -17.39 6.29 -5.30
C SER B 201 -18.39 6.47 -4.15
N LYS B 202 -18.99 5.36 -3.73
CA LYS B 202 -19.94 5.39 -2.61
C LYS B 202 -19.35 4.84 -1.30
N LYS B 203 -18.02 4.69 -1.28
CA LYS B 203 -17.30 4.16 -0.11
C LYS B 203 -17.74 2.76 0.25
N LEU B 204 -18.13 1.98 -0.77
CA LEU B 204 -18.57 0.61 -0.52
C LEU B 204 -17.47 -0.38 -0.90
N PRO B 205 -17.39 -1.50 -0.18
CA PRO B 205 -16.37 -2.55 -0.47
C PRO B 205 -16.63 -3.14 -1.84
N THR B 206 -15.57 -3.67 -2.45
CA THR B 206 -15.70 -4.36 -3.74
C THR B 206 -15.51 -5.85 -3.57
N ILE B 207 -15.47 -6.29 -2.30
CA ILE B 207 -15.18 -7.67 -1.94
C ILE B 207 -16.47 -8.17 -1.22
N PRO B 208 -16.91 -9.42 -1.44
CA PRO B 208 -16.29 -10.45 -2.29
C PRO B 208 -16.30 -10.28 -3.79
N THR B 209 -15.36 -11.01 -4.38
CA THR B 209 -15.28 -11.19 -5.83
C THR B 209 -15.52 -12.71 -6.07
N THR B 210 -15.48 -13.12 -7.33
CA THR B 210 -15.68 -14.54 -7.60
C THR B 210 -14.56 -15.12 -8.47
N VAL B 211 -14.38 -16.43 -8.38
CA VAL B 211 -13.38 -17.09 -9.24
C VAL B 211 -13.66 -16.72 -10.69
N LYS B 212 -14.93 -16.79 -11.08
CA LYS B 212 -15.23 -16.48 -12.48
C LYS B 212 -14.76 -15.09 -12.91
N MET B 213 -15.13 -14.05 -12.17
CA MET B 213 -14.73 -12.68 -12.50
C MET B 213 -13.19 -12.57 -12.55
N GLU B 214 -12.48 -13.19 -11.56
CA GLU B 214 -11.02 -13.03 -11.53
C GLU B 214 -10.35 -13.79 -12.67
N LYS B 215 -10.92 -14.92 -13.10
CA LYS B 215 -10.34 -15.67 -14.21
C LYS B 215 -10.17 -14.80 -15.49
N ALA B 216 -11.23 -14.10 -15.90
CA ALA B 216 -11.14 -13.34 -17.13
C ALA B 216 -10.97 -11.85 -16.99
N CYS B 217 -10.36 -11.47 -15.86
CA CYS B 217 -10.17 -10.08 -15.53
C CYS B 217 -8.91 -9.75 -14.74
N ASN B 218 -8.36 -10.71 -14.00
CA ASN B 218 -7.17 -10.45 -13.15
C ASN B 218 -5.91 -10.86 -13.95
N PRO B 219 -4.97 -9.90 -14.19
CA PRO B 219 -3.76 -10.22 -14.97
C PRO B 219 -2.98 -11.41 -14.54
N PHE B 220 -2.89 -11.61 -13.20
CA PHE B 220 -2.07 -12.70 -12.70
C PHE B 220 -2.70 -14.06 -12.97
N LEU B 221 -3.97 -14.06 -13.45
CA LEU B 221 -4.64 -15.31 -13.83
C LEU B 221 -4.78 -15.34 -15.36
N ARG B 222 -4.10 -14.44 -16.06
CA ARG B 222 -4.22 -14.35 -17.53
C ARG B 222 -2.90 -14.09 -18.20
N SER B 223 -1.85 -14.64 -17.58
CA SER B 223 -0.47 -14.39 -18.00
C SER B 223 -0.08 -14.88 -19.41
N SER B 224 -0.95 -15.67 -20.04
CA SER B 224 -0.68 -16.15 -21.39
C SER B 224 -1.39 -15.26 -22.38
N ASN B 225 -2.17 -14.29 -21.89
CA ASN B 225 -2.89 -13.37 -22.75
C ASN B 225 -1.96 -12.64 -23.71
N THR B 226 -2.19 -12.78 -25.00
CA THR B 226 -1.30 -12.14 -25.95
C THR B 226 -1.21 -10.65 -25.75
N ASP B 227 -2.32 -10.03 -25.35
CA ASP B 227 -2.31 -8.59 -25.17
C ASP B 227 -1.44 -8.21 -23.99
N ILE B 228 -1.59 -8.97 -22.90
CA ILE B 228 -0.77 -8.71 -21.72
C ILE B 228 0.70 -8.97 -22.00
N ARG B 229 1.03 -10.08 -22.69
CA ARG B 229 2.40 -10.36 -23.01
C ARG B 229 2.98 -9.31 -23.97
N ARG B 230 2.16 -8.82 -24.90
CA ARG B 230 2.62 -7.83 -25.84
C ARG B 230 3.03 -6.58 -25.05
N ALA B 231 2.11 -6.08 -24.21
CA ALA B 231 2.34 -4.87 -23.41
C ALA B 231 3.61 -4.95 -22.57
N LEU B 232 3.87 -6.11 -21.99
CA LEU B 232 5.03 -6.22 -21.10
C LEU B 232 6.29 -6.85 -21.74
N ARG B 233 6.24 -7.05 -23.07
CA ARG B 233 7.31 -7.62 -23.84
C ARG B 233 7.72 -8.98 -23.25
N ILE B 234 6.72 -9.81 -22.96
CA ILE B 234 7.04 -11.12 -22.45
C ILE B 234 7.05 -12.13 -23.62
N PRO B 235 8.17 -12.82 -23.84
CA PRO B 235 8.28 -13.81 -24.93
C PRO B 235 7.14 -14.80 -24.91
N GLU B 236 6.64 -15.15 -26.10
CA GLU B 236 5.46 -16.04 -26.13
C GLU B 236 5.75 -17.42 -25.53
N ALA B 237 6.99 -17.88 -25.64
CA ALA B 237 7.32 -19.22 -25.14
C ALA B 237 7.70 -19.25 -23.66
N ALA B 238 7.76 -18.09 -23.01
CA ALA B 238 8.10 -18.03 -21.61
C ALA B 238 7.08 -18.79 -20.75
N ASP B 239 7.54 -19.49 -19.71
CA ASP B 239 6.53 -20.19 -18.93
C ASP B 239 5.69 -19.20 -18.11
N GLU B 240 4.55 -19.64 -17.60
CA GLU B 240 3.67 -18.70 -16.86
C GLU B 240 4.32 -18.19 -15.58
N ALA B 241 5.07 -19.02 -14.86
CA ALA B 241 5.71 -18.48 -13.64
C ALA B 241 6.58 -17.31 -14.07
N GLU B 242 7.33 -17.46 -15.16
CA GLU B 242 8.17 -16.34 -15.62
C GLU B 242 7.29 -15.10 -15.90
N ALA B 243 6.27 -15.33 -16.73
CA ALA B 243 5.35 -14.28 -17.10
C ALA B 243 4.73 -13.68 -15.80
N LEU B 244 4.51 -14.51 -14.78
CA LEU B 244 3.95 -13.97 -13.52
C LEU B 244 4.86 -12.89 -12.98
N GLY B 245 6.13 -13.25 -12.80
CA GLY B 245 7.09 -12.32 -12.27
C GLY B 245 7.07 -11.01 -13.05
N ILE B 246 7.13 -11.09 -14.38
CA ILE B 246 7.14 -9.88 -15.19
C ILE B 246 5.94 -8.98 -14.87
N ILE B 247 4.73 -9.54 -14.80
CA ILE B 247 3.55 -8.75 -14.50
C ILE B 247 3.70 -8.23 -13.03
N ARG B 248 4.23 -9.06 -12.14
CA ARG B 248 4.33 -8.69 -10.73
C ARG B 248 5.27 -7.47 -10.56
N LYS B 249 6.32 -7.45 -11.35
CA LYS B 249 7.29 -6.34 -11.28
C LYS B 249 6.69 -5.09 -11.90
N ALA B 250 6.05 -5.26 -13.07
CA ALA B 250 5.43 -4.13 -13.74
C ALA B 250 4.45 -3.47 -12.78
N LYS B 251 3.59 -4.27 -12.13
CA LYS B 251 2.63 -3.67 -11.20
C LYS B 251 3.36 -3.05 -9.99
N ASP B 252 4.45 -3.69 -9.56
CA ASP B 252 5.22 -3.20 -8.43
C ASP B 252 5.80 -1.82 -8.65
N ASP B 253 6.04 -1.48 -9.93
CA ASP B 253 6.61 -0.22 -10.33
C ASP B 253 5.72 0.66 -11.22
N PHE B 254 4.42 0.38 -11.20
CA PHE B 254 3.46 1.16 -12.04
C PHE B 254 3.01 2.46 -11.37
ZN ZN C . 5.42 6.01 -6.29
FE FE D . 3.04 7.17 -4.55
C ACY E . 6.65 2.05 3.04
O ACY E . 7.31 2.35 4.00
OXT ACY E . 6.26 0.79 2.87
CH3 ACY E . 6.27 3.07 2.01
C1 PEG F . -5.26 18.96 16.64
O1 PEG F . -5.26 17.54 17.09
C2 PEG F . -6.55 19.37 15.85
O2 PEG F . -7.69 19.34 16.69
C3 PEG F . -8.85 19.74 15.93
C4 PEG F . -10.11 19.68 16.81
O4 PEG F . -10.42 18.30 17.08
ZN ZN G . 0.51 -9.42 4.00
FE FE H . -2.12 -7.43 4.42
C ACY I . -0.49 -5.22 -5.19
O ACY I . -0.93 -5.56 -6.29
OXT ACY I . 0.66 -4.58 -5.08
CH3 ACY I . -1.26 -5.55 -3.97
N MET A 1 3.60 31.77 0.18
CA MET A 1 2.90 30.65 -0.57
C MET A 1 2.17 29.70 0.38
N GLN A 2 0.85 29.60 0.23
CA GLN A 2 0.06 28.70 1.08
C GLN A 2 0.05 27.34 0.40
N ILE A 3 0.40 26.30 1.15
CA ILE A 3 0.44 24.92 0.59
C ILE A 3 -0.82 24.22 1.07
N GLU A 4 -1.68 23.79 0.15
CA GLU A 4 -2.92 23.11 0.53
C GLU A 4 -2.87 21.62 0.23
N LEU A 5 -3.09 20.77 1.27
CA LEU A 5 -3.06 19.34 1.01
C LEU A 5 -4.37 18.96 0.38
N VAL A 6 -4.30 18.04 -0.59
CA VAL A 6 -5.48 17.53 -1.27
C VAL A 6 -5.44 16.02 -1.27
N PRO A 7 -6.25 15.40 -0.39
CA PRO A 7 -6.25 13.93 -0.39
C PRO A 7 -6.78 13.37 -1.69
N CYS A 8 -6.12 12.31 -2.18
CA CYS A 8 -6.50 11.62 -3.40
C CYS A 8 -6.33 10.09 -3.24
N LEU A 9 -7.08 9.36 -4.05
CA LEU A 9 -7.03 7.90 -4.01
C LEU A 9 -7.00 7.37 -2.58
N LYS A 10 -6.31 6.27 -2.35
CA LYS A 10 -6.28 5.72 -0.99
C LYS A 10 -5.66 6.62 0.10
N ASP A 11 -4.64 7.40 -0.26
CA ASP A 11 -3.99 8.20 0.77
C ASP A 11 -2.89 9.09 0.26
N ASN A 12 -3.00 9.54 -1.00
CA ASN A 12 -1.99 10.44 -1.54
C ASN A 12 -2.18 11.87 -1.02
N TYR A 13 -1.25 12.75 -1.42
CA TYR A 13 -1.36 14.17 -1.06
C TYR A 13 -0.89 15.16 -2.11
N ALA A 14 -1.55 15.10 -3.25
CA ALA A 14 -1.25 16.10 -4.25
C ALA A 14 -1.40 17.50 -3.56
N TYR A 15 -0.40 18.37 -3.72
CA TYR A 15 -0.50 19.67 -3.05
C TYR A 15 -0.84 20.77 -4.02
N ILE A 16 -1.65 21.73 -3.57
CA ILE A 16 -1.98 22.87 -4.44
C ILE A 16 -1.22 24.03 -3.82
N LEU A 17 -0.38 24.64 -4.66
CA LEU A 17 0.47 25.74 -4.25
C LEU A 17 -0.18 27.07 -4.61
N HIS A 18 -0.44 27.92 -3.61
CA HIS A 18 -1.09 29.21 -3.94
C HIS A 18 -0.07 30.33 -3.73
N ASP A 19 0.28 31.07 -4.78
CA ASP A 19 1.20 32.19 -4.57
C ASP A 19 0.34 33.36 -4.02
N GLU A 20 0.86 34.18 -3.10
CA GLU A 20 0.07 35.28 -2.55
C GLU A 20 0.03 36.52 -3.45
N ASP A 21 1.22 36.93 -3.87
CA ASP A 21 1.34 38.13 -4.70
C ASP A 21 0.62 37.99 -6.05
N THR A 22 0.81 36.87 -6.73
CA THR A 22 0.16 36.73 -8.02
C THR A 22 -0.97 35.76 -7.99
N GLY A 23 -1.14 35.03 -6.92
CA GLY A 23 -2.27 34.16 -7.13
C GLY A 23 -1.93 33.04 -8.09
N THR A 24 -0.69 32.96 -8.61
CA THR A 24 -0.36 31.82 -9.46
C THR A 24 -0.65 30.54 -8.64
N VAL A 25 -1.08 29.49 -9.33
CA VAL A 25 -1.38 28.21 -8.66
C VAL A 25 -0.71 27.05 -9.38
N GLY A 26 -0.21 26.11 -8.60
CA GLY A 26 0.38 24.93 -9.20
C GLY A 26 -0.11 23.71 -8.43
N VAL A 27 0.07 22.51 -8.98
CA VAL A 27 -0.28 21.29 -8.27
C VAL A 27 0.86 20.27 -8.40
N VAL A 28 1.21 19.67 -7.27
CA VAL A 28 2.24 18.65 -7.19
C VAL A 28 1.59 17.26 -7.16
N ASP A 29 2.05 16.37 -8.03
CA ASP A 29 1.58 14.96 -8.03
C ASP A 29 0.03 14.75 -8.05
N PRO A 30 -0.68 15.37 -9.02
CA PRO A 30 -2.15 15.24 -9.17
C PRO A 30 -2.49 13.77 -9.53
N SER A 31 -2.83 12.97 -8.53
CA SER A 31 -3.18 11.54 -8.70
C SER A 31 -4.33 11.35 -9.65
N GLU A 32 -5.28 12.26 -9.52
CA GLU A 32 -6.50 12.22 -10.32
C GLU A 32 -6.95 13.70 -10.46
N ALA A 33 -7.58 14.03 -11.58
CA ALA A 33 -8.00 15.41 -11.82
C ALA A 33 -9.10 15.92 -10.94
N GLU A 34 -10.14 15.08 -10.75
CA GLU A 34 -11.33 15.51 -10.00
C GLU A 34 -11.12 16.32 -8.72
N PRO A 35 -10.36 15.79 -7.75
CA PRO A 35 -10.09 16.51 -6.50
C PRO A 35 -9.41 17.87 -6.75
N ILE A 36 -8.54 17.94 -7.75
CA ILE A 36 -7.86 19.21 -8.05
C ILE A 36 -8.84 20.18 -8.71
N ILE A 37 -9.55 19.66 -9.67
CA ILE A 37 -10.56 20.46 -10.36
C ILE A 37 -11.53 21.02 -9.34
N ASP A 38 -11.99 20.17 -8.42
CA ASP A 38 -12.95 20.58 -7.40
C ASP A 38 -12.41 21.46 -6.33
N SER A 39 -11.16 21.17 -5.96
CA SER A 39 -10.49 21.96 -4.96
C SER A 39 -10.19 23.38 -5.46
N LEU A 40 -10.13 23.58 -6.79
CA LEU A 40 -9.86 24.90 -7.41
C LEU A 40 -11.18 25.69 -7.63
N LYS A 41 -12.26 24.95 -7.83
CA LYS A 41 -13.57 25.59 -8.01
C LYS A 41 -13.93 26.30 -6.70
N ARG A 42 -13.88 25.56 -5.59
CA ARG A 42 -14.25 26.11 -4.31
C ARG A 42 -13.38 27.31 -3.97
N SER A 43 -12.22 27.39 -4.61
CA SER A 43 -11.31 28.49 -4.38
C SER A 43 -11.42 29.50 -5.50
N GLY A 44 -12.08 29.10 -6.57
CA GLY A 44 -12.24 29.99 -7.71
C GLY A 44 -10.94 30.48 -8.31
N ARG A 45 -10.28 29.64 -9.11
CA ARG A 45 -9.04 30.03 -9.78
C ARG A 45 -8.64 28.97 -10.79
N ASN A 46 -7.70 29.32 -11.67
CA ASN A 46 -7.19 28.42 -12.71
C ASN A 46 -5.84 27.84 -12.31
N LEU A 47 -5.47 26.74 -12.94
CA LEU A 47 -4.19 26.06 -12.64
C LEU A 47 -3.13 26.57 -13.61
N THR A 48 -1.93 26.97 -13.13
CA THR A 48 -0.85 27.43 -13.99
C THR A 48 0.16 26.31 -14.29
N TYR A 49 0.56 25.63 -13.22
CA TYR A 49 1.58 24.59 -13.29
C TYR A 49 1.21 23.25 -12.65
N ILE A 50 1.80 22.19 -13.18
CA ILE A 50 1.66 20.83 -12.64
C ILE A 50 3.10 20.32 -12.51
N LEU A 51 3.46 19.87 -11.30
CA LEU A 51 4.83 19.37 -11.04
C LEU A 51 4.71 17.97 -10.49
N ASN A 52 5.52 17.04 -11.04
CA ASN A 52 5.47 15.66 -10.59
C ASN A 52 6.81 15.27 -9.99
N THR A 53 6.73 14.55 -8.88
CA THR A 53 7.95 14.09 -8.21
C THR A 53 8.51 12.84 -8.92
N HIS A 54 7.62 12.00 -9.41
CA HIS A 54 8.03 10.77 -10.09
C HIS A 54 6.90 10.28 -11.02
N HIS A 55 7.15 9.24 -11.81
CA HIS A 55 6.22 8.81 -12.86
C HIS A 55 5.01 7.96 -12.52
N HIS A 56 5.04 7.35 -11.33
CA HIS A 56 3.98 6.41 -10.95
C HIS A 56 2.61 7.01 -11.17
N TYR A 57 1.69 6.15 -11.58
CA TYR A 57 0.36 6.58 -11.93
C TYR A 57 -0.34 7.35 -10.81
N ASP A 58 -0.08 6.98 -9.57
CA ASP A 58 -0.72 7.69 -8.46
C ASP A 58 -0.17 9.09 -8.21
N HIS A 59 0.79 9.54 -9.04
CA HIS A 59 1.34 10.91 -8.92
C HIS A 59 1.19 11.68 -10.24
N THR A 60 0.84 10.98 -11.32
CA THR A 60 0.75 11.62 -12.66
C THR A 60 -0.61 11.34 -13.34
N GLY A 61 -1.48 10.60 -12.66
CA GLY A 61 -2.77 10.20 -13.24
C GLY A 61 -3.65 11.32 -13.71
N GLY A 62 -3.56 12.49 -13.03
CA GLY A 62 -4.37 13.64 -13.38
C GLY A 62 -3.73 14.61 -14.37
N ASN A 63 -2.47 14.37 -14.72
CA ASN A 63 -1.73 15.29 -15.58
C ASN A 63 -2.42 15.74 -16.89
N LEU A 64 -2.61 14.77 -17.80
CA LEU A 64 -3.10 15.11 -19.15
C LEU A 64 -4.43 15.81 -19.12
N GLU A 65 -5.30 15.38 -18.22
CA GLU A 65 -6.61 15.99 -18.11
C GLU A 65 -6.50 17.43 -17.58
N LEU A 66 -5.71 17.64 -16.53
CA LEU A 66 -5.59 19.00 -16.00
C LEU A 66 -4.87 19.92 -16.99
N LYS A 67 -3.84 19.41 -17.65
CA LYS A 67 -3.07 20.18 -18.62
C LYS A 67 -3.99 20.72 -19.73
N ASP A 68 -4.75 19.83 -20.36
CA ASP A 68 -5.64 20.25 -21.44
C ASP A 68 -6.80 21.11 -20.92
N ARG A 69 -7.29 20.82 -19.71
CA ARG A 69 -8.39 21.58 -19.13
C ARG A 69 -8.11 23.04 -18.80
N TYR A 70 -6.94 23.27 -18.21
CA TYR A 70 -6.53 24.59 -17.78
C TYR A 70 -5.46 25.25 -18.64
N GLY A 71 -4.86 24.50 -19.53
CA GLY A 71 -3.73 25.03 -20.31
C GLY A 71 -2.52 25.11 -19.40
N ALA A 72 -2.46 24.27 -18.34
CA ALA A 72 -1.30 24.33 -17.43
C ALA A 72 -0.03 23.75 -18.07
N LYS A 73 1.14 24.11 -17.53
CA LYS A 73 2.42 23.57 -18.04
C LYS A 73 2.87 22.47 -17.04
N VAL A 74 3.25 21.29 -17.56
CA VAL A 74 3.70 20.16 -16.73
C VAL A 74 5.22 20.21 -16.61
N ILE A 75 5.68 20.30 -15.36
CA ILE A 75 7.10 20.42 -15.00
C ILE A 75 7.47 19.04 -14.47
N GLY A 76 8.65 18.56 -14.86
CA GLY A 76 9.06 17.23 -14.40
C GLY A 76 10.56 16.96 -14.56
N SER A 77 10.99 15.76 -14.19
CA SER A 77 12.42 15.43 -14.23
C SER A 77 12.98 15.11 -15.62
N ALA A 78 14.20 15.62 -15.91
CA ALA A 78 14.82 15.32 -17.19
C ALA A 78 14.99 13.79 -17.34
N MET A 79 15.34 13.10 -16.26
CA MET A 79 15.50 11.65 -16.36
C MET A 79 14.28 10.91 -16.89
N ASP A 80 13.08 11.34 -16.46
CA ASP A 80 11.83 10.72 -16.82
C ASP A 80 11.13 11.53 -17.83
N LYS A 81 11.89 12.12 -18.77
CA LYS A 81 11.36 12.98 -19.82
C LYS A 81 10.22 12.29 -20.56
N ASP A 82 10.40 11.04 -20.98
CA ASP A 82 9.32 10.41 -21.72
C ASP A 82 8.38 9.59 -20.84
N ARG A 83 8.58 9.68 -19.50
CA ARG A 83 7.73 8.96 -18.54
C ARG A 83 6.72 9.87 -17.81
N ILE A 84 6.86 11.18 -17.95
CA ILE A 84 5.95 12.13 -17.27
C ILE A 84 4.89 12.55 -18.30
N PRO A 85 3.67 12.10 -18.12
CA PRO A 85 2.64 12.47 -19.10
C PRO A 85 2.45 13.96 -19.30
N GLY A 86 2.52 14.37 -20.58
CA GLY A 86 2.28 15.76 -20.92
C GLY A 86 3.35 16.78 -20.55
N ILE A 87 4.55 16.31 -20.19
CA ILE A 87 5.61 17.20 -19.76
C ILE A 87 5.91 18.26 -20.83
N ASP A 88 6.02 19.48 -20.35
CA ASP A 88 6.31 20.62 -21.17
C ASP A 88 7.68 21.23 -20.78
N MET A 89 8.09 21.10 -19.52
CA MET A 89 9.35 21.71 -19.08
C MET A 89 10.16 20.66 -18.31
N ALA A 90 11.41 20.42 -18.73
CA ALA A 90 12.25 19.41 -18.07
C ALA A 90 13.21 20.03 -17.06
N LEU A 91 13.50 19.32 -15.97
CA LEU A 91 14.42 19.89 -14.98
C LEU A 91 15.47 18.90 -14.53
N LYS A 92 16.69 19.40 -14.49
CA LYS A 92 17.87 18.64 -14.11
C LYS A 92 18.22 18.86 -12.67
N ASP A 93 19.02 17.96 -12.09
CA ASP A 93 19.45 18.10 -10.71
C ASP A 93 20.21 19.44 -10.49
N GLY A 94 19.83 20.19 -9.45
CA GLY A 94 20.44 21.47 -9.14
C GLY A 94 19.85 22.69 -9.84
N ASP A 95 18.85 22.51 -10.67
CA ASP A 95 18.23 23.66 -11.33
C ASP A 95 17.49 24.53 -10.31
N LYS A 96 17.27 25.79 -10.67
CA LYS A 96 16.50 26.70 -9.85
C LYS A 96 15.39 27.19 -10.75
N TRP A 97 14.26 26.48 -10.80
CA TRP A 97 13.07 26.87 -11.63
C TRP A 97 12.28 27.88 -10.79
N MET A 98 11.60 28.86 -11.41
CA MET A 98 10.88 29.87 -10.61
C MET A 98 9.35 29.70 -10.68
N PHE A 99 8.74 29.64 -9.51
CA PHE A 99 7.28 29.54 -9.31
C PHE A 99 6.89 30.97 -8.98
N ALA A 100 6.39 31.73 -9.96
CA ALA A 100 6.01 33.13 -9.72
C ALA A 100 7.15 33.86 -9.00
N GLY A 101 8.38 33.71 -9.42
CA GLY A 101 9.37 34.51 -8.69
C GLY A 101 9.94 33.99 -7.36
N HIS A 102 9.62 32.73 -7.07
CA HIS A 102 10.15 32.06 -5.87
C HIS A 102 10.84 30.80 -6.37
N GLU A 103 12.01 30.60 -5.85
CA GLU A 103 12.88 29.48 -6.25
C GLU A 103 12.40 28.09 -6.02
N VAL A 104 12.57 27.25 -7.02
CA VAL A 104 12.26 25.82 -6.85
C VAL A 104 13.53 25.04 -7.19
N HIS A 105 14.34 24.76 -6.17
CA HIS A 105 15.61 24.05 -6.36
C HIS A 105 15.24 22.58 -6.48
N VAL A 106 15.62 22.00 -7.62
CA VAL A 106 15.33 20.61 -7.94
C VAL A 106 16.43 19.73 -7.37
N MET A 107 16.03 18.66 -6.68
CA MET A 107 16.97 17.70 -6.10
C MET A 107 16.70 16.31 -6.62
N ASP A 108 17.62 15.75 -7.42
CA ASP A 108 17.43 14.35 -7.87
C ASP A 108 17.47 13.47 -6.61
N THR A 109 16.47 12.63 -6.43
CA THR A 109 16.40 11.77 -5.25
C THR A 109 15.99 10.35 -5.63
N PRO A 110 16.88 9.63 -6.36
CA PRO A 110 16.61 8.27 -6.80
C PRO A 110 16.48 7.26 -5.62
N GLY A 111 15.77 6.17 -5.82
CA GLY A 111 15.65 5.15 -4.78
C GLY A 111 14.37 4.38 -5.03
N HIS A 112 13.25 5.06 -4.76
CA HIS A 112 11.94 4.46 -5.00
C HIS A 112 11.85 4.23 -6.54
N THR A 113 12.27 5.23 -7.32
CA THR A 113 12.36 5.04 -8.78
C THR A 113 13.65 5.76 -9.19
N LYS A 114 14.04 5.52 -10.46
CA LYS A 114 15.21 6.18 -11.02
C LYS A 114 14.55 7.34 -11.78
N GLY A 115 14.79 8.55 -11.33
CA GLY A 115 14.21 9.70 -12.00
C GLY A 115 13.47 10.54 -10.96
N HIS A 116 13.19 9.94 -9.80
CA HIS A 116 12.48 10.68 -8.73
C HIS A 116 13.22 11.93 -8.34
N ILE A 117 12.48 13.05 -8.21
CA ILE A 117 13.09 14.29 -7.73
C ILE A 117 12.30 14.80 -6.52
N SER A 118 12.89 15.71 -5.74
CA SER A 118 12.16 16.36 -4.63
C SER A 118 12.27 17.85 -4.97
N LEU A 119 11.28 18.64 -4.52
CA LEU A 119 11.25 20.06 -4.87
C LEU A 119 11.45 20.94 -3.65
N TYR A 120 12.53 21.72 -3.65
CA TYR A 120 12.82 22.53 -2.50
C TYR A 120 12.37 23.98 -2.67
N PHE A 121 11.56 24.47 -1.74
CA PHE A 121 11.06 25.87 -1.76
C PHE A 121 11.70 26.50 -0.52
N PRO A 122 12.98 26.92 -0.63
CA PRO A 122 13.64 27.52 0.54
C PRO A 122 12.90 28.69 1.17
N GLY A 123 12.19 29.47 0.31
CA GLY A 123 11.45 30.62 0.80
C GLY A 123 10.26 30.30 1.68
N SER A 124 9.70 29.10 1.49
CA SER A 124 8.55 28.67 2.27
C SER A 124 8.94 27.60 3.26
N ARG A 125 10.23 27.39 3.42
CA ARG A 125 10.79 26.36 4.32
C ARG A 125 9.98 25.08 4.12
N ALA A 126 9.97 24.58 2.90
CA ALA A 126 9.18 23.40 2.60
C ALA A 126 9.81 22.60 1.47
N ILE A 127 9.75 21.26 1.58
CA ILE A 127 10.24 20.42 0.50
C ILE A 127 9.22 19.29 0.22
N PHE A 128 8.90 19.14 -1.08
CA PHE A 128 7.98 18.06 -1.52
C PHE A 128 8.85 16.85 -1.85
N THR A 129 8.71 15.77 -1.04
CA THR A 129 9.58 14.61 -1.19
C THR A 129 8.95 13.44 -1.95
N GLY A 130 7.73 13.60 -2.41
CA GLY A 130 7.09 12.50 -3.17
C GLY A 130 7.16 11.20 -2.38
N ASP A 131 7.62 10.14 -3.05
CA ASP A 131 7.71 8.85 -2.38
C ASP A 131 9.15 8.43 -2.02
N THR A 132 10.00 9.44 -1.79
CA THR A 132 11.38 9.16 -1.38
C THR A 132 11.32 9.13 0.17
N MET A 133 10.86 10.22 0.80
CA MET A 133 10.75 10.20 2.28
C MET A 133 9.33 10.50 2.76
N PHE A 134 8.76 9.57 3.58
CA PHE A 134 7.45 9.82 4.20
C PHE A 134 7.73 10.16 5.66
N SER A 135 6.65 10.37 6.47
CA SER A 135 6.93 10.50 7.89
C SER A 135 7.09 9.08 8.44
N LEU A 136 8.29 8.85 8.98
CA LEU A 136 8.73 7.58 9.59
C LEU A 136 9.09 6.45 8.66
N SER A 137 9.03 6.69 7.34
CA SER A 137 9.48 5.64 6.40
C SER A 137 10.12 6.30 5.17
N CYS A 138 10.49 5.43 4.18
CA CYS A 138 11.02 5.89 2.88
C CYS A 138 10.25 5.06 1.86
N GLY A 139 10.33 5.42 0.56
CA GLY A 139 9.62 4.65 -0.44
C GLY A 139 10.22 3.24 -0.58
N LYS A 140 9.37 2.33 -1.02
CA LYS A 140 9.85 0.98 -1.34
C LYS A 140 10.83 1.16 -2.51
N LEU A 141 11.82 0.27 -2.62
CA LEU A 141 12.84 0.42 -3.67
C LEU A 141 12.48 -0.39 -4.92
N PHE A 142 11.61 0.18 -5.74
CA PHE A 142 11.18 -0.48 -6.97
C PHE A 142 12.19 -0.34 -8.08
N GLU A 143 13.01 0.71 -8.07
CA GLU A 143 14.00 0.87 -9.15
C GLU A 143 15.43 1.18 -8.72
N GLY A 144 15.60 1.78 -7.55
CA GLY A 144 16.93 2.18 -7.08
C GLY A 144 17.49 1.23 -6.04
N THR A 145 18.66 1.57 -5.54
CA THR A 145 19.36 0.76 -4.58
C THR A 145 19.29 1.38 -3.21
N PRO A 146 19.61 0.57 -2.18
CA PRO A 146 19.63 1.06 -0.81
C PRO A 146 20.63 2.19 -0.76
N LYS A 147 21.73 2.10 -1.55
CA LYS A 147 22.70 3.16 -1.50
C LYS A 147 22.16 4.48 -2.04
N GLN A 148 21.41 4.38 -3.14
CA GLN A 148 20.82 5.54 -3.75
C GLN A 148 19.78 6.16 -2.82
N MET A 149 18.94 5.31 -2.24
CA MET A 149 17.95 5.84 -1.32
C MET A 149 18.64 6.54 -0.14
N LEU A 150 19.68 5.93 0.44
CA LEU A 150 20.32 6.59 1.57
C LEU A 150 20.90 7.96 1.15
N ALA A 151 21.43 8.05 -0.06
CA ALA A 151 22.01 9.29 -0.52
C ALA A 151 20.92 10.34 -0.68
N SER A 152 19.79 9.93 -1.28
CA SER A 152 18.66 10.86 -1.52
C SER A 152 18.10 11.35 -0.20
N LEU A 153 18.02 10.45 0.79
CA LEU A 153 17.52 10.82 2.10
C LEU A 153 18.44 11.84 2.75
N GLN A 154 19.76 11.66 2.55
CA GLN A 154 20.72 12.64 3.10
C GLN A 154 20.56 14.05 2.49
N LYS A 155 20.30 14.16 1.17
CA LYS A 155 20.13 15.49 0.61
C LYS A 155 18.99 16.18 1.38
N ILE A 156 17.89 15.44 1.64
CA ILE A 156 16.75 16.02 2.37
C ILE A 156 17.17 16.34 3.81
N THR A 157 17.83 15.40 4.50
CA THR A 157 18.21 15.69 5.88
C THR A 157 19.31 16.76 6.03
N SER A 158 20.01 17.07 4.95
CA SER A 158 21.08 18.12 5.00
C SER A 158 20.41 19.53 4.92
N LEU A 159 19.10 19.57 4.75
CA LEU A 159 18.36 20.84 4.72
C LEU A 159 18.11 21.27 6.19
N PRO A 160 17.72 22.54 6.42
CA PRO A 160 17.48 23.01 7.79
C PRO A 160 16.47 22.17 8.58
N ASP A 161 16.68 22.09 9.90
CA ASP A 161 15.82 21.30 10.78
C ASP A 161 14.36 21.77 10.75
N ASP A 162 14.16 23.03 10.49
CA ASP A 162 12.81 23.55 10.49
C ASP A 162 12.13 23.49 9.10
N THR A 163 12.59 22.58 8.26
CA THR A 163 12.03 22.45 6.94
C THR A 163 10.84 21.48 7.04
N SER A 164 9.69 21.92 6.55
CA SER A 164 8.48 21.09 6.53
C SER A 164 8.61 20.12 5.35
N ILE A 165 8.17 18.88 5.56
CA ILE A 165 8.26 17.80 4.56
C ILE A 165 6.86 17.37 4.15
N TYR A 166 6.54 17.58 2.87
CA TYR A 166 5.24 17.24 2.29
C TYR A 166 5.53 16.05 1.36
N CYS A 167 5.14 14.83 1.77
CA CYS A 167 5.39 13.63 1.10
C CYS A 167 4.16 13.07 0.34
N GLY A 168 4.39 12.05 -0.44
CA GLY A 168 3.34 11.49 -1.29
C GLY A 168 2.17 10.76 -0.64
N HIS A 169 2.36 10.19 0.52
CA HIS A 169 1.25 9.44 1.13
C HIS A 169 1.16 9.63 2.63
N GLU A 170 0.00 9.23 3.13
CA GLU A 170 -0.35 9.31 4.55
C GLU A 170 -0.16 7.84 5.07
N TYR A 171 1.11 7.48 5.33
CA TYR A 171 1.46 6.14 5.80
C TYR A 171 1.94 6.17 7.26
N THR A 172 1.94 7.38 7.83
CA THR A 172 2.56 7.59 9.13
C THR A 172 2.17 6.64 10.26
N LEU A 173 0.89 6.35 10.37
CA LEU A 173 0.42 5.46 11.45
C LEU A 173 1.00 4.03 11.21
N SER A 174 0.95 3.53 9.96
CA SER A 174 1.54 2.26 9.61
C SER A 174 3.06 2.25 9.99
N ASN A 175 3.84 3.20 9.46
CA ASN A 175 5.29 3.31 9.73
C ASN A 175 5.55 3.46 11.22
N SER A 176 4.75 4.29 11.89
CA SER A 176 4.97 4.49 13.33
C SER A 176 4.96 3.19 14.09
N LYS A 177 4.11 2.23 13.70
CA LYS A 177 4.06 0.96 14.42
C LYS A 177 5.32 0.13 14.17
N PHE A 178 5.74 0.05 12.91
CA PHE A 178 6.96 -0.71 12.57
C PHE A 178 8.17 -0.04 13.29
N ALA A 179 8.25 1.29 13.25
CA ALA A 179 9.38 1.99 13.88
C ALA A 179 9.50 1.59 15.37
N LEU A 180 8.39 1.61 16.09
CA LEU A 180 8.36 1.25 17.52
C LEU A 180 8.76 -0.22 17.74
N SER A 181 8.47 -1.09 16.79
CA SER A 181 8.88 -2.50 16.95
C SER A 181 10.40 -2.61 16.89
N LEU A 182 11.05 -1.53 16.49
CA LEU A 182 12.52 -1.51 16.39
C LEU A 182 13.18 -0.57 17.39
N GLU A 183 12.51 0.50 17.80
CA GLU A 183 13.17 1.47 18.72
C GLU A 183 12.17 1.94 19.73
N PRO A 184 11.61 1.01 20.50
CA PRO A 184 10.58 1.36 21.48
C PRO A 184 11.03 2.30 22.59
N ASN A 185 12.34 2.32 22.85
CA ASN A 185 12.83 3.18 23.95
C ASN A 185 13.06 4.62 23.52
N ASN A 186 12.64 4.94 22.28
CA ASN A 186 12.78 6.32 21.79
C ASN A 186 11.50 7.06 22.23
N GLU A 187 11.58 7.87 23.30
CA GLU A 187 10.38 8.55 23.81
C GLU A 187 9.84 9.64 22.90
N VAL A 188 10.68 10.21 22.03
CA VAL A 188 10.21 11.21 21.12
C VAL A 188 9.37 10.47 20.11
N LEU A 189 9.83 9.27 19.70
CA LEU A 189 9.01 8.48 18.75
C LEU A 189 7.71 8.02 19.45
N GLN A 190 7.77 7.68 20.74
CA GLN A 190 6.55 7.26 21.44
C GLN A 190 5.51 8.39 21.42
N SER A 191 5.92 9.60 21.79
CA SER A 191 4.99 10.73 21.82
C SER A 191 4.48 11.10 20.42
N TYR A 192 5.41 11.08 19.46
CA TYR A 192 5.00 11.40 18.10
C TYR A 192 4.01 10.34 17.58
N ALA A 193 4.32 9.07 17.80
CA ALA A 193 3.46 8.00 17.31
C ALA A 193 2.09 8.06 18.00
N ALA A 194 2.09 8.42 19.29
CA ALA A 194 0.82 8.55 19.97
C ALA A 194 0.00 9.73 19.42
N HIS A 195 0.64 10.89 19.18
CA HIS A 195 -0.10 12.04 18.64
C HIS A 195 -0.63 11.71 17.22
N VAL A 196 0.17 10.97 16.45
CA VAL A 196 -0.23 10.57 15.10
C VAL A 196 -1.53 9.75 15.19
N ALA A 197 -1.60 8.84 16.12
CA ALA A 197 -2.81 8.04 16.31
C ALA A 197 -4.01 8.98 16.59
N GLU A 198 -3.81 10.00 17.43
CA GLU A 198 -4.90 10.93 17.74
C GLU A 198 -5.38 11.61 16.47
N LEU A 199 -4.46 12.14 15.66
CA LEU A 199 -4.80 12.86 14.40
C LEU A 199 -5.59 11.89 13.49
N ARG A 200 -5.03 10.71 13.27
CA ARG A 200 -5.68 9.73 12.42
C ARG A 200 -6.97 9.18 12.99
N SER A 201 -7.17 9.36 14.30
CA SER A 201 -8.39 8.87 14.89
C SER A 201 -9.54 9.82 14.58
N LYS A 202 -9.21 11.09 14.31
CA LYS A 202 -10.20 12.10 13.92
C LYS A 202 -10.05 12.60 12.48
N LYS A 203 -9.55 11.69 11.65
CA LYS A 203 -9.44 11.91 10.22
C LYS A 203 -8.67 13.15 9.83
N LEU A 204 -7.50 13.30 10.38
CA LEU A 204 -6.66 14.44 10.03
C LEU A 204 -5.24 13.99 9.63
N PRO A 205 -4.78 14.47 8.50
CA PRO A 205 -3.46 14.18 7.97
C PRO A 205 -2.42 14.36 9.04
N THR A 206 -1.26 13.69 8.87
CA THR A 206 -0.12 13.86 9.79
C THR A 206 0.98 14.63 9.07
N ILE A 207 0.67 15.17 7.89
CA ILE A 207 1.68 15.87 7.06
C ILE A 207 1.27 17.36 7.08
N PRO A 208 2.23 18.28 7.04
CA PRO A 208 3.68 18.06 6.95
C PRO A 208 4.35 17.59 8.23
N THR A 209 5.48 16.89 8.04
CA THR A 209 6.33 16.56 9.15
C THR A 209 7.56 17.52 8.98
N THR A 210 8.61 17.34 9.78
CA THR A 210 9.79 18.23 9.63
C THR A 210 11.06 17.40 9.63
N VAL A 211 12.17 17.97 9.15
CA VAL A 211 13.44 17.27 9.16
C VAL A 211 13.81 16.85 10.60
N LYS A 212 13.76 17.79 11.55
CA LYS A 212 14.12 17.48 12.93
C LYS A 212 13.42 16.20 13.35
N MET A 213 12.12 16.14 13.16
CA MET A 213 11.38 14.96 13.58
C MET A 213 11.76 13.70 12.86
N GLU A 214 11.98 13.75 11.55
CA GLU A 214 12.31 12.49 10.86
C GLU A 214 13.77 12.14 11.15
N LYS A 215 14.51 13.12 11.65
CA LYS A 215 15.90 12.78 12.01
C LYS A 215 15.92 11.78 13.15
N ALA A 216 15.30 12.16 14.26
CA ALA A 216 15.34 11.30 15.42
C ALA A 216 14.23 10.29 15.55
N CYS A 217 13.29 10.24 14.59
CA CYS A 217 12.19 9.29 14.78
C CYS A 217 12.02 8.26 13.71
N ASN A 218 12.52 8.56 12.48
CA ASN A 218 12.33 7.66 11.33
C ASN A 218 13.49 6.65 11.31
N PRO A 219 13.17 5.35 11.41
CA PRO A 219 14.29 4.37 11.40
C PRO A 219 15.21 4.40 10.19
N PHE A 220 14.72 4.90 9.07
CA PHE A 220 15.61 4.91 7.92
C PHE A 220 16.67 6.00 8.04
N LEU A 221 16.51 6.92 9.00
CA LEU A 221 17.48 7.97 9.23
C LEU A 221 18.23 7.70 10.54
N ARG A 222 18.00 6.54 11.16
CA ARG A 222 18.59 6.27 12.48
C ARG A 222 19.19 4.86 12.56
N SER A 223 19.55 4.35 11.41
CA SER A 223 20.03 2.99 11.27
C SER A 223 21.34 2.60 11.99
N SER A 224 21.99 3.59 12.60
CA SER A 224 23.19 3.33 13.38
C SER A 224 22.82 3.14 14.88
N ASN A 225 21.56 3.44 15.26
CA ASN A 225 21.11 3.27 16.59
C ASN A 225 21.33 1.80 16.95
N THR A 226 21.92 1.58 18.12
CA THR A 226 22.24 0.25 18.60
C THR A 226 21.03 -0.64 18.80
N ASP A 227 20.00 -0.09 19.42
CA ASP A 227 18.82 -0.89 19.70
C ASP A 227 18.09 -1.27 18.46
N ILE A 228 18.15 -0.36 17.47
CA ILE A 228 17.53 -0.60 16.20
C ILE A 228 18.31 -1.68 15.47
N ARG A 229 19.66 -1.65 15.53
CA ARG A 229 20.43 -2.69 14.82
C ARG A 229 20.28 -4.11 15.40
N ARG A 230 20.29 -4.19 16.71
CA ARG A 230 20.10 -5.48 17.34
C ARG A 230 18.70 -6.03 17.07
N ALA A 231 17.68 -5.18 16.97
CA ALA A 231 16.32 -5.68 16.69
C ALA A 231 16.27 -6.47 15.39
N LEU A 232 17.06 -6.03 14.39
CA LEU A 232 17.08 -6.70 13.07
C LEU A 232 18.36 -7.47 12.79
N ARG A 233 19.13 -7.72 13.85
CA ARG A 233 20.40 -8.41 13.70
C ARG A 233 21.22 -7.79 12.60
N ILE A 234 21.43 -6.48 12.76
CA ILE A 234 22.26 -5.74 11.83
C ILE A 234 23.66 -5.75 12.42
N PRO A 235 24.58 -6.43 11.76
CA PRO A 235 25.93 -6.48 12.28
C PRO A 235 26.52 -5.08 12.46
N GLU A 236 27.37 -4.92 13.46
CA GLU A 236 28.03 -3.64 13.65
C GLU A 236 28.87 -3.26 12.44
N ALA A 237 29.38 -4.26 11.72
CA ALA A 237 30.21 -3.95 10.56
C ALA A 237 29.45 -3.40 9.39
N ALA A 238 28.13 -3.38 9.47
CA ALA A 238 27.40 -2.84 8.35
C ALA A 238 27.43 -1.31 8.38
N ASP A 239 27.55 -0.70 7.21
CA ASP A 239 27.56 0.74 7.10
C ASP A 239 26.07 1.16 7.01
N GLU A 240 25.81 2.45 6.83
CA GLU A 240 24.43 2.95 6.77
C GLU A 240 23.60 2.43 5.60
N ALA A 241 24.22 2.38 4.41
CA ALA A 241 23.52 1.94 3.20
C ALA A 241 23.08 0.49 3.42
N GLU A 242 24.00 -0.31 3.95
CA GLU A 242 23.65 -1.70 4.24
C GLU A 242 22.61 -1.76 5.37
N ALA A 243 22.77 -0.96 6.42
CA ALA A 243 21.76 -1.06 7.50
C ALA A 243 20.38 -0.59 7.04
N LEU A 244 20.37 0.38 6.13
CA LEU A 244 19.09 0.93 5.62
C LEU A 244 18.35 -0.12 4.82
N GLY A 245 19.04 -0.81 3.91
CA GLY A 245 18.40 -1.84 3.12
C GLY A 245 17.86 -3.00 4.01
N ILE A 246 18.54 -3.34 5.11
CA ILE A 246 18.07 -4.40 6.01
C ILE A 246 16.72 -3.99 6.60
N ILE A 247 16.62 -2.73 7.01
CA ILE A 247 15.37 -2.24 7.57
C ILE A 247 14.28 -2.20 6.50
N ARG A 248 14.65 -1.73 5.31
CA ARG A 248 13.68 -1.58 4.23
C ARG A 248 13.14 -2.92 3.84
N LYS A 249 13.97 -3.94 3.90
CA LYS A 249 13.50 -5.30 3.55
C LYS A 249 12.59 -5.84 4.64
N ALA A 250 12.91 -5.54 5.90
CA ALA A 250 12.09 -6.02 7.00
C ALA A 250 10.73 -5.32 7.00
N LYS A 251 10.74 -4.01 6.78
CA LYS A 251 9.47 -3.27 6.79
C LYS A 251 8.56 -3.82 5.70
N ASP A 252 9.16 -4.10 4.52
CA ASP A 252 8.35 -4.63 3.45
C ASP A 252 7.62 -5.90 3.89
N ASP A 253 8.32 -6.78 4.63
CA ASP A 253 7.74 -8.06 5.00
C ASP A 253 7.11 -8.02 6.40
N PHE A 254 6.83 -6.80 6.87
CA PHE A 254 6.27 -6.57 8.21
C PHE A 254 4.74 -6.63 8.15
N MET B 1 -23.91 -19.69 7.03
CA MET B 1 -22.86 -18.87 7.70
C MET B 1 -23.08 -17.39 7.32
N GLN B 2 -22.92 -16.48 8.27
CA GLN B 2 -23.10 -15.07 7.93
C GLN B 2 -21.70 -14.45 7.92
N ILE B 3 -21.14 -14.22 6.74
CA ILE B 3 -19.80 -13.60 6.61
C ILE B 3 -20.01 -12.08 6.65
N GLU B 4 -19.38 -11.47 7.65
CA GLU B 4 -19.48 -10.02 7.88
C GLU B 4 -18.15 -9.39 7.58
N LEU B 5 -18.10 -8.52 6.54
CA LEU B 5 -16.85 -7.84 6.18
C LEU B 5 -16.67 -6.72 7.23
N VAL B 6 -15.48 -6.68 7.86
CA VAL B 6 -15.12 -5.67 8.88
C VAL B 6 -13.90 -4.89 8.41
N PRO B 7 -14.10 -3.62 7.97
CA PRO B 7 -12.95 -2.84 7.52
C PRO B 7 -12.17 -2.49 8.77
N CYS B 8 -10.82 -2.59 8.65
CA CYS B 8 -9.92 -2.31 9.74
C CYS B 8 -8.70 -1.56 9.15
N LEU B 9 -8.03 -0.77 9.99
CA LEU B 9 -6.87 0.02 9.55
C LEU B 9 -7.30 0.88 8.33
N LYS B 10 -6.46 0.92 7.31
CA LYS B 10 -6.69 1.74 6.13
C LYS B 10 -7.50 1.05 5.07
N ASP B 11 -7.08 -0.16 4.74
CA ASP B 11 -7.75 -0.89 3.70
C ASP B 11 -7.77 -2.40 3.91
N ASN B 12 -7.59 -2.83 5.18
CA ASN B 12 -7.67 -4.23 5.49
C ASN B 12 -9.13 -4.69 5.67
N TYR B 13 -9.34 -5.98 5.46
CA TYR B 13 -10.63 -6.61 5.76
C TYR B 13 -10.43 -7.82 6.68
N ALA B 14 -11.15 -7.82 7.82
CA ALA B 14 -11.22 -8.98 8.73
C ALA B 14 -12.65 -9.49 8.46
N TYR B 15 -12.91 -10.78 8.70
CA TYR B 15 -14.23 -11.33 8.46
C TYR B 15 -14.73 -12.07 9.68
N ILE B 16 -15.75 -11.51 10.29
CA ILE B 16 -16.33 -12.18 11.44
C ILE B 16 -17.29 -13.22 10.89
N LEU B 17 -17.08 -14.50 11.27
CA LEU B 17 -17.89 -15.62 10.75
C LEU B 17 -18.98 -15.95 11.78
N HIS B 18 -20.21 -16.15 11.31
CA HIS B 18 -21.34 -16.41 12.20
C HIS B 18 -22.05 -17.73 11.82
N ASP B 19 -21.97 -18.73 12.71
CA ASP B 19 -22.68 -19.99 12.45
C ASP B 19 -24.08 -19.77 13.01
N GLU B 20 -25.07 -19.92 12.15
CA GLU B 20 -26.43 -19.62 12.58
C GLU B 20 -26.95 -20.64 13.59
N ASP B 21 -26.70 -21.92 13.33
CA ASP B 21 -27.18 -22.98 14.21
C ASP B 21 -26.66 -22.93 15.64
N THR B 22 -25.41 -22.51 15.83
CA THR B 22 -24.88 -22.50 17.19
C THR B 22 -24.46 -21.11 17.66
N GLY B 23 -24.44 -20.12 16.80
CA GLY B 23 -23.97 -18.89 17.42
C GLY B 23 -22.46 -18.89 17.60
N THR B 24 -21.79 -19.93 17.10
CA THR B 24 -20.30 -19.95 17.17
C THR B 24 -19.79 -18.77 16.32
N VAL B 25 -18.79 -18.04 16.78
CA VAL B 25 -18.27 -16.90 15.99
C VAL B 25 -16.76 -17.03 15.79
N GLY B 26 -16.31 -16.79 14.55
CA GLY B 26 -14.87 -16.81 14.31
C GLY B 26 -14.48 -15.49 13.68
N VAL B 27 -13.18 -15.12 13.71
CA VAL B 27 -12.75 -13.90 13.02
C VAL B 27 -11.48 -14.24 12.21
N VAL B 28 -11.50 -13.87 10.94
CA VAL B 28 -10.35 -14.09 10.05
C VAL B 28 -9.58 -12.80 10.00
N ASP B 29 -8.27 -12.92 10.27
CA ASP B 29 -7.34 -11.78 10.19
C ASP B 29 -7.76 -10.51 10.89
N PRO B 30 -7.83 -10.54 12.20
CA PRO B 30 -8.19 -9.36 13.00
C PRO B 30 -7.05 -8.36 13.04
N SER B 31 -7.05 -7.38 12.12
CA SER B 31 -6.01 -6.36 12.03
C SER B 31 -5.82 -5.61 13.31
N GLU B 32 -6.92 -5.35 13.99
CA GLU B 32 -6.93 -4.65 15.26
C GLU B 32 -8.12 -5.23 16.02
N ALA B 33 -8.00 -5.29 17.34
CA ALA B 33 -9.06 -5.79 18.19
C ALA B 33 -10.31 -4.92 18.22
N GLU B 34 -10.16 -3.60 18.34
CA GLU B 34 -11.32 -2.68 18.52
C GLU B 34 -12.51 -2.91 17.64
N PRO B 35 -12.28 -2.95 16.31
CA PRO B 35 -13.42 -3.17 15.43
C PRO B 35 -14.14 -4.50 15.62
N ILE B 36 -13.39 -5.54 15.98
CA ILE B 36 -13.98 -6.85 16.19
C ILE B 36 -14.84 -6.83 17.47
N ILE B 37 -14.25 -6.27 18.55
CA ILE B 37 -15.01 -6.14 19.81
C ILE B 37 -16.32 -5.34 19.60
N ASP B 38 -16.23 -4.22 18.90
CA ASP B 38 -17.44 -3.43 18.65
C ASP B 38 -18.54 -4.26 18.03
N SER B 39 -18.21 -5.08 17.02
CA SER B 39 -19.24 -5.89 16.38
C SER B 39 -19.81 -6.96 17.29
N LEU B 40 -18.92 -7.60 18.04
CA LEU B 40 -19.31 -8.65 18.96
C LEU B 40 -20.28 -8.10 19.99
N LYS B 41 -20.05 -6.88 20.46
CA LYS B 41 -20.96 -6.25 21.42
C LYS B 41 -22.33 -6.01 20.80
N ARG B 42 -22.34 -5.68 19.51
CA ARG B 42 -23.56 -5.41 18.75
C ARG B 42 -24.40 -6.69 18.56
N SER B 43 -23.70 -7.79 18.35
CA SER B 43 -24.33 -9.10 18.18
C SER B 43 -24.60 -9.77 19.55
N GLY B 44 -24.02 -9.23 20.62
CA GLY B 44 -24.16 -9.84 21.92
C GLY B 44 -23.56 -11.24 21.85
N ARG B 45 -22.56 -11.42 21.00
CA ARG B 45 -21.95 -12.74 20.86
C ARG B 45 -20.51 -12.80 21.39
N ASN B 46 -20.05 -14.01 21.71
CA ASN B 46 -18.69 -14.17 22.22
C ASN B 46 -17.87 -14.66 21.03
N LEU B 47 -16.56 -14.53 21.09
CA LEU B 47 -15.66 -14.93 20.00
C LEU B 47 -15.06 -16.33 20.29
N THR B 48 -15.29 -17.30 19.41
CA THR B 48 -14.78 -18.65 19.65
C THR B 48 -13.45 -18.97 18.99
N TYR B 49 -13.29 -18.41 17.79
CA TYR B 49 -12.10 -18.70 16.99
C TYR B 49 -11.52 -17.45 16.31
N ILE B 50 -10.22 -17.44 16.17
CA ILE B 50 -9.44 -16.42 15.46
C ILE B 50 -8.66 -17.26 14.44
N LEU B 51 -8.75 -16.88 13.16
CA LEU B 51 -8.04 -17.63 12.10
C LEU B 51 -7.20 -16.62 11.30
N ASN B 52 -5.93 -16.96 11.03
CA ASN B 52 -5.07 -16.06 10.32
C ASN B 52 -4.55 -16.66 9.00
N THR B 53 -4.68 -15.89 7.91
CA THR B 53 -4.17 -16.39 6.61
C THR B 53 -2.61 -16.34 6.59
N HIS B 54 -2.03 -15.34 7.28
CA HIS B 54 -0.55 -15.24 7.29
C HIS B 54 -0.12 -14.37 8.47
N HIS B 55 1.19 -14.17 8.65
CA HIS B 55 1.72 -13.53 9.89
C HIS B 55 1.82 -12.01 9.97
N HIS B 56 1.60 -11.36 8.84
CA HIS B 56 1.81 -9.92 8.81
C HIS B 56 0.99 -9.18 9.84
N TYR B 57 1.53 -8.04 10.25
CA TYR B 57 0.92 -7.24 11.30
C TYR B 57 -0.52 -6.84 11.04
N ASP B 58 -0.83 -6.43 9.79
CA ASP B 58 -2.21 -6.05 9.47
C ASP B 58 -3.20 -7.22 9.54
N HIS B 59 -2.71 -8.46 9.62
CA HIS B 59 -3.59 -9.62 9.76
C HIS B 59 -3.55 -10.22 11.15
N THR B 60 -2.47 -9.92 11.91
CA THR B 60 -2.27 -10.45 13.26
C THR B 60 -2.07 -9.26 14.21
N GLY B 61 -3.03 -8.36 14.29
CA GLY B 61 -2.91 -7.21 15.19
C GLY B 61 -3.62 -7.41 16.52
N GLY B 62 -4.76 -8.11 16.49
CA GLY B 62 -5.52 -8.38 17.71
C GLY B 62 -5.27 -9.75 18.38
N ASN B 63 -5.03 -10.78 17.58
CA ASN B 63 -4.81 -12.11 18.08
C ASN B 63 -4.67 -12.26 19.59
N LEU B 64 -3.73 -11.56 20.20
CA LEU B 64 -3.50 -11.80 21.61
C LEU B 64 -4.55 -11.14 22.51
N GLU B 65 -5.10 -10.03 22.07
CA GLU B 65 -6.07 -9.33 22.89
C GLU B 65 -7.46 -9.99 22.79
N LEU B 66 -7.76 -10.44 21.58
CA LEU B 66 -9.04 -11.05 21.35
C LEU B 66 -9.07 -12.44 21.95
N LYS B 67 -7.91 -13.12 21.98
CA LYS B 67 -7.85 -14.47 22.53
C LYS B 67 -8.00 -14.44 24.06
N ASP B 68 -7.16 -13.61 24.70
CA ASP B 68 -7.16 -13.49 26.16
C ASP B 68 -8.40 -12.74 26.64
N ARG B 69 -9.36 -12.54 25.73
CA ARG B 69 -10.54 -11.84 26.15
C ARG B 69 -11.79 -12.72 26.11
N TYR B 70 -11.84 -13.63 25.14
CA TYR B 70 -13.03 -14.45 24.94
C TYR B 70 -12.72 -15.92 25.08
N GLY B 71 -11.49 -16.27 25.44
CA GLY B 71 -11.23 -17.71 25.52
C GLY B 71 -11.31 -18.40 24.14
N ALA B 72 -11.10 -17.62 23.08
CA ALA B 72 -11.15 -18.07 21.68
C ALA B 72 -9.84 -18.86 21.32
N LYS B 73 -9.88 -19.77 20.33
CA LYS B 73 -8.69 -20.54 19.97
C LYS B 73 -8.21 -19.97 18.66
N VAL B 74 -6.90 -19.74 18.56
CA VAL B 74 -6.22 -19.21 17.35
C VAL B 74 -5.82 -20.35 16.41
N ILE B 75 -6.36 -20.25 15.21
CA ILE B 75 -6.14 -21.26 14.16
C ILE B 75 -5.18 -20.67 13.11
N GLY B 76 -4.07 -21.37 12.85
CA GLY B 76 -3.14 -20.84 11.89
C GLY B 76 -2.37 -21.89 11.11
N SER B 77 -1.38 -21.43 10.37
CA SER B 77 -0.59 -22.33 9.56
C SER B 77 0.48 -23.12 10.32
N ALA B 78 0.56 -24.39 9.98
CA ALA B 78 1.55 -25.30 10.54
C ALA B 78 2.98 -24.93 10.04
N MET B 79 3.04 -24.03 9.06
CA MET B 79 4.36 -23.54 8.58
C MET B 79 4.78 -22.25 9.33
N ASP B 80 3.87 -21.61 10.07
CA ASP B 80 4.16 -20.35 10.80
C ASP B 80 3.85 -20.48 12.26
N LYS B 81 4.06 -21.68 12.81
CA LYS B 81 3.73 -21.90 14.21
C LYS B 81 4.50 -20.93 15.11
N ASP B 82 5.60 -20.37 14.61
CA ASP B 82 6.37 -19.46 15.45
C ASP B 82 6.02 -18.01 15.24
N ARG B 83 5.27 -17.75 14.14
CA ARG B 83 4.93 -16.35 13.79
C ARG B 83 3.48 -15.91 13.98
N ILE B 84 2.59 -16.87 14.24
CA ILE B 84 1.23 -16.50 14.44
C ILE B 84 1.04 -16.31 15.96
N PRO B 85 0.71 -15.09 16.39
CA PRO B 85 0.54 -14.90 17.84
C PRO B 85 -0.44 -15.88 18.51
N GLY B 86 0.07 -16.51 19.56
CA GLY B 86 -0.68 -17.45 20.41
C GLY B 86 -1.40 -18.56 19.70
N ILE B 87 -0.80 -19.06 18.63
CA ILE B 87 -1.44 -20.11 17.89
C ILE B 87 -1.71 -21.39 18.73
N ASP B 88 -2.94 -21.93 18.60
CA ASP B 88 -3.38 -23.14 19.32
C ASP B 88 -3.50 -24.39 18.42
N MET B 89 -3.93 -24.15 17.19
CA MET B 89 -4.12 -25.21 16.20
C MET B 89 -3.29 -24.87 15.01
N ALA B 90 -2.37 -25.78 14.68
CA ALA B 90 -1.48 -25.56 13.58
C ALA B 90 -1.85 -26.49 12.45
N LEU B 91 -2.51 -25.92 11.43
CA LEU B 91 -3.04 -26.71 10.31
C LEU B 91 -2.15 -26.84 9.10
N LYS B 92 -2.24 -28.02 8.47
CA LYS B 92 -1.40 -28.29 7.33
C LYS B 92 -2.17 -28.23 6.04
N ASP B 93 -1.42 -28.29 4.94
CA ASP B 93 -2.05 -28.29 3.65
C ASP B 93 -3.07 -29.46 3.50
N GLY B 94 -4.21 -29.10 2.93
CA GLY B 94 -5.27 -30.05 2.71
C GLY B 94 -5.93 -30.52 4.00
N ASP B 95 -5.60 -29.91 5.15
CA ASP B 95 -6.28 -30.28 6.40
C ASP B 95 -7.73 -29.84 6.36
N LYS B 96 -8.58 -30.62 7.06
CA LYS B 96 -9.97 -30.32 7.25
C LYS B 96 -10.09 -29.85 8.71
N TRP B 97 -10.87 -28.78 8.95
CA TRP B 97 -11.06 -28.26 10.29
C TRP B 97 -12.53 -27.88 10.40
N MET B 98 -13.10 -28.08 11.60
CA MET B 98 -14.51 -27.80 11.84
C MET B 98 -14.80 -26.53 12.62
N PHE B 99 -15.47 -25.59 11.94
CA PHE B 99 -15.90 -24.34 12.58
C PHE B 99 -17.36 -24.58 13.05
N ALA B 100 -17.56 -25.15 14.27
CA ALA B 100 -18.90 -25.46 14.77
C ALA B 100 -19.59 -26.40 13.83
N GLY B 101 -18.88 -27.37 13.29
CA GLY B 101 -19.60 -28.21 12.34
C GLY B 101 -19.29 -28.15 10.84
N HIS B 102 -19.33 -26.97 10.20
CA HIS B 102 -19.07 -26.94 8.73
C HIS B 102 -17.59 -27.15 8.48
N GLU B 103 -17.27 -27.81 7.40
CA GLU B 103 -15.91 -28.10 7.11
C GLU B 103 -15.12 -26.93 6.53
N VAL B 104 -13.89 -26.81 6.97
CA VAL B 104 -13.00 -25.82 6.40
C VAL B 104 -11.84 -26.62 5.80
N HIS B 105 -11.50 -26.33 4.55
CA HIS B 105 -10.40 -27.01 3.85
C HIS B 105 -9.22 -26.07 3.72
N VAL B 106 -8.11 -26.44 4.37
CA VAL B 106 -6.89 -25.63 4.37
C VAL B 106 -6.05 -25.83 3.11
N MET B 107 -5.56 -24.71 2.54
CA MET B 107 -4.73 -24.80 1.36
C MET B 107 -3.49 -23.93 1.55
N ASP B 108 -2.32 -24.56 1.59
CA ASP B 108 -1.06 -23.78 1.67
C ASP B 108 -1.05 -22.91 0.37
N THR B 109 -0.75 -21.62 0.52
CA THR B 109 -0.74 -20.72 -0.66
C THR B 109 0.44 -19.74 -0.57
N PRO B 110 1.65 -20.29 -0.61
CA PRO B 110 2.87 -19.46 -0.54
C PRO B 110 2.98 -18.48 -1.69
N GLY B 111 3.78 -17.45 -1.49
CA GLY B 111 4.01 -16.46 -2.53
C GLY B 111 4.25 -15.12 -1.88
N HIS B 112 3.19 -14.57 -1.28
CA HIS B 112 3.30 -13.27 -0.60
C HIS B 112 4.20 -13.57 0.61
N THR B 113 3.89 -14.66 1.32
CA THR B 113 4.75 -15.12 2.42
C THR B 113 4.91 -16.63 2.37
N LYS B 114 5.99 -17.16 2.96
CA LYS B 114 6.12 -18.60 3.05
C LYS B 114 5.29 -18.97 4.29
N GLY B 115 4.28 -19.82 4.09
CA GLY B 115 3.37 -20.23 5.19
C GLY B 115 1.92 -19.70 5.07
N HIS B 116 1.70 -18.77 4.17
CA HIS B 116 0.36 -18.20 3.94
C HIS B 116 -0.59 -19.35 3.57
N ILE B 117 -1.78 -19.34 4.14
CA ILE B 117 -2.81 -20.34 3.82
C ILE B 117 -4.09 -19.57 3.42
N SER B 118 -4.98 -20.28 2.72
CA SER B 118 -6.27 -19.77 2.33
C SER B 118 -7.25 -20.80 2.93
N LEU B 119 -8.43 -20.33 3.33
CA LEU B 119 -9.39 -21.16 4.03
C LEU B 119 -10.64 -21.24 3.18
N TYR B 120 -10.96 -22.44 2.67
CA TYR B 120 -12.15 -22.63 1.81
C TYR B 120 -13.28 -23.36 2.56
N PHE B 121 -14.45 -22.72 2.58
CA PHE B 121 -15.66 -23.26 3.26
C PHE B 121 -16.51 -23.77 2.07
N PRO B 122 -16.44 -25.07 1.80
CA PRO B 122 -17.22 -25.59 0.65
C PRO B 122 -18.73 -25.38 0.79
N GLY B 123 -19.23 -25.60 2.00
CA GLY B 123 -20.66 -25.46 2.22
C GLY B 123 -21.18 -24.05 2.00
N SER B 124 -20.28 -23.08 2.10
CA SER B 124 -20.68 -21.70 1.92
C SER B 124 -20.14 -21.20 0.56
N ARG B 125 -19.48 -22.06 -0.23
CA ARG B 125 -18.91 -21.62 -1.50
C ARG B 125 -18.09 -20.31 -1.25
N ALA B 126 -17.07 -20.39 -0.40
CA ALA B 126 -16.29 -19.18 -0.08
C ALA B 126 -14.91 -19.51 0.29
N ILE B 127 -14.00 -18.60 -0.11
CA ILE B 127 -12.62 -18.76 0.28
C ILE B 127 -12.13 -17.38 0.80
N PHE B 128 -11.21 -17.38 1.77
CA PHE B 128 -10.61 -16.12 2.30
C PHE B 128 -9.13 -16.16 1.90
N THR B 129 -8.87 -15.58 0.73
CA THR B 129 -7.55 -15.61 0.07
C THR B 129 -6.46 -14.79 0.70
N GLY B 130 -6.84 -13.95 1.66
CA GLY B 130 -5.86 -13.12 2.35
C GLY B 130 -5.15 -12.22 1.35
N ASP B 131 -3.79 -12.30 1.39
CA ASP B 131 -2.98 -11.50 0.51
C ASP B 131 -2.30 -12.35 -0.55
N THR B 132 -2.91 -13.52 -0.87
CA THR B 132 -2.39 -14.34 -1.93
C THR B 132 -3.08 -13.84 -3.21
N MET B 133 -4.41 -13.78 -3.22
CA MET B 133 -5.12 -13.26 -4.40
C MET B 133 -6.04 -12.13 -3.97
N PHE B 134 -5.98 -10.99 -4.67
CA PHE B 134 -6.86 -9.84 -4.42
C PHE B 134 -7.80 -9.73 -5.60
N SER B 135 -8.95 -9.05 -5.47
CA SER B 135 -9.72 -8.92 -6.72
C SER B 135 -8.87 -8.08 -7.66
N LEU B 136 -8.47 -8.69 -8.79
CA LEU B 136 -7.65 -8.07 -9.84
C LEU B 136 -6.19 -7.95 -9.52
N SER B 137 -5.72 -8.61 -8.42
CA SER B 137 -4.28 -8.58 -8.08
C SER B 137 -3.90 -9.86 -7.35
N CYS B 138 -2.65 -9.92 -6.95
CA CYS B 138 -2.11 -11.03 -6.15
C CYS B 138 -1.20 -10.32 -5.15
N GLY B 139 -0.93 -10.95 -4.01
CA GLY B 139 -0.05 -10.29 -3.07
C GLY B 139 1.32 -9.91 -3.65
N LYS B 140 1.86 -8.77 -3.24
CA LYS B 140 3.24 -8.54 -3.67
C LYS B 140 4.07 -9.67 -3.11
N LEU B 141 5.13 -10.08 -3.87
CA LEU B 141 5.99 -11.19 -3.46
C LEU B 141 7.10 -10.80 -2.50
N PHE B 142 6.90 -11.12 -1.20
CA PHE B 142 7.95 -10.79 -0.26
C PHE B 142 8.86 -11.97 0.08
N GLU B 143 8.29 -13.15 0.37
CA GLU B 143 9.09 -14.30 0.79
C GLU B 143 9.10 -15.48 -0.17
N GLY B 144 8.24 -15.43 -1.19
CA GLY B 144 8.12 -16.59 -2.08
C GLY B 144 8.47 -16.19 -3.46
N THR B 145 8.37 -17.18 -4.36
CA THR B 145 8.71 -17.00 -5.75
C THR B 145 7.48 -16.90 -6.65
N PRO B 146 7.67 -16.43 -7.88
CA PRO B 146 6.56 -16.32 -8.84
C PRO B 146 5.95 -17.70 -9.07
N LYS B 147 6.78 -18.75 -9.12
CA LYS B 147 6.29 -20.10 -9.34
C LYS B 147 5.33 -20.51 -8.21
N GLN B 148 5.69 -20.18 -6.97
CA GLN B 148 4.84 -20.52 -5.83
C GLN B 148 3.52 -19.72 -5.93
N MET B 149 3.62 -18.43 -6.24
CA MET B 149 2.38 -17.66 -6.32
C MET B 149 1.47 -18.16 -7.44
N LEU B 150 2.07 -18.44 -8.60
CA LEU B 150 1.27 -18.96 -9.72
C LEU B 150 0.57 -20.25 -9.27
N ALA B 151 1.30 -21.15 -8.61
CA ALA B 151 0.67 -22.40 -8.19
C ALA B 151 -0.42 -22.14 -7.16
N SER B 152 -0.20 -21.17 -6.29
CA SER B 152 -1.20 -20.85 -5.26
C SER B 152 -2.46 -20.26 -5.89
N LEU B 153 -2.28 -19.41 -6.91
CA LEU B 153 -3.43 -18.80 -7.57
C LEU B 153 -4.23 -19.86 -8.35
N GLN B 154 -3.51 -20.81 -8.94
CA GLN B 154 -4.12 -21.93 -9.69
C GLN B 154 -4.96 -22.80 -8.76
N LYS B 155 -4.53 -22.96 -7.51
CA LYS B 155 -5.36 -23.73 -6.58
C LYS B 155 -6.74 -23.06 -6.37
N ILE B 156 -6.75 -21.74 -6.20
CA ILE B 156 -7.99 -21.02 -5.98
C ILE B 156 -8.87 -20.98 -7.27
N THR B 157 -8.20 -20.91 -8.44
CA THR B 157 -8.98 -20.82 -9.66
C THR B 157 -9.53 -22.17 -10.05
N SER B 158 -9.03 -23.25 -9.44
CA SER B 158 -9.58 -24.60 -9.71
C SER B 158 -10.93 -24.76 -9.02
N LEU B 159 -11.16 -24.03 -7.93
CA LEU B 159 -12.45 -24.10 -7.23
C LEU B 159 -13.62 -23.66 -8.17
N PRO B 160 -14.86 -24.00 -7.83
CA PRO B 160 -15.97 -23.61 -8.73
C PRO B 160 -16.05 -22.12 -9.03
N ASP B 161 -16.40 -21.78 -10.27
CA ASP B 161 -16.47 -20.39 -10.63
C ASP B 161 -17.35 -19.51 -9.73
N ASP B 162 -18.38 -20.09 -9.10
CA ASP B 162 -19.28 -19.32 -8.26
C ASP B 162 -18.78 -19.22 -6.82
N THR B 163 -17.50 -19.51 -6.60
CA THR B 163 -16.93 -19.40 -5.29
C THR B 163 -16.64 -17.92 -4.95
N SER B 164 -17.12 -17.44 -3.79
CA SER B 164 -16.84 -16.07 -3.37
C SER B 164 -15.43 -15.99 -2.81
N ILE B 165 -14.67 -14.96 -3.24
CA ILE B 165 -13.30 -14.75 -2.78
C ILE B 165 -13.36 -13.56 -1.84
N TYR B 166 -12.95 -13.79 -0.58
CA TYR B 166 -13.00 -12.70 0.41
C TYR B 166 -11.58 -12.28 0.68
N CYS B 167 -11.26 -10.96 0.46
CA CYS B 167 -9.92 -10.32 0.65
C CYS B 167 -9.24 -9.95 1.93
N GLY B 168 -7.98 -9.60 1.77
CA GLY B 168 -7.24 -9.16 2.95
C GLY B 168 -7.16 -7.65 2.83
N HIS B 169 -7.48 -7.11 1.65
CA HIS B 169 -7.40 -5.65 1.51
C HIS B 169 -8.34 -5.20 0.42
N GLU B 170 -8.72 -3.93 0.49
CA GLU B 170 -9.60 -3.29 -0.51
C GLU B 170 -8.64 -2.55 -1.46
N TYR B 171 -8.04 -3.29 -2.40
CA TYR B 171 -7.13 -2.69 -3.37
C TYR B 171 -7.72 -2.66 -4.80
N THR B 172 -8.95 -3.14 -4.95
CA THR B 172 -9.52 -3.33 -6.27
C THR B 172 -9.48 -2.16 -7.26
N LEU B 173 -9.83 -0.97 -6.80
CA LEU B 173 -9.85 0.16 -7.71
C LEU B 173 -8.45 0.37 -8.29
N SER B 174 -7.45 0.52 -7.45
CA SER B 174 -6.07 0.70 -7.98
C SER B 174 -5.61 -0.48 -8.85
N ASN B 175 -6.01 -1.71 -8.49
CA ASN B 175 -5.65 -2.90 -9.26
C ASN B 175 -6.32 -2.89 -10.66
N SER B 176 -7.53 -2.33 -10.70
CA SER B 176 -8.31 -2.29 -11.95
C SER B 176 -7.66 -1.38 -12.97
N LYS B 177 -6.99 -0.32 -12.51
CA LYS B 177 -6.36 0.64 -13.42
C LYS B 177 -5.10 0.04 -14.02
N PHE B 178 -4.41 -0.79 -13.24
CA PHE B 178 -3.24 -1.44 -13.81
C PHE B 178 -3.69 -2.49 -14.84
N ALA B 179 -4.64 -3.35 -14.49
CA ALA B 179 -5.05 -4.41 -15.44
C ALA B 179 -5.54 -3.77 -16.77
N LEU B 180 -6.19 -2.62 -16.68
CA LEU B 180 -6.71 -1.94 -17.88
C LEU B 180 -5.58 -1.37 -18.71
N SER B 181 -4.45 -1.11 -18.05
CA SER B 181 -3.28 -0.57 -18.75
C SER B 181 -2.64 -1.69 -19.59
N LEU B 182 -2.86 -2.94 -19.21
CA LEU B 182 -2.31 -4.08 -19.93
C LEU B 182 -3.28 -4.73 -20.86
N GLU B 183 -4.55 -4.69 -20.51
CA GLU B 183 -5.54 -5.40 -21.31
C GLU B 183 -6.82 -4.54 -21.46
N PRO B 184 -6.67 -3.35 -22.08
CA PRO B 184 -7.80 -2.45 -22.23
C PRO B 184 -8.99 -2.95 -23.07
N ASN B 185 -8.70 -3.86 -23.97
CA ASN B 185 -9.77 -4.41 -24.77
C ASN B 185 -10.58 -5.48 -24.10
N ASN B 186 -10.20 -5.94 -22.88
CA ASN B 186 -10.98 -6.97 -22.17
C ASN B 186 -12.32 -6.29 -21.72
N GLU B 187 -13.45 -6.62 -22.38
CA GLU B 187 -14.72 -5.96 -22.06
C GLU B 187 -15.29 -6.28 -20.69
N VAL B 188 -15.15 -7.52 -20.26
CA VAL B 188 -15.69 -7.85 -18.92
C VAL B 188 -14.90 -7.02 -17.89
N LEU B 189 -13.60 -6.87 -18.11
CA LEU B 189 -12.78 -6.08 -17.16
C LEU B 189 -13.20 -4.60 -17.23
N GLN B 190 -13.51 -4.10 -18.43
CA GLN B 190 -13.97 -2.73 -18.52
C GLN B 190 -15.24 -2.50 -17.69
N SER B 191 -16.22 -3.40 -17.83
CA SER B 191 -17.48 -3.18 -17.10
C SER B 191 -17.25 -3.37 -15.59
N TYR B 192 -16.44 -4.35 -15.25
CA TYR B 192 -16.17 -4.60 -13.83
C TYR B 192 -15.39 -3.43 -13.21
N ALA B 193 -14.46 -2.84 -13.94
CA ALA B 193 -13.69 -1.72 -13.41
C ALA B 193 -14.65 -0.56 -13.19
N ALA B 194 -15.58 -0.36 -14.14
CA ALA B 194 -16.51 0.75 -13.95
C ALA B 194 -17.41 0.52 -12.71
N HIS B 195 -17.80 -0.74 -12.50
CA HIS B 195 -18.65 -1.15 -11.35
C HIS B 195 -17.85 -0.91 -10.04
N VAL B 196 -16.57 -1.30 -10.06
CA VAL B 196 -15.69 -1.08 -8.88
C VAL B 196 -15.51 0.43 -8.63
N ALA B 197 -15.32 1.22 -9.68
CA ALA B 197 -15.17 2.68 -9.49
C ALA B 197 -16.40 3.30 -8.81
N GLU B 198 -17.57 2.85 -9.23
CA GLU B 198 -18.83 3.38 -8.64
C GLU B 198 -18.96 2.90 -7.19
N LEU B 199 -18.61 1.64 -6.93
CA LEU B 199 -18.71 1.10 -5.57
C LEU B 199 -17.82 1.93 -4.68
N ARG B 200 -16.59 2.21 -5.11
CA ARG B 200 -15.67 2.98 -4.26
C ARG B 200 -16.11 4.43 -4.12
N SER B 201 -16.70 5.03 -5.17
CA SER B 201 -17.19 6.42 -5.07
C SER B 201 -18.26 6.53 -3.98
N LYS B 202 -18.93 5.42 -3.69
CA LYS B 202 -19.96 5.37 -2.65
C LYS B 202 -19.43 4.78 -1.33
N LYS B 203 -18.10 4.66 -1.24
CA LYS B 203 -17.45 4.11 -0.05
C LYS B 203 -17.89 2.70 0.29
N LEU B 204 -18.20 1.92 -0.75
CA LEU B 204 -18.64 0.55 -0.54
C LEU B 204 -17.53 -0.44 -0.92
N PRO B 205 -17.46 -1.56 -0.19
CA PRO B 205 -16.45 -2.60 -0.48
C PRO B 205 -16.67 -3.18 -1.86
N THR B 206 -15.59 -3.69 -2.45
CA THR B 206 -15.69 -4.37 -3.74
C THR B 206 -15.50 -5.85 -3.56
N ILE B 207 -15.47 -6.29 -2.30
CA ILE B 207 -15.18 -7.67 -1.94
C ILE B 207 -16.46 -8.19 -1.21
N PRO B 208 -16.89 -9.44 -1.44
CA PRO B 208 -16.26 -10.46 -2.28
C PRO B 208 -16.30 -10.30 -3.78
N THR B 209 -15.33 -10.97 -4.41
CA THR B 209 -15.30 -11.12 -5.86
C THR B 209 -15.58 -12.63 -6.08
N THR B 210 -15.45 -13.10 -7.32
CA THR B 210 -15.68 -14.52 -7.57
C THR B 210 -14.56 -15.15 -8.41
N VAL B 211 -14.38 -16.47 -8.27
CA VAL B 211 -13.37 -17.17 -9.10
C VAL B 211 -13.61 -16.89 -10.58
N LYS B 212 -14.88 -16.87 -10.99
CA LYS B 212 -15.16 -16.64 -12.41
C LYS B 212 -14.78 -15.22 -12.85
N MET B 213 -15.12 -14.23 -12.04
CA MET B 213 -14.78 -12.84 -12.36
C MET B 213 -13.27 -12.67 -12.44
N GLU B 214 -12.53 -13.29 -11.48
CA GLU B 214 -11.08 -13.09 -11.46
C GLU B 214 -10.43 -13.81 -12.63
N LYS B 215 -10.94 -14.99 -12.99
CA LYS B 215 -10.38 -15.68 -14.15
C LYS B 215 -10.58 -14.80 -15.40
N ALA B 216 -11.67 -14.05 -15.43
CA ALA B 216 -11.98 -13.21 -16.59
C ALA B 216 -11.22 -11.86 -16.63
N CYS B 217 -10.84 -11.36 -15.47
CA CYS B 217 -10.24 -10.06 -15.37
C CYS B 217 -8.88 -9.83 -14.74
N ASN B 218 -8.48 -10.71 -13.83
CA ASN B 218 -7.24 -10.58 -13.05
C ASN B 218 -6.06 -10.88 -13.96
N PRO B 219 -5.14 -9.91 -14.13
CA PRO B 219 -4.02 -10.18 -15.04
C PRO B 219 -3.16 -11.32 -14.58
N PHE B 220 -3.05 -11.53 -13.24
CA PHE B 220 -2.19 -12.58 -12.75
C PHE B 220 -2.72 -13.98 -13.04
N LEU B 221 -4.02 -14.05 -13.41
CA LEU B 221 -4.62 -15.35 -13.77
C LEU B 221 -4.73 -15.43 -15.31
N ARG B 222 -4.11 -14.49 -15.99
CA ARG B 222 -4.19 -14.40 -17.46
C ARG B 222 -2.82 -14.18 -18.09
N SER B 223 -1.81 -14.79 -17.46
CA SER B 223 -0.42 -14.60 -17.83
C SER B 223 -0.05 -15.08 -19.24
N SER B 224 -0.88 -15.95 -19.81
CA SER B 224 -0.64 -16.39 -21.21
C SER B 224 -1.43 -15.56 -22.19
N ASN B 225 -2.17 -14.56 -21.68
CA ASN B 225 -2.93 -13.71 -22.58
C ASN B 225 -2.04 -12.96 -23.56
N THR B 226 -2.47 -12.83 -24.82
CA THR B 226 -1.63 -12.13 -25.79
C THR B 226 -1.49 -10.64 -25.61
N ASP B 227 -2.57 -9.94 -25.29
CA ASP B 227 -2.45 -8.50 -25.13
C ASP B 227 -1.53 -8.15 -23.96
N ILE B 228 -1.64 -8.92 -22.87
CA ILE B 228 -0.79 -8.67 -21.72
C ILE B 228 0.67 -8.91 -22.04
N ARG B 229 0.96 -10.02 -22.76
CA ARG B 229 2.32 -10.30 -23.15
C ARG B 229 2.84 -9.23 -24.09
N ARG B 230 1.99 -8.69 -24.96
CA ARG B 230 2.44 -7.66 -25.87
C ARG B 230 2.83 -6.39 -25.07
N ALA B 231 1.95 -5.97 -24.18
CA ALA B 231 2.18 -4.75 -23.43
C ALA B 231 3.44 -4.82 -22.56
N LEU B 232 3.77 -6.01 -22.09
CA LEU B 232 4.92 -6.14 -21.19
C LEU B 232 6.17 -6.79 -21.84
N ARG B 233 6.08 -7.02 -23.17
CA ARG B 233 7.14 -7.60 -23.95
C ARG B 233 7.53 -8.95 -23.36
N ILE B 234 6.53 -9.73 -22.95
CA ILE B 234 6.81 -11.05 -22.43
C ILE B 234 6.95 -12.00 -23.64
N PRO B 235 8.04 -12.78 -23.70
CA PRO B 235 8.28 -13.73 -24.80
C PRO B 235 7.12 -14.68 -24.99
N GLU B 236 6.78 -14.98 -26.25
CA GLU B 236 5.63 -15.86 -26.44
C GLU B 236 5.76 -17.23 -25.81
N ALA B 237 6.98 -17.76 -25.70
CA ALA B 237 7.16 -19.12 -25.18
C ALA B 237 7.58 -19.17 -23.70
N ALA B 238 7.64 -18.01 -23.05
CA ALA B 238 8.00 -17.97 -21.65
C ALA B 238 6.96 -18.72 -20.82
N ASP B 239 7.42 -19.42 -19.78
CA ASP B 239 6.43 -20.14 -18.98
C ASP B 239 5.61 -19.13 -18.15
N GLU B 240 4.48 -19.58 -17.62
CA GLU B 240 3.60 -18.63 -16.91
C GLU B 240 4.22 -18.13 -15.61
N ALA B 241 5.11 -18.89 -14.99
CA ALA B 241 5.75 -18.36 -13.76
C ALA B 241 6.62 -17.19 -14.15
N GLU B 242 7.37 -17.30 -15.25
CA GLU B 242 8.23 -16.18 -15.65
C GLU B 242 7.34 -14.97 -15.99
N ALA B 243 6.27 -15.24 -16.74
CA ALA B 243 5.33 -14.21 -17.14
C ALA B 243 4.75 -13.51 -15.87
N LEU B 244 4.22 -14.30 -14.93
CA LEU B 244 3.66 -13.70 -13.70
C LEU B 244 4.72 -12.87 -12.99
N GLY B 245 5.97 -13.37 -12.97
CA GLY B 245 7.03 -12.65 -12.32
C GLY B 245 7.22 -11.26 -12.93
N ILE B 246 7.12 -11.16 -14.27
CA ILE B 246 7.32 -9.90 -14.93
C ILE B 246 6.07 -9.02 -14.71
N ILE B 247 4.87 -9.61 -14.74
CA ILE B 247 3.64 -8.85 -14.55
C ILE B 247 3.70 -8.23 -13.14
N ARG B 248 4.25 -8.99 -12.20
CA ARG B 248 4.30 -8.53 -10.82
C ARG B 248 5.27 -7.35 -10.82
N LYS B 249 6.56 -7.65 -10.92
CA LYS B 249 7.55 -6.54 -10.84
C LYS B 249 7.09 -5.28 -11.62
N ALA B 250 6.29 -5.52 -12.69
CA ALA B 250 5.72 -4.44 -13.48
C ALA B 250 4.62 -3.70 -12.70
N LYS B 251 3.71 -4.43 -12.05
CA LYS B 251 2.64 -3.73 -11.33
C LYS B 251 3.20 -2.96 -10.13
N ASP B 252 4.20 -3.54 -9.47
CA ASP B 252 4.79 -2.92 -8.32
C ASP B 252 5.34 -1.51 -8.67
N ASP B 253 5.90 -1.38 -9.89
CA ASP B 253 6.50 -0.12 -10.33
C ASP B 253 5.60 0.74 -11.23
N PHE B 254 4.30 0.47 -11.19
CA PHE B 254 3.35 1.22 -12.03
C PHE B 254 2.92 2.53 -11.35
ZN ZN C . 5.64 5.97 -6.24
FE FE D . 3.16 7.14 -4.51
C ACY E . 6.61 1.95 3.00
O ACY E . 7.26 2.33 3.94
OXT ACY E . 6.32 0.67 2.87
CH3 ACY E . 6.12 2.90 1.93
C1 PEG F . -4.96 18.85 16.47
O1 PEG F . -5.02 17.49 17.12
C2 PEG F . -6.28 19.29 15.69
O2 PEG F . -7.42 19.30 16.53
C3 PEG F . -8.56 19.74 15.76
C4 PEG F . -9.83 19.74 16.63
O4 PEG F . -10.20 18.37 16.93
ZN ZN G . 0.52 -9.44 3.99
FE FE H . -2.11 -7.46 4.37
C ACY I . -1.08 -5.13 -5.02
O ACY I . -0.77 -5.50 -6.14
OXT ACY I . -2.09 -4.21 -4.87
CH3 ACY I . -0.38 -5.70 -3.82
N MET A 1 3.84 31.64 0.33
CA MET A 1 3.07 30.62 -0.48
C MET A 1 2.33 29.61 0.41
N GLN A 2 1.00 29.58 0.30
CA GLN A 2 0.20 28.66 1.09
C GLN A 2 0.21 27.32 0.39
N ILE A 3 0.35 26.24 1.15
CA ILE A 3 0.41 24.88 0.54
C ILE A 3 -0.86 24.15 0.96
N GLU A 4 -1.73 23.82 0.01
CA GLU A 4 -2.98 23.14 0.34
C GLU A 4 -2.81 21.65 0.20
N LEU A 5 -3.14 20.89 1.28
CA LEU A 5 -3.00 19.45 1.16
C LEU A 5 -4.29 18.97 0.57
N VAL A 6 -4.23 18.17 -0.49
CA VAL A 6 -5.43 17.61 -1.12
C VAL A 6 -5.35 16.10 -1.08
N PRO A 7 -6.29 15.44 -0.36
CA PRO A 7 -6.23 13.97 -0.35
C PRO A 7 -6.75 13.43 -1.67
N CYS A 8 -6.08 12.36 -2.16
CA CYS A 8 -6.46 11.69 -3.38
C CYS A 8 -6.39 10.19 -3.20
N LEU A 9 -7.16 9.51 -4.05
CA LEU A 9 -7.23 8.05 -4.02
C LEU A 9 -7.43 7.63 -2.57
N LYS A 10 -6.70 6.64 -2.13
CA LYS A 10 -6.89 6.10 -0.78
C LYS A 10 -6.00 6.69 0.28
N ASP A 11 -4.86 7.21 -0.16
CA ASP A 11 -3.92 7.77 0.80
C ASP A 11 -2.87 8.60 0.15
N ASN A 12 -3.17 9.14 -1.04
CA ASN A 12 -2.15 10.03 -1.63
C ASN A 12 -2.44 11.46 -1.23
N TYR A 13 -1.37 12.29 -1.24
CA TYR A 13 -1.59 13.71 -1.12
C TYR A 13 -1.04 14.40 -2.35
N ALA A 14 -1.86 15.29 -2.94
CA ALA A 14 -1.41 16.24 -3.98
C ALA A 14 -1.24 17.53 -3.16
N TYR A 15 -0.55 18.54 -3.69
CA TYR A 15 -0.39 19.77 -2.92
C TYR A 15 -0.67 20.94 -3.85
N ILE A 16 -1.77 21.68 -3.63
CA ILE A 16 -2.02 22.85 -4.49
C ILE A 16 -1.27 23.99 -3.83
N LEU A 17 -0.38 24.62 -4.61
CA LEU A 17 0.45 25.71 -4.17
C LEU A 17 -0.17 27.04 -4.59
N HIS A 18 -0.41 27.94 -3.63
CA HIS A 18 -1.04 29.21 -4.02
C HIS A 18 -0.03 30.33 -3.85
N ASP A 19 0.22 31.10 -4.90
CA ASP A 19 1.15 32.25 -4.78
C ASP A 19 0.34 33.55 -4.50
N GLU A 20 0.24 33.90 -3.22
CA GLU A 20 -0.57 35.03 -2.80
C GLU A 20 -0.23 36.33 -3.47
N ASP A 21 1.01 36.44 -3.98
CA ASP A 21 1.43 37.66 -4.61
C ASP A 21 1.10 37.70 -6.11
N THR A 22 0.49 36.65 -6.63
CA THR A 22 0.11 36.69 -8.03
C THR A 22 -1.13 35.90 -8.39
N GLY A 23 -1.54 34.98 -7.54
CA GLY A 23 -2.67 34.21 -8.04
C GLY A 23 -2.17 33.04 -8.92
N THR A 24 -0.86 32.87 -9.08
CA THR A 24 -0.37 31.72 -9.81
C THR A 24 -0.63 30.48 -8.94
N VAL A 25 -1.13 29.41 -9.54
CA VAL A 25 -1.41 28.18 -8.80
C VAL A 25 -0.71 27.00 -9.42
N GLY A 26 -0.05 26.22 -8.58
CA GLY A 26 0.58 25.01 -9.07
C GLY A 26 0.03 23.80 -8.29
N VAL A 27 0.12 22.60 -8.85
CA VAL A 27 -0.25 21.43 -8.08
C VAL A 27 0.89 20.39 -8.13
N VAL A 28 1.24 19.84 -6.98
CA VAL A 28 2.29 18.85 -6.91
C VAL A 28 1.61 17.48 -6.91
N ASP A 29 1.98 16.61 -7.82
CA ASP A 29 1.45 15.22 -7.84
C ASP A 29 -0.09 15.01 -7.85
N PRO A 30 -0.78 15.54 -8.89
CA PRO A 30 -2.24 15.38 -9.02
C PRO A 30 -2.58 13.93 -9.41
N SER A 31 -2.84 13.06 -8.41
CA SER A 31 -3.18 11.65 -8.64
C SER A 31 -4.32 11.44 -9.59
N GLU A 32 -5.27 12.36 -9.47
CA GLU A 32 -6.49 12.31 -10.28
C GLU A 32 -6.93 13.78 -10.44
N ALA A 33 -7.60 14.10 -11.55
CA ALA A 33 -7.98 15.49 -11.80
C ALA A 33 -9.09 16.03 -10.96
N GLU A 34 -10.15 15.21 -10.75
CA GLU A 34 -11.32 15.71 -10.05
C GLU A 34 -11.12 16.49 -8.74
N PRO A 35 -10.41 15.91 -7.75
CA PRO A 35 -10.15 16.60 -6.47
C PRO A 35 -9.43 17.97 -6.65
N ILE A 36 -8.53 18.06 -7.63
CA ILE A 36 -7.82 19.34 -7.87
C ILE A 36 -8.81 20.36 -8.41
N ILE A 37 -9.57 19.93 -9.40
CA ILE A 37 -10.61 20.76 -9.99
C ILE A 37 -11.56 21.21 -8.91
N ASP A 38 -11.98 20.28 -8.05
CA ASP A 38 -12.91 20.62 -6.98
C ASP A 38 -12.38 21.74 -6.13
N SER A 39 -11.09 21.67 -5.81
CA SER A 39 -10.44 22.74 -5.04
C SER A 39 -10.25 24.04 -5.83
N LEU A 40 -9.89 23.95 -7.11
CA LEU A 40 -9.69 25.16 -7.92
C LEU A 40 -11.03 25.96 -8.06
N LYS A 41 -12.13 25.24 -8.18
CA LYS A 41 -13.42 25.89 -8.32
C LYS A 41 -13.67 26.72 -7.06
N ARG A 42 -13.11 26.30 -5.94
CA ARG A 42 -13.30 27.01 -4.69
C ARG A 42 -12.61 28.36 -4.73
N SER A 43 -11.32 28.35 -4.88
CA SER A 43 -10.57 29.59 -4.91
C SER A 43 -10.90 30.40 -6.15
N GLY A 44 -11.64 29.80 -7.06
CA GLY A 44 -11.98 30.50 -8.28
C GLY A 44 -10.76 30.84 -9.12
N ARG A 45 -9.72 30.02 -9.05
CA ARG A 45 -8.49 30.27 -9.82
C ARG A 45 -8.25 29.12 -10.82
N ASN A 46 -7.48 29.41 -11.87
CA ASN A 46 -7.13 28.43 -12.91
C ASN A 46 -5.79 27.83 -12.56
N LEU A 47 -5.51 26.65 -13.08
CA LEU A 47 -4.21 25.97 -12.81
C LEU A 47 -3.11 26.41 -13.80
N THR A 48 -1.95 26.89 -13.32
CA THR A 48 -0.87 27.31 -14.22
C THR A 48 0.17 26.20 -14.43
N TYR A 49 0.49 25.54 -13.32
CA TYR A 49 1.52 24.51 -13.30
C TYR A 49 1.18 23.18 -12.65
N ILE A 50 1.72 22.11 -13.21
CA ILE A 50 1.62 20.76 -12.63
C ILE A 50 3.09 20.35 -12.46
N LEU A 51 3.42 19.79 -11.31
CA LEU A 51 4.82 19.38 -11.00
C LEU A 51 4.73 17.97 -10.46
N ASN A 52 5.52 17.06 -11.05
CA ASN A 52 5.50 15.69 -10.61
C ASN A 52 6.83 15.33 -9.94
N THR A 53 6.73 14.55 -8.88
CA THR A 53 7.94 14.12 -8.17
C THR A 53 8.52 12.83 -8.77
N HIS A 54 7.71 12.09 -9.46
CA HIS A 54 8.19 10.83 -10.04
C HIS A 54 7.03 10.30 -10.96
N HIS A 55 7.26 9.21 -11.69
CA HIS A 55 6.36 8.75 -12.75
C HIS A 55 5.17 7.83 -12.47
N HIS A 56 5.13 7.33 -11.24
CA HIS A 56 4.09 6.35 -10.90
C HIS A 56 2.72 6.93 -11.09
N TYR A 57 1.82 6.11 -11.63
CA TYR A 57 0.49 6.55 -11.96
C TYR A 57 -0.22 7.33 -10.84
N ASP A 58 -0.01 6.91 -9.60
CA ASP A 58 -0.68 7.64 -8.50
C ASP A 58 -0.14 9.03 -8.23
N HIS A 59 0.85 9.48 -9.03
CA HIS A 59 1.37 10.86 -8.89
C HIS A 59 1.24 11.64 -10.21
N THR A 60 0.82 10.94 -11.29
CA THR A 60 0.75 11.60 -12.62
C THR A 60 -0.63 11.37 -13.31
N GLY A 61 -1.47 10.54 -12.70
CA GLY A 61 -2.75 10.19 -13.30
C GLY A 61 -3.66 11.34 -13.67
N GLY A 62 -3.47 12.49 -13.00
CA GLY A 62 -4.28 13.65 -13.29
C GLY A 62 -3.68 14.57 -14.34
N ASN A 63 -2.41 14.39 -14.69
CA ASN A 63 -1.71 15.32 -15.61
C ASN A 63 -2.46 15.66 -16.92
N LEU A 64 -3.12 14.67 -17.51
CA LEU A 64 -3.73 14.95 -18.82
C LEU A 64 -4.95 15.82 -18.76
N GLU A 65 -5.90 15.42 -17.93
CA GLU A 65 -7.12 16.22 -17.86
C GLU A 65 -6.80 17.64 -17.40
N LEU A 66 -5.75 17.78 -16.58
CA LEU A 66 -5.39 19.11 -16.10
C LEU A 66 -4.61 19.90 -17.17
N LYS A 67 -3.66 19.25 -17.82
CA LYS A 67 -2.88 19.90 -18.86
C LYS A 67 -3.83 20.24 -20.02
N ASP A 68 -4.88 19.44 -20.26
CA ASP A 68 -5.85 19.72 -21.35
C ASP A 68 -6.84 20.79 -20.91
N ARG A 69 -7.60 20.52 -19.83
CA ARG A 69 -8.64 21.44 -19.34
C ARG A 69 -8.20 22.85 -19.05
N TYR A 70 -7.04 22.98 -18.40
CA TYR A 70 -6.52 24.28 -18.06
C TYR A 70 -5.43 24.68 -19.03
N GLY A 71 -5.02 23.79 -19.91
CA GLY A 71 -3.89 24.10 -20.78
C GLY A 71 -2.67 24.27 -19.87
N ALA A 72 -2.75 23.71 -18.65
CA ALA A 72 -1.67 23.85 -17.67
C ALA A 72 -0.37 23.25 -18.18
N LYS A 73 0.82 23.75 -17.76
CA LYS A 73 2.03 23.11 -18.27
C LYS A 73 2.52 22.07 -17.23
N VAL A 74 3.26 21.05 -17.68
CA VAL A 74 3.83 20.02 -16.77
C VAL A 74 5.36 20.29 -16.59
N ILE A 75 5.82 20.17 -15.35
CA ILE A 75 7.23 20.45 -14.98
C ILE A 75 7.71 19.22 -14.24
N GLY A 76 8.69 18.52 -14.83
CA GLY A 76 9.16 17.29 -14.17
C GLY A 76 10.67 17.01 -14.35
N SER A 77 11.08 15.78 -14.10
CA SER A 77 12.51 15.46 -14.16
C SER A 77 13.10 15.18 -15.52
N ALA A 78 14.24 15.84 -15.85
CA ALA A 78 14.85 15.60 -17.13
C ALA A 78 15.30 14.13 -17.19
N MET A 79 15.82 13.62 -16.07
CA MET A 79 16.23 12.23 -16.08
C MET A 79 15.11 11.21 -16.07
N ASP A 80 13.89 11.67 -16.39
CA ASP A 80 12.70 10.82 -16.42
C ASP A 80 11.75 11.31 -17.45
N LYS A 81 12.16 12.32 -18.23
CA LYS A 81 11.26 12.97 -19.18
C LYS A 81 10.34 12.05 -19.96
N ASP A 82 10.89 10.93 -20.45
CA ASP A 82 10.07 10.04 -21.24
C ASP A 82 9.08 9.23 -20.45
N ARG A 83 8.83 9.64 -19.20
CA ARG A 83 7.86 8.97 -18.35
C ARG A 83 6.84 9.87 -17.65
N ILE A 84 6.90 11.18 -17.89
CA ILE A 84 5.98 12.12 -17.22
C ILE A 84 4.93 12.54 -18.27
N PRO A 85 3.71 12.08 -18.12
CA PRO A 85 2.72 12.48 -19.13
C PRO A 85 2.51 13.94 -19.31
N GLY A 86 2.56 14.36 -20.60
CA GLY A 86 2.29 15.75 -20.92
C GLY A 86 3.36 16.78 -20.56
N ILE A 87 4.56 16.32 -20.19
CA ILE A 87 5.63 17.22 -19.77
C ILE A 87 5.92 18.28 -20.84
N ASP A 88 5.96 19.51 -20.35
CA ASP A 88 6.27 20.66 -21.15
C ASP A 88 7.68 21.13 -20.84
N MET A 89 8.27 20.75 -19.71
CA MET A 89 9.63 21.23 -19.39
C MET A 89 10.29 20.27 -18.41
N ALA A 90 11.52 19.82 -18.75
CA ALA A 90 12.22 18.81 -17.96
C ALA A 90 13.45 19.37 -17.21
N LEU A 91 13.45 19.21 -15.89
CA LEU A 91 14.50 19.79 -15.09
C LEU A 91 15.50 18.79 -14.59
N LYS A 92 16.74 19.24 -14.57
CA LYS A 92 17.90 18.46 -14.16
C LYS A 92 18.21 18.68 -12.72
N ASP A 93 19.06 17.82 -12.15
CA ASP A 93 19.48 17.98 -10.77
C ASP A 93 20.19 19.35 -10.53
N GLY A 94 19.86 19.98 -9.40
CA GLY A 94 20.38 21.29 -9.02
C GLY A 94 19.79 22.48 -9.78
N ASP A 95 18.87 22.25 -10.69
CA ASP A 95 18.28 23.40 -11.37
C ASP A 95 17.48 24.21 -10.41
N LYS A 96 17.40 25.54 -10.68
CA LYS A 96 16.52 26.43 -9.94
C LYS A 96 15.42 26.68 -11.00
N TRP A 97 14.18 26.73 -10.52
CA TRP A 97 12.98 26.96 -11.38
C TRP A 97 12.11 27.95 -10.60
N MET A 98 11.62 29.01 -11.25
CA MET A 98 10.85 30.02 -10.51
C MET A 98 9.32 29.83 -10.58
N PHE A 99 8.71 29.71 -9.41
CA PHE A 99 7.26 29.59 -9.24
C PHE A 99 6.87 31.02 -8.92
N ALA A 100 6.39 31.78 -9.92
CA ALA A 100 6.04 33.19 -9.68
C ALA A 100 7.20 33.88 -8.96
N GLY A 101 8.42 33.75 -9.42
CA GLY A 101 9.41 34.55 -8.67
C GLY A 101 9.95 34.04 -7.33
N HIS A 102 9.61 32.80 -7.01
CA HIS A 102 10.11 32.14 -5.79
C HIS A 102 10.82 30.89 -6.28
N GLU A 103 12.00 30.71 -5.77
CA GLU A 103 12.83 29.60 -6.22
C GLU A 103 12.40 28.23 -5.77
N VAL A 104 12.58 27.29 -6.67
CA VAL A 104 12.35 25.86 -6.37
C VAL A 104 13.73 25.20 -6.58
N HIS A 105 14.24 24.53 -5.53
CA HIS A 105 15.55 23.84 -5.52
C HIS A 105 15.27 22.40 -5.92
N VAL A 106 15.69 22.04 -7.15
CA VAL A 106 15.42 20.71 -7.68
C VAL A 106 16.50 19.73 -7.29
N MET A 107 16.11 18.65 -6.60
CA MET A 107 17.08 17.62 -6.24
C MET A 107 16.78 16.27 -6.92
N ASP A 108 17.77 15.59 -7.49
CA ASP A 108 17.43 14.23 -7.94
C ASP A 108 17.41 13.40 -6.64
N THR A 109 16.44 12.49 -6.48
CA THR A 109 16.33 11.67 -5.26
C THR A 109 15.97 10.23 -5.57
N PRO A 110 16.81 9.56 -6.39
CA PRO A 110 16.59 8.18 -6.78
C PRO A 110 16.45 7.18 -5.60
N GLY A 111 15.72 6.09 -5.79
CA GLY A 111 15.59 5.08 -4.75
C GLY A 111 14.32 4.32 -5.04
N HIS A 112 13.20 4.98 -4.73
CA HIS A 112 11.88 4.40 -5.00
C HIS A 112 11.82 4.22 -6.55
N THR A 113 12.26 5.22 -7.30
CA THR A 113 12.40 5.05 -8.77
C THR A 113 13.70 5.78 -9.11
N LYS A 114 14.15 5.54 -10.35
CA LYS A 114 15.32 6.22 -10.85
C LYS A 114 14.65 7.35 -11.64
N GLY A 115 14.91 8.58 -11.25
CA GLY A 115 14.32 9.71 -11.94
C GLY A 115 13.55 10.55 -10.92
N HIS A 116 13.26 9.96 -9.75
CA HIS A 116 12.53 10.70 -8.70
C HIS A 116 13.26 11.97 -8.33
N ILE A 117 12.51 13.08 -8.23
CA ILE A 117 13.12 14.32 -7.75
C ILE A 117 12.33 14.81 -6.51
N SER A 118 12.92 15.70 -5.71
CA SER A 118 12.21 16.34 -4.60
C SER A 118 12.32 17.85 -4.92
N LEU A 119 11.38 18.67 -4.39
CA LEU A 119 11.36 20.08 -4.74
C LEU A 119 11.28 20.89 -3.45
N TYR A 120 12.34 21.68 -3.17
CA TYR A 120 12.47 22.47 -1.98
C TYR A 120 12.26 23.96 -2.27
N PHE A 121 11.25 24.53 -1.62
CA PHE A 121 10.95 25.97 -1.77
C PHE A 121 11.66 26.63 -0.57
N PRO A 122 12.87 27.18 -0.79
CA PRO A 122 13.57 27.79 0.34
C PRO A 122 12.76 28.90 1.02
N GLY A 123 12.13 29.73 0.20
CA GLY A 123 11.36 30.86 0.75
C GLY A 123 10.17 30.46 1.58
N SER A 124 9.87 29.17 1.56
CA SER A 124 8.74 28.64 2.30
C SER A 124 9.18 27.56 3.30
N ARG A 125 10.46 27.31 3.41
CA ARG A 125 11.05 26.25 4.27
C ARG A 125 10.23 24.98 4.07
N ALA A 126 10.01 24.63 2.81
CA ALA A 126 9.19 23.47 2.47
C ALA A 126 9.82 22.62 1.38
N ILE A 127 9.73 21.28 1.54
CA ILE A 127 10.22 20.41 0.50
C ILE A 127 9.15 19.31 0.24
N PHE A 128 8.85 19.15 -1.07
CA PHE A 128 7.92 18.08 -1.51
C PHE A 128 8.82 16.90 -1.85
N THR A 129 8.67 15.77 -1.10
CA THR A 129 9.58 14.64 -1.26
C THR A 129 9.02 13.40 -1.99
N GLY A 130 7.84 13.54 -2.56
CA GLY A 130 7.26 12.40 -3.32
C GLY A 130 7.29 11.15 -2.42
N ASP A 131 7.69 9.97 -2.95
CA ASP A 131 7.75 8.80 -2.07
C ASP A 131 9.21 8.50 -1.65
N THR A 132 10.11 9.47 -1.84
CA THR A 132 11.49 9.27 -1.38
C THR A 132 11.37 9.13 0.16
N MET A 133 10.92 10.19 0.86
CA MET A 133 10.77 10.09 2.33
C MET A 133 9.27 10.14 2.69
N PHE A 134 8.88 9.49 3.79
CA PHE A 134 7.54 9.65 4.33
C PHE A 134 7.66 10.04 5.79
N SER A 135 6.49 10.22 6.48
CA SER A 135 6.57 10.44 7.92
C SER A 135 6.81 9.05 8.45
N LEU A 136 8.05 8.86 8.95
CA LEU A 136 8.60 7.63 9.54
C LEU A 136 8.87 6.50 8.58
N SER A 137 8.88 6.81 7.29
CA SER A 137 9.20 5.76 6.31
C SER A 137 9.83 6.37 5.08
N CYS A 138 9.83 5.52 4.02
CA CYS A 138 10.41 5.82 2.70
C CYS A 138 9.78 4.83 1.77
N GLY A 139 9.65 5.25 0.50
CA GLY A 139 9.04 4.39 -0.48
C GLY A 139 9.83 3.10 -0.54
N LYS A 140 9.19 2.05 -0.96
CA LYS A 140 9.96 0.82 -1.21
C LYS A 140 10.92 1.08 -2.40
N LEU A 141 11.90 0.20 -2.61
CA LEU A 141 12.89 0.45 -3.67
C LEU A 141 12.62 -0.31 -4.97
N PHE A 142 11.59 0.12 -5.67
CA PHE A 142 11.19 -0.50 -6.94
C PHE A 142 12.27 -0.38 -8.00
N GLU A 143 13.00 0.74 -8.05
CA GLU A 143 14.04 0.86 -9.10
C GLU A 143 15.47 1.16 -8.66
N GLY A 144 15.65 1.81 -7.51
CA GLY A 144 16.98 2.20 -7.06
C GLY A 144 17.54 1.28 -5.98
N THR A 145 18.75 1.60 -5.56
CA THR A 145 19.44 0.83 -4.58
C THR A 145 19.33 1.42 -3.21
N PRO A 146 19.65 0.61 -2.18
CA PRO A 146 19.62 1.09 -0.80
C PRO A 146 20.65 2.22 -0.76
N LYS A 147 21.74 2.11 -1.55
CA LYS A 147 22.71 3.18 -1.49
C LYS A 147 22.17 4.51 -2.02
N GLN A 148 21.43 4.42 -3.12
CA GLN A 148 20.85 5.58 -3.72
C GLN A 148 19.80 6.17 -2.78
N MET A 149 18.94 5.32 -2.23
CA MET A 149 17.94 5.84 -1.31
C MET A 149 18.64 6.52 -0.12
N LEU A 150 19.67 5.92 0.46
CA LEU A 150 20.32 6.58 1.59
C LEU A 150 20.85 7.97 1.18
N ALA A 151 21.45 8.05 0.00
CA ALA A 151 22.02 9.31 -0.46
C ALA A 151 20.91 10.35 -0.63
N SER A 152 19.80 9.93 -1.26
CA SER A 152 18.67 10.87 -1.50
C SER A 152 18.10 11.35 -0.19
N LEU A 153 18.03 10.44 0.79
CA LEU A 153 17.53 10.80 2.11
C LEU A 153 18.46 11.79 2.78
N GLN A 154 19.78 11.54 2.68
CA GLN A 154 20.74 12.48 3.28
C GLN A 154 20.64 13.90 2.68
N LYS A 155 20.32 14.03 1.38
CA LYS A 155 20.18 15.36 0.83
C LYS A 155 19.05 16.07 1.59
N ILE A 156 17.92 15.36 1.82
CA ILE A 156 16.77 15.99 2.52
C ILE A 156 17.23 16.37 3.93
N THR A 157 17.75 15.43 4.71
CA THR A 157 18.11 15.78 6.08
C THR A 157 19.22 16.85 6.20
N SER A 158 19.86 17.19 5.09
CA SER A 158 20.93 18.22 5.06
C SER A 158 20.31 19.63 5.03
N LEU A 159 18.97 19.70 4.93
CA LEU A 159 18.22 20.96 4.97
C LEU A 159 17.98 21.35 6.46
N PRO A 160 17.61 22.61 6.72
CA PRO A 160 17.40 23.05 8.09
C PRO A 160 16.33 22.22 8.78
N ASP A 161 16.51 22.04 10.10
CA ASP A 161 15.58 21.23 10.85
C ASP A 161 14.17 21.77 10.79
N ASP A 162 14.03 23.04 10.51
CA ASP A 162 12.69 23.62 10.48
C ASP A 162 12.02 23.55 9.08
N THR A 163 12.51 22.65 8.25
CA THR A 163 11.97 22.52 6.92
C THR A 163 10.76 21.58 7.04
N SER A 164 9.66 21.99 6.47
CA SER A 164 8.44 21.16 6.46
C SER A 164 8.60 20.16 5.31
N ILE A 165 8.24 18.89 5.56
CA ILE A 165 8.38 17.78 4.59
C ILE A 165 6.97 17.36 4.20
N TYR A 166 6.67 17.51 2.89
CA TYR A 166 5.35 17.16 2.32
C TYR A 166 5.67 15.99 1.38
N CYS A 167 5.29 14.76 1.80
CA CYS A 167 5.57 13.55 1.16
C CYS A 167 4.31 12.99 0.40
N GLY A 168 4.51 12.03 -0.43
CA GLY A 168 3.45 11.46 -1.28
C GLY A 168 2.24 10.78 -0.64
N HIS A 169 2.40 10.20 0.52
CA HIS A 169 1.26 9.48 1.12
C HIS A 169 1.20 9.70 2.63
N GLU A 170 0.03 9.33 3.14
CA GLU A 170 -0.31 9.44 4.57
C GLU A 170 -0.17 7.96 5.08
N TYR A 171 1.09 7.55 5.31
CA TYR A 171 1.39 6.19 5.76
C TYR A 171 1.86 6.21 7.23
N THR A 172 1.79 7.40 7.83
CA THR A 172 2.45 7.62 9.11
C THR A 172 2.07 6.72 10.27
N LEU A 173 0.79 6.48 10.42
CA LEU A 173 0.37 5.63 11.53
C LEU A 173 0.94 4.19 11.38
N SER A 174 0.71 3.56 10.20
CA SER A 174 1.17 2.21 9.95
C SER A 174 2.69 2.25 10.07
N ASN A 175 3.30 3.32 9.57
CA ASN A 175 4.77 3.46 9.62
C ASN A 175 5.22 3.42 11.07
N SER A 176 4.44 4.02 11.96
CA SER A 176 4.88 4.01 13.35
C SER A 176 4.74 2.62 14.00
N LYS A 177 3.82 1.79 13.50
CA LYS A 177 3.72 0.45 14.07
C LYS A 177 5.10 -0.24 13.97
N PHE A 178 5.69 -0.17 12.80
CA PHE A 178 6.98 -0.80 12.57
C PHE A 178 8.08 0.02 13.35
N ALA A 179 8.06 1.33 13.23
CA ALA A 179 9.07 2.13 13.90
C ALA A 179 9.15 1.80 15.41
N LEU A 180 8.03 1.54 16.04
CA LEU A 180 8.02 1.26 17.49
C LEU A 180 8.46 -0.19 17.76
N SER A 181 8.35 -1.06 16.77
CA SER A 181 8.81 -2.45 16.99
C SER A 181 10.33 -2.51 17.03
N LEU A 182 10.98 -1.51 16.43
CA LEU A 182 12.46 -1.48 16.39
C LEU A 182 13.11 -0.58 17.43
N GLU A 183 12.49 0.54 17.79
CA GLU A 183 13.17 1.48 18.73
C GLU A 183 12.16 1.94 19.74
N PRO A 184 11.61 1.02 20.50
CA PRO A 184 10.60 1.36 21.49
C PRO A 184 11.04 2.31 22.59
N ASN A 185 12.34 2.35 22.87
CA ASN A 185 12.83 3.23 23.96
C ASN A 185 13.11 4.64 23.48
N ASN A 186 12.74 4.92 22.22
CA ASN A 186 12.95 6.28 21.70
C ASN A 186 11.80 7.17 22.15
N GLU A 187 12.13 8.16 22.97
CA GLU A 187 11.05 8.99 23.52
C GLU A 187 10.39 9.94 22.62
N VAL A 188 11.13 10.44 21.65
CA VAL A 188 10.55 11.36 20.72
C VAL A 188 9.59 10.52 19.92
N LEU A 189 10.02 9.33 19.49
CA LEU A 189 9.10 8.47 18.70
C LEU A 189 7.84 8.05 19.50
N GLN A 190 8.00 7.72 20.78
CA GLN A 190 6.83 7.33 21.59
C GLN A 190 5.75 8.37 21.55
N SER A 191 6.09 9.62 21.79
CA SER A 191 5.07 10.64 21.80
C SER A 191 4.58 10.96 20.35
N TYR A 192 5.52 10.94 19.40
CA TYR A 192 5.13 11.18 18.02
C TYR A 192 4.09 10.14 17.59
N ALA A 193 4.36 8.87 17.86
CA ALA A 193 3.41 7.88 17.43
C ALA A 193 2.05 8.14 18.08
N ALA A 194 2.02 8.66 19.31
CA ALA A 194 0.73 8.96 19.94
C ALA A 194 0.09 10.15 19.26
N HIS A 195 0.91 11.14 18.95
CA HIS A 195 0.36 12.32 18.26
C HIS A 195 -0.20 11.87 16.92
N VAL A 196 0.44 10.86 16.32
CA VAL A 196 0.03 10.29 15.01
C VAL A 196 -1.25 9.45 15.14
N ALA A 197 -1.41 8.80 16.27
CA ALA A 197 -2.58 7.99 16.51
C ALA A 197 -3.79 8.90 16.78
N GLU A 198 -3.63 9.89 17.65
CA GLU A 198 -4.73 10.84 17.89
C GLU A 198 -5.19 11.46 16.58
N LEU A 199 -4.23 11.91 15.75
CA LEU A 199 -4.55 12.58 14.46
C LEU A 199 -5.34 11.60 13.56
N ARG A 200 -4.94 10.35 13.49
CA ARG A 200 -5.65 9.42 12.65
C ARG A 200 -6.93 8.92 13.30
N SER A 201 -7.20 9.40 14.52
CA SER A 201 -8.45 9.04 15.19
C SER A 201 -9.58 9.94 14.72
N LYS A 202 -9.23 11.17 14.31
CA LYS A 202 -10.20 12.12 13.75
C LYS A 202 -9.96 12.48 12.27
N LYS A 203 -9.28 11.57 11.58
CA LYS A 203 -9.01 11.67 10.15
C LYS A 203 -8.32 12.98 9.75
N LEU A 204 -7.38 13.42 10.56
CA LEU A 204 -6.60 14.60 10.21
C LEU A 204 -5.24 14.15 9.63
N PRO A 205 -4.53 15.07 8.97
CA PRO A 205 -3.22 14.70 8.40
C PRO A 205 -2.07 14.67 9.37
N THR A 206 -1.05 13.86 9.02
CA THR A 206 0.15 13.83 9.83
C THR A 206 1.25 14.54 8.99
N ILE A 207 0.81 15.22 7.91
CA ILE A 207 1.78 15.87 7.02
C ILE A 207 1.37 17.36 7.05
N PRO A 208 2.34 18.26 7.04
CA PRO A 208 3.78 18.04 6.97
C PRO A 208 4.47 17.49 8.22
N THR A 209 5.59 16.81 8.00
CA THR A 209 6.41 16.47 9.12
C THR A 209 7.63 17.44 8.97
N THR A 210 8.68 17.26 9.81
CA THR A 210 9.85 18.16 9.65
C THR A 210 11.14 17.37 9.58
N VAL A 211 12.22 18.00 9.11
CA VAL A 211 13.49 17.31 9.08
C VAL A 211 13.90 16.85 10.50
N LYS A 212 13.86 17.78 11.47
CA LYS A 212 14.27 17.46 12.83
C LYS A 212 13.44 16.30 13.33
N MET A 213 12.18 16.24 12.99
CA MET A 213 11.39 15.10 13.49
C MET A 213 11.75 13.80 12.83
N GLU A 214 12.03 13.79 11.53
CA GLU A 214 12.31 12.48 10.90
C GLU A 214 13.78 12.11 11.18
N LYS A 215 14.54 13.09 11.65
CA LYS A 215 15.93 12.74 12.00
C LYS A 215 15.96 11.72 13.14
N ALA A 216 15.44 12.13 14.29
CA ALA A 216 15.51 11.23 15.44
C ALA A 216 14.34 10.29 15.59
N CYS A 217 13.42 10.25 14.62
CA CYS A 217 12.29 9.41 14.92
C CYS A 217 11.96 8.42 13.89
N ASN A 218 12.53 8.63 12.67
CA ASN A 218 12.25 7.81 11.46
C ASN A 218 13.39 6.75 11.36
N PRO A 219 13.06 5.44 11.45
CA PRO A 219 14.18 4.45 11.38
C PRO A 219 15.10 4.51 10.21
N PHE A 220 14.60 4.92 9.05
CA PHE A 220 15.54 4.92 7.92
C PHE A 220 16.60 6.02 8.03
N LEU A 221 16.45 6.93 8.99
CA LEU A 221 17.43 7.98 9.20
C LEU A 221 18.19 7.71 10.49
N ARG A 222 17.97 6.54 11.11
CA ARG A 222 18.57 6.27 12.43
C ARG A 222 19.20 4.87 12.52
N SER A 223 19.56 4.36 11.37
CA SER A 223 20.06 3.00 11.23
C SER A 223 21.35 2.60 11.95
N SER A 224 22.03 3.59 12.55
CA SER A 224 23.22 3.31 13.33
C SER A 224 22.85 3.13 14.83
N ASN A 225 21.58 3.44 15.18
CA ASN A 225 21.12 3.29 16.52
C ASN A 225 21.34 1.83 16.89
N THR A 226 21.90 1.62 18.08
CA THR A 226 22.20 0.28 18.56
C THR A 226 20.96 -0.60 18.76
N ASP A 227 19.85 0.02 19.15
CA ASP A 227 18.65 -0.76 19.38
C ASP A 227 18.02 -1.24 18.09
N ILE A 228 17.99 -0.35 17.10
CA ILE A 228 17.44 -0.72 15.82
C ILE A 228 18.31 -1.83 15.23
N ARG A 229 19.65 -1.69 15.32
CA ARG A 229 20.50 -2.76 14.72
C ARG A 229 20.33 -4.12 15.40
N ARG A 230 20.31 -4.12 16.71
CA ARG A 230 20.11 -5.37 17.41
C ARG A 230 18.69 -5.90 17.15
N ALA A 231 17.67 -5.04 17.17
CA ALA A 231 16.30 -5.53 16.92
C ALA A 231 16.16 -6.14 15.52
N LEU A 232 17.18 -5.92 14.64
CA LEU A 232 17.15 -6.45 13.26
C LEU A 232 18.37 -7.26 12.84
N ARG A 233 19.11 -7.78 13.81
CA ARG A 233 20.34 -8.57 13.53
C ARG A 233 21.21 -7.91 12.49
N ILE A 234 21.34 -6.60 12.65
CA ILE A 234 22.21 -5.82 11.77
C ILE A 234 23.60 -5.83 12.42
N PRO A 235 24.54 -6.47 11.76
CA PRO A 235 25.88 -6.52 12.33
C PRO A 235 26.44 -5.12 12.54
N GLU A 236 27.33 -5.00 13.51
CA GLU A 236 27.96 -3.71 13.71
C GLU A 236 28.79 -3.31 12.50
N ALA A 237 29.33 -4.30 11.79
CA ALA A 237 30.16 -3.96 10.64
C ALA A 237 29.42 -3.40 9.47
N ALA A 238 28.09 -3.40 9.50
CA ALA A 238 27.41 -2.86 8.35
C ALA A 238 27.47 -1.33 8.37
N ASP A 239 27.57 -0.74 7.19
CA ASP A 239 27.61 0.71 7.09
C ASP A 239 26.10 1.13 7.01
N GLU A 240 25.84 2.42 6.83
CA GLU A 240 24.47 2.92 6.79
C GLU A 240 23.61 2.42 5.63
N ALA A 241 24.22 2.33 4.44
CA ALA A 241 23.50 1.91 3.23
C ALA A 241 23.09 0.44 3.37
N GLU A 242 24.02 -0.37 3.86
CA GLU A 242 23.70 -1.80 4.06
C GLU A 242 22.59 -1.96 5.12
N ALA A 243 22.68 -1.20 6.24
CA ALA A 243 21.64 -1.31 7.29
C ALA A 243 20.27 -0.88 6.69
N LEU A 244 20.27 0.20 5.91
CA LEU A 244 19.00 0.65 5.30
C LEU A 244 18.38 -0.47 4.46
N GLY A 245 19.22 -1.19 3.69
CA GLY A 245 18.73 -2.29 2.87
C GLY A 245 18.00 -3.39 3.68
N ILE A 246 18.51 -3.74 4.85
CA ILE A 246 17.85 -4.74 5.72
C ILE A 246 16.61 -4.13 6.39
N ILE A 247 16.68 -2.86 6.82
CA ILE A 247 15.54 -2.19 7.41
C ILE A 247 14.40 -2.19 6.40
N ARG A 248 14.71 -1.79 5.17
CA ARG A 248 13.67 -1.66 4.14
C ARG A 248 13.11 -3.01 3.78
N LYS A 249 13.85 -4.06 4.05
CA LYS A 249 13.36 -5.43 3.75
C LYS A 249 12.45 -5.89 4.89
N ALA A 250 12.85 -5.55 6.11
CA ALA A 250 12.04 -6.00 7.23
C ALA A 250 10.65 -5.33 7.18
N LYS A 251 10.64 -4.02 7.08
CA LYS A 251 9.36 -3.34 7.01
C LYS A 251 8.54 -3.92 5.86
N ASP A 252 9.19 -4.13 4.69
CA ASP A 252 8.49 -4.69 3.55
C ASP A 252 7.71 -5.93 3.93
N ASP A 253 8.32 -6.78 4.77
CA ASP A 253 7.71 -8.06 5.11
C ASP A 253 7.14 -8.09 6.55
N PHE A 254 6.84 -6.89 7.09
CA PHE A 254 6.35 -6.73 8.48
C PHE A 254 4.81 -6.99 8.53
N MET B 1 -23.93 -19.74 7.12
CA MET B 1 -22.85 -18.91 7.75
C MET B 1 -22.95 -17.50 7.20
N GLN B 2 -23.03 -16.49 8.06
CA GLN B 2 -23.12 -15.12 7.57
C GLN B 2 -21.73 -14.56 7.75
N ILE B 3 -21.06 -14.29 6.63
CA ILE B 3 -19.71 -13.71 6.65
C ILE B 3 -19.80 -12.20 6.75
N GLU B 4 -19.47 -11.69 7.95
CA GLU B 4 -19.53 -10.26 8.27
C GLU B 4 -18.27 -9.59 7.78
N LEU B 5 -18.40 -8.67 6.81
CA LEU B 5 -17.25 -8.00 6.31
C LEU B 5 -17.02 -6.78 7.24
N VAL B 6 -15.79 -6.69 7.81
CA VAL B 6 -15.36 -5.61 8.74
C VAL B 6 -14.11 -4.91 8.23
N PRO B 7 -14.25 -3.60 7.92
CA PRO B 7 -13.08 -2.89 7.45
C PRO B 7 -12.27 -2.62 8.69
N CYS B 8 -10.93 -2.68 8.51
CA CYS B 8 -9.92 -2.46 9.52
C CYS B 8 -8.84 -1.49 9.06
N LEU B 9 -8.24 -0.73 10.00
CA LEU B 9 -7.19 0.22 9.63
C LEU B 9 -7.61 1.04 8.36
N LYS B 10 -6.78 1.05 7.32
CA LYS B 10 -7.02 1.87 6.12
C LYS B 10 -7.74 1.11 5.03
N ASP B 11 -7.26 -0.10 4.79
CA ASP B 11 -7.86 -0.87 3.73
C ASP B 11 -7.85 -2.39 3.93
N ASN B 12 -7.66 -2.82 5.21
CA ASN B 12 -7.71 -4.22 5.52
C ASN B 12 -9.16 -4.70 5.68
N TYR B 13 -9.34 -5.99 5.43
CA TYR B 13 -10.62 -6.65 5.73
C TYR B 13 -10.40 -7.84 6.68
N ALA B 14 -11.04 -7.79 7.86
CA ALA B 14 -11.11 -8.95 8.78
C ALA B 14 -12.54 -9.47 8.45
N TYR B 15 -12.89 -10.70 8.84
CA TYR B 15 -14.22 -11.21 8.52
C TYR B 15 -14.74 -11.89 9.74
N ILE B 16 -15.94 -11.51 10.13
CA ILE B 16 -16.54 -12.17 11.29
C ILE B 16 -17.48 -13.24 10.72
N LEU B 17 -17.27 -14.51 11.15
CA LEU B 17 -18.10 -15.59 10.61
C LEU B 17 -19.00 -16.11 11.73
N HIS B 18 -20.32 -15.92 11.60
CA HIS B 18 -21.25 -16.41 12.62
C HIS B 18 -21.98 -17.68 12.15
N ASP B 19 -21.92 -18.76 12.93
CA ASP B 19 -22.66 -19.98 12.58
C ASP B 19 -24.07 -19.76 13.08
N GLU B 20 -25.05 -19.94 12.21
CA GLU B 20 -26.41 -19.64 12.59
C GLU B 20 -26.96 -20.63 13.59
N ASP B 21 -26.75 -21.92 13.33
CA ASP B 21 -27.27 -22.98 14.19
C ASP B 21 -26.77 -22.91 15.62
N THR B 22 -25.51 -22.50 15.82
CA THR B 22 -25.05 -22.49 17.19
C THR B 22 -24.98 -21.15 17.92
N GLY B 23 -23.94 -20.38 17.61
CA GLY B 23 -23.66 -19.12 18.28
C GLY B 23 -22.13 -18.98 18.28
N THR B 24 -21.44 -19.97 17.73
CA THR B 24 -19.97 -19.85 17.70
C THR B 24 -19.53 -18.64 16.82
N VAL B 25 -18.42 -18.02 17.16
CA VAL B 25 -17.99 -16.86 16.38
C VAL B 25 -16.51 -17.01 16.00
N GLY B 26 -16.24 -16.94 14.69
CA GLY B 26 -14.87 -16.99 14.21
C GLY B 26 -14.46 -15.66 13.60
N VAL B 27 -13.17 -15.24 13.70
CA VAL B 27 -12.77 -14.01 13.02
C VAL B 27 -11.52 -14.33 12.19
N VAL B 28 -11.55 -13.92 10.92
CA VAL B 28 -10.41 -14.13 10.03
C VAL B 28 -9.67 -12.82 9.95
N ASP B 29 -8.38 -12.90 10.25
CA ASP B 29 -7.45 -11.77 10.14
C ASP B 29 -7.81 -10.49 10.85
N PRO B 30 -8.07 -10.56 12.13
CA PRO B 30 -8.40 -9.36 12.92
C PRO B 30 -7.19 -8.40 13.01
N SER B 31 -7.13 -7.36 12.15
CA SER B 31 -6.03 -6.39 12.10
C SER B 31 -5.90 -5.61 13.39
N GLU B 32 -7.04 -5.35 14.01
CA GLU B 32 -7.09 -4.64 15.27
C GLU B 32 -8.30 -5.23 15.99
N ALA B 33 -8.24 -5.22 17.32
CA ALA B 33 -9.32 -5.71 18.19
C ALA B 33 -10.61 -4.89 18.17
N GLU B 34 -10.50 -3.58 18.40
CA GLU B 34 -11.69 -2.69 18.55
C GLU B 34 -12.87 -2.93 17.64
N PRO B 35 -12.62 -3.00 16.32
CA PRO B 35 -13.75 -3.22 15.42
C PRO B 35 -14.41 -4.57 15.59
N ILE B 36 -13.62 -5.58 15.93
CA ILE B 36 -14.15 -6.93 16.13
C ILE B 36 -14.99 -6.92 17.45
N ILE B 37 -14.39 -6.39 18.52
CA ILE B 37 -15.15 -6.27 19.80
C ILE B 37 -16.46 -5.45 19.62
N ASP B 38 -16.38 -4.34 18.93
CA ASP B 38 -17.60 -3.55 18.72
C ASP B 38 -18.69 -4.41 18.11
N SER B 39 -18.36 -5.21 17.09
CA SER B 39 -19.42 -6.03 16.46
C SER B 39 -19.99 -7.12 17.35
N LEU B 40 -19.08 -7.75 18.11
CA LEU B 40 -19.47 -8.80 19.03
C LEU B 40 -20.35 -8.22 20.12
N LYS B 41 -20.08 -7.00 20.57
CA LYS B 41 -20.91 -6.37 21.61
C LYS B 41 -22.34 -6.09 21.09
N ARG B 42 -22.45 -5.85 19.79
CA ARG B 42 -23.74 -5.56 19.15
C ARG B 42 -24.51 -6.86 18.83
N SER B 43 -23.77 -7.88 18.42
CA SER B 43 -24.35 -9.18 18.11
C SER B 43 -24.79 -9.95 19.38
N GLY B 44 -24.22 -9.59 20.52
CA GLY B 44 -24.49 -10.29 21.76
C GLY B 44 -23.79 -11.65 21.75
N ARG B 45 -22.66 -11.75 21.05
CA ARG B 45 -21.97 -13.03 21.03
C ARG B 45 -20.50 -12.94 21.45
N ASN B 46 -19.91 -14.01 21.95
CA ASN B 46 -18.49 -13.92 22.33
C ASN B 46 -17.70 -14.53 21.19
N LEU B 47 -16.38 -14.41 21.20
CA LEU B 47 -15.55 -14.91 20.12
C LEU B 47 -14.91 -16.26 20.48
N THR B 48 -15.09 -17.29 19.63
CA THR B 48 -14.54 -18.59 19.96
C THR B 48 -13.23 -18.89 19.24
N TYR B 49 -13.14 -18.37 18.01
CA TYR B 49 -12.00 -18.67 17.13
C TYR B 49 -11.43 -17.44 16.40
N ILE B 50 -10.13 -17.40 16.28
CA ILE B 50 -9.37 -16.41 15.50
C ILE B 50 -8.66 -17.26 14.45
N LEU B 51 -8.76 -16.85 13.17
CA LEU B 51 -8.10 -17.63 12.09
C LEU B 51 -7.22 -16.66 11.30
N ASN B 52 -5.94 -17.03 11.06
CA ASN B 52 -5.06 -16.17 10.34
C ASN B 52 -4.59 -16.73 8.98
N THR B 53 -4.70 -15.91 7.92
CA THR B 53 -4.21 -16.39 6.60
C THR B 53 -2.64 -16.33 6.54
N HIS B 54 -2.05 -15.37 7.26
CA HIS B 54 -0.59 -15.25 7.24
C HIS B 54 -0.11 -14.36 8.39
N HIS B 55 1.21 -14.14 8.49
CA HIS B 55 1.76 -13.51 9.72
C HIS B 55 1.86 -12.02 9.89
N HIS B 56 1.80 -11.31 8.77
CA HIS B 56 2.02 -9.87 8.80
C HIS B 56 1.18 -9.26 9.88
N TYR B 57 1.70 -8.15 10.41
CA TYR B 57 1.07 -7.46 11.52
C TYR B 57 -0.35 -6.98 11.24
N ASP B 58 -0.61 -6.63 9.95
CA ASP B 58 -1.95 -6.18 9.61
C ASP B 58 -2.97 -7.35 9.54
N HIS B 59 -2.51 -8.60 9.75
CA HIS B 59 -3.43 -9.73 9.81
C HIS B 59 -3.40 -10.46 11.13
N THR B 60 -2.54 -10.00 12.07
CA THR B 60 -2.43 -10.70 13.36
C THR B 60 -2.35 -9.78 14.56
N GLY B 61 -2.24 -8.48 14.30
CA GLY B 61 -2.03 -7.54 15.39
C GLY B 61 -3.11 -7.57 16.45
N GLY B 62 -4.32 -7.97 16.04
CA GLY B 62 -5.41 -7.98 16.98
C GLY B 62 -5.53 -9.29 17.75
N ASN B 63 -4.66 -10.26 17.44
CA ASN B 63 -4.78 -11.61 18.05
C ASN B 63 -4.81 -11.67 19.56
N LEU B 64 -3.59 -11.55 20.11
CA LEU B 64 -3.35 -11.77 21.53
C LEU B 64 -4.35 -10.99 22.35
N GLU B 65 -4.64 -9.78 21.90
CA GLU B 65 -5.60 -8.97 22.65
C GLU B 65 -6.92 -9.67 22.64
N LEU B 66 -7.34 -10.15 21.45
CA LEU B 66 -8.63 -10.83 21.35
C LEU B 66 -8.64 -12.18 22.07
N LYS B 67 -7.54 -12.97 21.94
CA LYS B 67 -7.50 -14.28 22.56
C LYS B 67 -7.71 -14.12 24.08
N ASP B 68 -7.08 -13.10 24.65
CA ASP B 68 -7.22 -12.88 26.09
C ASP B 68 -8.68 -12.55 26.47
N ARG B 69 -9.23 -11.50 25.85
CA ARG B 69 -10.57 -11.11 26.15
C ARG B 69 -11.63 -12.20 26.08
N TYR B 70 -11.61 -12.99 25.02
CA TYR B 70 -12.64 -13.99 24.85
C TYR B 70 -12.26 -15.41 25.15
N GLY B 71 -10.98 -15.63 25.40
CA GLY B 71 -10.53 -17.01 25.53
C GLY B 71 -10.74 -17.75 24.20
N ALA B 72 -10.54 -17.06 23.07
CA ALA B 72 -10.72 -17.67 21.70
C ALA B 72 -9.49 -18.54 21.36
N LYS B 73 -9.64 -19.54 20.47
CA LYS B 73 -8.55 -20.42 20.07
C LYS B 73 -8.09 -19.87 18.73
N VAL B 74 -6.80 -19.66 18.62
CA VAL B 74 -6.14 -19.17 17.38
C VAL B 74 -5.76 -20.34 16.48
N ILE B 75 -6.32 -20.28 15.27
CA ILE B 75 -6.13 -21.30 14.24
C ILE B 75 -5.20 -20.74 13.14
N GLY B 76 -4.08 -21.41 12.89
CA GLY B 76 -3.18 -20.90 11.88
C GLY B 76 -2.38 -21.95 11.14
N SER B 77 -1.40 -21.49 10.40
CA SER B 77 -0.58 -22.38 9.60
C SER B 77 0.54 -23.14 10.37
N ALA B 78 0.57 -24.43 10.13
CA ALA B 78 1.61 -25.30 10.69
C ALA B 78 3.00 -24.93 10.08
N MET B 79 3.00 -24.17 8.99
CA MET B 79 4.29 -23.72 8.42
C MET B 79 4.71 -22.38 9.11
N ASP B 80 3.86 -21.79 9.96
CA ASP B 80 4.14 -20.48 10.61
C ASP B 80 3.93 -20.53 12.10
N LYS B 81 4.24 -21.69 12.69
CA LYS B 81 4.03 -21.85 14.11
C LYS B 81 4.76 -20.80 14.92
N ASP B 82 5.96 -20.43 14.48
CA ASP B 82 6.78 -19.49 15.24
C ASP B 82 6.42 -18.04 14.94
N ARG B 83 5.39 -17.81 14.09
CA ARG B 83 5.02 -16.42 13.73
C ARG B 83 3.56 -15.99 13.91
N ILE B 84 2.68 -16.93 14.25
CA ILE B 84 1.32 -16.58 14.44
C ILE B 84 1.09 -16.40 15.96
N PRO B 85 0.93 -15.15 16.41
CA PRO B 85 0.73 -14.91 17.83
C PRO B 85 -0.51 -15.58 18.48
N GLY B 86 -0.22 -16.32 19.55
CA GLY B 86 -1.30 -16.94 20.32
C GLY B 86 -1.78 -18.26 19.71
N ILE B 87 -1.17 -18.68 18.60
CA ILE B 87 -1.61 -19.92 17.95
C ILE B 87 -1.85 -21.11 18.94
N ASP B 88 -3.03 -21.73 18.77
CA ASP B 88 -3.41 -22.88 19.57
C ASP B 88 -3.43 -24.22 18.81
N MET B 89 -3.62 -24.14 17.49
CA MET B 89 -3.75 -25.27 16.57
C MET B 89 -3.11 -24.93 15.23
N ALA B 90 -2.17 -25.76 14.80
CA ALA B 90 -1.43 -25.49 13.58
C ALA B 90 -1.83 -26.44 12.47
N LEU B 91 -2.45 -25.87 11.42
CA LEU B 91 -3.00 -26.68 10.34
C LEU B 91 -2.11 -26.86 9.13
N LYS B 92 -2.18 -28.07 8.56
CA LYS B 92 -1.33 -28.38 7.44
C LYS B 92 -2.08 -28.30 6.16
N ASP B 93 -1.35 -28.19 5.05
CA ASP B 93 -1.97 -28.19 3.75
C ASP B 93 -2.95 -29.40 3.60
N GLY B 94 -4.13 -29.10 3.10
CA GLY B 94 -5.14 -30.11 2.92
C GLY B 94 -5.83 -30.59 4.20
N ASP B 95 -5.50 -30.06 5.37
CA ASP B 95 -6.25 -30.50 6.58
C ASP B 95 -7.73 -30.08 6.47
N LYS B 96 -8.56 -30.78 7.23
CA LYS B 96 -9.97 -30.47 7.34
C LYS B 96 -10.08 -29.92 8.74
N TRP B 97 -10.87 -28.85 8.92
CA TRP B 97 -11.05 -28.26 10.22
C TRP B 97 -12.53 -27.90 10.33
N MET B 98 -13.14 -28.27 11.47
CA MET B 98 -14.57 -28.01 11.65
C MET B 98 -14.93 -26.72 12.34
N PHE B 99 -15.69 -25.89 11.62
CA PHE B 99 -16.23 -24.66 12.18
C PHE B 99 -17.69 -25.02 12.56
N ALA B 100 -17.95 -25.32 13.84
CA ALA B 100 -19.27 -25.71 14.29
C ALA B 100 -19.84 -26.75 13.31
N GLY B 101 -19.08 -27.77 13.01
CA GLY B 101 -19.66 -28.76 12.11
C GLY B 101 -19.63 -28.49 10.61
N HIS B 102 -19.12 -27.33 10.22
CA HIS B 102 -19.00 -27.07 8.76
C HIS B 102 -17.53 -27.18 8.46
N GLU B 103 -17.22 -27.95 7.44
CA GLU B 103 -15.90 -28.25 7.06
C GLU B 103 -15.14 -27.13 6.36
N VAL B 104 -14.02 -26.78 6.96
CA VAL B 104 -13.12 -25.80 6.34
C VAL B 104 -11.98 -26.66 5.76
N HIS B 105 -11.54 -26.31 4.55
CA HIS B 105 -10.44 -26.99 3.86
C HIS B 105 -9.25 -26.05 3.72
N VAL B 106 -8.19 -26.40 4.42
CA VAL B 106 -6.97 -25.59 4.46
C VAL B 106 -6.10 -25.82 3.24
N MET B 107 -5.72 -24.71 2.58
CA MET B 107 -4.86 -24.82 1.41
C MET B 107 -3.57 -24.02 1.64
N ASP B 108 -2.45 -24.69 1.49
CA ASP B 108 -1.16 -23.98 1.57
C ASP B 108 -1.08 -23.07 0.29
N THR B 109 -0.85 -21.77 0.48
CA THR B 109 -0.82 -20.89 -0.69
C THR B 109 0.31 -19.88 -0.49
N PRO B 110 1.57 -20.36 -0.57
CA PRO B 110 2.76 -19.52 -0.41
C PRO B 110 2.98 -18.57 -1.60
N GLY B 111 3.69 -17.50 -1.30
CA GLY B 111 4.05 -16.52 -2.32
C GLY B 111 4.26 -15.21 -1.61
N HIS B 112 3.16 -14.53 -1.27
CA HIS B 112 3.27 -13.23 -0.57
C HIS B 112 4.16 -13.56 0.64
N THR B 113 3.85 -14.65 1.35
CA THR B 113 4.73 -15.12 2.44
C THR B 113 4.88 -16.62 2.34
N LYS B 114 5.96 -17.17 2.94
CA LYS B 114 6.09 -18.62 3.00
C LYS B 114 5.28 -18.95 4.29
N GLY B 115 4.26 -19.77 4.13
CA GLY B 115 3.37 -20.16 5.24
C GLY B 115 1.90 -19.67 5.13
N HIS B 116 1.67 -18.72 4.24
CA HIS B 116 0.33 -18.18 3.97
C HIS B 116 -0.56 -19.36 3.59
N ILE B 117 -1.75 -19.42 4.16
CA ILE B 117 -2.73 -20.49 3.84
C ILE B 117 -3.94 -19.77 3.26
N SER B 118 -4.87 -20.56 2.75
CA SER B 118 -6.12 -20.03 2.23
C SER B 118 -7.10 -20.98 2.98
N LEU B 119 -8.30 -20.49 3.23
CA LEU B 119 -9.26 -21.24 4.03
C LEU B 119 -10.54 -21.30 3.25
N TYR B 120 -10.81 -22.45 2.62
CA TYR B 120 -12.02 -22.72 1.81
C TYR B 120 -13.12 -23.39 2.67
N PHE B 121 -14.35 -22.86 2.54
CA PHE B 121 -15.58 -23.32 3.27
C PHE B 121 -16.47 -23.82 2.08
N PRO B 122 -16.34 -25.11 1.72
CA PRO B 122 -17.14 -25.58 0.57
C PRO B 122 -18.65 -25.41 0.79
N GLY B 123 -19.05 -25.62 2.03
CA GLY B 123 -20.48 -25.49 2.34
C GLY B 123 -21.04 -24.13 2.05
N SER B 124 -20.15 -23.13 2.06
CA SER B 124 -20.58 -21.78 1.83
C SER B 124 -20.05 -21.34 0.45
N ARG B 125 -19.38 -22.21 -0.32
CA ARG B 125 -18.83 -21.75 -1.60
C ARG B 125 -18.02 -20.43 -1.34
N ALA B 126 -17.27 -20.41 -0.24
CA ALA B 126 -16.49 -19.22 0.14
C ALA B 126 -15.08 -19.55 0.43
N ILE B 127 -14.17 -18.69 -0.08
CA ILE B 127 -12.78 -18.89 0.24
C ILE B 127 -12.14 -17.57 0.81
N PHE B 128 -11.31 -17.72 1.83
CA PHE B 128 -10.58 -16.58 2.44
C PHE B 128 -9.16 -16.72 1.96
N THR B 129 -8.72 -15.73 1.15
CA THR B 129 -7.44 -15.78 0.47
C THR B 129 -6.31 -14.95 1.08
N GLY B 130 -6.57 -14.27 2.23
CA GLY B 130 -5.46 -13.55 2.81
C GLY B 130 -4.88 -12.55 1.85
N ASP B 131 -3.52 -12.57 1.63
CA ASP B 131 -2.92 -11.64 0.70
C ASP B 131 -2.26 -12.44 -0.43
N THR B 132 -2.97 -13.53 -0.84
CA THR B 132 -2.54 -14.31 -1.96
C THR B 132 -3.29 -13.78 -3.18
N MET B 133 -4.62 -13.85 -3.17
CA MET B 133 -5.35 -13.31 -4.34
C MET B 133 -6.27 -12.19 -3.90
N PHE B 134 -6.10 -11.01 -4.54
CA PHE B 134 -6.99 -9.85 -4.29
C PHE B 134 -7.92 -9.74 -5.49
N SER B 135 -8.97 -8.91 -5.42
CA SER B 135 -9.72 -8.74 -6.66
C SER B 135 -8.83 -7.95 -7.59
N LEU B 136 -8.51 -8.56 -8.73
CA LEU B 136 -7.68 -8.01 -9.80
C LEU B 136 -6.19 -7.97 -9.55
N SER B 137 -5.72 -8.51 -8.37
CA SER B 137 -4.26 -8.55 -8.11
C SER B 137 -3.92 -9.84 -7.39
N CYS B 138 -2.68 -9.93 -6.96
CA CYS B 138 -2.15 -11.06 -6.19
C CYS B 138 -1.26 -10.37 -5.17
N GLY B 139 -0.89 -11.07 -4.10
CA GLY B 139 0.04 -10.44 -3.17
C GLY B 139 1.42 -10.14 -3.78
N LYS B 140 2.12 -9.20 -3.11
CA LYS B 140 3.51 -8.89 -3.44
C LYS B 140 4.27 -10.10 -2.92
N LEU B 141 5.43 -10.42 -3.57
CA LEU B 141 6.18 -11.61 -3.23
C LEU B 141 7.28 -11.31 -2.23
N PHE B 142 6.85 -10.97 -1.01
CA PHE B 142 7.85 -10.59 -0.03
C PHE B 142 8.76 -11.75 0.38
N GLU B 143 8.23 -13.00 0.37
CA GLU B 143 9.05 -14.12 0.78
C GLU B 143 9.16 -15.19 -0.27
N GLY B 144 8.15 -15.34 -1.13
CA GLY B 144 8.15 -16.45 -2.09
C GLY B 144 8.47 -15.95 -3.44
N THR B 145 8.60 -16.89 -4.40
CA THR B 145 8.91 -16.57 -5.76
C THR B 145 7.60 -16.61 -6.58
N PRO B 146 7.69 -16.31 -7.88
CA PRO B 146 6.57 -16.32 -8.82
C PRO B 146 6.11 -17.75 -8.98
N LYS B 147 7.04 -18.68 -9.09
CA LYS B 147 6.66 -20.08 -9.26
C LYS B 147 5.65 -20.51 -8.19
N GLN B 148 5.92 -20.11 -6.95
CA GLN B 148 5.03 -20.50 -5.87
C GLN B 148 3.71 -19.72 -5.99
N MET B 149 3.81 -18.43 -6.30
CA MET B 149 2.57 -17.68 -6.37
C MET B 149 1.71 -18.22 -7.49
N LEU B 150 2.34 -18.62 -8.59
CA LEU B 150 1.54 -19.16 -9.71
C LEU B 150 0.81 -20.38 -9.21
N ALA B 151 1.50 -21.25 -8.45
CA ALA B 151 0.81 -22.44 -7.96
C ALA B 151 -0.34 -22.08 -7.05
N SER B 152 -0.16 -21.07 -6.23
CA SER B 152 -1.25 -20.70 -5.33
C SER B 152 -2.40 -20.20 -6.17
N LEU B 153 -2.20 -19.21 -7.02
CA LEU B 153 -3.33 -18.77 -7.78
C LEU B 153 -3.97 -19.98 -8.52
N GLN B 154 -3.16 -20.98 -8.86
CA GLN B 154 -3.68 -22.18 -9.53
C GLN B 154 -4.57 -23.05 -8.65
N LYS B 155 -4.28 -23.06 -7.36
CA LYS B 155 -5.14 -23.83 -6.47
C LYS B 155 -6.45 -23.10 -6.35
N ILE B 156 -6.42 -21.87 -5.88
CA ILE B 156 -7.65 -21.16 -5.72
C ILE B 156 -8.50 -21.27 -6.98
N THR B 157 -7.84 -21.21 -8.16
CA THR B 157 -8.57 -21.22 -9.44
C THR B 157 -9.06 -22.60 -9.83
N SER B 158 -8.71 -23.59 -9.03
CA SER B 158 -9.24 -24.95 -9.30
C SER B 158 -10.57 -25.20 -8.57
N LEU B 159 -11.01 -24.30 -7.68
CA LEU B 159 -12.28 -24.43 -6.95
C LEU B 159 -13.36 -24.07 -7.96
N PRO B 160 -14.66 -24.25 -7.62
CA PRO B 160 -15.79 -23.96 -8.50
C PRO B 160 -15.78 -22.51 -8.90
N ASP B 161 -16.31 -22.26 -10.10
CA ASP B 161 -16.35 -20.90 -10.65
C ASP B 161 -17.16 -19.96 -9.78
N ASP B 162 -18.28 -20.44 -9.24
CA ASP B 162 -19.11 -19.54 -8.46
C ASP B 162 -18.64 -19.26 -7.05
N THR B 163 -17.49 -19.80 -6.65
CA THR B 163 -16.95 -19.52 -5.34
C THR B 163 -16.60 -18.01 -5.16
N SER B 164 -17.08 -17.42 -4.06
CA SER B 164 -16.80 -16.04 -3.65
C SER B 164 -15.37 -16.11 -3.18
N ILE B 165 -14.78 -14.89 -3.16
CA ILE B 165 -13.41 -14.61 -2.77
C ILE B 165 -13.37 -13.38 -1.83
N TYR B 166 -13.06 -13.68 -0.55
CA TYR B 166 -12.99 -12.63 0.48
C TYR B 166 -11.50 -12.50 0.75
N CYS B 167 -10.86 -11.41 0.22
CA CYS B 167 -9.40 -11.21 0.36
C CYS B 167 -8.96 -10.26 1.48
N GLY B 168 -7.66 -10.10 1.66
CA GLY B 168 -7.15 -9.26 2.77
C GLY B 168 -7.34 -7.76 2.75
N HIS B 169 -7.40 -7.15 1.54
CA HIS B 169 -7.48 -5.70 1.44
C HIS B 169 -8.44 -5.22 0.35
N GLU B 170 -8.82 -3.96 0.48
CA GLU B 170 -9.69 -3.26 -0.49
C GLU B 170 -8.67 -2.56 -1.40
N TYR B 171 -8.19 -3.30 -2.41
CA TYR B 171 -7.27 -2.71 -3.38
C TYR B 171 -7.82 -2.85 -4.79
N THR B 172 -9.12 -3.12 -4.96
CA THR B 172 -9.60 -3.39 -6.31
C THR B 172 -9.61 -2.21 -7.32
N LEU B 173 -9.90 -0.99 -6.85
CA LEU B 173 -9.92 0.13 -7.75
C LEU B 173 -8.44 0.43 -8.17
N SER B 174 -7.47 0.33 -7.27
CA SER B 174 -6.09 0.57 -7.77
C SER B 174 -5.63 -0.51 -8.78
N ASN B 175 -5.74 -1.79 -8.36
CA ASN B 175 -5.38 -2.92 -9.19
C ASN B 175 -6.09 -2.83 -10.57
N SER B 176 -7.35 -2.34 -10.54
CA SER B 176 -8.19 -2.20 -11.75
C SER B 176 -7.54 -1.20 -12.69
N LYS B 177 -6.90 -0.15 -12.16
CA LYS B 177 -6.30 0.79 -13.11
C LYS B 177 -5.17 0.12 -13.83
N PHE B 178 -4.32 -0.59 -13.10
CA PHE B 178 -3.22 -1.27 -13.78
C PHE B 178 -3.82 -2.29 -14.76
N ALA B 179 -4.73 -3.13 -14.30
CA ALA B 179 -5.25 -4.11 -15.23
C ALA B 179 -5.74 -3.44 -16.54
N LEU B 180 -6.29 -2.25 -16.44
CA LEU B 180 -6.79 -1.61 -17.67
C LEU B 180 -5.67 -1.13 -18.55
N SER B 181 -4.53 -0.83 -17.91
CA SER B 181 -3.34 -0.40 -18.63
C SER B 181 -2.95 -1.54 -19.60
N LEU B 182 -3.12 -2.81 -19.18
CA LEU B 182 -2.77 -3.97 -20.01
C LEU B 182 -3.82 -4.29 -21.05
N GLU B 183 -5.00 -4.70 -20.60
CA GLU B 183 -6.17 -5.10 -21.45
C GLU B 183 -7.27 -4.03 -21.53
N PRO B 184 -6.96 -2.92 -22.14
CA PRO B 184 -7.96 -1.89 -22.20
C PRO B 184 -9.14 -2.19 -23.05
N ASN B 185 -9.05 -3.19 -23.92
CA ASN B 185 -10.19 -3.49 -24.75
C ASN B 185 -10.97 -4.69 -24.19
N ASN B 186 -10.67 -5.09 -22.95
CA ASN B 186 -11.34 -6.21 -22.33
C ASN B 186 -12.68 -5.65 -21.81
N GLU B 187 -13.77 -5.98 -22.52
CA GLU B 187 -15.08 -5.48 -22.16
C GLU B 187 -15.53 -5.89 -20.77
N VAL B 188 -15.32 -7.13 -20.34
CA VAL B 188 -15.78 -7.48 -18.97
C VAL B 188 -14.94 -6.67 -17.94
N LEU B 189 -13.64 -6.55 -18.20
CA LEU B 189 -12.79 -5.77 -17.26
C LEU B 189 -13.23 -4.30 -17.28
N GLN B 190 -13.48 -3.73 -18.46
CA GLN B 190 -13.93 -2.35 -18.46
C GLN B 190 -15.20 -2.18 -17.60
N SER B 191 -16.12 -3.12 -17.78
CA SER B 191 -17.42 -3.09 -17.09
C SER B 191 -17.17 -3.28 -15.59
N TYR B 192 -16.34 -4.25 -15.25
CA TYR B 192 -16.09 -4.52 -13.83
C TYR B 192 -15.35 -3.36 -13.18
N ALA B 193 -14.44 -2.71 -13.89
CA ALA B 193 -13.70 -1.58 -13.33
C ALA B 193 -14.72 -0.46 -13.09
N ALA B 194 -15.52 -0.17 -14.11
CA ALA B 194 -16.49 0.90 -13.91
C ALA B 194 -17.37 0.64 -12.66
N HIS B 195 -17.80 -0.61 -12.47
CA HIS B 195 -18.65 -1.03 -11.31
C HIS B 195 -17.83 -0.80 -10.01
N VAL B 196 -16.55 -1.18 -10.05
CA VAL B 196 -15.63 -0.96 -8.90
C VAL B 196 -15.48 0.56 -8.58
N ALA B 197 -15.30 1.39 -9.58
CA ALA B 197 -15.18 2.84 -9.28
C ALA B 197 -16.45 3.43 -8.66
N GLU B 198 -17.59 2.89 -9.04
CA GLU B 198 -18.87 3.38 -8.50
C GLU B 198 -18.95 2.96 -7.01
N LEU B 199 -18.72 1.67 -6.72
CA LEU B 199 -18.77 1.19 -5.34
C LEU B 199 -17.80 2.02 -4.53
N ARG B 200 -16.58 2.22 -5.02
CA ARG B 200 -15.62 2.96 -4.22
C ARG B 200 -16.05 4.42 -4.04
N SER B 201 -16.64 5.04 -5.08
CA SER B 201 -17.12 6.43 -4.96
C SER B 201 -18.19 6.55 -3.89
N LYS B 202 -18.82 5.42 -3.54
CA LYS B 202 -19.86 5.37 -2.50
C LYS B 202 -19.37 4.71 -1.19
N LYS B 203 -18.05 4.52 -1.07
CA LYS B 203 -17.43 3.88 0.12
C LYS B 203 -17.88 2.45 0.35
N LEU B 204 -18.26 1.79 -0.74
CA LEU B 204 -18.75 0.42 -0.64
C LEU B 204 -17.67 -0.60 -1.01
N PRO B 205 -17.63 -1.73 -0.29
CA PRO B 205 -16.63 -2.77 -0.61
C PRO B 205 -16.78 -3.36 -1.98
N THR B 206 -15.66 -3.77 -2.53
CA THR B 206 -15.69 -4.45 -3.81
C THR B 206 -15.45 -5.94 -3.61
N ILE B 207 -15.50 -6.37 -2.34
CA ILE B 207 -15.19 -7.74 -1.96
C ILE B 207 -16.48 -8.23 -1.23
N PRO B 208 -16.95 -9.46 -1.45
CA PRO B 208 -16.35 -10.48 -2.33
C PRO B 208 -16.35 -10.30 -3.82
N THR B 209 -15.34 -10.92 -4.42
CA THR B 209 -15.30 -11.07 -5.87
C THR B 209 -15.60 -12.59 -6.07
N THR B 210 -15.44 -13.10 -7.29
CA THR B 210 -15.67 -14.54 -7.50
C THR B 210 -14.55 -15.17 -8.36
N VAL B 211 -14.43 -16.50 -8.27
CA VAL B 211 -13.43 -17.18 -9.10
C VAL B 211 -13.70 -16.90 -10.58
N LYS B 212 -14.97 -16.81 -10.97
CA LYS B 212 -15.24 -16.56 -12.38
C LYS B 212 -14.84 -15.13 -12.81
N MET B 213 -15.13 -14.14 -11.99
CA MET B 213 -14.77 -12.77 -12.33
C MET B 213 -13.24 -12.65 -12.43
N GLU B 214 -12.51 -13.25 -11.46
CA GLU B 214 -11.04 -13.08 -11.44
C GLU B 214 -10.42 -13.81 -12.63
N LYS B 215 -10.93 -15.01 -12.97
CA LYS B 215 -10.39 -15.68 -14.14
C LYS B 215 -10.61 -14.77 -15.37
N ALA B 216 -11.72 -14.03 -15.38
CA ALA B 216 -12.02 -13.16 -16.51
C ALA B 216 -11.17 -11.86 -16.58
N CYS B 217 -10.82 -11.30 -15.44
CA CYS B 217 -10.16 -10.03 -15.45
C CYS B 217 -8.88 -9.78 -14.66
N ASN B 218 -8.38 -10.79 -13.95
CA ASN B 218 -7.20 -10.62 -13.11
C ASN B 218 -5.94 -10.95 -13.96
N PRO B 219 -5.07 -9.95 -14.21
CA PRO B 219 -3.90 -10.24 -15.05
C PRO B 219 -3.07 -11.39 -14.58
N PHE B 220 -3.03 -11.61 -13.22
CA PHE B 220 -2.18 -12.66 -12.72
C PHE B 220 -2.70 -14.06 -13.00
N LEU B 221 -3.99 -14.18 -13.41
CA LEU B 221 -4.55 -15.49 -13.78
C LEU B 221 -4.55 -15.60 -15.32
N ARG B 222 -4.10 -14.54 -15.98
CA ARG B 222 -4.12 -14.43 -17.45
C ARG B 222 -2.70 -14.26 -18.00
N SER B 223 -1.77 -14.95 -17.36
CA SER B 223 -0.34 -14.80 -17.68
C SER B 223 0.04 -15.24 -19.09
N SER B 224 -0.79 -16.09 -19.71
CA SER B 224 -0.53 -16.46 -21.12
C SER B 224 -1.40 -15.68 -22.11
N ASN B 225 -2.00 -14.57 -21.63
CA ASN B 225 -2.78 -13.75 -22.53
C ASN B 225 -1.89 -12.96 -23.53
N THR B 226 -2.22 -13.01 -24.82
CA THR B 226 -1.35 -12.30 -25.79
C THR B 226 -1.35 -10.81 -25.58
N ASP B 227 -2.49 -10.25 -25.20
CA ASP B 227 -2.54 -8.81 -24.99
C ASP B 227 -1.60 -8.39 -23.87
N ILE B 228 -1.59 -9.16 -22.79
CA ILE B 228 -0.67 -8.82 -21.69
C ILE B 228 0.82 -9.06 -21.99
N ARG B 229 1.21 -10.27 -22.46
CA ARG B 229 2.62 -10.51 -22.76
C ARG B 229 3.20 -9.51 -23.77
N ARG B 230 2.36 -9.07 -24.70
CA ARG B 230 2.75 -8.11 -25.71
C ARG B 230 2.78 -6.74 -25.00
N ALA B 231 1.88 -6.52 -24.04
CA ALA B 231 1.91 -5.20 -23.48
C ALA B 231 3.10 -4.98 -22.61
N LEU B 232 3.74 -6.08 -22.17
CA LEU B 232 4.87 -6.02 -21.24
C LEU B 232 6.20 -6.63 -21.81
N ARG B 233 6.18 -6.99 -23.12
CA ARG B 233 7.30 -7.57 -23.82
C ARG B 233 7.67 -8.94 -23.23
N ILE B 234 6.64 -9.72 -22.93
CA ILE B 234 6.90 -11.06 -22.44
C ILE B 234 7.00 -11.96 -23.67
N PRO B 235 8.09 -12.74 -23.78
CA PRO B 235 8.30 -13.66 -24.92
C PRO B 235 7.15 -14.61 -25.09
N GLU B 236 6.82 -15.00 -26.32
CA GLU B 236 5.67 -15.89 -26.45
C GLU B 236 5.81 -17.24 -25.77
N ALA B 237 7.03 -17.78 -25.66
CA ALA B 237 7.21 -19.11 -25.08
C ALA B 237 7.68 -19.12 -23.59
N ALA B 238 7.54 -17.98 -22.93
CA ALA B 238 7.90 -17.89 -21.54
C ALA B 238 7.03 -18.80 -20.66
N ASP B 239 7.61 -19.44 -19.65
CA ASP B 239 6.70 -20.26 -18.86
C ASP B 239 5.82 -19.34 -17.97
N GLU B 240 4.69 -19.88 -17.51
CA GLU B 240 3.74 -19.09 -16.72
C GLU B 240 4.33 -18.42 -15.48
N ALA B 241 5.27 -19.08 -14.82
CA ALA B 241 5.88 -18.45 -13.63
C ALA B 241 6.68 -17.27 -14.11
N GLU B 242 7.34 -17.39 -15.26
CA GLU B 242 8.13 -16.25 -15.74
C GLU B 242 7.19 -15.05 -16.10
N ALA B 243 6.11 -15.35 -16.80
CA ALA B 243 5.16 -14.32 -17.20
C ALA B 243 4.55 -13.60 -15.94
N LEU B 244 4.20 -14.36 -14.91
CA LEU B 244 3.63 -13.73 -13.71
C LEU B 244 4.69 -12.86 -13.05
N GLY B 245 5.94 -13.35 -12.98
CA GLY B 245 7.00 -12.60 -12.36
C GLY B 245 7.15 -11.22 -12.99
N ILE B 246 7.07 -11.14 -14.33
CA ILE B 246 7.24 -9.88 -14.99
C ILE B 246 6.00 -8.98 -14.77
N ILE B 247 4.78 -9.53 -14.78
CA ILE B 247 3.58 -8.73 -14.57
C ILE B 247 3.65 -8.12 -13.13
N ARG B 248 4.10 -8.94 -12.17
CA ARG B 248 4.17 -8.56 -10.77
C ARG B 248 5.24 -7.47 -10.56
N LYS B 249 6.32 -7.53 -11.32
CA LYS B 249 7.38 -6.49 -11.20
C LYS B 249 6.87 -5.18 -11.79
N ALA B 250 6.20 -5.27 -12.95
CA ALA B 250 5.65 -4.09 -13.60
C ALA B 250 4.65 -3.40 -12.65
N LYS B 251 3.58 -4.11 -12.27
CA LYS B 251 2.57 -3.48 -11.39
C LYS B 251 3.27 -2.88 -10.15
N ASP B 252 4.24 -3.59 -9.58
CA ASP B 252 4.96 -3.10 -8.40
C ASP B 252 5.51 -1.70 -8.66
N ASP B 253 5.97 -1.47 -9.89
CA ASP B 253 6.55 -0.19 -10.27
C ASP B 253 5.69 0.67 -11.18
N PHE B 254 4.38 0.43 -11.17
CA PHE B 254 3.43 1.20 -12.03
C PHE B 254 2.95 2.49 -11.36
ZN ZN C . 5.54 5.99 -6.31
FE FE D . 2.95 6.99 -4.49
C ACY E . 6.59 1.91 2.98
O ACY E . 7.26 2.24 3.94
OXT ACY E . 6.27 0.63 2.81
CH3 ACY E . 6.10 2.91 1.97
C1 PEG F . -5.34 18.95 16.63
O1 PEG F . -5.39 17.55 17.08
C2 PEG F . -6.62 19.40 15.84
O2 PEG F . -7.75 19.34 16.68
C3 PEG F . -8.92 19.78 15.95
C4 PEG F . -10.18 19.70 16.84
O4 PEG F . -10.47 18.31 17.10
ZN ZN G . 0.59 -9.52 4.21
FE FE H . -2.26 -7.65 4.25
C ACY I . -0.71 -5.14 -5.21
O ACY I . -0.94 -5.55 -6.34
OXT ACY I . 0.49 -4.65 -4.91
CH3 ACY I . -1.79 -5.17 -4.17
N MET A 1 3.78 31.65 0.40
CA MET A 1 3.01 30.60 -0.38
C MET A 1 2.00 29.80 0.47
N GLN A 2 0.80 29.57 -0.05
CA GLN A 2 -0.18 28.77 0.67
C GLN A 2 -0.10 27.35 0.12
N ILE A 3 0.21 26.36 0.97
CA ILE A 3 0.31 24.95 0.51
C ILE A 3 -1.00 24.28 0.93
N GLU A 4 -1.76 23.77 -0.02
CA GLU A 4 -3.02 23.13 0.32
C GLU A 4 -2.89 21.64 0.14
N LEU A 5 -3.23 20.85 1.20
CA LEU A 5 -3.16 19.41 1.04
C LEU A 5 -4.42 19.00 0.34
N VAL A 6 -4.29 18.05 -0.59
CA VAL A 6 -5.44 17.53 -1.31
C VAL A 6 -5.41 16.01 -1.26
N PRO A 7 -6.23 15.41 -0.37
CA PRO A 7 -6.23 13.95 -0.36
C PRO A 7 -6.78 13.40 -1.66
N CYS A 8 -6.11 12.36 -2.18
CA CYS A 8 -6.55 11.70 -3.40
C CYS A 8 -6.42 10.20 -3.23
N LEU A 9 -7.17 9.50 -4.07
CA LEU A 9 -7.20 8.04 -4.05
C LEU A 9 -7.30 7.56 -2.61
N LYS A 10 -6.57 6.53 -2.28
CA LYS A 10 -6.64 5.95 -0.93
C LYS A 10 -5.84 6.66 0.16
N ASP A 11 -4.66 7.11 -0.23
CA ASP A 11 -3.81 7.74 0.78
C ASP A 11 -2.79 8.65 0.20
N ASN A 12 -2.99 9.04 -1.08
CA ASN A 12 -2.02 10.00 -1.62
C ASN A 12 -2.38 11.41 -1.20
N TYR A 13 -1.36 12.29 -1.30
CA TYR A 13 -1.61 13.71 -1.16
C TYR A 13 -1.06 14.42 -2.37
N ALA A 14 -1.87 15.32 -2.94
CA ALA A 14 -1.42 16.29 -3.96
C ALA A 14 -1.23 17.56 -3.12
N TYR A 15 -0.56 18.59 -3.65
CA TYR A 15 -0.40 19.81 -2.87
C TYR A 15 -0.68 20.97 -3.80
N ILE A 16 -1.77 21.69 -3.59
CA ILE A 16 -2.02 22.87 -4.47
C ILE A 16 -1.28 24.02 -3.79
N LEU A 17 -0.35 24.61 -4.55
CA LEU A 17 0.49 25.70 -4.09
C LEU A 17 -0.15 27.03 -4.54
N HIS A 18 -0.40 27.93 -3.57
CA HIS A 18 -1.04 29.21 -3.98
C HIS A 18 -0.03 30.32 -3.80
N ASP A 19 0.32 31.05 -4.86
CA ASP A 19 1.24 32.19 -4.68
C ASP A 19 0.41 33.31 -3.98
N GLU A 20 1.00 34.09 -3.07
CA GLU A 20 0.24 35.14 -2.38
C GLU A 20 0.53 36.52 -2.91
N ASP A 21 0.36 36.64 -4.22
CA ASP A 21 0.53 37.95 -4.82
C ASP A 21 0.08 37.93 -6.27
N THR A 22 0.20 36.77 -6.94
CA THR A 22 -0.19 36.70 -8.34
C THR A 22 -1.33 35.75 -8.71
N GLY A 23 -1.87 35.02 -7.76
CA GLY A 23 -2.88 34.10 -8.17
C GLY A 23 -2.26 32.96 -9.01
N THR A 24 -0.94 32.86 -9.14
CA THR A 24 -0.38 31.71 -9.84
C THR A 24 -0.62 30.47 -8.97
N VAL A 25 -1.20 29.42 -9.52
CA VAL A 25 -1.44 28.21 -8.76
C VAL A 25 -0.69 27.02 -9.34
N GLY A 26 0.08 26.38 -8.49
CA GLY A 26 0.78 25.18 -8.93
C GLY A 26 0.25 24.02 -8.08
N VAL A 27 0.22 22.80 -8.62
CA VAL A 27 -0.14 21.67 -7.79
C VAL A 27 0.99 20.66 -7.83
N VAL A 28 1.27 20.01 -6.72
CA VAL A 28 2.36 19.01 -6.69
C VAL A 28 1.64 17.69 -6.74
N ASP A 29 2.02 16.81 -7.64
CA ASP A 29 1.42 15.44 -7.73
C ASP A 29 -0.09 15.34 -7.68
N PRO A 30 -0.78 15.87 -8.71
CA PRO A 30 -2.25 15.76 -8.67
C PRO A 30 -2.71 14.36 -9.08
N SER A 31 -2.78 13.42 -8.14
CA SER A 31 -3.20 12.08 -8.46
C SER A 31 -4.19 11.87 -9.60
N GLU A 32 -5.40 12.28 -9.25
CA GLU A 32 -6.57 12.15 -10.12
C GLU A 32 -7.07 13.58 -10.34
N ALA A 33 -7.37 13.88 -11.61
CA ALA A 33 -7.78 15.21 -11.96
C ALA A 33 -8.91 15.80 -11.19
N GLU A 34 -10.00 15.03 -11.07
CA GLU A 34 -11.19 15.58 -10.42
C GLU A 34 -11.08 16.35 -9.10
N PRO A 35 -10.44 15.76 -8.07
CA PRO A 35 -10.26 16.40 -6.76
C PRO A 35 -9.47 17.71 -6.90
N ILE A 36 -8.61 17.84 -7.92
CA ILE A 36 -7.88 19.12 -8.05
C ILE A 36 -8.82 20.19 -8.56
N ILE A 37 -9.54 19.82 -9.59
CA ILE A 37 -10.53 20.70 -10.18
C ILE A 37 -11.50 21.15 -9.11
N ASP A 38 -11.92 20.21 -8.23
CA ASP A 38 -12.86 20.55 -7.17
C ASP A 38 -12.37 21.63 -6.26
N SER A 39 -11.10 21.51 -5.86
CA SER A 39 -10.47 22.52 -5.02
C SER A 39 -10.25 23.85 -5.73
N LEU A 40 -9.96 23.86 -7.03
CA LEU A 40 -9.75 25.11 -7.77
C LEU A 40 -11.09 25.89 -7.95
N LYS A 41 -12.18 25.15 -8.08
CA LYS A 41 -13.47 25.78 -8.22
C LYS A 41 -13.75 26.61 -6.96
N ARG A 42 -13.31 26.11 -5.82
CA ARG A 42 -13.55 26.80 -4.56
C ARG A 42 -12.78 28.10 -4.53
N SER A 43 -11.47 28.02 -4.61
CA SER A 43 -10.66 29.20 -4.56
C SER A 43 -10.88 30.06 -5.80
N GLY A 44 -11.62 29.51 -6.75
CA GLY A 44 -11.86 30.25 -7.97
C GLY A 44 -10.58 30.66 -8.68
N ARG A 45 -9.58 29.78 -8.72
CA ARG A 45 -8.31 30.10 -9.39
C ARG A 45 -7.90 29.02 -10.41
N ASN A 46 -7.59 29.45 -11.64
CA ASN A 46 -7.17 28.54 -12.73
C ASN A 46 -5.81 27.93 -12.37
N LEU A 47 -5.52 26.77 -12.95
CA LEU A 47 -4.23 26.08 -12.67
C LEU A 47 -3.22 26.58 -13.70
N THR A 48 -1.96 26.86 -13.30
CA THR A 48 -0.89 27.31 -14.20
C THR A 48 0.15 26.23 -14.39
N TYR A 49 0.47 25.56 -13.26
CA TYR A 49 1.51 24.55 -13.24
C TYR A 49 1.18 23.20 -12.60
N ILE A 50 1.72 22.14 -13.19
CA ILE A 50 1.62 20.79 -12.62
C ILE A 50 3.08 20.37 -12.46
N LEU A 51 3.43 19.87 -11.27
CA LEU A 51 4.82 19.45 -11.00
C LEU A 51 4.74 18.03 -10.47
N ASN A 52 5.53 17.11 -11.09
CA ASN A 52 5.51 15.74 -10.66
C ASN A 52 6.82 15.38 -9.97
N THR A 53 6.70 14.59 -8.92
CA THR A 53 7.90 14.16 -8.20
C THR A 53 8.50 12.89 -8.80
N HIS A 54 7.68 12.10 -9.44
CA HIS A 54 8.18 10.85 -10.01
C HIS A 54 7.03 10.31 -10.95
N HIS A 55 7.29 9.23 -11.68
CA HIS A 55 6.42 8.77 -12.75
C HIS A 55 5.23 7.86 -12.48
N HIS A 56 5.12 7.41 -11.23
CA HIS A 56 4.06 6.43 -10.94
C HIS A 56 2.70 7.04 -11.18
N TYR A 57 1.76 6.17 -11.59
CA TYR A 57 0.44 6.61 -11.96
C TYR A 57 -0.29 7.40 -10.86
N ASP A 58 -0.08 7.02 -9.60
CA ASP A 58 -0.74 7.75 -8.50
C ASP A 58 -0.22 9.18 -8.27
N HIS A 59 0.83 9.58 -9.04
CA HIS A 59 1.35 10.96 -8.93
C HIS A 59 1.21 11.72 -10.25
N THR A 60 0.91 10.99 -11.34
CA THR A 60 0.84 11.60 -12.71
C THR A 60 -0.53 11.36 -13.40
N GLY A 61 -1.37 10.55 -12.79
CA GLY A 61 -2.65 10.17 -13.38
C GLY A 61 -3.52 11.30 -13.80
N GLY A 62 -3.31 12.48 -13.18
CA GLY A 62 -4.10 13.64 -13.51
C GLY A 62 -3.43 14.57 -14.53
N ASN A 63 -2.15 14.42 -14.84
CA ASN A 63 -1.46 15.40 -15.74
C ASN A 63 -2.18 15.86 -17.04
N LEU A 64 -2.31 14.90 -17.97
CA LEU A 64 -2.85 15.17 -19.31
C LEU A 64 -4.19 15.84 -19.23
N GLU A 65 -5.04 15.33 -18.33
CA GLU A 65 -6.35 15.90 -18.16
C GLU A 65 -6.32 17.31 -17.60
N LEU A 66 -5.67 17.54 -16.45
CA LEU A 66 -5.65 18.91 -15.91
C LEU A 66 -5.02 19.90 -16.88
N LYS A 67 -3.98 19.46 -17.59
CA LYS A 67 -3.30 20.30 -18.57
C LYS A 67 -4.33 20.68 -19.68
N ASP A 68 -5.06 19.70 -20.22
CA ASP A 68 -6.06 20.00 -21.28
C ASP A 68 -7.10 21.03 -20.81
N ARG A 69 -7.53 20.93 -19.55
CA ARG A 69 -8.57 21.85 -19.04
C ARG A 69 -8.17 23.28 -18.66
N TYR A 70 -6.92 23.42 -18.24
CA TYR A 70 -6.42 24.69 -17.79
C TYR A 70 -5.34 25.34 -18.65
N GLY A 71 -4.72 24.57 -19.53
CA GLY A 71 -3.58 25.08 -20.30
C GLY A 71 -2.37 25.14 -19.36
N ALA A 72 -2.36 24.33 -18.27
CA ALA A 72 -1.19 24.39 -17.38
C ALA A 72 0.09 23.83 -18.01
N LYS A 73 1.25 24.20 -17.45
CA LYS A 73 2.57 23.71 -17.94
C LYS A 73 3.02 22.62 -16.92
N VAL A 74 3.43 21.46 -17.41
CA VAL A 74 3.84 20.32 -16.58
C VAL A 74 5.37 20.35 -16.46
N ILE A 75 5.80 20.47 -15.22
CA ILE A 75 7.23 20.55 -14.89
C ILE A 75 7.55 19.14 -14.41
N GLY A 76 8.71 18.62 -14.84
CA GLY A 76 9.07 17.26 -14.43
C GLY A 76 10.57 16.94 -14.55
N SER A 77 10.95 15.72 -14.24
CA SER A 77 12.37 15.34 -14.23
C SER A 77 13.00 15.08 -15.60
N ALA A 78 14.11 15.77 -15.93
CA ALA A 78 14.73 15.53 -17.22
C ALA A 78 15.15 14.04 -17.30
N MET A 79 15.66 13.50 -16.19
CA MET A 79 16.04 12.10 -16.20
C MET A 79 14.86 11.15 -16.37
N ASP A 80 13.65 11.68 -16.39
CA ASP A 80 12.48 10.84 -16.49
C ASP A 80 11.57 11.30 -17.58
N LYS A 81 12.01 12.29 -18.35
CA LYS A 81 11.19 12.92 -19.36
C LYS A 81 10.30 11.98 -20.15
N ASP A 82 10.83 10.80 -20.52
CA ASP A 82 10.04 9.87 -21.30
C ASP A 82 9.02 9.11 -20.50
N ARG A 83 8.69 9.59 -19.30
CA ARG A 83 7.68 8.93 -18.47
C ARG A 83 6.70 9.86 -17.76
N ILE A 84 6.84 11.17 -17.92
CA ILE A 84 5.95 12.15 -17.24
C ILE A 84 4.92 12.60 -18.29
N PRO A 85 3.69 12.15 -18.14
CA PRO A 85 2.72 12.58 -19.16
C PRO A 85 2.52 14.07 -19.31
N GLY A 86 2.57 14.50 -20.59
CA GLY A 86 2.32 15.91 -20.88
C GLY A 86 3.42 16.92 -20.54
N ILE A 87 4.60 16.43 -20.15
CA ILE A 87 5.69 17.29 -19.73
C ILE A 87 5.99 18.36 -20.80
N ASP A 88 6.07 19.58 -20.31
CA ASP A 88 6.39 20.73 -21.11
C ASP A 88 7.82 21.20 -20.81
N MET A 89 8.36 20.86 -19.65
CA MET A 89 9.72 21.32 -19.32
C MET A 89 10.38 20.36 -18.36
N ALA A 90 11.61 19.93 -18.69
CA ALA A 90 12.32 18.92 -17.88
C ALA A 90 13.48 19.51 -17.07
N LEU A 91 13.65 19.10 -15.82
CA LEU A 91 14.70 19.70 -15.01
C LEU A 91 15.65 18.68 -14.38
N LYS A 92 16.89 19.09 -14.13
CA LYS A 92 17.91 18.20 -13.58
C LYS A 92 18.35 18.68 -12.21
N ASP A 93 19.17 17.88 -11.52
CA ASP A 93 19.61 18.28 -10.21
C ASP A 93 20.29 19.65 -10.21
N GLY A 94 20.07 20.41 -9.15
CA GLY A 94 20.71 21.70 -9.07
C GLY A 94 19.98 22.79 -9.81
N ASP A 95 19.11 22.42 -10.73
CA ASP A 95 18.35 23.44 -11.45
C ASP A 95 17.53 24.20 -10.48
N LYS A 96 17.41 25.51 -10.77
CA LYS A 96 16.55 26.41 -10.03
C LYS A 96 15.42 26.66 -11.06
N TRP A 97 14.18 26.68 -10.59
CA TRP A 97 12.97 26.92 -11.42
C TRP A 97 12.11 27.94 -10.65
N MET A 98 11.56 28.96 -11.33
CA MET A 98 10.80 29.97 -10.57
C MET A 98 9.28 29.79 -10.68
N PHE A 99 8.64 29.58 -9.53
CA PHE A 99 7.19 29.45 -9.41
C PHE A 99 6.80 30.90 -9.09
N ALA A 100 6.37 31.69 -10.07
CA ALA A 100 6.04 33.10 -9.82
C ALA A 100 7.22 33.76 -9.09
N GLY A 101 8.45 33.55 -9.50
CA GLY A 101 9.45 34.31 -8.73
C GLY A 101 9.83 33.79 -7.34
N HIS A 102 9.36 32.58 -7.05
CA HIS A 102 9.69 31.85 -5.78
C HIS A 102 10.71 30.77 -6.16
N GLU A 103 11.85 30.79 -5.52
CA GLU A 103 12.92 29.84 -5.81
C GLU A 103 12.57 28.40 -5.47
N VAL A 104 12.57 27.55 -6.49
CA VAL A 104 12.39 26.07 -6.31
C VAL A 104 13.74 25.47 -6.75
N HIS A 105 14.29 24.58 -5.92
CA HIS A 105 15.57 23.96 -6.23
C HIS A 105 15.27 22.47 -6.40
N VAL A 106 15.62 21.94 -7.58
CA VAL A 106 15.37 20.54 -7.92
C VAL A 106 16.48 19.66 -7.40
N MET A 107 16.12 18.59 -6.68
CA MET A 107 17.09 17.65 -6.16
C MET A 107 16.77 16.26 -6.67
N ASP A 108 17.66 15.64 -7.48
CA ASP A 108 17.38 14.27 -7.90
C ASP A 108 17.38 13.44 -6.62
N THR A 109 16.43 12.50 -6.48
CA THR A 109 16.32 11.68 -5.28
C THR A 109 15.94 10.25 -5.62
N PRO A 110 16.79 9.57 -6.44
CA PRO A 110 16.55 8.19 -6.84
C PRO A 110 16.43 7.17 -5.67
N GLY A 111 15.71 6.08 -5.87
CA GLY A 111 15.62 5.06 -4.84
C GLY A 111 14.35 4.29 -5.09
N HIS A 112 13.24 4.94 -4.75
CA HIS A 112 11.93 4.34 -4.99
C HIS A 112 11.86 4.16 -6.54
N THR A 113 12.22 5.18 -7.32
CA THR A 113 12.34 5.02 -8.79
C THR A 113 13.68 5.69 -9.13
N LYS A 114 14.07 5.50 -10.41
CA LYS A 114 15.28 6.15 -10.93
C LYS A 114 14.62 7.17 -11.88
N GLY A 115 14.45 8.40 -11.41
CA GLY A 115 13.80 9.42 -12.22
C GLY A 115 13.07 10.33 -11.25
N HIS A 116 12.97 9.89 -9.99
CA HIS A 116 12.30 10.71 -8.91
C HIS A 116 13.06 11.98 -8.57
N ILE A 117 12.36 13.12 -8.44
CA ILE A 117 13.05 14.32 -8.01
C ILE A 117 12.54 14.73 -6.58
N SER A 118 13.22 15.74 -5.99
CA SER A 118 12.89 16.41 -4.72
C SER A 118 12.65 17.87 -5.09
N LEU A 119 11.69 18.53 -4.42
CA LEU A 119 11.35 19.89 -4.79
C LEU A 119 11.45 20.82 -3.60
N TYR A 120 12.55 21.59 -3.55
CA TYR A 120 12.77 22.46 -2.43
C TYR A 120 12.36 23.89 -2.70
N PHE A 121 11.59 24.45 -1.79
CA PHE A 121 11.10 25.86 -1.90
C PHE A 121 11.73 26.52 -0.66
N PRO A 122 12.97 27.06 -0.79
CA PRO A 122 13.63 27.69 0.37
C PRO A 122 12.81 28.81 1.00
N GLY A 123 12.16 29.61 0.14
CA GLY A 123 11.38 30.74 0.65
C GLY A 123 10.29 30.34 1.62
N SER A 124 9.86 29.08 1.51
CA SER A 124 8.81 28.58 2.37
C SER A 124 9.35 27.51 3.34
N ARG A 125 10.63 27.27 3.36
CA ARG A 125 11.23 26.22 4.20
C ARG A 125 10.46 24.92 3.99
N ALA A 126 10.19 24.60 2.72
CA ALA A 126 9.43 23.39 2.39
C ALA A 126 10.13 22.39 1.44
N ILE A 127 9.74 21.12 1.53
CA ILE A 127 10.32 20.22 0.57
C ILE A 127 9.12 19.33 0.16
N PHE A 128 9.02 19.04 -1.16
CA PHE A 128 7.99 18.12 -1.74
C PHE A 128 8.65 16.79 -2.22
N THR A 129 9.07 15.97 -1.27
CA THR A 129 9.82 14.75 -1.59
C THR A 129 8.91 13.74 -2.38
N GLY A 130 7.91 13.18 -1.71
CA GLY A 130 7.07 12.21 -2.40
C GLY A 130 7.23 10.81 -1.85
N ASP A 131 7.68 9.91 -2.72
CA ASP A 131 7.79 8.58 -2.28
C ASP A 131 9.24 8.14 -2.02
N THR A 132 10.11 9.13 -1.83
CA THR A 132 11.50 8.86 -1.55
C THR A 132 11.65 8.95 -0.08
N MET A 133 10.84 9.83 0.60
CA MET A 133 10.78 10.00 2.07
C MET A 133 9.28 10.10 2.56
N PHE A 134 8.94 9.48 3.70
CA PHE A 134 7.64 9.71 4.29
C PHE A 134 7.86 10.09 5.74
N SER A 135 6.76 10.40 6.50
CA SER A 135 7.01 10.55 7.92
C SER A 135 7.10 9.12 8.45
N LEU A 136 8.29 8.81 8.98
CA LEU A 136 8.70 7.52 9.58
C LEU A 136 8.98 6.36 8.65
N SER A 137 9.22 6.66 7.38
CA SER A 137 9.61 5.59 6.44
C SER A 137 10.20 6.25 5.18
N CYS A 138 10.60 5.38 4.20
CA CYS A 138 11.06 5.86 2.89
C CYS A 138 10.28 5.03 1.89
N GLY A 139 10.30 5.39 0.57
CA GLY A 139 9.55 4.61 -0.38
C GLY A 139 10.16 3.22 -0.54
N LYS A 140 9.36 2.30 -0.98
CA LYS A 140 9.87 0.96 -1.31
C LYS A 140 10.88 1.15 -2.46
N LEU A 141 11.76 0.17 -2.66
CA LEU A 141 12.80 0.34 -3.69
C LEU A 141 12.48 -0.42 -4.98
N PHE A 142 11.48 0.06 -5.70
CA PHE A 142 11.06 -0.56 -6.96
C PHE A 142 12.12 -0.48 -8.02
N GLU A 143 12.83 0.65 -8.14
CA GLU A 143 13.85 0.74 -9.20
C GLU A 143 15.28 0.97 -8.72
N GLY A 144 15.46 1.77 -7.67
CA GLY A 144 16.80 2.10 -7.18
C GLY A 144 17.29 1.04 -6.23
N THR A 145 18.38 1.35 -5.54
CA THR A 145 19.00 0.43 -4.63
C THR A 145 19.08 1.09 -3.29
N PRO A 146 19.44 0.31 -2.29
CA PRO A 146 19.59 0.82 -0.94
C PRO A 146 20.56 1.95 -0.99
N LYS A 147 21.66 1.83 -1.78
CA LYS A 147 22.60 2.92 -1.78
C LYS A 147 22.00 4.18 -2.43
N GLN A 148 21.15 3.96 -3.40
CA GLN A 148 20.51 5.06 -4.07
C GLN A 148 19.46 5.69 -3.19
N MET A 149 18.57 4.86 -2.66
CA MET A 149 17.61 5.46 -1.72
C MET A 149 18.46 6.24 -0.69
N LEU A 150 19.49 5.65 -0.04
CA LEU A 150 20.24 6.39 0.99
C LEU A 150 20.83 7.76 0.55
N ALA A 151 21.41 7.87 -0.65
CA ALA A 151 21.97 9.13 -1.08
C ALA A 151 20.87 10.20 -1.15
N SER A 152 19.70 9.80 -1.64
CA SER A 152 18.63 10.80 -1.78
C SER A 152 18.12 11.30 -0.44
N LEU A 153 18.06 10.38 0.51
CA LEU A 153 17.61 10.71 1.84
C LEU A 153 18.51 11.72 2.49
N GLN A 154 19.82 11.45 2.37
CA GLN A 154 20.81 12.38 2.95
C GLN A 154 20.72 13.78 2.35
N LYS A 155 20.30 13.95 1.07
CA LYS A 155 20.17 15.30 0.56
C LYS A 155 19.05 16.02 1.33
N ILE A 156 17.93 15.31 1.55
CA ILE A 156 16.78 15.91 2.26
C ILE A 156 17.29 16.23 3.64
N THR A 157 17.97 15.30 4.31
CA THR A 157 18.48 15.60 5.65
C THR A 157 19.56 16.69 5.64
N SER A 158 20.16 17.02 4.51
CA SER A 158 21.19 18.13 4.50
C SER A 158 20.50 19.55 4.51
N LEU A 159 19.18 19.57 4.38
CA LEU A 159 18.46 20.85 4.39
C LEU A 159 18.30 21.20 5.86
N PRO A 160 17.89 22.46 6.19
CA PRO A 160 17.71 22.87 7.60
C PRO A 160 16.76 21.99 8.43
N ASP A 161 16.71 22.25 9.75
CA ASP A 161 15.89 21.43 10.68
C ASP A 161 14.44 21.83 10.70
N ASP A 162 14.18 23.08 10.46
CA ASP A 162 12.80 23.52 10.50
C ASP A 162 12.05 23.34 9.18
N THR A 163 12.67 22.67 8.22
CA THR A 163 12.07 22.46 6.92
C THR A 163 10.86 21.49 7.06
N SER A 164 9.73 21.91 6.54
CA SER A 164 8.52 21.08 6.55
C SER A 164 8.63 20.11 5.36
N ILE A 165 8.20 18.87 5.57
CA ILE A 165 8.27 17.78 4.57
C ILE A 165 6.88 17.36 4.18
N TYR A 166 6.56 17.53 2.88
CA TYR A 166 5.26 17.19 2.33
C TYR A 166 5.52 16.00 1.37
N CYS A 167 5.13 14.75 1.75
CA CYS A 167 5.34 13.61 0.95
C CYS A 167 4.10 13.10 0.24
N GLY A 168 4.31 12.05 -0.49
CA GLY A 168 3.25 11.51 -1.35
C GLY A 168 2.07 10.77 -0.69
N HIS A 169 2.32 10.19 0.46
CA HIS A 169 1.24 9.42 1.10
C HIS A 169 1.16 9.64 2.60
N GLU A 170 0.00 9.27 3.11
CA GLU A 170 -0.33 9.38 4.53
C GLU A 170 -0.17 7.90 5.06
N TYR A 171 1.09 7.51 5.31
CA TYR A 171 1.40 6.15 5.76
C TYR A 171 1.87 6.19 7.21
N THR A 172 1.75 7.37 7.83
CA THR A 172 2.42 7.59 9.10
C THR A 172 2.03 6.71 10.26
N LEU A 173 0.76 6.42 10.36
CA LEU A 173 0.34 5.62 11.50
C LEU A 173 1.00 4.22 11.50
N SER A 174 0.78 3.43 10.41
CA SER A 174 1.33 2.09 10.34
C SER A 174 2.82 2.22 10.32
N ASN A 175 3.32 3.32 9.75
CA ASN A 175 4.78 3.55 9.70
C ASN A 175 5.27 3.57 11.12
N SER A 176 4.46 4.13 12.03
CA SER A 176 4.95 4.19 13.40
C SER A 176 4.91 2.83 14.13
N LYS A 177 4.00 1.93 13.73
CA LYS A 177 3.95 0.64 14.38
C LYS A 177 5.23 -0.17 14.07
N PHE A 178 5.75 -0.01 12.88
CA PHE A 178 6.97 -0.76 12.55
C PHE A 178 8.16 -0.03 13.28
N ALA A 179 8.22 1.29 13.20
CA ALA A 179 9.32 2.03 13.81
C ALA A 179 9.46 1.65 15.30
N LEU A 180 8.35 1.61 16.03
CA LEU A 180 8.38 1.25 17.46
C LEU A 180 8.83 -0.23 17.66
N SER A 181 8.52 -1.12 16.73
CA SER A 181 8.99 -2.50 16.92
C SER A 181 10.51 -2.47 17.02
N LEU A 182 11.12 -1.51 16.36
CA LEU A 182 12.58 -1.40 16.37
C LEU A 182 13.11 -0.57 17.53
N GLU A 183 12.52 0.57 17.80
CA GLU A 183 13.07 1.44 18.87
C GLU A 183 12.05 1.56 19.98
N PRO A 184 11.90 0.51 20.74
CA PRO A 184 10.92 0.49 21.82
C PRO A 184 11.26 1.35 22.99
N ASN A 185 12.27 2.23 22.88
CA ASN A 185 12.65 3.14 24.03
C ASN A 185 12.93 4.58 23.56
N ASN A 186 12.82 4.85 22.24
CA ASN A 186 13.07 6.23 21.75
C ASN A 186 11.87 7.03 22.16
N GLU A 187 12.04 7.96 23.13
CA GLU A 187 10.84 8.67 23.64
C GLU A 187 10.28 9.70 22.73
N VAL A 188 11.10 10.22 21.82
CA VAL A 188 10.57 11.15 20.90
C VAL A 188 9.73 10.29 19.99
N LEU A 189 10.26 9.14 19.54
CA LEU A 189 9.45 8.26 18.67
C LEU A 189 8.26 7.70 19.52
N GLN A 190 8.30 7.84 20.84
CA GLN A 190 7.13 7.41 21.60
C GLN A 190 5.96 8.34 21.60
N SER A 191 6.23 9.62 21.77
CA SER A 191 5.14 10.59 21.85
C SER A 191 4.59 10.98 20.48
N TYR A 192 5.50 11.05 19.50
CA TYR A 192 5.06 11.40 18.16
C TYR A 192 4.06 10.36 17.63
N ALA A 193 4.34 9.08 17.84
CA ALA A 193 3.46 8.03 17.35
C ALA A 193 2.08 8.16 18.03
N ALA A 194 2.07 8.57 19.31
CA ALA A 194 0.77 8.75 19.96
C ALA A 194 0.02 9.93 19.35
N HIS A 195 0.72 11.03 19.10
CA HIS A 195 0.04 12.19 18.51
C HIS A 195 -0.50 11.81 17.11
N VAL A 196 0.26 10.99 16.39
CA VAL A 196 -0.14 10.53 15.05
C VAL A 196 -1.40 9.66 15.20
N ALA A 197 -1.42 8.82 16.21
CA ALA A 197 -2.58 7.97 16.45
C ALA A 197 -3.80 8.84 16.78
N GLU A 198 -3.56 9.98 17.43
CA GLU A 198 -4.65 10.92 17.75
C GLU A 198 -5.21 11.55 16.49
N LEU A 199 -4.31 12.08 15.64
CA LEU A 199 -4.71 12.77 14.37
C LEU A 199 -5.54 11.80 13.50
N ARG A 200 -5.02 10.60 13.30
CA ARG A 200 -5.73 9.64 12.47
C ARG A 200 -7.12 9.36 13.04
N SER A 201 -7.25 9.12 14.36
CA SER A 201 -8.61 8.88 14.88
C SER A 201 -9.59 10.01 14.59
N LYS A 202 -9.06 11.19 14.25
CA LYS A 202 -9.86 12.34 13.86
C LYS A 202 -9.86 12.49 12.35
N LYS A 203 -9.25 11.51 11.69
CA LYS A 203 -9.22 11.45 10.22
C LYS A 203 -8.48 12.62 9.61
N LEU A 204 -7.63 13.25 10.39
CA LEU A 204 -6.84 14.36 9.88
C LEU A 204 -5.42 13.88 9.48
N PRO A 205 -4.92 14.39 8.40
CA PRO A 205 -3.60 14.11 7.84
C PRO A 205 -2.57 14.31 8.90
N THR A 206 -1.42 13.64 8.77
CA THR A 206 -0.33 13.82 9.71
C THR A 206 0.74 14.67 9.02
N ILE A 207 0.49 15.01 7.75
CA ILE A 207 1.47 15.71 6.90
C ILE A 207 1.20 17.18 7.07
N PRO A 208 2.25 17.98 7.08
CA PRO A 208 3.66 17.59 6.90
C PRO A 208 4.41 17.19 8.16
N THR A 209 5.62 16.66 7.96
CA THR A 209 6.44 16.38 9.10
C THR A 209 7.58 17.42 8.98
N THR A 210 8.68 17.21 9.71
CA THR A 210 9.80 18.16 9.58
C THR A 210 11.10 17.42 9.55
N VAL A 211 12.16 18.08 9.08
CA VAL A 211 13.45 17.45 9.09
C VAL A 211 13.82 17.04 10.52
N LYS A 212 13.57 17.93 11.50
CA LYS A 212 13.92 17.65 12.89
C LYS A 212 13.23 16.38 13.32
N MET A 213 11.92 16.35 13.16
CA MET A 213 11.18 15.17 13.60
C MET A 213 11.62 13.91 12.94
N GLU A 214 11.89 13.94 11.64
CA GLU A 214 12.23 12.66 11.02
C GLU A 214 13.62 12.19 11.49
N LYS A 215 14.55 13.15 11.71
CA LYS A 215 15.86 12.73 12.21
C LYS A 215 15.67 12.06 13.58
N ALA A 216 14.73 12.59 14.39
CA ALA A 216 14.55 12.04 15.74
C ALA A 216 13.80 10.74 15.77
N CYS A 217 12.86 10.58 14.81
CA CYS A 217 11.99 9.40 14.86
C CYS A 217 11.99 8.37 13.73
N ASN A 218 12.46 8.76 12.52
CA ASN A 218 12.31 7.88 11.35
C ASN A 218 13.40 6.82 11.38
N PRO A 219 13.03 5.57 11.66
CA PRO A 219 14.13 4.57 11.73
C PRO A 219 15.04 4.52 10.49
N PHE A 220 14.57 4.92 9.31
CA PHE A 220 15.50 4.90 8.16
C PHE A 220 16.60 5.99 8.32
N LEU A 221 16.36 7.01 9.14
CA LEU A 221 17.38 8.02 9.34
C LEU A 221 18.17 7.74 10.62
N ARG A 222 17.94 6.59 11.27
CA ARG A 222 18.58 6.33 12.56
C ARG A 222 19.18 4.91 12.64
N SER A 223 19.53 4.39 11.48
CA SER A 223 20.01 3.03 11.36
C SER A 223 21.31 2.62 12.06
N SER A 224 21.98 3.60 12.67
CA SER A 224 23.19 3.34 13.44
C SER A 224 22.82 3.17 14.95
N ASN A 225 21.56 3.45 15.30
CA ASN A 225 21.11 3.29 16.64
C ASN A 225 21.32 1.83 17.02
N THR A 226 21.85 1.61 18.21
CA THR A 226 22.16 0.29 18.73
C THR A 226 20.91 -0.61 18.91
N ASP A 227 19.76 0.01 19.08
CA ASP A 227 18.56 -0.80 19.27
C ASP A 227 17.98 -1.30 17.96
N ILE A 228 17.94 -0.42 16.96
CA ILE A 228 17.43 -0.81 15.66
C ILE A 228 18.31 -1.93 15.09
N ARG A 229 19.65 -1.76 15.07
CA ARG A 229 20.49 -2.84 14.52
C ARG A 229 20.31 -4.18 15.24
N ARG A 230 20.18 -4.12 16.55
CA ARG A 230 19.99 -5.33 17.29
C ARG A 230 18.64 -5.99 16.97
N ALA A 231 17.58 -5.21 16.94
CA ALA A 231 16.25 -5.79 16.61
C ALA A 231 16.26 -6.56 15.27
N LEU A 232 17.07 -6.07 14.30
CA LEU A 232 17.11 -6.73 12.98
C LEU A 232 18.36 -7.53 12.69
N ARG A 233 19.16 -7.73 13.73
CA ARG A 233 20.43 -8.45 13.59
C ARG A 233 21.25 -7.91 12.45
N ILE A 234 21.41 -6.59 12.51
CA ILE A 234 22.24 -5.90 11.53
C ILE A 234 23.66 -5.88 12.15
N PRO A 235 24.66 -6.37 11.40
CA PRO A 235 26.03 -6.42 11.90
C PRO A 235 26.53 -5.04 12.28
N GLU A 236 27.27 -4.96 13.37
CA GLU A 236 27.84 -3.69 13.73
C GLU A 236 28.71 -3.18 12.60
N ALA A 237 29.35 -4.10 11.87
CA ALA A 237 30.20 -3.69 10.75
C ALA A 237 29.46 -3.32 9.48
N ALA A 238 28.14 -3.49 9.41
CA ALA A 238 27.48 -3.18 8.13
C ALA A 238 27.56 -1.69 7.81
N ASP A 239 27.73 -1.30 6.56
CA ASP A 239 27.71 0.14 6.30
C ASP A 239 26.24 0.56 6.14
N GLU A 240 26.03 1.86 5.94
CA GLU A 240 24.72 2.46 5.84
C GLU A 240 23.82 1.85 4.82
N ALA A 241 24.23 1.96 3.58
CA ALA A 241 23.42 1.39 2.55
C ALA A 241 23.02 -0.09 2.80
N GLU A 242 23.92 -0.94 3.34
CA GLU A 242 23.51 -2.36 3.59
C GLU A 242 22.39 -2.46 4.64
N ALA A 243 22.56 -1.72 5.77
CA ALA A 243 21.58 -1.68 6.87
C ALA A 243 20.27 -1.14 6.24
N LEU A 244 20.38 -0.13 5.37
CA LEU A 244 19.15 0.39 4.70
C LEU A 244 18.39 -0.72 4.01
N GLY A 245 19.09 -1.49 3.14
CA GLY A 245 18.46 -2.63 2.49
C GLY A 245 17.80 -3.60 3.48
N ILE A 246 18.46 -3.88 4.60
CA ILE A 246 17.91 -4.76 5.67
C ILE A 246 16.64 -4.17 6.29
N ILE A 247 16.72 -2.92 6.80
CA ILE A 247 15.55 -2.26 7.38
C ILE A 247 14.42 -2.27 6.37
N ARG A 248 14.74 -2.00 5.10
CA ARG A 248 13.66 -1.91 4.08
C ARG A 248 13.00 -3.27 3.88
N LYS A 249 13.76 -4.34 3.80
CA LYS A 249 13.10 -5.64 3.62
C LYS A 249 12.38 -5.96 4.98
N ALA A 250 12.92 -5.47 6.07
CA ALA A 250 12.26 -5.77 7.34
C ALA A 250 10.81 -5.23 7.32
N LYS A 251 10.72 -3.94 7.00
CA LYS A 251 9.42 -3.31 6.96
C LYS A 251 8.57 -3.92 5.87
N ASP A 252 9.18 -4.12 4.67
CA ASP A 252 8.46 -4.69 3.55
C ASP A 252 7.69 -5.94 3.95
N ASP A 253 8.31 -6.80 4.77
CA ASP A 253 7.70 -8.07 5.13
C ASP A 253 7.16 -8.13 6.58
N PHE A 254 6.88 -6.95 7.14
CA PHE A 254 6.41 -6.81 8.55
C PHE A 254 4.86 -7.06 8.61
N MET B 1 -23.91 -19.87 6.90
CA MET B 1 -22.91 -19.11 7.72
C MET B 1 -22.93 -17.64 7.22
N GLN B 2 -22.99 -16.67 8.13
CA GLN B 2 -22.98 -15.28 7.70
C GLN B 2 -21.51 -14.91 7.70
N ILE B 3 -21.11 -14.17 6.68
CA ILE B 3 -19.73 -13.67 6.52
C ILE B 3 -19.79 -12.15 6.56
N GLU B 4 -19.50 -11.59 7.74
CA GLU B 4 -19.55 -10.15 7.95
C GLU B 4 -18.16 -9.54 7.85
N LEU B 5 -17.95 -8.78 6.76
CA LEU B 5 -16.66 -8.16 6.55
C LEU B 5 -16.57 -6.90 7.38
N VAL B 6 -15.40 -6.74 8.01
CA VAL B 6 -15.10 -5.59 8.88
C VAL B 6 -13.86 -4.87 8.37
N PRO B 7 -13.99 -3.57 8.03
CA PRO B 7 -12.81 -2.83 7.56
C PRO B 7 -12.00 -2.45 8.79
N CYS B 8 -10.67 -2.54 8.64
CA CYS B 8 -9.74 -2.23 9.71
C CYS B 8 -8.47 -1.62 9.07
N LEU B 9 -7.69 -0.85 9.85
CA LEU B 9 -6.47 -0.19 9.35
C LEU B 9 -6.68 0.62 8.03
N LYS B 10 -5.67 0.70 7.19
CA LYS B 10 -5.74 1.55 6.03
C LYS B 10 -6.70 1.02 5.01
N ASP B 11 -6.63 -0.29 4.79
CA ASP B 11 -7.48 -0.91 3.83
C ASP B 11 -7.53 -2.42 3.94
N ASN B 12 -7.38 -2.91 5.19
CA ASN B 12 -7.53 -4.33 5.39
C ASN B 12 -9.03 -4.68 5.50
N TYR B 13 -9.27 -5.99 5.47
CA TYR B 13 -10.56 -6.67 5.71
C TYR B 13 -10.39 -7.90 6.64
N ALA B 14 -10.90 -7.81 7.88
CA ALA B 14 -11.00 -9.00 8.77
C ALA B 14 -12.45 -9.50 8.41
N TYR B 15 -12.87 -10.66 8.87
CA TYR B 15 -14.20 -11.15 8.52
C TYR B 15 -14.77 -11.80 9.76
N ILE B 16 -16.01 -11.47 10.05
CA ILE B 16 -16.71 -12.04 11.22
C ILE B 16 -17.52 -13.20 10.65
N LEU B 17 -17.25 -14.41 11.18
CA LEU B 17 -17.92 -15.62 10.71
C LEU B 17 -18.99 -15.98 11.72
N HIS B 18 -20.26 -15.98 11.30
CA HIS B 18 -21.39 -16.28 12.18
C HIS B 18 -22.07 -17.62 11.79
N ASP B 19 -21.91 -18.66 12.60
CA ASP B 19 -22.62 -19.89 12.28
C ASP B 19 -24.10 -19.53 12.44
N GLU B 20 -24.97 -20.36 11.89
CA GLU B 20 -26.37 -20.07 12.00
C GLU B 20 -26.95 -20.88 13.17
N ASP B 21 -26.70 -22.19 13.15
CA ASP B 21 -27.24 -23.04 14.20
C ASP B 21 -26.76 -22.70 15.62
N THR B 22 -25.43 -22.59 15.79
CA THR B 22 -24.91 -22.36 17.13
C THR B 22 -24.50 -20.91 17.27
N GLY B 23 -24.64 -20.24 16.17
CA GLY B 23 -24.32 -18.86 16.23
C GLY B 23 -22.84 -18.66 16.31
N THR B 24 -22.06 -19.73 16.72
CA THR B 24 -20.57 -19.78 16.84
C THR B 24 -19.99 -18.69 15.96
N VAL B 25 -19.05 -17.94 16.52
CA VAL B 25 -18.41 -16.84 15.79
C VAL B 25 -16.92 -17.08 15.67
N GLY B 26 -16.34 -16.60 14.57
CA GLY B 26 -14.89 -16.69 14.39
C GLY B 26 -14.48 -15.39 13.72
N VAL B 27 -13.18 -15.00 13.77
CA VAL B 27 -12.73 -13.81 13.05
C VAL B 27 -11.46 -14.19 12.27
N VAL B 28 -11.45 -13.85 10.99
CA VAL B 28 -10.32 -14.11 10.11
C VAL B 28 -9.52 -12.83 10.01
N ASP B 29 -8.23 -12.97 10.26
CA ASP B 29 -7.30 -11.85 10.11
C ASP B 29 -7.58 -10.56 10.83
N PRO B 30 -7.85 -10.62 12.12
CA PRO B 30 -8.10 -9.41 12.94
C PRO B 30 -6.85 -8.52 12.91
N SER B 31 -6.84 -7.50 12.06
CA SER B 31 -5.71 -6.57 11.97
C SER B 31 -5.36 -5.90 13.31
N GLU B 32 -6.41 -5.60 14.08
CA GLU B 32 -6.32 -4.95 15.40
C GLU B 32 -7.56 -5.42 16.13
N ALA B 33 -7.49 -5.45 17.46
CA ALA B 33 -8.63 -5.90 18.22
C ALA B 33 -9.78 -4.88 18.23
N GLU B 34 -9.43 -3.58 18.27
CA GLU B 34 -10.43 -2.53 18.43
C GLU B 34 -11.66 -2.67 17.63
N PRO B 35 -11.52 -2.78 16.31
CA PRO B 35 -12.65 -2.93 15.40
C PRO B 35 -13.48 -4.23 15.62
N ILE B 36 -12.84 -5.31 16.09
CA ILE B 36 -13.55 -6.55 16.30
C ILE B 36 -14.36 -6.54 17.62
N ILE B 37 -13.73 -5.99 18.67
CA ILE B 37 -14.40 -5.85 19.96
C ILE B 37 -15.63 -4.95 19.75
N ASP B 38 -15.43 -3.74 19.23
CA ASP B 38 -16.52 -2.80 19.04
C ASP B 38 -17.55 -3.29 18.00
N SER B 39 -17.31 -4.48 17.44
CA SER B 39 -18.22 -5.07 16.49
C SER B 39 -18.98 -6.25 17.10
N LEU B 40 -18.34 -7.02 18.00
CA LEU B 40 -19.00 -8.16 18.64
C LEU B 40 -20.05 -7.77 19.67
N LYS B 41 -19.90 -6.58 20.25
CA LYS B 41 -20.85 -6.10 21.25
C LYS B 41 -22.26 -5.90 20.66
N ARG B 42 -22.35 -5.69 19.36
CA ARG B 42 -23.64 -5.46 18.71
C ARG B 42 -24.42 -6.76 18.48
N SER B 43 -23.70 -7.77 18.04
CA SER B 43 -24.30 -9.09 17.80
C SER B 43 -24.78 -9.78 19.11
N GLY B 44 -24.14 -9.46 20.23
CA GLY B 44 -24.45 -10.10 21.49
C GLY B 44 -23.73 -11.45 21.60
N ARG B 45 -22.51 -11.56 21.09
CA ARG B 45 -21.82 -12.84 21.22
C ARG B 45 -20.35 -12.74 21.64
N ASN B 46 -19.75 -13.86 22.04
CA ASN B 46 -18.33 -13.80 22.42
C ASN B 46 -17.57 -14.45 21.27
N LEU B 47 -16.25 -14.33 21.22
CA LEU B 47 -15.48 -14.87 20.12
C LEU B 47 -14.93 -16.27 20.43
N THR B 48 -15.13 -17.27 19.55
CA THR B 48 -14.65 -18.61 19.83
C THR B 48 -13.32 -18.92 19.16
N TYR B 49 -13.17 -18.35 17.96
CA TYR B 49 -11.99 -18.65 17.14
C TYR B 49 -11.41 -17.44 16.40
N ILE B 50 -10.11 -17.40 16.30
CA ILE B 50 -9.36 -16.40 15.51
C ILE B 50 -8.69 -17.25 14.44
N LEU B 51 -8.78 -16.83 13.16
CA LEU B 51 -8.13 -17.60 12.07
C LEU B 51 -7.23 -16.63 11.32
N ASN B 52 -5.97 -17.04 11.03
CA ASN B 52 -5.06 -16.17 10.33
C ASN B 52 -4.60 -16.74 8.97
N THR B 53 -4.71 -15.92 7.91
CA THR B 53 -4.22 -16.39 6.61
C THR B 53 -2.65 -16.33 6.53
N HIS B 54 -2.06 -15.36 7.26
CA HIS B 54 -0.60 -15.24 7.24
C HIS B 54 -0.11 -14.37 8.39
N HIS B 55 1.20 -14.14 8.50
CA HIS B 55 1.76 -13.51 9.72
C HIS B 55 1.86 -12.02 9.89
N HIS B 56 1.79 -11.31 8.78
CA HIS B 56 2.01 -9.88 8.81
C HIS B 56 1.18 -9.27 9.89
N TYR B 57 1.69 -8.15 10.41
CA TYR B 57 1.07 -7.46 11.52
C TYR B 57 -0.35 -6.98 11.22
N ASP B 58 -0.60 -6.62 9.94
CA ASP B 58 -1.93 -6.18 9.58
C ASP B 58 -2.97 -7.32 9.50
N HIS B 59 -2.54 -8.57 9.75
CA HIS B 59 -3.48 -9.69 9.80
C HIS B 59 -3.49 -10.39 11.14
N THR B 60 -2.55 -10.03 12.03
CA THR B 60 -2.46 -10.70 13.33
C THR B 60 -2.40 -9.75 14.51
N GLY B 61 -2.44 -8.45 14.23
CA GLY B 61 -2.25 -7.48 15.31
C GLY B 61 -3.27 -7.59 16.42
N GLY B 62 -4.46 -8.07 16.07
CA GLY B 62 -5.53 -8.22 17.05
C GLY B 62 -5.44 -9.54 17.82
N ASN B 63 -4.64 -10.50 17.35
CA ASN B 63 -4.64 -11.83 17.99
C ASN B 63 -4.58 -11.87 19.51
N LEU B 64 -3.54 -11.23 20.05
CA LEU B 64 -3.29 -11.35 21.48
C LEU B 64 -4.39 -10.73 22.32
N GLU B 65 -4.74 -9.51 21.97
CA GLU B 65 -5.76 -8.87 22.77
C GLU B 65 -7.04 -9.68 22.71
N LEU B 66 -7.37 -10.13 21.48
CA LEU B 66 -8.58 -10.90 21.29
C LEU B 66 -8.56 -12.22 22.04
N LYS B 67 -7.45 -12.96 21.94
CA LYS B 67 -7.39 -14.24 22.61
C LYS B 67 -7.55 -13.99 24.13
N ASP B 68 -6.96 -12.91 24.64
CA ASP B 68 -7.07 -12.68 26.07
C ASP B 68 -8.47 -12.21 26.51
N ARG B 69 -8.96 -11.14 25.84
CA ARG B 69 -10.22 -10.56 26.20
C ARG B 69 -11.41 -11.42 25.76
N TYR B 70 -11.11 -12.64 25.33
CA TYR B 70 -12.18 -13.53 24.93
C TYR B 70 -12.06 -15.00 25.24
N GLY B 71 -10.85 -15.48 25.45
CA GLY B 71 -10.71 -16.92 25.59
C GLY B 71 -10.93 -17.63 24.26
N ALA B 72 -10.52 -17.02 23.12
CA ALA B 72 -10.71 -17.63 21.76
C ALA B 72 -9.47 -18.50 21.40
N LYS B 73 -9.63 -19.49 20.50
CA LYS B 73 -8.55 -20.37 20.10
C LYS B 73 -8.07 -19.82 18.75
N VAL B 74 -6.77 -19.64 18.63
CA VAL B 74 -6.12 -19.15 17.40
C VAL B 74 -5.75 -20.34 16.51
N ILE B 75 -6.32 -20.29 15.30
CA ILE B 75 -6.15 -21.31 14.27
C ILE B 75 -5.23 -20.75 13.16
N GLY B 76 -4.08 -21.41 12.93
CA GLY B 76 -3.20 -20.89 11.92
C GLY B 76 -2.39 -21.93 11.18
N SER B 77 -1.45 -21.44 10.40
CA SER B 77 -0.63 -22.31 9.59
C SER B 77 0.47 -23.09 10.35
N ALA B 78 0.56 -24.36 10.01
CA ALA B 78 1.57 -25.27 10.55
C ALA B 78 2.99 -24.86 10.04
N MET B 79 3.03 -24.03 9.01
CA MET B 79 4.33 -23.52 8.53
C MET B 79 4.85 -22.33 9.39
N ASP B 80 3.94 -21.52 9.95
CA ASP B 80 4.25 -20.31 10.77
C ASP B 80 3.93 -20.48 12.22
N LYS B 81 4.23 -21.66 12.76
CA LYS B 81 3.92 -21.90 14.15
C LYS B 81 4.62 -20.90 15.06
N ASP B 82 5.74 -20.33 14.63
CA ASP B 82 6.46 -19.41 15.49
C ASP B 82 6.06 -17.96 15.26
N ARG B 83 5.26 -17.73 14.19
CA ARG B 83 4.91 -16.35 13.83
C ARG B 83 3.47 -15.90 14.07
N ILE B 84 2.56 -16.86 14.19
CA ILE B 84 1.22 -16.47 14.42
C ILE B 84 1.05 -16.26 15.94
N PRO B 85 0.69 -15.03 16.35
CA PRO B 85 0.55 -14.84 17.80
C PRO B 85 -0.52 -15.72 18.48
N GLY B 86 -0.05 -16.42 19.51
CA GLY B 86 -0.92 -17.25 20.36
C GLY B 86 -1.52 -18.48 19.69
N ILE B 87 -0.89 -18.93 18.62
CA ILE B 87 -1.45 -20.06 17.90
C ILE B 87 -1.72 -21.28 18.81
N ASP B 88 -2.92 -21.87 18.64
CA ASP B 88 -3.37 -23.04 19.42
C ASP B 88 -3.48 -24.33 18.56
N MET B 89 -3.85 -24.12 17.30
CA MET B 89 -4.07 -25.20 16.35
C MET B 89 -3.30 -24.88 15.12
N ALA B 90 -2.37 -25.78 14.78
CA ALA B 90 -1.52 -25.56 13.65
C ALA B 90 -1.90 -26.48 12.50
N LEU B 91 -2.46 -25.88 11.43
CA LEU B 91 -2.99 -26.68 10.32
C LEU B 91 -2.13 -26.76 9.08
N LYS B 92 -2.16 -27.95 8.43
CA LYS B 92 -1.35 -28.16 7.27
C LYS B 92 -2.19 -28.25 6.08
N ASP B 93 -1.58 -27.99 4.91
CA ASP B 93 -2.30 -28.11 3.65
C ASP B 93 -3.11 -29.43 3.58
N GLY B 94 -4.37 -29.33 3.18
CA GLY B 94 -5.22 -30.52 3.08
C GLY B 94 -6.06 -30.86 4.30
N ASP B 95 -5.75 -30.31 5.47
CA ASP B 95 -6.65 -30.62 6.60
C ASP B 95 -8.05 -30.03 6.36
N LYS B 96 -9.04 -30.61 7.04
CA LYS B 96 -10.42 -30.17 6.95
C LYS B 96 -10.94 -29.84 8.32
N TRP B 97 -10.52 -28.71 8.93
CA TRP B 97 -10.91 -28.27 10.26
C TRP B 97 -12.40 -28.02 10.33
N MET B 98 -12.95 -28.08 11.55
CA MET B 98 -14.38 -27.90 11.73
C MET B 98 -14.83 -26.66 12.46
N PHE B 99 -15.48 -25.77 11.70
CA PHE B 99 -16.09 -24.57 12.26
C PHE B 99 -17.54 -25.01 12.61
N ALA B 100 -17.85 -25.20 13.91
CA ALA B 100 -19.18 -25.67 14.31
C ALA B 100 -19.46 -26.83 13.36
N GLY B 101 -18.56 -27.74 13.20
CA GLY B 101 -18.97 -28.81 12.30
C GLY B 101 -19.37 -28.55 10.85
N HIS B 102 -18.71 -27.55 10.29
CA HIS B 102 -18.86 -27.26 8.84
C HIS B 102 -17.45 -27.41 8.24
N GLU B 103 -17.40 -27.82 7.00
CA GLU B 103 -16.18 -28.03 6.30
C GLU B 103 -15.28 -26.78 6.19
N VAL B 104 -14.09 -26.89 6.74
CA VAL B 104 -13.08 -25.85 6.58
C VAL B 104 -11.84 -26.59 6.07
N HIS B 105 -11.51 -26.37 4.78
CA HIS B 105 -10.34 -26.98 4.14
C HIS B 105 -9.22 -25.96 4.00
N VAL B 106 -8.04 -26.36 4.46
CA VAL B 106 -6.90 -25.44 4.42
C VAL B 106 -6.01 -25.75 3.24
N MET B 107 -5.60 -24.68 2.51
CA MET B 107 -4.71 -24.86 1.36
C MET B 107 -3.46 -24.01 1.60
N ASP B 108 -2.30 -24.64 1.55
CA ASP B 108 -1.03 -23.86 1.63
C ASP B 108 -1.01 -22.97 0.35
N THR B 109 -0.74 -21.68 0.51
CA THR B 109 -0.76 -20.77 -0.64
C THR B 109 0.39 -19.78 -0.51
N PRO B 110 1.63 -20.30 -0.55
CA PRO B 110 2.83 -19.47 -0.45
C PRO B 110 3.00 -18.51 -1.61
N GLY B 111 3.70 -17.42 -1.35
CA GLY B 111 4.00 -16.43 -2.39
C GLY B 111 4.24 -15.11 -1.70
N HIS B 112 3.14 -14.48 -1.28
CA HIS B 112 3.25 -13.18 -0.58
C HIS B 112 4.18 -13.49 0.61
N THR B 113 3.84 -14.53 1.38
CA THR B 113 4.73 -15.02 2.45
C THR B 113 4.92 -16.49 2.23
N LYS B 114 5.97 -17.10 2.85
CA LYS B 114 6.15 -18.55 2.78
C LYS B 114 5.51 -18.97 4.13
N GLY B 115 4.34 -19.64 4.01
CA GLY B 115 3.50 -20.04 5.16
C GLY B 115 2.03 -19.57 5.09
N HIS B 116 1.73 -18.68 4.16
CA HIS B 116 0.38 -18.18 3.95
C HIS B 116 -0.49 -19.38 3.58
N ILE B 117 -1.70 -19.42 4.13
CA ILE B 117 -2.70 -20.48 3.83
C ILE B 117 -3.92 -19.78 3.25
N SER B 118 -4.86 -20.57 2.76
CA SER B 118 -6.09 -20.05 2.22
C SER B 118 -7.09 -21.00 2.95
N LEU B 119 -8.30 -20.51 3.20
CA LEU B 119 -9.27 -21.25 3.98
C LEU B 119 -10.54 -21.36 3.15
N TYR B 120 -10.83 -22.57 2.70
CA TYR B 120 -12.02 -22.89 1.86
C TYR B 120 -13.17 -23.41 2.74
N PHE B 121 -14.37 -22.82 2.55
CA PHE B 121 -15.63 -23.14 3.29
C PHE B 121 -16.61 -23.56 2.17
N PRO B 122 -16.50 -24.83 1.69
CA PRO B 122 -17.38 -25.26 0.61
C PRO B 122 -18.86 -25.11 1.02
N GLY B 123 -19.08 -25.20 2.33
CA GLY B 123 -20.43 -25.04 2.90
C GLY B 123 -21.09 -23.69 2.71
N SER B 124 -20.30 -22.72 2.23
CA SER B 124 -20.77 -21.38 2.06
C SER B 124 -20.31 -20.77 0.72
N ARG B 125 -19.75 -21.63 -0.12
CA ARG B 125 -19.25 -21.24 -1.43
C ARG B 125 -18.34 -20.02 -1.23
N ALA B 126 -17.50 -20.08 -0.21
CA ALA B 126 -16.57 -18.97 0.07
C ALA B 126 -15.15 -19.42 0.34
N ILE B 127 -14.19 -18.57 -0.09
CA ILE B 127 -12.79 -18.88 0.23
C ILE B 127 -12.10 -17.59 0.79
N PHE B 128 -11.32 -17.73 1.85
CA PHE B 128 -10.56 -16.59 2.44
C PHE B 128 -9.14 -16.73 1.95
N THR B 129 -8.73 -15.74 1.12
CA THR B 129 -7.45 -15.80 0.44
C THR B 129 -6.36 -14.90 1.02
N GLY B 130 -6.66 -14.19 2.12
CA GLY B 130 -5.62 -13.36 2.68
C GLY B 130 -5.02 -12.44 1.62
N ASP B 131 -3.65 -12.37 1.57
CA ASP B 131 -3.02 -11.49 0.60
C ASP B 131 -2.38 -12.30 -0.53
N THR B 132 -3.00 -13.48 -0.83
CA THR B 132 -2.55 -14.28 -1.93
C THR B 132 -3.29 -13.75 -3.17
N MET B 133 -4.63 -13.78 -3.14
CA MET B 133 -5.35 -13.24 -4.31
C MET B 133 -6.28 -12.13 -3.86
N PHE B 134 -6.18 -10.96 -4.53
CA PHE B 134 -7.10 -9.83 -4.26
C PHE B 134 -8.04 -9.75 -5.47
N SER B 135 -8.93 -8.75 -5.50
CA SER B 135 -9.68 -8.56 -6.75
C SER B 135 -8.76 -7.83 -7.71
N LEU B 136 -8.45 -8.50 -8.82
CA LEU B 136 -7.58 -7.99 -9.89
C LEU B 136 -6.11 -7.91 -9.58
N SER B 137 -5.63 -8.58 -8.48
CA SER B 137 -4.18 -8.61 -8.22
C SER B 137 -3.84 -9.84 -7.40
N CYS B 138 -2.57 -9.95 -7.05
CA CYS B 138 -2.13 -11.02 -6.16
C CYS B 138 -1.20 -10.31 -5.16
N GLY B 139 -0.85 -10.97 -4.07
CA GLY B 139 0.03 -10.31 -3.15
C GLY B 139 1.43 -10.00 -3.69
N LYS B 140 2.09 -9.00 -3.10
CA LYS B 140 3.49 -8.75 -3.44
C LYS B 140 4.30 -9.96 -3.01
N LEU B 141 5.46 -10.19 -3.70
CA LEU B 141 6.22 -11.40 -3.40
C LEU B 141 7.29 -11.14 -2.35
N PHE B 142 6.84 -10.86 -1.11
CA PHE B 142 7.84 -10.54 -0.09
C PHE B 142 8.74 -11.74 0.24
N GLU B 143 8.16 -12.95 0.35
CA GLU B 143 8.95 -14.10 0.69
C GLU B 143 9.02 -15.16 -0.36
N GLY B 144 7.96 -15.36 -1.16
CA GLY B 144 7.94 -16.48 -2.10
C GLY B 144 8.34 -16.07 -3.46
N THR B 145 8.30 -17.07 -4.36
CA THR B 145 8.67 -16.88 -5.72
C THR B 145 7.44 -16.79 -6.64
N PRO B 146 7.66 -16.40 -7.88
CA PRO B 146 6.57 -16.31 -8.86
C PRO B 146 5.99 -17.71 -9.07
N LYS B 147 6.84 -18.72 -9.25
CA LYS B 147 6.37 -20.07 -9.44
C LYS B 147 5.44 -20.48 -8.28
N GLN B 148 5.79 -20.05 -7.07
CA GLN B 148 4.95 -20.38 -5.92
C GLN B 148 3.61 -19.62 -6.06
N MET B 149 3.68 -18.33 -6.32
CA MET B 149 2.39 -17.62 -6.43
C MET B 149 1.47 -18.19 -7.49
N LEU B 150 2.06 -18.46 -8.64
CA LEU B 150 1.27 -19.02 -9.73
C LEU B 150 0.61 -20.30 -9.22
N ALA B 151 1.37 -21.21 -8.60
CA ALA B 151 0.73 -22.44 -8.15
C ALA B 151 -0.36 -22.15 -7.13
N SER B 152 -0.12 -21.18 -6.25
CA SER B 152 -1.15 -20.84 -5.26
C SER B 152 -2.38 -20.27 -5.96
N LEU B 153 -2.20 -19.38 -6.94
CA LEU B 153 -3.34 -18.83 -7.62
C LEU B 153 -4.08 -19.94 -8.40
N GLN B 154 -3.34 -20.91 -8.91
CA GLN B 154 -3.91 -22.06 -9.62
C GLN B 154 -4.82 -22.88 -8.70
N LYS B 155 -4.40 -23.05 -7.46
CA LYS B 155 -5.28 -23.78 -6.53
C LYS B 155 -6.63 -23.07 -6.38
N ILE B 156 -6.60 -21.79 -6.03
CA ILE B 156 -7.84 -21.08 -5.86
C ILE B 156 -8.72 -21.10 -7.14
N THR B 157 -8.07 -21.01 -8.32
CA THR B 157 -8.86 -20.94 -9.55
C THR B 157 -9.36 -22.31 -9.95
N SER B 158 -8.86 -23.36 -9.29
CA SER B 158 -9.39 -24.70 -9.60
C SER B 158 -10.69 -24.98 -8.81
N LEU B 159 -11.19 -23.97 -8.10
CA LEU B 159 -12.45 -24.06 -7.34
C LEU B 159 -13.67 -23.60 -8.23
N PRO B 160 -14.88 -23.98 -7.85
CA PRO B 160 -16.01 -23.55 -8.73
C PRO B 160 -16.13 -22.06 -9.03
N ASP B 161 -16.43 -21.75 -10.28
CA ASP B 161 -16.52 -20.34 -10.62
C ASP B 161 -17.38 -19.50 -9.69
N ASP B 162 -18.39 -20.09 -9.04
CA ASP B 162 -19.26 -19.33 -8.16
C ASP B 162 -18.70 -19.20 -6.74
N THR B 163 -17.48 -19.68 -6.48
CA THR B 163 -16.91 -19.52 -5.16
C THR B 163 -16.55 -18.02 -4.91
N SER B 164 -17.12 -17.41 -3.87
CA SER B 164 -16.79 -16.04 -3.47
C SER B 164 -15.35 -16.16 -3.02
N ILE B 165 -14.68 -14.99 -2.93
CA ILE B 165 -13.27 -14.83 -2.53
C ILE B 165 -13.19 -13.55 -1.69
N TYR B 166 -13.09 -13.76 -0.37
CA TYR B 166 -13.03 -12.64 0.58
C TYR B 166 -11.51 -12.51 0.83
N CYS B 167 -10.89 -11.39 0.40
CA CYS B 167 -9.43 -11.30 0.49
C CYS B 167 -8.89 -10.25 1.51
N GLY B 168 -7.58 -10.13 1.63
CA GLY B 168 -7.01 -9.25 2.69
C GLY B 168 -7.27 -7.76 2.70
N HIS B 169 -7.34 -7.15 1.51
CA HIS B 169 -7.48 -5.70 1.40
C HIS B 169 -8.43 -5.26 0.29
N GLU B 170 -8.85 -4.00 0.41
CA GLU B 170 -9.72 -3.33 -0.58
C GLU B 170 -8.74 -2.59 -1.50
N TYR B 171 -8.09 -3.37 -2.37
CA TYR B 171 -7.15 -2.82 -3.33
C TYR B 171 -7.71 -2.76 -4.77
N THR B 172 -8.97 -3.14 -4.94
CA THR B 172 -9.51 -3.31 -6.29
C THR B 172 -9.48 -2.12 -7.24
N LEU B 173 -9.83 -0.92 -6.77
CA LEU B 173 -9.82 0.20 -7.68
C LEU B 173 -8.41 0.41 -8.23
N SER B 174 -7.41 0.59 -7.39
CA SER B 174 -6.04 0.78 -7.94
C SER B 174 -5.63 -0.40 -8.82
N ASN B 175 -6.01 -1.64 -8.42
CA ASN B 175 -5.70 -2.85 -9.19
C ASN B 175 -6.29 -2.75 -10.62
N SER B 176 -7.48 -2.17 -10.71
CA SER B 176 -8.17 -2.06 -12.00
C SER B 176 -7.46 -1.09 -12.88
N LYS B 177 -6.84 -0.05 -12.30
CA LYS B 177 -6.21 0.89 -13.21
C LYS B 177 -5.05 0.23 -13.90
N PHE B 178 -4.32 -0.60 -13.17
CA PHE B 178 -3.20 -1.27 -13.81
C PHE B 178 -3.78 -2.29 -14.81
N ALA B 179 -4.63 -3.19 -14.35
CA ALA B 179 -5.12 -4.21 -15.27
C ALA B 179 -5.61 -3.59 -16.60
N LEU B 180 -6.23 -2.43 -16.55
CA LEU B 180 -6.74 -1.80 -17.78
C LEU B 180 -5.63 -1.26 -18.63
N SER B 181 -4.49 -1.01 -17.99
CA SER B 181 -3.30 -0.51 -18.71
C SER B 181 -2.76 -1.63 -19.63
N LEU B 182 -2.83 -2.88 -19.17
CA LEU B 182 -2.35 -4.05 -19.92
C LEU B 182 -3.34 -4.66 -20.86
N GLU B 183 -4.60 -4.64 -20.48
CA GLU B 183 -5.61 -5.33 -21.28
C GLU B 183 -6.85 -4.42 -21.45
N PRO B 184 -6.65 -3.28 -22.12
CA PRO B 184 -7.74 -2.35 -22.31
C PRO B 184 -8.97 -2.78 -23.09
N ASN B 185 -8.79 -3.75 -23.97
CA ASN B 185 -9.92 -4.22 -24.73
C ASN B 185 -10.57 -5.48 -24.13
N ASN B 186 -10.31 -5.78 -22.83
CA ASN B 186 -11.00 -6.92 -22.16
C ASN B 186 -12.38 -6.33 -21.73
N GLU B 187 -13.47 -6.76 -22.40
CA GLU B 187 -14.81 -6.21 -22.12
C GLU B 187 -15.32 -6.44 -20.72
N VAL B 188 -15.15 -7.66 -20.24
CA VAL B 188 -15.67 -7.93 -18.89
C VAL B 188 -14.88 -7.05 -17.90
N LEU B 189 -13.59 -6.84 -18.15
CA LEU B 189 -12.78 -6.01 -17.23
C LEU B 189 -13.25 -4.54 -17.26
N GLN B 190 -13.44 -3.98 -18.46
CA GLN B 190 -13.93 -2.60 -18.49
C GLN B 190 -15.24 -2.54 -17.68
N SER B 191 -16.10 -3.54 -17.84
CA SER B 191 -17.37 -3.47 -17.12
C SER B 191 -17.09 -3.48 -15.62
N TYR B 192 -16.29 -4.44 -15.21
CA TYR B 192 -16.00 -4.54 -13.79
C TYR B 192 -15.33 -3.28 -13.25
N ALA B 193 -14.27 -2.82 -13.91
CA ALA B 193 -13.56 -1.63 -13.45
C ALA B 193 -14.54 -0.48 -13.28
N ALA B 194 -15.60 -0.47 -14.11
CA ALA B 194 -16.58 0.61 -13.96
C ALA B 194 -17.46 0.41 -12.71
N HIS B 195 -17.85 -0.84 -12.45
CA HIS B 195 -18.67 -1.22 -11.27
C HIS B 195 -17.85 -0.95 -9.98
N VAL B 196 -16.56 -1.27 -10.04
CA VAL B 196 -15.63 -0.99 -8.89
C VAL B 196 -15.51 0.54 -8.65
N ALA B 197 -15.39 1.30 -9.73
CA ALA B 197 -15.34 2.78 -9.58
C ALA B 197 -16.57 3.30 -8.85
N GLU B 198 -17.72 2.81 -9.25
CA GLU B 198 -19.00 3.26 -8.65
C GLU B 198 -19.06 2.85 -7.16
N LEU B 199 -18.80 1.58 -6.87
CA LEU B 199 -18.82 1.11 -5.48
C LEU B 199 -17.88 1.98 -4.66
N ARG B 200 -16.64 2.17 -5.14
CA ARG B 200 -15.68 2.95 -4.36
C ARG B 200 -16.10 4.43 -4.28
N SER B 201 -16.77 4.95 -5.31
CA SER B 201 -17.24 6.37 -5.21
C SER B 201 -18.37 6.45 -4.18
N LYS B 202 -18.99 5.30 -3.89
CA LYS B 202 -20.06 5.26 -2.88
C LYS B 202 -19.58 4.73 -1.54
N LYS B 203 -18.26 4.68 -1.36
CA LYS B 203 -17.67 4.18 -0.14
C LYS B 203 -18.06 2.78 0.28
N LEU B 204 -18.28 1.91 -0.71
CA LEU B 204 -18.66 0.53 -0.37
C LEU B 204 -17.50 -0.44 -0.71
N PRO B 205 -17.64 -1.70 -0.28
CA PRO B 205 -16.61 -2.71 -0.58
C PRO B 205 -16.72 -3.05 -2.04
N THR B 206 -15.86 -4.00 -2.40
CA THR B 206 -15.73 -4.60 -3.72
C THR B 206 -15.40 -6.07 -3.59
N ILE B 207 -15.50 -6.56 -2.34
CA ILE B 207 -15.13 -7.89 -2.00
C ILE B 207 -16.33 -8.62 -1.34
N PRO B 208 -16.49 -9.95 -1.56
CA PRO B 208 -15.66 -10.90 -2.34
C PRO B 208 -15.62 -10.53 -3.83
N THR B 209 -14.99 -11.40 -4.61
CA THR B 209 -14.79 -11.35 -6.06
C THR B 209 -14.51 -12.84 -6.37
N THR B 210 -15.61 -13.53 -6.61
CA THR B 210 -15.50 -14.92 -6.88
C THR B 210 -14.48 -15.23 -8.02
N VAL B 211 -14.17 -16.48 -8.19
CA VAL B 211 -13.27 -16.86 -9.30
C VAL B 211 -13.82 -16.39 -10.67
N LYS B 212 -15.07 -16.70 -11.00
CA LYS B 212 -15.52 -16.28 -12.33
C LYS B 212 -15.08 -14.84 -12.77
N MET B 213 -15.20 -13.85 -11.90
CA MET B 213 -14.75 -12.55 -12.35
C MET B 213 -13.20 -12.51 -12.43
N GLU B 214 -12.50 -13.24 -11.52
CA GLU B 214 -11.02 -13.13 -11.52
C GLU B 214 -10.40 -13.82 -12.72
N LYS B 215 -10.99 -14.94 -13.15
CA LYS B 215 -10.46 -15.58 -14.35
C LYS B 215 -10.60 -14.60 -15.55
N ALA B 216 -11.74 -13.93 -15.62
CA ALA B 216 -12.05 -13.01 -16.72
C ALA B 216 -11.24 -11.69 -16.73
N CYS B 217 -10.82 -11.26 -15.55
CA CYS B 217 -10.17 -9.97 -15.44
C CYS B 217 -8.82 -9.75 -14.78
N ASN B 218 -8.45 -10.62 -13.84
CA ASN B 218 -7.22 -10.49 -13.02
C ASN B 218 -6.03 -10.83 -13.92
N PRO B 219 -5.13 -9.86 -14.15
CA PRO B 219 -4.01 -10.16 -15.04
C PRO B 219 -3.18 -11.31 -14.58
N PHE B 220 -3.07 -11.52 -13.23
CA PHE B 220 -2.22 -12.58 -12.75
C PHE B 220 -2.74 -13.98 -13.02
N LEU B 221 -4.04 -14.08 -13.38
CA LEU B 221 -4.62 -15.38 -13.75
C LEU B 221 -4.70 -15.49 -15.29
N ARG B 222 -4.10 -14.52 -15.96
CA ARG B 222 -4.17 -14.41 -17.44
C ARG B 222 -2.79 -14.22 -18.04
N SER B 223 -1.81 -14.88 -17.41
CA SER B 223 -0.40 -14.69 -17.76
C SER B 223 0.00 -15.18 -19.16
N SER B 224 -0.87 -15.96 -19.81
CA SER B 224 -0.60 -16.37 -21.20
C SER B 224 -1.38 -15.52 -22.20
N ASN B 225 -2.12 -14.52 -21.69
CA ASN B 225 -2.87 -13.66 -22.61
C ASN B 225 -1.97 -12.91 -23.59
N THR B 226 -2.33 -12.88 -24.86
CA THR B 226 -1.47 -12.18 -25.83
C THR B 226 -1.39 -10.70 -25.62
N ASP B 227 -2.51 -10.10 -25.24
CA ASP B 227 -2.49 -8.66 -25.04
C ASP B 227 -1.56 -8.29 -23.90
N ILE B 228 -1.66 -9.03 -22.80
CA ILE B 228 -0.76 -8.74 -21.67
C ILE B 228 0.70 -8.97 -22.02
N ARG B 229 0.99 -10.09 -22.72
CA ARG B 229 2.33 -10.35 -23.13
C ARG B 229 2.82 -9.27 -24.09
N ARG B 230 1.96 -8.78 -24.98
CA ARG B 230 2.41 -7.76 -25.89
C ARG B 230 2.86 -6.52 -25.07
N ALA B 231 2.00 -6.08 -24.16
CA ALA B 231 2.29 -4.90 -23.37
C ALA B 231 3.60 -5.00 -22.60
N LEU B 232 3.82 -6.13 -21.95
CA LEU B 232 5.01 -6.24 -21.12
C LEU B 232 6.28 -6.80 -21.80
N ARG B 233 6.16 -7.07 -23.11
CA ARG B 233 7.23 -7.59 -23.94
C ARG B 233 7.72 -8.93 -23.36
N ILE B 234 6.80 -9.79 -22.95
CA ILE B 234 7.24 -11.09 -22.45
C ILE B 234 7.17 -12.06 -23.65
N PRO B 235 8.25 -12.81 -23.90
CA PRO B 235 8.33 -13.78 -25.03
C PRO B 235 7.16 -14.75 -25.04
N GLU B 236 6.75 -15.20 -26.22
CA GLU B 236 5.56 -16.05 -26.22
C GLU B 236 5.77 -17.43 -25.56
N ALA B 237 7.00 -17.95 -25.60
CA ALA B 237 7.26 -19.28 -25.06
C ALA B 237 7.72 -19.26 -23.58
N ALA B 238 7.62 -18.11 -22.94
CA ALA B 238 8.00 -18.02 -21.54
C ALA B 238 7.07 -18.87 -20.65
N ASP B 239 7.58 -19.56 -19.64
CA ASP B 239 6.60 -20.34 -18.86
C ASP B 239 5.83 -19.35 -17.98
N GLU B 240 4.61 -19.68 -17.58
CA GLU B 240 3.80 -18.72 -16.80
C GLU B 240 4.48 -18.33 -15.48
N ALA B 241 5.00 -19.30 -14.74
CA ALA B 241 5.67 -18.96 -13.45
C ALA B 241 6.84 -17.98 -13.67
N GLU B 242 7.24 -17.77 -14.93
CA GLU B 242 8.26 -16.78 -15.30
C GLU B 242 7.49 -15.48 -15.63
N ALA B 243 6.50 -15.62 -16.50
CA ALA B 243 5.77 -14.44 -16.89
C ALA B 243 5.16 -13.74 -15.66
N LEU B 244 4.40 -14.46 -14.83
CA LEU B 244 3.77 -13.83 -13.66
C LEU B 244 4.74 -12.92 -12.93
N GLY B 245 6.03 -13.31 -12.88
CA GLY B 245 7.00 -12.49 -12.20
C GLY B 245 7.15 -11.14 -12.90
N ILE B 246 7.09 -11.11 -14.23
CA ILE B 246 7.26 -9.87 -14.97
C ILE B 246 6.02 -8.97 -14.75
N ILE B 247 4.81 -9.55 -14.76
CA ILE B 247 3.59 -8.75 -14.55
C ILE B 247 3.68 -8.16 -13.10
N ARG B 248 4.15 -8.98 -12.16
CA ARG B 248 4.20 -8.58 -10.74
C ARG B 248 5.21 -7.42 -10.56
N LYS B 249 6.28 -7.44 -11.34
CA LYS B 249 7.29 -6.37 -11.22
C LYS B 249 6.76 -5.10 -11.86
N ALA B 250 6.08 -5.25 -13.02
CA ALA B 250 5.50 -4.11 -13.71
C ALA B 250 4.48 -3.44 -12.76
N LYS B 251 3.53 -4.21 -12.24
CA LYS B 251 2.54 -3.58 -11.34
C LYS B 251 3.26 -2.91 -10.13
N ASP B 252 4.22 -3.60 -9.54
CA ASP B 252 4.95 -3.07 -8.39
C ASP B 252 5.47 -1.66 -8.67
N ASP B 253 5.96 -1.47 -9.91
CA ASP B 253 6.53 -0.18 -10.31
C ASP B 253 5.66 0.68 -11.20
N PHE B 254 4.35 0.44 -11.17
CA PHE B 254 3.40 1.20 -12.03
C PHE B 254 2.93 2.51 -11.38
ZN ZN C . 5.66 5.94 -6.29
FE FE D . 2.97 6.98 -4.48
C ACY E . 6.57 1.83 2.91
O ACY E . 7.20 2.10 3.91
OXT ACY E . 6.22 0.57 2.68
CH3 ACY E . 6.16 2.87 1.91
C1 PEG F . -5.25 18.93 16.55
O1 PEG F . -5.32 17.54 17.07
C2 PEG F . -6.55 19.38 15.77
O2 PEG F . -7.68 19.35 16.62
C3 PEG F . -8.85 19.78 15.88
C4 PEG F . -10.10 19.72 16.77
O4 PEG F . -10.40 18.34 17.05
ZN ZN G . 0.60 -9.52 4.25
FE FE H . -2.21 -7.59 4.27
C ACY I . -0.38 -5.33 -5.07
O ACY I . -0.97 -5.61 -6.13
OXT ACY I . 0.58 -4.44 -5.05
CH3 ACY I . -0.73 -6.02 -3.79
N MET A 1 3.72 31.77 0.31
CA MET A 1 2.96 30.70 -0.46
C MET A 1 2.00 29.86 0.42
N GLN A 2 0.80 29.61 -0.08
CA GLN A 2 -0.15 28.77 0.65
C GLN A 2 0.01 27.35 0.10
N ILE A 3 0.14 26.34 0.98
CA ILE A 3 0.30 24.94 0.52
C ILE A 3 -1.00 24.24 0.94
N GLU A 4 -1.79 23.78 -0.01
CA GLU A 4 -3.04 23.12 0.34
C GLU A 4 -2.85 21.63 0.19
N LEU A 5 -3.15 20.87 1.27
CA LEU A 5 -3.00 19.44 1.16
C LEU A 5 -4.29 18.96 0.58
N VAL A 6 -4.22 18.16 -0.48
CA VAL A 6 -5.42 17.61 -1.13
C VAL A 6 -5.34 16.10 -1.09
N PRO A 7 -6.21 15.44 -0.27
CA PRO A 7 -6.17 13.98 -0.28
C PRO A 7 -6.73 13.45 -1.59
N CYS A 8 -6.08 12.39 -2.12
CA CYS A 8 -6.50 11.78 -3.35
C CYS A 8 -6.41 10.27 -3.19
N LEU A 9 -7.19 9.60 -4.04
CA LEU A 9 -7.24 8.13 -4.03
C LEU A 9 -7.40 7.67 -2.58
N LYS A 10 -6.66 6.65 -2.21
CA LYS A 10 -6.76 6.06 -0.86
C LYS A 10 -5.92 6.75 0.21
N ASP A 11 -4.74 7.18 -0.17
CA ASP A 11 -3.86 7.77 0.82
C ASP A 11 -2.84 8.66 0.21
N ASN A 12 -3.05 9.07 -1.05
CA ASN A 12 -2.07 10.00 -1.62
C ASN A 12 -2.39 11.42 -1.21
N TYR A 13 -1.34 12.27 -1.25
CA TYR A 13 -1.57 13.68 -1.15
C TYR A 13 -1.02 14.38 -2.37
N ALA A 14 -1.86 15.25 -2.97
CA ALA A 14 -1.41 16.20 -4.01
C ALA A 14 -1.26 17.51 -3.20
N TYR A 15 -0.53 18.50 -3.72
CA TYR A 15 -0.40 19.75 -2.96
C TYR A 15 -0.69 20.91 -3.88
N ILE A 16 -1.77 21.66 -3.66
CA ILE A 16 -2.03 22.83 -4.52
C ILE A 16 -1.29 23.98 -3.86
N LEU A 17 -0.39 24.59 -4.65
CA LEU A 17 0.44 25.70 -4.20
C LEU A 17 -0.20 27.02 -4.64
N HIS A 18 -0.48 27.92 -3.68
CA HIS A 18 -1.11 29.19 -4.10
C HIS A 18 -0.13 30.33 -3.87
N ASP A 19 0.28 31.04 -4.92
CA ASP A 19 1.18 32.19 -4.70
C ASP A 19 0.27 33.27 -4.05
N GLU A 20 0.76 34.07 -3.10
CA GLU A 20 -0.09 35.08 -2.46
C GLU A 20 0.11 36.46 -3.04
N ASP A 21 0.69 36.55 -4.22
CA ASP A 21 0.79 37.87 -4.79
C ASP A 21 0.29 37.89 -6.22
N THR A 22 0.36 36.74 -6.90
CA THR A 22 -0.09 36.70 -8.28
C THR A 22 -1.27 35.79 -8.56
N GLY A 23 -1.71 35.00 -7.61
CA GLY A 23 -2.76 34.13 -8.02
C GLY A 23 -2.21 32.99 -8.91
N THR A 24 -0.89 32.87 -9.06
CA THR A 24 -0.37 31.73 -9.80
C THR A 24 -0.61 30.48 -8.93
N VAL A 25 -1.13 29.41 -9.52
CA VAL A 25 -1.39 28.20 -8.75
C VAL A 25 -0.70 27.01 -9.40
N GLY A 26 -0.07 26.21 -8.57
CA GLY A 26 0.54 24.99 -9.09
C GLY A 26 -0.01 23.79 -8.32
N VAL A 27 0.12 22.59 -8.87
CA VAL A 27 -0.26 21.40 -8.11
C VAL A 27 0.87 20.36 -8.16
N VAL A 28 1.24 19.84 -7.00
CA VAL A 28 2.30 18.83 -6.94
C VAL A 28 1.62 17.46 -6.92
N ASP A 29 1.96 16.59 -7.84
CA ASP A 29 1.44 15.21 -7.84
C ASP A 29 -0.09 14.99 -7.87
N PRO A 30 -0.77 15.50 -8.91
CA PRO A 30 -2.23 15.34 -9.06
C PRO A 30 -2.57 13.88 -9.45
N SER A 31 -2.86 13.04 -8.44
CA SER A 31 -3.18 11.62 -8.65
C SER A 31 -4.32 11.40 -9.58
N GLU A 32 -5.27 12.33 -9.49
CA GLU A 32 -6.49 12.27 -10.30
C GLU A 32 -6.93 13.74 -10.46
N ALA A 33 -7.56 14.07 -11.59
CA ALA A 33 -7.95 15.45 -11.83
C ALA A 33 -9.07 15.99 -10.98
N GLU A 34 -10.12 15.17 -10.80
CA GLU A 34 -11.31 15.65 -10.08
C GLU A 34 -11.11 16.44 -8.79
N PRO A 35 -10.39 15.88 -7.79
CA PRO A 35 -10.13 16.57 -6.51
C PRO A 35 -9.43 17.93 -6.69
N ILE A 36 -8.52 18.02 -7.68
CA ILE A 36 -7.82 19.30 -7.92
C ILE A 36 -8.81 20.32 -8.46
N ILE A 37 -9.58 19.88 -9.43
CA ILE A 37 -10.63 20.70 -10.02
C ILE A 37 -11.56 21.16 -8.94
N ASP A 38 -11.99 20.24 -8.07
CA ASP A 38 -12.91 20.60 -6.98
C ASP A 38 -12.39 21.75 -6.18
N SER A 39 -11.12 21.67 -5.78
CA SER A 39 -10.48 22.73 -5.02
C SER A 39 -10.30 24.03 -5.82
N LEU A 40 -9.90 23.92 -7.09
CA LEU A 40 -9.72 25.13 -7.91
C LEU A 40 -11.06 25.89 -8.13
N LYS A 41 -12.10 25.14 -8.50
CA LYS A 41 -13.39 25.77 -8.74
C LYS A 41 -13.87 26.34 -7.42
N ARG A 42 -13.59 25.62 -6.35
CA ARG A 42 -14.02 26.01 -5.02
C ARG A 42 -13.48 27.38 -4.73
N SER A 43 -12.16 27.53 -4.84
CA SER A 43 -11.51 28.79 -4.56
C SER A 43 -11.53 29.67 -5.80
N GLY A 44 -12.19 29.19 -6.83
CA GLY A 44 -12.30 29.94 -8.05
C GLY A 44 -10.96 30.43 -8.58
N ARG A 45 -9.99 29.53 -8.74
CA ARG A 45 -8.69 29.90 -9.27
C ARG A 45 -8.34 29.07 -10.51
N ASN A 46 -7.48 29.62 -11.37
CA ASN A 46 -6.98 28.97 -12.59
C ASN A 46 -5.71 28.20 -12.18
N LEU A 47 -5.41 27.11 -12.87
CA LEU A 47 -4.20 26.26 -12.56
C LEU A 47 -3.10 26.69 -13.52
N THR A 48 -1.93 27.11 -13.02
CA THR A 48 -0.83 27.49 -13.89
C THR A 48 0.13 26.35 -14.25
N TYR A 49 0.53 25.62 -13.22
CA TYR A 49 1.52 24.56 -13.33
C TYR A 49 1.18 23.23 -12.66
N ILE A 50 1.71 22.14 -13.22
CA ILE A 50 1.59 20.81 -12.63
C ILE A 50 3.06 20.46 -12.36
N LEU A 51 3.30 19.73 -11.26
CA LEU A 51 4.68 19.30 -10.90
C LEU A 51 4.53 17.82 -10.56
N ASN A 52 5.54 17.06 -11.01
CA ASN A 52 5.52 15.64 -10.78
C ASN A 52 6.85 15.25 -10.16
N THR A 53 6.76 14.68 -8.96
CA THR A 53 7.94 14.19 -8.24
C THR A 53 8.51 12.90 -8.86
N HIS A 54 7.68 12.10 -9.45
CA HIS A 54 8.14 10.85 -10.04
C HIS A 54 7.00 10.30 -10.96
N HIS A 55 7.25 9.20 -11.69
CA HIS A 55 6.35 8.73 -12.75
C HIS A 55 5.16 7.82 -12.46
N HIS A 56 5.13 7.29 -11.25
CA HIS A 56 4.10 6.31 -10.89
C HIS A 56 2.72 6.90 -11.06
N TYR A 57 1.84 6.09 -11.64
CA TYR A 57 0.50 6.55 -11.96
C TYR A 57 -0.20 7.32 -10.84
N ASP A 58 0.00 6.92 -9.60
CA ASP A 58 -0.67 7.64 -8.50
C ASP A 58 -0.13 9.04 -8.23
N HIS A 59 0.89 9.48 -9.03
CA HIS A 59 1.39 10.87 -8.88
C HIS A 59 1.22 11.66 -10.18
N THR A 60 0.93 10.96 -11.29
CA THR A 60 0.81 11.60 -12.62
C THR A 60 -0.63 11.38 -13.17
N GLY A 61 -1.50 10.80 -12.37
CA GLY A 61 -2.86 10.46 -12.79
C GLY A 61 -3.50 11.49 -13.66
N GLY A 62 -4.15 12.48 -13.02
CA GLY A 62 -4.84 13.52 -13.78
C GLY A 62 -4.03 14.58 -14.50
N ASN A 63 -2.78 14.24 -14.80
CA ASN A 63 -1.86 15.14 -15.47
C ASN A 63 -2.39 15.61 -16.87
N LEU A 64 -3.01 14.73 -17.63
CA LEU A 64 -3.38 15.20 -18.99
C LEU A 64 -4.71 15.96 -18.98
N GLU A 65 -5.56 15.66 -18.01
CA GLU A 65 -6.84 16.36 -17.97
C GLU A 65 -6.70 17.78 -17.42
N LEU A 66 -5.92 17.94 -16.35
CA LEU A 66 -5.75 19.29 -15.83
C LEU A 66 -5.06 20.15 -16.86
N LYS A 67 -4.01 19.64 -17.53
CA LYS A 67 -3.30 20.44 -18.51
C LYS A 67 -4.27 20.82 -19.66
N ASP A 68 -5.02 19.84 -20.17
CA ASP A 68 -5.96 20.11 -21.27
C ASP A 68 -7.00 21.15 -20.83
N ARG A 69 -7.52 21.01 -19.61
CA ARG A 69 -8.57 21.91 -19.11
C ARG A 69 -8.17 23.34 -18.68
N TYR A 70 -6.90 23.47 -18.28
CA TYR A 70 -6.39 24.71 -17.81
C TYR A 70 -5.30 25.40 -18.65
N GLY A 71 -4.67 24.62 -19.52
CA GLY A 71 -3.53 25.14 -20.29
C GLY A 71 -2.32 25.16 -19.35
N ALA A 72 -2.32 24.38 -18.25
CA ALA A 72 -1.15 24.42 -17.35
C ALA A 72 0.13 23.85 -18.00
N LYS A 73 1.28 24.22 -17.43
CA LYS A 73 2.59 23.74 -17.92
C LYS A 73 3.04 22.66 -16.89
N VAL A 74 3.44 21.49 -17.39
CA VAL A 74 3.85 20.35 -16.56
C VAL A 74 5.37 20.40 -16.43
N ILE A 75 5.82 20.47 -15.19
CA ILE A 75 7.24 20.56 -14.88
C ILE A 75 7.59 19.19 -14.32
N GLY A 76 8.71 18.63 -14.79
CA GLY A 76 9.10 17.31 -14.29
C GLY A 76 10.59 16.97 -14.48
N SER A 77 10.97 15.73 -14.20
CA SER A 77 12.37 15.35 -14.26
C SER A 77 12.94 15.05 -15.65
N ALA A 78 14.04 15.71 -16.05
CA ALA A 78 14.61 15.42 -17.35
C ALA A 78 14.98 13.92 -17.41
N MET A 79 15.49 13.38 -16.31
CA MET A 79 15.83 11.96 -16.30
C MET A 79 14.64 11.06 -16.58
N ASP A 80 13.44 11.58 -16.42
CA ASP A 80 12.24 10.81 -16.58
C ASP A 80 11.37 11.32 -17.68
N LYS A 81 11.88 12.29 -18.45
CA LYS A 81 11.08 12.95 -19.47
C LYS A 81 10.18 12.04 -20.28
N ASP A 82 10.69 10.85 -20.66
CA ASP A 82 9.87 9.97 -21.47
C ASP A 82 8.72 9.35 -20.69
N ARG A 83 8.76 9.48 -19.35
CA ARG A 83 7.69 8.92 -18.52
C ARG A 83 6.76 9.93 -17.81
N ILE A 84 7.10 11.22 -17.80
CA ILE A 84 6.29 12.24 -17.09
C ILE A 84 5.33 12.76 -18.15
N PRO A 85 4.09 12.33 -18.11
CA PRO A 85 3.10 12.77 -19.10
C PRO A 85 3.05 14.23 -19.40
N GLY A 86 3.06 14.55 -20.69
CA GLY A 86 2.92 15.96 -21.07
C GLY A 86 3.95 16.96 -20.56
N ILE A 87 5.07 16.45 -20.07
CA ILE A 87 6.15 17.25 -19.50
C ILE A 87 6.63 18.35 -20.47
N ASP A 88 6.59 19.59 -19.98
CA ASP A 88 6.99 20.77 -20.77
C ASP A 88 8.41 21.21 -20.40
N MET A 89 8.71 21.15 -19.12
CA MET A 89 10.02 21.53 -18.64
C MET A 89 10.64 20.35 -17.92
N ALA A 90 11.79 19.89 -18.45
CA ALA A 90 12.51 18.75 -17.87
C ALA A 90 13.75 19.23 -17.10
N LEU A 91 13.61 19.28 -15.77
CA LEU A 91 14.66 19.80 -14.91
C LEU A 91 15.61 18.74 -14.37
N LYS A 92 16.86 19.12 -14.14
CA LYS A 92 17.88 18.20 -13.67
C LYS A 92 18.34 18.57 -12.29
N ASP A 93 19.14 17.70 -11.68
CA ASP A 93 19.66 17.99 -10.36
C ASP A 93 20.35 19.35 -10.29
N GLY A 94 20.03 20.11 -9.25
CA GLY A 94 20.61 21.42 -9.04
C GLY A 94 19.92 22.51 -9.85
N ASP A 95 19.03 22.14 -10.76
CA ASP A 95 18.35 23.19 -11.50
C ASP A 95 17.56 24.03 -10.54
N LYS A 96 17.45 25.32 -10.89
CA LYS A 96 16.63 26.27 -10.18
C LYS A 96 15.49 26.59 -11.18
N TRP A 97 14.24 26.61 -10.69
CA TRP A 97 13.03 26.92 -11.51
C TRP A 97 12.18 27.93 -10.73
N MET A 98 11.56 28.92 -11.40
CA MET A 98 10.80 29.93 -10.66
C MET A 98 9.27 29.72 -10.74
N PHE A 99 8.65 29.65 -9.57
CA PHE A 99 7.19 29.52 -9.39
C PHE A 99 6.81 30.95 -9.04
N ALA A 100 6.39 31.78 -10.02
CA ALA A 100 6.06 33.18 -9.74
C ALA A 100 7.18 33.86 -8.94
N GLY A 101 8.43 33.79 -9.32
CA GLY A 101 9.33 34.53 -8.43
C GLY A 101 9.77 33.82 -7.14
N HIS A 102 9.23 32.62 -6.94
CA HIS A 102 9.58 31.74 -5.77
C HIS A 102 10.50 30.65 -6.37
N GLU A 103 11.72 30.60 -5.87
CA GLU A 103 12.73 29.66 -6.38
C GLU A 103 12.47 28.25 -5.95
N VAL A 104 12.45 27.36 -6.90
CA VAL A 104 12.32 25.91 -6.57
C VAL A 104 13.68 25.35 -6.95
N HIS A 105 14.30 24.60 -6.01
CA HIS A 105 15.64 24.01 -6.24
C HIS A 105 15.39 22.52 -6.32
N VAL A 106 15.62 21.99 -7.54
CA VAL A 106 15.38 20.59 -7.87
C VAL A 106 16.48 19.72 -7.33
N MET A 107 16.10 18.67 -6.59
CA MET A 107 17.07 17.72 -6.09
C MET A 107 16.92 16.37 -6.77
N ASP A 108 18.04 15.75 -7.14
CA ASP A 108 17.91 14.40 -7.66
C ASP A 108 17.85 13.46 -6.39
N THR A 109 16.74 12.75 -6.22
CA THR A 109 16.55 11.88 -5.06
C THR A 109 16.12 10.47 -5.47
N PRO A 110 16.96 9.78 -6.29
CA PRO A 110 16.66 8.43 -6.73
C PRO A 110 16.56 7.49 -5.51
N GLY A 111 15.87 6.37 -5.65
CA GLY A 111 15.76 5.40 -4.57
C GLY A 111 14.48 4.63 -4.78
N HIS A 112 13.36 5.36 -4.67
CA HIS A 112 12.06 4.71 -4.90
C HIS A 112 12.07 4.41 -6.43
N THR A 113 12.17 5.42 -7.30
CA THR A 113 12.28 5.13 -8.76
C THR A 113 13.64 5.70 -9.14
N LYS A 114 13.99 5.51 -10.42
CA LYS A 114 15.19 6.04 -11.02
C LYS A 114 14.60 7.16 -11.86
N GLY A 115 14.61 8.37 -11.33
CA GLY A 115 14.03 9.48 -12.05
C GLY A 115 13.27 10.33 -11.02
N HIS A 116 13.21 9.87 -9.76
CA HIS A 116 12.51 10.64 -8.71
C HIS A 116 13.24 11.90 -8.34
N ILE A 117 12.50 13.02 -8.22
CA ILE A 117 13.10 14.27 -7.76
C ILE A 117 12.33 14.79 -6.53
N SER A 118 12.95 15.67 -5.74
CA SER A 118 12.22 16.34 -4.63
C SER A 118 12.33 17.83 -4.97
N LEU A 119 11.37 18.65 -4.48
CA LEU A 119 11.35 20.06 -4.88
C LEU A 119 11.41 20.91 -3.62
N TYR A 120 12.50 21.67 -3.46
CA TYR A 120 12.68 22.47 -2.28
C TYR A 120 12.36 23.94 -2.54
N PHE A 121 11.49 24.49 -1.71
CA PHE A 121 11.08 25.92 -1.82
C PHE A 121 11.74 26.55 -0.58
N PRO A 122 13.01 26.97 -0.69
CA PRO A 122 13.69 27.56 0.47
C PRO A 122 12.97 28.70 1.14
N GLY A 123 12.26 29.51 0.32
CA GLY A 123 11.53 30.66 0.85
C GLY A 123 10.42 30.27 1.80
N SER A 124 9.88 29.08 1.57
CA SER A 124 8.81 28.60 2.43
C SER A 124 9.31 27.49 3.36
N ARG A 125 10.59 27.26 3.46
CA ARG A 125 11.18 26.18 4.26
C ARG A 125 10.35 24.91 4.03
N ALA A 126 10.05 24.64 2.76
CA ALA A 126 9.22 23.50 2.39
C ALA A 126 9.86 22.61 1.34
N ILE A 127 9.72 21.28 1.53
CA ILE A 127 10.25 20.38 0.53
C ILE A 127 9.15 19.33 0.24
N PHE A 128 8.90 19.13 -1.07
CA PHE A 128 7.94 18.10 -1.54
C PHE A 128 8.82 16.90 -1.89
N THR A 129 8.67 15.78 -1.13
CA THR A 129 9.58 14.65 -1.29
C THR A 129 9.01 13.42 -2.04
N GLY A 130 7.86 13.60 -2.65
CA GLY A 130 7.29 12.47 -3.43
C GLY A 130 7.27 11.24 -2.54
N ASP A 131 7.67 10.08 -3.08
CA ASP A 131 7.72 8.86 -2.28
C ASP A 131 9.17 8.48 -1.89
N THR A 132 10.02 9.50 -1.77
CA THR A 132 11.40 9.24 -1.34
C THR A 132 11.31 9.19 0.21
N MET A 133 10.90 10.30 0.85
CA MET A 133 10.77 10.27 2.33
C MET A 133 9.34 10.56 2.81
N PHE A 134 8.76 9.62 3.59
CA PHE A 134 7.45 9.89 4.22
C PHE A 134 7.72 10.26 5.67
N SER A 135 6.66 10.69 6.43
CA SER A 135 6.95 10.78 7.86
C SER A 135 7.14 9.35 8.40
N LEU A 136 8.31 9.12 9.06
CA LEU A 136 8.73 7.82 9.63
C LEU A 136 8.90 6.73 8.62
N SER A 137 9.05 7.13 7.36
CA SER A 137 9.28 6.09 6.34
C SER A 137 10.02 6.61 5.13
N CYS A 138 10.32 5.69 4.17
CA CYS A 138 10.99 6.05 2.90
C CYS A 138 10.30 5.14 1.90
N GLY A 139 10.48 5.39 0.58
CA GLY A 139 9.88 4.52 -0.39
C GLY A 139 10.56 3.13 -0.53
N LYS A 140 9.73 2.18 -0.92
CA LYS A 140 10.25 0.84 -1.23
C LYS A 140 11.10 1.03 -2.48
N LEU A 141 12.06 0.13 -2.66
CA LEU A 141 12.99 0.26 -3.78
C LEU A 141 12.52 -0.46 -5.04
N PHE A 142 11.70 0.22 -5.83
CA PHE A 142 11.18 -0.36 -7.06
C PHE A 142 12.16 -0.13 -8.20
N GLU A 143 13.12 0.77 -8.05
CA GLU A 143 14.10 0.97 -9.16
C GLU A 143 15.53 1.32 -8.75
N GLY A 144 15.72 1.78 -7.50
CA GLY A 144 17.05 2.20 -7.06
C GLY A 144 17.63 1.36 -5.92
N THR A 145 18.86 1.68 -5.58
CA THR A 145 19.55 0.96 -4.56
C THR A 145 19.41 1.54 -3.17
N PRO A 146 19.72 0.73 -2.14
CA PRO A 146 19.65 1.22 -0.75
C PRO A 146 20.67 2.36 -0.65
N LYS A 147 21.82 2.23 -1.35
CA LYS A 147 22.79 3.30 -1.23
C LYS A 147 22.26 4.62 -1.79
N GLN A 148 21.56 4.53 -2.92
CA GLN A 148 20.99 5.69 -3.53
C GLN A 148 19.95 6.33 -2.58
N MET A 149 19.12 5.48 -1.98
CA MET A 149 18.08 5.97 -1.09
C MET A 149 18.68 6.62 0.12
N LEU A 150 19.79 6.10 0.64
CA LEU A 150 20.38 6.73 1.82
C LEU A 150 20.85 8.16 1.45
N ALA A 151 21.63 8.25 0.40
CA ALA A 151 22.15 9.50 -0.11
C ALA A 151 20.99 10.49 -0.37
N SER A 152 19.81 9.96 -0.76
CA SER A 152 18.64 10.82 -1.05
C SER A 152 18.08 11.30 0.30
N LEU A 153 17.96 10.38 1.28
CA LEU A 153 17.43 10.81 2.57
C LEU A 153 18.42 11.75 3.26
N GLN A 154 19.74 11.55 3.02
CA GLN A 154 20.72 12.45 3.64
C GLN A 154 20.64 13.88 3.05
N LYS A 155 20.36 14.00 1.74
CA LYS A 155 20.23 15.31 1.12
C LYS A 155 19.08 16.04 1.86
N ILE A 156 17.92 15.38 1.95
CA ILE A 156 16.76 16.03 2.59
C ILE A 156 17.14 16.41 4.05
N THR A 157 17.68 15.46 4.80
CA THR A 157 17.96 15.76 6.19
C THR A 157 19.03 16.82 6.42
N SER A 158 19.76 17.12 5.36
CA SER A 158 20.82 18.13 5.43
C SER A 158 20.17 19.53 5.39
N LEU A 159 18.97 19.64 4.84
CA LEU A 159 18.25 20.92 4.84
C LEU A 159 18.03 21.35 6.33
N PRO A 160 17.66 22.62 6.56
CA PRO A 160 17.46 23.10 7.92
C PRO A 160 16.46 22.25 8.71
N ASP A 161 16.68 22.14 10.01
CA ASP A 161 15.83 21.32 10.86
C ASP A 161 14.38 21.75 10.80
N ASP A 162 14.15 23.01 10.54
CA ASP A 162 12.79 23.46 10.51
C ASP A 162 12.14 23.26 9.16
N THR A 163 12.84 22.57 8.25
CA THR A 163 12.30 22.32 6.93
C THR A 163 11.11 21.32 7.04
N SER A 164 9.91 21.81 6.76
CA SER A 164 8.68 20.99 6.74
C SER A 164 8.69 20.15 5.46
N ILE A 165 8.39 18.86 5.63
CA ILE A 165 8.38 17.89 4.51
C ILE A 165 6.95 17.55 4.12
N TYR A 166 6.65 17.71 2.82
CA TYR A 166 5.32 17.41 2.26
C TYR A 166 5.54 16.19 1.36
N CYS A 167 5.07 15.01 1.79
CA CYS A 167 5.33 13.83 1.11
C CYS A 167 4.13 13.10 0.39
N GLY A 168 4.45 12.13 -0.41
CA GLY A 168 3.44 11.45 -1.26
C GLY A 168 2.21 10.79 -0.64
N HIS A 169 2.37 10.20 0.51
CA HIS A 169 1.23 9.48 1.11
C HIS A 169 1.15 9.69 2.61
N GLU A 170 -0.04 9.37 3.10
CA GLU A 170 -0.39 9.45 4.53
C GLU A 170 -0.18 7.99 4.98
N TYR A 171 1.10 7.66 5.28
CA TYR A 171 1.47 6.30 5.68
C TYR A 171 1.90 6.18 7.15
N THR A 172 2.05 7.35 7.78
CA THR A 172 2.64 7.48 9.11
C THR A 172 2.19 6.53 10.22
N LEU A 173 0.88 6.37 10.37
CA LEU A 173 0.40 5.51 11.45
C LEU A 173 1.02 4.10 11.30
N SER A 174 0.90 3.48 10.11
CA SER A 174 1.48 2.18 9.85
C SER A 174 2.99 2.19 10.10
N ASN A 175 3.68 3.14 9.47
CA ASN A 175 5.13 3.30 9.59
C ASN A 175 5.43 3.37 11.08
N SER A 176 4.55 4.05 11.82
CA SER A 176 4.78 4.18 13.26
C SER A 176 4.67 2.78 13.96
N LYS A 177 3.83 1.87 13.46
CA LYS A 177 3.75 0.56 14.11
C LYS A 177 5.15 -0.09 14.07
N PHE A 178 5.67 -0.22 12.85
CA PHE A 178 6.99 -0.82 12.61
C PHE A 178 8.06 0.02 13.39
N ALA A 179 8.04 1.33 13.25
CA ALA A 179 9.04 2.13 13.94
C ALA A 179 9.06 1.80 15.46
N LEU A 180 7.90 1.53 16.03
CA LEU A 180 7.88 1.25 17.48
C LEU A 180 8.36 -0.17 17.73
N SER A 181 8.29 -1.04 16.74
CA SER A 181 8.80 -2.39 16.97
C SER A 181 10.30 -2.35 17.15
N LEU A 182 10.97 -1.48 16.41
CA LEU A 182 12.43 -1.37 16.48
C LEU A 182 12.94 -0.56 17.66
N GLU A 183 12.48 0.66 17.82
CA GLU A 183 13.01 1.54 18.88
C GLU A 183 11.96 1.80 19.92
N PRO A 184 11.65 0.79 20.71
CA PRO A 184 10.62 0.96 21.71
C PRO A 184 10.92 1.94 22.81
N ASN A 185 12.20 2.27 23.03
CA ASN A 185 12.54 3.21 24.15
C ASN A 185 12.84 4.63 23.62
N ASN A 186 12.49 4.89 22.33
CA ASN A 186 12.70 6.24 21.77
C ASN A 186 11.54 7.13 22.25
N GLU A 187 11.87 8.15 23.04
CA GLU A 187 10.78 8.92 23.62
C GLU A 187 10.09 9.90 22.75
N VAL A 188 10.84 10.47 21.81
CA VAL A 188 10.28 11.42 20.90
C VAL A 188 9.39 10.61 19.98
N LEU A 189 9.86 9.41 19.59
CA LEU A 189 9.00 8.55 18.72
C LEU A 189 7.74 8.11 19.48
N GLN A 190 7.87 7.76 20.77
CA GLN A 190 6.69 7.34 21.55
C GLN A 190 5.61 8.40 21.51
N SER A 191 5.96 9.63 21.83
CA SER A 191 4.95 10.68 21.84
C SER A 191 4.44 11.03 20.41
N TYR A 192 5.39 11.03 19.46
CA TYR A 192 5.00 11.32 18.08
C TYR A 192 4.00 10.25 17.59
N ALA A 193 4.31 8.98 17.84
CA ALA A 193 3.43 7.94 17.39
C ALA A 193 2.05 8.08 18.05
N ALA A 194 2.02 8.62 19.28
CA ALA A 194 0.72 8.83 19.94
C ALA A 194 0.00 10.02 19.31
N HIS A 195 0.74 11.10 19.07
CA HIS A 195 0.11 12.27 18.46
C HIS A 195 -0.49 11.90 17.09
N VAL A 196 0.25 11.08 16.34
CA VAL A 196 -0.19 10.60 15.03
C VAL A 196 -1.43 9.72 15.25
N ALA A 197 -1.38 8.85 16.23
CA ALA A 197 -2.52 7.98 16.52
C ALA A 197 -3.78 8.81 16.84
N GLU A 198 -3.60 9.94 17.53
CA GLU A 198 -4.73 10.84 17.82
C GLU A 198 -5.19 11.52 16.53
N LEU A 199 -4.24 11.96 15.69
CA LEU A 199 -4.58 12.68 14.43
C LEU A 199 -5.41 11.75 13.52
N ARG A 200 -4.97 10.52 13.34
CA ARG A 200 -5.72 9.62 12.48
C ARG A 200 -7.12 9.39 13.06
N SER A 201 -7.26 9.15 14.37
CA SER A 201 -8.62 8.93 14.88
C SER A 201 -9.61 10.06 14.61
N LYS A 202 -9.09 11.26 14.31
CA LYS A 202 -9.92 12.39 13.96
C LYS A 202 -9.89 12.62 12.45
N LYS A 203 -9.33 11.64 11.76
CA LYS A 203 -9.26 11.63 10.31
C LYS A 203 -8.48 12.78 9.71
N LEU A 204 -7.60 13.37 10.50
CA LEU A 204 -6.77 14.45 9.96
C LEU A 204 -5.41 13.88 9.45
N PRO A 205 -4.73 14.67 8.64
CA PRO A 205 -3.44 14.29 8.07
C PRO A 205 -2.40 14.37 9.13
N THR A 206 -1.25 13.73 8.86
CA THR A 206 -0.12 13.80 9.77
C THR A 206 1.02 14.53 9.05
N ILE A 207 0.70 15.10 7.87
CA ILE A 207 1.74 15.74 7.03
C ILE A 207 1.31 17.21 6.93
N PRO A 208 2.24 18.15 6.88
CA PRO A 208 3.70 17.95 6.88
C PRO A 208 4.32 17.44 8.16
N THR A 209 5.49 16.82 8.00
CA THR A 209 6.32 16.49 9.13
C THR A 209 7.50 17.52 8.98
N THR A 210 8.61 17.29 9.69
CA THR A 210 9.77 18.22 9.56
C THR A 210 11.06 17.43 9.56
N VAL A 211 12.15 18.04 9.08
CA VAL A 211 13.43 17.40 9.10
C VAL A 211 13.79 17.02 10.54
N LYS A 212 13.55 17.94 11.50
CA LYS A 212 13.89 17.70 12.89
C LYS A 212 13.19 16.46 13.37
N MET A 213 11.90 16.40 13.13
CA MET A 213 11.17 15.23 13.60
C MET A 213 11.61 13.96 12.94
N GLU A 214 11.90 14.00 11.64
CA GLU A 214 12.24 12.72 11.01
C GLU A 214 13.62 12.23 11.49
N LYS A 215 14.56 13.17 11.70
CA LYS A 215 15.87 12.73 12.21
C LYS A 215 15.69 12.04 13.56
N ALA A 216 14.75 12.55 14.38
CA ALA A 216 14.56 11.99 15.71
C ALA A 216 13.84 10.66 15.72
N CYS A 217 12.92 10.47 14.76
CA CYS A 217 12.07 9.28 14.80
C CYS A 217 12.05 8.28 13.66
N ASN A 218 12.50 8.74 12.49
CA ASN A 218 12.32 7.93 11.28
C ASN A 218 13.45 6.90 11.14
N PRO A 219 13.16 5.59 11.42
CA PRO A 219 14.25 4.55 11.34
C PRO A 219 15.14 4.52 10.11
N PHE A 220 14.66 4.96 8.97
CA PHE A 220 15.54 4.90 7.80
C PHE A 220 16.65 5.94 7.77
N LEU A 221 16.57 6.91 8.68
CA LEU A 221 17.56 7.98 8.83
C LEU A 221 18.40 7.66 10.03
N ARG A 222 18.11 6.51 10.67
CA ARG A 222 18.79 6.12 11.91
C ARG A 222 19.40 4.67 11.70
N SER A 223 19.92 4.40 10.54
CA SER A 223 20.41 3.05 10.24
C SER A 223 21.66 2.60 10.97
N SER A 224 22.28 3.47 11.75
CA SER A 224 23.47 3.06 12.53
C SER A 224 23.02 2.93 14.01
N ASN A 225 21.74 3.22 14.30
CA ASN A 225 21.27 3.12 15.69
C ASN A 225 21.41 1.69 16.25
N THR A 226 22.02 1.54 17.43
CA THR A 226 22.24 0.22 17.98
C THR A 226 20.97 -0.57 18.25
N ASP A 227 19.91 0.09 18.72
CA ASP A 227 18.69 -0.64 19.03
C ASP A 227 18.04 -1.22 17.78
N ILE A 228 17.99 -0.42 16.71
CA ILE A 228 17.42 -0.93 15.46
C ILE A 228 18.33 -2.04 14.95
N ARG A 229 19.67 -1.89 15.07
CA ARG A 229 20.55 -2.97 14.57
C ARG A 229 20.32 -4.31 15.28
N ARG A 230 20.22 -4.26 16.58
CA ARG A 230 19.96 -5.48 17.33
C ARG A 230 18.63 -6.12 16.94
N ALA A 231 17.59 -5.33 16.76
CA ALA A 231 16.25 -5.87 16.36
C ALA A 231 16.28 -6.64 15.02
N LEU A 232 17.07 -6.15 14.06
CA LEU A 232 17.11 -6.83 12.77
C LEU A 232 18.36 -7.64 12.45
N ARG A 233 19.20 -7.79 13.46
CA ARG A 233 20.45 -8.51 13.33
C ARG A 233 21.29 -8.07 12.17
N ILE A 234 21.33 -6.76 12.01
CA ILE A 234 22.19 -6.15 11.01
C ILE A 234 23.60 -6.01 11.69
N PRO A 235 24.68 -6.50 11.03
CA PRO A 235 26.04 -6.46 11.56
C PRO A 235 26.45 -5.08 12.07
N GLU A 236 27.08 -5.01 13.24
CA GLU A 236 27.55 -3.73 13.73
C GLU A 236 28.52 -3.21 12.69
N ALA A 237 29.22 -4.11 12.00
CA ALA A 237 30.14 -3.68 10.94
C ALA A 237 29.44 -3.25 9.64
N ALA A 238 28.13 -3.42 9.50
CA ALA A 238 27.52 -2.99 8.23
C ALA A 238 27.54 -1.47 8.13
N ASP A 239 27.70 -0.93 6.92
CA ASP A 239 27.67 0.51 6.82
C ASP A 239 26.17 0.92 6.80
N GLU A 240 25.91 2.22 6.75
CA GLU A 240 24.54 2.73 6.79
C GLU A 240 23.67 2.33 5.64
N ALA A 241 24.29 2.21 4.46
CA ALA A 241 23.62 1.82 3.23
C ALA A 241 23.10 0.37 3.38
N GLU A 242 23.99 -0.55 3.77
CA GLU A 242 23.53 -1.94 4.00
C GLU A 242 22.51 -1.95 5.19
N ALA A 243 22.73 -1.13 6.24
CA ALA A 243 21.76 -1.14 7.36
C ALA A 243 20.36 -0.71 6.89
N LEU A 244 20.32 0.17 5.90
CA LEU A 244 19.03 0.65 5.35
C LEU A 244 18.39 -0.46 4.52
N GLY A 245 19.22 -1.18 3.73
CA GLY A 245 18.72 -2.26 2.90
C GLY A 245 17.99 -3.37 3.72
N ILE A 246 18.52 -3.71 4.89
CA ILE A 246 17.88 -4.71 5.77
C ILE A 246 16.61 -4.13 6.41
N ILE A 247 16.67 -2.86 6.86
CA ILE A 247 15.50 -2.23 7.44
C ILE A 247 14.36 -2.23 6.40
N ARG A 248 14.71 -1.90 5.15
CA ARG A 248 13.66 -1.80 4.12
C ARG A 248 13.06 -3.16 3.85
N LYS A 249 13.87 -4.18 3.67
CA LYS A 249 13.24 -5.50 3.44
C LYS A 249 12.45 -5.91 4.69
N ALA A 250 12.94 -5.55 5.87
CA ALA A 250 12.21 -5.93 7.08
C ALA A 250 10.84 -5.24 7.10
N LYS A 251 10.83 -3.98 6.68
CA LYS A 251 9.56 -3.23 6.70
C LYS A 251 8.61 -3.77 5.65
N ASP A 252 9.16 -4.02 4.43
CA ASP A 252 8.30 -4.53 3.39
C ASP A 252 7.61 -5.79 3.90
N ASP A 253 8.35 -6.60 4.68
CA ASP A 253 7.81 -7.85 5.13
C ASP A 253 7.56 -7.81 6.64
N PHE A 254 6.66 -6.94 7.14
CA PHE A 254 6.34 -6.87 8.60
C PHE A 254 4.78 -7.10 8.91
N MET B 1 -23.91 -19.83 7.11
CA MET B 1 -22.87 -19.04 7.87
C MET B 1 -22.85 -17.63 7.28
N GLN B 2 -23.06 -16.62 8.11
CA GLN B 2 -23.07 -15.25 7.63
C GLN B 2 -21.61 -14.83 7.70
N ILE B 3 -21.18 -14.06 6.70
CA ILE B 3 -19.82 -13.52 6.62
C ILE B 3 -19.95 -11.99 6.61
N GLU B 4 -19.34 -11.38 7.63
CA GLU B 4 -19.41 -9.93 7.79
C GLU B 4 -18.06 -9.42 7.29
N LEU B 5 -18.06 -8.59 6.24
CA LEU B 5 -16.78 -8.03 5.71
C LEU B 5 -16.42 -6.77 6.54
N VAL B 6 -15.69 -6.92 7.67
CA VAL B 6 -15.35 -5.76 8.56
C VAL B 6 -14.16 -4.93 8.08
N PRO B 7 -14.42 -3.64 7.79
CA PRO B 7 -13.28 -2.87 7.32
C PRO B 7 -12.47 -2.61 8.57
N CYS B 8 -11.16 -2.43 8.36
CA CYS B 8 -10.19 -2.20 9.40
C CYS B 8 -8.91 -1.44 8.94
N LEU B 9 -8.19 -0.75 9.86
CA LEU B 9 -7.00 -0.02 9.43
C LEU B 9 -7.28 0.85 8.15
N LYS B 10 -6.34 0.84 7.22
CA LYS B 10 -6.47 1.66 6.04
C LYS B 10 -7.34 1.03 5.01
N ASP B 11 -7.01 -0.21 4.66
CA ASP B 11 -7.76 -0.91 3.65
C ASP B 11 -7.78 -2.41 3.85
N ASN B 12 -7.52 -2.86 5.10
CA ASN B 12 -7.60 -4.28 5.39
C ASN B 12 -9.08 -4.67 5.55
N TYR B 13 -9.30 -5.97 5.47
CA TYR B 13 -10.59 -6.63 5.76
C TYR B 13 -10.38 -7.86 6.68
N ALA B 14 -11.03 -7.85 7.85
CA ALA B 14 -11.10 -9.04 8.74
C ALA B 14 -12.56 -9.51 8.44
N TYR B 15 -12.88 -10.78 8.73
CA TYR B 15 -14.22 -11.27 8.46
C TYR B 15 -14.74 -11.97 9.70
N ILE B 16 -15.86 -11.48 10.19
CA ILE B 16 -16.43 -12.15 11.36
C ILE B 16 -17.37 -13.22 10.81
N LEU B 17 -17.13 -14.49 11.23
CA LEU B 17 -17.92 -15.63 10.72
C LEU B 17 -18.99 -15.96 11.75
N HIS B 18 -20.24 -16.14 11.30
CA HIS B 18 -21.36 -16.40 12.18
C HIS B 18 -22.06 -17.72 11.82
N ASP B 19 -21.97 -18.73 12.70
CA ASP B 19 -22.67 -19.98 12.45
C ASP B 19 -24.07 -19.76 12.99
N GLU B 20 -25.06 -19.94 12.14
CA GLU B 20 -26.42 -19.65 12.54
C GLU B 20 -26.93 -20.62 13.58
N ASP B 21 -26.79 -21.91 13.28
CA ASP B 21 -27.29 -22.96 14.18
C ASP B 21 -26.80 -22.80 15.62
N THR B 22 -25.52 -22.57 15.81
CA THR B 22 -25.06 -22.50 17.18
C THR B 22 -25.08 -21.11 17.83
N GLY B 23 -23.91 -20.47 17.79
CA GLY B 23 -23.68 -19.17 18.39
C GLY B 23 -22.15 -19.00 18.33
N THR B 24 -21.44 -19.98 17.80
CA THR B 24 -19.97 -19.82 17.74
C THR B 24 -19.58 -18.70 16.74
N VAL B 25 -18.54 -17.96 17.02
CA VAL B 25 -18.14 -16.90 16.07
C VAL B 25 -16.63 -16.99 15.86
N GLY B 26 -16.23 -16.88 14.59
CA GLY B 26 -14.81 -16.87 14.28
C GLY B 26 -14.44 -15.54 13.64
N VAL B 27 -13.15 -15.12 13.74
CA VAL B 27 -12.74 -13.89 13.04
C VAL B 27 -11.47 -14.23 12.25
N VAL B 28 -11.47 -13.86 10.98
CA VAL B 28 -10.32 -14.08 10.10
C VAL B 28 -9.54 -12.78 10.02
N ASP B 29 -8.25 -12.92 10.25
CA ASP B 29 -7.31 -11.80 10.11
C ASP B 29 -7.63 -10.50 10.78
N PRO B 30 -8.21 -10.54 11.99
CA PRO B 30 -8.55 -9.31 12.77
C PRO B 30 -7.27 -8.47 12.92
N SER B 31 -7.12 -7.35 12.17
CA SER B 31 -5.95 -6.45 12.22
C SER B 31 -5.82 -5.77 13.58
N GLU B 32 -6.91 -5.23 14.10
CA GLU B 32 -6.84 -4.62 15.43
C GLU B 32 -7.92 -5.41 16.12
N ALA B 33 -8.30 -5.00 17.33
CA ALA B 33 -9.34 -5.63 18.16
C ALA B 33 -10.69 -4.88 18.20
N GLU B 34 -10.61 -3.57 18.42
CA GLU B 34 -11.82 -2.71 18.60
C GLU B 34 -12.97 -2.95 17.66
N PRO B 35 -12.68 -3.01 16.35
CA PRO B 35 -13.78 -3.21 15.41
C PRO B 35 -14.44 -4.57 15.56
N ILE B 36 -13.65 -5.58 15.92
CA ILE B 36 -14.17 -6.93 16.13
C ILE B 36 -15.01 -6.92 17.44
N ILE B 37 -14.41 -6.39 18.51
CA ILE B 37 -15.16 -6.28 19.79
C ILE B 37 -16.48 -5.47 19.63
N ASP B 38 -16.41 -4.35 18.93
CA ASP B 38 -17.64 -3.58 18.72
C ASP B 38 -18.72 -4.46 18.11
N SER B 39 -18.39 -5.22 17.05
CA SER B 39 -19.41 -6.05 16.41
C SER B 39 -19.97 -7.15 17.28
N LEU B 40 -19.08 -7.72 18.09
CA LEU B 40 -19.45 -8.77 19.02
C LEU B 40 -20.34 -8.19 20.11
N LYS B 41 -20.04 -6.99 20.58
CA LYS B 41 -20.86 -6.36 21.62
C LYS B 41 -22.28 -6.04 21.11
N ARG B 42 -22.40 -5.72 19.82
CA ARG B 42 -23.67 -5.40 19.19
C ARG B 42 -24.46 -6.69 18.84
N SER B 43 -23.73 -7.71 18.45
CA SER B 43 -24.32 -9.01 18.15
C SER B 43 -24.68 -9.77 19.44
N GLY B 44 -24.14 -9.33 20.57
CA GLY B 44 -24.35 -10.04 21.82
C GLY B 44 -23.71 -11.42 21.68
N ARG B 45 -22.57 -11.49 20.98
CA ARG B 45 -21.94 -12.80 20.82
C ARG B 45 -20.51 -12.84 21.38
N ASN B 46 -20.03 -14.02 21.73
CA ASN B 46 -18.66 -14.15 22.25
C ASN B 46 -17.84 -14.67 21.08
N LEU B 47 -16.52 -14.53 21.14
CA LEU B 47 -15.62 -14.95 20.07
C LEU B 47 -14.92 -16.28 20.45
N THR B 48 -15.11 -17.33 19.64
CA THR B 48 -14.52 -18.61 19.98
C THR B 48 -13.21 -18.91 19.25
N TYR B 49 -13.14 -18.37 18.01
CA TYR B 49 -12.01 -18.67 17.12
C TYR B 49 -11.44 -17.42 16.40
N ILE B 50 -10.15 -17.40 16.26
CA ILE B 50 -9.38 -16.40 15.48
C ILE B 50 -8.67 -17.26 14.45
N LEU B 51 -8.75 -16.86 13.16
CA LEU B 51 -8.08 -17.63 12.09
C LEU B 51 -7.22 -16.67 11.29
N ASN B 52 -5.93 -17.03 11.07
CA ASN B 52 -5.05 -16.16 10.33
C ASN B 52 -4.59 -16.73 8.98
N THR B 53 -4.71 -15.92 7.91
CA THR B 53 -4.22 -16.41 6.60
C THR B 53 -2.65 -16.35 6.53
N HIS B 54 -2.06 -15.39 7.26
CA HIS B 54 -0.59 -15.27 7.25
C HIS B 54 -0.13 -14.39 8.39
N HIS B 55 1.20 -14.14 8.50
CA HIS B 55 1.75 -13.52 9.73
C HIS B 55 1.84 -12.01 9.90
N HIS B 56 1.80 -11.32 8.76
CA HIS B 56 2.02 -9.89 8.77
C HIS B 56 1.16 -9.24 9.83
N TYR B 57 1.72 -8.17 10.40
CA TYR B 57 1.10 -7.46 11.49
C TYR B 57 -0.32 -6.99 11.20
N ASP B 58 -0.59 -6.64 9.93
CA ASP B 58 -1.93 -6.21 9.60
C ASP B 58 -2.94 -7.38 9.52
N HIS B 59 -2.47 -8.62 9.78
CA HIS B 59 -3.39 -9.76 9.84
C HIS B 59 -3.37 -10.50 11.16
N THR B 60 -2.40 -10.16 12.03
CA THR B 60 -2.29 -10.85 13.31
C THR B 60 -2.15 -9.95 14.53
N GLY B 61 -2.25 -8.64 14.33
CA GLY B 61 -1.96 -7.71 15.42
C GLY B 61 -2.93 -7.81 16.58
N GLY B 62 -4.20 -7.85 16.23
CA GLY B 62 -5.18 -7.86 17.28
C GLY B 62 -5.36 -9.25 17.87
N ASN B 63 -4.47 -10.20 17.53
CA ASN B 63 -4.62 -11.60 17.98
C ASN B 63 -4.61 -11.83 19.48
N LEU B 64 -3.60 -11.27 20.11
CA LEU B 64 -3.44 -11.60 21.52
C LEU B 64 -4.50 -10.97 22.42
N GLU B 65 -5.04 -9.87 21.99
CA GLU B 65 -6.02 -9.19 22.81
C GLU B 65 -7.38 -9.92 22.74
N LEU B 66 -7.69 -10.37 21.53
CA LEU B 66 -8.94 -11.04 21.33
C LEU B 66 -8.91 -12.41 21.97
N LYS B 67 -7.75 -13.09 21.95
CA LYS B 67 -7.68 -14.42 22.52
C LYS B 67 -7.90 -14.31 24.04
N ASP B 68 -7.23 -13.34 24.65
CA ASP B 68 -7.34 -13.11 26.09
C ASP B 68 -8.78 -12.73 26.47
N ARG B 69 -9.30 -11.67 25.83
CA ARG B 69 -10.63 -11.23 26.15
C ARG B 69 -11.73 -12.31 26.09
N TYR B 70 -11.71 -13.09 25.02
CA TYR B 70 -12.77 -14.06 24.84
C TYR B 70 -12.41 -15.49 25.12
N GLY B 71 -11.15 -15.75 25.42
CA GLY B 71 -10.78 -17.14 25.57
C GLY B 71 -10.96 -17.90 24.24
N ALA B 72 -10.79 -17.20 23.11
CA ALA B 72 -10.96 -17.79 21.75
C ALA B 72 -9.65 -18.60 21.36
N LYS B 73 -9.74 -19.58 20.43
CA LYS B 73 -8.57 -20.37 20.06
C LYS B 73 -7.97 -19.69 18.81
N VAL B 74 -6.68 -19.83 18.59
CA VAL B 74 -6.04 -19.25 17.39
C VAL B 74 -5.71 -20.38 16.43
N ILE B 75 -6.30 -20.29 15.25
CA ILE B 75 -6.14 -21.29 14.18
C ILE B 75 -5.20 -20.70 13.11
N GLY B 76 -4.06 -21.37 12.86
CA GLY B 76 -3.17 -20.83 11.88
C GLY B 76 -2.39 -21.84 11.07
N SER B 77 -1.35 -21.36 10.42
CA SER B 77 -0.56 -22.24 9.58
C SER B 77 0.50 -23.11 10.29
N ALA B 78 0.54 -24.36 9.85
CA ALA B 78 1.52 -25.33 10.36
C ALA B 78 2.96 -24.95 9.88
N MET B 79 3.02 -24.00 8.96
CA MET B 79 4.34 -23.52 8.50
C MET B 79 4.85 -22.34 9.38
N ASP B 80 3.95 -21.52 9.93
CA ASP B 80 4.24 -20.33 10.75
C ASP B 80 3.97 -20.49 12.21
N LYS B 81 4.36 -21.63 12.76
CA LYS B 81 4.12 -21.85 14.17
C LYS B 81 4.73 -20.79 15.07
N ASP B 82 5.87 -20.22 14.68
CA ASP B 82 6.55 -19.23 15.51
C ASP B 82 6.05 -17.81 15.30
N ARG B 83 5.33 -17.62 14.17
CA ARG B 83 4.92 -16.25 13.80
C ARG B 83 3.46 -15.85 14.03
N ILE B 84 2.57 -16.85 14.18
CA ILE B 84 1.22 -16.50 14.41
C ILE B 84 1.02 -16.31 15.93
N PRO B 85 0.76 -15.06 16.35
CA PRO B 85 0.59 -14.85 17.80
C PRO B 85 -0.57 -15.59 18.47
N GLY B 86 -0.20 -16.29 19.55
CA GLY B 86 -1.20 -16.98 20.36
C GLY B 86 -1.72 -18.27 19.73
N ILE B 87 -1.10 -18.70 18.63
CA ILE B 87 -1.57 -19.91 17.95
C ILE B 87 -1.82 -21.11 18.90
N ASP B 88 -3.03 -21.69 18.76
CA ASP B 88 -3.42 -22.85 19.54
C ASP B 88 -3.41 -24.19 18.76
N MET B 89 -3.63 -24.10 17.44
CA MET B 89 -3.73 -25.25 16.54
C MET B 89 -3.10 -24.89 15.19
N ALA B 90 -2.16 -25.73 14.75
CA ALA B 90 -1.44 -25.44 13.52
C ALA B 90 -1.85 -26.40 12.43
N LEU B 91 -2.46 -25.84 11.37
CA LEU B 91 -3.03 -26.65 10.30
C LEU B 91 -2.18 -26.78 9.05
N LYS B 92 -2.28 -27.98 8.43
CA LYS B 92 -1.50 -28.26 7.27
C LYS B 92 -2.31 -28.29 6.01
N ASP B 93 -1.60 -28.14 4.89
CA ASP B 93 -2.28 -28.21 3.62
C ASP B 93 -3.19 -29.47 3.52
N GLY B 94 -4.41 -29.24 3.07
CA GLY B 94 -5.40 -30.30 2.94
C GLY B 94 -6.02 -30.77 4.24
N ASP B 95 -5.53 -30.33 5.40
CA ASP B 95 -6.22 -30.75 6.64
C ASP B 95 -7.46 -29.89 6.68
N LYS B 96 -8.60 -30.59 7.00
CA LYS B 96 -9.97 -30.09 7.24
C LYS B 96 -10.07 -29.71 8.72
N TRP B 97 -10.87 -28.68 9.01
CA TRP B 97 -11.01 -28.21 10.36
C TRP B 97 -12.45 -27.78 10.54
N MET B 98 -13.10 -28.26 11.60
CA MET B 98 -14.51 -27.93 11.80
C MET B 98 -14.83 -26.65 12.54
N PHE B 99 -15.48 -25.73 11.84
CA PHE B 99 -15.97 -24.48 12.46
C PHE B 99 -17.47 -24.79 12.78
N ALA B 100 -17.77 -25.23 14.02
CA ALA B 100 -19.12 -25.62 14.42
C ALA B 100 -19.61 -26.68 13.45
N GLY B 101 -18.85 -27.70 13.20
CA GLY B 101 -19.44 -28.68 12.30
C GLY B 101 -19.56 -28.36 10.81
N HIS B 102 -18.97 -27.25 10.41
CA HIS B 102 -18.95 -26.94 8.96
C HIS B 102 -17.51 -27.11 8.53
N GLU B 103 -17.30 -27.84 7.44
CA GLU B 103 -16.00 -28.15 6.94
C GLU B 103 -15.21 -26.98 6.37
N VAL B 104 -14.01 -26.81 6.88
CA VAL B 104 -13.11 -25.81 6.30
C VAL B 104 -11.96 -26.60 5.64
N HIS B 105 -11.60 -26.24 4.42
CA HIS B 105 -10.48 -26.85 3.70
C HIS B 105 -9.32 -25.86 3.74
N VAL B 106 -8.17 -26.39 4.12
CA VAL B 106 -6.96 -25.59 4.26
C VAL B 106 -6.06 -25.72 3.04
N MET B 107 -5.69 -24.57 2.46
CA MET B 107 -4.78 -24.62 1.31
C MET B 107 -3.48 -23.95 1.74
N ASP B 108 -2.37 -24.50 1.28
CA ASP B 108 -1.04 -23.92 1.52
C ASP B 108 -0.84 -23.04 0.24
N THR B 109 -0.98 -21.71 0.36
CA THR B 109 -0.82 -20.84 -0.81
C THR B 109 0.31 -19.85 -0.53
N PRO B 110 1.56 -20.36 -0.54
CA PRO B 110 2.74 -19.52 -0.31
C PRO B 110 3.06 -18.65 -1.53
N GLY B 111 3.73 -17.53 -1.27
CA GLY B 111 4.17 -16.62 -2.33
C GLY B 111 4.29 -15.23 -1.76
N HIS B 112 3.20 -14.75 -1.14
CA HIS B 112 3.24 -13.41 -0.54
C HIS B 112 4.27 -13.57 0.58
N THR B 113 4.01 -14.57 1.43
CA THR B 113 4.96 -14.94 2.47
C THR B 113 5.58 -16.29 2.13
N LYS B 114 5.23 -17.34 2.86
CA LYS B 114 5.74 -18.70 2.63
C LYS B 114 4.86 -19.64 3.47
N GLY B 115 4.32 -19.06 4.56
CA GLY B 115 3.42 -19.72 5.49
C GLY B 115 1.94 -19.35 5.27
N HIS B 116 1.68 -18.52 4.30
CA HIS B 116 0.33 -18.08 3.94
C HIS B 116 -0.51 -19.30 3.59
N ILE B 117 -1.74 -19.30 4.08
CA ILE B 117 -2.77 -20.34 3.81
C ILE B 117 -4.06 -19.58 3.40
N SER B 118 -4.95 -20.30 2.72
CA SER B 118 -6.24 -19.79 2.33
C SER B 118 -7.21 -20.83 2.95
N LEU B 119 -8.41 -20.37 3.30
CA LEU B 119 -9.36 -21.22 4.01
C LEU B 119 -10.61 -21.31 3.17
N TYR B 120 -10.94 -22.52 2.71
CA TYR B 120 -12.12 -22.76 1.85
C TYR B 120 -13.27 -23.38 2.66
N PHE B 121 -14.45 -22.77 2.56
CA PHE B 121 -15.69 -23.19 3.28
C PHE B 121 -16.62 -23.63 2.12
N PRO B 122 -16.50 -24.90 1.66
CA PRO B 122 -17.32 -25.38 0.53
C PRO B 122 -18.83 -25.20 0.83
N GLY B 123 -19.18 -25.33 2.10
CA GLY B 123 -20.59 -25.18 2.49
C GLY B 123 -21.20 -23.83 2.18
N SER B 124 -20.34 -22.81 2.20
CA SER B 124 -20.80 -21.47 1.97
C SER B 124 -20.26 -20.92 0.63
N ARG B 125 -19.66 -21.79 -0.18
CA ARG B 125 -19.08 -21.41 -1.47
C ARG B 125 -18.24 -20.13 -1.22
N ALA B 126 -17.35 -20.20 -0.25
CA ALA B 126 -16.50 -19.07 0.08
C ALA B 126 -15.08 -19.44 0.39
N ILE B 127 -14.13 -18.63 -0.11
CA ILE B 127 -12.74 -18.90 0.26
C ILE B 127 -12.06 -17.60 0.80
N PHE B 128 -11.28 -17.73 1.88
CA PHE B 128 -10.51 -16.59 2.44
C PHE B 128 -9.08 -16.78 1.96
N THR B 129 -8.63 -15.81 1.12
CA THR B 129 -7.35 -15.93 0.45
C THR B 129 -6.26 -15.00 1.01
N GLY B 130 -6.52 -14.29 2.12
CA GLY B 130 -5.46 -13.45 2.63
C GLY B 130 -4.87 -12.60 1.50
N ASP B 131 -3.50 -12.47 1.45
CA ASP B 131 -2.91 -11.60 0.44
C ASP B 131 -2.17 -12.41 -0.62
N THR B 132 -2.74 -13.58 -0.98
CA THR B 132 -2.14 -14.36 -2.01
C THR B 132 -2.83 -13.85 -3.31
N MET B 133 -4.16 -13.73 -3.33
CA MET B 133 -4.86 -13.20 -4.54
C MET B 133 -5.76 -12.11 -4.04
N PHE B 134 -5.96 -11.04 -4.81
CA PHE B 134 -6.89 -9.93 -4.50
C PHE B 134 -7.89 -9.87 -5.65
N SER B 135 -8.96 -9.07 -5.53
CA SER B 135 -9.77 -8.97 -6.75
C SER B 135 -8.92 -8.13 -7.69
N LEU B 136 -8.54 -8.72 -8.83
CA LEU B 136 -7.73 -8.10 -9.89
C LEU B 136 -6.24 -8.05 -9.65
N SER B 137 -5.74 -8.59 -8.50
CA SER B 137 -4.28 -8.61 -8.26
C SER B 137 -3.93 -9.85 -7.44
N CYS B 138 -2.68 -9.93 -7.02
CA CYS B 138 -2.16 -11.02 -6.19
C CYS B 138 -1.29 -10.24 -5.21
N GLY B 139 -0.87 -10.88 -4.13
CA GLY B 139 0.00 -10.18 -3.21
C GLY B 139 1.42 -9.95 -3.77
N LYS B 140 2.12 -8.99 -3.18
CA LYS B 140 3.53 -8.85 -3.55
C LYS B 140 4.28 -10.04 -2.97
N LEU B 141 5.42 -10.37 -3.62
CA LEU B 141 6.16 -11.56 -3.22
C LEU B 141 7.27 -11.27 -2.24
N PHE B 142 6.86 -10.98 -1.01
CA PHE B 142 7.87 -10.63 -0.02
C PHE B 142 8.79 -11.80 0.36
N GLU B 143 8.27 -13.04 0.40
CA GLU B 143 9.10 -14.16 0.80
C GLU B 143 9.13 -15.31 -0.18
N GLY B 144 8.24 -15.27 -1.19
CA GLY B 144 8.15 -16.44 -2.09
C GLY B 144 8.47 -16.00 -3.47
N THR B 145 8.51 -17.00 -4.36
CA THR B 145 8.84 -16.77 -5.74
C THR B 145 7.56 -16.75 -6.61
N PRO B 146 7.69 -16.38 -7.88
CA PRO B 146 6.57 -16.34 -8.82
C PRO B 146 6.06 -17.75 -9.00
N LYS B 147 6.96 -18.72 -9.09
CA LYS B 147 6.54 -20.10 -9.28
C LYS B 147 5.53 -20.52 -8.20
N GLN B 148 5.88 -20.24 -6.95
CA GLN B 148 5.00 -20.63 -5.85
C GLN B 148 3.68 -19.87 -5.92
N MET B 149 3.75 -18.58 -6.23
CA MET B 149 2.51 -17.84 -6.30
C MET B 149 1.66 -18.37 -7.45
N LEU B 150 2.31 -18.73 -8.55
CA LEU B 150 1.53 -19.23 -9.68
C LEU B 150 0.73 -20.43 -9.23
N ALA B 151 1.38 -21.33 -8.50
CA ALA B 151 0.64 -22.51 -8.06
C ALA B 151 -0.56 -22.09 -7.21
N SER B 152 -0.32 -21.21 -6.25
CA SER B 152 -1.40 -20.81 -5.36
C SER B 152 -2.56 -20.24 -6.19
N LEU B 153 -2.34 -19.20 -7.00
CA LEU B 153 -3.48 -18.68 -7.71
C LEU B 153 -4.29 -19.80 -8.43
N GLN B 154 -3.56 -20.78 -8.97
CA GLN B 154 -4.13 -21.94 -9.66
C GLN B 154 -4.71 -22.97 -8.69
N LYS B 155 -4.17 -23.08 -7.50
CA LYS B 155 -4.77 -24.01 -6.50
C LYS B 155 -6.08 -23.36 -6.08
N ILE B 156 -6.08 -22.04 -6.18
CA ILE B 156 -7.24 -21.30 -5.81
C ILE B 156 -8.32 -21.31 -6.85
N THR B 157 -7.96 -21.06 -8.15
CA THR B 157 -8.98 -20.96 -9.24
C THR B 157 -9.36 -22.36 -9.77
N SER B 158 -8.84 -23.37 -9.09
CA SER B 158 -9.23 -24.75 -9.41
C SER B 158 -10.54 -25.12 -8.65
N LEU B 159 -11.02 -24.26 -7.75
CA LEU B 159 -12.27 -24.46 -6.97
C LEU B 159 -13.37 -24.10 -7.96
N PRO B 160 -14.67 -24.30 -7.59
CA PRO B 160 -15.81 -23.99 -8.44
C PRO B 160 -15.78 -22.55 -8.90
N ASP B 161 -16.35 -22.30 -10.08
CA ASP B 161 -16.37 -20.98 -10.68
C ASP B 161 -17.17 -20.01 -9.83
N ASP B 162 -18.26 -20.50 -9.23
CA ASP B 162 -19.08 -19.58 -8.46
C ASP B 162 -18.61 -19.29 -7.06
N THR B 163 -17.45 -19.84 -6.65
CA THR B 163 -16.93 -19.56 -5.33
C THR B 163 -16.64 -18.04 -5.12
N SER B 164 -17.04 -17.52 -3.95
CA SER B 164 -16.82 -16.13 -3.53
C SER B 164 -15.41 -16.09 -2.97
N ILE B 165 -14.73 -14.96 -3.22
CA ILE B 165 -13.37 -14.74 -2.75
C ILE B 165 -13.39 -13.55 -1.81
N TYR B 166 -12.92 -13.78 -0.58
CA TYR B 166 -12.88 -12.73 0.44
C TYR B 166 -11.39 -12.55 0.76
N CYS B 167 -10.77 -11.45 0.25
CA CYS B 167 -9.34 -11.21 0.43
C CYS B 167 -8.92 -10.26 1.54
N GLY B 168 -7.63 -10.06 1.70
CA GLY B 168 -7.15 -9.23 2.82
C GLY B 168 -7.32 -7.74 2.78
N HIS B 169 -7.39 -7.14 1.56
CA HIS B 169 -7.46 -5.70 1.44
C HIS B 169 -8.40 -5.24 0.33
N GLU B 170 -8.83 -3.99 0.45
CA GLU B 170 -9.70 -3.32 -0.53
C GLU B 170 -8.71 -2.60 -1.46
N TYR B 171 -8.10 -3.38 -2.36
CA TYR B 171 -7.15 -2.83 -3.31
C TYR B 171 -7.70 -2.78 -4.75
N THR B 172 -8.97 -3.15 -4.93
CA THR B 172 -9.50 -3.32 -6.28
C THR B 172 -9.48 -2.13 -7.24
N LEU B 173 -9.83 -0.94 -6.75
CA LEU B 173 -9.84 0.18 -7.67
C LEU B 173 -8.42 0.42 -8.19
N SER B 174 -7.42 0.55 -7.34
CA SER B 174 -6.06 0.75 -7.87
C SER B 174 -5.63 -0.40 -8.78
N ASN B 175 -6.00 -1.64 -8.40
CA ASN B 175 -5.67 -2.84 -9.18
C ASN B 175 -6.27 -2.73 -10.62
N SER B 176 -7.46 -2.16 -10.70
CA SER B 176 -8.15 -2.05 -11.99
C SER B 176 -7.44 -1.06 -12.87
N LYS B 177 -6.81 -0.04 -12.28
CA LYS B 177 -6.18 0.90 -13.17
C LYS B 177 -5.02 0.23 -13.88
N PHE B 178 -4.27 -0.58 -13.15
CA PHE B 178 -3.17 -1.27 -13.80
C PHE B 178 -3.80 -2.27 -14.78
N ALA B 179 -4.71 -3.11 -14.31
CA ALA B 179 -5.24 -4.09 -15.23
C ALA B 179 -5.74 -3.42 -16.52
N LEU B 180 -6.29 -2.23 -16.42
CA LEU B 180 -6.79 -1.59 -17.66
C LEU B 180 -5.68 -1.12 -18.54
N SER B 181 -4.54 -0.83 -17.90
CA SER B 181 -3.34 -0.39 -18.64
C SER B 181 -2.95 -1.54 -19.60
N LEU B 182 -3.09 -2.81 -19.16
CA LEU B 182 -2.73 -3.96 -19.99
C LEU B 182 -3.77 -4.30 -21.02
N GLU B 183 -4.95 -4.70 -20.57
CA GLU B 183 -6.11 -5.12 -21.42
C GLU B 183 -7.21 -4.06 -21.55
N PRO B 184 -6.87 -2.97 -22.21
CA PRO B 184 -7.86 -1.95 -22.32
C PRO B 184 -9.08 -2.29 -23.10
N ASN B 185 -8.98 -3.32 -23.93
CA ASN B 185 -10.13 -3.70 -24.71
C ASN B 185 -10.88 -4.91 -24.13
N ASN B 186 -10.44 -5.44 -22.95
CA ASN B 186 -11.11 -6.56 -22.27
C ASN B 186 -12.49 -5.98 -21.82
N GLU B 187 -13.57 -6.39 -22.49
CA GLU B 187 -14.91 -5.86 -22.19
C GLU B 187 -15.42 -6.15 -20.79
N VAL B 188 -15.21 -7.37 -20.32
CA VAL B 188 -15.71 -7.68 -18.97
C VAL B 188 -14.90 -6.83 -17.96
N LEU B 189 -13.60 -6.67 -18.20
CA LEU B 189 -12.78 -5.86 -17.28
C LEU B 189 -13.25 -4.40 -17.28
N GLN B 190 -13.46 -3.82 -18.46
CA GLN B 190 -13.96 -2.46 -18.46
C GLN B 190 -15.26 -2.40 -17.63
N SER B 191 -16.11 -3.40 -17.82
CA SER B 191 -17.39 -3.40 -17.13
C SER B 191 -17.15 -3.53 -15.62
N TYR B 192 -16.38 -4.53 -15.25
CA TYR B 192 -16.14 -4.69 -13.82
C TYR B 192 -15.39 -3.49 -13.22
N ALA B 193 -14.45 -2.90 -13.94
CA ALA B 193 -13.71 -1.76 -13.40
C ALA B 193 -14.72 -0.63 -13.19
N ALA B 194 -15.63 -0.45 -14.15
CA ALA B 194 -16.59 0.65 -13.96
C ALA B 194 -17.46 0.45 -12.71
N HIS B 195 -17.86 -0.79 -12.46
CA HIS B 195 -18.69 -1.17 -11.28
C HIS B 195 -17.87 -0.94 -10.00
N VAL B 196 -16.58 -1.31 -10.07
CA VAL B 196 -15.65 -1.09 -8.94
C VAL B 196 -15.49 0.42 -8.64
N ALA B 197 -15.30 1.25 -9.66
CA ALA B 197 -15.16 2.70 -9.40
C ALA B 197 -16.44 3.30 -8.80
N GLU B 198 -17.58 2.82 -9.24
CA GLU B 198 -18.87 3.32 -8.69
C GLU B 198 -19.01 2.87 -7.22
N LEU B 199 -18.67 1.62 -6.93
CA LEU B 199 -18.78 1.13 -5.55
C LEU B 199 -17.85 1.96 -4.69
N ARG B 200 -16.61 2.17 -5.14
CA ARG B 200 -15.67 2.93 -4.32
C ARG B 200 -16.06 4.41 -4.18
N SER B 201 -16.71 4.98 -5.20
CA SER B 201 -17.17 6.38 -5.08
C SER B 201 -18.13 6.52 -3.90
N LYS B 202 -18.91 5.44 -3.65
CA LYS B 202 -19.87 5.44 -2.53
C LYS B 202 -19.26 4.86 -1.23
N LYS B 203 -17.94 4.68 -1.24
CA LYS B 203 -17.21 4.12 -0.10
C LYS B 203 -17.66 2.72 0.25
N LEU B 204 -18.12 1.99 -0.75
CA LEU B 204 -18.58 0.62 -0.50
C LEU B 204 -17.45 -0.37 -0.86
N PRO B 205 -17.44 -1.54 -0.19
CA PRO B 205 -16.41 -2.58 -0.48
C PRO B 205 -16.65 -3.16 -1.86
N THR B 206 -15.57 -3.66 -2.45
CA THR B 206 -15.69 -4.34 -3.74
C THR B 206 -15.50 -5.83 -3.57
N ILE B 207 -15.50 -6.28 -2.31
CA ILE B 207 -15.21 -7.66 -1.95
C ILE B 207 -16.52 -8.15 -1.24
N PRO B 208 -17.00 -9.36 -1.47
CA PRO B 208 -16.40 -10.39 -2.33
C PRO B 208 -16.38 -10.25 -3.81
N THR B 209 -15.34 -10.89 -4.37
CA THR B 209 -15.26 -11.09 -5.82
C THR B 209 -15.63 -12.60 -5.99
N THR B 210 -15.42 -13.17 -7.17
CA THR B 210 -15.69 -14.59 -7.34
C THR B 210 -14.62 -15.24 -8.26
N VAL B 211 -14.53 -16.57 -8.24
CA VAL B 211 -13.58 -17.25 -9.12
C VAL B 211 -13.88 -16.88 -10.57
N LYS B 212 -15.15 -16.81 -10.94
CA LYS B 212 -15.42 -16.47 -12.34
C LYS B 212 -14.83 -15.13 -12.81
N MET B 213 -15.12 -14.06 -12.08
CA MET B 213 -14.63 -12.74 -12.43
C MET B 213 -13.12 -12.78 -12.48
N GLU B 214 -12.51 -13.63 -11.60
CA GLU B 214 -11.04 -13.68 -11.47
C GLU B 214 -10.44 -14.06 -12.79
N LYS B 215 -10.77 -15.25 -13.26
CA LYS B 215 -10.25 -15.66 -14.54
C LYS B 215 -10.62 -14.62 -15.62
N ALA B 216 -11.85 -14.08 -15.52
CA ALA B 216 -12.30 -13.17 -16.55
C ALA B 216 -11.40 -11.99 -16.76
N CYS B 217 -10.87 -11.36 -15.71
CA CYS B 217 -9.96 -10.25 -15.96
C CYS B 217 -8.89 -9.89 -14.96
N ASN B 218 -8.39 -10.86 -14.18
CA ASN B 218 -7.33 -10.53 -13.22
C ASN B 218 -5.99 -10.87 -13.95
N PRO B 219 -5.11 -9.85 -14.16
CA PRO B 219 -3.85 -10.12 -14.87
C PRO B 219 -3.09 -11.32 -14.47
N PHE B 220 -2.98 -11.56 -13.13
CA PHE B 220 -2.17 -12.67 -12.69
C PHE B 220 -2.74 -14.03 -13.01
N LEU B 221 -4.06 -14.07 -13.40
CA LEU B 221 -4.68 -15.34 -13.83
C LEU B 221 -4.78 -15.37 -15.36
N ARG B 222 -4.09 -14.46 -16.03
CA ARG B 222 -4.19 -14.36 -17.51
C ARG B 222 -2.85 -14.13 -18.17
N SER B 223 -1.82 -14.71 -17.55
CA SER B 223 -0.43 -14.49 -17.95
C SER B 223 -0.05 -14.97 -19.35
N SER B 224 -0.88 -15.83 -19.96
CA SER B 224 -0.62 -16.27 -21.34
C SER B 224 -1.44 -15.46 -22.32
N ASN B 225 -2.06 -14.37 -21.82
CA ASN B 225 -2.83 -13.49 -22.70
C ASN B 225 -1.92 -12.72 -23.67
N THR B 226 -2.15 -12.87 -24.97
CA THR B 226 -1.28 -12.17 -25.91
C THR B 226 -1.29 -10.69 -25.69
N ASP B 227 -2.42 -10.15 -25.25
CA ASP B 227 -2.46 -8.71 -25.03
C ASP B 227 -1.53 -8.33 -23.90
N ILE B 228 -1.63 -9.06 -22.78
CA ILE B 228 -0.73 -8.75 -21.67
C ILE B 228 0.72 -8.97 -22.01
N ARG B 229 1.04 -10.11 -22.65
CA ARG B 229 2.39 -10.36 -23.05
C ARG B 229 2.90 -9.30 -24.03
N ARG B 230 2.02 -8.81 -24.91
CA ARG B 230 2.45 -7.79 -25.84
C ARG B 230 2.85 -6.52 -25.06
N ALA B 231 1.96 -6.06 -24.20
CA ALA B 231 2.20 -4.82 -23.46
C ALA B 231 3.43 -4.87 -22.55
N LEU B 232 3.79 -6.07 -22.11
CA LEU B 232 4.91 -6.19 -21.17
C LEU B 232 6.20 -6.85 -21.72
N ARG B 233 6.24 -6.99 -23.06
CA ARG B 233 7.33 -7.55 -23.80
C ARG B 233 7.68 -8.93 -23.23
N ILE B 234 6.63 -9.72 -22.96
CA ILE B 234 6.88 -11.05 -22.51
C ILE B 234 6.92 -11.96 -23.76
N PRO B 235 8.06 -12.62 -24.04
CA PRO B 235 8.21 -13.51 -25.22
C PRO B 235 7.06 -14.49 -25.27
N GLU B 236 6.73 -15.05 -26.42
CA GLU B 236 5.59 -15.97 -26.40
C GLU B 236 5.84 -17.31 -25.67
N ALA B 237 7.08 -17.78 -25.64
CA ALA B 237 7.38 -19.08 -25.02
C ALA B 237 7.79 -18.97 -23.52
N ALA B 238 7.45 -17.87 -22.91
CA ALA B 238 7.75 -17.72 -21.52
C ALA B 238 7.00 -18.72 -20.64
N ASP B 239 7.68 -19.30 -19.67
CA ASP B 239 6.93 -20.18 -18.81
C ASP B 239 5.95 -19.33 -17.94
N GLU B 240 4.88 -19.96 -17.46
CA GLU B 240 3.86 -19.26 -16.66
C GLU B 240 4.41 -18.53 -15.44
N ALA B 241 5.34 -19.15 -14.75
CA ALA B 241 5.93 -18.48 -13.57
C ALA B 241 6.70 -17.30 -14.08
N GLU B 242 7.36 -17.43 -15.23
CA GLU B 242 8.12 -16.29 -15.74
C GLU B 242 7.18 -15.11 -16.10
N ALA B 243 6.09 -15.40 -16.79
CA ALA B 243 5.15 -14.36 -17.19
C ALA B 243 4.58 -13.64 -15.91
N LEU B 244 4.18 -14.39 -14.91
CA LEU B 244 3.64 -13.75 -13.70
C LEU B 244 4.71 -12.88 -13.03
N GLY B 245 5.97 -13.39 -13.03
CA GLY B 245 7.05 -12.66 -12.42
C GLY B 245 7.18 -11.26 -13.03
N ILE B 246 7.12 -11.14 -14.35
CA ILE B 246 7.30 -9.86 -14.99
C ILE B 246 6.03 -8.99 -14.75
N ILE B 247 4.83 -9.58 -14.75
CA ILE B 247 3.61 -8.82 -14.54
C ILE B 247 3.68 -8.19 -13.11
N ARG B 248 4.18 -8.98 -12.15
CA ARG B 248 4.23 -8.54 -10.75
C ARG B 248 5.21 -7.37 -10.60
N LYS B 249 6.26 -7.37 -11.40
CA LYS B 249 7.26 -6.30 -11.33
C LYS B 249 6.70 -5.03 -11.95
N ALA B 250 6.03 -5.19 -13.10
CA ALA B 250 5.43 -4.05 -13.78
C ALA B 250 4.43 -3.39 -12.82
N LYS B 251 3.48 -4.18 -12.29
CA LYS B 251 2.52 -3.55 -11.36
C LYS B 251 3.25 -2.90 -10.15
N ASP B 252 4.22 -3.59 -9.57
CA ASP B 252 4.97 -3.07 -8.42
C ASP B 252 5.48 -1.66 -8.72
N ASP B 253 5.95 -1.46 -9.97
CA ASP B 253 6.50 -0.18 -10.39
C ASP B 253 5.56 0.68 -11.25
N PHE B 254 4.28 0.36 -11.19
CA PHE B 254 3.30 1.09 -12.02
C PHE B 254 2.56 2.22 -11.34
ZN ZN C . 5.75 5.88 -6.25
FE FE D . 2.58 7.22 -4.73
C ACY E . 6.56 1.96 3.40
O ACY E . 7.53 2.10 4.06
OXT ACY E . 6.43 0.91 2.59
CH3 ACY E . 5.45 2.96 3.47
C1 PEG F . -5.42 18.99 16.60
O1 PEG F . -5.50 17.58 17.04
C2 PEG F . -6.70 19.42 15.81
O2 PEG F . -7.82 19.41 16.67
C3 PEG F . -9.01 19.82 15.95
C4 PEG F . -10.26 19.76 16.86
O4 PEG F . -10.55 18.38 17.15
ZN ZN G . 0.55 -9.47 4.09
FE FE H . -2.36 -7.79 4.24
C ACY I . -1.11 -5.26 -4.91
O ACY I . -2.17 -5.27 -4.32
OXT ACY I . -1.05 -5.62 -6.23
CH3 ACY I . 0.12 -4.83 -4.21
N MET A 1 3.66 31.75 0.34
CA MET A 1 2.92 30.71 -0.45
C MET A 1 1.97 29.84 0.41
N GLN A 2 0.75 29.62 -0.08
CA GLN A 2 -0.20 28.76 0.62
C GLN A 2 0.05 27.34 0.09
N ILE A 3 0.02 26.31 0.95
CA ILE A 3 0.25 24.91 0.50
C ILE A 3 -0.98 24.12 0.97
N GLU A 4 -1.88 23.79 0.06
CA GLU A 4 -3.09 23.08 0.43
C GLU A 4 -2.98 21.59 0.16
N LEU A 5 -3.10 20.77 1.23
CA LEU A 5 -3.04 19.33 1.00
C LEU A 5 -4.34 18.93 0.42
N VAL A 6 -4.28 18.09 -0.61
CA VAL A 6 -5.47 17.56 -1.25
C VAL A 6 -5.41 16.04 -1.23
N PRO A 7 -6.26 15.41 -0.37
CA PRO A 7 -6.24 13.95 -0.37
C PRO A 7 -6.79 13.41 -1.68
N CYS A 8 -6.13 12.37 -2.20
CA CYS A 8 -6.54 11.71 -3.42
C CYS A 8 -6.43 10.22 -3.24
N LEU A 9 -7.20 9.52 -4.07
CA LEU A 9 -7.23 8.06 -4.04
C LEU A 9 -7.35 7.62 -2.59
N LYS A 10 -6.62 6.60 -2.22
CA LYS A 10 -6.70 6.04 -0.86
C LYS A 10 -5.91 6.78 0.21
N ASP A 11 -4.69 7.14 -0.15
CA ASP A 11 -3.83 7.78 0.84
C ASP A 11 -2.83 8.68 0.22
N ASN A 12 -3.08 9.09 -1.03
CA ASN A 12 -2.11 10.03 -1.62
C ASN A 12 -2.44 11.46 -1.22
N TYR A 13 -1.39 12.31 -1.26
CA TYR A 13 -1.63 13.73 -1.14
C TYR A 13 -1.08 14.41 -2.35
N ALA A 14 -1.89 15.31 -2.95
CA ALA A 14 -1.43 16.26 -3.99
C ALA A 14 -1.24 17.54 -3.16
N TYR A 15 -0.53 18.54 -3.71
CA TYR A 15 -0.37 19.77 -2.94
C TYR A 15 -0.65 20.93 -3.87
N ILE A 16 -1.78 21.64 -3.69
CA ILE A 16 -2.03 22.81 -4.55
C ILE A 16 -1.30 23.97 -3.89
N LEU A 17 -0.40 24.59 -4.66
CA LEU A 17 0.42 25.70 -4.18
C LEU A 17 -0.22 27.02 -4.62
N HIS A 18 -0.55 27.90 -3.66
CA HIS A 18 -1.18 29.17 -4.08
C HIS A 18 -0.19 30.32 -3.88
N ASP A 19 0.21 31.02 -4.93
CA ASP A 19 1.12 32.17 -4.72
C ASP A 19 0.21 33.26 -4.07
N GLU A 20 0.70 34.11 -3.16
CA GLU A 20 -0.16 35.11 -2.54
C GLU A 20 0.01 36.49 -3.16
N ASP A 21 0.75 36.58 -4.25
CA ASP A 21 0.84 37.91 -4.85
C ASP A 21 0.30 37.90 -6.27
N THR A 22 0.36 36.75 -6.93
CA THR A 22 -0.13 36.68 -8.30
C THR A 22 -1.29 35.73 -8.52
N GLY A 23 -1.71 34.98 -7.53
CA GLY A 23 -2.76 34.09 -7.90
C GLY A 23 -2.23 32.96 -8.83
N THR A 24 -0.92 32.86 -9.04
CA THR A 24 -0.43 31.72 -9.82
C THR A 24 -0.67 30.46 -8.97
N VAL A 25 -1.23 29.41 -9.56
CA VAL A 25 -1.46 28.17 -8.84
C VAL A 25 -0.72 26.99 -9.44
N GLY A 26 -0.06 26.23 -8.60
CA GLY A 26 0.59 25.03 -9.08
C GLY A 26 0.03 23.82 -8.29
N VAL A 27 0.13 22.62 -8.86
CA VAL A 27 -0.24 21.45 -8.08
C VAL A 27 0.90 20.41 -8.13
N VAL A 28 1.24 19.85 -6.98
CA VAL A 28 2.30 18.85 -6.92
C VAL A 28 1.62 17.49 -6.91
N ASP A 29 1.98 16.61 -7.82
CA ASP A 29 1.44 15.23 -7.84
C ASP A 29 -0.09 15.03 -7.85
N PRO A 30 -0.78 15.59 -8.87
CA PRO A 30 -2.24 15.43 -8.96
C PRO A 30 -2.60 13.97 -9.36
N SER A 31 -2.84 13.11 -8.36
CA SER A 31 -3.20 11.70 -8.59
C SER A 31 -4.34 11.52 -9.54
N GLU A 32 -5.28 12.44 -9.42
CA GLU A 32 -6.50 12.40 -10.24
C GLU A 32 -6.93 13.87 -10.39
N ALA A 33 -7.66 14.19 -11.46
CA ALA A 33 -8.04 15.57 -11.71
C ALA A 33 -9.15 16.12 -10.85
N GLU A 34 -10.18 15.29 -10.62
CA GLU A 34 -11.36 15.77 -9.90
C GLU A 34 -11.13 16.55 -8.60
N PRO A 35 -10.40 15.98 -7.63
CA PRO A 35 -10.12 16.67 -6.36
C PRO A 35 -9.43 18.04 -6.54
N ILE A 36 -8.50 18.13 -7.48
CA ILE A 36 -7.79 19.39 -7.76
C ILE A 36 -8.80 20.42 -8.28
N ILE A 37 -9.52 20.03 -9.30
CA ILE A 37 -10.59 20.85 -9.89
C ILE A 37 -11.54 21.28 -8.80
N ASP A 38 -11.98 20.31 -7.99
CA ASP A 38 -12.91 20.62 -6.90
C ASP A 38 -12.35 21.68 -6.00
N SER A 39 -11.04 21.64 -5.78
CA SER A 39 -10.39 22.65 -4.97
C SER A 39 -10.14 23.96 -5.71
N LEU A 40 -9.92 23.93 -7.03
CA LEU A 40 -9.68 25.15 -7.80
C LEU A 40 -10.98 25.98 -7.99
N LYS A 41 -12.08 25.27 -8.17
CA LYS A 41 -13.35 25.96 -8.35
C LYS A 41 -13.64 26.75 -7.08
N ARG A 42 -13.06 26.33 -5.96
CA ARG A 42 -13.29 27.01 -4.70
C ARG A 42 -12.66 28.39 -4.72
N SER A 43 -11.35 28.42 -4.91
CA SER A 43 -10.66 29.70 -4.92
C SER A 43 -10.95 30.46 -6.19
N GLY A 44 -11.69 29.84 -7.09
CA GLY A 44 -12.00 30.50 -8.34
C GLY A 44 -10.77 30.85 -9.15
N ARG A 45 -9.72 30.01 -9.08
CA ARG A 45 -8.49 30.26 -9.84
C ARG A 45 -8.25 29.14 -10.84
N ASN A 46 -7.46 29.43 -11.87
CA ASN A 46 -7.10 28.47 -12.93
C ASN A 46 -5.77 27.86 -12.54
N LEU A 47 -5.47 26.68 -13.10
CA LEU A 47 -4.18 25.99 -12.80
C LEU A 47 -3.02 26.41 -13.75
N THR A 48 -1.95 27.01 -13.21
CA THR A 48 -0.83 27.41 -14.07
C THR A 48 0.15 26.28 -14.36
N TYR A 49 0.53 25.59 -13.28
CA TYR A 49 1.54 24.54 -13.33
C TYR A 49 1.18 23.21 -12.67
N ILE A 50 1.73 22.13 -13.21
CA ILE A 50 1.62 20.79 -12.62
C ILE A 50 3.09 20.39 -12.44
N LEU A 51 3.41 19.76 -11.31
CA LEU A 51 4.81 19.36 -11.01
C LEU A 51 4.71 17.96 -10.45
N ASN A 52 5.49 17.04 -11.06
CA ASN A 52 5.48 15.66 -10.62
C ASN A 52 6.82 15.30 -9.98
N THR A 53 6.72 14.57 -8.88
CA THR A 53 7.94 14.13 -8.18
C THR A 53 8.51 12.84 -8.80
N HIS A 54 7.68 12.09 -9.46
CA HIS A 54 8.15 10.84 -10.05
C HIS A 54 7.00 10.33 -10.98
N HIS A 55 7.22 9.24 -11.72
CA HIS A 55 6.32 8.80 -12.79
C HIS A 55 5.10 7.93 -12.50
N HIS A 56 5.03 7.40 -11.27
CA HIS A 56 3.95 6.45 -10.95
C HIS A 56 2.59 7.06 -11.21
N TYR A 57 1.66 6.17 -11.56
CA TYR A 57 0.34 6.58 -11.93
C TYR A 57 -0.37 7.35 -10.80
N ASP A 58 -0.10 6.99 -9.56
CA ASP A 58 -0.75 7.72 -8.45
C ASP A 58 -0.20 9.12 -8.22
N HIS A 59 0.82 9.54 -9.01
CA HIS A 59 1.35 10.91 -8.88
C HIS A 59 1.20 11.68 -10.20
N THR A 60 0.79 10.97 -11.28
CA THR A 60 0.72 11.63 -12.61
C THR A 60 -0.66 11.37 -13.29
N GLY A 61 -1.51 10.60 -12.63
CA GLY A 61 -2.80 10.22 -13.21
C GLY A 61 -3.69 11.34 -13.68
N GLY A 62 -3.61 12.49 -12.98
CA GLY A 62 -4.44 13.65 -13.32
C GLY A 62 -3.82 14.63 -14.31
N ASN A 63 -2.56 14.39 -14.67
CA ASN A 63 -1.83 15.33 -15.53
C ASN A 63 -2.54 15.80 -16.84
N LEU A 64 -2.81 14.83 -17.71
CA LEU A 64 -3.31 15.20 -19.07
C LEU A 64 -4.64 15.91 -19.02
N GLU A 65 -5.51 15.47 -18.11
CA GLU A 65 -6.80 16.10 -18.02
C GLU A 65 -6.67 17.53 -17.47
N LEU A 66 -5.86 17.72 -16.41
CA LEU A 66 -5.71 19.08 -15.89
C LEU A 66 -5.03 20.00 -16.89
N LYS A 67 -4.00 19.50 -17.58
CA LYS A 67 -3.29 20.30 -18.57
C LYS A 67 -4.31 20.70 -19.69
N ASP A 68 -5.05 19.74 -20.22
CA ASP A 68 -6.03 20.03 -21.30
C ASP A 68 -7.09 21.05 -20.82
N ARG A 69 -7.56 20.90 -19.58
CA ARG A 69 -8.61 21.79 -19.06
C ARG A 69 -8.24 23.23 -18.69
N TYR A 70 -7.04 23.37 -18.15
CA TYR A 70 -6.56 24.64 -17.69
C TYR A 70 -5.51 25.31 -18.57
N GLY A 71 -4.94 24.56 -19.50
CA GLY A 71 -3.83 25.08 -20.30
C GLY A 71 -2.61 25.09 -19.40
N ALA A 72 -2.62 24.25 -18.34
CA ALA A 72 -1.48 24.22 -17.45
C ALA A 72 -0.22 23.64 -18.11
N LYS A 73 0.97 23.93 -17.57
CA LYS A 73 2.17 23.31 -18.14
C LYS A 73 2.75 22.29 -17.12
N VAL A 74 3.21 21.13 -17.60
CA VAL A 74 3.81 20.07 -16.73
C VAL A 74 5.32 20.34 -16.56
N ILE A 75 5.81 20.17 -15.34
CA ILE A 75 7.22 20.45 -14.99
C ILE A 75 7.70 19.21 -14.25
N GLY A 76 8.62 18.46 -14.88
CA GLY A 76 9.07 17.23 -14.24
C GLY A 76 10.54 16.90 -14.52
N SER A 77 10.98 15.71 -14.13
CA SER A 77 12.40 15.38 -14.27
C SER A 77 12.90 15.06 -15.69
N ALA A 78 13.95 15.75 -16.16
CA ALA A 78 14.47 15.47 -17.48
C ALA A 78 14.87 13.98 -17.52
N MET A 79 15.52 13.51 -16.45
CA MET A 79 15.92 12.11 -16.41
C MET A 79 14.76 11.15 -16.57
N ASP A 80 13.54 11.66 -16.45
CA ASP A 80 12.38 10.83 -16.54
C ASP A 80 11.48 11.28 -17.64
N LYS A 81 11.94 12.22 -18.46
CA LYS A 81 11.13 12.81 -19.52
C LYS A 81 10.31 11.83 -20.34
N ASP A 82 10.82 10.62 -20.53
CA ASP A 82 10.06 9.66 -21.32
C ASP A 82 9.00 8.96 -20.51
N ARG A 83 8.63 9.51 -19.35
CA ARG A 83 7.57 8.89 -18.53
C ARG A 83 6.64 9.88 -17.81
N ILE A 84 6.92 11.18 -17.86
CA ILE A 84 6.12 12.20 -17.15
C ILE A 84 5.14 12.70 -18.21
N PRO A 85 3.91 12.29 -18.13
CA PRO A 85 2.93 12.75 -19.12
C PRO A 85 2.84 14.24 -19.35
N GLY A 86 2.95 14.62 -20.63
CA GLY A 86 2.80 16.03 -20.98
C GLY A 86 3.89 17.00 -20.51
N ILE A 87 5.01 16.46 -20.05
CA ILE A 87 6.12 17.26 -19.52
C ILE A 87 6.59 18.35 -20.49
N ASP A 88 6.64 19.57 -19.97
CA ASP A 88 7.04 20.74 -20.77
C ASP A 88 8.46 21.18 -20.42
N MET A 89 8.67 21.35 -19.13
CA MET A 89 9.98 21.77 -18.69
C MET A 89 10.65 20.59 -17.99
N ALA A 90 11.80 20.16 -18.55
CA ALA A 90 12.61 19.03 -18.05
C ALA A 90 13.62 19.53 -16.99
N LEU A 91 13.41 19.15 -15.76
CA LEU A 91 14.23 19.62 -14.64
C LEU A 91 15.38 18.71 -14.40
N LYS A 92 16.51 19.35 -14.08
CA LYS A 92 17.82 18.75 -13.83
C LYS A 92 18.27 18.91 -12.40
N ASP A 93 19.05 17.95 -11.91
CA ASP A 93 19.55 18.05 -10.57
C ASP A 93 20.29 19.39 -10.36
N GLY A 94 19.89 20.12 -9.31
CA GLY A 94 20.47 21.41 -8.99
C GLY A 94 19.84 22.57 -9.75
N ASP A 95 18.96 22.29 -10.70
CA ASP A 95 18.31 23.41 -11.40
C ASP A 95 17.51 24.19 -10.41
N LYS A 96 17.40 25.50 -10.72
CA LYS A 96 16.57 26.42 -9.99
C LYS A 96 15.43 26.67 -11.03
N TRP A 97 14.20 26.67 -10.55
CA TRP A 97 13.00 26.91 -11.40
C TRP A 97 12.13 27.93 -10.63
N MET A 98 11.58 28.94 -11.32
CA MET A 98 10.82 29.96 -10.58
C MET A 98 9.29 29.77 -10.68
N PHE A 99 8.65 29.57 -9.54
CA PHE A 99 7.19 29.44 -9.41
C PHE A 99 6.82 30.89 -9.07
N ALA A 100 6.36 31.70 -10.06
CA ALA A 100 6.07 33.10 -9.79
C ALA A 100 7.28 33.73 -9.09
N GLY A 101 8.49 33.48 -9.53
CA GLY A 101 9.54 34.22 -8.81
C GLY A 101 9.91 33.76 -7.39
N HIS A 102 9.49 32.55 -7.07
CA HIS A 102 9.81 31.87 -5.78
C HIS A 102 10.86 30.79 -6.06
N GLU A 103 11.94 30.81 -5.31
CA GLU A 103 13.03 29.82 -5.52
C GLU A 103 12.64 28.38 -5.30
N VAL A 104 12.59 27.58 -6.37
CA VAL A 104 12.38 26.10 -6.25
C VAL A 104 13.72 25.48 -6.71
N HIS A 105 14.30 24.61 -5.88
CA HIS A 105 15.57 23.98 -6.21
C HIS A 105 15.27 22.49 -6.37
N VAL A 106 15.63 21.97 -7.55
CA VAL A 106 15.39 20.58 -7.91
C VAL A 106 16.49 19.69 -7.37
N MET A 107 16.10 18.58 -6.74
CA MET A 107 17.05 17.63 -6.19
C MET A 107 16.74 16.23 -6.71
N ASP A 108 17.64 15.61 -7.49
CA ASP A 108 17.37 14.22 -7.90
C ASP A 108 17.40 13.43 -6.57
N THR A 109 16.46 12.50 -6.38
CA THR A 109 16.38 11.71 -5.15
C THR A 109 16.02 10.25 -5.45
N PRO A 110 16.84 9.60 -6.34
CA PRO A 110 16.62 8.22 -6.72
C PRO A 110 16.49 7.26 -5.51
N GLY A 111 15.80 6.15 -5.70
CA GLY A 111 15.68 5.16 -4.63
C GLY A 111 14.42 4.38 -4.90
N HIS A 112 13.28 5.05 -4.67
CA HIS A 112 11.99 4.42 -4.92
C HIS A 112 11.92 4.19 -6.47
N THR A 113 12.30 5.22 -7.25
CA THR A 113 12.43 5.02 -8.72
C THR A 113 13.72 5.78 -9.08
N LYS A 114 14.16 5.52 -10.32
CA LYS A 114 15.32 6.23 -10.83
C LYS A 114 14.63 7.34 -11.60
N GLY A 115 14.93 8.58 -11.25
CA GLY A 115 14.31 9.70 -11.93
C GLY A 115 13.55 10.53 -10.91
N HIS A 116 13.28 9.94 -9.74
CA HIS A 116 12.54 10.68 -8.69
C HIS A 116 13.27 11.94 -8.31
N ILE A 117 12.52 13.06 -8.21
CA ILE A 117 13.12 14.30 -7.75
C ILE A 117 12.33 14.80 -6.52
N SER A 118 12.93 15.68 -5.71
CA SER A 118 12.20 16.32 -4.60
C SER A 118 12.31 17.82 -4.94
N LEU A 119 11.33 18.63 -4.47
CA LEU A 119 11.31 20.04 -4.85
C LEU A 119 11.39 20.89 -3.60
N TYR A 120 12.48 21.65 -3.45
CA TYR A 120 12.69 22.45 -2.28
C TYR A 120 12.37 23.92 -2.53
N PHE A 121 11.50 24.48 -1.71
CA PHE A 121 11.11 25.91 -1.83
C PHE A 121 11.74 26.52 -0.57
N PRO A 122 13.06 26.86 -0.63
CA PRO A 122 13.72 27.41 0.55
C PRO A 122 13.03 28.60 1.20
N GLY A 123 12.30 29.39 0.38
CA GLY A 123 11.58 30.56 0.89
C GLY A 123 10.45 30.20 1.83
N SER A 124 9.82 29.06 1.56
CA SER A 124 8.72 28.65 2.43
C SER A 124 9.19 27.52 3.35
N ARG A 125 10.48 27.30 3.48
CA ARG A 125 11.07 26.21 4.29
C ARG A 125 10.25 24.94 4.06
N ALA A 126 10.02 24.63 2.79
CA ALA A 126 9.19 23.49 2.42
C ALA A 126 9.82 22.63 1.34
N ILE A 127 9.73 21.30 1.52
CA ILE A 127 10.24 20.41 0.50
C ILE A 127 9.15 19.34 0.23
N PHE A 128 8.88 19.15 -1.07
CA PHE A 128 7.93 18.08 -1.53
C PHE A 128 8.83 16.89 -1.86
N THR A 129 8.68 15.78 -1.12
CA THR A 129 9.59 14.65 -1.28
C THR A 129 9.00 13.40 -2.01
N GLY A 130 7.82 13.55 -2.56
CA GLY A 130 7.23 12.41 -3.31
C GLY A 130 7.27 11.17 -2.41
N ASP A 131 7.67 10.00 -2.95
CA ASP A 131 7.74 8.82 -2.07
C ASP A 131 9.21 8.55 -1.64
N THR A 132 10.09 9.55 -1.81
CA THR A 132 11.45 9.36 -1.33
C THR A 132 11.31 9.21 0.20
N MET A 133 10.91 10.29 0.89
CA MET A 133 10.75 10.21 2.36
C MET A 133 9.27 10.35 2.75
N PHE A 134 8.79 9.48 3.68
CA PHE A 134 7.46 9.66 4.26
C PHE A 134 7.62 10.00 5.74
N SER A 135 6.49 9.95 6.50
CA SER A 135 6.61 10.17 7.94
C SER A 135 6.88 8.81 8.49
N LEU A 136 8.14 8.67 8.94
CA LEU A 136 8.70 7.47 9.57
C LEU A 136 9.03 6.32 8.66
N SER A 137 9.19 6.60 7.37
CA SER A 137 9.61 5.54 6.44
C SER A 137 10.20 6.21 5.18
N CYS A 138 10.60 5.35 4.20
CA CYS A 138 11.04 5.84 2.88
C CYS A 138 10.28 5.00 1.87
N GLY A 139 10.33 5.34 0.56
CA GLY A 139 9.61 4.54 -0.41
C GLY A 139 10.27 3.16 -0.53
N LYS A 140 9.46 2.19 -0.90
CA LYS A 140 10.02 0.86 -1.21
C LYS A 140 10.94 1.10 -2.42
N LEU A 141 11.95 0.23 -2.59
CA LEU A 141 12.92 0.46 -3.67
C LEU A 141 12.63 -0.32 -4.95
N PHE A 142 11.66 0.16 -5.70
CA PHE A 142 11.25 -0.47 -6.95
C PHE A 142 12.28 -0.29 -8.05
N GLU A 143 13.08 0.77 -8.02
CA GLU A 143 14.09 0.92 -9.11
C GLU A 143 15.52 1.26 -8.69
N GLY A 144 15.70 1.79 -7.48
CA GLY A 144 17.04 2.18 -7.03
C GLY A 144 17.60 1.33 -5.91
N THR A 145 18.82 1.64 -5.53
CA THR A 145 19.51 0.90 -4.52
C THR A 145 19.39 1.52 -3.15
N PRO A 146 19.73 0.74 -2.10
CA PRO A 146 19.67 1.27 -0.72
C PRO A 146 20.69 2.41 -0.68
N LYS A 147 21.82 2.25 -1.42
CA LYS A 147 22.80 3.32 -1.37
C LYS A 147 22.25 4.66 -1.88
N GLN A 148 21.53 4.59 -3.00
CA GLN A 148 20.96 5.77 -3.58
C GLN A 148 19.94 6.40 -2.61
N MET A 149 19.08 5.52 -2.04
CA MET A 149 18.06 6.00 -1.13
C MET A 149 18.67 6.63 0.08
N LEU A 150 19.78 6.09 0.59
CA LEU A 150 20.37 6.72 1.77
C LEU A 150 20.88 8.14 1.41
N ALA A 151 21.57 8.24 0.29
CA ALA A 151 22.11 9.49 -0.18
C ALA A 151 20.97 10.49 -0.43
N SER A 152 19.78 9.98 -0.80
CA SER A 152 18.61 10.83 -1.07
C SER A 152 18.05 11.32 0.28
N LEU A 153 17.93 10.41 1.26
CA LEU A 153 17.39 10.84 2.54
C LEU A 153 18.40 11.77 3.20
N GLN A 154 19.71 11.50 2.95
CA GLN A 154 20.75 12.37 3.52
C GLN A 154 20.69 13.80 2.90
N LYS A 155 20.41 13.94 1.60
CA LYS A 155 20.30 15.26 1.01
C LYS A 155 19.14 15.99 1.70
N ILE A 156 17.98 15.31 1.79
CA ILE A 156 16.79 15.93 2.38
C ILE A 156 17.11 16.29 3.85
N THR A 157 17.79 15.41 4.59
CA THR A 157 18.02 15.75 5.98
C THR A 157 19.09 16.81 6.27
N SER A 158 19.86 17.16 5.25
CA SER A 158 20.91 18.18 5.41
C SER A 158 20.25 19.60 5.35
N LEU A 159 18.95 19.66 5.07
CA LEU A 159 18.19 20.93 5.06
C LEU A 159 17.94 21.36 6.54
N PRO A 160 17.58 22.63 6.77
CA PRO A 160 17.36 23.12 8.13
C PRO A 160 16.29 22.28 8.82
N ASP A 161 16.46 22.12 10.14
CA ASP A 161 15.53 21.30 10.89
C ASP A 161 14.13 21.81 10.82
N ASP A 162 13.97 23.08 10.49
CA ASP A 162 12.63 23.63 10.45
C ASP A 162 11.95 23.54 9.07
N THR A 163 12.48 22.66 8.22
CA THR A 163 11.96 22.50 6.90
C THR A 163 10.73 21.56 7.02
N SER A 164 9.64 21.99 6.44
CA SER A 164 8.40 21.15 6.42
C SER A 164 8.57 20.16 5.28
N ILE A 165 8.07 18.93 5.46
CA ILE A 165 8.23 17.82 4.49
C ILE A 165 6.83 17.36 4.10
N TYR A 166 6.47 17.67 2.83
CA TYR A 166 5.16 17.29 2.30
C TYR A 166 5.46 16.10 1.39
N CYS A 167 4.99 14.88 1.77
CA CYS A 167 5.27 13.72 1.03
C CYS A 167 4.10 12.98 0.34
N GLY A 168 4.47 12.07 -0.50
CA GLY A 168 3.49 11.35 -1.32
C GLY A 168 2.22 10.77 -0.70
N HIS A 169 2.34 10.16 0.45
CA HIS A 169 1.16 9.53 1.07
C HIS A 169 1.12 9.74 2.58
N GLU A 170 -0.03 9.36 3.11
CA GLU A 170 -0.34 9.46 4.54
C GLU A 170 -0.17 7.99 5.05
N TYR A 171 1.10 7.61 5.27
CA TYR A 171 1.46 6.26 5.70
C TYR A 171 1.90 6.23 7.16
N THR A 172 1.77 7.39 7.82
CA THR A 172 2.41 7.57 9.13
C THR A 172 2.01 6.64 10.24
N LEU A 173 0.75 6.28 10.28
CA LEU A 173 0.31 5.44 11.38
C LEU A 173 0.98 4.05 11.35
N SER A 174 0.82 3.32 10.24
CA SER A 174 1.37 1.98 10.11
C SER A 174 2.87 2.14 10.22
N ASN A 175 3.39 3.24 9.67
CA ASN A 175 4.83 3.51 9.69
C ASN A 175 5.29 3.58 11.13
N SER A 176 4.49 4.23 11.97
CA SER A 176 4.93 4.34 13.37
C SER A 176 4.91 3.00 14.11
N LYS A 177 4.03 2.07 13.72
CA LYS A 177 4.00 0.78 14.41
C LYS A 177 5.29 -0.01 14.12
N PHE A 178 5.73 -0.01 12.88
CA PHE A 178 6.97 -0.75 12.56
C PHE A 178 8.15 -0.04 13.30
N ALA A 179 8.23 1.28 13.25
CA ALA A 179 9.33 2.00 13.89
C ALA A 179 9.43 1.63 15.40
N LEU A 180 8.29 1.58 16.08
CA LEU A 180 8.27 1.25 17.52
C LEU A 180 8.67 -0.23 17.74
N SER A 181 8.43 -1.10 16.76
CA SER A 181 8.85 -2.50 16.95
C SER A 181 10.38 -2.60 16.90
N LEU A 182 11.03 -1.52 16.47
CA LEU A 182 12.49 -1.50 16.37
C LEU A 182 13.17 -0.58 17.37
N GLU A 183 12.52 0.50 17.79
CA GLU A 183 13.22 1.45 18.70
C GLU A 183 12.25 1.91 19.76
N PRO A 184 11.77 0.99 20.58
CA PRO A 184 10.79 1.31 21.62
C PRO A 184 11.26 2.32 22.66
N ASN A 185 12.56 2.45 22.85
CA ASN A 185 13.03 3.37 23.92
C ASN A 185 13.10 4.83 23.51
N ASN A 186 13.07 5.06 22.19
CA ASN A 186 13.17 6.45 21.70
C ASN A 186 11.87 7.05 22.11
N GLU A 187 11.88 7.93 23.13
CA GLU A 187 10.60 8.48 23.64
C GLU A 187 9.99 9.60 22.84
N VAL A 188 10.76 10.23 21.96
CA VAL A 188 10.22 11.26 21.13
C VAL A 188 9.35 10.54 20.12
N LEU A 189 9.74 9.31 19.77
CA LEU A 189 8.91 8.51 18.83
C LEU A 189 7.63 8.02 19.55
N GLN A 190 7.73 7.64 20.83
CA GLN A 190 6.54 7.17 21.57
C GLN A 190 5.50 8.27 21.55
N SER A 191 5.93 9.48 21.85
CA SER A 191 4.99 10.58 21.88
C SER A 191 4.44 10.97 20.47
N TYR A 192 5.37 11.07 19.51
CA TYR A 192 4.96 11.43 18.16
C TYR A 192 3.97 10.37 17.60
N ALA A 193 4.26 9.08 17.80
CA ALA A 193 3.41 8.03 17.30
C ALA A 193 2.03 8.15 17.99
N ALA A 194 2.03 8.44 19.29
CA ALA A 194 0.75 8.62 19.97
C ALA A 194 -0.04 9.81 19.39
N HIS A 195 0.61 10.96 19.18
CA HIS A 195 -0.10 12.11 18.62
C HIS A 195 -0.61 11.76 17.20
N VAL A 196 0.18 10.99 16.45
CA VAL A 196 -0.21 10.57 15.10
C VAL A 196 -1.48 9.70 15.23
N ALA A 197 -1.50 8.82 16.20
CA ALA A 197 -2.67 7.98 16.41
C ALA A 197 -3.89 8.86 16.72
N GLU A 198 -3.69 9.95 17.48
CA GLU A 198 -4.79 10.87 17.79
C GLU A 198 -5.27 11.55 16.51
N LEU A 199 -4.33 12.03 15.69
CA LEU A 199 -4.68 12.77 14.43
C LEU A 199 -5.49 11.81 13.53
N ARG A 200 -4.97 10.64 13.29
CA ARG A 200 -5.66 9.69 12.43
C ARG A 200 -7.01 9.25 12.96
N SER A 201 -7.22 9.38 14.27
CA SER A 201 -8.51 9.00 14.80
C SER A 201 -9.57 10.07 14.58
N LYS A 202 -9.11 11.28 14.26
CA LYS A 202 -10.01 12.39 13.92
C LYS A 202 -10.00 12.64 12.41
N LYS A 203 -9.41 11.68 11.71
CA LYS A 203 -9.39 11.69 10.26
C LYS A 203 -8.51 12.76 9.66
N LEU A 204 -7.68 13.38 10.46
CA LEU A 204 -6.79 14.40 9.93
C LEU A 204 -5.43 13.80 9.43
N PRO A 205 -4.78 14.53 8.56
CA PRO A 205 -3.49 14.15 7.98
C PRO A 205 -2.46 14.30 9.05
N THR A 206 -1.29 13.67 8.82
CA THR A 206 -0.17 13.82 9.73
C THR A 206 0.95 14.57 9.00
N ILE A 207 0.62 15.15 7.83
CA ILE A 207 1.64 15.81 7.00
C ILE A 207 1.25 17.31 7.00
N PRO A 208 2.22 18.21 6.97
CA PRO A 208 3.66 17.99 6.92
C PRO A 208 4.30 17.49 8.20
N THR A 209 5.46 16.85 8.01
CA THR A 209 6.30 16.52 9.13
C THR A 209 7.50 17.53 8.98
N THR A 210 8.61 17.31 9.70
CA THR A 210 9.77 18.23 9.56
C THR A 210 11.06 17.44 9.57
N VAL A 211 12.15 18.05 9.09
CA VAL A 211 13.42 17.40 9.11
C VAL A 211 13.79 17.01 10.55
N LYS A 212 13.57 17.91 11.52
CA LYS A 212 13.92 17.63 12.91
C LYS A 212 13.23 16.37 13.35
N MET A 213 11.94 16.33 13.16
CA MET A 213 11.19 15.15 13.60
C MET A 213 11.63 13.88 12.94
N GLU A 214 11.91 13.92 11.63
CA GLU A 214 12.23 12.64 11.00
C GLU A 214 13.64 12.17 11.47
N LYS A 215 14.57 13.13 11.66
CA LYS A 215 15.88 12.71 12.16
C LYS A 215 15.69 12.05 13.53
N ALA A 216 14.75 12.58 14.34
CA ALA A 216 14.57 12.03 15.69
C ALA A 216 13.84 10.71 15.71
N CYS A 217 12.96 10.47 14.70
CA CYS A 217 12.14 9.25 14.71
C CYS A 217 12.14 8.25 13.60
N ASN A 218 12.56 8.70 12.41
CA ASN A 218 12.40 7.83 11.23
C ASN A 218 13.50 6.77 11.23
N PRO A 219 13.14 5.48 11.38
CA PRO A 219 14.25 4.48 11.39
C PRO A 219 15.15 4.45 10.17
N PHE A 220 14.69 4.93 9.04
CA PHE A 220 15.59 4.87 7.89
C PHE A 220 16.70 5.91 7.95
N LEU A 221 16.51 6.98 8.72
CA LEU A 221 17.51 8.02 8.89
C LEU A 221 18.38 7.68 10.08
N ARG A 222 18.11 6.52 10.69
CA ARG A 222 18.79 6.12 11.93
C ARG A 222 19.39 4.68 11.73
N SER A 223 19.90 4.40 10.57
CA SER A 223 20.38 3.04 10.28
C SER A 223 21.65 2.59 10.97
N SER A 224 22.27 3.46 11.77
CA SER A 224 23.46 3.06 12.52
C SER A 224 23.03 2.92 14.00
N ASN A 225 21.74 3.22 14.30
CA ASN A 225 21.27 3.12 15.68
C ASN A 225 21.42 1.68 16.25
N THR A 226 22.03 1.54 17.42
CA THR A 226 22.26 0.22 17.96
C THR A 226 21.00 -0.59 18.24
N ASP A 227 19.92 0.08 18.68
CA ASP A 227 18.70 -0.66 18.99
C ASP A 227 18.06 -1.23 17.73
N ILE A 228 18.02 -0.43 16.66
CA ILE A 228 17.46 -0.92 15.39
C ILE A 228 18.33 -2.09 14.85
N ARG A 229 19.66 -1.92 14.68
CA ARG A 229 20.47 -3.05 14.18
C ARG A 229 20.26 -4.35 15.01
N ARG A 230 20.20 -4.22 16.33
CA ARG A 230 20.01 -5.39 17.15
C ARG A 230 18.66 -6.06 16.88
N ALA A 231 17.61 -5.29 16.75
CA ALA A 231 16.27 -5.85 16.45
C ALA A 231 16.28 -6.63 15.10
N LEU A 232 17.05 -6.13 14.12
CA LEU A 232 17.08 -6.81 12.82
C LEU A 232 18.34 -7.60 12.52
N ARG A 233 19.15 -7.77 13.53
CA ARG A 233 20.41 -8.49 13.43
C ARG A 233 21.25 -7.98 12.30
N ILE A 234 21.38 -6.67 12.30
CA ILE A 234 22.23 -5.98 11.33
C ILE A 234 23.64 -5.96 12.00
N PRO A 235 24.68 -6.39 11.26
CA PRO A 235 26.03 -6.41 11.79
C PRO A 235 26.50 -5.05 12.28
N GLU A 236 27.32 -5.06 13.33
CA GLU A 236 27.88 -3.79 13.76
C GLU A 236 28.64 -3.17 12.62
N ALA A 237 29.44 -4.00 11.94
CA ALA A 237 30.26 -3.52 10.84
C ALA A 237 29.49 -3.28 9.54
N ALA A 238 28.16 -3.39 9.55
CA ALA A 238 27.44 -3.15 8.30
C ALA A 238 27.54 -1.70 7.80
N ASP A 239 27.68 -1.46 6.50
CA ASP A 239 27.69 -0.07 6.03
C ASP A 239 26.20 0.36 6.02
N GLU A 240 25.94 1.66 5.93
CA GLU A 240 24.60 2.24 5.98
C GLU A 240 23.68 1.79 4.86
N ALA A 241 24.21 1.84 3.66
CA ALA A 241 23.39 1.38 2.57
C ALA A 241 22.97 -0.10 2.81
N GLU A 242 23.88 -1.03 3.17
CA GLU A 242 23.44 -2.43 3.41
C GLU A 242 22.39 -2.54 4.53
N ALA A 243 22.59 -1.73 5.59
CA ALA A 243 21.69 -1.66 6.77
C ALA A 243 20.32 -1.14 6.27
N LEU A 244 20.34 -0.01 5.57
CA LEU A 244 19.05 0.49 5.05
C LEU A 244 18.33 -0.59 4.27
N GLY A 245 19.05 -1.31 3.38
CA GLY A 245 18.42 -2.38 2.63
C GLY A 245 17.77 -3.44 3.53
N ILE A 246 18.42 -3.83 4.63
CA ILE A 246 17.83 -4.80 5.59
C ILE A 246 16.61 -4.19 6.30
N ILE A 247 16.69 -2.92 6.74
CA ILE A 247 15.56 -2.23 7.37
C ILE A 247 14.39 -2.26 6.38
N ARG A 248 14.68 -1.96 5.10
CA ARG A 248 13.59 -1.87 4.10
C ARG A 248 13.04 -3.28 3.86
N LYS A 249 13.90 -4.27 3.94
CA LYS A 249 13.36 -5.63 3.71
C LYS A 249 12.41 -6.05 4.81
N ALA A 250 12.82 -5.82 6.05
CA ALA A 250 11.98 -6.20 7.16
C ALA A 250 10.64 -5.44 7.11
N LYS A 251 10.71 -4.11 6.99
CA LYS A 251 9.46 -3.36 6.95
C LYS A 251 8.57 -3.90 5.81
N ASP A 252 9.21 -4.20 4.64
CA ASP A 252 8.45 -4.72 3.53
C ASP A 252 7.64 -5.94 3.92
N ASP A 253 8.21 -6.81 4.78
CA ASP A 253 7.54 -8.06 5.14
C ASP A 253 7.03 -8.08 6.60
N PHE A 254 6.76 -6.89 7.17
CA PHE A 254 6.31 -6.77 8.58
C PHE A 254 4.76 -7.04 8.70
N MET B 1 -23.84 -19.63 6.86
CA MET B 1 -22.79 -18.85 7.60
C MET B 1 -23.02 -17.35 7.29
N GLN B 2 -22.94 -16.46 8.27
CA GLN B 2 -23.12 -15.05 7.95
C GLN B 2 -21.72 -14.45 7.97
N ILE B 3 -21.11 -14.25 6.79
CA ILE B 3 -19.77 -13.66 6.66
C ILE B 3 -19.93 -12.15 6.70
N GLU B 4 -19.44 -11.56 7.79
CA GLU B 4 -19.53 -10.10 8.02
C GLU B 4 -18.23 -9.47 7.62
N LEU B 5 -18.21 -8.73 6.49
CA LEU B 5 -17.00 -8.07 6.05
C LEU B 5 -16.82 -6.87 7.03
N VAL B 6 -15.64 -6.80 7.68
CA VAL B 6 -15.29 -5.71 8.65
C VAL B 6 -14.06 -4.94 8.17
N PRO B 7 -14.22 -3.61 7.92
CA PRO B 7 -13.06 -2.87 7.47
C PRO B 7 -12.28 -2.58 8.73
N CYS B 8 -10.93 -2.61 8.59
CA CYS B 8 -9.99 -2.35 9.65
C CYS B 8 -8.83 -1.49 9.13
N LEU B 9 -8.22 -0.69 10.01
CA LEU B 9 -7.10 0.17 9.61
C LEU B 9 -7.51 1.01 8.34
N LYS B 10 -6.65 1.03 7.34
CA LYS B 10 -6.86 1.86 6.15
C LYS B 10 -7.65 1.16 5.08
N ASP B 11 -7.43 -0.13 4.95
CA ASP B 11 -8.14 -0.87 3.91
C ASP B 11 -8.13 -2.39 4.23
N ASN B 12 -7.58 -2.79 5.39
CA ASN B 12 -7.69 -4.19 5.65
C ASN B 12 -9.14 -4.68 5.81
N TYR B 13 -9.36 -5.94 5.45
CA TYR B 13 -10.63 -6.60 5.77
C TYR B 13 -10.41 -7.80 6.71
N ALA B 14 -11.06 -7.77 7.88
CA ALA B 14 -11.15 -8.95 8.78
C ALA B 14 -12.61 -9.43 8.50
N TYR B 15 -12.90 -10.71 8.75
CA TYR B 15 -14.26 -11.20 8.49
C TYR B 15 -14.77 -11.90 9.71
N ILE B 16 -15.94 -11.48 10.14
CA ILE B 16 -16.52 -12.13 11.31
C ILE B 16 -17.45 -13.21 10.73
N LEU B 17 -17.22 -14.49 11.13
CA LEU B 17 -18.02 -15.57 10.58
C LEU B 17 -19.01 -16.02 11.65
N HIS B 18 -20.30 -15.82 11.38
CA HIS B 18 -21.36 -16.21 12.31
C HIS B 18 -22.02 -17.56 11.90
N ASP B 19 -21.89 -18.62 12.70
CA ASP B 19 -22.58 -19.85 12.34
C ASP B 19 -24.08 -19.50 12.34
N GLU B 20 -24.89 -20.39 11.77
CA GLU B 20 -26.32 -20.15 11.69
C GLU B 20 -27.02 -20.93 12.82
N ASP B 21 -26.51 -22.12 13.12
CA ASP B 21 -27.17 -22.90 14.18
C ASP B 21 -26.70 -22.58 15.61
N THR B 22 -25.39 -22.50 15.81
CA THR B 22 -24.91 -22.30 17.17
C THR B 22 -24.47 -20.88 17.43
N GLY B 23 -24.53 -20.03 16.46
CA GLY B 23 -24.08 -18.73 16.90
C GLY B 23 -22.57 -18.74 17.11
N THR B 24 -21.88 -19.88 16.90
CA THR B 24 -20.40 -19.88 16.97
C THR B 24 -19.86 -18.75 16.08
N VAL B 25 -18.87 -18.02 16.56
CA VAL B 25 -18.30 -16.92 15.76
C VAL B 25 -16.81 -17.15 15.55
N GLY B 26 -16.34 -16.93 14.30
CA GLY B 26 -14.91 -17.05 14.01
C GLY B 26 -14.34 -15.80 13.32
N VAL B 27 -13.37 -15.02 13.84
CA VAL B 27 -12.92 -13.85 13.02
C VAL B 27 -11.68 -14.24 12.20
N VAL B 28 -11.66 -13.85 10.94
CA VAL B 28 -10.51 -14.14 10.10
C VAL B 28 -9.75 -12.86 9.92
N ASP B 29 -8.48 -12.91 10.31
CA ASP B 29 -7.55 -11.79 10.13
C ASP B 29 -7.85 -10.52 10.86
N PRO B 30 -7.99 -10.58 12.15
CA PRO B 30 -8.25 -9.37 12.97
C PRO B 30 -7.02 -8.44 12.97
N SER B 31 -7.05 -7.37 12.16
CA SER B 31 -5.94 -6.42 12.06
C SER B 31 -5.67 -5.69 13.35
N GLU B 32 -6.76 -5.42 14.07
CA GLU B 32 -6.71 -4.73 15.35
C GLU B 32 -7.92 -5.28 16.11
N ALA B 33 -7.77 -5.41 17.43
CA ALA B 33 -8.86 -5.88 18.27
C ALA B 33 -10.14 -5.03 18.31
N GLU B 34 -10.01 -3.76 18.69
CA GLU B 34 -11.19 -2.84 18.91
C GLU B 34 -12.28 -2.95 17.89
N PRO B 35 -11.89 -2.88 16.60
CA PRO B 35 -12.89 -3.00 15.55
C PRO B 35 -13.72 -4.30 15.61
N ILE B 36 -13.14 -5.40 16.08
CA ILE B 36 -13.85 -6.67 16.18
C ILE B 36 -14.72 -6.70 17.46
N ILE B 37 -14.14 -6.21 18.56
CA ILE B 37 -14.92 -6.14 19.81
C ILE B 37 -16.21 -5.31 19.60
N ASP B 38 -16.10 -4.19 18.91
CA ASP B 38 -17.26 -3.36 18.65
C ASP B 38 -18.40 -4.17 18.02
N SER B 39 -18.10 -4.98 16.99
CA SER B 39 -19.15 -5.77 16.37
C SER B 39 -19.74 -6.81 17.29
N LEU B 40 -18.88 -7.57 17.96
CA LEU B 40 -19.31 -8.61 18.87
C LEU B 40 -20.24 -8.05 19.94
N LYS B 41 -20.02 -6.81 20.36
CA LYS B 41 -20.91 -6.19 21.36
C LYS B 41 -22.32 -5.97 20.80
N ARG B 42 -22.42 -5.72 19.50
CA ARG B 42 -23.71 -5.48 18.84
C ARG B 42 -24.49 -6.78 18.63
N SER B 43 -23.74 -7.84 18.33
CA SER B 43 -24.31 -9.17 18.15
C SER B 43 -24.69 -9.82 19.51
N GLY B 44 -24.03 -9.37 20.58
CA GLY B 44 -24.23 -9.95 21.90
C GLY B 44 -23.52 -11.30 22.00
N ARG B 45 -22.56 -11.56 21.11
CA ARG B 45 -21.87 -12.85 21.18
C ARG B 45 -20.40 -12.77 21.62
N ASN B 46 -19.81 -13.90 21.99
CA ASN B 46 -18.39 -13.88 22.40
C ASN B 46 -17.62 -14.50 21.24
N LEU B 47 -16.31 -14.36 21.22
CA LEU B 47 -15.51 -14.88 20.11
C LEU B 47 -14.94 -16.28 20.41
N THR B 48 -15.15 -17.27 19.54
CA THR B 48 -14.65 -18.61 19.81
C THR B 48 -13.32 -18.91 19.14
N TYR B 49 -13.19 -18.37 17.92
CA TYR B 49 -12.02 -18.67 17.09
C TYR B 49 -11.43 -17.44 16.37
N ILE B 50 -10.14 -17.41 16.28
CA ILE B 50 -9.39 -16.39 15.50
C ILE B 50 -8.70 -17.25 14.43
N LEU B 51 -8.80 -16.83 13.16
CA LEU B 51 -8.15 -17.59 12.07
C LEU B 51 -7.24 -16.62 11.33
N ASN B 52 -5.99 -17.05 11.03
CA ASN B 52 -5.07 -16.17 10.33
C ASN B 52 -4.62 -16.75 8.97
N THR B 53 -4.70 -15.91 7.92
CA THR B 53 -4.21 -16.38 6.60
C THR B 53 -2.65 -16.32 6.52
N HIS B 54 -2.05 -15.37 7.26
CA HIS B 54 -0.59 -15.25 7.24
C HIS B 54 -0.11 -14.36 8.39
N HIS B 55 1.21 -14.14 8.50
CA HIS B 55 1.77 -13.52 9.73
C HIS B 55 1.85 -12.01 9.90
N HIS B 56 1.74 -11.31 8.78
CA HIS B 56 1.94 -9.87 8.81
C HIS B 56 1.12 -9.26 9.90
N TYR B 57 1.63 -8.13 10.40
CA TYR B 57 1.03 -7.45 11.51
C TYR B 57 -0.38 -6.95 11.23
N ASP B 58 -0.64 -6.60 9.94
CA ASP B 58 -1.96 -6.12 9.59
C ASP B 58 -3.05 -7.21 9.53
N HIS B 59 -2.67 -8.48 9.72
CA HIS B 59 -3.65 -9.57 9.78
C HIS B 59 -3.75 -10.17 11.19
N THR B 60 -2.69 -10.00 12.00
CA THR B 60 -2.62 -10.60 13.35
C THR B 60 -2.65 -9.56 14.47
N GLY B 61 -2.68 -8.29 14.09
CA GLY B 61 -2.59 -7.25 15.11
C GLY B 61 -3.46 -7.46 16.34
N GLY B 62 -4.68 -7.92 16.09
CA GLY B 62 -5.62 -8.14 17.19
C GLY B 62 -5.51 -9.52 17.85
N ASN B 63 -4.59 -10.37 17.41
CA ASN B 63 -4.56 -11.74 17.93
C ASN B 63 -4.54 -11.93 19.45
N LEU B 64 -3.57 -11.29 20.08
CA LEU B 64 -3.39 -11.55 21.49
C LEU B 64 -4.44 -10.92 22.37
N GLU B 65 -4.93 -9.77 21.97
CA GLU B 65 -5.93 -9.11 22.77
C GLU B 65 -7.26 -9.87 22.72
N LEU B 66 -7.59 -10.31 21.51
CA LEU B 66 -8.84 -11.01 21.32
C LEU B 66 -8.79 -12.37 21.98
N LYS B 67 -7.62 -13.05 21.94
CA LYS B 67 -7.55 -14.36 22.55
C LYS B 67 -7.76 -14.21 24.07
N ASP B 68 -7.11 -13.19 24.65
CA ASP B 68 -7.24 -12.96 26.09
C ASP B 68 -8.67 -12.59 26.46
N ARG B 69 -9.21 -11.52 25.84
CA ARG B 69 -10.54 -11.09 26.14
C ARG B 69 -11.62 -12.17 26.08
N TYR B 70 -11.68 -12.89 24.98
CA TYR B 70 -12.73 -13.86 24.81
C TYR B 70 -12.35 -15.29 25.12
N GLY B 71 -11.09 -15.49 25.44
CA GLY B 71 -10.67 -16.86 25.59
C GLY B 71 -10.77 -17.57 24.24
N ALA B 72 -10.59 -16.84 23.14
CA ALA B 72 -10.68 -17.43 21.76
C ALA B 72 -9.40 -18.25 21.49
N LYS B 73 -9.51 -19.24 20.58
CA LYS B 73 -8.39 -20.08 20.23
C LYS B 73 -7.98 -19.65 18.83
N VAL B 74 -6.70 -19.38 18.69
CA VAL B 74 -6.11 -18.99 17.40
C VAL B 74 -5.75 -20.23 16.59
N ILE B 75 -6.31 -20.26 15.38
CA ILE B 75 -6.16 -21.35 14.41
C ILE B 75 -5.27 -20.90 13.21
N GLY B 76 -4.06 -21.45 13.09
CA GLY B 76 -3.19 -21.06 11.99
C GLY B 76 -2.33 -22.19 11.42
N SER B 77 -1.70 -21.88 10.30
CA SER B 77 -0.86 -22.78 9.53
C SER B 77 0.33 -23.27 10.43
N ALA B 78 0.61 -24.57 10.36
CA ALA B 78 1.75 -25.17 11.07
C ALA B 78 3.04 -24.70 10.38
N MET B 79 2.97 -24.18 9.15
CA MET B 79 4.20 -23.66 8.50
C MET B 79 4.78 -22.49 9.33
N ASP B 80 3.92 -21.61 9.90
CA ASP B 80 4.26 -20.39 10.69
C ASP B 80 3.99 -20.51 12.17
N LYS B 81 4.35 -21.66 12.72
CA LYS B 81 4.09 -21.87 14.13
C LYS B 81 4.73 -20.82 15.01
N ASP B 82 5.88 -20.29 14.64
CA ASP B 82 6.56 -19.33 15.48
C ASP B 82 6.12 -17.89 15.24
N ARG B 83 5.38 -17.72 14.11
CA ARG B 83 4.98 -16.34 13.72
C ARG B 83 3.53 -15.94 13.89
N ILE B 84 2.66 -16.89 14.24
CA ILE B 84 1.30 -16.54 14.43
C ILE B 84 1.14 -16.35 15.96
N PRO B 85 0.83 -15.12 16.39
CA PRO B 85 0.70 -14.94 17.84
C PRO B 85 -0.32 -15.90 18.50
N GLY B 86 0.18 -16.52 19.56
CA GLY B 86 -0.60 -17.43 20.42
C GLY B 86 -1.32 -18.55 19.72
N ILE B 87 -0.71 -19.05 18.64
CA ILE B 87 -1.37 -20.08 17.90
C ILE B 87 -1.67 -21.30 18.79
N ASP B 88 -2.95 -21.76 18.72
CA ASP B 88 -3.40 -22.92 19.50
C ASP B 88 -3.52 -24.22 18.67
N MET B 89 -4.02 -24.06 17.46
CA MET B 89 -4.25 -25.16 16.54
C MET B 89 -3.50 -24.91 15.29
N ALA B 90 -2.65 -25.87 14.92
CA ALA B 90 -1.87 -25.72 13.72
C ALA B 90 -2.60 -26.44 12.59
N LEU B 91 -2.52 -25.86 11.38
CA LEU B 91 -3.20 -26.39 10.18
C LEU B 91 -2.21 -26.74 9.05
N LYS B 92 -2.34 -27.98 8.55
CA LYS B 92 -1.45 -28.46 7.53
C LYS B 92 -2.11 -28.38 6.20
N ASP B 93 -1.31 -28.27 5.13
CA ASP B 93 -1.87 -28.27 3.79
C ASP B 93 -2.89 -29.43 3.61
N GLY B 94 -4.06 -29.07 3.10
CA GLY B 94 -5.10 -30.03 2.88
C GLY B 94 -5.82 -30.52 4.12
N ASP B 95 -5.53 -30.00 5.34
CA ASP B 95 -6.31 -30.43 6.52
C ASP B 95 -7.78 -29.95 6.43
N LYS B 96 -8.64 -30.69 7.14
CA LYS B 96 -10.04 -30.33 7.31
C LYS B 96 -10.09 -29.81 8.74
N TRP B 97 -10.90 -28.77 8.99
CA TRP B 97 -11.04 -28.20 10.31
C TRP B 97 -12.49 -27.80 10.46
N MET B 98 -13.15 -28.30 11.50
CA MET B 98 -14.58 -28.02 11.67
C MET B 98 -14.95 -26.73 12.38
N PHE B 99 -15.67 -25.88 11.65
CA PHE B 99 -16.22 -24.64 12.21
C PHE B 99 -17.69 -25.01 12.58
N ALA B 100 -17.95 -25.32 13.86
CA ALA B 100 -19.28 -25.71 14.29
C ALA B 100 -19.84 -26.74 13.32
N GLY B 101 -19.09 -27.77 13.01
CA GLY B 101 -19.68 -28.75 12.10
C GLY B 101 -19.64 -28.49 10.61
N HIS B 102 -19.12 -27.33 10.22
CA HIS B 102 -19.01 -27.07 8.76
C HIS B 102 -17.53 -27.18 8.46
N GLU B 103 -17.22 -27.96 7.44
CA GLU B 103 -15.89 -28.24 7.06
C GLU B 103 -15.13 -27.12 6.38
N VAL B 104 -14.00 -26.77 6.97
CA VAL B 104 -13.11 -25.79 6.36
C VAL B 104 -11.97 -26.64 5.77
N HIS B 105 -11.54 -26.30 4.55
CA HIS B 105 -10.44 -26.99 3.86
C HIS B 105 -9.26 -26.05 3.71
N VAL B 106 -8.19 -26.39 4.44
CA VAL B 106 -6.98 -25.57 4.48
C VAL B 106 -6.11 -25.82 3.27
N MET B 107 -5.73 -24.73 2.58
CA MET B 107 -4.86 -24.86 1.42
C MET B 107 -3.58 -24.05 1.65
N ASP B 108 -2.45 -24.68 1.40
CA ASP B 108 -1.17 -23.98 1.45
C ASP B 108 -1.15 -23.05 0.19
N THR B 109 -0.87 -21.76 0.38
CA THR B 109 -0.84 -20.83 -0.75
C THR B 109 0.27 -19.82 -0.53
N PRO B 110 1.53 -20.27 -0.64
CA PRO B 110 2.73 -19.43 -0.47
C PRO B 110 2.89 -18.47 -1.65
N GLY B 111 3.67 -17.44 -1.42
CA GLY B 111 3.97 -16.46 -2.47
C GLY B 111 4.22 -15.12 -1.81
N HIS B 112 3.16 -14.56 -1.24
CA HIS B 112 3.27 -13.26 -0.56
C HIS B 112 4.17 -13.59 0.63
N THR B 113 3.84 -14.65 1.37
CA THR B 113 4.73 -15.12 2.45
C THR B 113 4.91 -16.62 2.37
N LYS B 114 6.00 -17.15 2.95
CA LYS B 114 6.14 -18.60 3.01
C LYS B 114 5.31 -18.96 4.27
N GLY B 115 4.30 -19.80 4.08
CA GLY B 115 3.38 -20.19 5.18
C GLY B 115 1.93 -19.67 5.08
N HIS B 116 1.68 -18.77 4.15
CA HIS B 116 0.35 -18.21 3.91
C HIS B 116 -0.61 -19.36 3.56
N ILE B 117 -1.79 -19.36 4.13
CA ILE B 117 -2.84 -20.37 3.81
C ILE B 117 -4.08 -19.59 3.39
N SER B 118 -5.00 -20.29 2.71
CA SER B 118 -6.28 -19.77 2.31
C SER B 118 -7.26 -20.80 2.93
N LEU B 119 -8.45 -20.34 3.29
CA LEU B 119 -9.40 -21.18 3.99
C LEU B 119 -10.65 -21.30 3.13
N TYR B 120 -11.01 -22.52 2.75
CA TYR B 120 -12.17 -22.74 1.87
C TYR B 120 -13.33 -23.36 2.66
N PHE B 121 -14.49 -22.71 2.59
CA PHE B 121 -15.74 -23.12 3.30
C PHE B 121 -16.69 -23.54 2.15
N PRO B 122 -16.59 -24.81 1.69
CA PRO B 122 -17.41 -25.28 0.57
C PRO B 122 -18.93 -25.09 0.85
N GLY B 123 -19.29 -25.17 2.13
CA GLY B 123 -20.70 -25.01 2.52
C GLY B 123 -21.30 -23.65 2.22
N SER B 124 -20.44 -22.64 2.29
CA SER B 124 -20.88 -21.28 2.10
C SER B 124 -20.36 -20.70 0.78
N ARG B 125 -19.81 -21.60 -0.04
CA ARG B 125 -19.23 -21.28 -1.33
C ARG B 125 -18.31 -20.09 -1.09
N ALA B 126 -17.06 -20.27 -0.66
CA ALA B 126 -16.22 -19.09 -0.43
C ALA B 126 -14.88 -19.52 -0.02
N ILE B 127 -13.89 -18.66 -0.32
CA ILE B 127 -12.55 -18.91 0.12
C ILE B 127 -11.81 -17.57 0.50
N PHE B 128 -11.45 -17.48 1.79
CA PHE B 128 -10.72 -16.28 2.32
C PHE B 128 -9.32 -16.53 1.88
N THR B 129 -8.81 -15.58 1.05
CA THR B 129 -7.51 -15.71 0.41
C THR B 129 -6.45 -14.75 0.97
N GLY B 130 -6.72 -14.14 2.15
CA GLY B 130 -5.72 -13.26 2.72
C GLY B 130 -5.12 -12.34 1.67
N ASP B 131 -3.75 -12.27 1.64
CA ASP B 131 -3.10 -11.41 0.66
C ASP B 131 -2.54 -12.25 -0.49
N THR B 132 -3.16 -13.45 -0.71
CA THR B 132 -2.79 -14.26 -1.84
C THR B 132 -3.54 -13.72 -3.06
N MET B 133 -4.85 -13.77 -3.05
CA MET B 133 -5.50 -13.26 -4.24
C MET B 133 -6.39 -12.11 -3.86
N PHE B 134 -6.16 -10.93 -4.49
CA PHE B 134 -7.01 -9.74 -4.31
C PHE B 134 -7.97 -9.76 -5.52
N SER B 135 -8.92 -8.81 -5.54
CA SER B 135 -9.67 -8.70 -6.78
C SER B 135 -8.84 -7.82 -7.74
N LEU B 136 -8.64 -8.37 -8.94
CA LEU B 136 -7.92 -7.75 -10.09
C LEU B 136 -6.39 -7.81 -9.94
N SER B 137 -5.89 -8.07 -8.74
CA SER B 137 -4.44 -8.15 -8.61
C SER B 137 -4.18 -9.38 -7.77
N CYS B 138 -3.03 -9.35 -7.09
CA CYS B 138 -2.54 -10.43 -6.30
C CYS B 138 -1.53 -9.77 -5.35
N GLY B 139 -1.01 -10.52 -4.41
CA GLY B 139 -0.09 -9.96 -3.47
C GLY B 139 1.34 -9.87 -3.93
N LYS B 140 2.08 -8.98 -3.27
CA LYS B 140 3.52 -8.89 -3.57
C LYS B 140 4.31 -10.06 -3.02
N LEU B 141 5.48 -10.31 -3.67
CA LEU B 141 6.23 -11.49 -3.32
C LEU B 141 7.34 -11.19 -2.34
N PHE B 142 6.96 -11.06 -1.06
CA PHE B 142 7.99 -10.74 -0.09
C PHE B 142 8.96 -11.89 0.13
N GLU B 143 8.49 -13.11 0.47
CA GLU B 143 9.39 -14.25 0.77
C GLU B 143 9.17 -15.53 -0.08
N GLY B 144 8.63 -15.35 -1.29
CA GLY B 144 8.32 -16.51 -2.15
C GLY B 144 8.87 -16.34 -3.56
N THR B 145 8.32 -17.22 -4.40
CA THR B 145 8.67 -17.30 -5.80
C THR B 145 7.51 -17.19 -6.76
N PRO B 146 7.68 -16.43 -7.86
CA PRO B 146 6.61 -16.30 -8.86
C PRO B 146 5.97 -17.63 -9.16
N LYS B 147 6.74 -18.73 -9.16
CA LYS B 147 6.21 -20.05 -9.44
C LYS B 147 5.33 -20.49 -8.27
N GLN B 148 5.72 -20.08 -7.06
CA GLN B 148 4.93 -20.45 -5.89
C GLN B 148 3.65 -19.59 -5.88
N MET B 149 3.80 -18.30 -6.16
CA MET B 149 2.58 -17.49 -6.12
C MET B 149 1.71 -17.83 -7.30
N LEU B 150 2.28 -18.27 -8.43
CA LEU B 150 1.41 -18.69 -9.56
C LEU B 150 0.75 -20.03 -9.21
N ALA B 151 1.44 -20.95 -8.48
CA ALA B 151 0.82 -22.23 -8.13
C ALA B 151 -0.30 -22.07 -7.11
N SER B 152 -0.23 -21.03 -6.31
CA SER B 152 -1.25 -20.81 -5.29
C SER B 152 -2.51 -20.23 -5.90
N LEU B 153 -2.34 -19.36 -6.92
CA LEU B 153 -3.48 -18.74 -7.56
C LEU B 153 -4.30 -19.80 -8.34
N GLN B 154 -3.58 -20.75 -8.95
CA GLN B 154 -4.18 -21.87 -9.69
C GLN B 154 -4.90 -22.83 -8.76
N LYS B 155 -4.55 -22.84 -7.48
CA LYS B 155 -5.31 -23.67 -6.55
C LYS B 155 -6.70 -23.04 -6.34
N ILE B 156 -6.73 -21.73 -6.17
CA ILE B 156 -7.99 -21.02 -5.95
C ILE B 156 -8.89 -20.99 -7.23
N THR B 157 -8.26 -20.87 -8.41
CA THR B 157 -9.06 -20.76 -9.61
C THR B 157 -9.53 -22.13 -10.03
N SER B 158 -8.94 -23.20 -9.46
CA SER B 158 -9.43 -24.56 -9.78
C SER B 158 -10.73 -24.85 -8.99
N LEU B 159 -10.98 -24.16 -7.87
CA LEU B 159 -12.22 -24.36 -7.10
C LEU B 159 -13.38 -23.97 -8.05
N PRO B 160 -14.66 -24.24 -7.67
CA PRO B 160 -15.83 -23.92 -8.51
C PRO B 160 -15.86 -22.47 -8.91
N ASP B 161 -16.30 -22.21 -10.14
CA ASP B 161 -16.36 -20.85 -10.67
C ASP B 161 -17.18 -19.95 -9.76
N ASP B 162 -18.27 -20.48 -9.21
CA ASP B 162 -19.12 -19.62 -8.40
C ASP B 162 -18.55 -19.28 -7.04
N THR B 163 -17.45 -19.92 -6.61
CA THR B 163 -16.81 -19.62 -5.36
C THR B 163 -16.57 -18.09 -5.17
N SER B 164 -16.99 -17.58 -4.00
CA SER B 164 -16.84 -16.18 -3.58
C SER B 164 -15.43 -16.03 -3.02
N ILE B 165 -14.68 -15.07 -3.60
CA ILE B 165 -13.33 -14.79 -3.16
C ILE B 165 -13.30 -13.64 -2.18
N TYR B 166 -12.99 -13.96 -0.90
CA TYR B 166 -12.90 -12.89 0.11
C TYR B 166 -11.38 -12.59 0.07
N CYS B 167 -10.90 -11.50 0.66
CA CYS B 167 -9.46 -11.35 0.65
C CYS B 167 -9.08 -10.16 1.51
N GLY B 168 -7.79 -9.95 1.70
CA GLY B 168 -7.36 -8.86 2.61
C GLY B 168 -7.45 -7.52 1.89
N HIS B 169 -7.35 -6.39 2.59
CA HIS B 169 -7.39 -5.15 1.94
C HIS B 169 -8.54 -4.61 1.02
N GLU B 170 -8.23 -3.54 0.36
CA GLU B 170 -9.14 -2.87 -0.59
C GLU B 170 -8.23 -2.21 -1.64
N TYR B 171 -7.73 -2.99 -2.60
CA TYR B 171 -6.91 -2.42 -3.67
C TYR B 171 -7.57 -2.54 -5.06
N THR B 172 -8.80 -3.04 -5.11
CA THR B 172 -9.42 -3.33 -6.39
C THR B 172 -9.57 -2.16 -7.36
N LEU B 173 -9.76 -0.95 -6.84
CA LEU B 173 -9.88 0.16 -7.74
C LEU B 173 -8.47 0.42 -8.32
N SER B 174 -7.46 0.58 -7.48
CA SER B 174 -6.09 0.81 -8.01
C SER B 174 -5.66 -0.36 -8.89
N ASN B 175 -6.04 -1.61 -8.53
CA ASN B 175 -5.71 -2.78 -9.33
C ASN B 175 -6.34 -2.65 -10.76
N SER B 176 -7.60 -2.26 -10.75
CA SER B 176 -8.32 -2.17 -12.03
C SER B 176 -7.62 -1.27 -12.99
N LYS B 177 -6.95 -0.24 -12.49
CA LYS B 177 -6.28 0.71 -13.40
C LYS B 177 -5.04 0.08 -14.00
N PHE B 178 -4.32 -0.70 -13.20
CA PHE B 178 -3.15 -1.35 -13.79
C PHE B 178 -3.72 -2.34 -14.83
N ALA B 179 -4.68 -3.15 -14.47
CA ALA B 179 -5.20 -4.10 -15.46
C ALA B 179 -5.90 -3.32 -16.60
N LEU B 180 -6.43 -2.16 -16.31
CA LEU B 180 -7.11 -1.50 -17.41
C LEU B 180 -6.20 -1.11 -18.52
N SER B 181 -5.08 -0.50 -18.13
CA SER B 181 -4.12 -0.01 -19.09
C SER B 181 -3.33 -1.20 -19.68
N LEU B 182 -3.35 -2.32 -18.97
CA LEU B 182 -2.58 -3.47 -19.40
C LEU B 182 -3.27 -4.30 -20.42
N GLU B 183 -4.59 -4.43 -20.30
CA GLU B 183 -5.35 -5.33 -21.18
C GLU B 183 -6.72 -4.67 -21.49
N PRO B 184 -6.70 -3.44 -22.06
CA PRO B 184 -7.86 -2.61 -22.41
C PRO B 184 -9.01 -3.31 -23.19
N ASN B 185 -8.62 -4.24 -24.04
CA ASN B 185 -9.64 -4.97 -24.80
C ASN B 185 -10.32 -6.13 -24.14
N ASN B 186 -10.12 -6.28 -22.82
CA ASN B 186 -10.79 -7.39 -22.09
C ASN B 186 -12.16 -6.83 -21.69
N GLU B 187 -13.21 -7.35 -22.35
CA GLU B 187 -14.56 -6.87 -22.14
C GLU B 187 -15.06 -7.08 -20.74
N VAL B 188 -14.91 -8.27 -20.22
CA VAL B 188 -15.44 -8.50 -18.85
C VAL B 188 -14.75 -7.59 -17.84
N LEU B 189 -13.46 -7.36 -18.04
CA LEU B 189 -12.69 -6.52 -17.11
C LEU B 189 -13.10 -5.09 -17.32
N GLN B 190 -13.69 -4.81 -18.48
CA GLN B 190 -14.12 -3.46 -18.67
C GLN B 190 -15.44 -3.27 -17.88
N SER B 191 -16.42 -4.15 -18.04
CA SER B 191 -17.71 -3.99 -17.35
C SER B 191 -17.46 -4.09 -15.83
N TYR B 192 -16.45 -4.84 -15.44
CA TYR B 192 -16.22 -4.90 -14.01
C TYR B 192 -15.49 -3.66 -13.46
N ALA B 193 -14.40 -3.25 -14.08
CA ALA B 193 -13.67 -2.11 -13.56
C ALA B 193 -14.63 -0.92 -13.39
N ALA B 194 -15.75 -0.99 -14.11
CA ALA B 194 -16.79 0.05 -14.01
C ALA B 194 -17.67 -0.11 -12.80
N HIS B 195 -17.92 -1.35 -12.43
CA HIS B 195 -18.74 -1.69 -11.23
C HIS B 195 -17.91 -1.33 -10.00
N VAL B 196 -16.59 -1.52 -10.12
CA VAL B 196 -15.62 -1.20 -9.02
C VAL B 196 -15.56 0.30 -8.77
N ALA B 197 -15.40 1.09 -9.83
CA ALA B 197 -15.38 2.56 -9.69
C ALA B 197 -16.71 2.99 -9.10
N GLU B 198 -17.79 2.50 -9.68
CA GLU B 198 -19.13 2.91 -9.13
C GLU B 198 -19.30 2.67 -7.64
N LEU B 199 -18.75 1.57 -7.10
CA LEU B 199 -18.85 1.27 -5.68
C LEU B 199 -17.84 2.14 -4.89
N ARG B 200 -16.56 2.06 -5.27
CA ARG B 200 -15.57 2.82 -4.52
C ARG B 200 -15.90 4.33 -4.44
N SER B 201 -16.83 4.80 -5.27
CA SER B 201 -17.26 6.21 -5.15
C SER B 201 -17.92 6.37 -3.78
N LYS B 202 -18.97 5.58 -3.53
CA LYS B 202 -19.69 5.64 -2.26
C LYS B 202 -18.81 5.06 -1.10
N LYS B 203 -17.56 4.74 -1.39
CA LYS B 203 -16.68 4.18 -0.35
C LYS B 203 -17.16 2.78 0.03
N LEU B 204 -17.96 2.15 -0.84
CA LEU B 204 -18.41 0.80 -0.50
C LEU B 204 -17.29 -0.22 -0.84
N PRO B 205 -17.31 -1.39 -0.17
CA PRO B 205 -16.30 -2.46 -0.42
C PRO B 205 -16.59 -3.07 -1.81
N THR B 206 -15.56 -3.64 -2.42
CA THR B 206 -15.71 -4.35 -3.68
C THR B 206 -15.53 -5.85 -3.49
N ILE B 207 -15.55 -6.29 -2.22
CA ILE B 207 -15.28 -7.68 -1.83
C ILE B 207 -16.61 -8.19 -1.21
N PRO B 208 -17.06 -9.42 -1.49
CA PRO B 208 -16.40 -10.41 -2.33
C PRO B 208 -16.39 -10.28 -3.82
N THR B 209 -15.32 -10.82 -4.39
CA THR B 209 -15.30 -11.00 -5.85
C THR B 209 -15.65 -12.52 -6.00
N THR B 210 -15.41 -13.10 -7.18
CA THR B 210 -15.65 -14.54 -7.36
C THR B 210 -14.57 -15.17 -8.28
N VAL B 211 -14.46 -16.49 -8.25
CA VAL B 211 -13.49 -17.15 -9.15
C VAL B 211 -13.83 -16.79 -10.60
N LYS B 212 -15.11 -16.78 -10.97
CA LYS B 212 -15.41 -16.45 -12.36
C LYS B 212 -14.98 -15.02 -12.79
N MET B 213 -15.30 -14.03 -11.97
CA MET B 213 -14.88 -12.68 -12.35
C MET B 213 -13.34 -12.61 -12.41
N GLU B 214 -12.64 -13.33 -11.50
CA GLU B 214 -11.18 -13.22 -11.43
C GLU B 214 -10.54 -13.94 -12.62
N LYS B 215 -11.25 -14.95 -13.15
CA LYS B 215 -10.71 -15.58 -14.33
C LYS B 215 -10.84 -14.63 -15.52
N ALA B 216 -11.98 -13.96 -15.61
CA ALA B 216 -12.20 -13.08 -16.73
C ALA B 216 -11.05 -12.05 -16.77
N CYS B 217 -10.56 -11.65 -15.59
CA CYS B 217 -9.52 -10.67 -15.58
C CYS B 217 -8.50 -10.87 -14.43
N ASN B 218 -7.99 -9.77 -13.86
CA ASN B 218 -6.95 -9.88 -12.84
C ASN B 218 -5.70 -10.58 -13.63
N PRO B 219 -4.75 -9.76 -14.19
CA PRO B 219 -3.60 -10.29 -14.96
C PRO B 219 -2.82 -11.42 -14.37
N PHE B 220 -3.08 -11.70 -13.08
CA PHE B 220 -2.39 -12.75 -12.39
C PHE B 220 -3.15 -14.10 -12.47
N LEU B 221 -4.00 -14.22 -13.50
CA LEU B 221 -4.69 -15.48 -13.79
C LEU B 221 -4.62 -15.78 -15.31
N ARG B 222 -4.10 -14.82 -16.05
CA ARG B 222 -3.99 -14.92 -17.52
C ARG B 222 -2.50 -14.59 -17.86
N SER B 223 -1.58 -15.24 -17.20
CA SER B 223 -0.17 -14.93 -17.45
C SER B 223 0.31 -15.32 -18.88
N SER B 224 -0.51 -15.99 -19.66
CA SER B 224 -0.09 -16.30 -21.06
C SER B 224 -1.03 -15.53 -22.08
N ASN B 225 -1.72 -14.46 -21.59
CA ASN B 225 -2.56 -13.67 -22.49
C ASN B 225 -1.75 -12.82 -23.55
N THR B 226 -1.96 -13.06 -24.84
CA THR B 226 -1.20 -12.29 -25.84
C THR B 226 -1.28 -10.81 -25.63
N ASP B 227 -2.45 -10.31 -25.23
CA ASP B 227 -2.57 -8.87 -25.01
C ASP B 227 -1.66 -8.47 -23.87
N ILE B 228 -1.71 -9.23 -22.78
CA ILE B 228 -0.81 -8.89 -21.66
C ILE B 228 0.66 -9.07 -22.01
N ARG B 229 1.01 -10.15 -22.70
CA ARG B 229 2.38 -10.35 -23.09
C ARG B 229 2.85 -9.27 -24.06
N ARG B 230 1.97 -8.78 -24.94
CA ARG B 230 2.40 -7.75 -25.85
C ARG B 230 2.81 -6.49 -25.06
N ALA B 231 1.94 -6.03 -24.19
CA ALA B 231 2.19 -4.81 -23.44
C ALA B 231 3.43 -4.87 -22.55
N LEU B 232 3.79 -6.07 -22.11
CA LEU B 232 4.91 -6.20 -21.18
C LEU B 232 6.19 -6.87 -21.77
N ARG B 233 6.19 -7.00 -23.11
CA ARG B 233 7.27 -7.57 -23.88
C ARG B 233 7.64 -8.95 -23.29
N ILE B 234 6.61 -9.73 -22.97
CA ILE B 234 6.88 -11.05 -22.50
C ILE B 234 6.91 -11.99 -23.74
N PRO B 235 8.06 -12.62 -24.02
CA PRO B 235 8.18 -13.54 -25.19
C PRO B 235 7.07 -14.55 -25.20
N GLU B 236 6.65 -15.03 -26.36
CA GLU B 236 5.53 -15.98 -26.33
C GLU B 236 5.84 -17.32 -25.62
N ALA B 237 7.10 -17.76 -25.65
CA ALA B 237 7.48 -19.05 -25.07
C ALA B 237 7.82 -19.00 -23.55
N ALA B 238 7.57 -17.88 -22.94
CA ALA B 238 7.84 -17.77 -21.53
C ALA B 238 6.96 -18.70 -20.71
N ASP B 239 7.53 -19.35 -19.70
CA ASP B 239 6.64 -20.18 -18.93
C ASP B 239 5.73 -19.28 -18.05
N GLU B 240 4.67 -19.88 -17.52
CA GLU B 240 3.68 -19.12 -16.74
C GLU B 240 4.21 -18.43 -15.50
N ALA B 241 5.08 -19.10 -14.78
CA ALA B 241 5.67 -18.48 -13.57
C ALA B 241 6.57 -17.34 -14.02
N GLU B 242 7.38 -17.56 -15.06
CA GLU B 242 8.26 -16.49 -15.58
C GLU B 242 7.44 -15.28 -16.05
N ALA B 243 6.26 -15.56 -16.58
CA ALA B 243 5.44 -14.46 -17.04
C ALA B 243 4.90 -13.74 -15.76
N LEU B 244 4.25 -14.46 -14.87
CA LEU B 244 3.69 -13.82 -13.67
C LEU B 244 4.72 -12.92 -12.99
N GLY B 245 5.99 -13.35 -12.98
CA GLY B 245 7.02 -12.58 -12.34
C GLY B 245 7.15 -11.20 -12.99
N ILE B 246 7.10 -11.12 -14.32
CA ILE B 246 7.27 -9.85 -14.99
C ILE B 246 6.02 -8.97 -14.76
N ILE B 247 4.81 -9.54 -14.77
CA ILE B 247 3.59 -8.75 -14.56
C ILE B 247 3.67 -8.15 -13.12
N ARG B 248 4.13 -8.97 -12.17
CA ARG B 248 4.19 -8.59 -10.76
C ARG B 248 5.24 -7.47 -10.55
N LYS B 249 6.28 -7.48 -11.36
CA LYS B 249 7.33 -6.45 -11.27
C LYS B 249 6.79 -5.15 -11.84
N ALA B 250 6.14 -5.25 -13.00
CA ALA B 250 5.55 -4.07 -13.64
C ALA B 250 4.56 -3.43 -12.66
N LYS B 251 3.64 -4.25 -12.11
CA LYS B 251 2.67 -3.67 -11.18
C LYS B 251 3.41 -3.10 -9.97
N ASP B 252 4.54 -3.70 -9.60
CA ASP B 252 5.33 -3.23 -8.49
C ASP B 252 5.96 -1.88 -8.74
N ASP B 253 6.02 -1.47 -10.02
CA ASP B 253 6.59 -0.19 -10.41
C ASP B 253 5.70 0.71 -11.28
N PHE B 254 4.38 0.46 -11.24
CA PHE B 254 3.42 1.26 -12.06
C PHE B 254 3.00 2.58 -11.43
ZN ZN C . 5.70 5.92 -6.27
FE FE D . 2.89 7.12 -4.57
C ACY E . 6.41 1.88 3.34
O ACY E . 7.38 2.06 4.01
OXT ACY E . 6.37 0.88 2.48
CH3 ACY E . 5.19 2.78 3.46
C1 PEG F . -5.64 18.97 16.69
O1 PEG F . -5.64 17.55 17.07
C2 PEG F . -6.92 19.33 15.91
O2 PEG F . -8.03 19.34 16.82
C3 PEG F . -9.26 19.68 16.10
C4 PEG F . -10.51 19.65 17.04
O4 PEG F . -10.87 18.27 17.38
ZN ZN G . 0.48 -9.40 3.98
FE FE H . -2.27 -7.67 4.26
C ACY I . -0.41 -5.01 -5.05
O ACY I . -0.78 -5.55 -6.11
OXT ACY I . -0.22 -3.67 -5.02
CH3 ACY I . -0.19 -5.86 -3.83
#